data_9O5K
#
_entry.id   9O5K
#
loop_
_entity.id
_entity.type
_entity.pdbx_description
1 polymer 'Puromycin-sensitive aminopeptidase'
2 polymer 'Volume-regulated anion channel subunit LRRC8A'
#
loop_
_entity_poly.entity_id
_entity_poly.type
_entity_poly.pdbx_seq_one_letter_code
_entity_poly.pdbx_strand_id
1 'polypeptide(L)'
;MAMPEKRPFERLPADVSPINYSLCLKPDLLDFTFEGKLEAAAQVRQATNQIVMNCADIDIITASYAPEGDEEIHATGFNY
QNEDEKVTLSFPSTLQTGTGTLKIDFVGELNDKMKGFYRSKYTTPSGEVRYAAVTQFEATDARRAFPCWDEPAIKATFDI
SLVVPKDRVALSNMNVIDRKPYPDDENLVEVKFARTPVMSTYLVAFVVGEYDFVETRSKDGVCVRVYTPVGKAEQGKFAL
EVAAKTLPFYKDYFNVPYPLPKIDLIAIADFAAGAMENWGLVTYRETALLIDPKNSCSSSRQWVALVVGHELAHQWFGNL
VTMEWWTHLWLNEGFASWIEYLCVDHCFPEYDIWTQFVSADYTRAQELDALDNSHPIEVSVGHPSEVDEIFDAISYSKGA
SVIRMLHDYIGDKDFKKGMNMYLTKFQQKNAATEDLWESLENASGKPIAAVMNTWTKQMGFPLIYVEAEQVEDDRLLRLS
QKKFCAGGAYVGEDCPQWMVPITISTSEDPNQAKLKILMDKPEMNVVLKNVKPDQWVKLNLGTVGFYRTQYSSAMLESLL
PGIRDLSLPPVDRLGLQNDLFSLARAGIISTVEVLKVMEAFVNEPNYTVWSDLSCNLGILSTLLSHTDFYEEIQEFVKDV
FSPIGERLGWDPKPGEGHLDALLRGLVLGKLGKAGHKATLEEARRRFKDHVEGKQILSADLRSPVYLTVLKHGDGTTLDI
MLKLHKQADMQEEKNRIERVLGATLLPDLIQKVLTFALSEEVRPQDTVSVIGGVAGGSKHGRKAAWKFIKDNWEELYNRY
QGGFLISRLIKLSVEGFAVDKMAGEVKAFFESHPAPSAERTIQQCCENILLNAAWLKRDAESIHQYLLQRKASPPTVTGG
LVPR
;
G,I,H
2 'polypeptide(L)'
;MIPVTELRYFADTQPAYRILKPWWDVFTDYISIVMLMIAVFGGTLQVTQDKMICLPCKWVTKDSCNDSFRGWAAPGPEPT
YPNSTILPTPDTGPTGIKYDLDRHQYNYVDAVCYENRLHWFAKYFPYLVLLHTLIFLACSNFWFKFPRTSSKLEHFVSIL
LKCFDSPWTTRALSETVVEESDPKPAFSKMNGSMDKKSSTVSEDVEATVPMLQRTKSRIEQGIVDRSETGVLDKKEGEQA
KALFEKVKKFRTHVEEGDIVYRLYMRQTIIKVIKFILIICYTVYYVHNIKFDVDCTVDIESLTGYRTYRCAHPLATLFKI
LASFYISLVIFYGLICMYTLWWMLRRSLKKYSFESIREESSYSDIPDVKNDFAFMLHLIDQYDPLYSKRFAVFLSEVSEN
KLRQLNLNNEWTLDKLRQRLTKNAQDKLELHLFMLSGIPDTVFDLVELEVLKLELIPDVTIPPSIAQLTGLKELWLYHTA
AKIEAPALAFLRENLRALHIKFTDIKEIPLWIYSLKTLEELHLTGNLSAENNRYIVIDGLRELKRLKVLRLKSNLSKLPQ
VVTDVGVHLQKLSINNEGTKLIVLNSLKKMANLTELELIRCDLERIPHSIFSLHNLQEIDLKDNNLKTIEEIISFQHLHR
LTCLKLWYNHIAYIPIQIGNLTNLERLYLNRNKIEKIPTQLFYCRKLRYLDLSHNNLTFLPADIGLLQNLQNLAITANRI
ETLPPELFQCRKLRALHLGNNVLQSLPSRVGELTNLTQIELRGNRLECLPVELGECPLLKRSGLVVEEDLFNTLPPEVKE
RLWRADKEQATGGLVPR
;
A,B,E,F,C,D
#
# COMPACT_ATOMS: atom_id res chain seq x y z
N PHE A 9 -61.46 -28.91 48.68
CA PHE A 9 -62.53 -27.98 49.03
C PHE A 9 -63.82 -28.33 48.29
N GLU A 10 -63.66 -28.80 47.05
CA GLU A 10 -64.80 -29.18 46.23
C GLU A 10 -65.31 -30.58 46.52
N ARG A 11 -64.56 -31.36 47.32
CA ARG A 11 -64.85 -32.78 47.57
C ARG A 11 -64.84 -33.47 46.21
N LEU A 12 -65.72 -34.44 45.97
CA LEU A 12 -65.76 -35.14 44.70
C LEU A 12 -67.19 -35.18 44.17
N PRO A 13 -67.35 -35.19 42.85
CA PRO A 13 -68.68 -35.42 42.29
C PRO A 13 -69.28 -36.75 42.72
N ALA A 14 -68.44 -37.75 42.96
CA ALA A 14 -68.86 -39.04 43.51
C ALA A 14 -69.96 -39.68 42.65
N ASP A 15 -69.72 -39.72 41.34
CA ASP A 15 -70.65 -40.38 40.44
C ASP A 15 -70.61 -41.89 40.56
N VAL A 16 -69.49 -42.44 41.03
CA VAL A 16 -69.32 -43.89 41.18
C VAL A 16 -68.85 -44.16 42.60
N SER A 17 -69.53 -45.08 43.28
CA SER A 17 -69.18 -45.44 44.64
C SER A 17 -68.37 -46.73 44.64
N PRO A 18 -67.13 -46.72 45.13
CA PRO A 18 -66.34 -47.95 45.16
C PRO A 18 -66.96 -49.00 46.07
N ILE A 19 -66.70 -50.26 45.74
CA ILE A 19 -67.18 -51.38 46.54
C ILE A 19 -65.99 -52.20 47.02
N ASN A 20 -65.23 -52.74 46.07
CA ASN A 20 -64.11 -53.62 46.39
C ASN A 20 -62.88 -53.19 45.61
N TYR A 21 -61.72 -53.44 46.19
CA TYR A 21 -60.44 -53.11 45.57
C TYR A 21 -59.61 -54.38 45.41
N SER A 22 -58.80 -54.43 44.36
CA SER A 22 -57.84 -55.49 44.12
C SER A 22 -56.57 -54.80 43.63
N LEU A 23 -55.57 -54.72 44.49
CA LEU A 23 -54.38 -53.90 44.26
C LEU A 23 -53.16 -54.81 44.28
N CYS A 24 -52.74 -55.28 43.11
CA CYS A 24 -51.51 -56.07 42.99
C CYS A 24 -50.31 -55.12 42.94
N LEU A 25 -50.10 -54.42 44.04
CA LEU A 25 -49.12 -53.35 44.08
C LEU A 25 -47.71 -53.92 44.17
N LYS A 26 -46.81 -53.35 43.37
CA LYS A 26 -45.44 -53.84 43.24
C LYS A 26 -44.46 -52.71 43.52
N PRO A 27 -43.86 -52.67 44.71
CA PRO A 27 -42.78 -51.72 44.95
C PRO A 27 -41.50 -52.21 44.28
N ASP A 28 -40.73 -51.26 43.74
CA ASP A 28 -39.47 -51.55 43.07
C ASP A 28 -38.40 -50.76 43.80
N LEU A 29 -37.73 -51.44 44.72
CA LEU A 29 -36.61 -50.87 45.44
C LEU A 29 -35.40 -50.79 44.52
N LEU A 30 -34.42 -49.98 44.95
CA LEU A 30 -33.16 -49.74 44.25
C LEU A 30 -33.40 -48.89 43.01
N ASP A 31 -34.68 -48.70 42.66
CA ASP A 31 -35.12 -47.76 41.65
C ASP A 31 -36.13 -46.78 42.19
N PHE A 32 -36.70 -47.07 43.36
CA PHE A 32 -37.63 -46.17 44.04
C PHE A 32 -38.89 -45.95 43.20
N THR A 33 -39.35 -47.01 42.55
CA THR A 33 -40.50 -46.90 41.65
C THR A 33 -41.59 -47.84 42.13
N PHE A 34 -42.70 -47.87 41.39
CA PHE A 34 -43.89 -48.52 41.91
C PHE A 34 -44.81 -48.84 40.74
N GLU A 35 -45.29 -50.07 40.67
CA GLU A 35 -46.24 -50.49 39.66
C GLU A 35 -47.49 -51.03 40.33
N GLY A 36 -48.54 -51.24 39.55
CA GLY A 36 -49.77 -51.75 40.14
C GLY A 36 -50.82 -51.99 39.09
N LYS A 37 -51.93 -52.56 39.54
CA LYS A 37 -53.05 -52.92 38.67
C LYS A 37 -54.32 -52.14 38.95
N LEU A 38 -54.65 -51.92 40.22
CA LEU A 38 -55.79 -51.08 40.63
C LEU A 38 -57.08 -51.52 39.93
N GLU A 39 -57.51 -52.73 40.26
CA GLU A 39 -58.77 -53.26 39.74
C GLU A 39 -59.86 -53.05 40.80
N ALA A 40 -60.70 -52.04 40.59
CA ALA A 40 -61.70 -51.66 41.56
C ALA A 40 -63.09 -51.95 41.03
N ALA A 41 -63.86 -52.74 41.77
CA ALA A 41 -65.26 -52.97 41.46
C ALA A 41 -66.11 -51.96 42.19
N ALA A 42 -66.96 -51.25 41.45
CA ALA A 42 -67.70 -50.12 41.99
C ALA A 42 -69.10 -50.11 41.37
N GLN A 43 -69.93 -49.18 41.86
CA GLN A 43 -71.30 -49.00 41.39
C GLN A 43 -71.47 -47.59 40.87
N VAL A 44 -71.96 -47.47 39.64
CA VAL A 44 -72.12 -46.18 38.97
C VAL A 44 -73.56 -45.75 39.21
N ARG A 45 -73.80 -45.03 40.31
CA ARG A 45 -75.15 -44.57 40.59
C ARG A 45 -75.57 -43.44 39.66
N GLN A 46 -74.64 -42.53 39.34
CA GLN A 46 -74.92 -41.41 38.47
C GLN A 46 -74.54 -41.76 37.04
N ALA A 47 -75.47 -41.56 36.11
CA ALA A 47 -75.26 -41.89 34.70
C ALA A 47 -74.43 -40.77 34.07
N THR A 48 -73.11 -40.93 34.14
CA THR A 48 -72.18 -39.95 33.62
C THR A 48 -71.10 -40.65 32.80
N ASN A 49 -70.51 -39.90 31.87
CA ASN A 49 -69.45 -40.40 31.02
C ASN A 49 -68.06 -40.12 31.59
N GLN A 50 -67.98 -39.42 32.72
CA GLN A 50 -66.71 -38.99 33.28
C GLN A 50 -66.52 -39.60 34.66
N ILE A 51 -65.27 -39.94 34.98
CA ILE A 51 -64.91 -40.53 36.26
C ILE A 51 -63.87 -39.65 36.92
N VAL A 52 -64.08 -39.29 38.18
CA VAL A 52 -63.17 -38.44 38.93
C VAL A 52 -62.37 -39.31 39.90
N MET A 53 -61.05 -39.31 39.73
CA MET A 53 -60.11 -40.04 40.57
C MET A 53 -59.16 -39.03 41.17
N ASN A 54 -59.29 -38.76 42.47
CA ASN A 54 -58.31 -37.89 43.10
C ASN A 54 -57.02 -38.67 43.31
N CYS A 55 -55.93 -38.16 42.73
CA CYS A 55 -54.59 -38.74 42.82
C CYS A 55 -53.63 -37.76 42.17
N ALA A 56 -52.41 -37.70 42.71
CA ALA A 56 -51.46 -36.68 42.29
C ALA A 56 -50.21 -37.25 41.63
N ASP A 57 -49.49 -38.13 42.31
CA ASP A 57 -48.19 -38.58 41.82
C ASP A 57 -48.28 -39.65 40.75
N ILE A 58 -49.36 -40.41 40.71
CA ILE A 58 -49.46 -41.54 39.79
C ILE A 58 -49.49 -41.06 38.36
N ASP A 59 -48.90 -41.85 37.47
CA ASP A 59 -48.95 -41.61 36.03
C ASP A 59 -49.65 -42.81 35.41
N ILE A 60 -50.90 -42.61 34.99
CA ILE A 60 -51.71 -43.72 34.50
C ILE A 60 -51.16 -44.22 33.18
N ILE A 61 -50.96 -45.54 33.09
CA ILE A 61 -50.53 -46.15 31.84
C ILE A 61 -51.76 -46.43 30.99
N THR A 62 -52.66 -47.27 31.49
CA THR A 62 -53.88 -47.62 30.78
C THR A 62 -55.03 -47.70 31.76
N ALA A 63 -56.24 -47.45 31.25
CA ALA A 63 -57.45 -47.60 32.03
C ALA A 63 -58.52 -48.25 31.17
N SER A 64 -59.37 -49.04 31.82
CA SER A 64 -60.44 -49.73 31.10
C SER A 64 -61.56 -50.05 32.08
N TYR A 65 -62.79 -49.71 31.70
CA TYR A 65 -63.95 -49.96 32.53
C TYR A 65 -64.86 -50.97 31.83
N ALA A 66 -65.08 -52.11 32.48
CA ALA A 66 -66.01 -53.11 32.00
C ALA A 66 -67.22 -53.13 32.92
N PRO A 67 -68.39 -52.69 32.47
CA PRO A 67 -69.59 -52.76 33.31
C PRO A 67 -70.19 -54.16 33.28
N GLU A 68 -70.39 -54.74 34.46
CA GLU A 68 -71.03 -56.06 34.58
C GLU A 68 -70.29 -57.12 33.77
N GLY A 69 -70.94 -57.63 32.74
CA GLY A 69 -70.40 -58.76 32.00
C GLY A 69 -69.90 -58.47 30.60
N ASP A 70 -70.31 -57.36 30.01
CA ASP A 70 -69.90 -57.08 28.64
C ASP A 70 -68.46 -56.59 28.60
N GLU A 71 -67.98 -56.33 27.39
CA GLU A 71 -66.60 -55.90 27.19
C GLU A 71 -66.38 -54.48 27.69
N GLU A 72 -65.13 -54.18 28.04
CA GLU A 72 -64.77 -52.87 28.53
C GLU A 72 -64.75 -51.86 27.37
N ILE A 73 -64.72 -50.58 27.74
CA ILE A 73 -64.71 -49.50 26.78
C ILE A 73 -63.38 -48.75 26.78
N HIS A 74 -62.32 -49.36 27.33
CA HIS A 74 -61.00 -48.76 27.41
C HIS A 74 -61.08 -47.39 28.10
N ALA A 75 -60.35 -46.40 27.57
CA ALA A 75 -60.33 -45.09 28.19
C ALA A 75 -60.00 -44.04 27.15
N THR A 76 -60.70 -42.91 27.24
CA THR A 76 -60.47 -41.74 26.39
C THR A 76 -60.51 -40.47 27.24
N GLY A 77 -59.97 -40.53 28.45
CA GLY A 77 -59.94 -39.37 29.31
C GLY A 77 -58.80 -39.39 30.30
N PHE A 78 -58.00 -38.32 30.33
CA PHE A 78 -56.85 -38.30 31.23
C PHE A 78 -56.60 -36.92 31.81
N ASN A 79 -57.65 -36.12 32.05
CA ASN A 79 -57.47 -34.74 32.49
C ASN A 79 -56.78 -34.69 33.85
N TYR A 80 -55.53 -34.25 33.88
CA TYR A 80 -54.72 -34.20 35.09
C TYR A 80 -54.82 -32.81 35.72
N GLN A 81 -55.79 -32.65 36.63
CA GLN A 81 -55.86 -31.47 37.49
C GLN A 81 -54.83 -31.65 38.61
N ASN A 82 -53.57 -31.39 38.27
CA ASN A 82 -52.48 -31.67 39.20
C ASN A 82 -52.59 -30.84 40.47
N GLU A 83 -52.92 -29.56 40.34
CA GLU A 83 -53.02 -28.70 41.51
C GLU A 83 -54.14 -29.16 42.43
N ASP A 84 -55.23 -29.67 41.88
CA ASP A 84 -56.32 -30.22 42.67
C ASP A 84 -56.12 -31.69 42.99
N GLU A 85 -55.04 -32.30 42.51
CA GLU A 85 -54.79 -33.74 42.66
C GLU A 85 -55.99 -34.55 42.18
N LYS A 86 -56.46 -34.23 40.98
CA LYS A 86 -57.62 -34.88 40.39
C LYS A 86 -57.28 -35.35 38.99
N VAL A 87 -57.98 -36.40 38.55
CA VAL A 87 -57.82 -36.97 37.21
C VAL A 87 -59.21 -37.33 36.70
N THR A 88 -59.48 -37.03 35.43
CA THR A 88 -60.79 -37.29 34.84
C THR A 88 -60.61 -38.37 33.77
N LEU A 89 -61.23 -39.53 34.00
CA LEU A 89 -61.19 -40.65 33.06
C LEU A 89 -62.49 -40.66 32.27
N SER A 90 -62.58 -39.75 31.29
CA SER A 90 -63.76 -39.74 30.44
C SER A 90 -63.72 -40.90 29.46
N PHE A 91 -64.90 -41.34 29.04
CA PHE A 91 -65.04 -42.47 28.13
C PHE A 91 -65.91 -42.07 26.95
N PRO A 92 -65.71 -42.71 25.79
CA PRO A 92 -66.51 -42.33 24.61
C PRO A 92 -68.00 -42.55 24.79
N SER A 93 -68.40 -43.57 25.55
CA SER A 93 -69.80 -43.92 25.70
C SER A 93 -70.27 -43.67 27.12
N THR A 94 -71.59 -43.57 27.28
CA THR A 94 -72.18 -43.38 28.60
C THR A 94 -71.98 -44.62 29.45
N LEU A 95 -71.94 -44.40 30.76
CA LEU A 95 -71.74 -45.49 31.72
C LEU A 95 -73.02 -45.84 32.48
N GLN A 96 -74.12 -45.15 32.20
CA GLN A 96 -75.42 -45.35 32.83
C GLN A 96 -75.33 -45.76 34.30
N THR A 97 -76.06 -46.78 34.69
CA THR A 97 -76.06 -47.28 36.06
C THR A 97 -75.81 -48.77 36.08
N GLY A 98 -75.11 -49.23 37.10
CA GLY A 98 -74.83 -50.64 37.26
C GLY A 98 -73.50 -50.85 37.97
N THR A 99 -73.24 -52.12 38.29
CA THR A 99 -72.00 -52.51 38.94
C THR A 99 -70.97 -52.86 37.87
N GLY A 100 -69.83 -52.14 37.89
CA GLY A 100 -68.78 -52.37 36.92
C GLY A 100 -67.43 -52.50 37.61
N THR A 101 -66.40 -52.64 36.77
CA THR A 101 -65.04 -52.80 37.26
C THR A 101 -64.10 -51.93 36.43
N LEU A 102 -63.29 -51.13 37.11
CA LEU A 102 -62.31 -50.26 36.50
C LEU A 102 -60.92 -50.80 36.79
N LYS A 103 -60.20 -51.20 35.74
CA LYS A 103 -58.82 -51.66 35.87
C LYS A 103 -57.92 -50.55 35.35
N ILE A 104 -56.97 -50.12 36.18
CA ILE A 104 -56.13 -48.97 35.89
C ILE A 104 -54.68 -49.39 36.10
N ASP A 105 -54.03 -49.81 35.03
CA ASP A 105 -52.59 -50.08 35.09
C ASP A 105 -51.86 -48.74 35.13
N PHE A 106 -50.98 -48.57 36.11
CA PHE A 106 -50.44 -47.26 36.43
C PHE A 106 -49.00 -47.40 36.88
N VAL A 107 -48.44 -46.28 37.33
CA VAL A 107 -47.08 -46.25 37.86
C VAL A 107 -46.99 -45.13 38.88
N GLY A 108 -46.16 -45.36 39.90
CA GLY A 108 -45.95 -44.36 40.97
C GLY A 108 -44.53 -44.47 41.46
N GLU A 109 -44.22 -43.94 42.64
CA GLU A 109 -42.80 -43.95 43.09
C GLU A 109 -42.70 -43.80 44.60
N LEU A 110 -41.58 -44.25 45.18
CA LEU A 110 -41.35 -44.08 46.64
C LEU A 110 -40.81 -42.67 46.87
N ASN A 111 -41.68 -41.73 47.27
CA ASN A 111 -41.24 -40.32 47.44
C ASN A 111 -40.20 -40.23 48.55
N ASP A 112 -39.45 -39.13 48.58
CA ASP A 112 -38.43 -38.93 49.64
C ASP A 112 -38.97 -37.91 50.63
N LYS A 113 -40.20 -37.43 50.39
CA LYS A 113 -40.80 -36.41 51.28
C LYS A 113 -41.52 -37.10 52.44
N MET A 114 -41.23 -38.38 52.66
CA MET A 114 -41.86 -39.13 53.77
C MET A 114 -43.36 -38.89 53.72
N LYS A 115 -44.00 -39.20 52.59
CA LYS A 115 -45.47 -39.04 52.46
C LYS A 115 -46.03 -40.22 51.67
N GLY A 116 -47.36 -40.39 51.67
CA GLY A 116 -47.98 -41.47 50.88
C GLY A 116 -47.18 -42.75 51.02
N PHE A 117 -46.73 -43.32 49.89
CA PHE A 117 -45.89 -44.54 49.93
C PHE A 117 -44.45 -44.10 49.71
N TYR A 118 -43.74 -43.80 50.79
CA TYR A 118 -42.38 -43.28 50.66
C TYR A 118 -41.37 -44.40 50.89
N ARG A 119 -40.10 -44.05 50.85
CA ARG A 119 -39.01 -44.93 51.25
C ARG A 119 -38.28 -44.32 52.44
N SER A 120 -38.11 -45.12 53.48
CA SER A 120 -37.43 -44.73 54.70
C SER A 120 -36.03 -45.32 54.74
N LYS A 121 -35.11 -44.61 55.38
CA LYS A 121 -33.75 -45.07 55.54
C LYS A 121 -33.63 -45.93 56.78
N TYR A 122 -32.97 -47.09 56.64
CA TYR A 122 -32.72 -47.95 57.78
C TYR A 122 -31.33 -48.55 57.61
N THR A 123 -30.72 -48.94 58.73
CA THR A 123 -29.37 -49.47 58.74
C THR A 123 -29.39 -50.90 59.28
N THR A 124 -28.84 -51.83 58.51
CA THR A 124 -28.67 -53.18 58.98
C THR A 124 -27.59 -53.21 60.07
N PRO A 125 -27.51 -54.29 60.86
CA PRO A 125 -26.43 -54.36 61.86
C PRO A 125 -25.05 -54.19 61.26
N SER A 126 -24.82 -54.73 60.06
CA SER A 126 -23.56 -54.50 59.36
C SER A 126 -23.50 -53.10 58.74
N GLY A 127 -24.64 -52.52 58.39
CA GLY A 127 -24.68 -51.22 57.77
C GLY A 127 -25.53 -51.17 56.51
N GLU A 128 -24.88 -50.90 55.37
CA GLU A 128 -25.47 -50.97 54.04
C GLU A 128 -26.45 -49.84 53.75
N VAL A 129 -26.80 -49.06 54.78
CA VAL A 129 -27.73 -47.93 54.73
C VAL A 129 -28.80 -48.16 53.66
N ARG A 130 -29.52 -49.27 53.76
CA ARG A 130 -30.50 -49.64 52.76
C ARG A 130 -31.79 -48.84 52.96
N TYR A 131 -32.76 -49.04 52.07
CA TYR A 131 -34.02 -48.33 52.10
C TYR A 131 -35.17 -49.33 52.19
N ALA A 132 -36.29 -48.87 52.71
CA ALA A 132 -37.49 -49.70 52.85
C ALA A 132 -38.70 -48.90 52.41
N ALA A 133 -39.75 -49.61 52.00
CA ALA A 133 -40.98 -48.99 51.53
C ALA A 133 -41.99 -48.94 52.67
N VAL A 134 -42.46 -47.74 53.00
CA VAL A 134 -43.37 -47.54 54.12
C VAL A 134 -44.50 -46.63 53.65
N THR A 135 -45.64 -46.73 54.35
CA THR A 135 -46.83 -45.96 54.00
C THR A 135 -47.29 -45.12 55.18
N GLN A 136 -47.99 -44.02 54.86
CA GLN A 136 -48.74 -43.26 55.85
C GLN A 136 -49.68 -42.35 55.04
N PHE A 137 -50.97 -42.43 55.35
CA PHE A 137 -52.01 -41.64 54.70
C PHE A 137 -52.75 -40.89 55.81
N GLU A 138 -52.22 -39.74 56.21
CA GLU A 138 -52.88 -38.93 57.24
C GLU A 138 -54.10 -38.22 56.68
N ALA A 139 -53.89 -37.40 55.64
CA ALA A 139 -55.00 -36.70 54.99
C ALA A 139 -54.54 -36.36 53.58
N THR A 140 -55.30 -36.80 52.58
CA THR A 140 -54.97 -36.56 51.18
C THR A 140 -53.57 -37.06 50.85
N ASP A 141 -53.29 -38.31 51.25
CA ASP A 141 -52.00 -38.90 50.99
C ASP A 141 -52.17 -40.28 50.36
N ALA A 142 -53.27 -40.96 50.68
CA ALA A 142 -53.55 -42.24 50.04
C ALA A 142 -53.69 -42.08 48.54
N ARG A 143 -54.34 -41.00 48.10
CA ARG A 143 -54.48 -40.74 46.68
C ARG A 143 -53.12 -40.53 46.02
N ARG A 144 -52.14 -40.03 46.75
CA ARG A 144 -50.82 -39.84 46.16
C ARG A 144 -50.13 -41.18 45.90
N ALA A 145 -50.38 -42.16 46.76
CA ALA A 145 -49.73 -43.45 46.60
C ALA A 145 -50.31 -44.23 45.44
N PHE A 146 -51.64 -44.23 45.31
CA PHE A 146 -52.31 -45.02 44.29
C PHE A 146 -53.76 -44.56 44.19
N PRO A 147 -54.30 -44.41 42.99
CA PRO A 147 -55.56 -43.66 42.82
C PRO A 147 -56.78 -44.37 43.38
N CYS A 148 -57.52 -43.68 44.23
CA CYS A 148 -58.77 -44.19 44.78
C CYS A 148 -59.75 -43.04 44.93
N TRP A 149 -60.79 -43.28 45.73
CA TRP A 149 -61.61 -42.21 46.26
C TRP A 149 -61.08 -41.79 47.62
N ASP A 150 -60.17 -40.82 47.65
CA ASP A 150 -59.55 -40.39 48.91
C ASP A 150 -60.51 -39.46 49.65
N GLU A 151 -61.52 -40.06 50.27
CA GLU A 151 -62.51 -39.34 51.03
C GLU A 151 -62.88 -40.16 52.25
N PRO A 152 -62.80 -39.59 53.46
CA PRO A 152 -63.23 -40.34 54.65
C PRO A 152 -64.67 -40.81 54.56
N ALA A 153 -65.55 -40.00 53.98
CA ALA A 153 -66.94 -40.41 53.80
C ALA A 153 -67.05 -41.65 52.92
N ILE A 154 -66.20 -41.74 51.89
CA ILE A 154 -66.19 -42.91 51.04
C ILE A 154 -65.66 -44.10 51.82
N LYS A 155 -66.40 -45.21 51.76
CA LYS A 155 -66.04 -46.43 52.48
C LYS A 155 -66.13 -47.61 51.54
N ALA A 156 -65.10 -48.45 51.54
CA ALA A 156 -65.09 -49.63 50.69
C ALA A 156 -64.11 -50.64 51.26
N THR A 157 -64.28 -51.89 50.84
CA THR A 157 -63.38 -52.96 51.24
C THR A 157 -62.24 -53.08 50.22
N PHE A 158 -61.07 -53.47 50.72
CA PHE A 158 -59.86 -53.52 49.92
C PHE A 158 -59.22 -54.90 50.07
N ASP A 159 -58.55 -55.32 49.00
CA ASP A 159 -57.83 -56.60 48.97
C ASP A 159 -56.41 -56.29 48.52
N ILE A 160 -55.57 -55.94 49.47
CA ILE A 160 -54.20 -55.52 49.17
C ILE A 160 -53.35 -56.75 48.92
N SER A 161 -52.63 -56.75 47.80
CA SER A 161 -51.71 -57.82 47.47
C SER A 161 -50.40 -57.21 47.01
N LEU A 162 -49.29 -57.73 47.52
CA LEU A 162 -47.99 -57.11 47.34
C LEU A 162 -47.09 -58.00 46.50
N VAL A 163 -46.19 -57.39 45.75
CA VAL A 163 -45.25 -58.10 44.89
C VAL A 163 -43.87 -57.82 45.46
N VAL A 164 -43.39 -58.69 46.35
CA VAL A 164 -42.27 -58.31 47.22
C VAL A 164 -41.15 -59.33 47.08
N PRO A 165 -39.91 -58.86 47.10
CA PRO A 165 -38.78 -59.78 47.18
C PRO A 165 -38.91 -60.71 48.38
N LYS A 166 -38.64 -61.99 48.14
CA LYS A 166 -38.88 -63.01 49.17
C LYS A 166 -38.03 -62.76 50.41
N ASP A 167 -36.82 -62.24 50.23
CA ASP A 167 -35.98 -61.92 51.39
C ASP A 167 -36.64 -60.85 52.25
N ARG A 168 -37.32 -59.89 51.62
CA ARG A 168 -37.95 -58.80 52.35
C ARG A 168 -39.22 -59.28 53.03
N VAL A 169 -39.51 -58.68 54.17
CA VAL A 169 -40.75 -58.96 54.91
C VAL A 169 -41.78 -57.92 54.52
N ALA A 170 -43.03 -58.35 54.40
CA ALA A 170 -44.12 -57.46 54.00
C ALA A 170 -45.31 -57.67 54.91
N LEU A 171 -45.86 -56.56 55.42
CA LEU A 171 -47.04 -56.60 56.25
C LEU A 171 -48.08 -55.65 55.68
N SER A 172 -49.35 -55.96 55.93
CA SER A 172 -50.45 -55.13 55.45
C SER A 172 -51.53 -55.09 56.52
N ASN A 173 -52.72 -54.64 56.14
CA ASN A 173 -53.82 -54.54 57.09
C ASN A 173 -54.26 -55.92 57.57
N MET A 174 -54.51 -56.84 56.64
CA MET A 174 -55.07 -58.14 56.98
C MET A 174 -53.98 -59.19 57.13
N ASN A 175 -54.40 -60.40 57.47
CA ASN A 175 -53.51 -61.53 57.57
C ASN A 175 -53.15 -62.05 56.19
N VAL A 176 -51.95 -62.63 56.08
CA VAL A 176 -51.54 -63.25 54.84
C VAL A 176 -52.37 -64.50 54.59
N ILE A 177 -52.91 -64.63 53.38
CA ILE A 177 -53.66 -65.81 53.00
C ILE A 177 -53.05 -66.55 51.81
N ASP A 178 -52.05 -65.98 51.15
CA ASP A 178 -51.40 -66.69 50.06
C ASP A 178 -50.00 -66.11 49.85
N ARG A 179 -49.06 -66.99 49.48
CA ARG A 179 -47.65 -66.64 49.25
C ARG A 179 -47.18 -67.24 47.93
N LYS A 180 -47.93 -66.97 46.87
CA LYS A 180 -47.67 -67.64 45.60
C LYS A 180 -46.37 -67.14 44.98
N PRO A 181 -45.75 -67.93 44.11
CA PRO A 181 -44.57 -67.45 43.40
C PRO A 181 -44.95 -66.42 42.34
N TYR A 182 -43.98 -65.58 42.01
CA TYR A 182 -44.17 -64.60 40.95
C TYR A 182 -43.65 -65.18 39.64
N PRO A 183 -44.52 -65.42 38.64
CA PRO A 183 -44.07 -66.13 37.44
C PRO A 183 -42.98 -65.41 36.66
N ASP A 184 -42.99 -64.08 36.64
CA ASP A 184 -42.04 -63.36 35.81
C ASP A 184 -40.62 -63.49 36.35
N ASP A 185 -40.45 -63.42 37.66
CA ASP A 185 -39.14 -63.57 38.27
C ASP A 185 -39.28 -64.29 39.61
N GLU A 186 -38.35 -65.19 39.88
CA GLU A 186 -38.41 -66.03 41.07
C GLU A 186 -37.65 -65.48 42.26
N ASN A 187 -37.03 -64.30 42.12
CA ASN A 187 -36.39 -63.64 43.25
C ASN A 187 -37.39 -62.93 44.15
N LEU A 188 -38.67 -62.92 43.76
CA LEU A 188 -39.71 -62.24 44.52
C LEU A 188 -41.00 -63.03 44.37
N VAL A 189 -41.91 -62.84 45.33
CA VAL A 189 -43.14 -63.61 45.40
C VAL A 189 -44.32 -62.67 45.58
N GLU A 190 -45.50 -63.19 45.27
CA GLU A 190 -46.76 -62.47 45.40
C GLU A 190 -47.43 -62.88 46.70
N VAL A 191 -47.59 -61.92 47.61
CA VAL A 191 -48.25 -62.16 48.88
C VAL A 191 -49.63 -61.55 48.82
N LYS A 192 -50.65 -62.39 48.94
CA LYS A 192 -52.04 -61.96 48.94
C LYS A 192 -52.60 -62.04 50.35
N PHE A 193 -53.17 -60.94 50.82
CA PHE A 193 -53.78 -60.85 52.14
C PHE A 193 -55.27 -61.11 52.05
N ALA A 194 -55.91 -61.18 53.21
CA ALA A 194 -57.35 -61.34 53.25
C ALA A 194 -58.06 -60.03 52.90
N ARG A 195 -59.36 -60.12 52.67
CA ARG A 195 -60.15 -58.94 52.32
C ARG A 195 -60.39 -58.11 53.57
N THR A 196 -60.01 -56.84 53.52
CA THR A 196 -60.28 -55.94 54.62
C THR A 196 -61.78 -55.70 54.73
N PRO A 197 -62.28 -55.44 55.94
CA PRO A 197 -63.68 -55.03 56.07
C PRO A 197 -63.89 -53.62 55.56
N VAL A 198 -65.11 -53.09 55.70
CA VAL A 198 -65.39 -51.74 55.24
C VAL A 198 -64.52 -50.77 56.04
N MET A 199 -63.76 -49.94 55.33
CA MET A 199 -62.83 -49.03 55.98
C MET A 199 -62.52 -47.88 55.04
N SER A 200 -61.96 -46.81 55.61
CA SER A 200 -61.61 -45.64 54.83
C SER A 200 -60.29 -45.85 54.09
N THR A 201 -60.07 -45.02 53.07
CA THR A 201 -58.88 -45.16 52.25
C THR A 201 -57.64 -44.67 52.96
N TYR A 202 -57.74 -43.56 53.70
CA TYR A 202 -56.57 -43.04 54.40
C TYR A 202 -56.12 -43.97 55.52
N LEU A 203 -56.94 -44.93 55.91
CA LEU A 203 -56.58 -45.90 56.93
C LEU A 203 -55.87 -47.12 56.37
N VAL A 204 -55.74 -47.23 55.04
CA VAL A 204 -55.01 -48.34 54.45
C VAL A 204 -53.53 -48.19 54.76
N ALA A 205 -52.87 -49.30 55.04
CA ALA A 205 -51.45 -49.27 55.31
C ALA A 205 -50.83 -50.63 54.98
N PHE A 206 -49.64 -50.58 54.37
CA PHE A 206 -48.85 -51.78 54.11
C PHE A 206 -47.39 -51.35 54.03
N VAL A 207 -46.51 -52.10 54.68
CA VAL A 207 -45.09 -51.78 54.73
C VAL A 207 -44.28 -52.96 54.25
N VAL A 208 -43.09 -52.67 53.74
CA VAL A 208 -42.15 -53.66 53.25
C VAL A 208 -40.77 -53.28 53.74
N GLY A 209 -40.06 -54.21 54.37
CA GLY A 209 -38.73 -53.94 54.84
C GLY A 209 -37.95 -55.15 55.30
N GLU A 210 -37.15 -54.99 56.35
CA GLU A 210 -36.35 -56.08 56.91
C GLU A 210 -36.46 -56.00 58.43
N TYR A 211 -37.23 -56.90 59.01
CA TYR A 211 -37.48 -56.91 60.44
C TYR A 211 -37.52 -58.35 60.92
N ASP A 212 -37.85 -58.54 62.19
CA ASP A 212 -37.89 -59.87 62.79
C ASP A 212 -39.18 -60.07 63.56
N PHE A 213 -39.59 -61.32 63.64
CA PHE A 213 -40.92 -61.70 64.11
C PHE A 213 -40.92 -61.88 65.61
N VAL A 214 -41.79 -61.15 66.30
CA VAL A 214 -41.98 -61.27 67.75
C VAL A 214 -43.49 -61.26 67.98
N GLU A 215 -44.07 -62.43 68.28
CA GLU A 215 -45.50 -62.56 68.45
C GLU A 215 -45.85 -62.85 69.90
N THR A 216 -47.10 -62.53 70.26
CA THR A 216 -47.63 -62.82 71.58
C THR A 216 -49.15 -62.94 71.44
N ARG A 217 -49.67 -64.14 71.65
CA ARG A 217 -51.11 -64.34 71.62
C ARG A 217 -51.76 -63.66 72.82
N SER A 218 -52.98 -63.18 72.63
CA SER A 218 -53.72 -62.51 73.68
C SER A 218 -54.67 -63.49 74.37
N LYS A 219 -55.32 -63.01 75.42
CA LYS A 219 -56.37 -63.80 76.06
C LYS A 219 -57.52 -64.06 75.10
N ASP A 220 -57.91 -63.05 74.33
CA ASP A 220 -58.93 -63.25 73.31
C ASP A 220 -58.45 -64.20 72.23
N GLY A 221 -57.16 -64.14 71.90
CA GLY A 221 -56.60 -65.03 70.89
C GLY A 221 -55.84 -64.30 69.80
N VAL A 222 -56.09 -63.00 69.66
CA VAL A 222 -55.42 -62.23 68.63
C VAL A 222 -53.94 -62.14 68.96
N CYS A 223 -53.10 -62.37 67.96
CA CYS A 223 -51.65 -62.38 68.16
C CYS A 223 -51.14 -60.96 67.97
N VAL A 224 -50.97 -60.23 69.06
CA VAL A 224 -50.35 -58.92 68.98
C VAL A 224 -48.86 -59.12 68.73
N ARG A 225 -48.35 -58.42 67.71
CA ARG A 225 -47.04 -58.72 67.17
C ARG A 225 -46.28 -57.42 66.95
N VAL A 226 -44.95 -57.49 67.12
CA VAL A 226 -44.10 -56.29 66.84
C VAL A 226 -42.97 -56.75 65.92
N TYR A 227 -42.49 -55.86 65.04
CA TYR A 227 -41.45 -56.26 64.06
C TYR A 227 -40.32 -55.25 64.11
N THR A 228 -39.58 -55.25 65.22
CA THR A 228 -38.42 -54.34 65.32
C THR A 228 -37.39 -54.77 64.32
N PRO A 229 -36.62 -53.84 63.71
CA PRO A 229 -35.51 -54.21 62.79
C PRO A 229 -34.37 -54.82 63.60
N VAL A 230 -33.49 -55.57 62.94
CA VAL A 230 -32.30 -56.15 63.62
C VAL A 230 -32.78 -57.00 64.82
N GLY A 231 -34.00 -57.54 64.74
CA GLY A 231 -34.50 -58.43 65.80
C GLY A 231 -34.17 -57.92 67.20
N LYS A 232 -34.38 -56.62 67.45
CA LYS A 232 -34.19 -56.11 68.83
C LYS A 232 -35.45 -56.46 69.62
N ALA A 233 -35.81 -57.75 69.66
CA ALA A 233 -37.07 -58.18 70.32
C ALA A 233 -37.13 -57.61 71.74
N GLU A 234 -36.04 -57.70 72.48
CA GLU A 234 -36.07 -57.24 73.89
C GLU A 234 -36.56 -55.79 73.92
N GLN A 235 -35.95 -54.93 73.10
CA GLN A 235 -36.36 -53.52 73.04
C GLN A 235 -37.89 -53.46 72.96
N GLY A 236 -38.49 -54.35 72.17
CA GLY A 236 -39.93 -54.35 72.02
C GLY A 236 -40.62 -55.49 72.74
N LYS A 237 -40.51 -55.52 74.06
CA LYS A 237 -41.19 -56.55 74.85
C LYS A 237 -42.15 -55.97 75.88
N PHE A 238 -41.78 -54.86 76.52
CA PHE A 238 -42.69 -54.23 77.47
C PHE A 238 -43.96 -53.76 76.80
N ALA A 239 -43.83 -53.16 75.61
CA ALA A 239 -45.00 -52.74 74.86
C ALA A 239 -45.88 -53.92 74.48
N LEU A 240 -45.28 -55.08 74.21
CA LEU A 240 -46.06 -56.28 73.95
C LEU A 240 -46.94 -56.63 75.14
N GLU A 241 -46.38 -56.61 76.34
CA GLU A 241 -47.16 -56.89 77.54
C GLU A 241 -48.25 -55.85 77.73
N VAL A 242 -47.93 -54.58 77.52
CA VAL A 242 -48.92 -53.52 77.69
C VAL A 242 -50.09 -53.73 76.75
N ALA A 243 -49.81 -54.00 75.48
CA ALA A 243 -50.87 -54.23 74.52
C ALA A 243 -51.67 -55.48 74.86
N ALA A 244 -50.98 -56.57 75.22
CA ALA A 244 -51.67 -57.81 75.56
C ALA A 244 -52.51 -57.65 76.82
N LYS A 245 -52.24 -56.65 77.64
CA LYS A 245 -53.08 -56.39 78.80
C LYS A 245 -54.22 -55.43 78.48
N THR A 246 -54.01 -54.46 77.60
CA THR A 246 -55.02 -53.42 77.38
C THR A 246 -56.02 -53.76 76.29
N LEU A 247 -55.64 -54.56 75.30
CA LEU A 247 -56.61 -54.99 74.29
C LEU A 247 -57.74 -55.82 74.89
N PRO A 248 -57.48 -56.86 75.68
CA PRO A 248 -58.60 -57.54 76.36
C PRO A 248 -59.33 -56.61 77.30
N PHE A 249 -58.65 -55.60 77.83
CA PHE A 249 -59.33 -54.58 78.63
C PHE A 249 -60.40 -53.89 77.80
N TYR A 250 -60.08 -53.52 76.56
CA TYR A 250 -61.09 -52.97 75.66
C TYR A 250 -62.20 -53.98 75.41
N LYS A 251 -61.82 -55.24 75.15
CA LYS A 251 -62.81 -56.25 74.80
C LYS A 251 -63.84 -56.45 75.91
N ASP A 252 -63.38 -56.55 77.15
CA ASP A 252 -64.33 -56.63 78.26
C ASP A 252 -64.95 -55.28 78.59
N TYR A 253 -64.31 -54.19 78.19
CA TYR A 253 -64.80 -52.85 78.44
C TYR A 253 -66.12 -52.65 77.71
N PHE A 254 -66.08 -52.64 76.38
CA PHE A 254 -67.29 -52.34 75.61
C PHE A 254 -67.90 -53.55 74.93
N ASN A 255 -67.37 -54.75 75.18
CA ASN A 255 -67.97 -55.99 74.70
C ASN A 255 -68.18 -55.99 73.19
N VAL A 256 -67.15 -55.57 72.46
CA VAL A 256 -67.14 -55.58 71.01
C VAL A 256 -65.86 -56.27 70.56
N PRO A 257 -65.93 -57.29 69.72
CA PRO A 257 -64.71 -57.98 69.29
C PRO A 257 -63.80 -57.11 68.47
N TYR A 258 -62.51 -57.40 68.55
CA TYR A 258 -61.53 -56.70 67.73
C TYR A 258 -61.80 -57.01 66.25
N PRO A 259 -61.67 -56.01 65.38
CA PRO A 259 -62.03 -56.24 63.96
C PRO A 259 -61.06 -57.16 63.24
N LEU A 260 -59.76 -56.99 63.46
CA LEU A 260 -58.78 -57.69 62.62
C LEU A 260 -58.25 -58.91 63.32
N PRO A 261 -58.35 -60.10 62.73
CA PRO A 261 -57.79 -61.31 63.35
C PRO A 261 -56.31 -61.17 63.69
N LYS A 262 -55.60 -60.25 63.05
CA LYS A 262 -54.19 -60.01 63.32
C LYS A 262 -53.97 -58.53 63.62
N ILE A 263 -53.11 -58.25 64.60
CA ILE A 263 -52.76 -56.89 64.99
C ILE A 263 -51.24 -56.79 65.07
N ASP A 264 -50.68 -55.77 64.43
CA ASP A 264 -49.25 -55.55 64.39
C ASP A 264 -48.93 -54.12 64.84
N LEU A 265 -47.75 -53.97 65.43
CA LEU A 265 -47.33 -52.71 66.06
C LEU A 265 -45.89 -52.39 65.65
N ILE A 266 -45.62 -52.47 64.35
CA ILE A 266 -44.25 -52.32 63.86
C ILE A 266 -43.75 -50.90 64.10
N ALA A 267 -42.45 -50.77 64.30
CA ALA A 267 -41.78 -49.47 64.38
C ALA A 267 -40.93 -49.27 63.13
N ILE A 268 -40.68 -48.01 62.79
CA ILE A 268 -39.97 -47.64 61.58
C ILE A 268 -38.87 -46.64 61.95
N ALA A 269 -37.69 -46.83 61.38
CA ALA A 269 -36.57 -45.92 61.63
C ALA A 269 -36.90 -44.51 61.16
N ASP A 270 -36.98 -43.59 62.11
CA ASP A 270 -37.30 -42.19 61.84
C ASP A 270 -38.59 -42.07 61.05
N PHE A 271 -39.69 -42.48 61.70
CA PHE A 271 -41.01 -42.40 61.08
C PHE A 271 -41.36 -40.97 60.69
N ALA A 272 -40.82 -39.98 61.42
CA ALA A 272 -40.96 -38.56 61.12
C ALA A 272 -42.41 -38.09 61.28
N ALA A 273 -43.30 -38.98 61.71
CA ALA A 273 -44.67 -38.62 62.01
C ALA A 273 -45.10 -39.09 63.40
N GLY A 274 -44.19 -39.69 64.16
CA GLY A 274 -44.50 -40.13 65.51
C GLY A 274 -45.25 -41.44 65.55
N ALA A 275 -46.52 -41.40 65.18
CA ALA A 275 -47.36 -42.59 65.15
C ALA A 275 -48.49 -42.37 64.17
N MET A 276 -49.14 -43.46 63.79
CA MET A 276 -50.29 -43.38 62.89
C MET A 276 -51.23 -44.55 63.10
N GLU A 277 -52.49 -44.26 63.39
CA GLU A 277 -53.49 -45.31 63.51
C GLU A 277 -53.74 -45.95 62.15
N ASN A 278 -53.73 -47.27 62.12
CA ASN A 278 -54.01 -48.05 60.91
C ASN A 278 -54.72 -49.32 61.33
N TRP A 279 -55.35 -49.96 60.35
CA TRP A 279 -56.11 -51.18 60.60
C TRP A 279 -55.09 -52.31 60.80
N GLY A 280 -54.71 -52.53 62.06
CA GLY A 280 -53.96 -53.71 62.45
C GLY A 280 -52.48 -53.70 62.12
N LEU A 281 -51.93 -52.58 61.67
CA LEU A 281 -50.47 -52.47 61.53
C LEU A 281 -50.03 -51.07 61.93
N VAL A 282 -50.55 -50.59 63.06
CA VAL A 282 -50.22 -49.27 63.58
C VAL A 282 -48.71 -49.11 63.69
N THR A 283 -48.16 -48.15 62.95
CA THR A 283 -46.73 -47.93 62.90
C THR A 283 -46.30 -46.94 63.98
N TYR A 284 -45.06 -47.09 64.43
CA TYR A 284 -44.52 -46.26 65.50
C TYR A 284 -43.14 -45.76 65.11
N ARG A 285 -42.70 -44.73 65.83
CA ARG A 285 -41.30 -44.32 65.76
C ARG A 285 -40.46 -45.27 66.60
N GLU A 286 -39.26 -45.58 66.11
CA GLU A 286 -38.38 -46.50 66.83
C GLU A 286 -38.14 -46.04 68.26
N THR A 287 -37.72 -44.78 68.42
CA THR A 287 -37.43 -44.26 69.75
C THR A 287 -38.67 -44.28 70.63
N ALA A 288 -39.84 -44.02 70.06
CA ALA A 288 -41.06 -44.02 70.86
C ALA A 288 -41.42 -45.40 71.36
N LEU A 289 -41.20 -46.44 70.56
CA LEU A 289 -41.71 -47.77 70.87
C LEU A 289 -40.71 -48.65 71.60
N LEU A 290 -39.54 -48.90 71.00
CA LEU A 290 -38.60 -49.83 71.61
C LEU A 290 -38.02 -49.24 72.89
N ILE A 291 -37.63 -50.12 73.81
CA ILE A 291 -37.12 -49.72 75.12
C ILE A 291 -35.97 -50.64 75.48
N ASP A 292 -34.77 -50.09 75.54
CA ASP A 292 -33.63 -50.82 76.08
C ASP A 292 -33.73 -50.86 77.59
N PRO A 293 -33.73 -52.04 78.22
CA PRO A 293 -33.84 -52.10 79.69
C PRO A 293 -32.77 -51.31 80.40
N LYS A 294 -31.54 -51.27 79.87
CA LYS A 294 -30.45 -50.54 80.50
C LYS A 294 -30.30 -49.12 79.99
N ASN A 295 -31.10 -48.71 79.01
CA ASN A 295 -31.05 -47.36 78.46
C ASN A 295 -32.37 -46.64 78.60
N SER A 296 -33.09 -46.90 79.69
CA SER A 296 -34.40 -46.30 79.90
C SER A 296 -34.71 -46.26 81.38
N CYS A 297 -35.64 -45.38 81.73
CA CYS A 297 -36.17 -45.26 83.09
C CYS A 297 -37.67 -45.51 83.08
N SER A 298 -38.24 -45.64 84.27
CA SER A 298 -39.64 -46.02 84.39
C SER A 298 -40.56 -45.00 83.74
N SER A 299 -40.17 -43.73 83.73
CA SER A 299 -40.99 -42.71 83.08
C SER A 299 -41.08 -42.95 81.58
N SER A 300 -39.97 -43.38 80.97
CA SER A 300 -40.01 -43.72 79.55
C SER A 300 -40.91 -44.91 79.29
N ARG A 301 -40.91 -45.90 80.19
CA ARG A 301 -41.85 -47.01 80.08
C ARG A 301 -43.29 -46.52 80.19
N GLN A 302 -43.53 -45.56 81.08
CA GLN A 302 -44.87 -45.00 81.21
C GLN A 302 -45.28 -44.30 79.91
N TRP A 303 -44.35 -43.55 79.32
CA TRP A 303 -44.63 -42.87 78.05
C TRP A 303 -44.93 -43.86 76.94
N VAL A 304 -44.13 -44.92 76.84
CA VAL A 304 -44.34 -45.89 75.76
C VAL A 304 -45.66 -46.63 75.96
N ALA A 305 -46.01 -46.93 77.21
CA ALA A 305 -47.31 -47.51 77.48
C ALA A 305 -48.43 -46.57 77.04
N LEU A 306 -48.30 -45.29 77.36
CA LEU A 306 -49.30 -44.31 76.95
C LEU A 306 -49.45 -44.29 75.43
N VAL A 307 -48.34 -44.22 74.70
CA VAL A 307 -48.42 -44.07 73.25
C VAL A 307 -48.92 -45.37 72.62
N VAL A 308 -48.52 -46.53 73.14
CA VAL A 308 -48.94 -47.78 72.54
C VAL A 308 -50.43 -48.00 72.76
N GLY A 309 -50.95 -47.59 73.92
CA GLY A 309 -52.38 -47.68 74.12
C GLY A 309 -53.19 -46.65 73.37
N HIS A 310 -52.59 -45.49 73.05
CA HIS A 310 -53.32 -44.47 72.31
C HIS A 310 -53.77 -44.98 70.95
N GLU A 311 -52.88 -45.63 70.21
CA GLU A 311 -53.24 -46.12 68.89
C GLU A 311 -54.20 -47.31 68.99
N LEU A 312 -54.08 -48.12 70.04
CA LEU A 312 -55.05 -49.18 70.24
C LEU A 312 -56.44 -48.62 70.52
N ALA A 313 -56.50 -47.48 71.23
CA ALA A 313 -57.77 -46.77 71.35
C ALA A 313 -58.25 -46.30 69.98
N HIS A 314 -57.33 -45.76 69.17
CA HIS A 314 -57.68 -45.35 67.81
C HIS A 314 -58.20 -46.51 66.98
N GLN A 315 -57.83 -47.74 67.32
CA GLN A 315 -58.33 -48.90 66.59
C GLN A 315 -59.85 -48.99 66.67
N TRP A 316 -60.45 -48.53 67.77
CA TRP A 316 -61.90 -48.58 67.94
C TRP A 316 -62.58 -47.28 67.50
N PHE A 317 -62.26 -46.18 68.18
CA PHE A 317 -62.73 -44.87 67.74
C PHE A 317 -61.82 -44.41 66.61
N GLY A 318 -62.38 -44.26 65.41
CA GLY A 318 -61.53 -44.20 64.24
C GLY A 318 -61.90 -45.29 63.27
N ASN A 319 -61.03 -46.30 63.19
CA ASN A 319 -61.19 -47.40 62.23
C ASN A 319 -62.64 -47.88 62.13
N LEU A 320 -63.22 -48.33 63.24
CA LEU A 320 -64.57 -48.89 63.18
C LEU A 320 -65.58 -47.86 62.69
N VAL A 321 -65.59 -46.68 63.30
CA VAL A 321 -66.53 -45.62 62.95
C VAL A 321 -65.70 -44.38 62.64
N THR A 322 -65.37 -44.20 61.36
CA THR A 322 -64.54 -43.07 60.96
C THR A 322 -65.35 -41.77 61.01
N MET A 323 -64.63 -40.68 61.23
CA MET A 323 -65.26 -39.36 61.21
C MET A 323 -65.80 -39.07 59.82
N GLU A 324 -66.94 -38.39 59.78
CA GLU A 324 -67.56 -38.07 58.50
C GLU A 324 -66.67 -37.16 57.67
N TRP A 325 -66.05 -36.17 58.30
CA TRP A 325 -65.19 -35.23 57.62
C TRP A 325 -64.14 -34.72 58.59
N TRP A 326 -63.11 -34.07 58.05
CA TRP A 326 -62.01 -33.58 58.87
C TRP A 326 -62.46 -32.61 59.94
N THR A 327 -63.65 -31.99 59.77
CA THR A 327 -64.18 -31.11 60.79
C THR A 327 -64.29 -31.82 62.14
N HIS A 328 -64.61 -33.10 62.13
CA HIS A 328 -64.72 -33.89 63.35
C HIS A 328 -63.43 -34.59 63.72
N LEU A 329 -62.34 -34.36 62.97
CA LEU A 329 -61.08 -35.02 63.26
C LEU A 329 -60.65 -34.81 64.71
N TRP A 330 -60.92 -33.61 65.25
CA TRP A 330 -60.56 -33.30 66.62
C TRP A 330 -61.04 -34.38 67.58
N LEU A 331 -62.24 -34.91 67.34
CA LEU A 331 -62.78 -35.93 68.21
C LEU A 331 -61.95 -37.21 68.13
N ASN A 332 -61.70 -37.67 66.90
CA ASN A 332 -61.15 -39.01 66.70
C ASN A 332 -59.85 -39.19 67.46
N GLU A 333 -59.05 -38.14 67.56
CA GLU A 333 -57.88 -38.18 68.42
C GLU A 333 -58.26 -37.86 69.87
N GLY A 334 -58.89 -36.70 70.07
CA GLY A 334 -59.10 -36.15 71.40
C GLY A 334 -59.72 -37.11 72.38
N PHE A 335 -60.93 -37.56 72.06
CA PHE A 335 -61.60 -38.56 72.89
C PHE A 335 -60.68 -39.74 73.17
N ALA A 336 -60.09 -40.29 72.09
CA ALA A 336 -59.20 -41.44 72.25
C ALA A 336 -58.14 -41.16 73.30
N SER A 337 -57.55 -39.96 73.26
CA SER A 337 -56.49 -39.63 74.21
C SER A 337 -56.95 -39.88 75.64
N TRP A 338 -58.11 -39.33 76.01
CA TRP A 338 -58.59 -39.53 77.37
C TRP A 338 -58.77 -41.01 77.65
N ILE A 339 -59.41 -41.72 76.72
CA ILE A 339 -59.59 -43.16 76.87
C ILE A 339 -58.27 -43.81 77.25
N GLU A 340 -57.20 -43.43 76.56
CA GLU A 340 -55.92 -44.10 76.78
C GLU A 340 -55.48 -43.97 78.23
N TYR A 341 -55.62 -42.78 78.81
CA TYR A 341 -55.26 -42.63 80.21
C TYR A 341 -56.05 -43.60 81.08
N LEU A 342 -57.37 -43.65 80.89
CA LEU A 342 -58.17 -44.60 81.64
C LEU A 342 -57.61 -46.01 81.51
N CYS A 343 -57.21 -46.38 80.29
CA CYS A 343 -56.64 -47.70 80.05
C CYS A 343 -55.43 -47.95 80.95
N VAL A 344 -54.49 -47.00 80.98
CA VAL A 344 -53.31 -47.17 81.80
C VAL A 344 -53.70 -47.20 83.28
N ASP A 345 -54.75 -46.47 83.64
CA ASP A 345 -55.23 -46.52 85.01
C ASP A 345 -55.65 -47.92 85.39
N HIS A 346 -56.15 -48.68 84.42
CA HIS A 346 -56.53 -50.07 84.64
C HIS A 346 -55.39 -51.05 84.38
N CYS A 347 -54.24 -50.56 83.91
CA CYS A 347 -53.12 -51.43 83.57
C CYS A 347 -51.98 -51.33 84.58
N PHE A 348 -51.60 -50.11 84.97
CA PHE A 348 -50.55 -49.87 85.95
C PHE A 348 -51.12 -48.96 87.04
N PRO A 349 -51.89 -49.52 87.97
CA PRO A 349 -52.39 -48.70 89.08
C PRO A 349 -51.28 -48.07 89.90
N GLU A 350 -50.14 -48.75 90.01
CA GLU A 350 -48.97 -48.14 90.67
C GLU A 350 -48.53 -46.89 89.94
N TYR A 351 -48.71 -46.85 88.62
CA TYR A 351 -48.45 -45.65 87.83
C TYR A 351 -49.66 -44.75 87.94
N ASP A 352 -49.64 -43.86 88.92
CA ASP A 352 -50.70 -42.88 89.10
C ASP A 352 -50.55 -41.83 88.01
N ILE A 353 -51.31 -41.98 86.93
CA ILE A 353 -51.06 -41.20 85.72
C ILE A 353 -51.90 -39.93 85.62
N TRP A 354 -53.06 -39.88 86.27
CA TRP A 354 -53.85 -38.66 86.20
C TRP A 354 -53.09 -37.49 86.79
N THR A 355 -52.22 -37.76 87.77
CA THR A 355 -51.45 -36.69 88.41
C THR A 355 -50.59 -35.94 87.39
N GLN A 356 -49.79 -36.65 86.60
CA GLN A 356 -49.03 -35.96 85.57
C GLN A 356 -49.91 -35.61 84.37
N PHE A 357 -51.03 -36.30 84.21
CA PHE A 357 -51.93 -35.99 83.10
C PHE A 357 -52.45 -34.57 83.21
N VAL A 358 -52.81 -34.15 84.43
CA VAL A 358 -53.24 -32.77 84.63
C VAL A 358 -52.13 -31.81 84.24
N SER A 359 -50.87 -32.21 84.45
CA SER A 359 -49.76 -31.35 84.06
C SER A 359 -49.32 -31.61 82.62
N ALA A 360 -49.92 -32.59 81.95
CA ALA A 360 -49.39 -33.05 80.67
C ALA A 360 -49.98 -32.25 79.51
N ASP A 361 -51.27 -31.98 79.53
CA ASP A 361 -51.94 -31.18 78.51
C ASP A 361 -52.81 -30.07 79.09
N TYR A 362 -53.42 -30.35 80.23
CA TYR A 362 -54.40 -29.45 80.83
C TYR A 362 -53.80 -28.08 81.10
N THR A 363 -52.51 -28.04 81.42
CA THR A 363 -51.86 -26.77 81.73
C THR A 363 -51.80 -25.86 80.51
N ARG A 364 -51.36 -26.37 79.35
CA ARG A 364 -51.34 -25.51 78.18
C ARG A 364 -52.74 -25.26 77.66
N ALA A 365 -53.67 -26.19 77.89
CA ALA A 365 -55.07 -25.85 77.62
C ALA A 365 -55.46 -24.57 78.34
N GLN A 366 -55.21 -24.54 79.65
CA GLN A 366 -55.56 -23.39 80.46
C GLN A 366 -54.84 -22.13 80.00
N GLU A 367 -53.53 -22.22 79.77
CA GLU A 367 -52.76 -21.02 79.46
C GLU A 367 -52.99 -20.55 78.04
N LEU A 368 -53.36 -21.46 77.13
CA LEU A 368 -53.54 -21.09 75.74
C LEU A 368 -54.89 -20.46 75.51
N ASP A 369 -55.93 -20.95 76.20
CA ASP A 369 -57.22 -20.29 76.06
C ASP A 369 -57.18 -18.88 76.62
N ALA A 370 -56.42 -18.67 77.69
CA ALA A 370 -56.30 -17.35 78.29
C ALA A 370 -55.86 -16.31 77.27
N LEU A 371 -54.99 -16.71 76.35
CA LEU A 371 -54.43 -15.81 75.37
C LEU A 371 -55.34 -15.75 74.14
N ASP A 372 -54.91 -15.03 73.11
CA ASP A 372 -55.69 -14.94 71.89
C ASP A 372 -55.47 -16.20 71.05
N ASN A 373 -56.02 -16.21 69.84
CA ASN A 373 -55.94 -17.36 68.94
C ASN A 373 -56.50 -18.63 69.61
N SER A 374 -57.56 -18.45 70.41
CA SER A 374 -58.18 -19.54 71.13
C SER A 374 -59.41 -20.06 70.42
N HIS A 375 -59.39 -20.11 69.09
CA HIS A 375 -60.47 -20.55 68.22
C HIS A 375 -61.15 -21.80 68.75
N PRO A 376 -62.47 -21.91 68.62
CA PRO A 376 -63.16 -23.10 69.11
C PRO A 376 -62.64 -24.36 68.42
N ILE A 377 -62.75 -25.48 69.14
CA ILE A 377 -62.20 -26.74 68.66
C ILE A 377 -62.84 -27.14 67.33
N GLU A 378 -64.16 -27.02 67.26
CA GLU A 378 -64.92 -27.50 66.09
C GLU A 378 -65.01 -26.35 65.09
N VAL A 379 -64.14 -26.38 64.08
CA VAL A 379 -64.11 -25.38 63.02
C VAL A 379 -64.47 -26.08 61.72
N SER A 380 -65.42 -25.51 60.99
CA SER A 380 -65.87 -26.11 59.73
C SER A 380 -64.70 -26.23 58.75
N VAL A 381 -64.62 -27.37 58.08
CA VAL A 381 -63.53 -27.69 57.16
C VAL A 381 -64.14 -28.04 55.82
N GLY A 382 -63.60 -27.47 54.75
CA GLY A 382 -63.99 -27.86 53.41
C GLY A 382 -62.84 -28.47 52.63
N HIS A 383 -61.62 -28.01 52.92
CA HIS A 383 -60.43 -28.45 52.24
C HIS A 383 -59.52 -29.17 53.23
N PRO A 384 -59.00 -30.35 52.91
CA PRO A 384 -58.10 -31.04 53.84
C PRO A 384 -56.83 -30.26 54.13
N SER A 385 -56.46 -29.29 53.28
CA SER A 385 -55.30 -28.47 53.59
C SER A 385 -55.54 -27.60 54.82
N GLU A 386 -56.80 -27.27 55.11
CA GLU A 386 -57.11 -26.47 56.30
C GLU A 386 -56.84 -27.22 57.60
N VAL A 387 -56.68 -28.54 57.53
CA VAL A 387 -56.44 -29.34 58.73
C VAL A 387 -55.18 -28.86 59.44
N ASP A 388 -54.16 -28.49 58.67
CA ASP A 388 -52.88 -28.15 59.28
C ASP A 388 -52.99 -26.95 60.22
N GLU A 389 -53.64 -25.87 59.77
CA GLU A 389 -53.70 -24.68 60.61
C GLU A 389 -54.92 -24.65 61.52
N ILE A 390 -55.94 -25.49 61.29
CA ILE A 390 -56.96 -25.67 62.32
C ILE A 390 -56.47 -26.59 63.43
N PHE A 391 -55.27 -27.14 63.28
CA PHE A 391 -54.70 -28.09 64.23
C PHE A 391 -53.69 -27.40 65.13
N ASP A 392 -53.75 -27.70 66.42
CA ASP A 392 -52.82 -27.17 67.40
C ASP A 392 -52.89 -28.02 68.66
N ALA A 393 -52.10 -27.65 69.66
CA ALA A 393 -52.13 -28.37 70.93
C ALA A 393 -53.49 -28.28 71.60
N ILE A 394 -54.22 -27.21 71.34
CA ILE A 394 -55.57 -27.07 71.91
C ILE A 394 -56.47 -28.18 71.40
N SER A 395 -56.39 -28.49 70.10
CA SER A 395 -57.25 -29.50 69.50
C SER A 395 -57.12 -30.84 70.22
N TYR A 396 -55.94 -31.16 70.73
CA TYR A 396 -55.79 -32.37 71.53
C TYR A 396 -56.23 -32.15 72.97
N SER A 397 -55.65 -31.14 73.63
CA SER A 397 -55.78 -31.02 75.07
C SER A 397 -57.21 -30.68 75.47
N LYS A 398 -57.79 -29.66 74.85
CA LYS A 398 -59.15 -29.27 75.20
C LYS A 398 -60.15 -30.36 74.83
N GLY A 399 -59.91 -31.05 73.72
CA GLY A 399 -60.79 -32.16 73.36
C GLY A 399 -60.77 -33.26 74.41
N ALA A 400 -59.56 -33.66 74.85
CA ALA A 400 -59.46 -34.66 75.90
C ALA A 400 -60.10 -34.17 77.19
N SER A 401 -59.88 -32.91 77.54
CA SER A 401 -60.46 -32.37 78.76
C SER A 401 -61.99 -32.39 78.72
N VAL A 402 -62.57 -31.98 77.59
CA VAL A 402 -64.03 -31.92 77.51
C VAL A 402 -64.63 -33.32 77.44
N ILE A 403 -63.94 -34.27 76.80
CA ILE A 403 -64.49 -35.62 76.76
C ILE A 403 -64.42 -36.26 78.15
N ARG A 404 -63.36 -35.98 78.91
CA ARG A 404 -63.32 -36.46 80.29
C ARG A 404 -64.40 -35.78 81.13
N MET A 405 -64.61 -34.48 80.90
CA MET A 405 -65.77 -33.78 81.45
C MET A 405 -67.04 -34.55 81.20
N LEU A 406 -67.26 -34.96 79.95
CA LEU A 406 -68.48 -35.67 79.60
C LEU A 406 -68.57 -37.01 80.32
N HIS A 407 -67.44 -37.72 80.41
CA HIS A 407 -67.47 -39.01 81.10
C HIS A 407 -67.88 -38.83 82.55
N ASP A 408 -67.32 -37.81 83.23
CA ASP A 408 -67.72 -37.56 84.61
C ASP A 408 -69.18 -37.16 84.70
N TYR A 409 -69.63 -36.29 83.80
CA TYR A 409 -71.01 -35.79 83.85
C TYR A 409 -72.00 -36.90 83.54
N ILE A 410 -71.57 -37.94 82.83
CA ILE A 410 -72.48 -39.00 82.44
C ILE A 410 -72.44 -40.17 83.43
N GLY A 411 -71.30 -40.41 84.06
CA GLY A 411 -71.18 -41.63 84.84
C GLY A 411 -70.53 -42.73 84.02
N ASP A 412 -69.75 -43.57 84.71
CA ASP A 412 -68.94 -44.55 84.00
C ASP A 412 -69.80 -45.56 83.25
N LYS A 413 -70.78 -46.16 83.93
CA LYS A 413 -71.62 -47.17 83.30
C LYS A 413 -72.47 -46.57 82.19
N ASP A 414 -73.02 -45.38 82.41
CA ASP A 414 -73.84 -44.74 81.38
C ASP A 414 -72.99 -44.39 80.15
N PHE A 415 -71.77 -43.89 80.36
CA PHE A 415 -70.88 -43.62 79.25
C PHE A 415 -70.52 -44.91 78.53
N LYS A 416 -70.33 -46.00 79.28
CA LYS A 416 -70.10 -47.30 78.68
C LYS A 416 -71.24 -47.69 77.75
N LYS A 417 -72.47 -47.58 78.24
CA LYS A 417 -73.63 -47.94 77.43
C LYS A 417 -73.73 -47.07 76.20
N GLY A 418 -73.48 -45.77 76.36
CA GLY A 418 -73.54 -44.87 75.22
C GLY A 418 -72.52 -45.21 74.16
N MET A 419 -71.28 -45.49 74.59
CA MET A 419 -70.23 -45.83 73.64
C MET A 419 -70.56 -47.13 72.92
N ASN A 420 -71.07 -48.13 73.66
CA ASN A 420 -71.41 -49.40 73.05
C ASN A 420 -72.53 -49.23 72.02
N MET A 421 -73.57 -48.47 72.37
CA MET A 421 -74.66 -48.22 71.42
C MET A 421 -74.16 -47.47 70.20
N TYR A 422 -73.31 -46.46 70.39
CA TYR A 422 -72.80 -45.70 69.26
C TYR A 422 -71.97 -46.58 68.33
N LEU A 423 -71.12 -47.44 68.90
CA LEU A 423 -70.33 -48.34 68.07
C LEU A 423 -71.21 -49.33 67.32
N THR A 424 -72.21 -49.90 68.01
CA THR A 424 -73.10 -50.85 67.35
C THR A 424 -74.02 -50.17 66.33
N LYS A 425 -74.18 -48.85 66.43
CA LYS A 425 -75.09 -48.15 65.52
C LYS A 425 -74.48 -47.96 64.14
N PHE A 426 -73.32 -47.34 64.07
CA PHE A 426 -72.70 -46.96 62.81
C PHE A 426 -71.35 -47.65 62.61
N GLN A 427 -71.29 -48.93 62.93
CA GLN A 427 -70.09 -49.72 62.65
C GLN A 427 -69.85 -49.76 61.15
N GLN A 428 -68.61 -49.51 60.75
CA GLN A 428 -68.18 -49.48 59.35
C GLN A 428 -68.90 -48.40 58.55
N LYS A 429 -69.55 -47.44 59.22
CA LYS A 429 -70.26 -46.36 58.58
C LYS A 429 -69.81 -45.04 59.16
N ASN A 430 -69.64 -44.04 58.30
CA ASN A 430 -69.22 -42.72 58.78
C ASN A 430 -70.30 -42.11 59.66
N ALA A 431 -69.87 -41.47 60.74
CA ALA A 431 -70.78 -40.82 61.67
C ALA A 431 -70.24 -39.44 62.02
N ALA A 432 -71.15 -38.55 62.34
CA ALA A 432 -70.79 -37.19 62.72
C ALA A 432 -70.74 -37.05 64.23
N THR A 433 -70.23 -35.91 64.69
CA THR A 433 -70.18 -35.63 66.12
C THR A 433 -71.58 -35.56 66.71
N GLU A 434 -72.51 -34.95 65.97
CA GLU A 434 -73.90 -34.89 66.42
C GLU A 434 -74.48 -36.27 66.62
N ASP A 435 -74.07 -37.24 65.79
CA ASP A 435 -74.54 -38.61 65.98
C ASP A 435 -74.06 -39.17 67.32
N LEU A 436 -72.80 -38.91 67.68
CA LEU A 436 -72.30 -39.35 68.97
C LEU A 436 -73.07 -38.70 70.11
N TRP A 437 -73.37 -37.40 69.98
CA TRP A 437 -74.16 -36.73 71.01
C TRP A 437 -75.55 -37.34 71.11
N GLU A 438 -76.16 -37.65 69.98
CA GLU A 438 -77.48 -38.27 69.98
C GLU A 438 -77.46 -39.63 70.67
N SER A 439 -76.45 -40.45 70.36
CA SER A 439 -76.35 -41.76 71.00
C SER A 439 -76.15 -41.62 72.51
N LEU A 440 -75.29 -40.68 72.92
CA LEU A 440 -75.08 -40.47 74.35
C LEU A 440 -76.36 -40.01 75.03
N GLU A 441 -77.11 -39.13 74.38
CA GLU A 441 -78.38 -38.67 74.95
C GLU A 441 -79.38 -39.81 75.03
N ASN A 442 -79.37 -40.71 74.04
CA ASN A 442 -80.24 -41.88 74.09
C ASN A 442 -79.87 -42.77 75.27
N ALA A 443 -78.58 -42.95 75.53
CA ALA A 443 -78.17 -43.82 76.63
C ALA A 443 -78.54 -43.24 77.98
N SER A 444 -78.29 -41.94 78.18
CA SER A 444 -78.48 -41.31 79.49
C SER A 444 -79.86 -40.68 79.64
N GLY A 445 -80.21 -39.76 78.75
CA GLY A 445 -81.47 -39.05 78.84
C GLY A 445 -81.28 -37.56 79.00
N LYS A 446 -80.27 -37.18 79.78
CA LYS A 446 -79.93 -35.78 79.93
C LYS A 446 -79.29 -35.26 78.64
N PRO A 447 -79.51 -34.00 78.29
CA PRO A 447 -79.05 -33.48 76.98
C PRO A 447 -77.55 -33.20 76.98
N ILE A 448 -76.81 -34.06 76.29
CA ILE A 448 -75.39 -33.79 76.04
C ILE A 448 -75.22 -32.80 74.91
N ALA A 449 -75.99 -32.97 73.82
CA ALA A 449 -75.87 -32.09 72.67
C ALA A 449 -76.21 -30.65 73.02
N ALA A 450 -77.12 -30.44 73.97
CA ALA A 450 -77.45 -29.09 74.41
C ALA A 450 -76.25 -28.36 75.00
N VAL A 451 -75.21 -29.07 75.42
CA VAL A 451 -73.98 -28.48 75.88
C VAL A 451 -72.90 -28.52 74.80
N MET A 452 -72.92 -29.58 73.99
CA MET A 452 -71.90 -29.74 72.96
C MET A 452 -72.04 -28.69 71.86
N ASN A 453 -73.29 -28.32 71.53
CA ASN A 453 -73.48 -27.29 70.52
C ASN A 453 -72.84 -25.96 70.94
N THR A 454 -72.98 -25.57 72.21
CA THR A 454 -72.31 -24.38 72.68
C THR A 454 -70.80 -24.59 72.75
N TRP A 455 -70.37 -25.79 73.15
CA TRP A 455 -68.92 -26.06 73.22
C TRP A 455 -68.28 -25.88 71.86
N THR A 456 -68.97 -26.29 70.80
CA THR A 456 -68.48 -25.99 69.45
C THR A 456 -68.60 -24.50 69.14
N LYS A 457 -69.69 -23.87 69.58
CA LYS A 457 -69.94 -22.47 69.23
C LYS A 457 -68.85 -21.56 69.80
N GLN A 458 -68.77 -21.46 71.12
CA GLN A 458 -67.89 -20.46 71.72
C GLN A 458 -66.48 -21.01 71.88
N MET A 459 -65.68 -20.27 72.66
CA MET A 459 -64.25 -20.48 72.74
C MET A 459 -63.75 -20.09 74.13
N GLY A 460 -63.43 -21.09 74.94
CA GLY A 460 -62.82 -20.83 76.22
C GLY A 460 -63.55 -21.50 77.35
N PHE A 461 -63.11 -21.19 78.56
CA PHE A 461 -63.67 -21.73 79.79
C PHE A 461 -64.14 -20.60 80.68
N PRO A 462 -65.16 -20.86 81.50
CA PRO A 462 -65.70 -19.80 82.37
C PRO A 462 -64.96 -19.61 83.68
N LEU A 463 -65.55 -18.82 84.57
CA LEU A 463 -65.10 -18.58 85.93
C LEU A 463 -66.31 -18.52 86.84
N ILE A 464 -66.09 -18.66 88.14
CA ILE A 464 -67.15 -18.61 89.14
C ILE A 464 -66.66 -17.78 90.32
N TYR A 465 -67.48 -16.81 90.74
CA TYR A 465 -67.27 -16.14 92.02
C TYR A 465 -68.04 -16.95 93.05
N VAL A 466 -67.34 -17.85 93.74
CA VAL A 466 -67.98 -18.66 94.75
C VAL A 466 -68.33 -17.80 95.95
N GLU A 467 -69.14 -18.37 96.84
CA GLU A 467 -69.59 -17.64 98.02
C GLU A 467 -69.39 -18.53 99.25
N ALA A 468 -69.95 -18.09 100.38
CA ALA A 468 -69.84 -18.82 101.63
C ALA A 468 -71.13 -18.58 102.41
N GLU A 469 -71.92 -19.63 102.62
CA GLU A 469 -73.14 -19.53 103.43
C GLU A 469 -73.35 -20.89 104.11
N GLN A 470 -72.82 -21.02 105.33
CA GLN A 470 -72.92 -22.30 106.05
C GLN A 470 -74.10 -22.20 107.03
N VAL A 471 -75.28 -22.47 106.50
CA VAL A 471 -76.49 -22.52 107.32
C VAL A 471 -76.53 -23.90 107.98
N GLU A 472 -76.05 -23.97 109.22
CA GLU A 472 -75.98 -25.21 109.98
C GLU A 472 -75.17 -26.26 109.23
N ASP A 473 -75.84 -27.21 108.60
CA ASP A 473 -75.21 -28.26 107.80
C ASP A 473 -75.54 -28.12 106.33
N ASP A 474 -75.55 -26.89 105.83
CA ASP A 474 -75.81 -26.62 104.42
C ASP A 474 -74.86 -25.51 103.97
N ARG A 475 -73.81 -25.87 103.25
CA ARG A 475 -72.83 -24.90 102.77
C ARG A 475 -73.28 -24.41 101.40
N LEU A 476 -74.33 -23.60 101.41
CA LEU A 476 -74.88 -23.01 100.20
C LEU A 476 -74.07 -21.80 99.78
N LEU A 477 -74.01 -21.57 98.48
CA LEU A 477 -73.32 -20.41 97.94
C LEU A 477 -73.83 -20.18 96.52
N ARG A 478 -73.33 -19.14 95.86
CA ARG A 478 -73.85 -18.68 94.57
C ARG A 478 -72.73 -18.75 93.53
N LEU A 479 -72.80 -19.74 92.65
CA LEU A 479 -71.83 -19.84 91.56
C LEU A 479 -72.22 -18.88 90.45
N SER A 480 -71.28 -18.05 90.02
CA SER A 480 -71.52 -17.00 89.05
C SER A 480 -70.69 -17.24 87.80
N GLN A 481 -71.32 -17.69 86.73
CA GLN A 481 -70.61 -18.06 85.51
C GLN A 481 -70.29 -16.81 84.69
N LYS A 482 -69.03 -16.67 84.30
CA LYS A 482 -68.59 -15.56 83.46
C LYS A 482 -67.35 -16.00 82.70
N LYS A 483 -67.07 -15.33 81.59
CA LYS A 483 -65.91 -15.70 80.78
C LYS A 483 -64.61 -15.35 81.50
N PHE A 484 -63.55 -16.08 81.15
CA PHE A 484 -62.24 -15.85 81.71
C PHE A 484 -61.39 -15.02 80.77
N CYS A 485 -60.53 -14.18 81.35
CA CYS A 485 -59.55 -13.40 80.60
C CYS A 485 -58.20 -13.56 81.27
N ALA A 486 -57.13 -13.57 80.47
CA ALA A 486 -55.78 -13.67 81.02
C ALA A 486 -55.48 -12.50 81.94
N GLY A 487 -55.74 -11.28 81.49
CA GLY A 487 -55.62 -10.14 82.38
C GLY A 487 -56.68 -10.14 83.47
N GLY A 488 -57.89 -10.53 83.14
CA GLY A 488 -58.98 -10.58 84.10
C GLY A 488 -60.26 -9.95 83.59
N ALA A 489 -60.13 -8.93 82.74
CA ALA A 489 -61.27 -8.23 82.17
C ALA A 489 -61.65 -8.91 80.86
N TYR A 490 -62.60 -9.83 80.92
CA TYR A 490 -63.07 -10.50 79.72
C TYR A 490 -63.91 -9.55 78.87
N VAL A 491 -63.92 -9.83 77.56
CA VAL A 491 -64.60 -8.93 76.62
C VAL A 491 -66.11 -8.92 76.88
N GLY A 492 -66.71 -10.11 77.00
CA GLY A 492 -68.08 -10.24 77.47
C GLY A 492 -69.14 -9.51 76.67
N GLU A 493 -68.88 -9.23 75.39
CA GLU A 493 -69.92 -8.61 74.56
C GLU A 493 -71.08 -9.58 74.35
N ASP A 494 -70.77 -10.83 74.05
CA ASP A 494 -71.77 -11.88 73.92
C ASP A 494 -72.18 -12.35 75.31
N CYS A 495 -72.87 -13.49 75.37
CA CYS A 495 -73.19 -14.09 76.66
C CYS A 495 -71.99 -14.86 77.17
N PRO A 496 -71.25 -14.32 78.15
CA PRO A 496 -70.04 -15.01 78.61
C PRO A 496 -70.31 -16.25 79.43
N GLN A 497 -71.50 -16.37 80.01
CA GLN A 497 -71.80 -17.48 80.90
C GLN A 497 -71.84 -18.79 80.12
N TRP A 498 -71.64 -19.88 80.84
CA TRP A 498 -71.60 -21.22 80.26
C TRP A 498 -72.56 -22.12 81.01
N MET A 499 -72.44 -23.42 80.75
CA MET A 499 -73.19 -24.48 81.41
C MET A 499 -72.27 -25.64 81.77
N VAL A 500 -71.03 -25.34 82.14
CA VAL A 500 -70.07 -26.37 82.54
C VAL A 500 -70.64 -27.20 83.68
N PRO A 501 -70.61 -28.52 83.59
CA PRO A 501 -71.07 -29.38 84.69
C PRO A 501 -70.00 -29.54 85.76
N ILE A 502 -69.77 -28.45 86.50
CA ILE A 502 -68.80 -28.46 87.58
C ILE A 502 -69.27 -29.44 88.65
N THR A 503 -68.51 -30.52 88.81
CA THR A 503 -68.88 -31.59 89.73
C THR A 503 -68.18 -31.34 91.06
N ILE A 504 -68.89 -30.69 91.98
CA ILE A 504 -68.37 -30.51 93.32
C ILE A 504 -68.09 -31.88 93.94
N SER A 505 -67.16 -31.90 94.89
CA SER A 505 -66.79 -33.12 95.57
C SER A 505 -66.68 -32.86 97.07
N THR A 506 -67.29 -33.73 97.86
CA THR A 506 -67.14 -33.66 99.31
C THR A 506 -65.72 -34.05 99.67
N SER A 507 -65.07 -33.21 100.49
CA SER A 507 -63.67 -33.39 100.82
C SER A 507 -63.44 -34.41 101.93
N GLU A 508 -64.50 -34.92 102.56
CA GLU A 508 -64.32 -35.97 103.55
C GLU A 508 -63.74 -37.23 102.93
N ASP A 509 -64.22 -37.59 101.74
CA ASP A 509 -63.63 -38.70 100.99
C ASP A 509 -62.83 -38.15 99.83
N PRO A 510 -61.50 -38.30 99.83
CA PRO A 510 -60.69 -37.68 98.77
C PRO A 510 -61.05 -38.14 97.36
N ASN A 511 -61.40 -39.42 97.20
CA ASN A 511 -61.74 -39.93 95.88
C ASN A 511 -63.23 -39.94 95.59
N GLN A 512 -64.06 -40.03 96.63
CA GLN A 512 -65.50 -40.13 96.46
C GLN A 512 -66.15 -38.75 96.66
N ALA A 513 -66.96 -38.34 95.69
CA ALA A 513 -67.69 -37.08 95.75
C ALA A 513 -69.09 -37.39 96.28
N LYS A 514 -69.24 -37.31 97.60
CA LYS A 514 -70.55 -37.55 98.21
C LYS A 514 -71.57 -36.55 97.69
N LEU A 515 -71.21 -35.27 97.64
CA LEU A 515 -72.03 -34.24 97.05
C LEU A 515 -71.45 -33.88 95.68
N LYS A 516 -72.28 -34.03 94.65
CA LYS A 516 -71.84 -33.74 93.28
C LYS A 516 -73.07 -33.31 92.49
N ILE A 517 -73.01 -32.14 91.88
CA ILE A 517 -74.12 -31.58 91.14
C ILE A 517 -73.73 -31.42 89.69
N LEU A 518 -74.64 -31.75 88.78
CA LEU A 518 -74.44 -31.54 87.36
C LEU A 518 -74.93 -30.14 87.00
N MET A 519 -74.43 -29.14 87.72
CA MET A 519 -74.85 -27.75 87.50
C MET A 519 -74.52 -27.33 86.08
N ASP A 520 -75.50 -26.72 85.41
CA ASP A 520 -75.27 -26.20 84.06
C ASP A 520 -75.97 -24.86 83.84
N LYS A 521 -75.99 -23.99 84.84
CA LYS A 521 -76.70 -22.72 84.71
C LYS A 521 -75.86 -21.57 85.24
N PRO A 522 -76.07 -20.36 84.72
CA PRO A 522 -75.32 -19.20 85.24
C PRO A 522 -75.56 -18.96 86.72
N GLU A 523 -76.76 -19.25 87.23
CA GLU A 523 -77.05 -19.13 88.65
C GLU A 523 -77.85 -20.35 89.09
N MET A 524 -77.71 -20.71 90.36
CA MET A 524 -78.29 -21.93 90.90
C MET A 524 -78.20 -21.89 92.42
N ASN A 525 -78.62 -22.97 93.05
CA ASN A 525 -78.52 -23.13 94.50
C ASN A 525 -77.94 -24.50 94.81
N VAL A 526 -77.57 -24.70 96.08
CA VAL A 526 -76.90 -25.92 96.50
C VAL A 526 -77.82 -26.69 97.44
N VAL A 527 -77.65 -28.01 97.45
CA VAL A 527 -78.35 -28.90 98.38
C VAL A 527 -77.34 -29.92 98.86
N LEU A 528 -77.04 -29.90 100.16
CA LEU A 528 -76.03 -30.78 100.72
C LEU A 528 -76.26 -30.94 102.20
N LYS A 529 -75.60 -31.96 102.77
CA LYS A 529 -75.56 -32.17 104.21
C LYS A 529 -74.11 -32.11 104.67
N ASN A 530 -73.74 -31.01 105.31
CA ASN A 530 -72.36 -30.80 105.74
C ASN A 530 -71.99 -31.79 106.84
N VAL A 531 -70.74 -32.24 106.80
CA VAL A 531 -70.22 -33.18 107.80
C VAL A 531 -69.48 -32.45 108.91
N LYS A 532 -68.55 -31.57 108.55
CA LYS A 532 -67.72 -30.86 109.51
C LYS A 532 -67.84 -29.36 109.30
N PRO A 533 -67.84 -28.57 110.38
CA PRO A 533 -67.96 -27.11 110.22
C PRO A 533 -66.91 -26.53 109.29
N ASP A 534 -65.73 -27.13 109.20
CA ASP A 534 -64.73 -26.80 108.19
C ASP A 534 -64.56 -28.05 107.33
N GLN A 535 -65.42 -28.21 106.33
CA GLN A 535 -65.36 -29.36 105.44
C GLN A 535 -64.44 -29.14 104.27
N TRP A 536 -63.89 -27.93 104.11
CA TRP A 536 -62.98 -27.55 103.03
C TRP A 536 -63.41 -28.14 101.69
N VAL A 537 -64.73 -28.09 101.42
CA VAL A 537 -65.31 -28.81 100.29
C VAL A 537 -64.59 -28.45 99.01
N LYS A 538 -64.24 -29.47 98.23
CA LYS A 538 -63.43 -29.30 97.04
C LYS A 538 -64.34 -29.11 95.84
N LEU A 539 -64.39 -27.90 95.32
CA LEU A 539 -65.04 -27.66 94.04
C LEU A 539 -64.26 -28.37 92.94
N ASN A 540 -64.99 -28.98 92.01
CA ASN A 540 -64.40 -29.88 91.01
C ASN A 540 -63.78 -31.07 91.74
N LEU A 541 -63.09 -31.95 91.02
CA LEU A 541 -62.47 -33.11 91.65
C LEU A 541 -61.30 -33.57 90.78
N GLY A 542 -60.08 -33.25 91.22
CA GLY A 542 -58.91 -33.56 90.43
C GLY A 542 -58.88 -32.84 89.10
N THR A 543 -59.48 -31.64 89.05
CA THR A 543 -59.58 -30.83 87.84
C THR A 543 -60.13 -31.65 86.66
N VAL A 544 -61.11 -32.51 86.97
CA VAL A 544 -61.78 -33.24 85.90
C VAL A 544 -62.54 -32.27 85.01
N GLY A 545 -63.11 -31.23 85.61
CA GLY A 545 -63.70 -30.15 84.84
C GLY A 545 -62.64 -29.20 84.36
N PHE A 546 -62.48 -29.10 83.04
CA PHE A 546 -61.54 -28.17 82.43
C PHE A 546 -61.99 -26.76 82.76
N TYR A 547 -61.32 -26.14 83.72
CA TYR A 547 -61.89 -24.98 84.39
C TYR A 547 -60.87 -24.42 85.39
N ARG A 548 -61.17 -23.23 85.89
CA ARG A 548 -60.24 -22.39 86.67
C ARG A 548 -60.91 -21.84 87.93
N THR A 549 -61.48 -22.74 88.74
CA THR A 549 -62.26 -22.38 89.92
C THR A 549 -61.60 -21.25 90.72
N GLN A 550 -62.33 -20.16 90.88
CA GLN A 550 -61.88 -19.04 91.70
C GLN A 550 -62.53 -19.15 93.07
N TYR A 551 -61.73 -19.49 94.08
CA TYR A 551 -62.22 -19.60 95.44
C TYR A 551 -62.17 -18.24 96.14
N SER A 552 -63.16 -17.95 96.96
CA SER A 552 -63.15 -16.73 97.75
C SER A 552 -62.13 -16.86 98.88
N SER A 553 -61.82 -15.72 99.49
CA SER A 553 -60.83 -15.69 100.56
C SER A 553 -61.25 -16.59 101.72
N ALA A 554 -62.54 -16.58 102.06
CA ALA A 554 -63.04 -17.48 103.09
C ALA A 554 -62.85 -18.93 102.69
N MET A 555 -63.13 -19.25 101.42
CA MET A 555 -62.91 -20.61 100.92
C MET A 555 -61.44 -20.99 101.02
N LEU A 556 -60.55 -20.09 100.61
CA LEU A 556 -59.12 -20.36 100.66
C LEU A 556 -58.66 -20.62 102.09
N GLU A 557 -59.11 -19.77 103.03
CA GLU A 557 -58.73 -19.97 104.42
C GLU A 557 -59.29 -21.28 104.98
N SER A 558 -60.52 -21.62 104.61
CA SER A 558 -61.11 -22.87 105.10
C SER A 558 -60.35 -24.08 104.58
N LEU A 559 -59.91 -24.05 103.31
CA LEU A 559 -59.17 -25.17 102.74
C LEU A 559 -57.69 -25.12 103.07
N LEU A 560 -57.20 -24.03 103.65
CA LEU A 560 -55.77 -23.95 103.99
C LEU A 560 -55.29 -25.10 104.87
N PRO A 561 -55.97 -25.47 105.96
CA PRO A 561 -55.50 -26.65 106.71
C PRO A 561 -55.52 -27.92 105.88
N GLY A 562 -56.46 -28.02 104.94
CA GLY A 562 -56.52 -29.21 104.09
C GLY A 562 -55.30 -29.37 103.21
N ILE A 563 -54.73 -28.25 102.77
CA ILE A 563 -53.52 -28.31 101.95
C ILE A 563 -52.24 -28.26 102.79
N ARG A 564 -52.32 -27.80 104.05
CA ARG A 564 -51.16 -27.87 104.93
C ARG A 564 -50.72 -29.31 105.12
N ASP A 565 -51.67 -30.20 105.39
CA ASP A 565 -51.39 -31.62 105.49
C ASP A 565 -51.63 -32.28 104.13
N LEU A 566 -51.63 -33.61 104.10
CA LEU A 566 -51.85 -34.37 102.88
C LEU A 566 -53.29 -34.85 102.75
N SER A 567 -54.21 -34.29 103.53
CA SER A 567 -55.61 -34.73 103.46
C SER A 567 -56.20 -34.50 102.08
N LEU A 568 -55.95 -33.34 101.50
CA LEU A 568 -56.43 -33.09 100.15
C LEU A 568 -55.66 -33.94 99.15
N PRO A 569 -56.30 -34.44 98.11
CA PRO A 569 -55.57 -35.18 97.09
C PRO A 569 -54.52 -34.32 96.44
N PRO A 570 -53.39 -34.91 96.05
CA PRO A 570 -52.33 -34.11 95.40
C PRO A 570 -52.78 -33.46 94.12
N VAL A 571 -53.65 -34.12 93.35
CA VAL A 571 -54.16 -33.51 92.13
C VAL A 571 -54.93 -32.24 92.45
N ASP A 572 -55.77 -32.27 93.50
CA ASP A 572 -56.48 -31.07 93.91
C ASP A 572 -55.51 -29.98 94.32
N ARG A 573 -54.47 -30.33 95.07
CA ARG A 573 -53.52 -29.34 95.55
C ARG A 573 -52.78 -28.68 94.38
N LEU A 574 -52.33 -29.48 93.42
CA LEU A 574 -51.63 -28.89 92.27
C LEU A 574 -52.56 -28.09 91.39
N GLY A 575 -53.82 -28.54 91.24
CA GLY A 575 -54.77 -27.75 90.48
C GLY A 575 -55.03 -26.40 91.12
N LEU A 576 -55.20 -26.39 92.44
CA LEU A 576 -55.39 -25.13 93.15
C LEU A 576 -54.15 -24.25 93.04
N GLN A 577 -52.97 -24.85 93.15
CA GLN A 577 -51.73 -24.10 93.02
C GLN A 577 -51.64 -23.42 91.66
N ASN A 578 -51.91 -24.17 90.59
CA ASN A 578 -51.90 -23.59 89.26
C ASN A 578 -52.96 -22.52 89.11
N ASP A 579 -54.15 -22.75 89.68
CA ASP A 579 -55.23 -21.79 89.59
C ASP A 579 -54.86 -20.46 90.24
N LEU A 580 -54.25 -20.52 91.42
CA LEU A 580 -53.91 -19.29 92.13
C LEU A 580 -52.90 -18.45 91.36
N PHE A 581 -51.90 -19.10 90.76
CA PHE A 581 -50.92 -18.37 89.98
C PHE A 581 -51.55 -17.69 88.77
N SER A 582 -52.44 -18.40 88.07
CA SER A 582 -53.15 -17.79 86.96
C SER A 582 -54.11 -16.71 87.44
N LEU A 583 -54.73 -16.91 88.60
CA LEU A 583 -55.69 -15.96 89.15
C LEU A 583 -55.03 -14.83 89.91
N ALA A 584 -53.70 -14.79 89.97
CA ALA A 584 -53.04 -13.60 90.49
C ALA A 584 -53.36 -12.38 89.62
N ARG A 585 -53.53 -12.60 88.32
CA ARG A 585 -53.81 -11.51 87.39
C ARG A 585 -55.26 -11.04 87.50
N ALA A 586 -56.20 -11.96 87.73
CA ALA A 586 -57.62 -11.64 87.73
C ALA A 586 -58.19 -11.54 89.13
N GLY A 587 -57.93 -12.55 89.96
CA GLY A 587 -58.39 -12.53 91.36
C GLY A 587 -57.57 -11.54 92.17
N ILE A 588 -58.11 -11.05 93.28
CA ILE A 588 -57.42 -10.01 94.09
C ILE A 588 -56.50 -10.69 95.11
N ILE A 589 -55.87 -9.93 96.00
CA ILE A 589 -54.94 -10.47 97.05
C ILE A 589 -53.75 -11.11 96.33
N SER A 590 -53.99 -12.15 95.52
CA SER A 590 -52.89 -12.74 94.70
C SER A 590 -51.67 -13.04 95.58
N THR A 591 -50.58 -12.31 95.35
CA THR A 591 -49.33 -12.58 96.08
C THR A 591 -49.63 -12.89 97.54
N VAL A 592 -50.42 -12.06 98.20
CA VAL A 592 -50.66 -12.27 99.66
C VAL A 592 -51.19 -13.70 99.87
N GLU A 593 -52.24 -14.07 99.15
CA GLU A 593 -52.78 -15.45 99.25
C GLU A 593 -51.71 -16.42 98.74
N VAL A 594 -51.13 -16.12 97.58
CA VAL A 594 -50.05 -16.98 97.04
C VAL A 594 -49.13 -17.37 98.20
N LEU A 595 -48.76 -16.40 99.04
CA LEU A 595 -47.81 -16.75 100.09
C LEU A 595 -48.40 -17.81 101.01
N LYS A 596 -49.68 -17.65 101.37
CA LYS A 596 -50.32 -18.61 102.26
C LYS A 596 -50.31 -20.02 101.67
N VAL A 597 -50.64 -20.15 100.38
CA VAL A 597 -50.63 -21.50 99.82
C VAL A 597 -49.20 -22.02 99.77
N MET A 598 -48.23 -21.13 99.60
CA MET A 598 -46.83 -21.54 99.69
C MET A 598 -46.57 -22.22 101.02
N GLU A 599 -47.15 -21.70 102.09
CA GLU A 599 -46.99 -22.30 103.41
C GLU A 599 -47.41 -23.77 103.41
N ALA A 600 -48.51 -24.08 102.73
CA ALA A 600 -48.96 -25.47 102.67
C ALA A 600 -47.87 -26.37 102.10
N PHE A 601 -47.18 -25.89 101.08
CA PHE A 601 -46.15 -26.68 100.43
C PHE A 601 -44.92 -26.87 101.30
N VAL A 602 -44.98 -26.44 102.56
CA VAL A 602 -43.98 -26.86 103.52
C VAL A 602 -44.02 -28.37 103.72
N ASN A 603 -45.17 -29.00 103.41
CA ASN A 603 -45.33 -30.42 103.67
C ASN A 603 -45.68 -31.24 102.43
N GLU A 604 -45.57 -30.67 101.24
CA GLU A 604 -45.95 -31.39 100.04
C GLU A 604 -44.80 -32.27 99.56
N PRO A 605 -45.00 -33.58 99.43
CA PRO A 605 -43.93 -34.43 98.90
C PRO A 605 -44.08 -34.74 97.41
N ASN A 606 -45.21 -34.36 96.82
CA ASN A 606 -45.53 -34.80 95.47
C ASN A 606 -44.62 -34.11 94.45
N TYR A 607 -44.09 -34.91 93.52
CA TYR A 607 -43.13 -34.38 92.56
C TYR A 607 -43.77 -33.41 91.58
N THR A 608 -44.95 -33.77 91.04
CA THR A 608 -45.59 -32.92 90.05
C THR A 608 -45.96 -31.56 90.63
N VAL A 609 -46.38 -31.55 91.90
CA VAL A 609 -46.63 -30.30 92.59
C VAL A 609 -45.37 -29.44 92.60
N TRP A 610 -44.23 -30.06 92.90
CA TRP A 610 -42.99 -29.30 92.89
C TRP A 610 -42.62 -28.84 91.49
N SER A 611 -42.91 -29.64 90.48
CA SER A 611 -42.55 -29.27 89.11
C SER A 611 -43.34 -28.06 88.65
N ASP A 612 -44.66 -28.08 88.79
CA ASP A 612 -45.42 -26.93 88.33
C ASP A 612 -45.26 -25.73 89.27
N LEU A 613 -44.98 -25.99 90.56
CA LEU A 613 -44.64 -24.88 91.45
C LEU A 613 -43.35 -24.21 91.04
N SER A 614 -42.33 -25.00 90.66
CA SER A 614 -41.08 -24.43 90.20
C SER A 614 -41.29 -23.66 88.91
N CYS A 615 -42.11 -24.18 88.00
CA CYS A 615 -42.44 -23.44 86.80
C CYS A 615 -43.05 -22.09 87.14
N ASN A 616 -44.06 -22.09 88.01
CA ASN A 616 -44.73 -20.85 88.39
C ASN A 616 -43.77 -19.87 89.06
N LEU A 617 -42.96 -20.35 90.00
CA LEU A 617 -42.09 -19.46 90.76
C LEU A 617 -40.95 -18.94 89.89
N GLY A 618 -40.45 -19.75 88.96
CA GLY A 618 -39.49 -19.24 87.99
C GLY A 618 -40.11 -18.19 87.09
N ILE A 619 -41.37 -18.38 86.71
CA ILE A 619 -42.08 -17.36 85.95
C ILE A 619 -42.13 -16.06 86.74
N LEU A 620 -42.47 -16.15 88.03
CA LEU A 620 -42.47 -14.96 88.87
C LEU A 620 -41.09 -14.32 88.94
N SER A 621 -40.06 -15.13 89.19
CA SER A 621 -38.71 -14.58 89.38
C SER A 621 -38.23 -13.87 88.12
N THR A 622 -38.39 -14.51 86.95
CA THR A 622 -38.01 -13.85 85.71
C THR A 622 -38.87 -12.62 85.45
N LEU A 623 -40.14 -12.69 85.85
CA LEU A 623 -41.08 -11.60 85.61
C LEU A 623 -40.83 -10.39 86.50
N LEU A 624 -40.25 -10.60 87.68
CA LEU A 624 -39.98 -9.53 88.63
C LEU A 624 -38.65 -8.85 88.36
N SER A 625 -38.15 -8.93 87.13
CA SER A 625 -36.84 -8.39 86.80
C SER A 625 -36.80 -6.87 86.94
N HIS A 626 -37.79 -6.18 86.39
CA HIS A 626 -37.72 -4.74 86.25
C HIS A 626 -37.75 -4.03 87.61
N THR A 627 -38.49 -4.57 88.57
CA THR A 627 -38.54 -4.03 89.91
C THR A 627 -37.52 -4.66 90.85
N ASP A 628 -36.71 -5.60 90.35
CA ASP A 628 -35.54 -6.12 91.05
C ASP A 628 -35.90 -6.94 92.29
N PHE A 629 -35.24 -6.63 93.41
CA PHE A 629 -35.33 -7.32 94.70
C PHE A 629 -35.45 -8.84 94.55
N TYR A 630 -34.66 -9.41 93.64
CA TYR A 630 -34.65 -10.87 93.48
C TYR A 630 -34.26 -11.55 94.77
N GLU A 631 -33.45 -10.89 95.60
CA GLU A 631 -33.00 -11.48 96.85
C GLU A 631 -34.17 -11.82 97.75
N GLU A 632 -35.24 -11.01 97.70
CA GLU A 632 -36.39 -11.24 98.57
C GLU A 632 -37.16 -12.49 98.14
N ILE A 633 -37.47 -12.59 96.85
CA ILE A 633 -38.19 -13.77 96.37
C ILE A 633 -37.32 -15.02 96.45
N GLN A 634 -36.02 -14.89 96.20
CA GLN A 634 -35.12 -16.03 96.36
C GLN A 634 -35.05 -16.47 97.82
N GLU A 635 -35.04 -15.51 98.75
CA GLU A 635 -35.10 -15.84 100.16
C GLU A 635 -36.40 -16.56 100.51
N PHE A 636 -37.51 -16.11 99.93
CA PHE A 636 -38.78 -16.81 100.14
C PHE A 636 -38.73 -18.22 99.60
N VAL A 637 -38.10 -18.40 98.43
CA VAL A 637 -37.92 -19.74 97.86
C VAL A 637 -37.09 -20.61 98.80
N LYS A 638 -36.04 -20.02 99.39
CA LYS A 638 -35.24 -20.77 100.36
C LYS A 638 -36.06 -21.17 101.57
N ASP A 639 -36.92 -20.26 102.06
CA ASP A 639 -37.79 -20.59 103.17
C ASP A 639 -38.71 -21.76 102.81
N VAL A 640 -39.26 -21.74 101.60
CA VAL A 640 -40.11 -22.83 101.15
C VAL A 640 -39.34 -24.14 101.08
N PHE A 641 -38.13 -24.09 100.53
CA PHE A 641 -37.35 -25.28 100.23
C PHE A 641 -36.51 -25.79 101.40
N SER A 642 -36.49 -25.08 102.53
CA SER A 642 -35.75 -25.57 103.69
C SER A 642 -36.19 -26.97 104.11
N PRO A 643 -37.45 -27.20 104.48
CA PRO A 643 -37.83 -28.57 104.89
C PRO A 643 -37.66 -29.59 103.78
N ILE A 644 -37.89 -29.19 102.53
CA ILE A 644 -37.78 -30.13 101.42
C ILE A 644 -36.32 -30.50 101.18
N GLY A 645 -35.43 -29.51 101.19
CA GLY A 645 -34.02 -29.80 101.04
C GLY A 645 -33.46 -30.60 102.20
N GLU A 646 -34.00 -30.38 103.41
CA GLU A 646 -33.59 -31.19 104.55
C GLU A 646 -34.07 -32.62 104.42
N ARG A 647 -35.35 -32.81 104.10
CA ARG A 647 -35.91 -34.15 104.00
C ARG A 647 -35.23 -34.95 102.89
N LEU A 648 -35.00 -34.31 101.75
CA LEU A 648 -34.29 -34.97 100.67
C LEU A 648 -32.79 -35.00 100.91
N GLY A 649 -32.30 -34.17 101.83
CA GLY A 649 -30.88 -34.04 102.01
C GLY A 649 -30.25 -33.40 100.79
N TRP A 650 -28.96 -33.67 100.59
CA TRP A 650 -28.28 -33.26 99.37
C TRP A 650 -27.86 -34.48 98.55
N ASP A 651 -27.14 -35.42 99.15
CA ASP A 651 -26.69 -36.63 98.47
C ASP A 651 -27.88 -37.54 98.18
N PRO A 652 -27.71 -38.49 97.26
CA PRO A 652 -28.76 -39.49 97.05
C PRO A 652 -29.09 -40.20 98.35
N LYS A 653 -30.38 -40.40 98.58
CA LYS A 653 -30.86 -40.95 99.83
C LYS A 653 -31.47 -42.34 99.60
N PRO A 654 -31.27 -43.28 100.53
CA PRO A 654 -31.87 -44.60 100.36
C PRO A 654 -33.39 -44.53 100.28
N GLY A 655 -33.96 -45.42 99.47
CA GLY A 655 -35.39 -45.42 99.24
C GLY A 655 -35.87 -44.39 98.23
N GLU A 656 -34.96 -43.78 97.48
CA GLU A 656 -35.31 -42.76 96.51
C GLU A 656 -35.66 -43.44 95.18
N GLY A 657 -36.83 -43.12 94.64
CA GLY A 657 -37.24 -43.57 93.33
C GLY A 657 -36.76 -42.63 92.24
N HIS A 658 -37.12 -42.97 91.01
CA HIS A 658 -36.82 -42.09 89.88
C HIS A 658 -37.56 -40.76 90.04
N LEU A 659 -38.79 -40.81 90.55
CA LEU A 659 -39.49 -39.58 90.91
C LEU A 659 -38.71 -38.80 91.95
N ASP A 660 -38.12 -39.50 92.91
CA ASP A 660 -37.27 -38.84 93.90
C ASP A 660 -36.01 -38.28 93.27
N ALA A 661 -35.50 -38.93 92.21
CA ALA A 661 -34.37 -38.36 91.48
C ALA A 661 -34.75 -37.05 90.80
N LEU A 662 -35.94 -37.01 90.18
CA LEU A 662 -36.40 -35.75 89.63
C LEU A 662 -36.60 -34.71 90.73
N LEU A 663 -37.08 -35.16 91.89
CA LEU A 663 -37.20 -34.28 93.05
C LEU A 663 -35.87 -33.66 93.42
N ARG A 664 -34.83 -34.49 93.56
CA ARG A 664 -33.53 -33.97 93.96
C ARG A 664 -32.99 -33.02 92.91
N GLY A 665 -33.16 -33.36 91.63
CA GLY A 665 -32.70 -32.47 90.58
C GLY A 665 -33.36 -31.12 90.64
N LEU A 666 -34.68 -31.10 90.74
CA LEU A 666 -35.41 -29.83 90.77
C LEU A 666 -35.08 -29.03 92.01
N VAL A 667 -35.03 -29.70 93.17
CA VAL A 667 -34.78 -28.98 94.41
C VAL A 667 -33.38 -28.38 94.41
N LEU A 668 -32.39 -29.14 93.93
CA LEU A 668 -31.03 -28.61 93.87
C LEU A 668 -30.95 -27.45 92.89
N GLY A 669 -31.54 -27.60 91.70
CA GLY A 669 -31.48 -26.53 90.73
C GLY A 669 -32.13 -25.25 91.22
N LYS A 670 -33.33 -25.36 91.79
CA LYS A 670 -34.02 -24.17 92.26
C LYS A 670 -33.38 -23.59 93.52
N LEU A 671 -32.79 -24.42 94.38
CA LEU A 671 -32.05 -23.89 95.51
C LEU A 671 -30.83 -23.11 95.05
N GLY A 672 -30.15 -23.58 94.01
CA GLY A 672 -29.06 -22.80 93.44
C GLY A 672 -29.55 -21.52 92.78
N LYS A 673 -30.72 -21.58 92.13
CA LYS A 673 -31.33 -20.37 91.61
C LYS A 673 -31.58 -19.35 92.71
N ALA A 674 -32.05 -19.82 93.87
CA ALA A 674 -32.18 -18.95 95.03
C ALA A 674 -30.82 -18.43 95.48
N GLY A 675 -29.81 -19.29 95.46
CA GLY A 675 -28.45 -18.88 95.78
C GLY A 675 -28.08 -19.08 97.23
N HIS A 676 -28.46 -20.22 97.81
CA HIS A 676 -28.08 -20.51 99.18
C HIS A 676 -26.57 -20.68 99.30
N LYS A 677 -26.00 -20.08 100.33
CA LYS A 677 -24.54 -20.05 100.46
C LYS A 677 -23.97 -21.46 100.65
N ALA A 678 -24.51 -22.21 101.62
CA ALA A 678 -24.00 -23.55 101.89
C ALA A 678 -24.27 -24.48 100.71
N THR A 679 -25.45 -24.38 100.12
CA THR A 679 -25.77 -25.19 98.95
C THR A 679 -24.83 -24.89 97.80
N LEU A 680 -24.56 -23.60 97.56
CA LEU A 680 -23.64 -23.21 96.50
C LEU A 680 -22.23 -23.73 96.77
N GLU A 681 -21.79 -23.65 98.02
CA GLU A 681 -20.45 -24.13 98.36
C GLU A 681 -20.34 -25.64 98.15
N GLU A 682 -21.36 -26.39 98.58
CA GLU A 682 -21.32 -27.84 98.36
C GLU A 682 -21.38 -28.18 96.88
N ALA A 683 -22.19 -27.43 96.12
CA ALA A 683 -22.25 -27.66 94.68
C ALA A 683 -20.89 -27.41 94.03
N ARG A 684 -20.19 -26.36 94.46
CA ARG A 684 -18.84 -26.11 93.97
C ARG A 684 -17.90 -27.25 94.37
N ARG A 685 -18.07 -27.77 95.58
CA ARG A 685 -17.28 -28.92 96.01
C ARG A 685 -17.44 -30.08 95.04
N ARG A 686 -18.68 -30.46 94.75
CA ARG A 686 -18.90 -31.60 93.86
C ARG A 686 -18.48 -31.28 92.44
N PHE A 687 -18.59 -30.01 92.03
CA PHE A 687 -18.06 -29.60 90.73
C PHE A 687 -16.57 -29.87 90.64
N LYS A 688 -15.83 -29.46 91.67
CA LYS A 688 -14.39 -29.73 91.70
C LYS A 688 -14.11 -31.22 91.71
N ASP A 689 -14.87 -31.98 92.50
CA ASP A 689 -14.65 -33.42 92.59
C ASP A 689 -14.88 -34.09 91.23
N HIS A 690 -15.90 -33.64 90.49
CA HIS A 690 -16.20 -34.24 89.20
C HIS A 690 -15.15 -33.85 88.15
N VAL A 691 -14.78 -32.57 88.11
CA VAL A 691 -13.82 -32.14 87.10
C VAL A 691 -12.45 -32.76 87.36
N GLU A 692 -12.08 -32.94 88.63
CA GLU A 692 -10.86 -33.66 88.94
C GLU A 692 -10.98 -35.15 88.66
N GLY A 693 -12.21 -35.67 88.62
CA GLY A 693 -12.43 -37.08 88.43
C GLY A 693 -12.30 -37.91 89.70
N LYS A 694 -11.99 -37.30 90.83
CA LYS A 694 -11.86 -38.04 92.08
C LYS A 694 -13.20 -38.62 92.51
N GLN A 695 -14.28 -37.85 92.37
CA GLN A 695 -15.63 -38.36 92.58
C GLN A 695 -16.53 -37.72 91.53
N ILE A 696 -17.07 -38.54 90.64
CA ILE A 696 -18.01 -38.10 89.61
C ILE A 696 -19.38 -38.65 89.97
N LEU A 697 -20.35 -37.76 90.12
CA LEU A 697 -21.67 -38.14 90.57
C LEU A 697 -22.60 -38.38 89.38
N SER A 698 -23.85 -38.69 89.68
CA SER A 698 -24.84 -38.95 88.64
C SER A 698 -25.08 -37.70 87.81
N ALA A 699 -25.31 -37.90 86.51
CA ALA A 699 -25.62 -36.79 85.62
C ALA A 699 -26.89 -36.07 86.04
N ASP A 700 -27.86 -36.82 86.60
CA ASP A 700 -29.13 -36.24 87.02
C ASP A 700 -28.90 -35.15 88.06
N LEU A 701 -28.01 -35.39 89.02
CA LEU A 701 -27.62 -34.34 89.94
C LEU A 701 -26.63 -33.38 89.27
N ARG A 702 -25.81 -33.89 88.35
CA ARG A 702 -24.69 -33.13 87.82
C ARG A 702 -25.15 -31.89 87.07
N SER A 703 -26.14 -32.03 86.18
CA SER A 703 -26.57 -30.87 85.40
C SER A 703 -27.12 -29.75 86.26
N PRO A 704 -28.02 -29.99 87.22
CA PRO A 704 -28.40 -28.91 88.14
C PRO A 704 -27.22 -28.39 88.94
N VAL A 705 -26.24 -29.23 89.25
CA VAL A 705 -25.03 -28.75 89.92
C VAL A 705 -24.31 -27.76 89.01
N TYR A 706 -24.25 -28.04 87.71
CA TYR A 706 -23.68 -27.07 86.77
C TYR A 706 -24.46 -25.76 86.80
N LEU A 707 -25.79 -25.84 86.79
CA LEU A 707 -26.60 -24.63 86.83
C LEU A 707 -26.30 -23.83 88.08
N THR A 708 -26.24 -24.50 89.24
CA THR A 708 -26.00 -23.80 90.50
C THR A 708 -24.61 -23.17 90.54
N VAL A 709 -23.58 -23.91 90.11
CA VAL A 709 -22.23 -23.37 90.20
C VAL A 709 -22.04 -22.21 89.25
N LEU A 710 -22.66 -22.26 88.06
CA LEU A 710 -22.55 -21.13 87.16
C LEU A 710 -23.48 -19.98 87.53
N LYS A 711 -24.49 -20.23 88.37
CA LYS A 711 -25.31 -19.14 88.87
C LYS A 711 -24.49 -18.11 89.62
N HIS A 712 -23.39 -18.54 90.23
CA HIS A 712 -22.47 -17.66 90.94
C HIS A 712 -21.03 -18.01 90.60
N GLY A 713 -20.78 -18.33 89.33
CA GLY A 713 -19.48 -18.74 88.87
C GLY A 713 -18.87 -17.74 87.91
N ASP A 714 -17.54 -17.82 87.80
CA ASP A 714 -16.77 -16.94 86.94
C ASP A 714 -16.60 -17.58 85.56
N GLY A 715 -15.74 -16.98 84.73
CA GLY A 715 -15.51 -17.50 83.40
C GLY A 715 -14.72 -18.78 83.33
N THR A 716 -13.88 -19.04 84.34
CA THR A 716 -13.09 -20.27 84.33
C THR A 716 -13.99 -21.49 84.40
N THR A 717 -15.01 -21.45 85.26
CA THR A 717 -15.99 -22.54 85.29
C THR A 717 -16.71 -22.67 83.96
N LEU A 718 -16.96 -21.55 83.28
CA LEU A 718 -17.59 -21.61 81.97
C LEU A 718 -16.71 -22.32 80.96
N ASP A 719 -15.40 -22.02 80.95
CA ASP A 719 -14.49 -22.71 80.06
C ASP A 719 -14.39 -24.19 80.40
N ILE A 720 -14.38 -24.51 81.70
CA ILE A 720 -14.37 -25.91 82.12
C ILE A 720 -15.64 -26.61 81.62
N MET A 721 -16.77 -25.92 81.69
CA MET A 721 -18.03 -26.49 81.19
C MET A 721 -17.95 -26.77 79.70
N LEU A 722 -17.40 -25.82 78.92
CA LEU A 722 -17.24 -26.06 77.49
C LEU A 722 -16.34 -27.26 77.23
N LYS A 723 -15.23 -27.33 77.97
CA LYS A 723 -14.34 -28.48 77.86
C LYS A 723 -15.08 -29.79 78.12
N LEU A 724 -15.78 -29.85 79.26
CA LEU A 724 -16.51 -31.07 79.62
C LEU A 724 -17.54 -31.43 78.57
N HIS A 725 -18.16 -30.43 77.95
CA HIS A 725 -19.04 -30.68 76.83
C HIS A 725 -18.28 -31.32 75.68
N LYS A 726 -17.04 -30.87 75.44
CA LYS A 726 -16.24 -31.42 74.35
C LYS A 726 -15.93 -32.90 74.56
N GLN A 727 -15.41 -33.29 75.74
CA GLN A 727 -15.18 -34.73 75.90
C GLN A 727 -16.49 -35.49 76.08
N ALA A 728 -17.54 -34.84 76.56
CA ALA A 728 -18.82 -35.53 76.68
C ALA A 728 -19.32 -35.96 75.31
N ASP A 729 -19.87 -37.18 75.24
CA ASP A 729 -20.35 -37.74 73.99
C ASP A 729 -21.85 -37.93 73.95
N MET A 730 -22.51 -38.07 75.10
CA MET A 730 -23.93 -38.34 75.12
C MET A 730 -24.69 -37.09 74.73
N GLN A 731 -25.55 -37.20 73.71
CA GLN A 731 -26.11 -36.00 73.08
C GLN A 731 -26.97 -35.20 74.05
N GLU A 732 -27.91 -35.84 74.73
CA GLU A 732 -28.79 -35.08 75.63
C GLU A 732 -28.05 -34.60 76.86
N GLU A 733 -26.99 -35.32 77.28
CA GLU A 733 -26.16 -34.82 78.37
C GLU A 733 -25.49 -33.51 77.98
N LYS A 734 -24.95 -33.45 76.76
CA LYS A 734 -24.35 -32.22 76.27
C LYS A 734 -25.40 -31.12 76.13
N ASN A 735 -26.61 -31.48 75.69
CA ASN A 735 -27.68 -30.50 75.57
C ASN A 735 -28.04 -29.91 76.94
N ARG A 736 -28.13 -30.77 77.95
CA ARG A 736 -28.38 -30.31 79.31
C ARG A 736 -27.26 -29.40 79.78
N ILE A 737 -26.02 -29.79 79.49
CA ILE A 737 -24.88 -28.98 79.90
C ILE A 737 -24.95 -27.59 79.26
N GLU A 738 -25.28 -27.54 77.98
CA GLU A 738 -25.38 -26.26 77.28
C GLU A 738 -26.51 -25.40 77.85
N ARG A 739 -27.68 -25.99 78.05
CA ARG A 739 -28.81 -25.21 78.54
C ARG A 739 -28.57 -24.73 79.97
N VAL A 740 -27.85 -25.49 80.79
CA VAL A 740 -27.59 -25.02 82.14
C VAL A 740 -26.43 -24.03 82.17
N LEU A 741 -25.48 -24.13 81.23
CA LEU A 741 -24.43 -23.13 81.16
C LEU A 741 -24.93 -21.83 80.53
N GLY A 742 -26.11 -21.85 79.93
CA GLY A 742 -26.73 -20.60 79.54
C GLY A 742 -27.17 -19.74 80.71
N ALA A 743 -27.06 -20.25 81.93
CA ALA A 743 -27.58 -19.58 83.12
C ALA A 743 -26.52 -18.75 83.86
N THR A 744 -25.48 -18.30 83.17
CA THR A 744 -24.55 -17.37 83.79
C THR A 744 -25.17 -15.98 83.88
N LEU A 745 -24.65 -15.17 84.79
CA LEU A 745 -25.27 -13.89 85.13
C LEU A 745 -24.40 -12.68 84.87
N LEU A 746 -23.08 -12.79 84.97
CA LEU A 746 -22.20 -11.65 84.81
C LEU A 746 -22.33 -11.09 83.38
N PRO A 747 -22.49 -9.77 83.21
CA PRO A 747 -22.73 -9.23 81.86
C PRO A 747 -21.66 -9.59 80.83
N ASP A 748 -20.38 -9.50 81.21
CA ASP A 748 -19.34 -9.96 80.31
C ASP A 748 -19.48 -11.45 80.05
N LEU A 749 -19.82 -12.22 81.09
CA LEU A 749 -20.04 -13.65 80.92
C LEU A 749 -21.23 -13.94 80.00
N ILE A 750 -22.29 -13.15 80.12
CA ILE A 750 -23.47 -13.42 79.28
C ILE A 750 -23.17 -13.07 77.83
N GLN A 751 -22.43 -11.99 77.58
CA GLN A 751 -22.02 -11.70 76.21
C GLN A 751 -21.12 -12.81 75.66
N LYS A 752 -20.18 -13.28 76.49
CA LYS A 752 -19.30 -14.36 76.06
C LYS A 752 -20.08 -15.63 75.79
N VAL A 753 -21.09 -15.93 76.61
CA VAL A 753 -21.81 -17.18 76.39
C VAL A 753 -22.78 -17.03 75.23
N LEU A 754 -23.16 -15.80 74.88
CA LEU A 754 -23.89 -15.59 73.63
C LEU A 754 -22.99 -15.93 72.44
N THR A 755 -21.78 -15.38 72.43
CA THR A 755 -20.86 -15.70 71.34
C THR A 755 -20.50 -17.19 71.35
N PHE A 756 -20.50 -17.81 72.53
CA PHE A 756 -20.25 -19.25 72.63
C PHE A 756 -21.47 -20.05 72.24
N ALA A 757 -22.66 -19.45 72.30
CA ALA A 757 -23.85 -20.10 71.75
C ALA A 757 -23.78 -20.08 70.23
N LEU A 758 -23.22 -19.01 69.67
CA LEU A 758 -22.81 -19.08 68.26
C LEU A 758 -21.81 -20.21 68.04
N SER A 759 -20.97 -20.48 69.04
CA SER A 759 -20.02 -21.58 68.93
C SER A 759 -20.69 -22.93 69.18
N GLU A 760 -21.72 -22.97 70.02
CA GLU A 760 -22.40 -24.20 70.38
C GLU A 760 -23.49 -24.59 69.40
N GLU A 761 -23.39 -24.12 68.15
CA GLU A 761 -24.27 -24.57 67.10
C GLU A 761 -23.93 -25.97 66.61
N VAL A 762 -23.04 -26.67 67.32
CA VAL A 762 -22.60 -28.00 66.90
C VAL A 762 -23.78 -28.98 66.95
N ARG A 763 -24.60 -28.86 67.99
CA ARG A 763 -25.73 -29.77 68.13
C ARG A 763 -26.70 -29.60 66.95
N PRO A 764 -27.06 -30.69 66.27
CA PRO A 764 -27.91 -30.56 65.07
C PRO A 764 -29.33 -30.13 65.42
N GLN A 765 -29.66 -28.88 65.11
CA GLN A 765 -30.99 -28.30 65.33
C GLN A 765 -31.35 -28.28 66.81
N ASP A 766 -30.42 -28.67 67.69
CA ASP A 766 -30.56 -28.45 69.11
C ASP A 766 -30.00 -27.10 69.52
N THR A 767 -29.39 -26.38 68.58
CA THR A 767 -28.93 -25.02 68.82
C THR A 767 -30.08 -24.16 69.33
N VAL A 768 -31.30 -24.45 68.87
CA VAL A 768 -32.47 -23.70 69.33
C VAL A 768 -32.66 -23.87 70.83
N SER A 769 -32.52 -25.10 71.33
CA SER A 769 -32.67 -25.32 72.76
C SER A 769 -31.52 -24.71 73.54
N VAL A 770 -30.30 -24.77 72.97
CA VAL A 770 -29.15 -24.17 73.64
C VAL A 770 -29.37 -22.67 73.80
N ILE A 771 -29.81 -22.01 72.73
CA ILE A 771 -29.98 -20.56 72.79
C ILE A 771 -31.22 -20.19 73.59
N GLY A 772 -32.22 -21.07 73.63
CA GLY A 772 -33.32 -20.86 74.57
C GLY A 772 -32.85 -20.90 76.01
N GLY A 773 -31.95 -21.84 76.32
CA GLY A 773 -31.37 -21.86 77.65
C GLY A 773 -30.58 -20.61 77.97
N VAL A 774 -29.77 -20.14 77.01
CA VAL A 774 -28.99 -18.94 77.29
C VAL A 774 -29.90 -17.72 77.44
N ALA A 775 -31.00 -17.68 76.67
CA ALA A 775 -31.96 -16.59 76.82
C ALA A 775 -32.64 -16.63 78.17
N GLY A 776 -33.00 -17.82 78.64
CA GLY A 776 -33.62 -17.97 79.94
C GLY A 776 -32.67 -17.95 81.11
N GLY A 777 -31.37 -17.83 80.84
CA GLY A 777 -30.40 -17.83 81.92
C GLY A 777 -30.57 -16.67 82.88
N SER A 778 -30.75 -15.47 82.35
CA SER A 778 -30.86 -14.27 83.17
C SER A 778 -32.16 -13.57 82.81
N LYS A 779 -32.46 -12.48 83.53
CA LYS A 779 -33.67 -11.70 83.30
C LYS A 779 -33.37 -10.44 82.51
N HIS A 780 -32.51 -9.56 83.02
CA HIS A 780 -31.99 -8.48 82.19
C HIS A 780 -31.04 -9.03 81.14
N GLY A 781 -30.30 -10.09 81.49
CA GLY A 781 -29.53 -10.82 80.51
C GLY A 781 -30.40 -11.43 79.43
N ARG A 782 -31.66 -11.74 79.76
CA ARG A 782 -32.61 -12.17 78.73
C ARG A 782 -32.86 -11.06 77.72
N LYS A 783 -33.00 -9.82 78.19
CA LYS A 783 -33.17 -8.69 77.27
C LYS A 783 -31.90 -8.46 76.46
N ALA A 784 -30.74 -8.60 77.08
CA ALA A 784 -29.48 -8.50 76.34
C ALA A 784 -29.39 -9.58 75.27
N ALA A 785 -29.80 -10.81 75.59
CA ALA A 785 -29.81 -11.88 74.61
C ALA A 785 -30.85 -11.63 73.53
N TRP A 786 -31.95 -10.95 73.87
CA TRP A 786 -32.93 -10.58 72.86
C TRP A 786 -32.33 -9.59 71.86
N LYS A 787 -31.59 -8.60 72.38
CA LYS A 787 -30.85 -7.70 71.50
C LYS A 787 -29.82 -8.47 70.66
N PHE A 788 -29.17 -9.45 71.29
CA PHE A 788 -28.17 -10.27 70.60
C PHE A 788 -28.78 -11.03 69.43
N ILE A 789 -29.93 -11.68 69.65
CA ILE A 789 -30.60 -12.42 68.60
C ILE A 789 -31.28 -11.47 67.61
N LYS A 790 -31.55 -10.24 68.00
CA LYS A 790 -31.86 -9.20 67.02
C LYS A 790 -30.68 -9.00 66.08
N ASP A 791 -29.47 -8.93 66.64
CA ASP A 791 -28.26 -8.84 65.84
C ASP A 791 -27.98 -10.13 65.07
N ASN A 792 -28.64 -11.23 65.42
CA ASN A 792 -28.43 -12.51 64.75
C ASN A 792 -29.74 -13.08 64.22
N TRP A 793 -30.67 -12.21 63.83
CA TRP A 793 -31.96 -12.67 63.33
C TRP A 793 -31.79 -13.51 62.07
N GLU A 794 -30.94 -13.04 61.15
CA GLU A 794 -30.73 -13.76 59.90
C GLU A 794 -30.08 -15.11 60.14
N GLU A 795 -29.13 -15.19 61.09
CA GLU A 795 -28.52 -16.47 61.40
C GLU A 795 -29.55 -17.46 61.91
N LEU A 796 -30.42 -17.01 62.83
CA LEU A 796 -31.46 -17.90 63.35
C LEU A 796 -32.41 -18.34 62.25
N TYR A 797 -32.78 -17.43 61.35
CA TYR A 797 -33.73 -17.80 60.32
C TYR A 797 -33.11 -18.68 59.24
N ASN A 798 -31.81 -18.55 59.01
CA ASN A 798 -31.12 -19.44 58.09
C ASN A 798 -30.80 -20.78 58.74
N ARG A 799 -30.81 -20.85 60.07
CA ARG A 799 -30.73 -22.13 60.75
C ARG A 799 -32.07 -22.84 60.87
N TYR A 800 -33.17 -22.07 60.87
CA TYR A 800 -34.52 -22.63 60.97
C TYR A 800 -35.44 -21.79 60.10
N GLN A 801 -35.98 -22.41 59.05
CA GLN A 801 -36.79 -21.69 58.07
C GLN A 801 -38.26 -21.92 58.39
N GLY A 802 -38.79 -21.12 59.31
CA GLY A 802 -40.20 -21.17 59.63
C GLY A 802 -40.65 -22.48 60.24
N GLY A 803 -39.89 -23.02 61.20
CA GLY A 803 -40.26 -24.24 61.87
C GLY A 803 -40.83 -23.98 63.27
N PHE A 804 -41.29 -25.07 63.89
CA PHE A 804 -41.77 -25.00 65.26
C PHE A 804 -40.63 -24.71 66.23
N LEU A 805 -39.40 -25.07 65.86
CA LEU A 805 -38.25 -24.81 66.71
C LEU A 805 -38.05 -23.31 66.91
N ILE A 806 -38.16 -22.54 65.83
CA ILE A 806 -37.92 -21.09 65.95
C ILE A 806 -39.07 -20.42 66.70
N SER A 807 -40.30 -20.92 66.54
CA SER A 807 -41.40 -20.37 67.33
C SER A 807 -41.20 -20.64 68.81
N ARG A 808 -40.77 -21.86 69.15
CA ARG A 808 -40.44 -22.16 70.54
C ARG A 808 -39.31 -21.26 71.04
N LEU A 809 -38.31 -21.03 70.19
CA LEU A 809 -37.21 -20.14 70.54
C LEU A 809 -37.70 -18.75 70.89
N ILE A 810 -38.49 -18.15 69.99
CA ILE A 810 -38.92 -16.77 70.21
C ILE A 810 -39.85 -16.69 71.42
N LYS A 811 -40.72 -17.69 71.59
CA LYS A 811 -41.60 -17.71 72.75
C LYS A 811 -40.80 -17.79 74.05
N LEU A 812 -39.77 -18.62 74.07
CA LEU A 812 -38.90 -18.69 75.25
C LEU A 812 -38.18 -17.37 75.48
N SER A 813 -37.70 -16.74 74.40
CA SER A 813 -36.90 -15.53 74.55
C SER A 813 -37.73 -14.37 75.08
N VAL A 814 -38.97 -14.22 74.61
CA VAL A 814 -39.77 -13.04 74.96
C VAL A 814 -40.74 -13.30 76.09
N GLU A 815 -40.75 -14.51 76.65
CA GLU A 815 -41.74 -14.83 77.69
C GLU A 815 -41.51 -14.04 78.97
N GLY A 816 -40.27 -13.62 79.22
CA GLY A 816 -39.92 -12.94 80.45
C GLY A 816 -40.09 -11.43 80.43
N PHE A 817 -40.71 -10.87 79.40
CA PHE A 817 -40.80 -9.43 79.24
C PHE A 817 -42.12 -8.91 79.78
N ALA A 818 -42.06 -7.81 80.53
CA ALA A 818 -43.24 -7.20 81.13
C ALA A 818 -43.18 -5.68 81.03
N VAL A 819 -42.79 -5.16 79.86
CA VAL A 819 -42.78 -3.73 79.61
C VAL A 819 -43.49 -3.47 78.29
N ASP A 820 -44.47 -2.55 78.32
CA ASP A 820 -45.27 -2.30 77.12
C ASP A 820 -44.45 -1.63 76.03
N LYS A 821 -43.52 -0.74 76.40
CA LYS A 821 -42.74 -0.02 75.40
C LYS A 821 -41.90 -0.97 74.55
N MET A 822 -41.10 -1.81 75.21
CA MET A 822 -40.33 -2.75 74.41
C MET A 822 -41.17 -3.90 73.90
N ALA A 823 -42.38 -4.09 74.45
CA ALA A 823 -43.34 -5.00 73.81
C ALA A 823 -43.72 -4.49 72.43
N GLY A 824 -44.04 -3.20 72.33
CA GLY A 824 -44.27 -2.62 71.01
C GLY A 824 -43.02 -2.63 70.16
N GLU A 825 -41.85 -2.45 70.78
CA GLU A 825 -40.59 -2.52 70.05
C GLU A 825 -40.41 -3.89 69.39
N VAL A 826 -40.57 -4.97 70.17
CA VAL A 826 -40.42 -6.32 69.61
C VAL A 826 -41.54 -6.60 68.63
N LYS A 827 -42.72 -6.03 68.84
CA LYS A 827 -43.81 -6.17 67.88
C LYS A 827 -43.44 -5.58 66.54
N ALA A 828 -42.85 -4.38 66.53
CA ALA A 828 -42.39 -3.78 65.29
C ALA A 828 -41.25 -4.60 64.68
N PHE A 829 -40.38 -5.15 65.53
CA PHE A 829 -39.31 -6.02 65.04
C PHE A 829 -39.89 -7.22 64.28
N PHE A 830 -40.93 -7.84 64.84
CA PHE A 830 -41.55 -8.97 64.16
C PHE A 830 -42.32 -8.53 62.92
N GLU A 831 -42.89 -7.32 62.94
CA GLU A 831 -43.55 -6.79 61.75
C GLU A 831 -42.56 -6.64 60.60
N SER A 832 -41.38 -6.09 60.88
CA SER A 832 -40.35 -5.99 59.87
C SER A 832 -39.73 -7.33 59.52
N HIS A 833 -40.02 -8.38 60.29
CA HIS A 833 -39.44 -9.71 60.10
C HIS A 833 -40.56 -10.74 60.07
N PRO A 834 -41.28 -10.83 58.96
CA PRO A 834 -42.44 -11.76 58.90
C PRO A 834 -41.99 -13.21 58.99
N ALA A 835 -42.61 -13.94 59.93
CA ALA A 835 -42.43 -15.38 60.08
C ALA A 835 -43.81 -16.01 60.12
N PRO A 836 -44.42 -16.26 58.97
CA PRO A 836 -45.84 -16.66 58.95
C PRO A 836 -46.15 -17.91 59.74
N SER A 837 -45.28 -18.93 59.68
CA SER A 837 -45.56 -20.19 60.37
C SER A 837 -45.68 -19.98 61.88
N ALA A 838 -44.79 -19.19 62.45
CA ALA A 838 -44.85 -18.83 63.86
C ALA A 838 -45.75 -17.64 64.12
N GLU A 839 -46.34 -17.06 63.08
CA GLU A 839 -46.94 -15.73 63.18
C GLU A 839 -47.92 -15.65 64.34
N ARG A 840 -48.88 -16.58 64.40
CA ARG A 840 -49.84 -16.59 65.49
C ARG A 840 -49.13 -16.52 66.84
N THR A 841 -48.25 -17.50 67.09
CA THR A 841 -47.53 -17.53 68.36
C THR A 841 -46.90 -16.18 68.65
N ILE A 842 -46.36 -15.54 67.60
CA ILE A 842 -45.73 -14.23 67.75
C ILE A 842 -46.66 -13.29 68.51
N GLN A 843 -47.85 -13.00 67.94
CA GLN A 843 -48.69 -12.02 68.61
C GLN A 843 -49.15 -12.56 69.95
N GLN A 844 -49.34 -13.88 70.04
CA GLN A 844 -49.62 -14.51 71.32
C GLN A 844 -48.63 -14.01 72.37
N CYS A 845 -47.34 -14.26 72.11
CA CYS A 845 -46.31 -13.83 73.05
C CYS A 845 -46.43 -12.35 73.34
N CYS A 846 -46.63 -11.55 72.29
CA CYS A 846 -46.75 -10.11 72.48
C CYS A 846 -47.83 -9.78 73.50
N GLU A 847 -49.03 -10.34 73.30
CA GLU A 847 -50.11 -10.06 74.23
C GLU A 847 -49.73 -10.54 75.63
N ASN A 848 -49.12 -11.72 75.72
CA ASN A 848 -48.65 -12.22 76.99
C ASN A 848 -47.79 -11.18 77.68
N ILE A 849 -46.81 -10.63 76.95
CA ILE A 849 -45.92 -9.63 77.51
C ILE A 849 -46.73 -8.47 78.08
N LEU A 850 -47.68 -7.98 77.29
CA LEU A 850 -48.53 -6.88 77.77
C LEU A 850 -49.20 -7.27 79.08
N LEU A 851 -49.83 -8.44 79.10
CA LEU A 851 -50.45 -8.91 80.33
C LEU A 851 -49.45 -8.90 81.47
N ASN A 852 -48.26 -9.43 81.21
CA ASN A 852 -47.19 -9.43 82.21
C ASN A 852 -46.99 -8.04 82.76
N ALA A 853 -46.81 -7.06 81.87
CA ALA A 853 -46.63 -5.69 82.29
C ALA A 853 -47.76 -5.27 83.22
N ALA A 854 -49.00 -5.46 82.77
CA ALA A 854 -50.14 -5.08 83.58
C ALA A 854 -50.06 -5.73 84.95
N TRP A 855 -49.78 -7.03 84.97
CA TRP A 855 -49.73 -7.75 86.24
C TRP A 855 -48.69 -7.14 87.16
N LEU A 856 -47.53 -6.78 86.61
CA LEU A 856 -46.51 -6.09 87.41
C LEU A 856 -47.10 -4.84 88.02
N LYS A 857 -47.68 -3.98 87.18
CA LYS A 857 -48.22 -2.72 87.66
C LYS A 857 -49.38 -2.95 88.63
N ARG A 858 -49.93 -4.16 88.66
CA ARG A 858 -50.98 -4.46 89.61
C ARG A 858 -50.42 -4.59 91.02
N ASP A 859 -49.31 -5.33 91.18
CA ASP A 859 -48.95 -5.71 92.54
C ASP A 859 -47.47 -5.64 92.89
N ALA A 860 -46.57 -5.52 91.91
CA ALA A 860 -45.14 -5.70 92.17
C ALA A 860 -44.66 -4.84 93.33
N GLU A 861 -45.02 -3.56 93.33
CA GLU A 861 -44.60 -2.66 94.40
C GLU A 861 -45.10 -3.15 95.75
N SER A 862 -46.39 -3.51 95.84
CA SER A 862 -46.92 -4.01 97.09
C SER A 862 -46.24 -5.29 97.53
N ILE A 863 -45.65 -6.03 96.59
CA ILE A 863 -44.92 -7.23 96.94
C ILE A 863 -43.81 -6.90 97.93
N HIS A 864 -43.12 -5.77 97.73
CA HIS A 864 -42.12 -5.33 98.69
C HIS A 864 -42.70 -5.30 100.09
N GLN A 865 -43.86 -4.65 100.24
CA GLN A 865 -44.49 -4.55 101.55
C GLN A 865 -44.75 -5.92 102.14
N TYR A 866 -45.17 -6.87 101.31
CA TYR A 866 -45.43 -8.22 101.81
C TYR A 866 -44.16 -8.82 102.37
N LEU A 867 -43.03 -8.61 101.69
CA LEU A 867 -41.75 -9.09 102.21
C LEU A 867 -41.43 -8.41 103.54
N LEU A 868 -41.79 -7.13 103.67
CA LEU A 868 -41.61 -6.44 104.93
C LEU A 868 -42.38 -7.12 106.05
N GLN A 869 -43.52 -7.74 105.73
CA GLN A 869 -44.24 -8.53 106.71
C GLN A 869 -43.65 -9.92 106.87
N ARG A 870 -43.03 -10.46 105.82
CA ARG A 870 -42.47 -11.81 105.90
C ARG A 870 -41.32 -11.85 106.90
N LYS A 871 -40.36 -10.93 106.79
CA LYS A 871 -39.21 -10.94 107.68
C LYS A 871 -39.56 -10.44 109.08
N ALA A 872 -40.70 -9.80 109.24
CA ALA A 872 -41.12 -9.30 110.55
C ALA A 872 -41.87 -10.37 111.33
N PHE B 9 -10.48 81.51 15.16
CA PHE B 9 -11.57 82.18 14.46
C PHE B 9 -12.70 82.51 15.43
N GLU B 10 -12.92 81.62 16.40
CA GLU B 10 -13.96 81.79 17.39
C GLU B 10 -13.53 82.69 18.54
N ARG B 11 -12.24 83.03 18.62
CA ARG B 11 -11.66 83.77 19.76
C ARG B 11 -11.93 82.93 21.01
N LEU B 12 -12.23 83.54 22.15
CA LEU B 12 -12.49 82.80 23.36
C LEU B 12 -13.79 83.29 24.00
N PRO B 13 -14.50 82.40 24.70
CA PRO B 13 -15.64 82.86 25.50
C PRO B 13 -15.25 83.89 26.54
N ALA B 14 -14.04 83.82 27.06
CA ALA B 14 -13.48 84.83 27.97
C ALA B 14 -14.39 85.03 29.19
N ASP B 15 -14.77 83.90 29.81
CA ASP B 15 -15.56 83.98 31.02
C ASP B 15 -14.75 84.44 32.22
N VAL B 16 -13.43 84.25 32.19
CA VAL B 16 -12.54 84.64 33.28
C VAL B 16 -11.42 85.47 32.69
N SER B 17 -11.17 86.64 33.30
CA SER B 17 -10.13 87.54 32.84
C SER B 17 -8.90 87.37 33.73
N PRO B 18 -7.76 86.97 33.17
CA PRO B 18 -6.55 86.83 34.00
C PRO B 18 -6.10 88.17 34.57
N ILE B 19 -5.46 88.09 35.73
CA ILE B 19 -4.91 89.28 36.38
C ILE B 19 -3.41 89.12 36.55
N ASN B 20 -3.00 88.09 37.29
CA ASN B 20 -1.59 87.87 37.60
C ASN B 20 -1.22 86.43 37.31
N TYR B 21 0.03 86.21 36.96
CA TYR B 21 0.56 84.88 36.68
C TYR B 21 1.72 84.58 37.62
N SER B 22 1.88 83.32 37.99
CA SER B 22 3.02 82.83 38.75
C SER B 22 3.41 81.50 38.11
N LEU B 23 4.51 81.51 37.38
CA LEU B 23 4.91 80.40 36.52
C LEU B 23 6.28 79.91 36.97
N CYS B 24 6.30 78.89 37.84
CA CYS B 24 7.54 78.25 38.25
C CYS B 24 7.97 77.23 37.20
N LEU B 25 8.28 77.75 36.02
CA LEU B 25 8.53 76.90 34.87
C LEU B 25 9.90 76.25 34.96
N LYS B 26 9.94 74.96 34.65
CA LYS B 26 11.15 74.14 34.80
C LYS B 26 11.48 73.47 33.48
N PRO B 27 12.44 73.98 32.72
CA PRO B 27 12.90 73.24 31.54
C PRO B 27 13.80 72.09 31.96
N ASP B 28 13.67 70.96 31.26
CA ASP B 28 14.47 69.77 31.52
C ASP B 28 15.22 69.45 30.25
N LEU B 29 16.46 69.90 30.19
CA LEU B 29 17.35 69.61 29.09
C LEU B 29 17.82 68.16 29.18
N LEU B 30 18.35 67.66 28.06
CA LEU B 30 18.87 66.31 27.90
C LEU B 30 17.72 65.31 27.86
N ASP B 31 16.51 65.78 28.17
CA ASP B 31 15.28 65.05 28.00
C ASP B 31 14.29 65.82 27.15
N PHE B 32 14.52 67.13 26.95
CA PHE B 32 13.70 67.97 26.10
C PHE B 32 12.27 68.05 26.63
N THR B 33 12.14 68.12 27.95
CA THR B 33 10.82 68.13 28.58
C THR B 33 10.66 69.40 29.40
N PHE B 34 9.51 69.54 30.05
CA PHE B 34 9.16 70.82 30.63
C PHE B 34 8.09 70.59 31.69
N GLU B 35 8.29 71.15 32.87
CA GLU B 35 7.33 71.09 33.95
C GLU B 35 6.96 72.50 34.37
N GLY B 36 5.91 72.61 35.19
CA GLY B 36 5.50 73.94 35.62
C GLY B 36 4.35 73.87 36.60
N LYS B 37 3.99 75.03 37.13
CA LYS B 37 2.93 75.15 38.13
C LYS B 37 1.73 75.95 37.64
N LEU B 38 1.94 77.04 36.92
CA LEU B 38 0.87 77.81 36.29
C LEU B 38 -0.21 78.20 37.31
N GLU B 39 0.19 79.03 38.26
CA GLU B 39 -0.72 79.55 39.27
C GLU B 39 -1.17 80.95 38.83
N ALA B 40 -2.39 81.05 38.30
CA ALA B 40 -2.88 82.28 37.74
C ALA B 40 -4.03 82.81 38.59
N ALA B 41 -3.89 84.05 39.06
CA ALA B 41 -4.98 84.72 39.75
C ALA B 41 -5.78 85.53 38.75
N ALA B 42 -7.09 85.31 38.73
CA ALA B 42 -7.95 85.87 37.71
C ALA B 42 -9.29 86.26 38.34
N GLN B 43 -10.14 86.89 37.52
CA GLN B 43 -11.47 87.34 37.94
C GLN B 43 -12.52 86.68 37.06
N VAL B 44 -13.49 86.04 37.68
CA VAL B 44 -14.53 85.30 36.96
C VAL B 44 -15.72 86.25 36.83
N ARG B 45 -15.75 87.02 35.74
CA ARG B 45 -16.86 87.95 35.55
C ARG B 45 -18.14 87.21 35.17
N GLN B 46 -18.02 86.17 34.34
CA GLN B 46 -19.16 85.39 33.89
C GLN B 46 -19.35 84.19 34.80
N ALA B 47 -20.56 84.01 35.31
CA ALA B 47 -20.88 82.91 36.22
C ALA B 47 -21.08 81.64 35.41
N THR B 48 -19.97 80.93 35.19
CA THR B 48 -19.98 79.71 34.39
C THR B 48 -19.20 78.62 35.12
N ASN B 49 -19.54 77.37 34.80
CA ASN B 49 -18.88 76.21 35.38
C ASN B 49 -17.70 75.73 34.53
N GLN B 50 -17.48 76.33 33.37
CA GLN B 50 -16.48 75.86 32.42
C GLN B 50 -15.42 76.93 32.21
N ILE B 51 -14.17 76.50 32.05
CA ILE B 51 -13.04 77.39 31.81
C ILE B 51 -12.40 77.00 30.50
N VAL B 52 -12.16 77.98 29.64
CA VAL B 52 -11.55 77.76 28.33
C VAL B 52 -10.09 78.23 28.39
N MET B 53 -9.18 77.29 28.16
CA MET B 53 -7.73 77.53 28.13
C MET B 53 -7.24 77.13 26.75
N ASN B 54 -6.89 78.11 25.93
CA ASN B 54 -6.29 77.76 24.65
C ASN B 54 -4.84 77.33 24.89
N CYS B 55 -4.52 76.10 24.48
CA CYS B 55 -3.20 75.49 24.59
C CYS B 55 -3.24 74.17 23.87
N ALA B 56 -2.11 73.80 23.24
CA ALA B 56 -2.07 72.64 22.37
C ALA B 56 -1.15 71.54 22.87
N ASP B 57 0.12 71.83 23.10
CA ASP B 57 1.09 70.79 23.40
C ASP B 57 1.06 70.32 24.84
N ILE B 58 0.59 71.15 25.76
CA ILE B 58 0.66 70.83 27.18
C ILE B 58 -0.25 69.65 27.49
N ASP B 59 0.18 68.83 28.44
CA ASP B 59 -0.62 67.72 28.96
C ASP B 59 -0.84 68.01 30.44
N ILE B 60 -2.07 68.39 30.79
CA ILE B 60 -2.36 68.82 32.15
C ILE B 60 -2.30 67.63 33.09
N ILE B 61 -1.56 67.78 34.18
CA ILE B 61 -1.51 66.74 35.21
C ILE B 61 -2.67 66.93 36.16
N THR B 62 -2.72 68.08 36.83
CA THR B 62 -3.79 68.38 37.77
C THR B 62 -4.18 69.84 37.63
N ALA B 63 -5.44 70.14 37.97
CA ALA B 63 -5.92 71.51 37.99
C ALA B 63 -6.80 71.69 39.22
N SER B 64 -6.76 72.90 39.78
CA SER B 64 -7.56 73.20 40.97
C SER B 64 -7.81 74.70 41.03
N TYR B 65 -9.07 75.08 41.22
CA TYR B 65 -9.45 76.48 41.31
C TYR B 65 -9.96 76.78 42.71
N ALA B 66 -9.28 77.69 43.40
CA ALA B 66 -9.72 78.16 44.70
C ALA B 66 -10.21 79.60 44.56
N PRO B 67 -11.51 79.86 44.70
CA PRO B 67 -11.99 81.24 44.63
C PRO B 67 -11.79 81.95 45.97
N GLU B 68 -11.13 83.10 45.93
CA GLU B 68 -10.92 83.93 47.11
C GLU B 68 -10.22 83.15 48.22
N GLY B 69 -10.93 82.91 49.32
CA GLY B 69 -10.30 82.34 50.50
C GLY B 69 -10.69 80.90 50.81
N ASP B 70 -11.80 80.42 50.28
CA ASP B 70 -12.25 79.08 50.61
C ASP B 70 -11.42 78.03 49.87
N GLU B 71 -11.73 76.77 50.13
CA GLU B 71 -10.98 75.67 49.54
C GLU B 71 -11.27 75.54 48.06
N GLU B 72 -10.33 74.94 47.34
CA GLU B 72 -10.47 74.75 45.91
C GLU B 72 -11.45 73.62 45.62
N ILE B 73 -11.88 73.54 44.37
CA ILE B 73 -12.83 72.52 43.92
C ILE B 73 -12.19 71.51 42.98
N HIS B 74 -10.85 71.44 42.96
CA HIS B 74 -10.11 70.54 42.09
C HIS B 74 -10.52 70.73 40.64
N ALA B 75 -10.68 69.64 39.90
CA ALA B 75 -11.02 69.76 38.49
C ALA B 75 -11.75 68.50 38.04
N THR B 76 -12.78 68.69 37.22
CA THR B 76 -13.55 67.62 36.60
C THR B 76 -13.81 67.94 35.14
N GLY B 77 -12.83 68.53 34.47
CA GLY B 77 -12.98 68.85 33.07
C GLY B 77 -11.67 68.90 32.32
N PHE B 78 -11.57 68.15 31.21
CA PHE B 78 -10.31 68.11 30.47
C PHE B 78 -10.53 68.03 28.97
N ASN B 79 -11.60 68.65 28.44
CA ASN B 79 -11.93 68.50 27.02
C ASN B 79 -10.82 69.08 26.15
N TYR B 80 -10.08 68.22 25.45
CA TYR B 80 -8.95 68.62 24.63
C TYR B 80 -9.41 68.80 23.18
N GLN B 81 -9.82 70.01 22.83
CA GLN B 81 -10.05 70.39 21.44
C GLN B 81 -8.68 70.64 20.80
N ASN B 82 -8.01 69.56 20.43
CA ASN B 82 -6.64 69.66 19.95
C ASN B 82 -6.55 70.45 18.66
N GLU B 83 -7.48 70.22 17.73
CA GLU B 83 -7.44 70.94 16.46
C GLU B 83 -7.65 72.43 16.66
N ASP B 84 -8.47 72.81 17.63
CA ASP B 84 -8.67 74.22 17.96
C ASP B 84 -7.67 74.72 18.99
N GLU B 85 -6.78 73.85 19.47
CA GLU B 85 -5.83 74.19 20.53
C GLU B 85 -6.56 74.78 21.74
N LYS B 86 -7.61 74.08 22.17
CA LYS B 86 -8.43 74.53 23.29
C LYS B 86 -8.58 73.40 24.29
N VAL B 87 -8.79 73.77 25.56
CA VAL B 87 -9.00 72.82 26.65
C VAL B 87 -10.10 73.39 27.54
N THR B 88 -11.02 72.53 27.97
CA THR B 88 -12.14 72.95 28.81
C THR B 88 -11.97 72.34 30.19
N LEU B 89 -11.77 73.18 31.19
CA LEU B 89 -11.62 72.75 32.59
C LEU B 89 -12.95 72.94 33.30
N SER B 90 -13.89 72.05 33.04
CA SER B 90 -15.17 72.13 33.73
C SER B 90 -15.02 71.68 35.18
N PHE B 91 -15.89 72.19 36.04
CA PHE B 91 -15.86 71.90 37.46
C PHE B 91 -17.24 71.45 37.92
N PRO B 92 -17.30 70.63 38.98
CA PRO B 92 -18.61 70.14 39.44
C PRO B 92 -19.55 71.24 39.90
N SER B 93 -19.02 72.31 40.48
CA SER B 93 -19.83 73.38 41.03
C SER B 93 -19.67 74.67 40.24
N THR B 94 -20.63 75.56 40.39
CA THR B 94 -20.59 76.85 39.73
C THR B 94 -19.45 77.70 40.30
N LEU B 95 -18.94 78.60 39.47
CA LEU B 95 -17.83 79.47 39.85
C LEU B 95 -18.29 80.91 40.09
N GLN B 96 -19.57 81.21 39.90
CA GLN B 96 -20.18 82.52 40.09
C GLN B 96 -19.25 83.66 39.68
N THR B 97 -19.13 84.67 40.53
CA THR B 97 -18.28 85.82 40.26
C THR B 97 -17.36 86.07 41.44
N GLY B 98 -16.15 86.53 41.15
CA GLY B 98 -15.19 86.84 42.19
C GLY B 98 -13.77 86.61 41.69
N THR B 99 -12.82 87.02 42.53
CA THR B 99 -11.40 86.85 42.25
C THR B 99 -10.94 85.52 42.80
N GLY B 100 -10.43 84.65 41.93
CA GLY B 100 -9.96 83.34 42.33
C GLY B 100 -8.57 83.05 41.77
N THR B 101 -8.10 81.84 42.06
CA THR B 101 -6.78 81.41 41.62
C THR B 101 -6.87 80.00 41.07
N LEU B 102 -6.33 79.80 39.87
CA LEU B 102 -6.30 78.50 39.21
C LEU B 102 -4.85 78.02 39.18
N LYS B 103 -4.59 76.90 39.86
CA LYS B 103 -3.28 76.26 39.84
C LYS B 103 -3.37 75.04 38.95
N ILE B 104 -2.48 74.97 37.95
CA ILE B 104 -2.54 73.93 36.92
C ILE B 104 -1.15 73.32 36.84
N ASP B 105 -0.94 72.21 37.55
CA ASP B 105 0.30 71.46 37.38
C ASP B 105 0.22 70.69 36.08
N PHE B 106 1.25 70.85 35.25
CA PHE B 106 1.16 70.41 33.86
C PHE B 106 2.52 69.90 33.41
N VAL B 107 2.60 69.60 32.10
CA VAL B 107 3.85 69.15 31.49
C VAL B 107 3.83 69.57 30.03
N GLY B 108 5.03 69.88 29.52
CA GLY B 108 5.18 70.29 28.12
C GLY B 108 6.52 69.82 27.62
N GLU B 109 7.03 70.37 26.51
CA GLU B 109 8.30 69.84 25.96
C GLU B 109 8.99 70.86 25.06
N LEU B 110 10.31 70.73 24.88
CA LEU B 110 11.05 71.63 23.98
C LEU B 110 10.89 71.11 22.54
N ASN B 111 9.96 71.69 21.78
CA ASN B 111 9.68 71.18 20.41
C ASN B 111 10.92 71.34 19.53
N ASP B 112 10.97 70.62 18.42
CA ASP B 112 12.12 70.74 17.48
C ASP B 112 11.66 71.54 16.27
N LYS B 113 10.40 72.00 16.29
CA LYS B 113 9.86 72.76 15.14
C LYS B 113 10.17 74.24 15.32
N MET B 114 11.10 74.57 16.22
CA MET B 114 11.49 75.97 16.45
C MET B 114 10.21 76.79 16.64
N LYS B 115 9.38 76.42 17.62
CA LYS B 115 8.14 77.18 17.89
C LYS B 115 7.93 77.25 19.41
N GLY B 116 7.01 78.11 19.87
CA GLY B 116 6.71 78.18 21.31
C GLY B 116 7.99 78.12 22.13
N PHE B 117 8.09 77.16 23.04
CA PHE B 117 9.33 76.99 23.84
C PHE B 117 10.11 75.83 23.23
N TYR B 118 10.99 76.12 22.28
CA TYR B 118 11.70 75.06 21.58
C TYR B 118 13.11 74.91 22.16
N ARG B 119 13.87 74.00 21.57
CA ARG B 119 15.29 73.86 21.85
C ARG B 119 16.09 74.14 20.58
N SER B 120 17.06 75.03 20.69
CA SER B 120 17.94 75.42 19.59
C SER B 120 19.30 74.75 19.74
N LYS B 121 19.93 74.48 18.60
CA LYS B 121 21.24 73.88 18.59
C LYS B 121 22.31 74.96 18.65
N TYR B 122 23.30 74.75 19.53
CA TYR B 122 24.41 75.67 19.65
C TYR B 122 25.68 74.85 19.89
N THR B 123 26.82 75.42 19.52
CA THR B 123 28.10 74.74 19.64
C THR B 123 29.01 75.53 20.56
N THR B 124 29.53 74.85 21.59
CA THR B 124 30.53 75.46 22.45
C THR B 124 31.84 75.61 21.68
N PRO B 125 32.77 76.43 22.17
CA PRO B 125 34.07 76.54 21.47
C PRO B 125 34.75 75.20 21.29
N SER B 126 34.65 74.32 22.28
CA SER B 126 35.17 72.96 22.11
C SER B 126 34.26 72.10 21.25
N GLY B 127 32.97 72.38 21.21
CA GLY B 127 32.03 71.59 20.43
C GLY B 127 30.81 71.17 21.21
N GLU B 128 30.66 69.85 21.39
CA GLU B 128 29.65 69.23 22.24
C GLU B 128 28.23 69.32 21.68
N VAL B 129 28.06 70.10 20.61
CA VAL B 129 26.79 70.33 19.92
C VAL B 129 25.61 70.25 20.89
N ARG B 130 25.66 71.06 21.95
CA ARG B 130 24.64 71.01 22.99
C ARG B 130 23.38 71.75 22.53
N TYR B 131 22.35 71.73 23.38
CA TYR B 131 21.06 72.33 23.07
C TYR B 131 20.73 73.36 24.14
N ALA B 132 19.90 74.32 23.76
CA ALA B 132 19.46 75.37 24.69
C ALA B 132 17.96 75.58 24.53
N ALA B 133 17.33 76.10 25.58
CA ALA B 133 15.90 76.33 25.58
C ALA B 133 15.62 77.79 25.23
N VAL B 134 14.83 78.01 24.18
CA VAL B 134 14.56 79.35 23.68
C VAL B 134 13.06 79.46 23.42
N THR B 135 12.56 80.69 23.44
CA THR B 135 11.14 80.97 23.26
C THR B 135 10.92 81.91 22.08
N GLN B 136 9.72 81.82 21.49
CA GLN B 136 9.23 82.82 20.56
C GLN B 136 7.73 82.56 20.41
N PHE B 137 6.93 83.59 20.64
CA PHE B 137 5.47 83.54 20.55
C PHE B 137 5.05 84.62 19.56
N GLU B 138 5.07 84.30 18.27
CA GLU B 138 4.65 85.25 17.25
C GLU B 138 3.14 85.39 17.23
N ALA B 139 2.44 84.29 17.00
CA ALA B 139 0.97 84.29 17.00
C ALA B 139 0.52 82.87 17.30
N THR B 140 -0.29 82.71 18.35
CA THR B 140 -0.79 81.40 18.75
C THR B 140 0.37 80.43 19.00
N ASP B 141 1.35 80.88 19.78
CA ASP B 141 2.50 80.04 20.09
C ASP B 141 2.75 80.04 21.59
N ALA B 142 2.40 81.13 22.27
CA ALA B 142 2.51 81.17 23.72
C ALA B 142 1.66 80.08 24.35
N ARG B 143 0.45 79.87 23.82
CA ARG B 143 -0.42 78.83 24.33
C ARG B 143 0.21 77.45 24.17
N ARG B 144 1.03 77.27 23.14
CA ARG B 144 1.67 75.97 22.95
C ARG B 144 2.71 75.70 24.04
N ALA B 145 3.39 76.76 24.49
CA ALA B 145 4.43 76.57 25.50
C ALA B 145 3.84 76.26 26.86
N PHE B 146 2.79 76.97 27.25
CA PHE B 146 2.20 76.83 28.57
C PHE B 146 0.85 77.53 28.59
N PRO B 147 -0.18 76.92 29.18
CA PRO B 147 -1.56 77.37 28.95
C PRO B 147 -1.88 78.73 29.56
N CYS B 148 -2.39 79.64 28.74
CA CYS B 148 -2.84 80.95 29.20
C CYS B 148 -4.06 81.35 28.40
N TRP B 149 -4.37 82.65 28.46
CA TRP B 149 -5.27 83.26 27.51
C TRP B 149 -4.46 83.85 26.37
N ASP B 150 -4.22 83.06 25.31
CA ASP B 150 -3.40 83.51 24.19
C ASP B 150 -4.25 84.40 23.27
N GLU B 151 -4.43 85.64 23.71
CA GLU B 151 -5.18 86.63 22.98
C GLU B 151 -4.52 87.99 23.15
N PRO B 152 -4.19 88.69 22.06
CA PRO B 152 -3.62 90.03 22.23
C PRO B 152 -4.52 90.97 23.00
N ALA B 153 -5.83 90.86 22.82
CA ALA B 153 -6.76 91.69 23.59
C ALA B 153 -6.64 91.42 25.08
N ILE B 154 -6.42 90.16 25.45
CA ILE B 154 -6.23 89.81 26.85
C ILE B 154 -4.91 90.39 27.34
N LYS B 155 -4.95 91.09 28.47
CA LYS B 155 -3.78 91.73 29.05
C LYS B 155 -3.70 91.39 30.52
N ALA B 156 -2.52 90.96 30.97
CA ALA B 156 -2.33 90.64 32.38
C ALA B 156 -0.84 90.72 32.70
N THR B 157 -0.56 90.84 33.99
CA THR B 157 0.82 90.86 34.48
C THR B 157 1.28 89.45 34.80
N PHE B 158 2.57 89.21 34.60
CA PHE B 158 3.15 87.89 34.74
C PHE B 158 4.36 87.95 35.67
N ASP B 159 4.59 86.86 36.39
CA ASP B 159 5.73 86.74 37.30
C ASP B 159 6.44 85.44 36.92
N ILE B 160 7.34 85.55 35.95
CA ILE B 160 8.03 84.38 35.42
C ILE B 160 9.15 83.99 36.36
N SER B 161 9.19 82.71 36.73
CA SER B 161 10.25 82.18 37.58
C SER B 161 10.74 80.88 36.96
N LEU B 162 12.05 80.71 36.89
CA LEU B 162 12.66 79.63 36.13
C LEU B 162 13.38 78.68 37.09
N VAL B 163 13.42 77.40 36.71
CA VAL B 163 14.09 76.37 37.50
C VAL B 163 15.25 75.88 36.66
N VAL B 164 16.43 76.47 36.84
CA VAL B 164 17.48 76.34 35.82
C VAL B 164 18.75 75.82 36.47
N PRO B 165 19.47 74.95 35.76
CA PRO B 165 20.80 74.56 36.22
C PRO B 165 21.68 75.77 36.44
N LYS B 166 22.40 75.77 37.56
CA LYS B 166 23.17 76.95 37.96
C LYS B 166 24.25 77.30 36.94
N ASP B 167 24.83 76.29 36.30
CA ASP B 167 25.82 76.55 35.26
C ASP B 167 25.20 77.31 34.10
N ARG B 168 23.94 77.01 33.78
CA ARG B 168 23.27 77.66 32.66
C ARG B 168 22.85 79.07 33.03
N VAL B 169 22.85 79.94 32.05
CA VAL B 169 22.38 81.31 32.21
C VAL B 169 20.93 81.39 31.78
N ALA B 170 20.14 82.18 32.51
CA ALA B 170 18.72 82.31 32.23
C ALA B 170 18.34 83.78 32.23
N LEU B 171 17.61 84.21 31.19
CA LEU B 171 17.12 85.56 31.10
C LEU B 171 15.62 85.52 30.84
N SER B 172 14.93 86.57 31.27
CA SER B 172 13.49 86.66 31.09
C SER B 172 13.14 88.11 30.79
N ASN B 173 11.85 88.44 30.90
CA ASN B 173 11.40 89.80 30.61
C ASN B 173 11.95 90.78 31.64
N MET B 174 11.79 90.49 32.92
CA MET B 174 12.15 91.43 33.97
C MET B 174 13.54 91.13 34.52
N ASN B 175 13.95 91.97 35.46
CA ASN B 175 15.22 91.79 36.14
C ASN B 175 15.12 90.67 37.17
N VAL B 176 16.26 90.01 37.42
CA VAL B 176 16.31 88.99 38.45
C VAL B 176 16.17 89.64 39.82
N ILE B 177 15.29 89.11 40.64
CA ILE B 177 15.11 89.59 42.01
C ILE B 177 15.40 88.52 43.06
N ASP B 178 15.57 87.26 42.67
CA ASP B 178 15.92 86.23 43.64
C ASP B 178 16.60 85.08 42.92
N ARG B 179 17.57 84.46 43.61
CA ARG B 179 18.36 83.34 43.09
C ARG B 179 18.40 82.21 44.12
N LYS B 180 17.23 81.81 44.60
CA LYS B 180 17.19 80.88 45.73
C LYS B 180 17.64 79.49 45.29
N PRO B 181 18.11 78.67 46.24
CA PRO B 181 18.44 77.29 45.90
C PRO B 181 17.18 76.47 45.65
N TYR B 182 17.36 75.40 44.87
CA TYR B 182 16.26 74.47 44.62
C TYR B 182 16.35 73.33 45.62
N PRO B 183 15.36 73.17 46.52
CA PRO B 183 15.50 72.19 47.60
C PRO B 183 15.63 70.76 47.12
N ASP B 184 14.97 70.40 46.02
CA ASP B 184 14.97 69.00 45.59
C ASP B 184 16.34 68.58 45.09
N ASP B 185 17.03 69.43 44.34
CA ASP B 185 18.35 69.12 43.85
C ASP B 185 19.19 70.39 43.83
N GLU B 186 20.46 70.27 44.22
CA GLU B 186 21.35 71.41 44.37
C GLU B 186 22.18 71.68 43.12
N ASN B 187 22.02 70.89 42.06
CA ASN B 187 22.69 71.17 40.79
C ASN B 187 22.00 72.27 40.01
N LEU B 188 20.86 72.76 40.48
CA LEU B 188 20.08 73.78 39.81
C LEU B 188 19.43 74.67 40.85
N VAL B 189 19.08 75.89 40.45
CA VAL B 189 18.55 76.90 41.35
C VAL B 189 17.29 77.51 40.76
N GLU B 190 16.52 78.14 41.64
CA GLU B 190 15.28 78.82 41.28
C GLU B 190 15.56 80.31 41.14
N VAL B 191 15.39 80.83 39.94
CA VAL B 191 15.58 82.26 39.67
C VAL B 191 14.22 82.89 39.52
N LYS B 192 13.91 83.82 40.42
CA LYS B 192 12.65 84.56 40.39
C LYS B 192 12.91 85.97 39.90
N PHE B 193 12.16 86.39 38.88
CA PHE B 193 12.25 87.73 38.32
C PHE B 193 11.21 88.64 38.94
N ALA B 194 11.28 89.91 38.58
CA ALA B 194 10.29 90.88 39.05
C ALA B 194 8.98 90.70 38.29
N ARG B 195 7.94 91.35 38.79
CA ARG B 195 6.62 91.27 38.17
C ARG B 195 6.59 92.13 36.92
N THR B 196 6.25 91.52 35.79
CA THR B 196 6.11 92.27 34.56
C THR B 196 4.91 93.22 34.67
N PRO B 197 4.95 94.35 33.98
CA PRO B 197 3.77 95.21 33.91
C PRO B 197 2.69 94.58 33.02
N VAL B 198 1.59 95.30 32.82
CA VAL B 198 0.52 94.77 31.97
C VAL B 198 1.06 94.58 30.57
N MET B 199 0.91 93.38 30.04
CA MET B 199 1.47 93.05 28.73
C MET B 199 0.72 91.86 28.15
N SER B 200 0.89 91.67 26.85
CA SER B 200 0.23 90.56 26.16
C SER B 200 1.00 89.26 26.38
N THR B 201 0.30 88.14 26.14
CA THR B 201 0.90 86.84 26.37
C THR B 201 1.92 86.48 25.30
N TYR B 202 1.64 86.79 24.05
CA TYR B 202 2.58 86.47 22.99
C TYR B 202 3.87 87.27 23.10
N LEU B 203 3.89 88.32 23.91
CA LEU B 203 5.08 89.11 24.13
C LEU B 203 5.96 88.58 25.26
N VAL B 204 5.52 87.54 25.97
CA VAL B 204 6.33 86.94 27.01
C VAL B 204 7.51 86.21 26.38
N ALA B 205 8.67 86.32 27.01
CA ALA B 205 9.85 85.64 26.51
C ALA B 205 10.82 85.37 27.65
N PHE B 206 11.42 84.18 27.63
CA PHE B 206 12.47 83.82 28.56
C PHE B 206 13.33 82.74 27.89
N VAL B 207 14.64 82.89 27.99
CA VAL B 207 15.58 81.97 27.35
C VAL B 207 16.54 81.43 28.38
N VAL B 208 17.07 80.24 28.08
CA VAL B 208 18.04 79.56 28.94
C VAL B 208 19.11 78.97 28.03
N GLY B 209 20.37 79.26 28.33
CA GLY B 209 21.46 78.73 27.54
C GLY B 209 22.84 78.91 28.16
N GLU B 210 23.83 79.16 27.31
CA GLU B 210 25.20 79.36 27.75
C GLU B 210 25.76 80.54 26.96
N TYR B 211 25.88 81.69 27.62
CA TYR B 211 26.35 82.91 26.98
C TYR B 211 27.22 83.67 27.96
N ASP B 212 27.64 84.87 27.58
CA ASP B 212 28.51 85.69 28.41
C ASP B 212 27.99 87.11 28.50
N PHE B 213 28.32 87.75 29.62
CA PHE B 213 27.71 89.00 30.02
C PHE B 213 28.48 90.18 29.43
N VAL B 214 27.77 91.03 28.69
CA VAL B 214 28.33 92.26 28.13
C VAL B 214 27.30 93.35 28.37
N GLU B 215 27.56 94.24 29.34
CA GLU B 215 26.63 95.27 29.72
C GLU B 215 27.15 96.65 29.33
N THR B 216 26.22 97.59 29.19
CA THR B 216 26.55 98.98 28.91
C THR B 216 25.41 99.84 29.45
N ARG B 217 25.69 100.63 30.48
CA ARG B 217 24.68 101.53 31.01
C ARG B 217 24.40 102.66 30.01
N SER B 218 23.17 103.14 30.00
CA SER B 218 22.77 104.20 29.09
C SER B 218 22.83 105.55 29.80
N LYS B 219 22.58 106.62 29.05
CA LYS B 219 22.46 107.94 29.65
C LYS B 219 21.29 107.99 30.62
N ASP B 220 20.16 107.40 30.24
CA ASP B 220 19.03 107.30 31.16
C ASP B 220 19.37 106.46 32.37
N GLY B 221 20.16 105.40 32.16
CA GLY B 221 20.56 104.55 33.27
C GLY B 221 20.29 103.08 33.02
N VAL B 222 19.41 102.78 32.06
CA VAL B 222 19.08 101.40 31.75
C VAL B 222 20.30 100.72 31.16
N CYS B 223 20.60 99.52 31.64
CA CYS B 223 21.78 98.78 31.20
C CYS B 223 21.40 97.95 29.99
N VAL B 224 21.66 98.48 28.79
CA VAL B 224 21.46 97.70 27.58
C VAL B 224 22.56 96.64 27.52
N ARG B 225 22.15 95.39 27.31
CA ARG B 225 23.04 94.25 27.50
C ARG B 225 22.89 93.28 26.34
N VAL B 226 23.99 92.61 26.00
CA VAL B 226 23.93 91.58 24.93
C VAL B 226 24.59 90.32 25.49
N TYR B 227 24.13 89.14 25.06
CA TYR B 227 24.67 87.88 25.63
C TYR B 227 25.05 86.96 24.48
N THR B 228 26.10 87.33 23.75
CA THR B 228 26.59 86.46 22.66
C THR B 228 27.13 85.19 23.26
N PRO B 229 26.98 84.03 22.60
CA PRO B 229 27.58 82.76 23.09
C PRO B 229 29.09 82.82 22.93
N VAL B 230 29.83 81.98 23.67
CA VAL B 230 31.31 81.92 23.53
C VAL B 230 31.89 83.32 23.77
N GLY B 231 31.19 84.15 24.55
CA GLY B 231 31.73 85.49 24.89
C GLY B 231 32.35 86.19 23.71
N LYS B 232 31.68 86.17 22.55
CA LYS B 232 32.20 86.94 21.40
C LYS B 232 31.77 88.40 21.60
N ALA B 233 32.14 88.99 22.75
CA ALA B 233 31.70 90.36 23.08
C ALA B 233 32.01 91.31 21.93
N GLU B 234 33.21 91.22 21.37
CA GLU B 234 33.60 92.18 20.30
C GLU B 234 32.54 92.12 19.20
N GLN B 235 32.23 90.91 18.73
CA GLN B 235 31.20 90.75 17.67
C GLN B 235 29.99 91.61 18.04
N GLY B 236 29.61 91.62 19.32
CA GLY B 236 28.47 92.39 19.75
C GLY B 236 28.81 93.65 20.51
N LYS B 237 29.51 94.58 19.87
CA LYS B 237 29.85 95.84 20.50
C LYS B 237 29.30 97.04 19.74
N PHE B 238 29.34 97.01 18.41
CA PHE B 238 28.78 98.11 17.63
C PHE B 238 27.29 98.26 17.88
N ALA B 239 26.56 97.14 17.93
CA ALA B 239 25.14 97.19 18.23
C ALA B 239 24.88 97.76 19.63
N LEU B 240 25.78 97.49 20.58
CA LEU B 240 25.64 98.09 21.90
C LEU B 240 25.68 99.60 21.82
N GLU B 241 26.63 100.14 21.07
CA GLU B 241 26.72 101.59 20.91
C GLU B 241 25.49 102.14 20.21
N VAL B 242 25.02 101.44 19.17
CA VAL B 242 23.85 101.91 18.44
C VAL B 242 22.64 101.98 19.35
N ALA B 243 22.41 100.92 20.14
CA ALA B 243 21.29 100.91 21.07
C ALA B 243 21.44 101.99 22.14
N ALA B 244 22.65 102.12 22.71
CA ALA B 244 22.88 103.12 23.74
C ALA B 244 22.74 104.53 23.20
N LYS B 245 22.83 104.72 21.89
CA LYS B 245 22.59 106.03 21.31
C LYS B 245 21.12 106.24 20.93
N THR B 246 20.42 105.20 20.50
CA THR B 246 19.07 105.39 19.99
C THR B 246 17.99 105.27 21.05
N LEU B 247 18.21 104.50 22.12
CA LEU B 247 17.24 104.46 23.20
C LEU B 247 17.05 105.82 23.88
N PRO B 248 18.11 106.52 24.30
CA PRO B 248 17.89 107.89 24.80
C PRO B 248 17.32 108.80 23.74
N PHE B 249 17.59 108.51 22.46
CA PHE B 249 16.94 109.25 21.39
C PHE B 249 15.43 109.12 21.48
N TYR B 250 14.93 107.90 21.71
CA TYR B 250 13.50 107.70 21.93
C TYR B 250 13.04 108.46 23.17
N LYS B 251 13.82 108.36 24.26
CA LYS B 251 13.41 108.97 25.53
C LYS B 251 13.22 110.46 25.38
N ASP B 252 14.18 111.16 24.76
CA ASP B 252 14.00 112.58 24.50
C ASP B 252 13.03 112.85 23.36
N TYR B 253 12.81 111.87 22.49
CA TYR B 253 11.90 112.01 21.36
C TYR B 253 10.48 112.22 21.87
N PHE B 254 9.91 111.21 22.51
CA PHE B 254 8.51 111.29 22.93
C PHE B 254 8.34 111.47 24.42
N ASN B 255 9.42 111.65 25.17
CA ASN B 255 9.36 111.99 26.60
C ASN B 255 8.52 110.98 27.40
N VAL B 256 8.76 109.70 27.15
CA VAL B 256 8.13 108.61 27.87
C VAL B 256 9.22 107.67 28.35
N PRO B 257 9.28 107.35 29.64
CA PRO B 257 10.34 106.48 30.14
C PRO B 257 10.23 105.06 29.58
N TYR B 258 11.38 104.42 29.47
CA TYR B 258 11.41 103.02 29.06
C TYR B 258 10.70 102.17 30.10
N PRO B 259 9.91 101.17 29.67
CA PRO B 259 9.13 100.40 30.65
C PRO B 259 9.97 99.50 31.53
N LEU B 260 10.97 98.82 30.97
CA LEU B 260 11.67 97.78 31.72
C LEU B 260 12.97 98.32 32.28
N PRO B 261 13.20 98.22 33.59
CA PRO B 261 14.48 98.66 34.15
C PRO B 261 15.68 97.99 33.52
N LYS B 262 15.49 96.83 32.89
CA LYS B 262 16.55 96.09 32.22
C LYS B 262 16.14 95.80 30.77
N ILE B 263 17.09 95.93 29.85
CA ILE B 263 16.88 95.65 28.44
C ILE B 263 18.00 94.76 27.95
N ASP B 264 17.65 93.67 27.27
CA ASP B 264 18.61 92.71 26.75
C ASP B 264 18.36 92.48 25.27
N LEU B 265 19.43 92.16 24.56
CA LEU B 265 19.42 92.04 23.10
C LEU B 265 20.17 90.77 22.68
N ILE B 266 19.83 89.65 23.32
CA ILE B 266 20.57 88.41 23.11
C ILE B 266 20.37 87.92 21.67
N ALA B 267 21.38 87.23 21.16
CA ALA B 267 21.28 86.54 19.87
C ALA B 267 21.28 85.04 20.11
N ILE B 268 20.71 84.30 19.16
CA ILE B 268 20.52 82.86 19.26
C ILE B 268 21.03 82.21 17.99
N ALA B 269 21.75 81.11 18.14
CA ALA B 269 22.27 80.38 16.98
C ALA B 269 21.13 79.86 16.12
N ASP B 270 21.05 80.37 14.90
CA ASP B 270 20.01 80.01 13.93
C ASP B 270 18.63 80.18 14.54
N PHE B 271 18.29 81.44 14.84
CA PHE B 271 16.99 81.76 15.39
C PHE B 271 15.85 81.31 14.46
N ALA B 272 16.11 81.28 13.15
CA ALA B 272 15.18 80.76 12.15
C ALA B 272 13.94 81.65 12.02
N ALA B 273 13.89 82.74 12.78
CA ALA B 273 12.82 83.71 12.66
C ALA B 273 13.34 85.13 12.47
N GLY B 274 14.66 85.30 12.37
CA GLY B 274 15.25 86.61 12.15
C GLY B 274 15.34 87.44 13.42
N ALA B 275 14.19 87.94 13.88
CA ALA B 275 14.12 88.74 15.09
C ALA B 275 12.73 88.65 15.66
N MET B 276 12.58 89.03 16.91
CA MET B 276 11.28 89.05 17.56
C MET B 276 11.24 90.09 18.67
N GLU B 277 10.27 91.00 18.59
CA GLU B 277 10.08 91.98 19.65
C GLU B 277 9.59 91.28 20.92
N ASN B 278 10.21 91.59 22.04
CA ASN B 278 9.85 91.07 23.34
C ASN B 278 10.11 92.15 24.38
N TRP B 279 9.51 91.97 25.55
CA TRP B 279 9.64 92.94 26.63
C TRP B 279 11.03 92.77 27.23
N GLY B 280 11.99 93.53 26.70
CA GLY B 280 13.30 93.67 27.30
C GLY B 280 14.26 92.51 27.11
N LEU B 281 13.94 91.54 26.27
CA LEU B 281 14.91 90.52 25.89
C LEU B 281 14.75 90.18 24.41
N VAL B 282 14.64 91.22 23.58
CA VAL B 282 14.48 91.06 22.13
C VAL B 282 15.58 90.17 21.58
N THR B 283 15.21 89.04 21.01
CA THR B 283 16.15 88.07 20.51
C THR B 283 16.49 88.36 19.04
N TYR B 284 17.70 87.97 18.64
CA TYR B 284 18.18 88.21 17.29
C TYR B 284 18.81 86.95 16.73
N ARG B 285 18.96 86.95 15.41
CA ARG B 285 19.79 85.94 14.77
C ARG B 285 21.25 86.29 14.94
N GLU B 286 22.09 85.27 15.15
CA GLU B 286 23.52 85.52 15.36
C GLU B 286 24.11 86.31 14.20
N THR B 287 23.90 85.84 12.98
CA THR B 287 24.46 86.53 11.81
C THR B 287 23.94 87.95 11.70
N ALA B 288 22.67 88.17 12.05
CA ALA B 288 22.11 89.51 11.94
C ALA B 288 22.73 90.48 12.94
N LEU B 289 23.04 90.02 14.15
CA LEU B 289 23.44 90.90 15.24
C LEU B 289 24.94 91.06 15.36
N LEU B 290 25.67 89.97 15.59
CA LEU B 290 27.10 90.08 15.83
C LEU B 290 27.83 90.53 14.58
N ILE B 291 28.96 91.21 14.77
CA ILE B 291 29.74 91.77 13.67
C ILE B 291 31.21 91.58 13.98
N ASP B 292 31.88 90.74 13.20
CA ASP B 292 33.32 90.64 13.27
C ASP B 292 33.95 91.84 12.58
N PRO B 293 34.80 92.62 13.26
CA PRO B 293 35.40 93.79 12.61
C PRO B 293 36.15 93.46 11.34
N LYS B 294 36.81 92.31 11.28
CA LYS B 294 37.57 91.91 10.10
C LYS B 294 36.76 91.07 9.11
N ASN B 295 35.52 90.72 9.45
CA ASN B 295 34.67 89.93 8.58
C ASN B 295 33.39 90.66 8.23
N SER B 296 33.46 91.98 8.09
CA SER B 296 32.28 92.78 7.80
C SER B 296 32.69 94.07 7.11
N CYS B 297 31.73 94.66 6.42
CA CYS B 297 31.88 95.97 5.79
C CYS B 297 30.87 96.94 6.37
N SER B 298 31.04 98.23 6.03
CA SER B 298 30.22 99.27 6.63
C SER B 298 28.74 99.08 6.31
N SER B 299 28.42 98.50 5.15
CA SER B 299 27.02 98.26 4.83
C SER B 299 26.40 97.24 5.78
N SER B 300 27.16 96.22 6.18
CA SER B 300 26.66 95.28 7.16
C SER B 300 26.44 95.96 8.52
N ARG B 301 27.32 96.88 8.89
CA ARG B 301 27.10 97.66 10.10
C ARG B 301 25.83 98.49 10.00
N GLN B 302 25.58 99.06 8.82
CA GLN B 302 24.36 99.82 8.60
C GLN B 302 23.13 98.93 8.76
N TRP B 303 23.21 97.72 8.20
CA TRP B 303 22.10 96.77 8.32
C TRP B 303 21.85 96.38 9.77
N VAL B 304 22.92 96.09 10.52
CA VAL B 304 22.74 95.66 11.90
C VAL B 304 22.20 96.81 12.74
N ALA B 305 22.64 98.04 12.45
CA ALA B 305 22.06 99.19 13.14
C ALA B 305 20.57 99.30 12.84
N LEU B 306 20.19 99.13 11.57
CA LEU B 306 18.78 99.17 11.18
C LEU B 306 17.98 98.14 11.97
N VAL B 307 18.45 96.89 11.98
CA VAL B 307 17.67 95.82 12.60
C VAL B 307 17.64 95.99 14.12
N VAL B 308 18.73 96.44 14.73
CA VAL B 308 18.75 96.58 16.18
C VAL B 308 17.83 97.71 16.61
N GLY B 309 17.76 98.79 15.83
CA GLY B 309 16.82 99.83 16.16
C GLY B 309 15.38 99.50 15.86
N HIS B 310 15.13 98.60 14.90
CA HIS B 310 13.75 98.22 14.58
C HIS B 310 13.06 97.62 15.79
N GLU B 311 13.70 96.68 16.47
CA GLU B 311 13.07 96.06 17.62
C GLU B 311 12.97 97.02 18.80
N LEU B 312 13.92 97.94 18.93
CA LEU B 312 13.79 98.97 19.96
C LEU B 312 12.60 99.88 19.68
N ALA B 313 12.32 100.15 18.41
CA ALA B 313 11.08 100.82 18.06
C ALA B 313 9.88 99.98 18.45
N HIS B 314 9.95 98.68 18.18
CA HIS B 314 8.89 97.77 18.59
C HIS B 314 8.67 97.77 20.09
N GLN B 315 9.70 98.11 20.87
CA GLN B 315 9.56 98.18 22.32
C GLN B 315 8.48 99.19 22.72
N TRP B 316 8.30 100.25 21.95
CA TRP B 316 7.32 101.28 22.24
C TRP B 316 5.98 101.03 21.54
N PHE B 317 6.00 101.06 20.21
CA PHE B 317 4.82 100.67 19.44
C PHE B 317 4.77 99.16 19.40
N GLY B 318 3.75 98.57 20.00
CA GLY B 318 3.82 97.15 20.31
C GLY B 318 3.64 96.94 21.80
N ASN B 319 4.74 96.61 22.47
CA ASN B 319 4.73 96.29 23.89
C ASN B 319 3.82 97.22 24.70
N LEU B 320 4.09 98.52 24.68
CA LEU B 320 3.32 99.44 25.50
C LEU B 320 1.85 99.43 25.12
N VAL B 321 1.54 99.59 23.84
CA VAL B 321 0.17 99.63 23.35
C VAL B 321 0.05 98.56 22.27
N THR B 322 -0.36 97.36 22.66
CA THR B 322 -0.46 96.26 21.72
C THR B 322 -1.67 96.45 20.80
N MET B 323 -1.56 95.88 19.59
CA MET B 323 -2.67 95.91 18.66
C MET B 323 -3.85 95.13 19.23
N GLU B 324 -5.05 95.62 18.96
CA GLU B 324 -6.25 94.96 19.47
C GLU B 324 -6.39 93.56 18.90
N TRP B 325 -6.11 93.40 17.61
CA TRP B 325 -6.23 92.11 16.96
C TRP B 325 -5.24 92.07 15.80
N TRP B 326 -5.03 90.85 15.26
CA TRP B 326 -4.07 90.66 14.19
C TRP B 326 -4.39 91.49 12.96
N THR B 327 -5.66 91.93 12.81
CA THR B 327 -6.02 92.78 11.70
C THR B 327 -5.16 94.04 11.66
N HIS B 328 -4.79 94.56 12.82
CA HIS B 328 -3.95 95.75 12.90
C HIS B 328 -2.47 95.43 13.00
N LEU B 329 -2.10 94.14 12.90
CA LEU B 329 -0.70 93.74 13.00
C LEU B 329 0.17 94.52 12.02
N TRP B 330 -0.36 94.77 10.82
CA TRP B 330 0.38 95.50 9.79
C TRP B 330 0.96 96.79 10.34
N LEU B 331 0.21 97.48 11.19
CA LEU B 331 0.68 98.73 11.75
C LEU B 331 1.89 98.49 12.66
N ASN B 332 1.75 97.55 13.59
CA ASN B 332 2.71 97.41 14.67
C ASN B 332 4.12 97.22 14.14
N GLU B 333 4.26 96.53 13.01
CA GLU B 333 5.55 96.47 12.34
C GLU B 333 5.75 97.69 11.46
N GLY B 334 4.81 97.93 10.53
CA GLY B 334 4.99 98.90 9.47
C GLY B 334 5.42 100.27 9.95
N PHE B 335 4.59 100.89 10.78
CA PHE B 335 4.94 102.18 11.37
C PHE B 335 6.32 102.13 11.99
N ALA B 336 6.55 101.12 12.84
CA ALA B 336 7.84 100.99 13.50
C ALA B 336 8.98 101.05 12.50
N SER B 337 8.83 100.34 11.37
CA SER B 337 9.89 100.32 10.37
C SER B 337 10.31 101.73 9.99
N TRP B 338 9.33 102.57 9.63
CA TRP B 338 9.68 103.94 9.24
C TRP B 338 10.38 104.64 10.38
N ILE B 339 9.83 104.53 11.60
CA ILE B 339 10.45 105.12 12.77
C ILE B 339 11.93 104.77 12.80
N GLU B 340 12.24 103.50 12.57
CA GLU B 340 13.62 103.05 12.70
C GLU B 340 14.55 103.84 11.78
N TYR B 341 14.13 104.04 10.54
CA TYR B 341 14.96 104.83 9.63
C TYR B 341 15.22 106.20 10.21
N LEU B 342 14.16 106.88 10.66
CA LEU B 342 14.36 108.20 11.28
C LEU B 342 15.40 108.11 12.39
N CYS B 343 15.33 107.05 13.20
CA CYS B 343 16.29 106.88 14.28
C CYS B 343 17.72 106.88 13.76
N VAL B 344 17.98 106.07 12.72
CA VAL B 344 19.32 106.00 12.17
C VAL B 344 19.71 107.34 11.58
N ASP B 345 18.72 108.08 11.04
CA ASP B 345 19.00 109.40 10.51
C ASP B 345 19.53 110.32 11.61
N HIS B 346 19.09 110.09 12.84
CA HIS B 346 19.57 110.85 13.99
C HIS B 346 20.78 110.21 14.66
N CYS B 347 21.20 109.02 14.20
CA CYS B 347 22.31 108.31 14.82
C CYS B 347 23.57 108.35 13.97
N PHE B 348 23.44 108.09 12.67
CA PHE B 348 24.56 108.12 11.73
C PHE B 348 24.19 109.04 10.58
N PRO B 349 24.30 110.36 10.77
CA PRO B 349 24.03 111.28 9.65
C PRO B 349 24.93 111.04 8.45
N GLU B 350 26.16 110.60 8.68
CA GLU B 350 27.04 110.23 7.58
C GLU B 350 26.44 109.08 6.78
N TYR B 351 25.69 108.19 7.44
CA TYR B 351 24.95 107.13 6.77
C TYR B 351 23.66 107.73 6.24
N ASP B 352 23.69 108.20 5.01
CA ASP B 352 22.49 108.74 4.37
C ASP B 352 21.61 107.55 3.98
N ILE B 353 20.63 107.25 4.83
CA ILE B 353 19.90 105.99 4.71
C ILE B 353 18.61 106.10 3.90
N TRP B 354 18.00 107.27 3.82
CA TRP B 354 16.79 107.40 3.02
C TRP B 354 17.06 107.07 1.57
N THR B 355 18.29 107.33 1.10
CA THR B 355 18.64 107.06 -0.28
C THR B 355 18.47 105.59 -0.62
N GLN B 356 19.06 104.68 0.17
CA GLN B 356 18.83 103.27 -0.10
C GLN B 356 17.47 102.82 0.42
N PHE B 357 16.89 103.57 1.36
CA PHE B 357 15.56 103.20 1.85
C PHE B 357 14.53 103.24 0.73
N VAL B 358 14.60 104.26 -0.12
CA VAL B 358 13.71 104.32 -1.28
C VAL B 358 13.90 103.09 -2.16
N SER B 359 15.14 102.58 -2.23
CA SER B 359 15.39 101.39 -3.03
C SER B 359 15.20 100.11 -2.21
N ALA B 360 14.91 100.23 -0.92
CA ALA B 360 14.96 99.07 -0.04
C ALA B 360 13.61 98.35 0.02
N ASP B 361 12.52 99.10 0.09
CA ASP B 361 11.17 98.53 0.09
C ASP B 361 10.24 99.21 -0.91
N TYR B 362 10.43 100.51 -1.10
CA TYR B 362 9.53 101.32 -1.91
C TYR B 362 9.44 100.80 -3.33
N THR B 363 10.54 100.24 -3.84
CA THR B 363 10.55 99.73 -5.21
C THR B 363 9.61 98.55 -5.38
N ARG B 364 9.67 97.55 -4.49
CA ARG B 364 8.74 96.44 -4.65
C ARG B 364 7.33 96.85 -4.25
N ALA B 365 7.18 97.83 -3.37
CA ALA B 365 5.85 98.39 -3.17
C ALA B 365 5.27 98.84 -4.50
N GLN B 366 6.02 99.66 -5.24
CA GLN B 366 5.57 100.18 -6.52
C GLN B 366 5.29 99.06 -7.51
N GLU B 367 6.22 98.11 -7.64
CA GLU B 367 6.09 97.10 -8.67
C GLU B 367 5.04 96.05 -8.32
N LEU B 368 4.80 95.84 -7.02
CA LEU B 368 3.87 94.81 -6.60
C LEU B 368 2.44 95.31 -6.69
N ASP B 369 2.21 96.59 -6.37
CA ASP B 369 0.85 97.09 -6.54
C ASP B 369 0.45 97.13 -8.00
N ALA B 370 1.41 97.40 -8.89
CA ALA B 370 1.13 97.44 -10.32
C ALA B 370 0.50 96.13 -10.80
N LEU B 371 0.93 95.01 -10.21
CA LEU B 371 0.49 93.70 -10.63
C LEU B 371 -0.78 93.33 -9.86
N ASP B 372 -1.27 92.11 -10.05
CA ASP B 372 -2.45 91.65 -9.34
C ASP B 372 -2.05 91.22 -7.92
N ASN B 373 -3.00 90.65 -7.18
CA ASN B 373 -2.79 90.24 -5.79
C ASN B 373 -2.30 91.40 -4.94
N SER B 374 -2.82 92.60 -5.22
CA SER B 374 -2.44 93.81 -4.51
C SER B 374 -3.44 94.17 -3.42
N HIS B 375 -4.00 93.17 -2.74
CA HIS B 375 -4.99 93.30 -1.68
C HIS B 375 -4.66 94.44 -0.73
N PRO B 376 -5.66 95.17 -0.25
CA PRO B 376 -5.38 96.28 0.67
C PRO B 376 -4.70 95.78 1.94
N ILE B 377 -3.92 96.67 2.55
CA ILE B 377 -3.12 96.30 3.70
C ILE B 377 -3.99 95.81 4.84
N GLU B 378 -5.08 96.52 5.11
CA GLU B 378 -5.94 96.24 6.25
C GLU B 378 -7.02 95.26 5.82
N VAL B 379 -6.80 93.98 6.12
CA VAL B 379 -7.73 92.91 5.79
C VAL B 379 -8.26 92.34 7.11
N SER B 380 -9.57 92.23 7.23
CA SER B 380 -10.18 91.72 8.45
C SER B 380 -9.68 90.31 8.75
N VAL B 381 -9.37 90.06 10.02
CA VAL B 381 -8.82 88.79 10.47
C VAL B 381 -9.71 88.25 11.57
N GLY B 382 -10.06 86.97 11.49
CA GLY B 382 -10.76 86.31 12.57
C GLY B 382 -9.95 85.19 13.18
N HIS B 383 -9.13 84.53 12.36
CA HIS B 383 -8.32 83.42 12.78
C HIS B 383 -6.85 83.79 12.66
N PRO B 384 -6.03 83.54 13.69
CA PRO B 384 -4.61 83.86 13.59
C PRO B 384 -3.90 83.09 12.48
N SER B 385 -4.46 81.98 12.01
CA SER B 385 -3.85 81.28 10.87
C SER B 385 -3.89 82.13 9.61
N GLU B 386 -4.87 83.03 9.49
CA GLU B 386 -4.96 83.89 8.32
C GLU B 386 -3.81 84.88 8.24
N VAL B 387 -3.08 85.09 9.34
CA VAL B 387 -1.98 86.04 9.36
C VAL B 387 -0.94 85.68 8.30
N ASP B 388 -0.70 84.38 8.12
CA ASP B 388 0.38 83.96 7.23
C ASP B 388 0.14 84.42 5.79
N GLU B 389 -1.08 84.21 5.27
CA GLU B 389 -1.32 84.56 3.87
C GLU B 389 -1.84 85.98 3.70
N ILE B 390 -2.31 86.64 4.75
CA ILE B 390 -2.53 88.08 4.64
C ILE B 390 -1.21 88.85 4.76
N PHE B 391 -0.12 88.15 4.99
CA PHE B 391 1.20 88.76 5.19
C PHE B 391 2.03 88.64 3.92
N ASP B 392 2.71 89.71 3.56
CA ASP B 392 3.59 89.74 2.40
C ASP B 392 4.51 90.94 2.51
N ALA B 393 5.38 91.11 1.51
CA ALA B 393 6.28 92.26 1.50
C ALA B 393 5.51 93.57 1.44
N ILE B 394 4.32 93.55 0.84
CA ILE B 394 3.50 94.75 0.77
C ILE B 394 3.13 95.22 2.17
N SER B 395 2.75 94.27 3.04
CA SER B 395 2.32 94.62 4.40
C SER B 395 3.39 95.42 5.13
N TYR B 396 4.66 95.18 4.86
CA TYR B 396 5.71 95.99 5.45
C TYR B 396 5.92 97.28 4.65
N SER B 397 6.17 97.15 3.36
CA SER B 397 6.66 98.28 2.57
C SER B 397 5.60 99.37 2.44
N LYS B 398 4.39 98.98 2.02
CA LYS B 398 3.34 99.98 1.87
C LYS B 398 2.95 100.59 3.20
N GLY B 399 2.96 99.81 4.27
CA GLY B 399 2.68 100.38 5.58
C GLY B 399 3.69 101.43 5.98
N ALA B 400 4.99 101.12 5.80
CA ALA B 400 6.02 102.11 6.10
C ALA B 400 5.88 103.33 5.21
N SER B 401 5.59 103.12 3.94
CA SER B 401 5.45 104.25 3.02
C SER B 401 4.29 105.16 3.43
N VAL B 402 3.15 104.57 3.79
CA VAL B 402 1.99 105.39 4.13
C VAL B 402 2.17 106.07 5.49
N ILE B 403 2.86 105.40 6.42
CA ILE B 403 3.08 106.07 7.71
C ILE B 403 4.06 107.23 7.54
N ARG B 404 5.07 107.08 6.67
CA ARG B 404 5.94 108.21 6.38
C ARG B 404 5.19 109.31 5.66
N MET B 405 4.30 108.93 4.74
CA MET B 405 3.33 109.87 4.17
C MET B 405 2.64 110.67 5.25
N LEU B 406 2.11 109.98 6.25
CA LEU B 406 1.38 110.65 7.32
C LEU B 406 2.27 111.58 8.11
N HIS B 407 3.51 111.15 8.38
CA HIS B 407 4.42 112.02 9.12
C HIS B 407 4.68 113.30 8.36
N ASP B 408 4.91 113.20 7.05
CA ASP B 408 5.11 114.41 6.25
C ASP B 408 3.86 115.28 6.24
N TYR B 409 2.69 114.65 6.04
CA TYR B 409 1.44 115.40 5.94
C TYR B 409 1.09 116.07 7.26
N ILE B 410 1.60 115.54 8.37
CA ILE B 410 1.25 116.09 9.68
C ILE B 410 2.28 117.10 10.16
N GLY B 411 3.54 116.94 9.76
CA GLY B 411 4.57 117.76 10.38
C GLY B 411 5.22 117.04 11.54
N ASP B 412 6.52 117.29 11.72
CA ASP B 412 7.29 116.53 12.69
C ASP B 412 6.79 116.76 14.11
N LYS B 413 6.64 118.03 14.51
CA LYS B 413 6.21 118.33 15.87
C LYS B 413 4.79 117.87 16.13
N ASP B 414 3.90 118.05 15.15
CA ASP B 414 2.51 117.62 15.33
C ASP B 414 2.43 116.10 15.44
N PHE B 415 3.20 115.38 14.62
CA PHE B 415 3.25 113.93 14.73
C PHE B 415 3.82 113.50 16.07
N LYS B 416 4.82 114.23 16.56
CA LYS B 416 5.36 113.99 17.89
C LYS B 416 4.26 114.10 18.95
N LYS B 417 3.51 115.19 18.92
CA LYS B 417 2.44 115.39 19.89
C LYS B 417 1.39 114.30 19.79
N GLY B 418 1.03 113.92 18.56
CA GLY B 418 0.03 112.87 18.40
C GLY B 418 0.49 111.55 18.95
N MET B 419 1.74 111.18 18.67
CA MET B 419 2.28 109.92 19.17
C MET B 419 2.33 109.93 20.69
N ASN B 420 2.76 111.05 21.29
CA ASN B 420 2.85 111.14 22.74
C ASN B 420 1.46 111.00 23.36
N MET B 421 0.48 111.71 22.80
CA MET B 421 -0.89 111.60 23.32
C MET B 421 -1.43 110.19 23.18
N TYR B 422 -1.19 109.55 22.03
CA TYR B 422 -1.68 108.19 21.83
C TYR B 422 -1.05 107.22 22.82
N LEU B 423 0.26 107.35 23.06
CA LEU B 423 0.91 106.48 24.02
C LEU B 423 0.40 106.72 25.44
N THR B 424 0.22 107.99 25.82
CA THR B 424 -0.28 108.29 27.15
C THR B 424 -1.76 107.92 27.31
N LYS B 425 -2.48 107.75 26.20
CA LYS B 425 -3.90 107.45 26.28
C LYS B 425 -4.15 106.00 26.65
N PHE B 426 -3.61 105.07 25.87
CA PHE B 426 -3.90 103.64 26.03
C PHE B 426 -2.64 102.86 26.38
N GLN B 427 -1.83 103.40 27.28
CA GLN B 427 -0.68 102.65 27.78
C GLN B 427 -1.14 101.39 28.51
N GLN B 428 -0.51 100.26 28.19
CA GLN B 428 -0.83 98.96 28.74
C GLN B 428 -2.26 98.52 28.41
N LYS B 429 -2.90 99.17 27.44
CA LYS B 429 -4.25 98.83 27.02
C LYS B 429 -4.28 98.65 25.52
N ASN B 430 -5.02 97.65 25.06
CA ASN B 430 -5.13 97.40 23.63
C ASN B 430 -5.84 98.56 22.95
N ALA B 431 -5.34 98.94 21.78
CA ALA B 431 -5.91 100.02 21.00
C ALA B 431 -6.02 99.59 19.54
N ALA B 432 -7.00 100.15 18.85
CA ALA B 432 -7.20 99.86 17.44
C ALA B 432 -6.55 100.93 16.58
N THR B 433 -6.51 100.65 15.26
CA THR B 433 -5.97 101.61 14.32
C THR B 433 -6.79 102.89 14.31
N GLU B 434 -8.12 102.75 14.39
CA GLU B 434 -8.99 103.93 14.45
C GLU B 434 -8.68 104.79 15.66
N ASP B 435 -8.27 104.17 16.78
CA ASP B 435 -7.88 104.97 17.94
C ASP B 435 -6.64 105.81 17.64
N LEU B 436 -5.66 105.24 16.93
CA LEU B 436 -4.50 106.01 16.54
C LEU B 436 -4.88 107.16 15.63
N TRP B 437 -5.79 106.91 14.68
CA TRP B 437 -6.25 107.98 13.80
C TRP B 437 -6.95 109.07 14.59
N GLU B 438 -7.77 108.69 15.57
CA GLU B 438 -8.46 109.66 16.40
C GLU B 438 -7.48 110.51 17.19
N SER B 439 -6.46 109.89 17.78
CA SER B 439 -5.47 110.64 18.54
C SER B 439 -4.71 111.60 17.64
N LEU B 440 -4.33 111.14 16.45
CA LEU B 440 -3.64 112.02 15.51
C LEU B 440 -4.51 113.20 15.10
N GLU B 441 -5.80 112.94 14.86
CA GLU B 441 -6.72 114.02 14.51
C GLU B 441 -6.88 114.99 15.67
N ASN B 442 -6.88 114.48 16.90
CA ASN B 442 -6.95 115.36 18.07
C ASN B 442 -5.72 116.25 18.15
N ALA B 443 -4.55 115.69 17.86
CA ALA B 443 -3.32 116.49 17.94
C ALA B 443 -3.27 117.58 16.88
N SER B 444 -3.62 117.24 15.63
CA SER B 444 -3.48 118.16 14.51
C SER B 444 -4.76 118.95 14.24
N GLY B 445 -5.86 118.26 13.99
CA GLY B 445 -7.11 118.92 13.67
C GLY B 445 -7.61 118.53 12.30
N LYS B 446 -6.69 118.40 11.34
CA LYS B 446 -7.04 117.92 10.02
C LYS B 446 -7.38 116.44 10.07
N PRO B 447 -8.32 115.98 9.23
CA PRO B 447 -8.81 114.59 9.33
C PRO B 447 -7.82 113.60 8.74
N ILE B 448 -7.15 112.85 9.62
CA ILE B 448 -6.33 111.73 9.16
C ILE B 448 -7.19 110.52 8.86
N ALA B 449 -8.17 110.23 9.73
CA ALA B 449 -9.02 109.06 9.52
C ALA B 449 -9.81 109.15 8.23
N ALA B 450 -10.17 110.37 7.80
CA ALA B 450 -10.87 110.55 6.53
C ALA B 450 -10.06 110.06 5.34
N VAL B 451 -8.74 109.93 5.48
CA VAL B 451 -7.90 109.35 4.46
C VAL B 451 -7.55 107.90 4.78
N MET B 452 -7.42 107.59 6.06
CA MET B 452 -7.03 106.24 6.45
C MET B 452 -8.14 105.24 6.15
N ASN B 453 -9.40 105.65 6.29
CA ASN B 453 -10.49 104.74 5.97
C ASN B 453 -10.47 104.32 4.51
N THR B 454 -10.20 105.25 3.60
CA THR B 454 -10.05 104.88 2.20
C THR B 454 -8.79 104.06 1.98
N TRP B 455 -7.70 104.41 2.68
CA TRP B 455 -6.45 103.65 2.52
C TRP B 455 -6.66 102.19 2.88
N THR B 456 -7.46 101.92 3.91
CA THR B 456 -7.85 100.54 4.21
C THR B 456 -8.79 100.00 3.15
N LYS B 457 -9.72 100.83 2.67
CA LYS B 457 -10.74 100.35 1.73
C LYS B 457 -10.11 99.87 0.42
N GLN B 458 -9.49 100.79 -0.33
CA GLN B 458 -9.05 100.42 -1.67
C GLN B 458 -7.65 99.83 -1.64
N MET B 459 -7.06 99.73 -2.83
CA MET B 459 -5.84 98.96 -3.04
C MET B 459 -5.04 99.59 -4.17
N GLY B 460 -3.94 100.27 -3.81
CA GLY B 460 -3.03 100.78 -4.81
C GLY B 460 -2.75 102.25 -4.63
N PHE B 461 -2.03 102.81 -5.59
CA PHE B 461 -1.64 104.20 -5.60
C PHE B 461 -2.14 104.87 -6.88
N PRO B 462 -2.41 106.16 -6.82
CA PRO B 462 -2.93 106.87 -7.99
C PRO B 462 -1.88 107.34 -8.97
N LEU B 463 -2.31 108.16 -9.94
CA LEU B 463 -1.47 108.84 -10.91
C LEU B 463 -2.01 110.25 -11.12
N ILE B 464 -1.19 111.11 -11.69
CA ILE B 464 -1.56 112.49 -11.97
C ILE B 464 -1.07 112.86 -13.36
N TYR B 465 -1.96 113.42 -14.17
CA TYR B 465 -1.55 114.07 -15.41
C TYR B 465 -1.28 115.53 -15.06
N VAL B 466 -0.01 115.84 -14.82
CA VAL B 466 0.36 117.21 -14.48
C VAL B 466 0.22 118.09 -15.71
N GLU B 467 0.28 119.40 -15.47
CA GLU B 467 0.12 120.37 -16.55
C GLU B 467 1.25 121.39 -16.46
N ALA B 468 1.12 122.45 -17.24
CA ALA B 468 2.12 123.52 -17.28
C ALA B 468 1.39 124.84 -17.55
N GLU B 469 1.39 125.74 -16.58
CA GLU B 469 0.79 127.07 -16.77
C GLU B 469 1.59 128.06 -15.93
N GLN B 470 2.60 128.67 -16.52
CA GLN B 470 3.46 129.61 -15.80
C GLN B 470 2.97 131.04 -16.06
N VAL B 471 1.97 131.45 -15.30
CA VAL B 471 1.45 132.81 -15.37
C VAL B 471 2.39 133.68 -14.53
N GLU B 472 3.34 134.35 -15.20
CA GLU B 472 4.33 135.19 -14.54
C GLU B 472 5.11 134.41 -13.49
N ASP B 473 4.77 134.59 -12.22
CA ASP B 473 5.40 133.88 -11.12
C ASP B 473 4.42 132.95 -10.42
N ASP B 474 3.59 132.26 -11.20
CA ASP B 474 2.63 131.29 -10.67
C ASP B 474 2.62 130.10 -11.61
N ARG B 475 3.26 129.01 -11.22
CA ARG B 475 3.31 127.79 -12.02
C ARG B 475 2.12 126.92 -11.65
N LEU B 476 0.94 127.35 -12.08
CA LEU B 476 -0.29 126.64 -11.84
C LEU B 476 -0.45 125.51 -12.85
N LEU B 477 -1.11 124.45 -12.42
CA LEU B 477 -1.39 123.32 -13.29
C LEU B 477 -2.52 122.50 -12.66
N ARG B 478 -2.94 121.43 -13.33
CA ARG B 478 -4.13 120.67 -12.95
C ARG B 478 -3.73 119.22 -12.66
N LEU B 479 -3.69 118.88 -11.37
CA LEU B 479 -3.40 117.50 -10.99
C LEU B 479 -4.66 116.65 -11.16
N SER B 480 -4.54 115.54 -11.87
CA SER B 480 -5.67 114.69 -12.20
C SER B 480 -5.48 113.31 -11.59
N GLN B 481 -6.22 113.01 -10.54
CA GLN B 481 -6.06 111.76 -9.80
C GLN B 481 -6.79 110.63 -10.53
N LYS B 482 -6.08 109.53 -10.76
CA LYS B 482 -6.66 108.34 -11.38
C LYS B 482 -5.86 107.13 -10.94
N LYS B 483 -6.47 105.96 -11.02
CA LYS B 483 -5.78 104.74 -10.59
C LYS B 483 -4.65 104.39 -11.55
N PHE B 484 -3.66 103.68 -11.03
CA PHE B 484 -2.52 103.23 -11.82
C PHE B 484 -2.71 101.78 -12.26
N CYS B 485 -2.21 101.47 -13.45
CA CYS B 485 -2.18 100.12 -13.97
C CYS B 485 -0.79 99.83 -14.50
N ALA B 486 -0.34 98.57 -14.35
CA ALA B 486 0.97 98.19 -14.86
C ALA B 486 1.05 98.40 -16.37
N GLY B 487 0.06 97.90 -17.10
CA GLY B 487 -0.01 98.18 -18.52
C GLY B 487 -0.31 99.64 -18.80
N GLY B 488 -1.18 100.24 -18.02
CA GLY B 488 -1.55 101.63 -18.20
C GLY B 488 -3.04 101.87 -18.15
N ALA B 489 -3.82 100.89 -18.62
CA ALA B 489 -5.27 100.98 -18.64
C ALA B 489 -5.81 100.42 -17.35
N TYR B 490 -6.06 101.29 -16.37
CA TYR B 490 -6.63 100.85 -15.10
C TYR B 490 -8.10 100.48 -15.29
N VAL B 491 -8.56 99.59 -14.41
CA VAL B 491 -9.92 99.08 -14.53
C VAL B 491 -10.94 100.19 -14.29
N GLY B 492 -10.78 100.95 -13.21
CA GLY B 492 -11.53 102.16 -13.01
C GLY B 492 -13.04 102.03 -12.96
N GLU B 493 -13.55 100.84 -12.63
CA GLU B 493 -15.01 100.70 -12.49
C GLU B 493 -15.51 101.50 -11.30
N ASP B 494 -14.81 101.42 -10.17
CA ASP B 494 -15.12 102.20 -8.99
C ASP B 494 -14.57 103.62 -9.18
N CYS B 495 -14.51 104.38 -8.10
CA CYS B 495 -13.89 105.70 -8.15
C CYS B 495 -12.38 105.55 -8.04
N PRO B 496 -11.65 105.69 -9.15
CA PRO B 496 -10.20 105.47 -9.10
C PRO B 496 -9.43 106.57 -8.41
N GLN B 497 -10.01 107.76 -8.30
CA GLN B 497 -9.30 108.90 -7.73
C GLN B 497 -9.06 108.69 -6.24
N TRP B 498 -8.05 109.39 -5.73
CA TRP B 498 -7.64 109.28 -4.34
C TRP B 498 -7.59 110.66 -3.72
N MET B 499 -6.99 110.73 -2.53
CA MET B 499 -6.75 111.96 -1.80
C MET B 499 -5.33 111.97 -1.22
N VAL B 500 -4.38 111.41 -1.95
CA VAL B 500 -2.98 111.38 -1.52
C VAL B 500 -2.50 112.81 -1.26
N PRO B 501 -1.88 113.06 -0.11
CA PRO B 501 -1.32 114.39 0.18
C PRO B 501 0.04 114.58 -0.47
N ILE B 502 0.02 114.70 -1.80
CA ILE B 502 1.24 114.91 -2.56
C ILE B 502 1.84 116.25 -2.15
N THR B 503 3.00 116.20 -1.51
CA THR B 503 3.65 117.39 -0.97
C THR B 503 4.66 117.88 -2.01
N ILE B 504 4.22 118.84 -2.84
CA ILE B 504 5.14 119.48 -3.77
C ILE B 504 6.28 120.12 -2.99
N SER B 505 7.41 120.26 -3.68
CA SER B 505 8.59 120.87 -3.07
C SER B 505 9.21 121.84 -4.06
N THR B 506 9.53 123.04 -3.57
CA THR B 506 10.26 124.01 -4.37
C THR B 506 11.69 123.52 -4.58
N SER B 507 12.14 123.51 -5.83
CA SER B 507 13.43 122.94 -6.19
C SER B 507 14.59 123.89 -5.94
N GLU B 508 14.31 125.14 -5.56
CA GLU B 508 15.40 126.05 -5.22
C GLU B 508 16.17 125.57 -3.99
N ASP B 509 15.44 125.06 -3.00
CA ASP B 509 16.09 124.44 -1.84
C ASP B 509 15.90 122.93 -1.92
N PRO B 510 16.97 122.16 -2.11
CA PRO B 510 16.81 120.71 -2.31
C PRO B 510 16.13 120.00 -1.15
N ASN B 511 16.40 120.42 0.08
CA ASN B 511 15.81 119.78 1.25
C ASN B 511 14.57 120.48 1.76
N GLN B 512 14.44 121.78 1.52
CA GLN B 512 13.33 122.57 2.04
C GLN B 512 12.27 122.75 0.95
N ALA B 513 11.03 122.42 1.28
CA ALA B 513 9.89 122.58 0.37
C ALA B 513 9.24 123.92 0.70
N LYS B 514 9.68 124.98 0.03
CA LYS B 514 9.07 126.29 0.24
C LYS B 514 7.59 126.27 -0.08
N LEU B 515 7.23 125.68 -1.22
CA LEU B 515 5.85 125.47 -1.61
C LEU B 515 5.50 124.00 -1.36
N LYS B 516 4.48 123.77 -0.55
CA LYS B 516 4.06 122.42 -0.21
C LYS B 516 2.57 122.46 0.12
N ILE B 517 1.78 121.65 -0.58
CA ILE B 517 0.33 121.64 -0.42
C ILE B 517 -0.10 120.27 0.07
N LEU B 518 -1.02 120.26 1.03
CA LEU B 518 -1.62 119.01 1.49
C LEU B 518 -2.82 118.67 0.62
N MET B 519 -2.60 118.65 -0.70
CA MET B 519 -3.68 118.38 -1.65
C MET B 519 -4.28 117.00 -1.38
N ASP B 520 -5.62 116.94 -1.33
CA ASP B 520 -6.30 115.66 -1.15
C ASP B 520 -7.57 115.58 -1.99
N LYS B 521 -7.55 116.11 -3.21
CA LYS B 521 -8.75 116.11 -4.03
C LYS B 521 -8.43 115.69 -5.46
N PRO B 522 -9.42 115.12 -6.17
CA PRO B 522 -9.18 114.75 -7.58
C PRO B 522 -8.81 115.93 -8.45
N GLU B 523 -9.34 117.11 -8.16
CA GLU B 523 -8.99 118.32 -8.89
C GLU B 523 -8.80 119.46 -7.89
N MET B 524 -7.95 120.42 -8.25
CA MET B 524 -7.56 121.50 -7.35
C MET B 524 -6.82 122.56 -8.16
N ASN B 525 -6.33 123.59 -7.46
CA ASN B 525 -5.54 124.65 -8.07
C ASN B 525 -4.30 124.87 -7.21
N VAL B 526 -3.35 125.64 -7.76
CA VAL B 526 -2.07 125.87 -7.11
C VAL B 526 -1.97 127.33 -6.70
N VAL B 527 -1.21 127.58 -5.63
CA VAL B 527 -0.89 128.93 -5.18
C VAL B 527 0.58 128.95 -4.81
N LEU B 528 1.38 129.73 -5.54
CA LEU B 528 2.81 129.75 -5.32
C LEU B 528 3.39 131.05 -5.87
N LYS B 529 4.63 131.33 -5.46
CA LYS B 529 5.41 132.44 -5.99
C LYS B 529 6.67 131.87 -6.62
N ASN B 530 6.71 131.84 -7.95
CA ASN B 530 7.84 131.25 -8.66
C ASN B 530 9.09 132.10 -8.46
N VAL B 531 10.24 131.44 -8.37
CA VAL B 531 11.52 132.11 -8.21
C VAL B 531 12.23 132.29 -9.55
N LYS B 532 12.34 131.21 -10.32
CA LYS B 532 13.06 131.25 -11.59
C LYS B 532 12.14 130.77 -12.72
N PRO B 533 12.25 131.38 -13.90
CA PRO B 533 11.39 130.94 -15.02
C PRO B 533 11.47 129.45 -15.31
N ASP B 534 12.62 128.83 -15.04
CA ASP B 534 12.76 127.38 -15.06
C ASP B 534 13.10 126.96 -13.64
N GLN B 535 12.08 126.78 -12.81
CA GLN B 535 12.28 126.38 -11.42
C GLN B 535 12.34 124.87 -11.25
N TRP B 536 12.10 124.11 -12.31
CA TRP B 536 12.12 122.64 -12.33
C TRP B 536 11.48 122.08 -11.07
N VAL B 537 10.35 122.66 -10.66
CA VAL B 537 9.75 122.36 -9.36
C VAL B 537 9.54 120.87 -9.21
N LYS B 538 9.94 120.34 -8.06
CA LYS B 538 9.94 118.90 -7.82
C LYS B 538 8.62 118.52 -7.15
N LEU B 539 7.76 117.85 -7.91
CA LEU B 539 6.59 117.22 -7.31
C LEU B 539 7.02 116.11 -6.37
N ASN B 540 6.35 116.02 -5.22
CA ASN B 540 6.78 115.16 -4.13
C ASN B 540 8.15 115.63 -3.65
N LEU B 541 8.76 114.90 -2.72
CA LEU B 541 10.08 115.29 -2.21
C LEU B 541 10.79 114.05 -1.69
N GLY B 542 11.75 113.54 -2.45
CA GLY B 542 12.42 112.32 -2.09
C GLY B 542 11.50 111.12 -2.05
N THR B 543 10.45 111.13 -2.89
CA THR B 543 9.44 110.08 -2.93
C THR B 543 8.90 109.76 -1.55
N VAL B 544 8.71 110.81 -0.74
CA VAL B 544 8.08 110.61 0.56
C VAL B 544 6.64 110.16 0.38
N GLY B 545 5.97 110.68 -0.65
CA GLY B 545 4.67 110.19 -1.03
C GLY B 545 4.79 108.93 -1.86
N PHE B 546 4.27 107.82 -1.32
CA PHE B 546 4.25 106.56 -2.04
C PHE B 546 3.38 106.71 -3.27
N TYR B 547 4.02 106.85 -4.42
CA TYR B 547 3.34 107.40 -5.58
C TYR B 547 4.28 107.38 -6.78
N ARG B 548 3.71 107.62 -7.96
CA ARG B 548 4.35 107.41 -9.27
C ARG B 548 4.15 108.61 -10.17
N THR B 549 4.52 109.80 -9.68
CA THR B 549 4.29 111.07 -10.39
C THR B 549 4.60 110.97 -11.87
N GLN B 550 3.59 111.25 -12.69
CA GLN B 550 3.76 111.30 -14.14
C GLN B 550 3.94 112.75 -14.57
N TYR B 551 5.16 113.10 -14.98
CA TYR B 551 5.45 114.45 -15.43
C TYR B 551 5.15 114.57 -16.93
N SER B 552 4.63 115.72 -17.33
CA SER B 552 4.41 115.99 -18.74
C SER B 552 5.74 116.23 -19.44
N SER B 553 5.70 116.21 -20.77
CA SER B 553 6.92 116.39 -21.56
C SER B 553 7.55 117.75 -21.27
N ALA B 554 6.73 118.79 -21.13
CA ALA B 554 7.25 120.10 -20.77
C ALA B 554 7.91 120.07 -19.40
N MET B 555 7.29 119.38 -18.44
CA MET B 555 7.88 119.21 -17.11
C MET B 555 9.21 118.49 -17.20
N LEU B 556 9.26 117.40 -17.97
CA LEU B 556 10.49 116.64 -18.11
C LEU B 556 11.61 117.49 -18.70
N GLU B 557 11.28 118.25 -19.76
CA GLU B 557 12.29 119.11 -20.38
C GLU B 557 12.75 120.20 -19.43
N SER B 558 11.82 120.77 -18.65
CA SER B 558 12.20 121.81 -17.71
C SER B 558 13.12 121.28 -16.63
N LEU B 559 12.87 120.06 -16.14
CA LEU B 559 13.71 119.47 -15.10
C LEU B 559 14.95 118.80 -15.65
N LEU B 560 15.06 118.65 -16.98
CA LEU B 560 16.23 118.01 -17.57
C LEU B 560 17.55 118.66 -17.15
N PRO B 561 17.71 119.99 -17.22
CA PRO B 561 18.96 120.57 -16.70
C PRO B 561 19.19 120.30 -15.23
N GLY B 562 18.11 120.20 -14.45
CA GLY B 562 18.26 119.92 -13.03
C GLY B 562 18.86 118.55 -12.76
N ILE B 563 18.54 117.58 -13.61
CA ILE B 563 19.12 116.25 -13.45
C ILE B 563 20.44 116.08 -14.21
N ARG B 564 20.72 116.94 -15.20
CA ARG B 564 22.02 116.90 -15.86
C ARG B 564 23.13 117.15 -14.86
N ASP B 565 22.96 118.17 -14.02
CA ASP B 565 23.90 118.45 -12.93
C ASP B 565 23.43 117.75 -11.66
N LEU B 566 24.06 118.08 -10.54
CA LEU B 566 23.71 117.50 -9.24
C LEU B 566 22.80 118.40 -8.43
N SER B 567 22.19 119.41 -9.06
CA SER B 567 21.33 120.33 -8.32
C SER B 567 20.15 119.61 -7.68
N LEU B 568 19.51 118.71 -8.43
CA LEU B 568 18.42 117.93 -7.87
C LEU B 568 18.97 116.93 -6.85
N PRO B 569 18.25 116.68 -5.76
CA PRO B 569 18.71 115.67 -4.81
C PRO B 569 18.79 114.32 -5.48
N PRO B 570 19.75 113.49 -5.07
CA PRO B 570 19.88 112.15 -5.67
C PRO B 570 18.64 111.29 -5.48
N VAL B 571 17.96 111.43 -4.34
CA VAL B 571 16.74 110.67 -4.11
C VAL B 571 15.68 111.04 -5.15
N ASP B 572 15.54 112.34 -5.44
CA ASP B 572 14.61 112.77 -6.47
C ASP B 572 15.00 112.21 -7.83
N ARG B 573 16.29 112.23 -8.14
CA ARG B 573 16.74 111.74 -9.44
C ARG B 573 16.46 110.24 -9.60
N LEU B 574 16.75 109.45 -8.57
CA LEU B 574 16.48 108.02 -8.66
C LEU B 574 14.99 107.72 -8.68
N GLY B 575 14.19 108.49 -7.92
CA GLY B 575 12.76 108.30 -7.98
C GLY B 575 12.20 108.59 -9.36
N LEU B 576 12.66 109.68 -9.98
CA LEU B 576 12.23 109.99 -11.33
C LEU B 576 12.69 108.93 -12.32
N GLN B 577 13.92 108.43 -12.15
CA GLN B 577 14.43 107.38 -13.02
C GLN B 577 13.56 106.14 -12.94
N ASN B 578 13.24 105.70 -11.72
CA ASN B 578 12.37 104.55 -11.56
C ASN B 578 10.99 104.81 -12.12
N ASP B 579 10.46 106.02 -11.92
CA ASP B 579 9.14 106.36 -12.42
C ASP B 579 9.07 106.27 -13.94
N LEU B 580 10.09 106.80 -14.63
CA LEU B 580 10.07 106.81 -16.08
C LEU B 580 10.08 105.39 -16.64
N PHE B 581 10.88 104.50 -16.04
CA PHE B 581 10.92 103.12 -16.52
C PHE B 581 9.57 102.43 -16.33
N SER B 582 8.94 102.64 -15.18
CA SER B 582 7.60 102.09 -14.98
C SER B 582 6.57 102.74 -15.88
N LEU B 583 6.73 104.04 -16.13
CA LEU B 583 5.79 104.81 -16.95
C LEU B 583 6.08 104.67 -18.45
N ALA B 584 7.08 103.88 -18.83
CA ALA B 584 7.24 103.55 -20.24
C ALA B 584 6.03 102.79 -20.75
N ARG B 585 5.42 101.97 -19.89
CA ARG B 585 4.27 101.18 -20.28
C ARG B 585 3.00 102.01 -20.38
N ALA B 586 2.84 103.01 -19.49
CA ALA B 586 1.62 103.79 -19.40
C ALA B 586 1.77 105.16 -20.05
N GLY B 587 2.83 105.88 -19.67
CA GLY B 587 3.09 107.20 -20.27
C GLY B 587 3.60 107.04 -21.68
N ILE B 588 3.45 108.08 -22.51
CA ILE B 588 3.84 107.99 -23.96
C ILE B 588 5.32 108.37 -24.10
N ILE B 589 5.83 108.44 -25.34
CA ILE B 589 7.25 108.80 -25.61
C ILE B 589 8.13 107.70 -25.02
N SER B 590 8.09 107.52 -23.70
CA SER B 590 8.83 106.39 -23.07
C SER B 590 10.29 106.37 -23.54
N THR B 591 10.66 105.35 -24.31
CA THR B 591 12.06 105.19 -24.75
C THR B 591 12.64 106.54 -25.12
N VAL B 592 11.94 107.31 -25.96
CA VAL B 592 12.52 108.60 -26.44
C VAL B 592 12.90 109.45 -25.22
N GLU B 593 11.96 109.66 -24.30
CA GLU B 593 12.27 110.42 -23.06
C GLU B 593 13.32 109.63 -22.27
N VAL B 594 13.08 108.34 -22.08
CA VAL B 594 14.07 107.49 -21.35
C VAL B 594 15.47 107.90 -21.82
N LEU B 595 15.66 108.05 -23.13
CA LEU B 595 17.01 108.35 -23.59
C LEU B 595 17.50 109.67 -23.01
N LYS B 596 16.61 110.68 -23.01
CA LYS B 596 17.00 111.99 -22.49
C LYS B 596 17.41 111.91 -21.03
N VAL B 597 16.66 111.18 -20.21
CA VAL B 597 17.06 111.11 -18.81
C VAL B 597 18.36 110.34 -18.68
N MET B 598 18.59 109.38 -19.59
CA MET B 598 19.88 108.69 -19.63
C MET B 598 21.00 109.71 -19.76
N GLU B 599 20.79 110.73 -20.59
CA GLU B 599 21.80 111.77 -20.78
C GLU B 599 22.19 112.41 -19.45
N ALA B 600 21.20 112.65 -18.58
CA ALA B 600 21.51 113.25 -17.29
C ALA B 600 22.51 112.39 -16.52
N PHE B 601 22.33 111.08 -16.59
CA PHE B 601 23.20 110.17 -15.86
C PHE B 601 24.60 110.12 -16.42
N VAL B 602 24.92 110.99 -17.39
CA VAL B 602 26.31 111.19 -17.75
C VAL B 602 27.09 111.77 -16.57
N ASN B 603 26.39 112.41 -15.62
CA ASN B 603 27.07 113.08 -14.52
C ASN B 603 26.65 112.57 -13.14
N GLU B 604 25.92 111.46 -13.06
CA GLU B 604 25.44 110.99 -11.77
C GLU B 604 26.52 110.16 -11.08
N PRO B 605 26.94 110.53 -9.87
CA PRO B 605 27.92 109.69 -9.16
C PRO B 605 27.29 108.75 -8.14
N ASN B 606 25.99 108.92 -7.89
CA ASN B 606 25.35 108.21 -6.78
C ASN B 606 25.25 106.72 -7.07
N TYR B 607 25.62 105.90 -6.07
CA TYR B 607 25.65 104.46 -6.28
C TYR B 607 24.26 103.87 -6.45
N THR B 608 23.31 104.28 -5.61
CA THR B 608 21.97 103.71 -5.67
C THR B 608 21.30 104.03 -7.00
N VAL B 609 21.54 105.22 -7.53
CA VAL B 609 21.06 105.56 -8.86
C VAL B 609 21.60 104.58 -9.88
N TRP B 610 22.89 104.26 -9.79
CA TRP B 610 23.45 103.30 -10.73
C TRP B 610 22.88 101.91 -10.51
N SER B 611 22.60 101.54 -9.27
CA SER B 611 22.08 100.20 -9.00
C SER B 611 20.69 100.02 -9.60
N ASP B 612 19.77 100.95 -9.33
CA ASP B 612 18.44 100.76 -9.88
C ASP B 612 18.40 101.06 -11.38
N LEU B 613 19.32 101.91 -11.87
CA LEU B 613 19.44 102.09 -13.31
C LEU B 613 19.91 100.80 -13.99
N SER B 614 20.88 100.11 -13.38
CA SER B 614 21.34 98.85 -13.93
C SER B 614 20.23 97.81 -13.90
N CYS B 615 19.46 97.77 -12.82
CA CYS B 615 18.31 96.88 -12.77
C CYS B 615 17.36 97.16 -13.92
N ASN B 616 16.99 98.43 -14.10
CA ASN B 616 16.05 98.80 -15.16
C ASN B 616 16.60 98.45 -16.54
N LEU B 617 17.87 98.79 -16.80
CA LEU B 617 18.43 98.58 -18.12
C LEU B 617 18.66 97.10 -18.41
N GLY B 618 19.00 96.31 -17.40
CA GLY B 618 19.05 94.88 -17.59
C GLY B 618 17.67 94.30 -17.87
N ILE B 619 16.64 94.84 -17.22
CA ILE B 619 15.27 94.43 -17.52
C ILE B 619 14.96 94.72 -18.98
N LEU B 620 15.32 95.91 -19.46
CA LEU B 620 15.13 96.23 -20.87
C LEU B 620 15.89 95.27 -21.78
N SER B 621 17.17 95.03 -21.48
CA SER B 621 18.00 94.21 -22.34
C SER B 621 17.46 92.79 -22.45
N THR B 622 17.13 92.18 -21.30
CA THR B 622 16.54 90.86 -21.32
C THR B 622 15.18 90.87 -22.01
N LEU B 623 14.44 91.96 -21.86
CA LEU B 623 13.10 92.08 -22.42
C LEU B 623 13.10 92.27 -23.93
N LEU B 624 14.17 92.85 -24.47
CA LEU B 624 14.28 93.11 -25.90
C LEU B 624 14.84 91.92 -26.66
N SER B 625 14.69 90.72 -26.11
CA SER B 625 15.27 89.52 -26.71
C SER B 625 14.63 89.21 -28.06
N HIS B 626 13.31 89.22 -28.12
CA HIS B 626 12.61 88.70 -29.29
C HIS B 626 12.85 89.55 -30.53
N THR B 627 12.98 90.86 -30.37
CA THR B 627 13.29 91.76 -31.48
C THR B 627 14.78 92.00 -31.66
N ASP B 628 15.62 91.37 -30.83
CA ASP B 628 17.07 91.32 -31.01
C ASP B 628 17.75 92.67 -30.86
N PHE B 629 18.60 93.02 -31.81
CA PHE B 629 19.44 94.22 -31.86
C PHE B 629 20.01 94.58 -30.48
N TYR B 630 20.48 93.56 -29.74
CA TYR B 630 21.11 93.82 -28.46
C TYR B 630 22.32 94.73 -28.61
N GLU B 631 22.98 94.67 -29.77
CA GLU B 631 24.17 95.48 -29.99
C GLU B 631 23.85 96.96 -29.88
N GLU B 632 22.64 97.37 -30.27
CA GLU B 632 22.28 98.78 -30.21
C GLU B 632 22.10 99.26 -28.78
N ILE B 633 21.34 98.51 -27.98
CA ILE B 633 21.14 98.89 -26.58
C ILE B 633 22.43 98.75 -25.80
N GLN B 634 23.24 97.73 -26.10
CA GLN B 634 24.54 97.60 -25.45
C GLN B 634 25.46 98.76 -25.81
N GLU B 635 25.42 99.20 -27.07
CA GLU B 635 26.17 100.38 -27.47
C GLU B 635 25.70 101.62 -26.72
N PHE B 636 24.39 101.75 -26.54
CA PHE B 636 23.86 102.87 -25.77
C PHE B 636 24.34 102.81 -24.32
N VAL B 637 24.37 101.60 -23.75
CA VAL B 637 24.89 101.41 -22.39
C VAL B 637 26.36 101.83 -22.34
N LYS B 638 27.13 101.47 -23.36
CA LYS B 638 28.54 101.90 -23.42
C LYS B 638 28.64 103.41 -23.47
N ASP B 639 27.78 104.06 -24.27
CA ASP B 639 27.78 105.52 -24.32
C ASP B 639 27.49 106.11 -22.96
N VAL B 640 26.53 105.54 -22.24
CA VAL B 640 26.21 106.01 -20.89
C VAL B 640 27.39 105.82 -19.95
N PHE B 641 28.03 104.67 -20.02
CA PHE B 641 29.06 104.27 -19.06
C PHE B 641 30.46 104.77 -19.41
N SER B 642 30.63 105.41 -20.57
CA SER B 642 31.95 105.94 -20.91
C SER B 642 32.48 106.90 -19.84
N PRO B 643 31.82 108.01 -19.52
CA PRO B 643 32.37 108.90 -18.48
C PRO B 643 32.49 108.23 -17.13
N ILE B 644 31.57 107.33 -16.79
CA ILE B 644 31.61 106.69 -15.48
C ILE B 644 32.78 105.72 -15.41
N GLY B 645 32.97 104.92 -16.46
CA GLY B 645 34.10 104.02 -16.49
C GLY B 645 35.43 104.75 -16.52
N GLU B 646 35.46 105.93 -17.16
CA GLU B 646 36.68 106.73 -17.16
C GLU B 646 36.95 107.31 -15.77
N ARG B 647 35.93 107.91 -15.15
CA ARG B 647 36.11 108.52 -13.84
C ARG B 647 36.50 107.48 -12.80
N LEU B 648 35.86 106.32 -12.82
CA LEU B 648 36.22 105.26 -11.90
C LEU B 648 37.47 104.52 -12.38
N GLY B 649 37.87 104.71 -13.63
CA GLY B 649 38.95 103.92 -14.18
C GLY B 649 38.56 102.45 -14.27
N TRP B 650 39.58 101.59 -14.25
CA TRP B 650 39.35 100.16 -14.16
C TRP B 650 39.87 99.60 -12.85
N ASP B 651 41.14 99.87 -12.53
CA ASP B 651 41.76 99.40 -11.29
C ASP B 651 41.17 100.14 -10.10
N PRO B 652 41.34 99.60 -8.90
CA PRO B 652 40.95 100.35 -7.70
C PRO B 652 41.62 101.71 -7.66
N LYS B 653 40.85 102.72 -7.29
CA LYS B 653 41.31 104.09 -7.32
C LYS B 653 41.42 104.65 -5.91
N PRO B 654 42.44 105.47 -5.63
CA PRO B 654 42.56 106.06 -4.28
C PRO B 654 41.34 106.91 -3.95
N GLY B 655 40.98 106.89 -2.67
CA GLY B 655 39.79 107.59 -2.20
C GLY B 655 38.49 106.87 -2.45
N GLU B 656 38.54 105.58 -2.82
CA GLU B 656 37.35 104.80 -3.10
C GLU B 656 36.81 104.20 -1.80
N GLY B 657 35.54 104.44 -1.52
CA GLY B 657 34.86 103.83 -0.39
C GLY B 657 34.28 102.48 -0.77
N HIS B 658 33.61 101.87 0.21
CA HIS B 658 32.91 100.62 -0.05
C HIS B 658 31.78 100.84 -1.05
N LEU B 659 31.11 101.98 -0.97
CA LEU B 659 30.16 102.35 -2.00
C LEU B 659 30.84 102.45 -3.35
N ASP B 660 32.05 102.99 -3.38
CA ASP B 660 32.81 103.05 -4.63
C ASP B 660 33.21 101.64 -5.09
N ALA B 661 33.42 100.71 -4.15
CA ALA B 661 33.67 99.33 -4.54
C ALA B 661 32.45 98.71 -5.21
N LEU B 662 31.26 98.97 -4.65
CA LEU B 662 30.06 98.51 -5.32
C LEU B 662 29.90 99.19 -6.68
N LEU B 663 30.28 100.46 -6.77
CA LEU B 663 30.28 101.18 -8.04
C LEU B 663 31.15 100.48 -9.06
N ARG B 664 32.39 100.15 -8.69
CA ARG B 664 33.30 99.52 -9.64
C ARG B 664 32.78 98.15 -10.05
N GLY B 665 32.24 97.39 -9.09
CA GLY B 665 31.69 96.10 -9.43
C GLY B 665 30.57 96.19 -10.44
N LEU B 666 29.61 97.07 -10.17
CA LEU B 666 28.46 97.21 -11.08
C LEU B 666 28.89 97.73 -12.43
N VAL B 667 29.76 98.73 -12.46
CA VAL B 667 30.16 99.32 -13.73
C VAL B 667 30.93 98.31 -14.57
N LEU B 668 31.82 97.54 -13.94
CA LEU B 668 32.56 96.53 -14.68
C LEU B 668 31.63 95.44 -15.19
N GLY B 669 30.72 94.96 -14.34
CA GLY B 669 29.81 93.91 -14.77
C GLY B 669 28.93 94.33 -15.92
N LYS B 670 28.34 95.53 -15.82
CA LYS B 670 27.46 96.00 -16.87
C LYS B 670 28.21 96.39 -18.14
N LEU B 671 29.45 96.89 -18.01
CA LEU B 671 30.26 97.14 -19.19
C LEU B 671 30.60 95.85 -19.92
N GLY B 672 30.87 94.78 -19.17
CA GLY B 672 31.05 93.48 -19.80
C GLY B 672 29.77 92.96 -20.44
N LYS B 673 28.63 93.20 -19.79
CA LYS B 673 27.35 92.86 -20.39
C LYS B 673 27.17 93.58 -21.73
N ALA B 674 27.56 94.85 -21.78
CA ALA B 674 27.56 95.57 -23.06
C ALA B 674 28.54 94.95 -24.04
N GLY B 675 29.71 94.53 -23.55
CA GLY B 675 30.67 93.83 -24.38
C GLY B 675 31.70 94.74 -25.02
N HIS B 676 32.22 95.70 -24.26
CA HIS B 676 33.26 96.58 -24.78
C HIS B 676 34.53 95.77 -25.06
N LYS B 677 35.14 96.04 -26.22
CA LYS B 677 36.28 95.24 -26.65
C LYS B 677 37.48 95.40 -25.71
N ALA B 678 37.87 96.65 -25.43
CA ALA B 678 39.01 96.88 -24.56
C ALA B 678 38.74 96.41 -23.14
N THR B 679 37.53 96.67 -22.64
CA THR B 679 37.16 96.20 -21.31
C THR B 679 37.20 94.69 -21.23
N LEU B 680 36.68 94.02 -22.26
CA LEU B 680 36.71 92.55 -22.28
C LEU B 680 38.14 92.04 -22.32
N GLU B 681 38.99 92.67 -23.12
CA GLU B 681 40.38 92.23 -23.20
C GLU B 681 41.10 92.40 -21.86
N GLU B 682 40.89 93.54 -21.20
CA GLU B 682 41.51 93.73 -19.89
C GLU B 682 40.96 92.75 -18.86
N ALA B 683 39.66 92.48 -18.91
CA ALA B 683 39.08 91.50 -18.00
C ALA B 683 39.69 90.12 -18.22
N ARG B 684 39.90 89.74 -19.48
CA ARG B 684 40.58 88.49 -19.77
C ARG B 684 42.01 88.50 -19.25
N ARG B 685 42.68 89.65 -19.37
CA ARG B 685 44.02 89.78 -18.81
C ARG B 685 44.03 89.47 -17.32
N ARG B 686 43.14 90.10 -16.56
CA ARG B 686 43.13 89.87 -15.12
C ARG B 686 42.65 88.47 -14.79
N PHE B 687 41.78 87.90 -15.62
CA PHE B 687 41.39 86.50 -15.46
C PHE B 687 42.61 85.59 -15.55
N LYS B 688 43.43 85.80 -16.58
CA LYS B 688 44.65 85.01 -16.71
C LYS B 688 45.58 85.24 -15.53
N ASP B 689 45.73 86.49 -15.11
CA ASP B 689 46.63 86.79 -14.00
C ASP B 689 46.18 86.10 -12.72
N HIS B 690 44.86 86.06 -12.49
CA HIS B 690 44.34 85.42 -11.28
C HIS B 690 44.47 83.91 -11.34
N VAL B 691 44.12 83.31 -12.48
CA VAL B 691 44.18 81.85 -12.57
C VAL B 691 45.62 81.36 -12.52
N GLU B 692 46.56 82.14 -13.08
CA GLU B 692 47.97 81.82 -12.94
C GLU B 692 48.47 82.08 -11.51
N GLY B 693 47.77 82.92 -10.76
CA GLY B 693 48.21 83.30 -9.43
C GLY B 693 49.26 84.37 -9.39
N LYS B 694 49.72 84.87 -10.55
CA LYS B 694 50.73 85.91 -10.56
C LYS B 694 50.19 87.20 -9.96
N GLN B 695 48.94 87.56 -10.29
CA GLN B 695 48.28 88.68 -9.63
C GLN B 695 46.82 88.28 -9.43
N ILE B 696 46.40 88.15 -8.17
CA ILE B 696 45.03 87.85 -7.81
C ILE B 696 44.42 89.10 -7.19
N LEU B 697 43.33 89.57 -7.77
CA LEU B 697 42.72 90.82 -7.36
C LEU B 697 41.61 90.57 -6.34
N SER B 698 40.94 91.64 -5.92
CA SER B 698 39.86 91.53 -4.97
C SER B 698 38.70 90.73 -5.54
N ALA B 699 38.04 89.96 -4.68
CA ALA B 699 36.88 89.19 -5.11
C ALA B 699 35.76 90.10 -5.60
N ASP B 700 35.64 91.30 -5.01
CA ASP B 700 34.60 92.23 -5.40
C ASP B 700 34.71 92.60 -6.87
N LEU B 701 35.92 92.83 -7.35
CA LEU B 701 36.13 92.99 -8.79
C LEU B 701 36.11 91.64 -9.49
N ARG B 702 36.55 90.59 -8.81
CA ARG B 702 36.79 89.31 -9.47
C ARG B 702 35.51 88.70 -10.02
N SER B 703 34.44 88.68 -9.23
CA SER B 703 33.20 88.06 -9.70
C SER B 703 32.65 88.75 -10.94
N PRO B 704 32.51 90.08 -10.98
CA PRO B 704 32.11 90.72 -12.25
C PRO B 704 33.11 90.46 -13.37
N VAL B 705 34.40 90.31 -13.05
CA VAL B 705 35.37 89.94 -14.08
C VAL B 705 35.03 88.56 -14.64
N TYR B 706 34.62 87.63 -13.78
CA TYR B 706 34.17 86.33 -14.27
C TYR B 706 32.97 86.49 -15.19
N LEU B 707 31.99 87.31 -14.79
CA LEU B 707 30.82 87.52 -15.63
C LEU B 707 31.22 88.06 -17.00
N THR B 708 32.11 89.06 -17.01
CA THR B 708 32.52 89.67 -18.27
C THR B 708 33.28 88.69 -19.15
N VAL B 709 34.22 87.93 -18.58
CA VAL B 709 35.02 87.03 -19.39
C VAL B 709 34.17 85.90 -19.95
N LEU B 710 33.20 85.41 -19.17
CA LEU B 710 32.33 84.37 -19.70
C LEU B 710 31.24 84.92 -20.61
N LYS B 711 30.98 86.23 -20.57
CA LYS B 711 30.05 86.81 -21.53
C LYS B 711 30.52 86.61 -22.96
N HIS B 712 31.82 86.50 -23.16
CA HIS B 712 32.41 86.24 -24.48
C HIS B 712 33.52 85.20 -24.37
N GLY B 713 33.28 84.18 -23.54
CA GLY B 713 34.26 83.15 -23.28
C GLY B 713 33.81 81.80 -23.79
N ASP B 714 34.80 80.92 -24.00
CA ASP B 714 34.56 79.58 -24.49
C ASP B 714 34.38 78.61 -23.32
N GLY B 715 34.37 77.31 -23.62
CA GLY B 715 34.19 76.30 -22.59
C GLY B 715 35.38 76.11 -21.69
N THR B 716 36.59 76.41 -22.16
CA THR B 716 37.76 76.24 -21.32
C THR B 716 37.71 77.17 -20.11
N THR B 717 37.30 78.41 -20.32
CA THR B 717 37.11 79.33 -19.20
C THR B 717 36.03 78.81 -18.25
N LEU B 718 35.00 78.16 -18.79
CA LEU B 718 33.96 77.59 -17.96
C LEU B 718 34.52 76.47 -17.07
N ASP B 719 35.35 75.59 -17.64
CA ASP B 719 35.97 74.55 -16.84
C ASP B 719 36.91 75.13 -15.79
N ILE B 720 37.65 76.19 -16.16
CA ILE B 720 38.52 76.85 -15.20
C ILE B 720 37.69 77.44 -14.07
N MET B 721 36.53 78.00 -14.40
CA MET B 721 35.63 78.54 -13.38
C MET B 721 35.15 77.45 -12.43
N LEU B 722 34.77 76.29 -12.97
CA LEU B 722 34.36 75.19 -12.11
C LEU B 722 35.50 74.76 -11.21
N LYS B 723 36.70 74.65 -11.77
CA LYS B 723 37.88 74.33 -10.97
C LYS B 723 38.07 75.32 -9.82
N LEU B 724 38.08 76.62 -10.16
CA LEU B 724 38.28 77.64 -9.15
C LEU B 724 37.21 77.59 -8.08
N HIS B 725 35.98 77.24 -8.47
CA HIS B 725 34.94 77.01 -7.47
C HIS B 725 35.30 75.84 -6.56
N LYS B 726 35.91 74.79 -7.13
CA LYS B 726 36.29 73.63 -6.34
C LYS B 726 37.33 73.99 -5.27
N GLN B 727 38.44 74.64 -5.65
CA GLN B 727 39.37 75.01 -4.58
C GLN B 727 38.84 76.14 -3.71
N ALA B 728 37.95 76.98 -4.24
CA ALA B 728 37.38 78.03 -3.41
C ALA B 728 36.59 77.42 -2.25
N ASP B 729 36.73 78.02 -1.07
CA ASP B 729 36.08 77.54 0.13
C ASP B 729 35.02 78.47 0.67
N MET B 730 35.11 79.77 0.39
CA MET B 730 34.18 80.73 0.95
C MET B 730 32.83 80.57 0.28
N GLN B 731 31.78 80.37 1.09
CA GLN B 731 30.50 79.93 0.53
C GLN B 731 29.89 80.96 -0.41
N GLU B 732 29.81 82.23 0.02
CA GLU B 732 29.18 83.22 -0.84
C GLU B 732 30.06 83.57 -2.03
N GLU B 733 31.39 83.42 -1.89
CA GLU B 733 32.26 83.60 -3.05
C GLU B 733 31.96 82.55 -4.11
N LYS B 734 31.79 81.30 -3.70
CA LYS B 734 31.43 80.24 -4.63
C LYS B 734 30.05 80.50 -5.24
N ASN B 735 29.12 81.00 -4.42
CA ASN B 735 27.78 81.31 -4.92
C ASN B 735 27.84 82.40 -5.99
N ARG B 736 28.64 83.43 -5.75
CA ARG B 736 28.85 84.49 -6.74
C ARG B 736 29.46 83.91 -8.00
N ILE B 737 30.45 83.03 -7.85
CA ILE B 737 31.10 82.42 -9.01
C ILE B 737 30.09 81.64 -9.83
N GLU B 738 29.24 80.86 -9.16
CA GLU B 738 28.24 80.08 -9.87
C GLU B 738 27.23 80.96 -10.59
N ARG B 739 26.73 81.98 -9.91
CA ARG B 739 25.72 82.84 -10.54
C ARG B 739 26.30 83.64 -11.69
N VAL B 740 27.58 84.00 -11.63
CA VAL B 740 28.16 84.73 -12.76
C VAL B 740 28.57 83.78 -13.88
N LEU B 741 28.90 82.52 -13.56
CA LEU B 741 29.19 81.57 -14.63
C LEU B 741 27.90 81.06 -15.27
N GLY B 742 26.75 81.34 -14.67
CA GLY B 742 25.51 81.11 -15.38
C GLY B 742 25.29 82.02 -16.57
N ALA B 743 26.16 83.01 -16.77
CA ALA B 743 25.98 84.04 -17.79
C ALA B 743 26.71 83.72 -19.10
N THR B 744 26.97 82.45 -19.39
CA THR B 744 27.50 82.09 -20.70
C THR B 744 26.40 82.19 -21.76
N LEU B 745 26.81 82.34 -23.01
CA LEU B 745 25.88 82.64 -24.09
C LEU B 745 25.83 81.59 -25.19
N LEU B 746 26.93 80.89 -25.46
CA LEU B 746 26.97 79.92 -26.55
C LEU B 746 25.96 78.80 -26.29
N PRO B 747 25.13 78.42 -27.28
CA PRO B 747 24.08 77.42 -27.00
C PRO B 747 24.60 76.09 -26.46
N ASP B 748 25.69 75.57 -27.02
CA ASP B 748 26.29 74.38 -26.45
C ASP B 748 26.79 74.66 -25.04
N LEU B 749 27.36 75.84 -24.82
CA LEU B 749 27.81 76.22 -23.50
C LEU B 749 26.65 76.35 -22.52
N ILE B 750 25.51 76.87 -22.97
CA ILE B 750 24.39 77.04 -22.06
C ILE B 750 23.79 75.68 -21.70
N GLN B 751 23.71 74.76 -22.66
CA GLN B 751 23.27 73.40 -22.33
C GLN B 751 24.24 72.74 -21.35
N LYS B 752 25.54 72.91 -21.59
CA LYS B 752 26.53 72.33 -20.70
C LYS B 752 26.44 72.94 -19.30
N VAL B 753 26.19 74.25 -19.20
CA VAL B 753 26.15 74.86 -17.89
C VAL B 753 24.83 74.53 -17.20
N LEU B 754 23.79 74.20 -17.98
CA LEU B 754 22.59 73.65 -17.36
C LEU B 754 22.88 72.30 -16.72
N THR B 755 23.53 71.41 -17.46
CA THR B 755 23.89 70.12 -16.87
C THR B 755 24.88 70.29 -15.73
N PHE B 756 25.71 71.33 -15.78
CA PHE B 756 26.63 71.62 -14.69
C PHE B 756 25.93 72.30 -13.53
N ALA B 757 24.77 72.91 -13.77
CA ALA B 757 23.94 73.40 -12.68
C ALA B 757 23.30 72.22 -11.96
N LEU B 758 22.96 71.18 -12.71
CA LEU B 758 22.67 69.90 -12.06
C LEU B 758 23.87 69.42 -11.25
N SER B 759 25.07 69.71 -11.73
CA SER B 759 26.27 69.34 -10.98
C SER B 759 26.53 70.28 -9.80
N GLU B 760 26.14 71.55 -9.94
CA GLU B 760 26.40 72.57 -8.92
C GLU B 760 25.32 72.60 -7.84
N GLU B 761 24.60 71.49 -7.65
CA GLU B 761 23.68 71.34 -6.54
C GLU B 761 24.40 71.15 -5.22
N VAL B 762 25.72 71.30 -5.19
CA VAL B 762 26.51 71.08 -3.98
C VAL B 762 26.12 72.09 -2.90
N ARG B 763 25.91 73.34 -3.30
CA ARG B 763 25.56 74.38 -2.35
C ARG B 763 24.22 74.05 -1.67
N PRO B 764 24.17 74.04 -0.34
CA PRO B 764 22.92 73.63 0.34
C PRO B 764 21.81 74.65 0.16
N GLN B 765 20.82 74.29 -0.65
CA GLN B 765 19.64 75.13 -0.92
C GLN B 765 20.02 76.44 -1.59
N ASP B 766 21.30 76.62 -1.91
CA ASP B 766 21.73 77.72 -2.76
C ASP B 766 21.68 77.32 -4.24
N THR B 767 21.38 76.06 -4.51
CA THR B 767 21.17 75.61 -5.89
C THR B 767 20.12 76.46 -6.57
N VAL B 768 19.14 76.95 -5.81
CA VAL B 768 18.10 77.81 -6.38
C VAL B 768 18.72 79.09 -6.93
N SER B 769 19.63 79.70 -6.18
CA SER B 769 20.27 80.92 -6.66
C SER B 769 21.19 80.63 -7.83
N VAL B 770 21.88 79.48 -7.79
CA VAL B 770 22.75 79.11 -8.91
C VAL B 770 21.94 78.97 -10.19
N ILE B 771 20.81 78.28 -10.12
CA ILE B 771 20.01 78.05 -11.31
C ILE B 771 19.26 79.31 -11.71
N GLY B 772 18.95 80.19 -10.76
CA GLY B 772 18.44 81.50 -11.12
C GLY B 772 19.46 82.29 -11.91
N GLY B 773 20.73 82.22 -11.50
CA GLY B 773 21.78 82.87 -12.27
C GLY B 773 21.91 82.30 -13.67
N VAL B 774 21.86 80.96 -13.79
CA VAL B 774 22.00 80.37 -15.12
C VAL B 774 20.79 80.72 -15.99
N ALA B 775 19.60 80.81 -15.38
CA ALA B 775 18.41 81.22 -16.13
C ALA B 775 18.54 82.68 -16.60
N GLY B 776 19.05 83.54 -15.74
CA GLY B 776 19.24 84.94 -16.10
C GLY B 776 20.47 85.22 -16.93
N GLY B 777 21.27 84.20 -17.22
CA GLY B 777 22.48 84.40 -17.98
C GLY B 777 22.23 84.93 -19.38
N SER B 778 21.27 84.32 -20.08
CA SER B 778 20.98 84.68 -21.47
C SER B 778 19.50 85.04 -21.56
N LYS B 779 19.08 85.47 -22.75
CA LYS B 779 17.68 85.84 -22.98
C LYS B 779 16.95 84.73 -23.73
N HIS B 780 17.40 84.36 -24.93
CA HIS B 780 16.90 83.14 -25.55
C HIS B 780 17.41 81.92 -24.80
N GLY B 781 18.64 82.00 -24.27
CA GLY B 781 19.12 80.99 -23.36
C GLY B 781 18.28 80.88 -22.11
N ARG B 782 17.63 81.98 -21.71
CA ARG B 782 16.66 81.90 -20.62
C ARG B 782 15.48 81.00 -20.99
N LYS B 783 14.99 81.12 -22.22
CA LYS B 783 13.91 80.25 -22.67
C LYS B 783 14.38 78.80 -22.77
N ALA B 784 15.61 78.60 -23.24
CA ALA B 784 16.17 77.25 -23.27
C ALA B 784 16.29 76.67 -21.86
N ALA B 785 16.71 77.49 -20.89
CA ALA B 785 16.78 77.03 -19.51
C ALA B 785 15.39 76.79 -18.94
N TRP B 786 14.39 77.54 -19.40
CA TRP B 786 13.01 77.29 -18.97
C TRP B 786 12.55 75.93 -19.46
N LYS B 787 12.86 75.60 -20.72
CA LYS B 787 12.58 74.25 -21.21
C LYS B 787 13.35 73.21 -20.42
N PHE B 788 14.59 73.54 -20.06
CA PHE B 788 15.43 72.62 -19.28
C PHE B 788 14.82 72.32 -17.92
N ILE B 789 14.37 73.36 -17.22
CA ILE B 789 13.74 73.17 -15.92
C ILE B 789 12.33 72.60 -16.05
N LYS B 790 11.71 72.74 -17.22
CA LYS B 790 10.54 71.92 -17.52
C LYS B 790 10.90 70.46 -17.51
N ASP B 791 12.03 70.11 -18.15
CA ASP B 791 12.54 68.75 -18.11
C ASP B 791 13.02 68.34 -16.74
N ASN B 792 13.22 69.29 -15.81
CA ASN B 792 13.69 68.99 -14.46
C ASN B 792 12.74 69.55 -13.42
N TRP B 793 11.45 69.61 -13.73
CA TRP B 793 10.48 70.14 -12.78
C TRP B 793 10.45 69.31 -11.51
N GLU B 794 10.45 67.98 -11.65
CA GLU B 794 10.39 67.11 -10.48
C GLU B 794 11.63 67.24 -9.62
N GLU B 795 12.81 67.39 -10.26
CA GLU B 795 14.03 67.58 -9.48
C GLU B 795 13.97 68.86 -8.66
N LEU B 796 13.50 69.95 -9.27
CA LEU B 796 13.39 71.22 -8.54
C LEU B 796 12.39 71.10 -7.39
N TYR B 797 11.26 70.41 -7.63
CA TYR B 797 10.26 70.31 -6.57
C TYR B 797 10.67 69.37 -5.47
N ASN B 798 11.48 68.35 -5.78
CA ASN B 798 12.02 67.49 -4.74
C ASN B 798 13.19 68.12 -4.02
N ARG B 799 13.82 69.14 -4.61
CA ARG B 799 14.81 69.93 -3.89
C ARG B 799 14.19 71.03 -3.04
N TYR B 800 12.99 71.49 -3.41
CA TYR B 800 12.29 72.55 -2.67
C TYR B 800 10.80 72.24 -2.71
N GLN B 801 10.22 71.95 -1.55
CA GLN B 801 8.83 71.53 -1.48
C GLN B 801 7.97 72.73 -1.09
N GLY B 802 7.60 73.52 -2.08
CA GLY B 802 6.72 74.64 -1.86
C GLY B 802 7.27 75.72 -0.95
N GLY B 803 8.53 76.10 -1.16
CA GLY B 803 9.15 77.16 -0.38
C GLY B 803 9.23 78.48 -1.14
N PHE B 804 9.67 79.50 -0.42
CA PHE B 804 9.90 80.80 -1.05
C PHE B 804 11.05 80.75 -2.03
N LEU B 805 11.98 79.82 -1.84
CA LEU B 805 13.11 79.68 -2.77
C LEU B 805 12.62 79.32 -4.16
N ILE B 806 11.68 78.37 -4.25
CA ILE B 806 11.22 77.95 -5.57
C ILE B 806 10.37 79.02 -6.23
N SER B 807 9.61 79.80 -5.45
CA SER B 807 8.88 80.92 -6.03
C SER B 807 9.82 81.97 -6.56
N ARG B 808 10.89 82.27 -5.82
CA ARG B 808 11.90 83.19 -6.33
C ARG B 808 12.54 82.64 -7.60
N LEU B 809 12.80 81.33 -7.62
CA LEU B 809 13.37 80.69 -8.80
C LEU B 809 12.48 80.88 -10.02
N ILE B 810 11.19 80.55 -9.89
CA ILE B 810 10.31 80.61 -11.05
C ILE B 810 10.10 82.06 -11.48
N LYS B 811 10.01 82.98 -10.51
CA LYS B 811 9.87 84.39 -10.85
C LYS B 811 11.09 84.88 -11.62
N LEU B 812 12.29 84.49 -11.19
CA LEU B 812 13.50 84.85 -11.92
C LEU B 812 13.51 84.24 -13.31
N SER B 813 13.09 82.98 -13.43
CA SER B 813 13.17 82.29 -14.70
C SER B 813 12.23 82.89 -15.73
N VAL B 814 11.01 83.25 -15.33
CA VAL B 814 10.00 83.69 -16.29
C VAL B 814 9.90 85.21 -16.39
N GLU B 815 10.73 85.95 -15.66
CA GLU B 815 10.60 87.40 -15.65
C GLU B 815 10.97 88.01 -17.01
N GLY B 816 11.81 87.34 -17.78
CA GLY B 816 12.29 87.86 -19.04
C GLY B 816 11.43 87.56 -20.25
N PHE B 817 10.24 87.02 -20.06
CA PHE B 817 9.41 86.58 -21.17
C PHE B 817 8.40 87.66 -21.55
N ALA B 818 8.25 87.89 -22.85
CA ALA B 818 7.34 88.90 -23.37
C ALA B 818 6.61 88.39 -24.61
N VAL B 819 6.13 87.15 -24.56
CA VAL B 819 5.33 86.58 -25.64
C VAL B 819 4.08 85.96 -25.04
N ASP B 820 2.91 86.34 -25.57
CA ASP B 820 1.65 85.87 -25.01
C ASP B 820 1.46 84.37 -25.23
N LYS B 821 1.89 83.86 -26.37
CA LYS B 821 1.68 82.44 -26.68
C LYS B 821 2.39 81.55 -25.68
N MET B 822 3.69 81.76 -25.48
CA MET B 822 4.37 80.94 -24.50
C MET B 822 4.07 81.39 -23.07
N ALA B 823 3.49 82.58 -22.89
CA ALA B 823 2.92 82.93 -21.60
C ALA B 823 1.77 81.99 -21.24
N GLY B 824 0.86 81.78 -22.19
CA GLY B 824 -0.18 80.78 -21.99
C GLY B 824 0.38 79.38 -21.86
N GLU B 825 1.46 79.09 -22.60
CA GLU B 825 2.11 77.80 -22.47
C GLU B 825 2.61 77.55 -21.05
N VAL B 826 3.36 78.50 -20.50
CA VAL B 826 3.87 78.34 -19.14
C VAL B 826 2.72 78.37 -18.14
N LYS B 827 1.65 79.11 -18.43
CA LYS B 827 0.47 79.10 -17.57
C LYS B 827 -0.14 77.71 -17.50
N ALA B 828 -0.28 77.04 -18.64
CA ALA B 828 -0.78 75.66 -18.65
C ALA B 828 0.20 74.73 -17.94
N PHE B 829 1.50 74.97 -18.11
CA PHE B 829 2.51 74.18 -17.40
C PHE B 829 2.31 74.28 -15.89
N PHE B 830 2.07 75.50 -15.39
CA PHE B 830 1.85 75.67 -13.96
C PHE B 830 0.50 75.10 -13.54
N GLU B 831 -0.50 75.15 -14.42
CA GLU B 831 -1.78 74.53 -14.11
C GLU B 831 -1.63 73.02 -13.92
N SER B 832 -0.88 72.37 -14.80
CA SER B 832 -0.61 70.94 -14.64
C SER B 832 0.34 70.66 -13.49
N HIS B 833 0.97 71.69 -12.92
CA HIS B 833 1.97 71.54 -11.86
C HIS B 833 1.62 72.47 -10.71
N PRO B 834 0.61 72.11 -9.91
CA PRO B 834 0.16 73.01 -8.83
C PRO B 834 1.24 73.19 -7.77
N ALA B 835 1.54 74.44 -7.47
CA ALA B 835 2.44 74.83 -6.38
C ALA B 835 1.73 75.88 -5.54
N PRO B 836 0.87 75.44 -4.60
CA PRO B 836 -0.02 76.41 -3.92
C PRO B 836 0.72 77.52 -3.19
N SER B 837 1.83 77.21 -2.53
CA SER B 837 2.54 78.23 -1.74
C SER B 837 3.02 79.36 -2.63
N ALA B 838 3.56 79.04 -3.78
CA ALA B 838 3.98 80.04 -4.76
C ALA B 838 2.85 80.48 -5.67
N GLU B 839 1.65 79.90 -5.49
CA GLU B 839 0.61 80.00 -6.51
C GLU B 839 0.35 81.44 -6.92
N ARG B 840 0.10 82.31 -5.93
CA ARG B 840 -0.12 83.72 -6.22
C ARG B 840 0.98 84.28 -7.11
N THR B 841 2.22 84.18 -6.64
CA THR B 841 3.35 84.69 -7.41
C THR B 841 3.31 84.17 -8.83
N ILE B 842 2.94 82.90 -8.98
CA ILE B 842 2.85 82.29 -10.31
C ILE B 842 2.03 83.17 -11.24
N GLN B 843 0.75 83.39 -10.92
CA GLN B 843 -0.06 84.15 -11.86
C GLN B 843 0.46 85.57 -11.97
N GLN B 844 0.99 86.11 -10.86
CA GLN B 844 1.66 87.40 -10.90
C GLN B 844 2.63 87.44 -12.06
N CYS B 845 3.61 86.53 -12.04
CA CYS B 845 4.59 86.48 -13.11
C CYS B 845 3.92 86.39 -14.46
N CYS B 846 2.91 85.52 -14.57
CA CYS B 846 2.21 85.35 -15.83
C CYS B 846 1.70 86.69 -16.34
N GLU B 847 0.98 87.43 -15.49
CA GLU B 847 0.46 88.71 -15.92
C GLU B 847 1.60 89.64 -16.31
N ASN B 848 2.66 89.64 -15.50
CA ASN B 848 3.83 90.44 -15.83
C ASN B 848 4.28 90.15 -17.25
N ILE B 849 4.42 88.86 -17.57
CA ILE B 849 4.87 88.48 -18.91
C ILE B 849 3.96 89.09 -19.96
N LEU B 850 2.65 88.96 -19.76
CA LEU B 850 1.70 89.55 -20.71
C LEU B 850 1.97 91.03 -20.87
N LEU B 851 2.07 91.75 -19.74
CA LEU B 851 2.38 93.17 -19.80
C LEU B 851 3.64 93.40 -20.61
N ASN B 852 4.67 92.61 -20.32
CA ASN B 852 5.93 92.71 -21.07
C ASN B 852 5.65 92.64 -22.56
N ALA B 853 4.92 91.60 -22.98
CA ALA B 853 4.59 91.45 -24.39
C ALA B 853 3.95 92.72 -24.92
N ALA B 854 2.91 93.19 -24.23
CA ALA B 854 2.22 94.41 -24.67
C ALA B 854 3.22 95.55 -24.83
N TRP B 855 4.06 95.72 -23.81
CA TRP B 855 5.01 96.83 -23.84
C TRP B 855 5.92 96.72 -25.07
N LEU B 856 6.37 95.51 -25.38
CA LEU B 856 7.16 95.30 -26.58
C LEU B 856 6.39 95.79 -27.80
N LYS B 857 5.16 95.29 -27.97
CA LYS B 857 4.36 95.66 -29.13
C LYS B 857 4.04 97.14 -29.13
N ARG B 858 4.22 97.82 -27.99
CA ARG B 858 4.00 99.25 -27.96
C ARG B 858 5.12 100.00 -28.67
N ASP B 859 6.38 99.64 -28.40
CA ASP B 859 7.45 100.52 -28.84
C ASP B 859 8.68 99.85 -29.43
N ALA B 860 8.86 98.54 -29.27
CA ALA B 860 10.15 97.91 -29.59
C ALA B 860 10.62 98.27 -30.99
N GLU B 861 9.72 98.14 -31.98
CA GLU B 861 10.08 98.45 -33.35
C GLU B 861 10.55 99.89 -33.48
N SER B 862 9.80 100.84 -32.93
CA SER B 862 10.19 102.24 -32.99
C SER B 862 11.52 102.48 -32.30
N ILE B 863 11.90 101.61 -31.37
CA ILE B 863 13.19 101.74 -30.71
C ILE B 863 14.30 101.72 -31.75
N HIS B 864 14.19 100.84 -32.75
CA HIS B 864 15.16 100.83 -33.83
C HIS B 864 15.34 102.22 -34.41
N GLN B 865 14.21 102.87 -34.74
CA GLN B 865 14.29 104.21 -35.32
C GLN B 865 15.01 105.17 -34.40
N TYR B 866 14.78 105.06 -33.09
CA TYR B 866 15.46 105.94 -32.15
C TYR B 866 16.97 105.74 -32.23
N LEU B 867 17.40 104.49 -32.33
CA LEU B 867 18.83 104.22 -32.51
C LEU B 867 19.34 104.84 -33.80
N LEU B 868 18.51 104.81 -34.85
CA LEU B 868 18.89 105.47 -36.10
C LEU B 868 19.13 106.96 -35.89
N GLN B 869 18.43 107.58 -34.94
CA GLN B 869 18.71 108.95 -34.59
C GLN B 869 19.90 109.08 -33.64
N ARG B 870 20.15 108.06 -32.83
CA ARG B 870 21.26 108.12 -31.88
C ARG B 870 22.59 108.18 -32.61
N LYS B 871 22.82 107.27 -33.55
CA LYS B 871 24.09 107.23 -34.26
C LYS B 871 24.21 108.35 -35.29
N ALA B 872 23.12 109.01 -35.63
CA ALA B 872 23.15 110.10 -36.59
C ALA B 872 23.45 111.43 -35.90
N PHE C 9 -40.36 -3.56 -73.09
CA PHE C 9 -41.82 -3.58 -73.04
C PHE C 9 -42.39 -2.25 -73.53
N GLU C 10 -41.69 -1.16 -73.20
CA GLU C 10 -42.11 0.17 -73.58
C GLU C 10 -41.71 0.54 -75.00
N ARG C 11 -40.86 -0.28 -75.63
CA ARG C 11 -40.27 0.02 -76.95
C ARG C 11 -39.50 1.34 -76.80
N LEU C 12 -39.52 2.21 -77.80
CA LEU C 12 -38.82 3.47 -77.70
C LEU C 12 -39.74 4.61 -78.12
N PRO C 13 -39.53 5.80 -77.55
CA PRO C 13 -40.25 6.98 -78.05
C PRO C 13 -40.00 7.24 -79.52
N ALA C 14 -38.81 6.90 -80.01
CA ALA C 14 -38.47 6.99 -81.43
C ALA C 14 -38.69 8.40 -81.98
N ASP C 15 -38.17 9.38 -81.26
CA ASP C 15 -38.26 10.76 -81.72
C ASP C 15 -37.33 11.03 -82.89
N VAL C 16 -36.26 10.25 -83.03
CA VAL C 16 -35.29 10.41 -84.11
C VAL C 16 -35.10 9.07 -84.80
N SER C 17 -35.22 9.07 -86.12
CA SER C 17 -35.07 7.86 -86.91
C SER C 17 -33.66 7.80 -87.50
N PRO C 18 -32.86 6.79 -87.18
CA PRO C 18 -31.51 6.72 -87.75
C PRO C 18 -31.56 6.52 -89.26
N ILE C 19 -30.52 7.01 -89.92
CA ILE C 19 -30.39 6.86 -91.37
C ILE C 19 -29.11 6.09 -91.68
N ASN C 20 -27.97 6.66 -91.28
CA ASN C 20 -26.67 6.09 -91.59
C ASN C 20 -25.82 6.04 -90.34
N TYR C 21 -24.93 5.05 -90.28
CA TYR C 21 -24.02 4.87 -89.17
C TYR C 21 -22.58 4.94 -89.66
N SER C 22 -21.68 5.45 -88.82
CA SER C 22 -20.25 5.45 -89.06
C SER C 22 -19.60 5.08 -87.73
N LEU C 23 -19.11 3.85 -87.65
CA LEU C 23 -18.66 3.26 -86.39
C LEU C 23 -17.19 2.89 -86.54
N CYS C 24 -16.30 3.78 -86.12
CA CYS C 24 -14.87 3.50 -86.09
C CYS C 24 -14.52 2.72 -84.82
N LEU C 25 -15.07 1.51 -84.75
CA LEU C 25 -14.99 0.72 -83.54
C LEU C 25 -13.60 0.13 -83.36
N LYS C 26 -13.08 0.21 -82.14
CA LYS C 26 -11.72 -0.21 -81.83
C LYS C 26 -11.74 -1.22 -80.69
N PRO C 27 -11.60 -2.51 -80.98
CA PRO C 27 -11.42 -3.48 -79.89
C PRO C 27 -10.00 -3.41 -79.35
N ASP C 28 -9.87 -3.57 -78.03
CA ASP C 28 -8.58 -3.55 -77.36
C ASP C 28 -8.44 -4.88 -76.64
N LEU C 29 -7.75 -5.80 -77.31
CA LEU C 29 -7.43 -7.09 -76.73
C LEU C 29 -6.34 -6.92 -75.67
N LEU C 30 -6.20 -7.97 -74.84
CA LEU C 30 -5.23 -8.04 -73.75
C LEU C 30 -5.63 -7.11 -72.62
N ASP C 31 -6.63 -6.26 -72.88
CA ASP C 31 -7.28 -5.45 -71.88
C ASP C 31 -8.78 -5.67 -71.87
N PHE C 32 -9.32 -6.30 -72.92
CA PHE C 32 -10.73 -6.65 -73.00
C PHE C 32 -11.60 -5.40 -72.98
N THR C 33 -11.15 -4.35 -73.66
CA THR C 33 -11.86 -3.08 -73.65
C THR C 33 -12.22 -2.70 -75.08
N PHE C 34 -12.86 -1.54 -75.23
CA PHE C 34 -13.49 -1.23 -76.51
C PHE C 34 -13.70 0.27 -76.58
N GLU C 35 -13.29 0.88 -77.69
CA GLU C 35 -13.51 2.29 -77.92
C GLU C 35 -14.28 2.47 -79.22
N GLY C 36 -14.75 3.68 -79.47
CA GLY C 36 -15.50 3.92 -80.70
C GLY C 36 -15.90 5.37 -80.82
N LYS C 37 -16.49 5.67 -81.97
CA LYS C 37 -16.90 7.04 -82.31
C LYS C 37 -18.40 7.20 -82.44
N LEU C 38 -19.09 6.25 -83.05
CA LEU C 38 -20.56 6.24 -83.13
C LEU C 38 -21.09 7.56 -83.70
N GLU C 39 -20.76 7.80 -84.96
CA GLU C 39 -21.25 8.99 -85.66
C GLU C 39 -22.46 8.56 -86.51
N ALA C 40 -23.66 8.89 -86.03
CA ALA C 40 -24.88 8.45 -86.67
C ALA C 40 -25.62 9.65 -87.25
N ALA C 41 -25.90 9.59 -88.56
CA ALA C 41 -26.73 10.60 -89.20
C ALA C 41 -28.18 10.13 -89.18
N ALA C 42 -29.06 10.98 -88.67
CA ALA C 42 -30.44 10.60 -88.44
C ALA C 42 -31.35 11.78 -88.75
N GLN C 43 -32.66 11.53 -88.66
CA GLN C 43 -33.69 12.53 -88.92
C GLN C 43 -34.56 12.68 -87.68
N VAL C 44 -34.70 13.92 -87.21
CA VAL C 44 -35.46 14.20 -85.99
C VAL C 44 -36.86 14.60 -86.42
N ARG C 45 -37.74 13.60 -86.53
CA ARG C 45 -39.11 13.90 -86.94
C ARG C 45 -39.89 14.58 -85.83
N GLN C 46 -39.67 14.16 -84.58
CA GLN C 46 -40.36 14.73 -83.43
C GLN C 46 -39.51 15.84 -82.83
N ALA C 47 -40.11 17.01 -82.64
CA ALA C 47 -39.41 18.17 -82.09
C ALA C 47 -39.32 18.01 -80.58
N THR C 48 -38.24 17.36 -80.14
CA THR C 48 -38.01 17.09 -78.74
C THR C 48 -36.58 17.44 -78.36
N ASN C 49 -36.37 17.73 -77.09
CA ASN C 49 -35.05 18.06 -76.56
C ASN C 49 -34.32 16.84 -76.02
N GLN C 50 -34.96 15.68 -76.01
CA GLN C 50 -34.40 14.48 -75.40
C GLN C 50 -34.22 13.40 -76.45
N ILE C 51 -33.15 12.62 -76.31
CA ILE C 51 -32.83 11.52 -77.21
C ILE C 51 -32.74 10.25 -76.40
N VAL C 52 -33.43 9.20 -76.85
CA VAL C 52 -33.44 7.92 -76.17
C VAL C 52 -32.55 6.94 -76.94
N MET C 53 -31.51 6.45 -76.26
CA MET C 53 -30.55 5.49 -76.81
C MET C 53 -30.61 4.26 -75.92
N ASN C 54 -31.18 3.17 -76.41
CA ASN C 54 -31.14 1.94 -75.63
C ASN C 54 -29.74 1.34 -75.74
N CYS C 55 -29.09 1.17 -74.58
CA CYS C 55 -27.75 0.61 -74.46
C CYS C 55 -27.46 0.43 -72.98
N ALA C 56 -26.72 -0.63 -72.65
CA ALA C 56 -26.53 -1.01 -71.25
C ALA C 56 -25.08 -0.90 -70.79
N ASP C 57 -24.16 -1.59 -71.46
CA ASP C 57 -22.79 -1.69 -70.98
C ASP C 57 -21.94 -0.47 -71.29
N ILE C 58 -22.28 0.28 -72.32
CA ILE C 58 -21.44 1.39 -72.76
C ILE C 58 -21.41 2.49 -71.71
N ASP C 59 -20.26 3.15 -71.60
CA ASP C 59 -20.10 4.31 -70.74
C ASP C 59 -19.74 5.48 -71.64
N ILE C 60 -20.70 6.39 -71.84
CA ILE C 60 -20.51 7.47 -72.79
C ILE C 60 -19.47 8.45 -72.28
N ILE C 61 -18.49 8.78 -73.12
CA ILE C 61 -17.49 9.77 -72.77
C ILE C 61 -18.03 11.15 -73.11
N THR C 62 -18.32 11.38 -74.39
CA THR C 62 -18.85 12.65 -74.85
C THR C 62 -19.91 12.41 -75.91
N ALA C 63 -20.85 13.35 -76.01
CA ALA C 63 -21.86 13.32 -77.05
C ALA C 63 -22.06 14.72 -77.60
N SER C 64 -22.37 14.80 -78.89
CA SER C 64 -22.58 16.10 -79.53
C SER C 64 -23.46 15.91 -80.75
N TYR C 65 -24.51 16.72 -80.86
CA TYR C 65 -25.43 16.65 -81.98
C TYR C 65 -25.33 17.93 -82.80
N ALA C 66 -24.95 17.79 -84.07
CA ALA C 66 -24.92 18.91 -85.00
C ALA C 66 -26.04 18.73 -86.00
N PRO C 67 -27.08 19.55 -85.97
CA PRO C 67 -28.14 19.44 -86.99
C PRO C 67 -27.74 20.13 -88.28
N GLU C 68 -27.81 19.40 -89.39
CA GLU C 68 -27.52 19.93 -90.71
C GLU C 68 -26.12 20.53 -90.77
N GLY C 69 -26.04 21.86 -90.95
CA GLY C 69 -24.76 22.50 -91.19
C GLY C 69 -24.22 23.35 -90.05
N ASP C 70 -25.07 23.75 -89.11
CA ASP C 70 -24.60 24.63 -88.05
C ASP C 70 -23.81 23.84 -87.01
N GLU C 71 -23.32 24.56 -86.01
CA GLU C 71 -22.49 23.94 -84.98
C GLU C 71 -23.32 23.05 -84.07
N GLU C 72 -22.64 22.08 -83.45
CA GLU C 72 -23.29 21.15 -82.54
C GLU C 72 -23.62 21.84 -81.22
N ILE C 73 -24.46 21.19 -80.43
CA ILE C 73 -24.89 21.70 -79.15
C ILE C 73 -24.34 20.87 -77.99
N HIS C 74 -23.31 20.06 -78.24
CA HIS C 74 -22.71 19.19 -77.24
C HIS C 74 -23.76 18.31 -76.59
N ALA C 75 -23.69 18.13 -75.27
CA ALA C 75 -24.63 17.26 -74.59
C ALA C 75 -24.78 17.70 -73.14
N THR C 76 -26.02 17.67 -72.65
CA THR C 76 -26.35 17.96 -71.26
C THR C 76 -27.36 16.95 -70.75
N GLY C 77 -27.21 15.69 -71.15
CA GLY C 77 -28.11 14.64 -70.69
C GLY C 77 -27.48 13.28 -70.68
N PHE C 78 -27.54 12.59 -69.54
CA PHE C 78 -26.90 11.28 -69.44
C PHE C 78 -27.71 10.30 -68.59
N ASN C 79 -29.04 10.41 -68.58
CA ASN C 79 -29.85 9.59 -67.69
C ASN C 79 -29.70 8.10 -68.01
N TYR C 80 -29.04 7.36 -67.13
CA TYR C 80 -28.75 5.94 -67.33
C TYR C 80 -29.83 5.10 -66.65
N GLN C 81 -30.88 4.77 -67.40
CA GLN C 81 -31.86 3.77 -66.98
C GLN C 81 -31.24 2.39 -67.20
N ASN C 82 -30.37 2.00 -66.28
CA ASN C 82 -29.61 0.77 -66.46
C ASN C 82 -30.51 -0.46 -66.51
N GLU C 83 -31.51 -0.52 -65.63
CA GLU C 83 -32.40 -1.68 -65.62
C GLU C 83 -33.18 -1.80 -66.92
N ASP C 84 -33.55 -0.67 -67.51
CA ASP C 84 -34.23 -0.66 -68.81
C ASP C 84 -33.25 -0.63 -69.97
N GLU C 85 -31.95 -0.59 -69.70
CA GLU C 85 -30.92 -0.48 -70.73
C GLU C 85 -31.21 0.72 -71.65
N LYS C 86 -31.47 1.87 -71.02
CA LYS C 86 -31.80 3.09 -71.74
C LYS C 86 -30.92 4.22 -71.26
N VAL C 87 -30.69 5.20 -72.14
CA VAL C 87 -29.91 6.38 -71.82
C VAL C 87 -30.60 7.58 -72.47
N THR C 88 -30.69 8.69 -71.75
CA THR C 88 -31.36 9.89 -72.23
C THR C 88 -30.31 10.98 -72.44
N LEU C 89 -30.12 11.38 -73.70
CA LEU C 89 -29.18 12.45 -74.05
C LEU C 89 -29.95 13.74 -74.25
N SER C 90 -30.34 14.36 -73.13
CA SER C 90 -31.04 15.63 -73.23
C SER C 90 -30.05 16.74 -73.61
N PHE C 91 -30.57 17.78 -74.25
CA PHE C 91 -29.77 18.90 -74.71
C PHE C 91 -30.38 20.20 -74.22
N PRO C 92 -29.56 21.24 -74.04
CA PRO C 92 -30.11 22.51 -73.54
C PRO C 92 -31.14 23.14 -74.46
N SER C 93 -30.99 22.97 -75.77
CA SER C 93 -31.87 23.61 -76.74
C SER C 93 -32.72 22.57 -77.46
N THR C 94 -33.81 23.06 -78.06
CA THR C 94 -34.69 22.19 -78.82
C THR C 94 -33.99 21.70 -80.08
N LEU C 95 -34.41 20.53 -80.55
CA LEU C 95 -33.83 19.91 -81.74
C LEU C 95 -34.76 19.99 -82.94
N GLN C 96 -35.95 20.57 -82.79
CA GLN C 96 -36.96 20.72 -83.84
C GLN C 96 -36.99 19.56 -84.81
N THR C 97 -37.01 19.85 -86.11
CA THR C 97 -37.04 18.83 -87.15
C THR C 97 -35.94 19.08 -88.15
N GLY C 98 -35.38 18.01 -88.68
CA GLY C 98 -34.35 18.10 -89.69
C GLY C 98 -33.39 16.93 -89.60
N THR C 99 -32.49 16.87 -90.58
CA THR C 99 -31.47 15.83 -90.65
C THR C 99 -30.23 16.32 -89.92
N GLY C 100 -29.81 15.58 -88.88
CA GLY C 100 -28.65 15.93 -88.11
C GLY C 100 -27.72 14.74 -87.92
N THR C 101 -26.66 14.99 -87.17
CA THR C 101 -25.65 13.96 -86.91
C THR C 101 -25.29 13.97 -85.43
N LEU C 102 -25.32 12.80 -84.81
CA LEU C 102 -24.97 12.62 -83.41
C LEU C 102 -23.66 11.85 -83.34
N LYS C 103 -22.62 12.48 -82.80
CA LYS C 103 -21.33 11.84 -82.58
C LYS C 103 -21.21 11.54 -81.10
N ILE C 104 -20.96 10.28 -80.76
CA ILE C 104 -20.97 9.81 -79.38
C ILE C 104 -19.67 9.05 -79.15
N ASP C 105 -18.66 9.74 -78.63
CA ASP C 105 -17.43 9.06 -78.22
C ASP C 105 -17.70 8.34 -76.92
N PHE C 106 -17.38 7.05 -76.88
CA PHE C 106 -17.86 6.18 -75.82
C PHE C 106 -16.80 5.14 -75.50
N VAL C 107 -17.17 4.20 -74.63
CA VAL C 107 -16.29 3.09 -74.25
C VAL C 107 -17.16 1.90 -73.88
N GLY C 108 -16.64 0.71 -74.18
CA GLY C 108 -17.35 -0.54 -73.87
C GLY C 108 -16.34 -1.61 -73.55
N GLU C 109 -16.72 -2.89 -73.60
CA GLU C 109 -15.76 -3.94 -73.18
C GLU C 109 -16.14 -5.30 -73.77
N LEU C 110 -15.15 -6.21 -73.89
CA LEU C 110 -15.44 -7.57 -74.38
C LEU C 110 -15.95 -8.41 -73.20
N ASN C 111 -17.28 -8.56 -73.09
CA ASN C 111 -17.85 -9.27 -71.92
C ASN C 111 -17.40 -10.74 -71.92
N ASP C 112 -17.51 -11.41 -70.78
CA ASP C 112 -17.12 -12.84 -70.70
C ASP C 112 -18.40 -13.68 -70.67
N LYS C 113 -19.55 -13.01 -70.75
CA LYS C 113 -20.85 -13.72 -70.69
C LYS C 113 -21.24 -14.17 -72.10
N MET C 114 -20.30 -14.16 -73.03
CA MET C 114 -20.58 -14.59 -74.42
C MET C 114 -21.85 -13.89 -74.89
N LYS C 115 -21.86 -12.55 -74.85
CA LYS C 115 -23.04 -11.78 -75.33
C LYS C 115 -22.54 -10.54 -76.08
N GLY C 116 -23.45 -9.86 -76.79
CA GLY C 116 -23.05 -8.61 -77.49
C GLY C 116 -21.70 -8.77 -78.15
N PHE C 117 -20.75 -7.91 -77.83
CA PHE C 117 -19.38 -8.02 -78.37
C PHE C 117 -18.51 -8.65 -77.30
N TYR C 118 -18.42 -9.98 -77.28
CA TYR C 118 -17.68 -10.65 -76.23
C TYR C 118 -16.29 -11.05 -76.73
N ARG C 119 -15.54 -11.72 -75.86
CA ARG C 119 -14.28 -12.34 -76.22
C ARG C 119 -14.38 -13.84 -76.03
N SER C 120 -14.03 -14.60 -77.06
CA SER C 120 -14.05 -16.05 -77.06
C SER C 120 -12.64 -16.59 -76.91
N LYS C 121 -12.54 -17.76 -76.27
CA LYS C 121 -11.27 -18.43 -76.08
C LYS C 121 -10.95 -19.30 -77.28
N TYR C 122 -9.72 -19.20 -77.78
CA TYR C 122 -9.27 -20.04 -78.87
C TYR C 122 -7.82 -20.42 -78.60
N THR C 123 -7.40 -21.54 -79.17
CA THR C 123 -6.05 -22.06 -78.98
C THR C 123 -5.33 -22.13 -80.32
N THR C 124 -4.16 -21.51 -80.38
CA THR C 124 -3.32 -21.64 -81.56
C THR C 124 -2.75 -23.06 -81.61
N PRO C 125 -2.22 -23.48 -82.77
CA PRO C 125 -1.61 -24.81 -82.83
C PRO C 125 -0.53 -25.02 -81.79
N SER C 126 0.26 -23.99 -81.50
CA SER C 126 1.24 -24.07 -80.43
C SER C 126 0.58 -23.95 -79.05
N GLY C 127 -0.55 -23.26 -78.97
CA GLY C 127 -1.22 -23.05 -77.69
C GLY C 127 -1.58 -21.61 -77.43
N GLU C 128 -0.98 -21.04 -76.37
CA GLU C 128 -1.06 -19.62 -76.03
C GLU C 128 -2.42 -19.20 -75.49
N VAL C 129 -3.41 -20.10 -75.56
CA VAL C 129 -4.79 -19.90 -75.12
C VAL C 129 -5.20 -18.43 -75.24
N ARG C 130 -5.08 -17.88 -76.44
CA ARG C 130 -5.36 -16.47 -76.67
C ARG C 130 -6.86 -16.23 -76.75
N TYR C 131 -7.25 -14.96 -76.90
CA TYR C 131 -8.65 -14.56 -76.94
C TYR C 131 -8.92 -13.83 -78.25
N ALA C 132 -10.17 -13.84 -78.67
CA ALA C 132 -10.60 -13.16 -79.89
C ALA C 132 -11.89 -12.42 -79.62
N ALA C 133 -12.15 -11.39 -80.43
CA ALA C 133 -13.34 -10.57 -80.28
C ALA C 133 -14.40 -11.04 -81.26
N VAL C 134 -15.58 -11.40 -80.73
CA VAL C 134 -16.65 -11.96 -81.54
C VAL C 134 -17.95 -11.26 -81.14
N THR C 135 -18.91 -11.27 -82.06
CA THR C 135 -20.19 -10.60 -81.86
C THR C 135 -21.34 -11.59 -82.01
N GLN C 136 -22.46 -11.27 -81.35
CA GLN C 136 -23.74 -11.93 -81.61
C GLN C 136 -24.81 -11.05 -80.96
N PHE C 137 -25.80 -10.66 -81.75
CA PHE C 137 -26.91 -9.83 -81.31
C PHE C 137 -28.19 -10.59 -81.62
N GLU C 138 -28.60 -11.48 -80.72
CA GLU C 138 -29.84 -12.24 -80.92
C GLU C 138 -31.05 -11.36 -80.65
N ALA C 139 -31.15 -10.81 -79.46
CA ALA C 139 -32.25 -9.91 -79.10
C ALA C 139 -31.78 -9.05 -77.95
N THR C 140 -31.84 -7.73 -78.12
CA THR C 140 -31.40 -6.78 -77.11
C THR C 140 -29.95 -7.04 -76.71
N ASP C 141 -29.08 -7.19 -77.70
CA ASP C 141 -27.68 -7.43 -77.44
C ASP C 141 -26.81 -6.47 -78.22
N ALA C 142 -27.30 -6.03 -79.38
CA ALA C 142 -26.57 -5.02 -80.16
C ALA C 142 -26.41 -3.74 -79.36
N ARG C 143 -27.46 -3.35 -78.63
CA ARG C 143 -27.38 -2.16 -77.80
C ARG C 143 -26.32 -2.31 -76.71
N ARG C 144 -26.07 -3.53 -76.25
CA ARG C 144 -25.04 -3.72 -75.23
C ARG C 144 -23.65 -3.49 -75.80
N ALA C 145 -23.44 -3.83 -77.06
CA ALA C 145 -22.12 -3.68 -77.65
C ALA C 145 -21.80 -2.21 -77.92
N PHE C 146 -22.77 -1.47 -78.46
CA PHE C 146 -22.55 -0.09 -78.84
C PHE C 146 -23.89 0.57 -79.11
N PRO C 147 -24.10 1.80 -78.64
CA PRO C 147 -25.46 2.36 -78.57
C PRO C 147 -26.08 2.66 -79.92
N CYS C 148 -27.27 2.12 -80.16
CA CYS C 148 -28.04 2.40 -81.36
C CYS C 148 -29.51 2.44 -81.02
N TRP C 149 -30.33 2.35 -82.06
CA TRP C 149 -31.74 2.01 -81.90
C TRP C 149 -31.93 0.51 -82.01
N ASP C 150 -31.84 -0.21 -80.89
CA ASP C 150 -31.94 -1.68 -80.91
C ASP C 150 -33.42 -2.07 -81.00
N GLU C 151 -33.96 -1.95 -82.22
CA GLU C 151 -35.34 -2.30 -82.49
C GLU C 151 -35.41 -2.92 -83.88
N PRO C 152 -35.98 -4.12 -84.01
CA PRO C 152 -36.13 -4.71 -85.35
C PRO C 152 -36.91 -3.82 -86.30
N ALA C 153 -37.93 -3.12 -85.80
CA ALA C 153 -38.68 -2.19 -86.64
C ALA C 153 -37.79 -1.09 -87.18
N ILE C 154 -36.85 -0.61 -86.36
CA ILE C 154 -35.91 0.41 -86.81
C ILE C 154 -34.98 -0.19 -87.86
N LYS C 155 -34.84 0.50 -88.98
CA LYS C 155 -34.01 0.04 -90.09
C LYS C 155 -33.12 1.19 -90.55
N ALA C 156 -31.83 0.91 -90.70
CA ALA C 156 -30.89 1.93 -91.16
C ALA C 156 -29.67 1.24 -91.76
N THR C 157 -28.93 1.99 -92.56
CA THR C 157 -27.69 1.51 -93.15
C THR C 157 -26.52 1.84 -92.23
N PHE C 158 -25.53 0.96 -92.24
CA PHE C 158 -24.39 1.05 -91.35
C PHE C 158 -23.09 0.98 -92.16
N ASP C 159 -22.07 1.67 -91.65
CA ASP C 159 -20.74 1.68 -92.27
C ASP C 159 -19.75 1.30 -91.18
N ILE C 160 -19.57 0.00 -91.00
CA ILE C 160 -18.72 -0.51 -89.93
C ILE C 160 -17.27 -0.39 -90.35
N SER C 161 -16.45 0.19 -89.47
CA SER C 161 -15.02 0.31 -89.70
C SER C 161 -14.30 -0.10 -88.42
N LEU C 162 -13.27 -0.92 -88.56
CA LEU C 162 -12.63 -1.57 -87.43
C LEU C 162 -11.20 -1.05 -87.28
N VAL C 163 -10.72 -1.03 -86.04
CA VAL C 163 -9.36 -0.57 -85.74
C VAL C 163 -8.64 -1.79 -85.19
N VAL C 164 -7.95 -2.53 -86.06
CA VAL C 164 -7.56 -3.90 -85.70
C VAL C 164 -6.06 -4.06 -85.89
N PRO C 165 -5.42 -4.80 -84.98
CA PRO C 165 -4.02 -5.17 -85.20
C PRO C 165 -3.84 -5.87 -86.55
N LYS C 166 -2.79 -5.46 -87.27
CA LYS C 166 -2.61 -5.95 -88.64
C LYS C 166 -2.42 -7.45 -88.69
N ASP C 167 -1.78 -8.03 -87.67
CA ASP C 167 -1.63 -9.48 -87.63
C ASP C 167 -2.99 -10.16 -87.53
N ARG C 168 -3.93 -9.55 -86.81
CA ARG C 168 -5.25 -10.14 -86.65
C ARG C 168 -6.08 -9.97 -87.91
N VAL C 169 -6.95 -10.95 -88.16
CA VAL C 169 -7.88 -10.89 -89.27
C VAL C 169 -9.20 -10.35 -88.77
N ALA C 170 -9.85 -9.54 -89.60
CA ALA C 170 -11.12 -8.90 -89.23
C ALA C 170 -12.10 -9.04 -90.37
N LEU C 171 -13.32 -9.49 -90.03
CA LEU C 171 -14.39 -9.61 -91.01
C LEU C 171 -15.61 -8.88 -90.48
N SER C 172 -16.44 -8.40 -91.40
CA SER C 172 -17.66 -7.68 -91.04
C SER C 172 -18.75 -8.07 -92.02
N ASN C 173 -19.83 -7.28 -92.03
CA ASN C 173 -20.95 -7.58 -92.92
C ASN C 173 -20.55 -7.40 -94.38
N MET C 174 -19.95 -6.27 -94.73
CA MET C 174 -19.67 -5.95 -96.11
C MET C 174 -18.24 -6.32 -96.47
N ASN C 175 -17.90 -6.09 -97.74
CA ASN C 175 -16.55 -6.31 -98.23
C ASN C 175 -15.63 -5.19 -97.78
N VAL C 176 -14.35 -5.53 -97.63
CA VAL C 176 -13.36 -4.52 -97.29
C VAL C 176 -13.16 -3.59 -98.47
N ILE C 177 -13.19 -2.29 -98.21
CA ILE C 177 -12.94 -1.29 -99.25
C ILE C 177 -11.74 -0.41 -98.94
N ASP C 178 -11.18 -0.47 -97.74
CA ASP C 178 -9.99 0.30 -97.44
C ASP C 178 -9.24 -0.35 -96.29
N ARG C 179 -7.91 -0.26 -96.33
CA ARG C 179 -7.00 -0.84 -95.33
C ARG C 179 -5.96 0.19 -94.91
N LYS C 180 -6.43 1.38 -94.53
CA LYS C 180 -5.52 2.48 -94.29
C LYS C 180 -4.70 2.24 -93.03
N PRO C 181 -3.53 2.88 -92.92
CA PRO C 181 -2.77 2.79 -91.68
C PRO C 181 -3.43 3.59 -90.56
N TYR C 182 -3.13 3.18 -89.32
CA TYR C 182 -3.62 3.91 -88.16
C TYR C 182 -2.56 4.89 -87.72
N PRO C 183 -2.82 6.20 -87.80
CA PRO C 183 -1.76 7.19 -87.54
C PRO C 183 -1.19 7.12 -86.14
N ASP C 184 -2.00 6.80 -85.13
CA ASP C 184 -1.53 6.85 -83.75
C ASP C 184 -0.51 5.75 -83.48
N ASP C 185 -0.74 4.54 -84.00
CA ASP C 185 0.19 3.44 -83.82
C ASP C 185 0.20 2.59 -85.08
N GLU C 186 1.38 2.14 -85.47
CA GLU C 186 1.57 1.39 -86.71
C GLU C 186 1.50 -0.12 -86.53
N ASN C 187 1.29 -0.60 -85.31
CA ASN C 187 1.09 -2.02 -85.08
C ASN C 187 -0.32 -2.48 -85.45
N LEU C 188 -1.20 -1.55 -85.81
CA LEU C 188 -2.58 -1.85 -86.15
C LEU C 188 -3.03 -0.90 -87.25
N VAL C 189 -4.05 -1.31 -87.98
CA VAL C 189 -4.53 -0.58 -89.15
C VAL C 189 -6.04 -0.40 -89.06
N GLU C 190 -6.53 0.56 -89.83
CA GLU C 190 -7.95 0.87 -89.93
C GLU C 190 -8.52 0.21 -91.16
N VAL C 191 -9.45 -0.72 -90.97
CA VAL C 191 -10.10 -1.41 -92.07
C VAL C 191 -11.51 -0.86 -92.21
N LYS C 192 -11.79 -0.24 -93.35
CA LYS C 192 -13.10 0.32 -93.64
C LYS C 192 -13.81 -0.57 -94.65
N PHE C 193 -15.03 -0.98 -94.32
CA PHE C 193 -15.85 -1.81 -95.18
C PHE C 193 -16.80 -0.94 -96.00
N ALA C 194 -17.52 -1.59 -96.90
CA ALA C 194 -18.52 -0.89 -97.70
C ALA C 194 -19.76 -0.59 -96.86
N ARG C 195 -20.63 0.24 -97.40
CA ARG C 195 -21.86 0.61 -96.70
C ARG C 195 -22.86 -0.54 -96.80
N THR C 196 -23.34 -1.01 -95.65
CA THR C 196 -24.35 -2.03 -95.65
C THR C 196 -25.66 -1.47 -96.20
N PRO C 197 -26.49 -2.31 -96.82
CA PRO C 197 -27.82 -1.86 -97.21
C PRO C 197 -28.73 -1.69 -96.00
N VAL C 198 -29.99 -1.35 -96.22
CA VAL C 198 -30.93 -1.19 -95.11
C VAL C 198 -31.06 -2.53 -94.39
N MET C 199 -30.83 -2.52 -93.08
CA MET C 199 -30.84 -3.75 -92.30
C MET C 199 -31.08 -3.41 -90.84
N SER C 200 -31.45 -4.44 -90.08
CA SER C 200 -31.72 -4.26 -88.66
C SER C 200 -30.42 -4.23 -87.87
N THR C 201 -30.52 -3.69 -86.64
CA THR C 201 -29.33 -3.53 -85.81
C THR C 201 -28.87 -4.87 -85.24
N TYR C 202 -29.80 -5.72 -84.82
CA TYR C 202 -29.41 -7.01 -84.25
C TYR C 202 -28.77 -7.91 -85.30
N LEU C 203 -28.90 -7.59 -86.57
CA LEU C 203 -28.28 -8.37 -87.63
C LEU C 203 -26.86 -7.92 -87.95
N VAL C 204 -26.38 -6.85 -87.32
CA VAL C 204 -25.01 -6.41 -87.53
C VAL C 204 -24.05 -7.42 -86.90
N ALA C 205 -22.95 -7.69 -87.58
CA ALA C 205 -21.96 -8.61 -87.05
C ALA C 205 -20.59 -8.28 -87.62
N PHE C 206 -19.57 -8.35 -86.76
CA PHE C 206 -18.18 -8.20 -87.16
C PHE C 206 -17.32 -8.95 -86.15
N VAL C 207 -16.36 -9.71 -86.64
CA VAL C 207 -15.50 -10.53 -85.78
C VAL C 207 -14.05 -10.21 -86.07
N VAL C 208 -13.22 -10.44 -85.06
CA VAL C 208 -11.78 -10.22 -85.14
C VAL C 208 -11.09 -11.40 -84.47
N GLY C 209 -10.14 -12.01 -85.16
CA GLY C 209 -9.42 -13.13 -84.59
C GLY C 209 -8.20 -13.57 -85.38
N GLU C 210 -7.95 -14.87 -85.41
CA GLU C 210 -6.82 -15.43 -86.13
C GLU C 210 -7.32 -16.68 -86.86
N TYR C 211 -7.49 -16.56 -88.19
CA TYR C 211 -8.02 -17.64 -89.00
C TYR C 211 -7.28 -17.64 -90.33
N ASP C 212 -7.72 -18.50 -91.24
CA ASP C 212 -7.08 -18.62 -92.55
C ASP C 212 -8.12 -18.60 -93.66
N PHE C 213 -7.68 -18.14 -94.82
CA PHE C 213 -8.56 -17.79 -95.92
C PHE C 213 -8.81 -19.01 -96.80
N VAL C 214 -10.09 -19.36 -96.97
CA VAL C 214 -10.51 -20.43 -97.87
C VAL C 214 -11.70 -19.91 -98.65
N GLU C 215 -11.50 -19.58 -99.92
CA GLU C 215 -12.53 -18.99 -100.75
C GLU C 215 -12.97 -19.96 -101.83
N THR C 216 -14.19 -19.75 -102.34
CA THR C 216 -14.74 -20.52 -103.45
C THR C 216 -15.77 -19.64 -104.14
N ARG C 217 -15.48 -19.26 -105.38
CA ARG C 217 -16.43 -18.48 -106.16
C ARG C 217 -17.63 -19.35 -106.54
N SER C 218 -18.80 -18.72 -106.63
CA SER C 218 -20.02 -19.43 -106.98
C SER C 218 -20.31 -19.29 -108.47
N LYS C 219 -21.35 -19.98 -108.93
CA LYS C 219 -21.80 -19.81 -110.30
C LYS C 219 -22.28 -18.38 -110.53
N ASP C 220 -23.00 -17.81 -109.58
CA ASP C 220 -23.40 -16.40 -109.68
C ASP C 220 -22.19 -15.49 -109.65
N GLY C 221 -21.18 -15.85 -108.86
CA GLY C 221 -19.97 -15.05 -108.78
C GLY C 221 -19.58 -14.69 -107.37
N VAL C 222 -20.53 -14.78 -106.43
CA VAL C 222 -20.25 -14.46 -105.05
C VAL C 222 -19.27 -15.46 -104.48
N CYS C 223 -18.25 -14.98 -103.79
CA CYS C 223 -17.21 -15.84 -103.24
C CYS C 223 -17.64 -16.29 -101.86
N VAL C 224 -18.23 -17.48 -101.78
CA VAL C 224 -18.54 -18.06 -100.48
C VAL C 224 -17.24 -18.50 -99.82
N ARG C 225 -17.04 -18.08 -98.58
CA ARG C 225 -15.74 -18.19 -97.94
C ARG C 225 -15.91 -18.71 -96.53
N VAL C 226 -14.91 -19.47 -96.06
CA VAL C 226 -14.93 -19.96 -94.66
C VAL C 226 -13.57 -19.62 -94.03
N TYR C 227 -13.55 -19.34 -92.73
CA TYR C 227 -12.28 -18.92 -92.07
C TYR C 227 -12.06 -19.77 -90.84
N THR C 228 -11.78 -21.05 -91.05
CA THR C 228 -11.48 -21.94 -89.91
C THR C 228 -10.20 -21.49 -89.27
N PRO C 229 -10.05 -21.59 -87.93
CA PRO C 229 -8.76 -21.25 -87.26
C PRO C 229 -7.72 -22.32 -87.59
N VAL C 230 -6.44 -22.00 -87.44
CA VAL C 230 -5.35 -23.00 -87.68
C VAL C 230 -5.48 -23.54 -89.11
N GLY C 231 -6.06 -22.75 -90.01
CA GLY C 231 -6.15 -23.16 -91.43
C GLY C 231 -6.55 -24.61 -91.58
N LYS C 232 -7.56 -25.06 -90.84
CA LYS C 232 -8.06 -26.44 -91.05
C LYS C 232 -8.99 -26.40 -92.26
N ALA C 233 -8.48 -25.93 -93.41
CA ALA C 233 -9.33 -25.77 -94.61
C ALA C 233 -10.07 -27.07 -94.92
N GLU C 234 -9.37 -28.20 -94.86
CA GLU C 234 -10.01 -29.48 -95.23
C GLU C 234 -11.28 -29.65 -94.37
N GLN C 235 -11.15 -29.49 -93.06
CA GLN C 235 -12.31 -29.61 -92.16
C GLN C 235 -13.48 -28.82 -92.77
N GLY C 236 -13.20 -27.63 -93.31
CA GLY C 236 -14.23 -26.81 -93.88
C GLY C 236 -14.24 -26.78 -95.40
N LYS C 237 -14.45 -27.93 -96.02
CA LYS C 237 -14.52 -28.00 -97.47
C LYS C 237 -15.84 -28.54 -97.98
N PHE C 238 -16.41 -29.55 -97.30
CA PHE C 238 -17.71 -30.08 -97.70
C PHE C 238 -18.79 -29.02 -97.59
N ALA C 239 -18.77 -28.24 -96.51
CA ALA C 239 -19.73 -27.16 -96.35
C ALA C 239 -19.58 -26.12 -97.45
N LEU C 240 -18.34 -25.88 -97.90
CA LEU C 240 -18.14 -24.96 -99.02
C LEU C 240 -18.87 -25.44 -100.26
N GLU C 241 -18.76 -26.73 -100.58
CA GLU C 241 -19.46 -27.28 -101.74
C GLU C 241 -20.97 -27.19 -101.54
N VAL C 242 -21.45 -27.49 -100.34
CA VAL C 242 -22.89 -27.45 -100.08
C VAL C 242 -23.41 -26.03 -100.30
N ALA C 243 -22.73 -25.04 -99.75
CA ALA C 243 -23.14 -23.65 -99.93
C ALA C 243 -23.07 -23.23 -101.39
N ALA C 244 -21.97 -23.58 -102.07
CA ALA C 244 -21.82 -23.21 -103.47
C ALA C 244 -22.85 -23.90 -104.35
N LYS C 245 -23.45 -24.98 -103.88
CA LYS C 245 -24.53 -25.61 -104.63
C LYS C 245 -25.90 -25.04 -104.28
N THR C 246 -26.13 -24.67 -103.02
CA THR C 246 -27.46 -24.27 -102.59
C THR C 246 -27.74 -22.77 -102.76
N LEU C 247 -26.73 -21.93 -102.70
CA LEU C 247 -26.95 -20.51 -102.96
C LEU C 247 -27.44 -20.24 -104.38
N PRO C 248 -26.79 -20.76 -105.44
CA PRO C 248 -27.39 -20.61 -106.77
C PRO C 248 -28.73 -21.29 -106.87
N PHE C 249 -28.97 -22.34 -106.07
CA PHE C 249 -30.30 -22.93 -106.00
C PHE C 249 -31.33 -21.90 -105.57
N TYR C 250 -31.01 -21.11 -104.54
CA TYR C 250 -31.89 -20.01 -104.14
C TYR C 250 -32.05 -19.00 -105.27
N LYS C 251 -30.93 -18.64 -105.91
CA LYS C 251 -30.96 -17.61 -106.94
C LYS C 251 -31.89 -18.00 -108.08
N ASP C 252 -31.78 -19.23 -108.58
CA ASP C 252 -32.72 -19.68 -109.61
C ASP C 252 -34.09 -20.01 -109.04
N TYR C 253 -34.18 -20.27 -107.73
CA TYR C 253 -35.43 -20.58 -107.08
C TYR C 253 -36.37 -19.39 -107.17
N PHE C 254 -36.03 -18.30 -106.49
CA PHE C 254 -36.93 -17.16 -106.42
C PHE C 254 -36.48 -15.97 -107.27
N ASN C 255 -35.41 -16.12 -108.04
CA ASN C 255 -34.98 -15.11 -109.01
C ASN C 255 -34.77 -13.75 -108.36
N VAL C 256 -34.09 -13.75 -107.23
CA VAL C 256 -33.71 -12.53 -106.52
C VAL C 256 -32.22 -12.60 -106.23
N PRO C 257 -31.44 -11.59 -106.61
CA PRO C 257 -30.00 -11.64 -106.38
C PRO C 257 -29.65 -11.62 -104.90
N TYR C 258 -28.52 -12.23 -104.58
CA TYR C 258 -28.02 -12.20 -103.22
C TYR C 258 -27.67 -10.76 -102.84
N PRO C 259 -27.97 -10.34 -101.61
CA PRO C 259 -27.76 -8.94 -101.26
C PRO C 259 -26.29 -8.55 -101.14
N LEU C 260 -25.46 -9.40 -100.54
CA LEU C 260 -24.10 -9.00 -100.21
C LEU C 260 -23.12 -9.52 -101.24
N PRO C 261 -22.32 -8.66 -101.87
CA PRO C 261 -21.32 -9.14 -102.83
C PRO C 261 -20.37 -10.17 -102.24
N LYS C 262 -20.24 -10.22 -100.91
CA LYS C 262 -19.39 -11.18 -100.23
C LYS C 262 -20.21 -11.92 -99.17
N ILE C 263 -19.97 -13.23 -99.06
CA ILE C 263 -20.63 -14.08 -98.08
C ILE C 263 -19.57 -14.90 -97.36
N ASP C 264 -19.62 -14.91 -96.03
CA ASP C 264 -18.66 -15.63 -95.21
C ASP C 264 -19.41 -16.53 -94.23
N LEU C 265 -18.76 -17.63 -93.86
CA LEU C 265 -19.36 -18.68 -93.05
C LEU C 265 -18.38 -19.12 -91.96
N ILE C 266 -17.81 -18.14 -91.26
CA ILE C 266 -16.76 -18.43 -90.29
C ILE C 266 -17.31 -19.25 -89.14
N ALA C 267 -16.45 -20.07 -88.54
CA ALA C 267 -16.77 -20.80 -87.32
C ALA C 267 -15.94 -20.22 -86.17
N ILE C 268 -16.44 -20.39 -84.95
CA ILE C 268 -15.84 -19.81 -83.75
C ILE C 268 -15.72 -20.91 -82.70
N ALA C 269 -14.58 -20.95 -82.03
CA ALA C 269 -14.35 -21.94 -80.98
C ALA C 269 -15.35 -21.75 -79.84
N ASP C 270 -16.20 -22.75 -79.66
CA ASP C 270 -17.24 -22.74 -78.63
C ASP C 270 -18.09 -21.48 -78.72
N PHE C 271 -18.82 -21.39 -79.84
CA PHE C 271 -19.71 -20.26 -80.07
C PHE C 271 -20.76 -20.14 -78.96
N ALA C 272 -21.13 -21.27 -78.35
CA ALA C 272 -22.04 -21.31 -77.21
C ALA C 272 -23.46 -20.88 -77.58
N ALA C 273 -23.68 -20.58 -78.85
CA ALA C 273 -25.01 -20.26 -79.36
C ALA C 273 -25.38 -21.09 -80.57
N GLY C 274 -24.51 -22.01 -80.99
CA GLY C 274 -24.80 -22.88 -82.12
C GLY C 274 -24.57 -22.21 -83.45
N ALA C 275 -25.47 -21.30 -83.82
CA ALA C 275 -25.36 -20.55 -85.07
C ALA C 275 -26.11 -19.25 -84.92
N MET C 276 -25.84 -18.33 -85.85
CA MET C 276 -26.54 -17.05 -85.86
C MET C 276 -26.58 -16.47 -87.26
N GLU C 277 -27.77 -16.17 -87.76
CA GLU C 277 -27.91 -15.52 -89.04
C GLU C 277 -27.38 -14.10 -88.95
N ASN C 278 -26.56 -13.73 -89.93
CA ASN C 278 -26.00 -12.39 -90.04
C ASN C 278 -25.85 -12.05 -91.51
N TRP C 279 -25.69 -10.77 -91.79
CA TRP C 279 -25.58 -10.29 -93.17
C TRP C 279 -24.18 -10.66 -93.65
N GLY C 280 -24.06 -11.83 -94.26
CA GLY C 280 -22.87 -12.22 -94.99
C GLY C 280 -21.68 -12.65 -94.16
N LEU C 281 -21.84 -12.83 -92.86
CA LEU C 281 -20.78 -13.44 -92.05
C LEU C 281 -21.40 -14.36 -91.01
N VAL C 282 -22.36 -15.18 -91.44
CA VAL C 282 -23.05 -16.12 -90.55
C VAL C 282 -22.04 -16.98 -89.82
N THR C 283 -22.03 -16.88 -88.49
CA THR C 283 -21.08 -17.58 -87.66
C THR C 283 -21.62 -18.95 -87.27
N TYR C 284 -20.70 -19.89 -87.04
CA TYR C 284 -21.06 -21.25 -86.69
C TYR C 284 -20.23 -21.73 -85.51
N ARG C 285 -20.71 -22.80 -84.90
CA ARG C 285 -19.89 -23.54 -83.93
C ARG C 285 -18.88 -24.40 -84.68
N GLU C 286 -17.66 -24.48 -84.13
CA GLU C 286 -16.61 -25.26 -84.79
C GLU C 286 -17.07 -26.70 -85.02
N THR C 287 -17.56 -27.37 -83.98
CA THR C 287 -17.99 -28.75 -84.11
C THR C 287 -19.11 -28.89 -85.13
N ALA C 288 -20.02 -27.92 -85.18
CA ALA C 288 -21.13 -27.99 -86.10
C ALA C 288 -20.68 -27.88 -87.55
N LEU C 289 -19.68 -27.04 -87.83
CA LEU C 289 -19.32 -26.71 -89.21
C LEU C 289 -18.21 -27.58 -89.77
N LEU C 290 -17.03 -27.57 -89.14
CA LEU C 290 -15.90 -28.29 -89.71
C LEU C 290 -16.14 -29.80 -89.64
N ILE C 291 -15.52 -30.51 -90.57
CA ILE C 291 -15.70 -31.96 -90.69
C ILE C 291 -14.37 -32.59 -91.03
N ASP C 292 -13.81 -33.36 -90.11
CA ASP C 292 -12.64 -34.16 -90.42
C ASP C 292 -13.06 -35.37 -91.24
N PRO C 293 -12.48 -35.59 -92.42
CA PRO C 293 -12.89 -36.75 -93.23
C PRO C 293 -12.74 -38.07 -92.52
N LYS C 294 -11.72 -38.22 -91.68
CA LYS C 294 -11.49 -39.46 -90.95
C LYS C 294 -12.12 -39.48 -89.57
N ASN C 295 -12.74 -38.38 -89.14
CA ASN C 295 -13.39 -38.30 -87.83
C ASN C 295 -14.86 -37.97 -87.97
N SER C 296 -15.51 -38.46 -89.03
CA SER C 296 -16.91 -38.16 -89.26
C SER C 296 -17.54 -39.27 -90.10
N CYS C 297 -18.86 -39.35 -90.03
CA CYS C 297 -19.66 -40.26 -90.84
C CYS C 297 -20.62 -39.45 -91.70
N SER C 298 -21.26 -40.15 -92.65
CA SER C 298 -22.12 -39.47 -93.62
C SER C 298 -23.28 -38.75 -92.96
N SER C 299 -23.76 -39.27 -91.82
CA SER C 299 -24.85 -38.59 -91.11
C SER C 299 -24.40 -37.23 -90.58
N SER C 300 -23.15 -37.14 -90.11
CA SER C 300 -22.63 -35.85 -89.68
C SER C 300 -22.52 -34.88 -90.86
N ARG C 301 -22.13 -35.38 -92.03
CA ARG C 301 -22.13 -34.54 -93.23
C ARG C 301 -23.54 -34.07 -93.56
N GLN C 302 -24.52 -34.94 -93.40
CA GLN C 302 -25.91 -34.56 -93.63
C GLN C 302 -26.33 -33.46 -92.66
N TRP C 303 -25.94 -33.60 -91.39
CA TRP C 303 -26.27 -32.58 -90.39
C TRP C 303 -25.61 -31.25 -90.71
N VAL C 304 -24.33 -31.27 -91.10
CA VAL C 304 -23.64 -30.02 -91.38
C VAL C 304 -24.23 -29.36 -92.63
N ALA C 305 -24.62 -30.17 -93.62
CA ALA C 305 -25.30 -29.59 -94.78
C ALA C 305 -26.61 -28.94 -94.36
N LEU C 306 -27.38 -29.61 -93.50
CA LEU C 306 -28.63 -29.04 -93.01
C LEU C 306 -28.38 -27.70 -92.34
N VAL C 307 -27.42 -27.65 -91.41
CA VAL C 307 -27.22 -26.44 -90.63
C VAL C 307 -26.65 -25.32 -91.51
N VAL C 308 -25.76 -25.66 -92.45
CA VAL C 308 -25.17 -24.62 -93.29
C VAL C 308 -26.21 -24.03 -94.21
N GLY C 309 -27.13 -24.86 -94.72
CA GLY C 309 -28.20 -24.31 -95.53
C GLY C 309 -29.26 -23.56 -94.75
N HIS C 310 -29.43 -23.88 -93.46
CA HIS C 310 -30.43 -23.18 -92.66
C HIS C 310 -30.13 -21.69 -92.57
N GLU C 311 -28.88 -21.34 -92.29
CA GLU C 311 -28.54 -19.93 -92.18
C GLU C 311 -28.55 -19.24 -93.54
N LEU C 312 -28.22 -19.96 -94.60
CA LEU C 312 -28.35 -19.38 -95.94
C LEU C 312 -29.81 -19.10 -96.27
N ALA C 313 -30.72 -19.95 -95.81
CA ALA C 313 -32.14 -19.63 -95.89
C ALA C 313 -32.46 -18.38 -95.10
N HIS C 314 -31.90 -18.29 -93.88
CA HIS C 314 -32.08 -17.09 -93.06
C HIS C 314 -31.57 -15.84 -93.76
N GLN C 315 -30.61 -15.98 -94.68
CA GLN C 315 -30.11 -14.83 -95.42
C GLN C 315 -31.21 -14.13 -96.19
N TRP C 316 -32.21 -14.88 -96.66
CA TRP C 316 -33.31 -14.31 -97.43
C TRP C 316 -34.51 -13.96 -96.55
N PHE C 317 -35.11 -14.97 -95.92
CA PHE C 317 -36.16 -14.72 -94.93
C PHE C 317 -35.48 -14.33 -93.63
N GLY C 318 -35.71 -13.10 -93.19
CA GLY C 318 -34.82 -12.55 -92.18
C GLY C 318 -34.19 -11.27 -92.68
N ASN C 319 -32.90 -11.36 -93.00
CA ASN C 319 -32.12 -10.20 -93.43
C ASN C 319 -32.89 -9.28 -94.38
N LEU C 320 -33.32 -9.81 -95.53
CA LEU C 320 -33.97 -8.97 -96.52
C LEU C 320 -35.24 -8.34 -95.97
N VAL C 321 -36.13 -9.15 -95.39
CA VAL C 321 -37.40 -8.68 -94.85
C VAL C 321 -37.46 -9.14 -93.40
N THR C 322 -37.02 -8.29 -92.48
CA THR C 322 -36.98 -8.64 -91.08
C THR C 322 -38.40 -8.63 -90.49
N MET C 323 -38.58 -9.45 -89.46
CA MET C 323 -39.85 -9.47 -88.75
C MET C 323 -40.10 -8.13 -88.09
N GLU C 324 -41.37 -7.72 -88.08
CA GLU C 324 -41.72 -6.43 -87.49
C GLU C 324 -41.41 -6.41 -86.00
N TRP C 325 -41.70 -7.50 -85.30
CA TRP C 325 -41.46 -7.58 -83.87
C TRP C 325 -41.22 -9.04 -83.50
N TRP C 326 -40.71 -9.25 -82.28
CA TRP C 326 -40.38 -10.59 -81.82
C TRP C 326 -41.57 -11.52 -81.83
N THR C 327 -42.80 -10.97 -81.82
CA THR C 327 -43.99 -11.81 -81.90
C THR C 327 -43.97 -12.69 -83.14
N HIS C 328 -43.42 -12.19 -84.24
CA HIS C 328 -43.32 -12.95 -85.48
C HIS C 328 -42.01 -13.70 -85.61
N LEU C 329 -41.15 -13.67 -84.58
CA LEU C 329 -39.86 -14.34 -84.64
C LEU C 329 -40.02 -15.81 -85.01
N TRP C 330 -41.09 -16.44 -84.50
CA TRP C 330 -41.34 -17.85 -84.77
C TRP C 330 -41.28 -18.14 -86.27
N LEU C 331 -41.79 -17.22 -87.08
CA LEU C 331 -41.79 -17.43 -88.53
C LEU C 331 -40.36 -17.42 -89.06
N ASN C 332 -39.59 -16.39 -88.69
CA ASN C 332 -38.31 -16.15 -89.35
C ASN C 332 -37.40 -17.36 -89.27
N GLU C 333 -37.47 -18.10 -88.17
CA GLU C 333 -36.77 -19.37 -88.10
C GLU C 333 -37.61 -20.48 -88.74
N GLY C 334 -38.84 -20.65 -88.27
CA GLY C 334 -39.66 -21.81 -88.58
C GLY C 334 -39.77 -22.08 -90.07
N PHE C 335 -40.33 -21.11 -90.80
CA PHE C 335 -40.42 -21.23 -92.25
C PHE C 335 -39.07 -21.58 -92.85
N ALA C 336 -38.03 -20.83 -92.47
CA ALA C 336 -36.70 -21.09 -93.01
C ALA C 336 -36.33 -22.55 -92.84
N SER C 337 -36.61 -23.12 -91.67
CA SER C 337 -36.25 -24.50 -91.40
C SER C 337 -36.78 -25.41 -92.50
N TRP C 338 -38.08 -25.31 -92.78
CA TRP C 338 -38.65 -26.16 -93.82
C TRP C 338 -37.95 -25.93 -95.15
N ILE C 339 -37.77 -24.65 -95.51
CA ILE C 339 -37.06 -24.32 -96.74
C ILE C 339 -35.76 -25.10 -96.82
N GLU C 340 -35.02 -25.13 -95.72
CA GLU C 340 -33.70 -25.76 -95.75
C GLU C 340 -33.80 -27.22 -96.18
N TYR C 341 -34.78 -27.95 -95.63
CA TYR C 341 -34.93 -29.34 -96.04
C TYR C 341 -35.15 -29.43 -97.54
N LEU C 342 -36.06 -28.62 -98.08
CA LEU C 342 -36.27 -28.62 -99.53
C LEU C 342 -34.95 -28.41 -100.26
N CYS C 343 -34.12 -27.48 -99.74
CA CYS C 343 -32.83 -27.22 -100.37
C CYS C 343 -31.99 -28.48 -100.45
N VAL C 344 -31.87 -29.21 -99.33
CA VAL C 344 -31.07 -30.42 -99.33
C VAL C 344 -31.70 -31.45 -100.25
N ASP C 345 -33.04 -31.45 -100.36
CA ASP C 345 -33.69 -32.35 -101.28
C ASP C 345 -33.25 -32.10 -102.71
N HIS C 346 -32.92 -30.85 -103.02
CA HIS C 346 -32.41 -30.48 -104.34
C HIS C 346 -30.89 -30.55 -104.43
N CYS C 347 -30.21 -30.84 -103.31
CA CYS C 347 -28.75 -30.88 -103.30
C CYS C 347 -28.20 -32.29 -103.20
N PHE C 348 -28.76 -33.12 -102.32
CA PHE C 348 -28.35 -34.52 -102.15
C PHE C 348 -29.60 -35.38 -102.27
N PRO C 349 -30.06 -35.65 -103.49
CA PRO C 349 -31.21 -36.56 -103.65
C PRO C 349 -30.95 -37.93 -103.08
N GLU C 350 -29.71 -38.41 -103.12
CA GLU C 350 -29.36 -39.67 -102.48
C GLU C 350 -29.62 -39.60 -100.98
N TYR C 351 -29.46 -38.42 -100.38
CA TYR C 351 -29.81 -38.20 -98.98
C TYR C 351 -31.30 -37.95 -98.91
N ASP C 352 -32.07 -39.01 -98.72
CA ASP C 352 -33.51 -38.90 -98.55
C ASP C 352 -33.77 -38.34 -97.16
N ILE C 353 -33.99 -37.03 -97.09
CA ILE C 353 -33.98 -36.33 -95.80
C ILE C 353 -35.37 -36.18 -95.18
N TRP C 354 -36.43 -36.18 -95.98
CA TRP C 354 -37.76 -36.06 -95.39
C TRP C 354 -38.05 -37.23 -94.47
N THR C 355 -37.46 -38.39 -94.76
CA THR C 355 -37.69 -39.58 -93.93
C THR C 355 -37.26 -39.34 -92.48
N GLN C 356 -36.02 -38.87 -92.27
CA GLN C 356 -35.63 -38.56 -90.89
C GLN C 356 -36.21 -37.23 -90.44
N PHE C 357 -36.59 -36.36 -91.39
CA PHE C 357 -37.19 -35.09 -91.01
C PHE C 357 -38.49 -35.31 -90.24
N VAL C 358 -39.30 -36.25 -90.69
CA VAL C 358 -40.52 -36.58 -89.95
C VAL C 358 -40.18 -37.04 -88.54
N SER C 359 -39.04 -37.72 -88.37
CA SER C 359 -38.63 -38.15 -87.05
C SER C 359 -37.79 -37.09 -86.33
N ALA C 360 -37.49 -35.99 -87.01
CA ALA C 360 -36.50 -35.05 -86.49
C ALA C 360 -37.14 -34.00 -85.58
N ASP C 361 -38.29 -33.47 -85.97
CA ASP C 361 -39.04 -32.50 -85.17
C ASP C 361 -40.50 -32.85 -85.02
N TYR C 362 -41.07 -33.45 -86.06
CA TYR C 362 -42.51 -33.71 -86.13
C TYR C 362 -42.96 -34.58 -84.96
N THR C 363 -42.09 -35.49 -84.52
CA THR C 363 -42.45 -36.38 -83.42
C THR C 363 -42.67 -35.63 -82.12
N ARG C 364 -41.74 -34.74 -81.73
CA ARG C 364 -41.98 -34.00 -80.50
C ARG C 364 -43.06 -32.94 -80.69
N ALA C 365 -43.25 -32.45 -81.91
CA ALA C 365 -44.43 -31.63 -82.16
C ALA C 365 -45.68 -32.39 -81.74
N GLN C 366 -45.84 -33.62 -82.25
CA GLN C 366 -47.00 -34.42 -81.94
C GLN C 366 -47.12 -34.71 -80.45
N GLU C 367 -46.02 -35.13 -79.81
CA GLU C 367 -46.10 -35.56 -78.43
C GLU C 367 -46.22 -34.37 -77.48
N LEU C 368 -45.72 -33.20 -77.87
CA LEU C 368 -45.74 -32.04 -77.00
C LEU C 368 -47.09 -31.37 -77.02
N ASP C 369 -47.74 -31.32 -78.20
CA ASP C 369 -49.08 -30.75 -78.21
C ASP C 369 -50.05 -31.60 -77.42
N ALA C 370 -49.86 -32.93 -77.44
CA ALA C 370 -50.73 -33.83 -76.70
C ALA C 370 -50.79 -33.46 -75.22
N LEU C 371 -49.66 -33.00 -74.68
CA LEU C 371 -49.55 -32.69 -73.27
C LEU C 371 -49.98 -31.24 -73.03
N ASP C 372 -49.85 -30.77 -71.80
CA ASP C 372 -50.20 -29.39 -71.48
C ASP C 372 -49.05 -28.47 -71.91
N ASN C 373 -49.16 -27.19 -71.56
CA ASN C 373 -48.19 -26.18 -71.96
C ASN C 373 -47.99 -26.15 -73.47
N SER C 374 -49.09 -26.35 -74.20
CA SER C 374 -49.07 -26.36 -75.65
C SER C 374 -49.50 -25.03 -76.26
N HIS C 375 -49.13 -23.92 -75.62
CA HIS C 375 -49.47 -22.56 -76.00
C HIS C 375 -49.34 -22.35 -77.51
N PRO C 376 -50.23 -21.57 -78.12
CA PRO C 376 -50.14 -21.33 -79.56
C PRO C 376 -48.82 -20.68 -79.93
N ILE C 377 -48.39 -20.94 -81.17
CA ILE C 377 -47.09 -20.47 -81.62
C ILE C 377 -47.00 -18.96 -81.55
N GLU C 378 -48.05 -18.28 -82.02
CA GLU C 378 -48.05 -16.82 -82.14
C GLU C 378 -48.57 -16.23 -80.83
N VAL C 379 -47.66 -15.80 -79.97
CA VAL C 379 -47.99 -15.19 -78.70
C VAL C 379 -47.52 -13.75 -78.73
N SER C 380 -48.40 -12.83 -78.38
CA SER C 380 -48.07 -11.41 -78.40
C SER C 380 -46.88 -11.12 -77.49
N VAL C 381 -45.95 -10.30 -77.98
CA VAL C 381 -44.72 -9.97 -77.27
C VAL C 381 -44.64 -8.46 -77.15
N GLY C 382 -44.32 -7.97 -75.95
CA GLY C 382 -44.05 -6.57 -75.76
C GLY C 382 -42.63 -6.32 -75.32
N HIS C 383 -42.06 -7.25 -74.57
CA HIS C 383 -40.72 -7.14 -74.04
C HIS C 383 -39.84 -8.23 -74.64
N PRO C 384 -38.65 -7.89 -75.14
CA PRO C 384 -37.77 -8.93 -75.70
C PRO C 384 -37.37 -10.00 -74.70
N SER C 385 -37.48 -9.71 -73.39
CA SER C 385 -37.19 -10.75 -72.40
C SER C 385 -38.19 -11.89 -72.47
N GLU C 386 -39.41 -11.61 -72.93
CA GLU C 386 -40.42 -12.66 -73.06
C GLU C 386 -40.07 -13.67 -74.13
N VAL C 387 -39.13 -13.35 -75.01
CA VAL C 387 -38.75 -14.26 -76.09
C VAL C 387 -38.27 -15.59 -75.52
N ASP C 388 -37.54 -15.55 -74.40
CA ASP C 388 -36.93 -16.76 -73.87
C ASP C 388 -37.98 -17.80 -73.49
N GLU C 389 -39.02 -17.39 -72.76
CA GLU C 389 -40.00 -18.38 -72.32
C GLU C 389 -41.16 -18.56 -73.29
N ILE C 390 -41.35 -17.65 -74.25
CA ILE C 390 -42.26 -17.99 -75.35
C ILE C 390 -41.60 -18.91 -76.36
N PHE C 391 -40.32 -19.22 -76.16
CA PHE C 391 -39.55 -20.04 -77.08
C PHE C 391 -39.42 -21.45 -76.55
N ASP C 392 -39.60 -22.42 -77.45
CA ASP C 392 -39.46 -23.83 -77.11
C ASP C 392 -39.30 -24.62 -78.40
N ALA C 393 -39.17 -25.94 -78.26
CA ALA C 393 -39.06 -26.80 -79.43
C ALA C 393 -40.30 -26.73 -80.31
N ILE C 394 -41.45 -26.43 -79.71
CA ILE C 394 -42.68 -26.31 -80.48
C ILE C 394 -42.56 -25.15 -81.46
N SER C 395 -41.99 -24.03 -81.02
CA SER C 395 -41.88 -22.85 -81.87
C SER C 395 -41.13 -23.16 -83.17
N TYR C 396 -40.17 -24.07 -83.13
CA TYR C 396 -39.51 -24.49 -84.36
C TYR C 396 -40.33 -25.55 -85.09
N SER C 397 -40.66 -26.63 -84.41
CA SER C 397 -41.19 -27.81 -85.09
C SER C 397 -42.57 -27.55 -85.66
N LYS C 398 -43.49 -27.02 -84.86
CA LYS C 398 -44.83 -26.76 -85.35
C LYS C 398 -44.82 -25.69 -86.43
N GLY C 399 -43.94 -24.68 -86.31
CA GLY C 399 -43.85 -23.68 -87.35
C GLY C 399 -43.41 -24.27 -88.67
N ALA C 400 -42.37 -25.12 -88.63
CA ALA C 400 -41.93 -25.78 -89.86
C ALA C 400 -43.02 -26.68 -90.42
N SER C 401 -43.72 -27.41 -89.55
CA SER C 401 -44.78 -28.30 -90.01
C SER C 401 -45.91 -27.52 -90.68
N VAL C 402 -46.32 -26.40 -90.09
CA VAL C 402 -47.43 -25.65 -90.66
C VAL C 402 -47.01 -24.93 -91.94
N ILE C 403 -45.76 -24.48 -92.02
CA ILE C 403 -45.33 -23.83 -93.25
C ILE C 403 -45.22 -24.85 -94.38
N ARG C 404 -44.79 -26.08 -94.07
CA ARG C 404 -44.80 -27.13 -95.09
C ARG C 404 -46.23 -27.49 -95.48
N MET C 405 -47.13 -27.53 -94.49
CA MET C 405 -48.57 -27.62 -94.77
C MET C 405 -48.99 -26.60 -95.79
N LEU C 406 -48.60 -25.33 -95.58
CA LEU C 406 -49.00 -24.26 -96.48
C LEU C 406 -48.42 -24.47 -97.87
N HIS C 407 -47.15 -24.91 -97.94
CA HIS C 407 -46.56 -25.13 -99.25
C HIS C 407 -47.32 -26.21 -100.02
N ASP C 408 -47.69 -27.30 -99.34
CA ASP C 408 -48.48 -28.33 -100.01
C ASP C 408 -49.85 -27.80 -100.42
N TYR C 409 -50.51 -27.07 -99.52
CA TYR C 409 -51.85 -26.57 -99.79
C TYR C 409 -51.85 -25.55 -100.92
N ILE C 410 -50.72 -24.89 -101.15
CA ILE C 410 -50.66 -23.85 -102.16
C ILE C 410 -50.15 -24.39 -103.49
N GLY C 411 -49.31 -25.41 -103.47
CA GLY C 411 -48.65 -25.79 -104.71
C GLY C 411 -47.29 -25.14 -104.84
N ASP C 412 -46.35 -25.87 -105.45
CA ASP C 412 -44.97 -25.41 -105.48
C ASP C 412 -44.82 -24.12 -106.25
N LYS C 413 -45.36 -24.05 -107.46
CA LYS C 413 -45.22 -22.85 -108.29
C LYS C 413 -45.95 -21.66 -107.68
N ASP C 414 -47.15 -21.90 -107.14
CA ASP C 414 -47.91 -20.80 -106.53
C ASP C 414 -47.19 -20.28 -105.28
N PHE C 415 -46.63 -21.17 -104.46
CA PHE C 415 -45.85 -20.75 -103.32
C PHE C 415 -44.61 -19.97 -103.76
N LYS C 416 -43.99 -20.41 -104.86
CA LYS C 416 -42.87 -19.69 -105.44
C LYS C 416 -43.27 -18.26 -105.78
N LYS C 417 -44.38 -18.10 -106.50
CA LYS C 417 -44.84 -16.77 -106.89
C LYS C 417 -45.14 -15.92 -105.67
N GLY C 418 -45.79 -16.52 -104.66
CA GLY C 418 -46.11 -15.77 -103.46
C GLY C 418 -44.88 -15.28 -102.73
N MET C 419 -43.88 -16.16 -102.60
CA MET C 419 -42.65 -15.79 -101.92
C MET C 419 -41.93 -14.68 -102.69
N ASN C 420 -41.88 -14.80 -104.02
CA ASN C 420 -41.20 -13.78 -104.82
C ASN C 420 -41.91 -12.43 -104.69
N MET C 421 -43.24 -12.44 -104.76
CA MET C 421 -43.99 -11.19 -104.60
C MET C 421 -43.77 -10.59 -103.21
N TYR C 422 -43.80 -11.42 -102.17
CA TYR C 422 -43.60 -10.92 -100.81
C TYR C 422 -42.21 -10.32 -100.65
N LEU C 423 -41.19 -10.97 -101.19
CA LEU C 423 -39.83 -10.42 -101.09
C LEU C 423 -39.71 -9.12 -101.87
N THR C 424 -40.28 -9.05 -103.08
CA THR C 424 -40.20 -7.83 -103.85
C THR C 424 -41.07 -6.71 -103.26
N LYS C 425 -42.02 -7.06 -102.41
CA LYS C 425 -42.92 -6.05 -101.85
C LYS C 425 -42.24 -5.24 -100.75
N PHE C 426 -41.73 -5.90 -99.73
CA PHE C 426 -41.19 -5.24 -98.55
C PHE C 426 -39.71 -5.56 -98.35
N GLN C 427 -38.95 -5.51 -99.44
CA GLN C 427 -37.50 -5.65 -99.35
C GLN C 427 -36.92 -4.50 -98.54
N GLN C 428 -36.05 -4.83 -97.60
CA GLN C 428 -35.41 -3.87 -96.70
C GLN C 428 -36.42 -3.14 -95.83
N LYS C 429 -37.66 -3.64 -95.73
CA LYS C 429 -38.69 -3.03 -94.92
C LYS C 429 -39.31 -4.09 -94.02
N ASN C 430 -39.58 -3.71 -92.78
CA ASN C 430 -40.19 -4.65 -91.84
C ASN C 430 -41.59 -5.03 -92.30
N ALA C 431 -41.92 -6.31 -92.16
CA ALA C 431 -43.23 -6.82 -92.54
C ALA C 431 -43.74 -7.73 -91.44
N ALA C 432 -45.06 -7.80 -91.34
CA ALA C 432 -45.71 -8.64 -90.35
C ALA C 432 -46.13 -9.97 -90.98
N THR C 433 -46.55 -10.89 -90.11
CA THR C 433 -47.03 -12.19 -90.58
C THR C 433 -48.27 -12.03 -91.45
N GLU C 434 -49.16 -11.12 -91.05
CA GLU C 434 -50.36 -10.85 -91.85
C GLU C 434 -50.00 -10.35 -93.25
N ASP C 435 -48.89 -9.61 -93.38
CA ASP C 435 -48.46 -9.19 -94.71
C ASP C 435 -48.07 -10.40 -95.56
N LEU C 436 -47.37 -11.37 -94.98
CA LEU C 436 -47.04 -12.58 -95.72
C LEU C 436 -48.30 -13.33 -96.13
N TRP C 437 -49.29 -13.42 -95.24
CA TRP C 437 -50.54 -14.06 -95.59
C TRP C 437 -51.24 -13.33 -96.73
N GLU C 438 -51.23 -11.99 -96.68
CA GLU C 438 -51.85 -11.21 -97.74
C GLU C 438 -51.16 -11.45 -99.08
N SER C 439 -49.83 -11.45 -99.08
CA SER C 439 -49.11 -11.69 -100.33
C SER C 439 -49.40 -13.09 -100.88
N LEU C 440 -49.43 -14.09 -100.01
CA LEU C 440 -49.75 -15.45 -100.44
C LEU C 440 -51.16 -15.52 -101.01
N GLU C 441 -52.12 -14.85 -100.37
CA GLU C 441 -53.49 -14.82 -100.88
C GLU C 441 -53.56 -14.11 -102.22
N ASN C 442 -52.75 -13.06 -102.40
CA ASN C 442 -52.71 -12.38 -103.69
C ASN C 442 -52.18 -13.31 -104.77
N ALA C 443 -51.15 -14.09 -104.45
CA ALA C 443 -50.57 -14.98 -105.45
C ALA C 443 -51.54 -16.09 -105.85
N SER C 444 -52.20 -16.72 -104.87
CA SER C 444 -53.04 -17.89 -105.12
C SER C 444 -54.51 -17.51 -105.34
N GLY C 445 -55.12 -16.84 -104.37
CA GLY C 445 -56.52 -16.49 -104.46
C GLY C 445 -57.32 -17.11 -103.33
N LYS C 446 -57.00 -18.35 -102.99
CA LYS C 446 -57.63 -19.00 -101.86
C LYS C 446 -57.15 -18.36 -100.55
N PRO C 447 -58.00 -18.30 -99.53
CA PRO C 447 -57.66 -17.56 -98.31
C PRO C 447 -56.70 -18.35 -97.42
N ILE C 448 -55.45 -17.91 -97.38
CA ILE C 448 -54.49 -18.46 -96.43
C ILE C 448 -54.69 -17.84 -95.06
N ALA C 449 -54.90 -16.52 -95.00
CA ALA C 449 -55.07 -15.84 -93.72
C ALA C 449 -56.29 -16.35 -92.97
N ALA C 450 -57.34 -16.77 -93.68
CA ALA C 450 -58.52 -17.32 -93.04
C ALA C 450 -58.20 -18.59 -92.24
N VAL C 451 -57.09 -19.25 -92.52
CA VAL C 451 -56.63 -20.38 -91.75
C VAL C 451 -55.54 -19.99 -90.77
N MET C 452 -54.71 -19.02 -91.17
CA MET C 452 -53.59 -18.61 -90.33
C MET C 452 -54.07 -17.90 -89.07
N ASN C 453 -55.16 -17.12 -89.19
CA ASN C 453 -55.69 -16.46 -88.00
C ASN C 453 -56.12 -17.46 -86.93
N THR C 454 -56.77 -18.55 -87.34
CA THR C 454 -57.11 -19.59 -86.37
C THR C 454 -55.87 -20.32 -85.88
N TRP C 455 -54.90 -20.55 -86.78
CA TRP C 455 -53.67 -21.23 -86.37
C TRP C 455 -52.96 -20.45 -85.27
N THR C 456 -52.97 -19.12 -85.37
CA THR C 456 -52.47 -18.31 -84.26
C THR C 456 -53.39 -18.38 -83.06
N LYS C 457 -54.70 -18.38 -83.29
CA LYS C 457 -55.66 -18.34 -82.19
C LYS C 457 -55.54 -19.57 -81.29
N GLN C 458 -55.86 -20.75 -81.83
CA GLN C 458 -55.95 -21.93 -80.99
C GLN C 458 -54.59 -22.60 -80.84
N MET C 459 -54.63 -23.82 -80.32
CA MET C 459 -53.45 -24.54 -79.87
C MET C 459 -53.65 -26.03 -80.03
N GLY C 460 -52.99 -26.61 -81.04
CA GLY C 460 -53.00 -28.04 -81.20
C GLY C 460 -53.42 -28.47 -82.59
N PHE C 461 -53.57 -29.77 -82.74
CA PHE C 461 -53.96 -30.38 -84.01
C PHE C 461 -55.23 -31.20 -83.82
N PRO C 462 -56.03 -31.33 -84.86
CA PRO C 462 -57.29 -32.07 -84.75
C PRO C 462 -57.17 -33.58 -84.92
N LEU C 463 -58.31 -34.24 -85.03
CA LEU C 463 -58.45 -35.65 -85.32
C LEU C 463 -59.63 -35.85 -86.25
N ILE C 464 -59.69 -37.01 -86.90
CA ILE C 464 -60.75 -37.35 -87.83
C ILE C 464 -61.18 -38.78 -87.58
N TYR C 465 -62.49 -38.99 -87.43
CA TYR C 465 -63.05 -40.33 -87.47
C TYR C 465 -63.40 -40.62 -88.92
N VAL C 466 -62.47 -41.30 -89.62
CA VAL C 466 -62.71 -41.62 -91.01
C VAL C 466 -63.79 -42.69 -91.12
N GLU C 467 -64.27 -42.89 -92.33
CA GLU C 467 -65.34 -43.86 -92.58
C GLU C 467 -64.94 -44.74 -93.75
N ALA C 468 -65.90 -45.53 -94.22
CA ALA C 468 -65.68 -46.44 -95.34
C ALA C 468 -66.99 -46.55 -96.13
N GLU C 469 -66.99 -46.05 -97.36
CA GLU C 469 -68.16 -46.17 -98.24
C GLU C 469 -67.66 -46.29 -99.67
N GLN C 470 -67.47 -47.52 -100.14
CA GLN C 470 -66.94 -47.75 -101.49
C GLN C 470 -68.12 -48.02 -102.43
N VAL C 471 -68.72 -46.94 -102.90
CA VAL C 471 -69.80 -47.03 -103.88
C VAL C 471 -69.14 -47.21 -105.25
N GLU C 472 -69.05 -48.46 -105.71
CA GLU C 472 -68.41 -48.80 -106.98
C GLU C 472 -66.98 -48.29 -107.03
N ASP C 473 -66.75 -47.18 -107.73
CA ASP C 473 -65.44 -46.56 -107.82
C ASP C 473 -65.41 -45.20 -107.15
N ASP C 474 -66.05 -45.09 -105.99
CA ASP C 474 -66.07 -43.85 -105.21
C ASP C 474 -65.93 -44.24 -103.74
N ARG C 475 -64.74 -44.05 -103.19
CA ARG C 475 -64.49 -44.37 -101.78
C ARG C 475 -64.79 -43.13 -100.95
N LEU C 476 -66.08 -42.85 -100.82
CA LEU C 476 -66.56 -41.72 -100.04
C LEU C 476 -66.59 -42.08 -98.56
N LEU C 477 -66.37 -41.08 -97.72
CA LEU C 477 -66.43 -41.26 -96.27
C LEU C 477 -66.60 -39.88 -95.63
N ARG C 478 -66.71 -39.85 -94.30
CA ARG C 478 -67.07 -38.64 -93.57
C ARG C 478 -65.94 -38.29 -92.61
N LEU C 479 -65.16 -37.26 -92.95
CA LEU C 479 -64.11 -36.80 -92.06
C LEU C 479 -64.72 -35.93 -90.96
N SER C 480 -64.42 -36.24 -89.71
CA SER C 480 -65.01 -35.58 -88.56
C SER C 480 -63.93 -34.88 -87.74
N GLN C 481 -63.87 -33.56 -87.83
CA GLN C 481 -62.82 -32.78 -87.20
C GLN C 481 -63.15 -32.59 -85.72
N LYS C 482 -62.18 -32.90 -84.85
CA LYS C 482 -62.33 -32.70 -83.41
C LYS C 482 -60.94 -32.55 -82.81
N LYS C 483 -60.87 -31.92 -81.65
CA LYS C 483 -59.58 -31.71 -81.00
C LYS C 483 -58.99 -33.03 -80.51
N PHE C 484 -57.67 -33.06 -80.41
CA PHE C 484 -56.94 -34.23 -79.93
C PHE C 484 -56.59 -34.06 -78.46
N CYS C 485 -56.60 -35.17 -77.73
CA CYS C 485 -56.16 -35.23 -76.35
C CYS C 485 -55.20 -36.40 -76.18
N ALA C 486 -54.20 -36.24 -75.31
CA ALA C 486 -53.25 -37.31 -75.06
C ALA C 486 -53.97 -38.54 -74.51
N GLY C 487 -54.80 -38.35 -73.49
CA GLY C 487 -55.63 -39.45 -73.01
C GLY C 487 -56.68 -39.86 -74.03
N GLY C 488 -57.28 -38.89 -74.70
CA GLY C 488 -58.30 -39.16 -75.69
C GLY C 488 -59.52 -38.28 -75.55
N ALA C 489 -59.84 -37.90 -74.32
CA ALA C 489 -61.00 -37.06 -74.02
C ALA C 489 -60.55 -35.61 -74.05
N TYR C 490 -60.72 -34.96 -75.20
CA TYR C 490 -60.37 -33.55 -75.32
C TYR C 490 -61.37 -32.68 -74.57
N VAL C 491 -60.90 -31.51 -74.15
CA VAL C 491 -61.73 -30.64 -73.33
C VAL C 491 -62.93 -30.12 -74.12
N GLY C 492 -62.69 -29.62 -75.33
CA GLY C 492 -63.75 -29.32 -76.27
C GLY C 492 -64.80 -28.33 -75.81
N GLU C 493 -64.46 -27.46 -74.85
CA GLU C 493 -65.43 -26.43 -74.45
C GLU C 493 -65.65 -25.44 -75.59
N ASP C 494 -64.58 -25.01 -76.24
CA ASP C 494 -64.66 -24.14 -77.40
C ASP C 494 -65.02 -24.99 -78.62
N CYS C 495 -64.86 -24.41 -79.82
CA CYS C 495 -65.05 -25.17 -81.04
C CYS C 495 -63.79 -25.98 -81.34
N PRO C 496 -63.80 -27.29 -81.08
CA PRO C 496 -62.58 -28.09 -81.27
C PRO C 496 -62.22 -28.32 -82.72
N GLN C 497 -63.19 -28.19 -83.63
CA GLN C 497 -62.94 -28.50 -85.03
C GLN C 497 -61.99 -27.49 -85.65
N TRP C 498 -61.34 -27.91 -86.73
CA TRP C 498 -60.36 -27.09 -87.41
C TRP C 498 -60.71 -27.02 -88.90
N MET C 499 -59.76 -26.52 -89.68
CA MET C 499 -59.83 -26.44 -91.13
C MET C 499 -58.52 -26.88 -91.76
N VAL C 500 -57.86 -27.86 -91.16
CA VAL C 500 -56.60 -28.39 -91.70
C VAL C 500 -56.81 -28.86 -93.13
N PRO C 501 -55.95 -28.45 -94.05
CA PRO C 501 -56.03 -28.92 -95.45
C PRO C 501 -55.39 -30.29 -95.62
N ILE C 502 -56.06 -31.30 -95.06
CA ILE C 502 -55.59 -32.68 -95.16
C ILE C 502 -55.59 -33.08 -96.63
N THR C 503 -54.41 -33.31 -97.18
CA THR C 503 -54.25 -33.61 -98.59
C THR C 503 -54.20 -35.13 -98.74
N ILE C 504 -55.36 -35.72 -99.03
CA ILE C 504 -55.40 -37.15 -99.33
C ILE C 504 -54.50 -37.44 -100.52
N SER C 505 -54.02 -38.68 -100.59
CA SER C 505 -53.16 -39.11 -101.67
C SER C 505 -53.60 -40.48 -102.16
N THR C 506 -53.72 -40.62 -103.48
CA THR C 506 -54.00 -41.92 -104.06
C THR C 506 -52.78 -42.82 -103.89
N SER C 507 -53.00 -44.02 -103.38
CA SER C 507 -51.92 -44.94 -103.05
C SER C 507 -51.39 -45.71 -104.25
N GLU C 508 -52.03 -45.58 -105.41
CA GLU C 508 -51.49 -46.24 -106.61
C GLU C 508 -50.13 -45.66 -106.99
N ASP C 509 -49.98 -44.34 -106.88
CA ASP C 509 -48.68 -43.70 -107.08
C ASP C 509 -48.13 -43.27 -105.74
N PRO C 510 -47.04 -43.87 -105.26
CA PRO C 510 -46.55 -43.54 -103.91
C PRO C 510 -46.21 -42.07 -103.72
N ASN C 511 -45.64 -41.42 -104.74
CA ASN C 511 -45.26 -40.02 -104.63
C ASN C 511 -46.31 -39.06 -105.17
N GLN C 512 -47.13 -39.50 -106.11
CA GLN C 512 -48.12 -38.64 -106.76
C GLN C 512 -49.49 -38.85 -106.12
N ALA C 513 -50.11 -37.76 -105.70
CA ALA C 513 -51.46 -37.79 -105.12
C ALA C 513 -52.44 -37.48 -106.23
N LYS C 514 -52.93 -38.54 -106.89
CA LYS C 514 -53.92 -38.34 -107.96
C LYS C 514 -55.17 -37.68 -107.42
N LEU C 515 -55.67 -38.15 -106.27
CA LEU C 515 -56.78 -37.53 -105.58
C LEU C 515 -56.22 -36.76 -104.39
N LYS C 516 -56.51 -35.46 -104.35
CA LYS C 516 -56.03 -34.60 -103.27
C LYS C 516 -57.01 -33.45 -103.12
N ILE C 517 -57.54 -33.28 -101.91
CA ILE C 517 -58.55 -32.27 -101.63
C ILE C 517 -58.00 -31.29 -100.61
N LEU C 518 -58.26 -30.00 -100.84
CA LEU C 518 -57.90 -28.97 -99.88
C LEU C 518 -59.03 -28.79 -98.88
N MET C 519 -59.45 -29.91 -98.26
CA MET C 519 -60.55 -29.88 -97.32
C MET C 519 -60.22 -28.96 -96.15
N ASP C 520 -61.17 -28.08 -95.81
CA ASP C 520 -60.99 -27.21 -94.65
C ASP C 520 -62.28 -27.03 -93.87
N LYS C 521 -63.07 -28.08 -93.71
CA LYS C 521 -64.35 -27.96 -93.01
C LYS C 521 -64.55 -29.11 -92.04
N PRO C 522 -65.33 -28.89 -90.98
CA PRO C 522 -65.60 -29.99 -90.04
C PRO C 522 -66.28 -31.18 -90.68
N GLU C 523 -67.13 -30.95 -91.68
CA GLU C 523 -67.77 -32.02 -92.43
C GLU C 523 -67.73 -31.69 -93.92
N MET C 524 -67.71 -32.73 -94.74
CA MET C 524 -67.54 -32.58 -96.19
C MET C 524 -67.85 -33.91 -96.85
N ASN C 525 -67.67 -33.96 -98.17
CA ASN C 525 -67.85 -35.17 -98.95
C ASN C 525 -66.65 -35.35 -99.86
N VAL C 526 -66.55 -36.54 -100.46
CA VAL C 526 -65.40 -36.90 -101.28
C VAL C 526 -65.85 -37.04 -102.73
N VAL C 527 -64.92 -36.78 -103.65
CA VAL C 527 -65.13 -36.98 -105.08
C VAL C 527 -63.86 -37.61 -105.63
N LEU C 528 -63.96 -38.85 -106.12
CA LEU C 528 -62.79 -39.57 -106.60
C LEU C 528 -63.23 -40.66 -107.55
N LYS C 529 -62.25 -41.20 -108.28
CA LYS C 529 -62.43 -42.36 -109.15
C LYS C 529 -61.49 -43.45 -108.67
N ASN C 530 -62.04 -44.46 -107.99
CA ASN C 530 -61.24 -45.54 -107.43
C ASN C 530 -60.62 -46.38 -108.54
N VAL C 531 -59.39 -46.83 -108.30
CA VAL C 531 -58.67 -47.66 -109.26
C VAL C 531 -58.83 -49.15 -108.93
N LYS C 532 -58.58 -49.51 -107.67
CA LYS C 532 -58.62 -50.90 -107.25
C LYS C 532 -59.58 -51.06 -106.08
N PRO C 533 -60.32 -52.17 -106.02
CA PRO C 533 -61.27 -52.36 -104.90
C PRO C 533 -60.61 -52.24 -103.54
N ASP C 534 -59.33 -52.59 -103.43
CA ASP C 534 -58.54 -52.31 -102.23
C ASP C 534 -57.44 -51.35 -102.67
N GLN C 535 -57.75 -50.05 -102.68
CA GLN C 535 -56.78 -49.04 -103.08
C GLN C 535 -55.93 -48.55 -101.91
N TRP C 536 -56.23 -49.00 -100.69
CA TRP C 536 -55.51 -48.64 -99.47
C TRP C 536 -55.15 -47.16 -99.45
N VAL C 537 -56.10 -46.31 -99.86
CA VAL C 537 -55.83 -44.90 -100.11
C VAL C 537 -55.19 -44.27 -98.89
N LYS C 538 -54.12 -43.52 -99.11
CA LYS C 538 -53.33 -42.96 -98.02
C LYS C 538 -53.83 -41.56 -97.71
N LEU C 539 -54.49 -41.41 -96.57
CA LEU C 539 -54.81 -40.10 -96.06
C LEU C 539 -53.52 -39.37 -95.69
N ASN C 540 -53.47 -38.08 -96.03
CA ASN C 540 -52.24 -37.30 -95.94
C ASN C 540 -51.22 -37.90 -96.90
N LEU C 541 -49.99 -37.38 -96.90
CA LEU C 541 -48.97 -37.92 -97.79
C LEU C 541 -47.59 -37.64 -97.17
N GLY C 542 -46.97 -38.67 -96.62
CA GLY C 542 -45.71 -38.48 -95.93
C GLY C 542 -45.81 -37.58 -94.72
N THR C 543 -46.98 -37.56 -94.07
CA THR C 543 -47.25 -36.71 -92.92
C THR C 543 -46.89 -35.25 -93.21
N VAL C 544 -47.17 -34.81 -94.44
CA VAL C 544 -46.97 -33.40 -94.76
C VAL C 544 -47.92 -32.54 -93.94
N GLY C 545 -49.13 -33.04 -93.70
CA GLY C 545 -50.05 -32.39 -92.79
C GLY C 545 -49.71 -32.76 -91.36
N PHE C 546 -49.34 -31.75 -90.57
CA PHE C 546 -49.06 -31.94 -89.16
C PHE C 546 -50.34 -32.37 -88.48
N TYR C 547 -50.45 -33.66 -88.18
CA TYR C 547 -51.75 -34.25 -87.90
C TYR C 547 -51.56 -35.72 -87.52
N ARG C 548 -52.64 -36.31 -87.00
CA ARG C 548 -52.64 -37.62 -86.34
C ARG C 548 -53.78 -38.49 -86.86
N THR C 549 -53.86 -38.66 -88.18
CA THR C 549 -54.96 -39.37 -88.83
C THR C 549 -55.34 -40.65 -88.11
N GLN C 550 -56.60 -40.72 -87.68
CA GLN C 550 -57.14 -41.91 -87.05
C GLN C 550 -57.90 -42.72 -88.10
N TYR C 551 -57.34 -43.87 -88.49
CA TYR C 551 -57.97 -44.74 -89.47
C TYR C 551 -58.93 -45.70 -88.76
N SER C 552 -60.05 -45.98 -89.40
CA SER C 552 -60.98 -46.97 -88.88
C SER C 552 -60.41 -48.37 -89.06
N SER C 553 -61.03 -49.33 -88.38
CA SER C 553 -60.55 -50.71 -88.43
C SER C 553 -60.60 -51.24 -89.87
N ALA C 554 -61.66 -50.90 -90.60
CA ALA C 554 -61.74 -51.29 -92.01
C ALA C 554 -60.61 -50.67 -92.81
N MET C 555 -60.32 -49.39 -92.56
CA MET C 555 -59.20 -48.73 -93.22
C MET C 555 -57.88 -49.42 -92.89
N LEU C 556 -57.66 -49.73 -91.61
CA LEU C 556 -56.43 -50.39 -91.20
C LEU C 556 -56.28 -51.74 -91.90
N GLU C 557 -57.36 -52.53 -91.93
CA GLU C 557 -57.30 -53.83 -92.58
C GLU C 557 -57.05 -53.69 -94.08
N SER C 558 -57.67 -52.69 -94.71
CA SER C 558 -57.47 -52.49 -96.14
C SER C 558 -56.03 -52.11 -96.45
N LEU C 559 -55.41 -51.27 -95.61
CA LEU C 559 -54.03 -50.86 -95.83
C LEU C 559 -53.02 -51.85 -95.30
N LEU C 560 -53.46 -52.87 -94.55
CA LEU C 560 -52.53 -53.86 -94.01
C LEU C 560 -51.67 -54.52 -95.08
N PRO C 561 -52.22 -55.01 -96.20
CA PRO C 561 -51.33 -55.55 -97.24
C PRO C 561 -50.36 -54.52 -97.79
N GLY C 562 -50.78 -53.25 -97.84
CA GLY C 562 -49.89 -52.21 -98.33
C GLY C 562 -48.66 -52.02 -97.47
N ILE C 563 -48.81 -52.21 -96.15
CA ILE C 563 -47.66 -52.10 -95.26
C ILE C 563 -46.94 -53.43 -95.06
N ARG C 564 -47.58 -54.56 -95.37
CA ARG C 564 -46.88 -55.84 -95.33
C ARG C 564 -45.71 -55.84 -96.30
N ASP C 565 -45.95 -55.36 -97.53
CA ASP C 565 -44.89 -55.21 -98.51
C ASP C 565 -44.34 -53.79 -98.45
N LEU C 566 -43.52 -53.42 -99.42
CA LEU C 566 -42.92 -52.09 -99.48
C LEU C 566 -43.68 -51.16 -100.43
N SER C 567 -44.91 -51.52 -100.82
CA SER C 567 -45.67 -50.69 -101.73
C SER C 567 -45.92 -49.30 -101.16
N LEU C 568 -46.30 -49.23 -99.89
CA LEU C 568 -46.49 -47.94 -99.25
C LEU C 568 -45.15 -47.26 -99.04
N PRO C 569 -45.08 -45.94 -99.19
CA PRO C 569 -43.82 -45.25 -98.93
C PRO C 569 -43.40 -45.43 -97.48
N PRO C 570 -42.09 -45.50 -97.22
CA PRO C 570 -41.63 -45.68 -95.84
C PRO C 570 -42.06 -44.56 -94.92
N VAL C 571 -42.12 -43.33 -95.43
CA VAL C 571 -42.58 -42.22 -94.60
C VAL C 571 -44.02 -42.44 -94.15
N ASP C 572 -44.88 -42.90 -95.06
CA ASP C 572 -46.25 -43.23 -94.69
C ASP C 572 -46.29 -44.32 -93.64
N ARG C 573 -45.47 -45.35 -93.82
CA ARG C 573 -45.48 -46.47 -92.88
C ARG C 573 -45.05 -46.02 -91.48
N LEU C 574 -43.98 -45.22 -91.40
CA LEU C 574 -43.54 -44.76 -90.09
C LEU C 574 -44.52 -43.79 -89.48
N GLY C 575 -45.15 -42.92 -90.29
CA GLY C 575 -46.16 -42.04 -89.76
C GLY C 575 -47.34 -42.80 -89.19
N LEU C 576 -47.80 -43.83 -89.90
CA LEU C 576 -48.88 -44.66 -89.40
C LEU C 576 -48.46 -45.40 -88.14
N GLN C 577 -47.23 -45.90 -88.10
CA GLN C 577 -46.73 -46.59 -86.91
C GLN C 577 -46.75 -45.67 -85.71
N ASN C 578 -46.23 -44.45 -85.86
CA ASN C 578 -46.26 -43.50 -84.76
C ASN C 578 -47.68 -43.14 -84.37
N ASP C 579 -48.57 -42.98 -85.36
CA ASP C 579 -49.95 -42.63 -85.08
C ASP C 579 -50.64 -43.70 -84.25
N LEU C 580 -50.43 -44.98 -84.59
CA LEU C 580 -51.10 -46.05 -83.87
C LEU C 580 -50.67 -46.11 -82.41
N PHE C 581 -49.37 -45.92 -82.16
CA PHE C 581 -48.89 -45.94 -80.78
C PHE C 581 -49.48 -44.79 -79.97
N SER C 582 -49.55 -43.60 -80.55
CA SER C 582 -50.19 -42.48 -79.87
C SER C 582 -51.69 -42.70 -79.72
N LEU C 583 -52.31 -43.31 -80.73
CA LEU C 583 -53.75 -43.56 -80.73
C LEU C 583 -54.14 -44.82 -79.96
N ALA C 584 -53.18 -45.52 -79.36
CA ALA C 584 -53.53 -46.57 -78.43
C ALA C 584 -54.31 -46.02 -77.24
N ARG C 585 -53.99 -44.78 -76.84
CA ARG C 585 -54.64 -44.16 -75.70
C ARG C 585 -56.04 -43.68 -76.05
N ALA C 586 -56.24 -43.17 -77.27
CA ALA C 586 -57.50 -42.58 -77.67
C ALA C 586 -58.34 -43.51 -78.53
N GLY C 587 -57.72 -44.05 -79.58
CA GLY C 587 -58.43 -45.01 -80.46
C GLY C 587 -58.60 -46.34 -79.75
N ILE C 588 -59.59 -47.14 -80.18
CA ILE C 588 -59.90 -48.42 -79.48
C ILE C 588 -59.03 -49.53 -80.09
N ILE C 589 -59.24 -50.79 -79.67
CA ILE C 589 -58.46 -51.96 -80.18
C ILE C 589 -57.00 -51.77 -79.76
N SER C 590 -56.36 -50.70 -80.24
CA SER C 590 -54.97 -50.40 -79.80
C SER C 590 -54.08 -51.64 -79.90
N THR C 591 -53.65 -52.18 -78.75
CA THR C 591 -52.72 -53.32 -78.75
C THR C 591 -53.10 -54.31 -79.83
N VAL C 592 -54.38 -54.70 -79.90
CA VAL C 592 -54.78 -55.75 -80.87
C VAL C 592 -54.35 -55.30 -82.28
N GLU C 593 -54.74 -54.08 -82.68
CA GLU C 593 -54.33 -53.56 -84.00
C GLU C 593 -52.80 -53.39 -83.99
N VAL C 594 -52.27 -52.78 -82.94
CA VAL C 594 -50.80 -52.62 -82.82
C VAL C 594 -50.15 -53.93 -83.28
N LEU C 595 -50.66 -55.06 -82.80
CA LEU C 595 -50.00 -56.31 -83.16
C LEU C 595 -50.00 -56.51 -84.66
N LYS C 596 -51.16 -56.25 -85.30
CA LYS C 596 -51.26 -56.43 -86.74
C LYS C 596 -50.26 -55.58 -87.49
N VAL C 597 -50.11 -54.30 -87.10
CA VAL C 597 -49.14 -53.49 -87.83
C VAL C 597 -47.74 -53.99 -87.56
N MET C 598 -47.51 -54.55 -86.37
CA MET C 598 -46.23 -55.20 -86.08
C MET C 598 -45.93 -56.25 -87.14
N GLU C 599 -46.95 -57.01 -87.54
CA GLU C 599 -46.78 -58.03 -88.57
C GLU C 599 -46.20 -57.45 -89.85
N ALA C 600 -46.67 -56.26 -90.23
CA ALA C 600 -46.14 -55.64 -91.45
C ALA C 600 -44.63 -55.45 -91.35
N PHE C 601 -44.17 -55.06 -90.17
CA PHE C 601 -42.75 -54.81 -89.98
C PHE C 601 -41.92 -56.07 -89.99
N VAL C 602 -42.53 -57.21 -90.33
CA VAL C 602 -41.75 -58.39 -90.66
C VAL C 602 -40.91 -58.13 -91.91
N ASN C 603 -41.31 -57.16 -92.74
CA ASN C 603 -40.63 -56.93 -94.01
C ASN C 603 -40.09 -55.51 -94.16
N GLU C 604 -40.06 -54.71 -93.10
CA GLU C 604 -39.62 -53.33 -93.21
C GLU C 604 -38.10 -53.27 -93.12
N PRO C 605 -37.41 -52.72 -94.12
CA PRO C 605 -35.95 -52.57 -94.02
C PRO C 605 -35.52 -51.17 -93.58
N ASN C 606 -36.47 -50.24 -93.53
CA ASN C 606 -36.11 -48.83 -93.33
C ASN C 606 -35.60 -48.59 -91.91
N TYR C 607 -34.48 -47.87 -91.80
CA TYR C 607 -33.85 -47.66 -90.51
C TYR C 607 -34.69 -46.78 -89.60
N THR C 608 -35.22 -45.67 -90.12
CA THR C 608 -35.98 -44.75 -89.28
C THR C 608 -37.24 -45.42 -88.74
N VAL C 609 -37.87 -46.29 -89.54
CA VAL C 609 -38.99 -47.06 -89.04
C VAL C 609 -38.57 -47.90 -87.85
N TRP C 610 -37.41 -48.53 -87.94
CA TRP C 610 -36.94 -49.33 -86.82
C TRP C 610 -36.61 -48.46 -85.61
N SER C 611 -36.08 -47.25 -85.85
CA SER C 611 -35.71 -46.39 -84.75
C SER C 611 -36.93 -45.94 -83.95
N ASP C 612 -37.95 -45.41 -84.64
CA ASP C 612 -39.11 -44.96 -83.90
C ASP C 612 -39.95 -46.14 -83.40
N LEU C 613 -39.89 -47.29 -84.09
CA LEU C 613 -40.54 -48.49 -83.56
C LEU C 613 -39.87 -48.94 -82.27
N SER C 614 -38.54 -48.92 -82.23
CA SER C 614 -37.83 -49.28 -81.01
C SER C 614 -38.14 -48.30 -79.89
N CYS C 615 -38.22 -47.01 -80.21
CA CYS C 615 -38.63 -46.03 -79.20
C CYS C 615 -40.00 -46.38 -78.64
N ASN C 616 -40.98 -46.62 -79.52
CA ASN C 616 -42.33 -46.93 -79.07
C ASN C 616 -42.36 -48.21 -78.24
N LEU C 617 -41.69 -49.26 -78.71
CA LEU C 617 -41.76 -50.55 -78.02
C LEU C 617 -41.01 -50.51 -76.70
N GLY C 618 -39.92 -49.76 -76.61
CA GLY C 618 -39.28 -49.56 -75.33
C GLY C 618 -40.16 -48.77 -74.38
N ILE C 619 -40.90 -47.79 -74.91
CA ILE C 619 -41.88 -47.08 -74.08
C ILE C 619 -42.90 -48.05 -73.52
N LEU C 620 -43.42 -48.95 -74.38
CA LEU C 620 -44.35 -49.97 -73.90
C LEU C 620 -43.72 -50.86 -72.84
N SER C 621 -42.51 -51.35 -73.10
CA SER C 621 -41.88 -52.30 -72.19
C SER C 621 -41.64 -51.67 -70.82
N THR C 622 -41.09 -50.45 -70.79
CA THR C 622 -40.90 -49.76 -69.52
C THR C 622 -42.24 -49.45 -68.87
N LEU C 623 -43.26 -49.16 -69.68
CA LEU C 623 -44.57 -48.78 -69.17
C LEU C 623 -45.34 -49.97 -68.59
N LEU C 624 -45.07 -51.18 -69.07
CA LEU C 624 -45.75 -52.39 -68.62
C LEU C 624 -45.10 -52.99 -67.38
N SER C 625 -44.37 -52.16 -66.61
CA SER C 625 -43.63 -52.66 -65.45
C SER C 625 -44.57 -53.19 -64.38
N HIS C 626 -45.60 -52.43 -64.04
CA HIS C 626 -46.40 -52.74 -62.86
C HIS C 626 -47.18 -54.04 -63.01
N THR C 627 -47.64 -54.34 -64.22
CA THR C 627 -48.34 -55.59 -64.50
C THR C 627 -47.42 -56.70 -64.97
N ASP C 628 -46.11 -56.43 -65.07
CA ASP C 628 -45.08 -57.44 -65.27
C ASP C 628 -45.15 -58.08 -66.66
N PHE C 629 -45.11 -59.42 -66.68
CA PHE C 629 -45.06 -60.27 -67.86
C PHE C 629 -44.19 -59.70 -68.97
N TYR C 630 -43.02 -59.17 -68.60
CA TYR C 630 -42.09 -58.66 -69.61
C TYR C 630 -41.69 -59.75 -70.59
N GLU C 631 -41.68 -61.00 -70.13
CA GLU C 631 -41.28 -62.10 -70.98
C GLU C 631 -42.19 -62.22 -72.20
N GLU C 632 -43.47 -61.87 -72.06
CA GLU C 632 -44.40 -61.98 -73.18
C GLU C 632 -44.11 -60.92 -74.23
N ILE C 633 -43.97 -59.66 -73.82
CA ILE C 633 -43.68 -58.60 -74.78
C ILE C 633 -42.28 -58.77 -75.36
N GLN C 634 -41.32 -59.22 -74.56
CA GLN C 634 -39.98 -59.49 -75.08
C GLN C 634 -40.01 -60.63 -76.09
N GLU C 635 -40.82 -61.66 -75.83
CA GLU C 635 -41.00 -62.73 -76.81
C GLU C 635 -41.62 -62.20 -78.10
N PHE C 636 -42.59 -61.31 -77.97
CA PHE C 636 -43.18 -60.69 -79.16
C PHE C 636 -42.14 -59.89 -79.94
N VAL C 637 -41.27 -59.17 -79.22
CA VAL C 637 -40.19 -58.43 -79.86
C VAL C 637 -39.25 -59.39 -80.58
N LYS C 638 -38.96 -60.54 -79.98
CA LYS C 638 -38.13 -61.55 -80.64
C LYS C 638 -38.81 -62.06 -81.90
N ASP C 639 -40.13 -62.28 -81.85
CA ASP C 639 -40.85 -62.71 -83.04
C ASP C 639 -40.74 -61.67 -84.14
N VAL C 640 -40.87 -60.39 -83.78
CA VAL C 640 -40.74 -59.32 -84.75
C VAL C 640 -39.33 -59.29 -85.35
N PHE C 641 -38.32 -59.43 -84.50
CA PHE C 641 -36.93 -59.24 -84.89
C PHE C 641 -36.28 -60.49 -85.48
N SER C 642 -36.97 -61.63 -85.49
CA SER C 642 -36.39 -62.83 -86.09
C SER C 642 -35.97 -62.61 -87.54
N PRO C 643 -36.86 -62.25 -88.47
CA PRO C 643 -36.41 -62.04 -89.85
C PRO C 643 -35.39 -60.94 -89.99
N ILE C 644 -35.50 -59.88 -89.18
CA ILE C 644 -34.57 -58.76 -89.29
C ILE C 644 -33.19 -59.17 -88.80
N GLY C 645 -33.13 -59.86 -87.66
CA GLY C 645 -31.86 -60.35 -87.17
C GLY C 645 -31.23 -61.37 -88.09
N GLU C 646 -32.06 -62.18 -88.76
CA GLU C 646 -31.53 -63.13 -89.73
C GLU C 646 -30.98 -62.41 -90.96
N ARG C 647 -31.76 -61.48 -91.53
CA ARG C 647 -31.33 -60.77 -92.73
C ARG C 647 -30.06 -59.96 -92.47
N LEU C 648 -30.01 -59.28 -91.32
CA LEU C 648 -28.80 -58.54 -90.98
C LEU C 648 -27.72 -59.47 -90.43
N GLY C 649 -28.08 -60.69 -90.06
CA GLY C 649 -27.13 -61.56 -89.40
C GLY C 649 -26.75 -61.01 -88.04
N TRP C 650 -25.56 -61.39 -87.57
CA TRP C 650 -25.00 -60.81 -86.36
C TRP C 650 -23.75 -60.01 -86.67
N ASP C 651 -22.78 -60.60 -87.35
CA ASP C 651 -21.54 -59.94 -87.71
C ASP C 651 -21.80 -58.89 -88.77
N PRO C 652 -20.87 -57.95 -88.96
CA PRO C 652 -20.99 -57.01 -90.08
C PRO C 652 -21.12 -57.76 -91.40
N LYS C 653 -22.03 -57.27 -92.24
CA LYS C 653 -22.36 -57.94 -93.49
C LYS C 653 -21.91 -57.09 -94.68
N PRO C 654 -21.41 -57.72 -95.74
CA PRO C 654 -21.01 -56.95 -96.92
C PRO C 654 -22.18 -56.17 -97.51
N GLY C 655 -21.86 -54.99 -98.03
CA GLY C 655 -22.89 -54.09 -98.56
C GLY C 655 -23.63 -53.29 -97.52
N GLU C 656 -23.14 -53.26 -96.28
CA GLU C 656 -23.79 -52.54 -95.19
C GLU C 656 -23.32 -51.09 -95.20
N GLY C 657 -24.27 -50.16 -95.23
CA GLY C 657 -23.97 -48.75 -95.11
C GLY C 657 -23.93 -48.31 -93.65
N HIS C 658 -23.69 -47.01 -93.46
CA HIS C 658 -23.74 -46.46 -92.11
C HIS C 658 -25.15 -46.57 -91.53
N LEU C 659 -26.16 -46.40 -92.37
CA LEU C 659 -27.52 -46.68 -91.94
C LEU C 659 -27.67 -48.13 -91.52
N ASP C 660 -27.03 -49.03 -92.26
CA ASP C 660 -27.04 -50.44 -91.87
C ASP C 660 -26.27 -50.67 -90.58
N ALA C 661 -25.24 -49.86 -90.31
CA ALA C 661 -24.56 -49.94 -89.02
C ALA C 661 -25.48 -49.53 -87.87
N LEU C 662 -26.25 -48.45 -88.07
CA LEU C 662 -27.24 -48.09 -87.07
C LEU C 662 -28.29 -49.19 -86.93
N LEU C 663 -28.66 -49.81 -88.05
CA LEU C 663 -29.57 -50.95 -88.02
C LEU C 663 -29.04 -52.07 -87.14
N ARG C 664 -27.78 -52.46 -87.36
CA ARG C 664 -27.22 -53.57 -86.58
C ARG C 664 -27.13 -53.19 -85.11
N GLY C 665 -26.75 -51.95 -84.82
CA GLY C 665 -26.69 -51.53 -83.43
C GLY C 665 -28.03 -51.62 -82.74
N LEU C 666 -29.06 -51.06 -83.38
CA LEU C 666 -30.39 -51.07 -82.77
C LEU C 666 -30.93 -52.48 -82.64
N VAL C 667 -30.77 -53.30 -83.68
CA VAL C 667 -31.32 -54.64 -83.64
C VAL C 667 -30.64 -55.48 -82.57
N LEU C 668 -29.32 -55.36 -82.45
CA LEU C 668 -28.60 -56.09 -81.42
C LEU C 668 -29.01 -55.62 -80.03
N GLY C 669 -29.07 -54.30 -79.82
CA GLY C 669 -29.45 -53.79 -78.52
C GLY C 669 -30.83 -54.22 -78.10
N LYS C 670 -31.81 -54.09 -79.00
CA LYS C 670 -33.17 -54.47 -78.66
C LYS C 670 -33.35 -55.97 -78.55
N LEU C 671 -32.61 -56.77 -79.32
CA LEU C 671 -32.65 -58.21 -79.16
C LEU C 671 -32.10 -58.62 -77.79
N GLY C 672 -31.05 -57.95 -77.34
CA GLY C 672 -30.56 -58.20 -75.99
C GLY C 672 -31.56 -57.75 -74.93
N LYS C 673 -32.24 -56.63 -75.18
CA LYS C 673 -33.32 -56.21 -74.29
C LYS C 673 -34.40 -57.29 -74.19
N ALA C 674 -34.75 -57.90 -75.32
CA ALA C 674 -35.66 -59.04 -75.29
C ALA C 674 -35.06 -60.20 -74.52
N GLY C 675 -33.76 -60.45 -74.69
CA GLY C 675 -33.07 -61.47 -73.95
C GLY C 675 -33.02 -62.81 -74.63
N HIS C 676 -32.75 -62.82 -75.94
CA HIS C 676 -32.63 -64.07 -76.66
C HIS C 676 -31.41 -64.85 -76.17
N LYS C 677 -31.60 -66.15 -75.97
CA LYS C 677 -30.55 -66.97 -75.37
C LYS C 677 -29.30 -67.04 -76.25
N ALA C 678 -29.49 -67.40 -77.53
CA ALA C 678 -28.35 -67.51 -78.42
C ALA C 678 -27.69 -66.16 -78.66
N THR C 679 -28.50 -65.12 -78.83
CA THR C 679 -27.96 -63.77 -79.01
C THR C 679 -27.16 -63.34 -77.78
N LEU C 680 -27.69 -63.61 -76.59
CA LEU C 680 -26.97 -63.27 -75.37
C LEU C 680 -25.67 -64.04 -75.26
N GLU C 681 -25.68 -65.32 -75.61
CA GLU C 681 -24.46 -66.12 -75.54
C GLU C 681 -23.40 -65.60 -76.51
N GLU C 682 -23.82 -65.28 -77.74
CA GLU C 682 -22.85 -64.73 -78.69
C GLU C 682 -22.33 -63.37 -78.24
N ALA C 683 -23.21 -62.54 -77.68
CA ALA C 683 -22.76 -61.26 -77.16
C ALA C 683 -21.74 -61.43 -76.05
N ARG C 684 -21.96 -62.39 -75.16
CA ARG C 684 -20.98 -62.70 -74.13
C ARG C 684 -19.67 -63.19 -74.75
N ARG C 685 -19.77 -64.00 -75.81
CA ARG C 685 -18.58 -64.43 -76.53
C ARG C 685 -17.75 -63.24 -76.99
N ARG C 686 -18.38 -62.30 -77.68
CA ARG C 686 -17.63 -61.16 -78.20
C ARG C 686 -17.17 -60.25 -77.07
N PHE C 687 -17.93 -60.18 -75.98
CA PHE C 687 -17.47 -59.46 -74.80
C PHE C 687 -16.15 -60.03 -74.28
N LYS C 688 -16.10 -61.36 -74.14
CA LYS C 688 -14.86 -62.01 -73.71
C LYS C 688 -13.74 -61.76 -74.71
N ASP C 689 -14.04 -61.86 -76.01
CA ASP C 689 -13.01 -61.66 -77.02
C ASP C 689 -12.45 -60.25 -76.96
N HIS C 690 -13.31 -59.25 -76.72
CA HIS C 690 -12.85 -57.86 -76.67
C HIS C 690 -12.05 -57.60 -75.40
N VAL C 691 -12.54 -58.08 -74.24
CA VAL C 691 -11.84 -57.81 -72.99
C VAL C 691 -10.49 -58.52 -72.98
N GLU C 692 -10.42 -59.71 -73.56
CA GLU C 692 -9.13 -60.38 -73.71
C GLU C 692 -8.24 -59.69 -74.74
N GLY C 693 -8.84 -58.93 -75.65
CA GLY C 693 -8.09 -58.30 -76.72
C GLY C 693 -7.80 -59.20 -77.90
N LYS C 694 -8.21 -60.47 -77.85
CA LYS C 694 -7.96 -61.37 -78.96
C LYS C 694 -8.71 -60.93 -80.22
N GLN C 695 -9.97 -60.50 -80.05
CA GLN C 695 -10.72 -59.89 -81.15
C GLN C 695 -11.54 -58.74 -80.57
N ILE C 696 -11.22 -57.52 -80.97
CA ILE C 696 -11.95 -56.33 -80.56
C ILE C 696 -12.74 -55.83 -81.76
N LEU C 697 -14.05 -55.72 -81.60
CA LEU C 697 -14.92 -55.36 -82.71
C LEU C 697 -15.17 -53.85 -82.72
N SER C 698 -16.00 -53.41 -83.67
CA SER C 698 -16.34 -52.00 -83.79
C SER C 698 -17.08 -51.52 -82.55
N ALA C 699 -16.82 -50.27 -82.16
CA ALA C 699 -17.52 -49.67 -81.04
C ALA C 699 -19.01 -49.59 -81.29
N ASP C 700 -19.42 -49.40 -82.54
CA ASP C 700 -20.83 -49.29 -82.89
C ASP C 700 -21.58 -50.56 -82.48
N LEU C 701 -21.00 -51.72 -82.75
CA LEU C 701 -21.57 -52.96 -82.23
C LEU C 701 -21.25 -53.12 -80.74
N ARG C 702 -20.10 -52.61 -80.30
CA ARG C 702 -19.60 -52.91 -78.97
C ARG C 702 -20.51 -52.38 -77.87
N SER C 703 -20.95 -51.12 -77.99
CA SER C 703 -21.80 -50.56 -76.94
C SER C 703 -23.11 -51.32 -76.78
N PRO C 704 -23.87 -51.62 -77.83
CA PRO C 704 -25.04 -52.48 -77.64
C PRO C 704 -24.67 -53.86 -77.12
N VAL C 705 -23.49 -54.38 -77.47
CA VAL C 705 -23.04 -55.65 -76.88
C VAL C 705 -22.88 -55.50 -75.37
N TYR C 706 -22.35 -54.35 -74.92
CA TYR C 706 -22.28 -54.10 -73.48
C TYR C 706 -23.68 -54.10 -72.87
N LEU C 707 -24.63 -53.42 -73.53
CA LEU C 707 -25.99 -53.38 -73.00
C LEU C 707 -26.56 -54.78 -72.88
N THR C 708 -26.39 -55.61 -73.92
CA THR C 708 -26.93 -56.96 -73.91
C THR C 708 -26.28 -57.83 -72.84
N VAL C 709 -24.95 -57.77 -72.72
CA VAL C 709 -24.29 -58.64 -71.76
C VAL C 709 -24.63 -58.23 -70.33
N LEU C 710 -24.78 -56.93 -70.07
CA LEU C 710 -25.17 -56.53 -68.73
C LEU C 710 -26.66 -56.69 -68.47
N LYS C 711 -27.47 -56.83 -69.52
CA LYS C 711 -28.87 -57.13 -69.33
C LYS C 711 -29.07 -58.43 -68.55
N HIS C 712 -28.13 -59.36 -68.68
CA HIS C 712 -28.15 -60.63 -67.96
C HIS C 712 -26.77 -60.95 -67.41
N GLY C 713 -26.08 -59.92 -66.91
CA GLY C 713 -24.73 -60.06 -66.41
C GLY C 713 -24.65 -59.81 -64.92
N ASP C 714 -23.57 -60.34 -64.33
CA ASP C 714 -23.33 -60.22 -62.90
C ASP C 714 -22.47 -58.98 -62.62
N GLY C 715 -21.99 -58.86 -61.39
CA GLY C 715 -21.18 -57.71 -61.01
C GLY C 715 -19.78 -57.71 -61.58
N THR C 716 -19.24 -58.89 -61.89
CA THR C 716 -17.89 -58.94 -62.45
C THR C 716 -17.83 -58.24 -63.80
N THR C 717 -18.84 -58.47 -64.65
CA THR C 717 -18.91 -57.76 -65.91
C THR C 717 -19.06 -56.26 -65.69
N LEU C 718 -19.75 -55.86 -64.63
CA LEU C 718 -19.88 -54.44 -64.31
C LEU C 718 -18.53 -53.84 -63.95
N ASP C 719 -17.74 -54.54 -63.14
CA ASP C 719 -16.41 -54.06 -62.80
C ASP C 719 -15.51 -54.00 -64.03
N ILE C 720 -15.63 -55.00 -64.91
CA ILE C 720 -14.86 -54.99 -66.15
C ILE C 720 -15.26 -53.79 -67.00
N MET C 721 -16.56 -53.47 -67.02
CA MET C 721 -17.04 -52.30 -67.76
C MET C 721 -16.44 -51.02 -67.20
N LEU C 722 -16.42 -50.89 -65.87
CA LEU C 722 -15.81 -49.71 -65.27
C LEU C 722 -14.34 -49.61 -65.63
N LYS C 723 -13.63 -50.74 -65.56
CA LYS C 723 -12.23 -50.78 -65.96
C LYS C 723 -12.06 -50.30 -67.39
N LEU C 724 -12.82 -50.90 -68.32
CA LEU C 724 -12.71 -50.54 -69.73
C LEU C 724 -13.01 -49.07 -69.95
N HIS C 725 -13.94 -48.51 -69.17
CA HIS C 725 -14.17 -47.07 -69.21
C HIS C 725 -12.92 -46.31 -68.78
N LYS C 726 -12.22 -46.83 -67.76
CA LYS C 726 -11.01 -46.16 -67.28
C LYS C 726 -9.92 -46.10 -68.35
N GLN C 727 -9.58 -47.24 -68.98
CA GLN C 727 -8.57 -47.11 -70.03
C GLN C 727 -9.12 -46.42 -71.29
N ALA C 728 -10.43 -46.49 -71.50
CA ALA C 728 -11.00 -45.79 -72.65
C ALA C 728 -10.78 -44.29 -72.53
N ASP C 729 -10.43 -43.66 -73.64
CA ASP C 729 -10.15 -42.23 -73.66
C ASP C 729 -11.15 -41.42 -74.46
N MET C 730 -11.84 -42.03 -75.42
CA MET C 730 -12.75 -41.29 -76.28
C MET C 730 -13.99 -40.92 -75.49
N GLN C 731 -14.33 -39.64 -75.46
CA GLN C 731 -15.33 -39.14 -74.51
C GLN C 731 -16.70 -39.75 -74.77
N GLU C 732 -17.18 -39.70 -76.01
CA GLU C 732 -18.52 -40.22 -76.27
C GLU C 732 -18.56 -41.74 -76.19
N GLU C 733 -17.43 -42.42 -76.46
CA GLU C 733 -17.37 -43.85 -76.25
C GLU C 733 -17.57 -44.19 -74.78
N LYS C 734 -16.91 -43.45 -73.89
CA LYS C 734 -17.09 -43.65 -72.46
C LYS C 734 -18.52 -43.31 -72.05
N ASN C 735 -19.10 -42.27 -72.64
CA ASN C 735 -20.48 -41.92 -72.32
C ASN C 735 -21.44 -43.03 -72.73
N ARG C 736 -21.22 -43.61 -73.91
CA ARG C 736 -22.03 -44.75 -74.35
C ARG C 736 -21.86 -45.92 -73.40
N ILE C 737 -20.62 -46.18 -72.98
CA ILE C 737 -20.35 -47.28 -72.06
C ILE C 737 -21.10 -47.08 -70.75
N GLU C 738 -21.07 -45.84 -70.23
CA GLU C 738 -21.76 -45.55 -68.97
C GLU C 738 -23.27 -45.72 -69.12
N ARG C 739 -23.84 -45.16 -70.19
CA ARG C 739 -25.29 -45.23 -70.35
C ARG C 739 -25.75 -46.66 -70.58
N VAL C 740 -24.94 -47.50 -71.23
CA VAL C 740 -25.36 -48.88 -71.43
C VAL C 740 -25.10 -49.72 -70.19
N LEU C 741 -24.10 -49.35 -69.37
CA LEU C 741 -23.90 -50.08 -68.11
C LEU C 741 -24.92 -49.65 -67.07
N GLY C 742 -25.65 -48.57 -67.32
CA GLY C 742 -26.79 -48.28 -66.47
C GLY C 742 -27.93 -49.26 -66.60
N ALA C 743 -27.84 -50.21 -67.54
CA ALA C 743 -28.92 -51.12 -67.84
C ALA C 743 -28.81 -52.47 -67.11
N THR C 744 -28.14 -52.51 -65.97
CA THR C 744 -28.15 -53.71 -65.16
C THR C 744 -29.50 -53.86 -64.46
N LEU C 745 -29.83 -55.09 -64.06
CA LEU C 745 -31.15 -55.40 -63.55
C LEU C 745 -31.18 -55.92 -62.12
N LEU C 746 -30.14 -56.61 -61.67
CA LEU C 746 -30.14 -57.20 -60.34
C LEU C 746 -30.23 -56.09 -59.28
N PRO C 747 -31.11 -56.22 -58.29
CA PRO C 747 -31.30 -55.11 -57.33
C PRO C 747 -30.03 -54.68 -56.61
N ASP C 748 -29.21 -55.63 -56.16
CA ASP C 748 -27.93 -55.26 -55.59
C ASP C 748 -27.06 -54.58 -56.63
N LEU C 749 -27.09 -55.08 -57.87
CA LEU C 749 -26.34 -54.47 -58.95
C LEU C 749 -26.84 -53.05 -59.25
N ILE C 750 -28.15 -52.83 -59.19
CA ILE C 750 -28.67 -51.50 -59.51
C ILE C 750 -28.31 -50.52 -58.41
N GLN C 751 -28.35 -50.95 -57.14
CA GLN C 751 -27.88 -50.08 -56.08
C GLN C 751 -26.40 -49.77 -56.23
N LYS C 752 -25.60 -50.79 -56.57
CA LYS C 752 -24.18 -50.58 -56.76
C LYS C 752 -23.92 -49.64 -57.92
N VAL C 753 -24.68 -49.75 -59.01
CA VAL C 753 -24.41 -48.90 -60.16
C VAL C 753 -24.95 -47.51 -59.91
N LEU C 754 -25.91 -47.35 -59.00
CA LEU C 754 -26.28 -46.01 -58.55
C LEU C 754 -25.12 -45.35 -57.81
N THR C 755 -24.54 -46.08 -56.85
CA THR C 755 -23.38 -45.52 -56.14
C THR C 755 -22.21 -45.32 -57.09
N PHE C 756 -22.11 -46.15 -58.14
CA PHE C 756 -21.06 -45.96 -59.14
C PHE C 756 -21.40 -44.84 -60.11
N ALA C 757 -22.68 -44.48 -60.22
CA ALA C 757 -23.04 -43.28 -60.96
C ALA C 757 -22.63 -42.04 -60.19
N LEU C 758 -22.72 -42.12 -58.86
CA LEU C 758 -22.04 -41.13 -58.03
C LEU C 758 -20.54 -41.13 -58.32
N SER C 759 -19.98 -42.30 -58.62
CA SER C 759 -18.57 -42.38 -58.98
C SER C 759 -18.30 -41.90 -60.40
N GLU C 760 -19.26 -42.09 -61.30
CA GLU C 760 -19.11 -41.76 -62.71
C GLU C 760 -19.44 -40.30 -63.01
N GLU C 761 -19.37 -39.45 -62.00
CA GLU C 761 -19.49 -38.01 -62.20
C GLU C 761 -18.26 -37.40 -62.87
N VAL C 762 -17.33 -38.24 -63.33
CA VAL C 762 -16.08 -37.75 -63.93
C VAL C 762 -16.39 -36.98 -65.20
N ARG C 763 -17.33 -37.48 -65.99
CA ARG C 763 -17.66 -36.82 -67.26
C ARG C 763 -18.20 -35.41 -66.98
N PRO C 764 -17.64 -34.38 -67.62
CA PRO C 764 -18.08 -33.01 -67.32
C PRO C 764 -19.49 -32.72 -67.81
N GLN C 765 -20.42 -32.63 -66.87
CA GLN C 765 -21.83 -32.33 -67.15
C GLN C 765 -22.48 -33.39 -68.01
N ASP C 766 -21.75 -34.47 -68.31
CA ASP C 766 -22.34 -35.66 -68.92
C ASP C 766 -22.84 -36.63 -67.86
N THR C 767 -22.59 -36.31 -66.58
CA THR C 767 -23.14 -37.09 -65.49
C THR C 767 -24.65 -37.19 -65.61
N VAL C 768 -25.29 -36.14 -66.15
CA VAL C 768 -26.73 -36.16 -66.33
C VAL C 768 -27.14 -37.28 -67.28
N SER C 769 -26.40 -37.44 -68.39
CA SER C 769 -26.73 -38.51 -69.32
C SER C 769 -26.42 -39.87 -68.73
N VAL C 770 -25.33 -39.97 -67.96
CA VAL C 770 -25.00 -41.24 -67.32
C VAL C 770 -26.12 -41.66 -66.37
N ILE C 771 -26.59 -40.72 -65.55
CA ILE C 771 -27.63 -41.07 -64.58
C ILE C 771 -28.98 -41.24 -65.26
N GLY C 772 -29.20 -40.56 -66.39
CA GLY C 772 -30.39 -40.87 -67.17
C GLY C 772 -30.35 -42.29 -67.70
N GLY C 773 -29.18 -42.74 -68.15
CA GLY C 773 -29.05 -44.13 -68.56
C GLY C 773 -29.30 -45.10 -67.43
N VAL C 774 -28.75 -44.81 -66.24
CA VAL C 774 -28.96 -45.74 -65.13
C VAL C 774 -30.43 -45.73 -64.70
N ALA C 775 -31.10 -44.58 -64.79
CA ALA C 775 -32.52 -44.52 -64.48
C ALA C 775 -33.34 -45.32 -65.49
N GLY C 776 -32.99 -45.22 -66.76
CA GLY C 776 -33.68 -45.97 -67.79
C GLY C 776 -33.26 -47.41 -67.93
N GLY C 777 -32.29 -47.85 -67.12
CA GLY C 777 -31.82 -49.23 -67.22
C GLY C 777 -32.90 -50.25 -66.89
N SER C 778 -33.63 -50.02 -65.81
CA SER C 778 -34.65 -50.97 -65.38
C SER C 778 -35.98 -50.23 -65.26
N LYS C 779 -37.04 -50.97 -64.94
CA LYS C 779 -38.37 -50.39 -64.79
C LYS C 779 -38.72 -50.21 -63.31
N HIS C 780 -38.74 -51.28 -62.53
CA HIS C 780 -38.81 -51.12 -61.08
C HIS C 780 -37.50 -50.55 -60.56
N GLY C 781 -36.38 -50.93 -61.18
CA GLY C 781 -35.12 -50.28 -60.90
C GLY C 781 -35.14 -48.81 -61.21
N ARG C 782 -35.98 -48.39 -62.17
CA ARG C 782 -36.18 -46.97 -62.41
C ARG C 782 -36.80 -46.29 -61.20
N LYS C 783 -37.78 -46.94 -60.56
CA LYS C 783 -38.38 -46.39 -59.35
C LYS C 783 -37.37 -46.37 -58.21
N ALA C 784 -36.55 -47.42 -58.11
CA ALA C 784 -35.49 -47.43 -57.11
C ALA C 784 -34.50 -46.30 -57.34
N ALA C 785 -34.14 -46.05 -58.60
CA ALA C 785 -33.25 -44.94 -58.91
C ALA C 785 -33.92 -43.60 -58.66
N TRP C 786 -35.25 -43.53 -58.81
CA TRP C 786 -35.97 -42.31 -58.48
C TRP C 786 -35.88 -42.03 -56.98
N LYS C 787 -36.05 -43.07 -56.17
CA LYS C 787 -35.83 -42.93 -54.73
C LYS C 787 -34.39 -42.53 -54.43
N PHE C 788 -33.45 -43.10 -55.19
CA PHE C 788 -32.03 -42.80 -55.01
C PHE C 788 -31.74 -41.33 -55.28
N ILE C 789 -32.26 -40.80 -56.39
CA ILE C 789 -32.06 -39.39 -56.72
C ILE C 789 -32.90 -38.48 -55.83
N LYS C 790 -33.96 -39.01 -55.22
CA LYS C 790 -34.59 -38.30 -54.11
C LYS C 790 -33.60 -38.13 -52.97
N ASP C 791 -32.87 -39.21 -52.65
CA ASP C 791 -31.82 -39.14 -51.64
C ASP C 791 -30.64 -38.29 -52.09
N ASN C 792 -30.53 -37.98 -53.39
CA ASN C 792 -29.43 -37.19 -53.92
C ASN C 792 -29.94 -35.97 -54.67
N TRP C 793 -31.09 -35.43 -54.25
CA TRP C 793 -31.65 -34.26 -54.92
C TRP C 793 -30.70 -33.08 -54.85
N GLU C 794 -30.12 -32.83 -53.68
CA GLU C 794 -29.22 -31.70 -53.51
C GLU C 794 -27.97 -31.86 -54.34
N GLU C 795 -27.44 -33.09 -54.43
CA GLU C 795 -26.26 -33.31 -55.27
C GLU C 795 -26.56 -33.00 -56.73
N LEU C 796 -27.71 -33.44 -57.23
CA LEU C 796 -28.07 -33.16 -58.61
C LEU C 796 -28.25 -31.66 -58.84
N TYR C 797 -28.88 -30.97 -57.88
CA TYR C 797 -29.11 -29.55 -58.07
C TYR C 797 -27.84 -28.72 -57.92
N ASN C 798 -26.89 -29.19 -57.11
CA ASN C 798 -25.60 -28.52 -57.03
C ASN C 798 -24.70 -28.86 -58.20
N ARG C 799 -24.98 -29.95 -58.92
CA ARG C 799 -24.30 -30.22 -60.17
C ARG C 799 -24.92 -29.50 -61.35
N TYR C 800 -26.21 -29.16 -61.28
CA TYR C 800 -26.91 -28.46 -62.35
C TYR C 800 -27.90 -27.51 -61.71
N GLN C 801 -27.68 -26.21 -61.89
CA GLN C 801 -28.48 -25.17 -61.24
C GLN C 801 -29.53 -24.68 -62.23
N GLY C 802 -30.64 -25.41 -62.31
CA GLY C 802 -31.75 -24.98 -63.16
C GLY C 802 -31.43 -24.92 -64.63
N GLY C 803 -30.77 -25.96 -65.16
CA GLY C 803 -30.47 -26.03 -66.57
C GLY C 803 -31.38 -27.00 -67.32
N PHE C 804 -31.22 -26.99 -68.64
CA PHE C 804 -31.96 -27.93 -69.48
C PHE C 804 -31.51 -29.37 -69.23
N LEU C 805 -30.27 -29.56 -68.77
CA LEU C 805 -29.78 -30.89 -68.47
C LEU C 805 -30.59 -31.55 -67.36
N ILE C 806 -30.88 -30.79 -66.30
CA ILE C 806 -31.61 -31.38 -65.18
C ILE C 806 -33.07 -31.63 -65.56
N SER C 807 -33.66 -30.78 -66.40
CA SER C 807 -35.01 -31.06 -66.87
C SER C 807 -35.05 -32.32 -67.71
N ARG C 808 -34.06 -32.49 -68.60
CA ARG C 808 -33.97 -33.74 -69.36
C ARG C 808 -33.79 -34.93 -68.43
N LEU C 809 -32.97 -34.75 -67.39
CA LEU C 809 -32.77 -35.82 -66.41
C LEU C 809 -34.08 -36.23 -65.75
N ILE C 810 -34.83 -35.27 -65.22
CA ILE C 810 -36.04 -35.60 -64.49
C ILE C 810 -37.09 -36.17 -65.45
N LYS C 811 -37.17 -35.63 -66.66
CA LYS C 811 -38.11 -36.18 -67.65
C LYS C 811 -37.77 -37.63 -67.97
N LEU C 812 -36.49 -37.93 -68.16
CA LEU C 812 -36.08 -39.32 -68.39
C LEU C 812 -36.39 -40.19 -67.19
N SER C 813 -36.16 -39.69 -65.99
CA SER C 813 -36.34 -40.52 -64.79
C SER C 813 -37.80 -40.87 -64.57
N VAL C 814 -38.71 -39.92 -64.77
CA VAL C 814 -40.12 -40.13 -64.43
C VAL C 814 -40.96 -40.54 -65.61
N GLU C 815 -40.37 -40.70 -66.80
CA GLU C 815 -41.16 -40.99 -67.98
C GLU C 815 -41.79 -42.38 -67.91
N GLY C 816 -41.18 -43.30 -67.18
CA GLY C 816 -41.63 -44.68 -67.11
C GLY C 816 -42.68 -44.97 -66.06
N PHE C 817 -43.23 -43.96 -65.41
CA PHE C 817 -44.14 -44.16 -64.29
C PHE C 817 -45.59 -44.11 -64.77
N ALA C 818 -46.39 -45.06 -64.28
CA ALA C 818 -47.81 -45.15 -64.66
C ALA C 818 -48.67 -45.49 -63.44
N VAL C 819 -48.41 -44.83 -62.31
CA VAL C 819 -49.22 -45.00 -61.11
C VAL C 819 -49.59 -43.63 -60.59
N ASP C 820 -50.89 -43.41 -60.36
CA ASP C 820 -51.36 -42.10 -59.94
C ASP C 820 -50.89 -41.75 -58.54
N LYS C 821 -50.82 -42.74 -57.64
CA LYS C 821 -50.43 -42.47 -56.25
C LYS C 821 -49.02 -41.92 -56.18
N MET C 822 -48.05 -42.63 -56.76
CA MET C 822 -46.71 -42.09 -56.72
C MET C 822 -46.51 -40.96 -57.72
N ALA C 823 -47.44 -40.78 -58.68
CA ALA C 823 -47.45 -39.56 -59.46
C ALA C 823 -47.71 -38.34 -58.57
N GLY C 824 -48.72 -38.44 -57.70
CA GLY C 824 -48.93 -37.38 -56.73
C GLY C 824 -47.78 -37.27 -55.75
N GLU C 825 -47.15 -38.40 -55.41
CA GLU C 825 -45.99 -38.38 -54.53
C GLU C 825 -44.85 -37.55 -55.15
N VAL C 826 -44.50 -37.85 -56.41
CA VAL C 826 -43.43 -37.11 -57.06
C VAL C 826 -43.86 -35.65 -57.29
N LYS C 827 -45.15 -35.42 -57.51
CA LYS C 827 -45.65 -34.06 -57.64
C LYS C 827 -45.41 -33.26 -56.36
N ALA C 828 -45.70 -33.86 -55.21
CA ALA C 828 -45.42 -33.20 -53.93
C ALA C 828 -43.91 -33.02 -53.74
N PHE C 829 -43.13 -34.01 -54.17
CA PHE C 829 -41.67 -33.90 -54.11
C PHE C 829 -41.19 -32.67 -54.88
N PHE C 830 -41.72 -32.47 -56.09
CA PHE C 830 -41.34 -31.31 -56.88
C PHE C 830 -41.89 -30.02 -56.28
N GLU C 831 -43.06 -30.08 -55.65
CA GLU C 831 -43.58 -28.89 -54.97
C GLU C 831 -42.66 -28.45 -53.84
N SER C 832 -42.18 -29.40 -53.04
CA SER C 832 -41.21 -29.07 -52.00
C SER C 832 -39.84 -28.72 -52.56
N HIS C 833 -39.61 -28.96 -53.86
CA HIS C 833 -38.31 -28.73 -54.48
C HIS C 833 -38.51 -27.90 -55.74
N PRO C 834 -38.73 -26.60 -55.59
CA PRO C 834 -39.02 -25.76 -56.77
C PRO C 834 -37.82 -25.66 -57.70
N ALA C 835 -38.06 -25.95 -58.98
CA ALA C 835 -37.08 -25.79 -60.05
C ALA C 835 -37.75 -25.00 -61.16
N PRO C 836 -37.77 -23.67 -61.05
CA PRO C 836 -38.59 -22.87 -61.98
C PRO C 836 -38.24 -23.05 -63.45
N SER C 837 -36.96 -23.16 -63.79
CA SER C 837 -36.56 -23.27 -65.19
C SER C 837 -37.15 -24.53 -65.82
N ALA C 838 -37.10 -25.64 -65.11
CA ALA C 838 -37.71 -26.88 -65.57
C ALA C 838 -39.18 -26.98 -65.21
N GLU C 839 -39.73 -25.98 -64.53
CA GLU C 839 -41.01 -26.12 -63.86
C GLU C 839 -42.08 -26.64 -64.80
N ARG C 840 -42.25 -25.98 -65.96
CA ARG C 840 -43.23 -26.43 -66.94
C ARG C 840 -43.06 -27.91 -67.24
N THR C 841 -41.87 -28.29 -67.68
CA THR C 841 -41.61 -29.70 -68.01
C THR C 841 -42.03 -30.59 -66.87
N ILE C 842 -41.76 -30.15 -65.63
CA ILE C 842 -42.13 -30.92 -64.45
C ILE C 842 -43.59 -31.35 -64.54
N GLN C 843 -44.52 -30.37 -64.57
CA GLN C 843 -45.92 -30.79 -64.55
C GLN C 843 -46.26 -31.56 -65.81
N GLN C 844 -45.62 -31.20 -66.93
CA GLN C 844 -45.75 -31.97 -68.15
C GLN C 844 -45.57 -33.44 -67.86
N CYS C 845 -44.38 -33.79 -67.34
CA CYS C 845 -44.10 -35.17 -67.01
C CYS C 845 -45.17 -35.75 -66.10
N CYS C 846 -45.55 -34.98 -65.09
CA CYS C 846 -46.56 -35.45 -64.15
C CYS C 846 -47.83 -35.87 -64.90
N GLU C 847 -48.34 -34.98 -65.75
CA GLU C 847 -49.55 -35.32 -66.49
C GLU C 847 -49.31 -36.55 -67.35
N ASN C 848 -48.15 -36.60 -68.01
CA ASN C 848 -47.80 -37.77 -68.80
C ASN C 848 -47.96 -39.03 -67.97
N ILE C 849 -47.38 -39.03 -66.77
CA ILE C 849 -47.45 -40.19 -65.90
C ILE C 849 -48.91 -40.58 -65.67
N LEU C 850 -49.74 -39.59 -65.35
CA LEU C 850 -51.16 -39.87 -65.14
C LEU C 850 -51.75 -40.54 -66.36
N LEU C 851 -51.51 -39.95 -67.54
CA LEU C 851 -51.99 -40.56 -68.78
C LEU C 851 -51.52 -42.00 -68.88
N ASN C 852 -50.23 -42.21 -68.61
CA ASN C 852 -49.67 -43.56 -68.63
C ASN C 852 -50.51 -44.48 -67.77
N ALA C 853 -50.75 -44.07 -66.52
CA ALA C 853 -51.56 -44.89 -65.61
C ALA C 853 -52.89 -45.22 -66.26
N ALA C 854 -53.60 -44.20 -66.75
CA ALA C 854 -54.89 -44.42 -67.37
C ALA C 854 -54.76 -45.44 -68.50
N TRP C 855 -53.76 -45.26 -69.35
CA TRP C 855 -53.59 -46.15 -70.49
C TRP C 855 -53.41 -47.59 -70.02
N LEU C 856 -52.61 -47.77 -68.97
CA LEU C 856 -52.46 -49.10 -68.39
C LEU C 856 -53.82 -49.67 -68.00
N LYS C 857 -54.59 -48.91 -67.21
CA LYS C 857 -55.88 -49.38 -66.76
C LYS C 857 -56.85 -49.57 -67.91
N ARG C 858 -56.52 -49.01 -69.08
CA ARG C 858 -57.37 -49.23 -70.25
C ARG C 858 -57.20 -50.64 -70.79
N ASP C 859 -55.96 -51.11 -70.92
CA ASP C 859 -55.78 -52.33 -71.72
C ASP C 859 -54.79 -53.34 -71.16
N ALA C 860 -53.95 -53.00 -70.19
CA ALA C 860 -52.83 -53.86 -69.81
C ALA C 860 -53.28 -55.29 -69.53
N GLU C 861 -54.33 -55.44 -68.73
CA GLU C 861 -54.83 -56.77 -68.40
C GLU C 861 -55.22 -57.54 -69.65
N SER C 862 -56.00 -56.90 -70.54
CA SER C 862 -56.40 -57.56 -71.78
C SER C 862 -55.21 -57.92 -72.64
N ILE C 863 -54.09 -57.22 -72.46
CA ILE C 863 -52.88 -57.55 -73.20
C ILE C 863 -52.49 -59.00 -72.95
N HIS C 864 -52.61 -59.45 -71.69
CA HIS C 864 -52.36 -60.85 -71.39
C HIS C 864 -53.16 -61.76 -72.30
N GLN C 865 -54.47 -61.49 -72.42
CA GLN C 865 -55.32 -62.32 -73.27
C GLN C 865 -54.82 -62.32 -74.70
N TYR C 866 -54.35 -61.17 -75.20
CA TYR C 866 -53.85 -61.12 -76.56
C TYR C 866 -52.65 -62.04 -76.72
N LEU C 867 -51.77 -62.07 -75.72
CA LEU C 867 -50.64 -63.00 -75.77
C LEU C 867 -51.14 -64.44 -75.76
N LEU C 868 -52.22 -64.71 -75.03
CA LEU C 868 -52.81 -66.04 -75.06
C LEU C 868 -53.24 -66.42 -76.46
N GLN C 869 -53.65 -65.45 -77.27
CA GLN C 869 -53.94 -65.71 -78.68
C GLN C 869 -52.68 -65.76 -79.53
N ARG C 870 -51.64 -65.04 -79.13
CA ARG C 870 -50.41 -65.03 -79.92
C ARG C 870 -49.76 -66.41 -79.94
N LYS C 871 -49.57 -67.02 -78.76
CA LYS C 871 -48.92 -68.32 -78.69
C LYS C 871 -49.83 -69.45 -79.16
N ALA C 872 -51.12 -69.21 -79.27
CA ALA C 872 -52.06 -70.23 -79.73
C ALA C 872 -52.15 -70.24 -81.26
N ALA D 16 42.96 -13.81 19.70
CA ALA D 16 42.59 -15.01 20.46
C ALA D 16 43.35 -15.07 21.78
N TYR D 17 44.46 -15.81 21.78
CA TYR D 17 45.30 -15.90 22.97
C TYR D 17 46.24 -14.72 23.11
N ARG D 18 46.37 -13.89 22.07
CA ARG D 18 47.29 -12.77 22.12
C ARG D 18 46.90 -11.76 23.20
N ILE D 19 45.60 -11.49 23.31
CA ILE D 19 45.13 -10.55 24.34
C ILE D 19 45.33 -11.14 25.73
N LEU D 20 45.16 -12.45 25.88
CA LEU D 20 45.29 -13.07 27.19
C LEU D 20 46.71 -12.97 27.73
N LYS D 21 47.70 -13.09 26.86
CA LYS D 21 49.09 -13.06 27.28
C LYS D 21 49.49 -11.66 27.76
N PRO D 22 49.92 -11.51 29.01
CA PRO D 22 50.45 -10.22 29.46
C PRO D 22 51.88 -10.04 28.96
N TRP D 23 52.50 -8.94 29.38
CA TRP D 23 53.85 -8.66 28.93
C TRP D 23 54.85 -9.69 29.47
N TRP D 24 54.66 -10.13 30.71
CA TRP D 24 55.61 -11.10 31.28
C TRP D 24 55.54 -12.43 30.54
N ASP D 25 54.34 -12.81 30.11
CA ASP D 25 54.19 -14.07 29.34
C ASP D 25 54.94 -13.94 28.01
N VAL D 26 54.82 -12.79 27.34
CA VAL D 26 55.50 -12.59 26.06
C VAL D 26 57.01 -12.63 26.28
N PHE D 27 57.50 -11.97 27.32
CA PHE D 27 58.93 -11.96 27.61
C PHE D 27 59.44 -13.36 27.88
N THR D 28 58.71 -14.13 28.69
CA THR D 28 59.14 -15.48 29.00
C THR D 28 59.09 -16.38 27.77
N ASP D 29 58.10 -16.18 26.91
CA ASP D 29 58.04 -16.97 25.68
C ASP D 29 59.24 -16.69 24.79
N TYR D 30 59.60 -15.41 24.63
CA TYR D 30 60.76 -15.08 23.82
C TYR D 30 62.04 -15.62 24.44
N ILE D 31 62.16 -15.52 25.76
CA ILE D 31 63.32 -16.10 26.45
C ILE D 31 63.38 -17.60 26.18
N SER D 32 62.25 -18.28 26.24
CA SER D 32 62.22 -19.72 25.98
C SER D 32 62.64 -20.02 24.55
N ILE D 33 62.25 -19.19 23.60
CA ILE D 33 62.71 -19.36 22.22
C ILE D 33 64.22 -19.25 22.15
N VAL D 34 64.79 -18.26 22.86
CA VAL D 34 66.24 -18.10 22.85
C VAL D 34 66.93 -19.31 23.47
N MET D 35 66.40 -19.83 24.57
CA MET D 35 66.99 -21.02 25.18
C MET D 35 66.82 -22.25 24.28
N LEU D 36 65.74 -22.32 23.51
CA LEU D 36 65.61 -23.39 22.53
C LEU D 36 66.68 -23.29 21.46
N MET D 37 66.98 -22.06 21.01
CA MET D 37 68.08 -21.87 20.07
C MET D 37 69.41 -22.31 20.68
N ILE D 38 69.63 -21.97 21.95
CA ILE D 38 70.83 -22.40 22.67
C ILE D 38 70.90 -23.92 22.69
N ALA D 39 69.79 -24.58 23.01
CA ALA D 39 69.77 -26.03 23.09
C ALA D 39 70.07 -26.67 21.74
N VAL D 40 69.49 -26.13 20.67
CA VAL D 40 69.74 -26.67 19.34
C VAL D 40 71.21 -26.52 18.97
N PHE D 41 71.79 -25.34 19.21
CA PHE D 41 73.19 -25.12 18.90
C PHE D 41 74.09 -26.07 19.68
N GLY D 42 73.85 -26.16 21.00
CA GLY D 42 74.65 -27.06 21.81
C GLY D 42 74.52 -28.50 21.37
N GLY D 43 73.30 -28.92 21.04
CA GLY D 43 73.09 -30.30 20.64
C GLY D 43 73.81 -30.64 19.35
N THR D 44 73.69 -29.76 18.34
CA THR D 44 74.36 -30.07 17.07
C THR D 44 75.87 -30.03 17.24
N LEU D 45 76.40 -29.09 18.03
CA LEU D 45 77.83 -29.05 18.28
C LEU D 45 78.31 -30.31 18.99
N GLN D 46 77.60 -30.72 20.04
CA GLN D 46 78.00 -31.87 20.83
C GLN D 46 77.77 -33.17 20.08
N VAL D 47 76.99 -33.11 19.00
CA VAL D 47 76.81 -34.29 18.16
C VAL D 47 77.84 -34.39 17.06
N THR D 48 78.27 -33.26 16.48
CA THR D 48 79.12 -33.28 15.30
C THR D 48 80.60 -32.99 15.56
N GLN D 49 80.97 -32.05 16.44
CA GLN D 49 82.38 -31.96 16.80
C GLN D 49 82.62 -32.02 18.30
N ASP D 50 82.05 -33.01 18.99
CA ASP D 50 82.41 -33.26 20.38
C ASP D 50 83.32 -34.48 20.42
N LYS D 51 84.58 -34.24 20.76
CA LYS D 51 85.56 -35.33 20.83
C LYS D 51 86.70 -34.88 21.75
N MET D 52 87.28 -35.83 22.49
CA MET D 52 88.42 -35.49 23.37
C MET D 52 89.71 -35.95 22.67
N ILE D 53 90.74 -35.11 22.68
CA ILE D 53 92.04 -35.42 22.10
C ILE D 53 93.00 -35.70 23.25
N CYS D 54 93.46 -36.94 23.35
CA CYS D 54 94.26 -37.38 24.49
C CYS D 54 95.63 -37.83 24.03
N LEU D 55 96.65 -37.48 24.81
CA LEU D 55 98.03 -37.86 24.56
C LEU D 55 98.61 -38.51 25.82
N PRO D 56 99.34 -39.61 25.67
CA PRO D 56 99.93 -40.26 26.86
C PRO D 56 100.97 -39.37 27.50
N CYS D 57 101.10 -39.51 28.82
CA CYS D 57 102.10 -38.79 29.61
C CYS D 57 103.19 -39.78 29.99
N LYS D 58 104.40 -39.57 29.44
CA LYS D 58 105.47 -40.54 29.63
C LYS D 58 105.98 -40.52 31.07
N TRP D 59 106.22 -39.33 31.62
CA TRP D 59 106.69 -39.18 32.99
C TRP D 59 105.54 -38.64 33.84
N VAL D 60 105.14 -39.42 34.85
CA VAL D 60 104.07 -39.03 35.76
C VAL D 60 104.57 -39.13 37.19
N THR D 61 104.06 -38.24 38.04
CA THR D 61 104.37 -38.25 39.46
C THR D 61 103.07 -38.00 40.23
N LYS D 62 102.69 -38.96 41.07
CA LYS D 62 101.41 -38.92 41.79
C LYS D 62 100.25 -38.69 40.81
N ASP D 63 100.20 -39.55 39.80
CA ASP D 63 99.27 -39.43 38.66
C ASP D 63 99.58 -38.10 37.99
N SER D 64 98.58 -37.31 37.60
CA SER D 64 98.76 -36.01 36.93
C SER D 64 99.73 -36.19 35.75
N CYS D 65 100.50 -35.15 35.45
CA CYS D 65 101.48 -35.22 34.36
C CYS D 65 102.65 -34.32 34.74
N ASN D 66 103.74 -34.93 35.20
CA ASN D 66 104.93 -34.17 35.55
C ASN D 66 105.54 -33.55 34.30
N ASP D 67 105.87 -32.26 34.37
CA ASP D 67 106.44 -31.53 33.23
C ASP D 67 107.94 -31.43 33.43
N SER D 68 108.66 -32.39 32.88
CA SER D 68 110.12 -32.41 32.96
C SER D 68 110.75 -32.84 31.64
N THR D 92 121.29 -31.21 17.67
CA THR D 92 120.94 -30.93 19.06
C THR D 92 119.58 -30.25 19.16
N GLY D 93 118.91 -30.12 18.01
CA GLY D 93 117.61 -29.51 17.96
C GLY D 93 116.54 -30.38 18.58
N PRO D 94 115.37 -29.79 18.88
CA PRO D 94 114.28 -30.57 19.46
C PRO D 94 113.76 -31.61 18.49
N THR D 95 113.30 -32.74 19.05
CA THR D 95 112.71 -33.81 18.27
C THR D 95 111.39 -34.23 18.92
N GLY D 96 110.46 -34.68 18.09
CA GLY D 96 109.17 -35.08 18.59
C GLY D 96 109.23 -36.32 19.46
N ILE D 97 108.31 -36.40 20.39
CA ILE D 97 108.23 -37.54 21.30
C ILE D 97 107.52 -38.68 20.59
N LYS D 98 108.13 -39.87 20.60
CA LYS D 98 107.58 -41.05 19.95
C LYS D 98 106.80 -41.85 20.98
N TYR D 99 105.48 -41.92 20.81
CA TYR D 99 104.62 -42.64 21.74
C TYR D 99 104.34 -44.07 21.31
N ASP D 100 104.69 -44.44 20.07
CA ASP D 100 104.52 -45.80 19.57
C ASP D 100 103.08 -46.27 19.66
N LEU D 101 102.15 -45.37 19.38
CA LEU D 101 100.73 -45.66 19.38
C LEU D 101 100.16 -45.40 17.99
N ASP D 102 99.41 -46.36 17.47
CA ASP D 102 98.75 -46.17 16.18
C ASP D 102 97.47 -45.37 16.36
N ARG D 103 96.82 -45.08 15.24
CA ARG D 103 95.64 -44.20 15.28
C ARG D 103 94.51 -44.81 16.07
N HIS D 104 94.30 -46.12 15.94
CA HIS D 104 93.16 -46.75 16.61
C HIS D 104 93.32 -46.79 18.12
N GLN D 105 94.56 -46.95 18.60
CA GLN D 105 94.78 -46.87 20.05
C GLN D 105 94.47 -45.46 20.55
N TYR D 106 94.84 -44.44 19.78
CA TYR D 106 94.48 -43.08 20.14
C TYR D 106 92.97 -42.90 20.21
N ASN D 107 92.25 -43.45 19.22
CA ASN D 107 90.79 -43.35 19.24
C ASN D 107 90.21 -44.07 20.44
N TYR D 108 90.75 -45.24 20.77
CA TYR D 108 90.24 -45.99 21.92
C TYR D 108 90.44 -45.23 23.22
N VAL D 109 91.65 -44.68 23.43
CA VAL D 109 91.89 -43.95 24.66
C VAL D 109 91.06 -42.67 24.69
N ASP D 110 90.85 -42.04 23.54
CA ASP D 110 89.99 -40.86 23.49
C ASP D 110 88.57 -41.21 23.94
N ALA D 111 88.01 -42.28 23.39
CA ALA D 111 86.65 -42.68 23.76
C ALA D 111 86.58 -43.06 25.24
N VAL D 112 87.59 -43.78 25.73
CA VAL D 112 87.56 -44.25 27.12
C VAL D 112 87.63 -43.08 28.08
N CYS D 113 88.58 -42.16 27.87
CA CYS D 113 88.71 -41.02 28.76
C CYS D 113 87.59 -40.01 28.57
N TYR D 114 86.89 -40.03 27.43
CA TYR D 114 85.72 -39.20 27.26
C TYR D 114 84.54 -39.77 28.05
N GLU D 115 84.40 -41.10 28.05
CA GLU D 115 83.27 -41.70 28.74
C GLU D 115 83.48 -41.72 30.25
N ASN D 116 84.71 -41.93 30.70
CA ASN D 116 84.98 -42.11 32.13
C ASN D 116 85.37 -40.84 32.86
N ARG D 117 86.33 -40.08 32.34
CA ARG D 117 86.91 -38.96 33.07
C ARG D 117 86.53 -37.62 32.46
N LEU D 118 85.29 -37.51 31.98
CA LEU D 118 84.74 -36.23 31.58
C LEU D 118 83.45 -36.00 32.34
N HIS D 119 83.29 -34.80 32.89
CA HIS D 119 82.14 -34.51 33.73
C HIS D 119 80.85 -34.62 32.93
N TRP D 120 79.81 -35.15 33.58
CA TRP D 120 78.54 -35.37 32.90
C TRP D 120 77.91 -34.07 32.43
N PHE D 121 78.15 -32.97 33.17
CA PHE D 121 77.58 -31.69 32.76
C PHE D 121 78.15 -31.24 31.42
N ALA D 122 79.46 -31.41 31.22
CA ALA D 122 80.07 -31.01 29.96
C ALA D 122 79.54 -31.83 28.79
N LYS D 123 79.19 -33.08 29.02
CA LYS D 123 78.73 -33.96 27.96
C LYS D 123 77.23 -33.86 27.70
N TYR D 124 76.44 -33.44 28.70
CA TYR D 124 74.99 -33.42 28.55
C TYR D 124 74.39 -32.05 28.78
N PHE D 125 75.19 -30.99 28.72
CA PHE D 125 74.65 -29.65 28.93
C PHE D 125 73.57 -29.26 27.93
N PRO D 126 73.74 -29.46 26.61
CA PRO D 126 72.64 -29.15 25.69
C PRO D 126 71.37 -29.95 25.94
N TYR D 127 71.50 -31.21 26.38
CA TYR D 127 70.30 -32.01 26.62
C TYR D 127 69.55 -31.53 27.86
N LEU D 128 70.29 -31.15 28.91
CA LEU D 128 69.65 -30.61 30.10
C LEU D 128 68.93 -29.30 29.79
N VAL D 129 69.57 -28.42 29.02
CA VAL D 129 68.92 -27.16 28.68
C VAL D 129 67.71 -27.39 27.77
N LEU D 130 67.80 -28.37 26.86
CA LEU D 130 66.63 -28.68 26.03
C LEU D 130 65.48 -29.19 26.88
N LEU D 131 65.77 -30.08 27.83
CA LEU D 131 64.71 -30.59 28.70
C LEU D 131 64.10 -29.49 29.54
N HIS D 132 64.93 -28.60 30.09
CA HIS D 132 64.42 -27.52 30.91
C HIS D 132 63.56 -26.56 30.08
N THR D 133 63.99 -26.25 28.86
CA THR D 133 63.19 -25.38 28.01
C THR D 133 61.86 -26.03 27.64
N LEU D 134 61.87 -27.34 27.37
CA LEU D 134 60.62 -28.04 27.09
C LEU D 134 59.69 -28.00 28.29
N ILE D 135 60.23 -28.19 29.49
CA ILE D 135 59.40 -28.12 30.70
C ILE D 135 58.83 -26.72 30.86
N PHE D 136 59.65 -25.69 30.63
CA PHE D 136 59.17 -24.31 30.75
C PHE D 136 58.06 -24.03 29.75
N LEU D 137 58.23 -24.46 28.50
CA LEU D 137 57.20 -24.25 27.49
C LEU D 137 55.91 -24.98 27.85
N ALA D 138 56.03 -26.23 28.31
CA ALA D 138 54.83 -26.99 28.68
C ALA D 138 54.12 -26.33 29.85
N CYS D 139 54.86 -25.84 30.83
CA CYS D 139 54.26 -25.18 31.97
C CYS D 139 53.75 -23.78 31.65
N SER D 140 54.22 -23.18 30.56
CA SER D 140 53.68 -21.89 30.14
C SER D 140 52.41 -22.05 29.30
N ASN D 141 52.31 -23.13 28.54
CA ASN D 141 51.16 -23.37 27.68
C ASN D 141 50.26 -24.48 28.20
N PHE D 142 50.30 -24.79 29.49
CA PHE D 142 49.51 -25.90 30.02
C PHE D 142 48.02 -25.59 29.98
N TRP D 143 47.62 -24.38 30.41
CA TRP D 143 46.20 -24.07 30.45
C TRP D 143 45.58 -23.89 29.08
N PHE D 144 46.40 -23.76 28.03
CA PHE D 144 45.88 -23.66 26.68
C PHE D 144 45.57 -25.02 26.07
N LYS D 145 45.87 -26.11 26.78
CA LYS D 145 45.58 -27.45 26.28
C LYS D 145 44.73 -28.28 27.22
N PHE D 146 44.71 -27.96 28.51
CA PHE D 146 43.79 -28.63 29.42
C PHE D 146 42.36 -28.30 29.03
N PRO D 147 41.51 -29.30 28.78
CA PRO D 147 40.21 -29.01 28.15
C PRO D 147 39.31 -28.05 28.94
N ARG D 148 39.24 -28.19 30.26
CA ARG D 148 38.34 -27.34 31.04
C ARG D 148 38.76 -25.88 30.97
N THR D 149 40.03 -25.59 31.29
CA THR D 149 40.50 -24.22 31.28
C THR D 149 40.52 -23.65 29.87
N SER D 150 40.88 -24.48 28.89
CA SER D 150 40.88 -24.01 27.50
C SER D 150 39.47 -23.63 27.05
N SER D 151 38.48 -24.46 27.38
CA SER D 151 37.11 -24.15 26.99
C SER D 151 36.61 -22.89 27.70
N LYS D 152 36.91 -22.75 28.99
CA LYS D 152 36.48 -21.53 29.69
C LYS D 152 37.15 -20.29 29.09
N LEU D 153 38.45 -20.39 28.79
CA LEU D 153 39.16 -19.25 28.20
C LEU D 153 38.61 -18.90 26.83
N GLU D 154 38.30 -19.91 26.01
CA GLU D 154 37.73 -19.63 24.70
C GLU D 154 36.35 -18.99 24.81
N HIS D 155 35.53 -19.48 25.75
CA HIS D 155 34.22 -18.87 25.98
C HIS D 155 34.37 -17.39 26.39
N PHE D 156 35.30 -17.13 27.31
CA PHE D 156 35.53 -15.75 27.73
C PHE D 156 36.03 -14.89 26.60
N VAL D 157 36.92 -15.42 25.77
CA VAL D 157 37.46 -14.65 24.65
C VAL D 157 36.35 -14.31 23.67
N SER D 158 35.49 -15.28 23.35
CA SER D 158 34.40 -15.01 22.42
C SER D 158 33.44 -13.98 23.00
N ILE D 159 33.11 -14.11 24.29
CA ILE D 159 32.20 -13.15 24.92
C ILE D 159 32.78 -11.75 24.89
N LEU D 160 34.07 -11.61 25.24
CA LEU D 160 34.70 -10.31 25.24
C LEU D 160 34.76 -9.71 23.85
N LEU D 161 35.10 -10.52 22.85
CA LEU D 161 35.20 -10.02 21.48
C LEU D 161 33.83 -9.58 20.97
N LYS D 162 32.80 -10.35 21.32
CA LYS D 162 31.43 -10.01 20.85
C LYS D 162 30.99 -8.71 21.52
N CYS D 163 31.11 -8.64 22.85
CA CYS D 163 30.63 -7.46 23.58
C CYS D 163 31.46 -6.23 23.25
N PHE D 164 32.70 -6.44 22.79
CA PHE D 164 33.58 -5.32 22.45
C PHE D 164 33.17 -4.67 21.13
N ASP D 165 32.49 -5.44 20.28
CA ASP D 165 32.07 -4.91 18.95
C ASP D 165 30.58 -4.56 18.99
N SER D 166 29.94 -4.80 20.14
CA SER D 166 28.48 -4.53 20.26
C SER D 166 28.23 -3.03 20.06
N PRO D 167 27.26 -2.63 19.21
CA PRO D 167 26.92 -1.19 18.99
C PRO D 167 26.43 -0.57 20.28
N TRP D 168 25.59 -1.30 21.01
CA TRP D 168 24.98 -0.70 22.23
C TRP D 168 26.07 -0.32 23.22
N THR D 169 27.26 -0.93 23.10
CA THR D 169 28.36 -0.52 24.00
C THR D 169 28.57 0.96 23.82
N THR D 170 28.77 1.39 22.57
CA THR D 170 29.03 2.83 22.30
C THR D 170 27.87 3.64 22.79
N ARG D 171 26.65 3.23 22.43
CA ARG D 171 25.44 4.01 22.82
C ARG D 171 25.44 4.17 24.35
N ALA D 172 25.70 3.07 25.07
CA ALA D 172 25.71 3.12 26.55
C ALA D 172 26.89 3.97 27.03
N LEU D 173 28.06 3.75 26.43
CA LEU D 173 29.27 4.50 26.88
C LEU D 173 29.01 5.99 26.73
N SER D 174 28.15 6.38 25.78
CA SER D 174 27.78 7.81 25.60
C SER D 174 26.78 8.22 26.69
N VAL D 231 20.17 5.11 17.37
CA VAL D 231 20.21 4.93 18.82
C VAL D 231 20.06 3.45 19.16
N LEU D 232 18.82 2.97 19.20
CA LEU D 232 18.56 1.57 19.50
C LEU D 232 18.51 0.70 18.25
N ASP D 233 18.15 1.28 17.10
CA ASP D 233 18.12 0.59 15.83
C ASP D 233 17.11 -0.55 15.83
N LYS D 234 17.07 -1.33 14.75
CA LYS D 234 15.98 -2.28 14.55
C LYS D 234 16.32 -3.68 15.07
N LYS D 235 17.35 -4.32 14.49
CA LYS D 235 17.71 -5.68 14.87
C LYS D 235 18.95 -5.76 15.74
N GLU D 236 19.78 -4.71 15.68
CA GLU D 236 20.96 -4.66 16.58
C GLU D 236 20.43 -4.71 18.02
N GLY D 237 19.24 -4.13 18.26
CA GLY D 237 18.68 -4.12 19.62
C GLY D 237 18.43 -5.51 20.13
N GLU D 238 17.84 -6.37 19.31
CA GLU D 238 17.49 -7.75 19.77
C GLU D 238 18.78 -8.58 19.91
N GLN D 239 19.73 -8.43 18.99
CA GLN D 239 21.01 -9.16 19.11
C GLN D 239 21.76 -8.63 20.35
N ALA D 240 21.64 -7.33 20.63
CA ALA D 240 22.26 -6.77 21.85
C ALA D 240 21.62 -7.45 23.06
N LYS D 241 20.29 -7.54 23.06
CA LYS D 241 19.58 -8.23 24.17
C LYS D 241 20.16 -9.64 24.32
N ALA D 242 20.27 -10.37 23.20
CA ALA D 242 20.80 -11.74 23.24
C ALA D 242 22.20 -11.74 23.85
N LEU D 243 23.04 -10.80 23.41
CA LEU D 243 24.43 -10.71 23.93
C LEU D 243 24.36 -10.47 25.45
N PHE D 244 23.50 -9.55 25.89
CA PHE D 244 23.33 -9.31 27.35
C PHE D 244 22.96 -10.63 28.00
N GLU D 245 21.98 -11.33 27.42
CA GLU D 245 21.50 -12.60 28.03
C GLU D 245 22.65 -13.63 28.04
N LYS D 246 23.37 -13.74 26.92
CA LYS D 246 24.52 -14.69 26.86
C LYS D 246 25.48 -14.36 28.00
N VAL D 247 25.82 -13.07 28.15
CA VAL D 247 26.71 -12.65 29.28
C VAL D 247 26.15 -13.28 30.56
N LYS D 248 24.83 -13.22 30.78
CA LYS D 248 24.31 -13.76 32.04
C LYS D 248 24.59 -15.24 32.18
N LYS D 249 24.39 -16.00 31.09
CA LYS D 249 24.68 -17.44 31.13
C LYS D 249 26.15 -17.70 31.40
N PHE D 250 27.03 -16.93 30.76
CA PHE D 250 28.47 -17.09 31.00
C PHE D 250 28.82 -16.77 32.45
N ARG D 251 28.20 -15.73 33.01
CA ARG D 251 28.42 -15.43 34.43
C ARG D 251 28.02 -16.60 35.30
N THR D 252 26.81 -17.12 35.11
CA THR D 252 26.35 -18.24 35.92
C THR D 252 27.18 -19.50 35.69
N HIS D 253 27.86 -19.58 34.54
CA HIS D 253 28.64 -20.77 34.21
C HIS D 253 30.05 -20.73 34.78
N VAL D 254 30.69 -19.56 34.78
CA VAL D 254 32.12 -19.49 35.04
C VAL D 254 32.46 -18.94 36.42
N GLU D 255 31.56 -18.20 37.07
CA GLU D 255 31.93 -17.56 38.33
C GLU D 255 31.80 -18.47 39.53
N GLU D 256 31.38 -19.73 39.32
CA GLU D 256 31.14 -20.63 40.49
C GLU D 256 32.45 -21.33 40.88
N GLY D 257 33.39 -21.46 39.95
CA GLY D 257 34.64 -22.15 40.20
C GLY D 257 35.84 -21.21 40.21
N ASP D 258 37.01 -21.81 40.42
CA ASP D 258 38.27 -21.08 40.40
C ASP D 258 39.39 -21.91 39.75
N ILE D 259 39.04 -22.74 38.76
CA ILE D 259 40.00 -23.68 38.21
C ILE D 259 41.12 -22.95 37.47
N VAL D 260 40.79 -21.92 36.70
CA VAL D 260 41.81 -21.22 35.91
C VAL D 260 42.80 -20.52 36.83
N TYR D 261 42.29 -19.84 37.86
CA TYR D 261 43.18 -19.15 38.80
C TYR D 261 44.09 -20.12 39.52
N ARG D 262 43.55 -21.26 39.98
CA ARG D 262 44.37 -22.25 40.67
C ARG D 262 45.41 -22.83 39.73
N LEU D 263 45.03 -23.09 38.47
CA LEU D 263 45.98 -23.63 37.51
C LEU D 263 47.11 -22.65 37.25
N TYR D 264 46.80 -21.36 37.12
CA TYR D 264 47.85 -20.37 36.92
C TYR D 264 48.74 -20.24 38.16
N MET D 265 48.13 -20.28 39.34
CA MET D 265 48.90 -20.31 40.59
C MET D 265 49.91 -21.45 40.59
N ARG D 266 49.44 -22.66 40.32
CA ARG D 266 50.32 -23.82 40.32
C ARG D 266 51.37 -23.72 39.23
N GLN D 267 50.99 -23.21 38.06
CA GLN D 267 51.92 -23.04 36.96
C GLN D 267 53.08 -22.13 37.36
N THR D 268 52.76 -20.95 37.91
CA THR D 268 53.79 -20.01 38.31
C THR D 268 54.65 -20.57 39.43
N ILE D 269 54.03 -21.26 40.40
CA ILE D 269 54.79 -21.84 41.50
C ILE D 269 55.79 -22.85 40.97
N ILE D 270 55.34 -23.74 40.08
CA ILE D 270 56.21 -24.79 39.56
C ILE D 270 57.34 -24.17 38.73
N LYS D 271 57.02 -23.13 37.95
CA LYS D 271 58.07 -22.49 37.16
C LYS D 271 59.11 -21.82 38.04
N VAL D 272 58.67 -21.19 39.14
CA VAL D 272 59.62 -20.58 40.06
C VAL D 272 60.51 -21.64 40.70
N ILE D 273 59.92 -22.76 41.11
CA ILE D 273 60.71 -23.84 41.70
C ILE D 273 61.73 -24.37 40.71
N LYS D 274 61.31 -24.54 39.46
CA LYS D 274 62.22 -25.03 38.43
C LYS D 274 63.36 -24.05 38.20
N PHE D 275 63.06 -22.75 38.17
CA PHE D 275 64.12 -21.76 38.00
C PHE D 275 65.12 -21.83 39.15
N ILE D 276 64.63 -21.93 40.39
CA ILE D 276 65.51 -21.98 41.55
C ILE D 276 66.42 -23.20 41.46
N LEU D 277 65.83 -24.37 41.15
CA LEU D 277 66.61 -25.60 41.06
C LEU D 277 67.63 -25.50 39.93
N ILE D 278 67.23 -24.94 38.79
CA ILE D 278 68.11 -24.84 37.64
C ILE D 278 69.31 -23.97 37.98
N ILE D 279 69.08 -22.82 38.59
CA ILE D 279 70.19 -21.94 38.97
C ILE D 279 71.10 -22.65 39.95
N CYS D 280 70.50 -23.28 40.98
CA CYS D 280 71.30 -23.90 42.02
C CYS D 280 72.19 -25.01 41.46
N TYR D 281 71.67 -25.82 40.55
CA TYR D 281 72.48 -26.98 40.07
C TYR D 281 73.45 -26.53 38.99
N THR D 282 73.06 -25.53 38.20
CA THR D 282 73.93 -25.15 37.08
C THR D 282 75.10 -24.30 37.55
N VAL D 283 74.91 -23.43 38.54
CA VAL D 283 76.02 -22.63 39.04
C VAL D 283 77.07 -23.53 39.67
N TYR D 284 76.64 -24.56 40.41
CA TYR D 284 77.58 -25.44 41.11
C TYR D 284 78.40 -26.26 40.13
N TYR D 285 77.79 -26.76 39.06
CA TYR D 285 78.44 -27.71 38.15
C TYR D 285 78.89 -27.05 36.84
N VAL D 286 79.15 -25.74 36.86
CA VAL D 286 79.62 -25.07 35.66
C VAL D 286 81.14 -24.93 35.63
N HIS D 287 81.82 -25.07 36.77
CA HIS D 287 83.27 -24.97 36.80
C HIS D 287 83.95 -26.23 36.31
N ASN D 288 83.21 -27.32 36.12
CA ASN D 288 83.80 -28.58 35.66
C ASN D 288 83.93 -28.65 34.14
N ILE D 289 83.46 -27.64 33.42
CA ILE D 289 83.68 -27.55 31.97
C ILE D 289 85.04 -26.89 31.78
N LYS D 290 86.05 -27.73 31.54
CA LYS D 290 87.43 -27.19 31.41
C LYS D 290 88.07 -27.76 30.14
N PHE D 291 89.08 -27.06 29.62
CA PHE D 291 89.79 -27.51 28.43
C PHE D 291 90.72 -28.67 28.75
N ASP D 292 91.66 -28.46 29.66
CA ASP D 292 92.61 -29.49 30.03
C ASP D 292 91.94 -30.47 30.99
N VAL D 293 91.84 -31.73 30.58
CA VAL D 293 91.15 -32.77 31.36
C VAL D 293 92.15 -33.90 31.57
N ASP D 294 92.80 -33.93 32.72
CA ASP D 294 93.68 -35.04 33.07
C ASP D 294 92.84 -36.28 33.34
N CYS D 295 93.23 -37.41 32.75
CA CYS D 295 92.46 -38.64 32.90
C CYS D 295 93.38 -39.81 33.19
N THR D 296 92.92 -40.70 34.06
CA THR D 296 93.59 -41.96 34.36
C THR D 296 92.53 -43.05 34.37
N VAL D 297 92.69 -44.04 33.48
CA VAL D 297 91.60 -44.96 33.22
C VAL D 297 92.03 -46.42 33.41
N ASP D 298 93.33 -46.64 33.58
CA ASP D 298 93.87 -47.98 33.82
C ASP D 298 93.53 -48.93 32.66
N ILE D 299 94.03 -48.57 31.48
CA ILE D 299 93.89 -49.42 30.31
C ILE D 299 95.28 -49.75 29.79
N GLU D 300 96.27 -49.81 30.70
CA GLU D 300 97.66 -50.04 30.28
C GLU D 300 97.75 -51.36 29.50
N SER D 301 96.94 -52.35 29.87
CA SER D 301 97.05 -53.65 29.22
C SER D 301 96.75 -53.58 27.73
N LEU D 302 96.19 -52.48 27.25
CA LEU D 302 95.86 -52.33 25.83
C LEU D 302 96.72 -51.32 25.11
N THR D 303 97.30 -50.35 25.81
CA THR D 303 98.12 -49.32 25.19
C THR D 303 99.52 -49.24 25.77
N GLY D 304 99.68 -49.49 27.07
CA GLY D 304 100.96 -49.43 27.73
C GLY D 304 101.16 -48.21 28.61
N TYR D 305 100.31 -47.21 28.50
CA TYR D 305 100.41 -46.00 29.29
C TYR D 305 99.30 -45.96 30.34
N ARG D 306 99.64 -45.41 31.50
CA ARG D 306 98.71 -45.36 32.63
C ARG D 306 97.90 -44.07 32.66
N THR D 307 98.57 -42.92 32.57
CA THR D 307 97.94 -41.63 32.68
C THR D 307 98.04 -40.87 31.37
N TYR D 308 96.97 -40.15 31.03
CA TYR D 308 96.92 -39.36 29.80
C TYR D 308 96.52 -37.92 30.12
N ARG D 309 96.93 -37.02 29.24
CA ARG D 309 96.52 -35.63 29.28
C ARG D 309 95.66 -35.35 28.07
N CYS D 310 94.43 -34.93 28.30
CA CYS D 310 93.44 -34.75 27.23
C CYS D 310 93.15 -33.27 27.04
N ALA D 311 92.31 -32.98 26.05
CA ALA D 311 91.98 -31.60 25.72
C ALA D 311 90.59 -31.61 25.07
N HIS D 312 89.61 -31.01 25.76
CA HIS D 312 88.26 -30.90 25.25
C HIS D 312 88.12 -29.59 24.49
N PRO D 313 88.20 -29.61 23.16
CA PRO D 313 88.21 -28.34 22.41
C PRO D 313 86.91 -27.56 22.51
N LEU D 314 85.80 -28.21 22.84
CA LEU D 314 84.50 -27.57 22.92
C LEU D 314 84.22 -27.00 24.31
N ALA D 315 85.23 -26.92 25.18
CA ALA D 315 84.99 -26.53 26.57
C ALA D 315 84.68 -25.04 26.68
N THR D 316 85.47 -24.20 25.98
CA THR D 316 85.28 -22.76 26.12
C THR D 316 83.93 -22.31 25.57
N LEU D 317 83.55 -22.84 24.40
CA LEU D 317 82.26 -22.49 23.83
C LEU D 317 81.11 -22.95 24.74
N PHE D 318 81.26 -24.14 25.33
CA PHE D 318 80.24 -24.62 26.25
C PHE D 318 80.16 -23.76 27.51
N LYS D 319 81.30 -23.26 27.99
CA LYS D 319 81.28 -22.36 29.13
C LYS D 319 80.55 -21.06 28.77
N ILE D 320 80.81 -20.52 27.58
CA ILE D 320 80.14 -19.30 27.16
C ILE D 320 78.63 -19.53 27.06
N LEU D 321 78.24 -20.65 26.45
CA LEU D 321 76.81 -20.96 26.33
C LEU D 321 76.17 -21.16 27.69
N ALA D 322 76.87 -21.82 28.61
CA ALA D 322 76.33 -22.05 29.93
C ALA D 322 76.14 -20.74 30.69
N SER D 323 77.11 -19.83 30.59
CA SER D 323 76.96 -18.54 31.25
C SER D 323 75.80 -17.74 30.67
N PHE D 324 75.67 -17.74 29.33
CA PHE D 324 74.58 -17.01 28.72
C PHE D 324 73.23 -17.62 29.10
N TYR D 325 73.16 -18.94 29.17
CA TYR D 325 71.93 -19.61 29.60
C TYR D 325 71.62 -19.32 31.06
N ILE D 326 72.66 -19.22 31.91
CA ILE D 326 72.43 -18.87 33.31
C ILE D 326 71.84 -17.47 33.40
N SER D 327 72.35 -16.53 32.60
CA SER D 327 71.78 -15.19 32.59
C SER D 327 70.32 -15.22 32.13
N LEU D 328 70.03 -16.01 31.08
CA LEU D 328 68.65 -16.13 30.61
C LEU D 328 67.74 -16.70 31.70
N VAL D 329 68.23 -17.71 32.43
CA VAL D 329 67.42 -18.30 33.51
C VAL D 329 67.22 -17.29 34.64
N ILE D 330 68.24 -16.47 34.91
CA ILE D 330 68.08 -15.43 35.94
C ILE D 330 66.97 -14.47 35.54
N PHE D 331 66.97 -14.04 34.28
CA PHE D 331 65.91 -13.14 33.81
C PHE D 331 64.53 -13.82 33.88
N TYR D 332 64.46 -15.09 33.45
CA TYR D 332 63.21 -15.82 33.50
C TYR D 332 62.70 -15.95 34.93
N GLY D 333 63.58 -16.25 35.86
CA GLY D 333 63.18 -16.37 37.24
C GLY D 333 62.74 -15.05 37.84
N LEU D 334 63.42 -13.96 37.49
CA LEU D 334 62.98 -12.65 37.97
C LEU D 334 61.58 -12.33 37.47
N ILE D 335 61.32 -12.60 36.19
CA ILE D 335 59.98 -12.36 35.66
C ILE D 335 58.95 -13.24 36.36
N CYS D 336 59.29 -14.51 36.59
CA CYS D 336 58.35 -15.41 37.25
C CYS D 336 58.07 -14.97 38.68
N MET D 337 59.09 -14.50 39.40
CA MET D 337 58.86 -14.00 40.75
C MET D 337 57.99 -12.74 40.72
N TYR D 338 58.18 -11.89 39.72
CA TYR D 338 57.31 -10.71 39.61
C TYR D 338 55.86 -11.14 39.39
N THR D 339 55.64 -12.13 38.52
CA THR D 339 54.28 -12.63 38.29
C THR D 339 53.71 -13.23 39.56
N LEU D 340 54.52 -13.98 40.31
CA LEU D 340 54.06 -14.57 41.56
C LEU D 340 53.65 -13.47 42.55
N TRP D 341 54.46 -12.42 42.66
CA TRP D 341 54.13 -11.33 43.57
C TRP D 341 52.88 -10.60 43.12
N TRP D 342 52.71 -10.44 41.80
CA TRP D 342 51.51 -9.76 41.30
C TRP D 342 50.25 -10.57 41.58
N MET D 343 50.37 -11.89 41.50
CA MET D 343 49.18 -12.77 41.70
C MET D 343 48.96 -12.97 43.20
N LEU D 344 49.94 -12.60 44.02
CA LEU D 344 49.81 -12.79 45.49
C LEU D 344 49.36 -11.47 46.12
N ARG D 345 49.72 -10.34 45.50
CA ARG D 345 49.30 -9.02 46.03
C ARG D 345 47.79 -8.88 45.88
N ARG D 346 47.13 -8.16 46.79
CA ARG D 346 45.68 -7.98 46.75
C ARG D 346 45.04 -9.36 46.67
N SER D 347 43.97 -9.49 45.88
CA SER D 347 43.34 -10.78 45.63
C SER D 347 42.83 -10.78 44.19
N LEU D 348 43.23 -11.79 43.43
CA LEU D 348 42.87 -11.90 42.03
C LEU D 348 41.47 -12.49 41.82
N LYS D 349 40.81 -12.92 42.90
CA LYS D 349 39.48 -13.50 42.81
C LYS D 349 38.37 -12.50 43.11
N LYS D 350 38.73 -11.23 43.28
CA LYS D 350 37.71 -10.20 43.61
C LYS D 350 37.97 -8.91 42.81
N TYR D 351 37.35 -8.77 41.63
CA TYR D 351 37.48 -7.52 40.84
C TYR D 351 36.45 -6.54 41.38
N SER D 352 36.48 -5.29 40.95
CA SER D 352 35.55 -4.28 41.53
C SER D 352 34.69 -3.62 40.45
N PHE D 353 35.30 -3.23 39.32
CA PHE D 353 34.58 -2.51 38.24
C PHE D 353 34.13 -1.15 38.78
N GLU D 354 34.63 -0.76 39.95
CA GLU D 354 34.21 0.52 40.60
C GLU D 354 34.52 1.70 39.68
N SER D 355 35.66 1.63 38.97
CA SER D 355 36.07 2.77 38.10
C SER D 355 34.91 3.18 37.21
N ILE D 356 34.35 2.24 36.45
CA ILE D 356 33.21 2.55 35.53
C ILE D 356 32.00 2.98 36.39
N ARG D 357 31.75 2.26 37.48
CA ARG D 357 30.62 2.61 38.37
C ARG D 357 30.68 4.09 38.74
N GLU D 358 31.85 4.72 38.57
CA GLU D 358 31.98 6.17 38.85
C GLU D 358 32.23 6.91 37.52
N GLU D 359 32.88 6.26 36.56
CA GLU D 359 33.23 6.92 35.27
C GLU D 359 31.94 7.26 34.49
N SER D 360 31.05 6.29 34.32
CA SER D 360 29.83 6.51 33.50
C SER D 360 28.59 6.00 34.26
N SER D 361 28.28 6.62 35.41
CA SER D 361 27.10 6.19 36.20
C SER D 361 27.08 4.66 36.28
N TYR D 362 25.96 4.04 35.90
CA TYR D 362 25.88 2.55 35.90
C TYR D 362 26.44 2.03 37.21
N SER D 363 25.98 2.58 38.34
CA SER D 363 26.49 2.16 39.67
C SER D 363 26.03 0.73 39.95
N ASP D 364 25.08 0.22 39.17
CA ASP D 364 24.54 -1.15 39.39
C ASP D 364 25.67 -2.19 39.28
N ILE D 365 26.57 -2.04 38.30
CA ILE D 365 27.63 -3.06 38.08
C ILE D 365 28.09 -3.60 39.44
N PRO D 366 27.86 -4.89 39.77
CA PRO D 366 28.33 -5.48 41.05
C PRO D 366 29.80 -5.88 40.95
N ASP D 367 30.27 -6.70 41.89
CA ASP D 367 31.68 -7.17 41.85
C ASP D 367 31.69 -8.61 41.33
N VAL D 368 32.49 -8.87 40.30
CA VAL D 368 32.61 -10.25 39.75
C VAL D 368 33.37 -11.11 40.77
N LYS D 369 33.23 -12.44 40.70
CA LYS D 369 33.86 -13.32 41.73
C LYS D 369 35.07 -14.07 41.15
N ASN D 370 35.43 -15.21 41.76
CA ASN D 370 36.63 -15.96 41.34
C ASN D 370 36.59 -16.36 39.86
N ASP D 371 37.75 -16.63 39.27
CA ASP D 371 37.84 -17.07 37.84
C ASP D 371 37.43 -15.92 36.92
N PHE D 372 36.20 -15.43 37.06
CA PHE D 372 35.73 -14.29 36.23
C PHE D 372 36.63 -13.10 36.52
N ALA D 373 36.90 -12.84 37.81
CA ALA D 373 37.77 -11.70 38.19
C ALA D 373 39.17 -11.92 37.62
N PHE D 374 39.72 -13.13 37.81
CA PHE D 374 41.11 -13.39 37.34
C PHE D 374 41.16 -13.11 35.85
N MET D 375 40.21 -13.66 35.10
CA MET D 375 40.25 -13.50 33.63
C MET D 375 40.20 -12.01 33.27
N LEU D 376 39.41 -11.22 33.99
CA LEU D 376 39.29 -9.76 33.69
C LEU D 376 40.62 -9.06 34.03
N HIS D 377 41.18 -9.33 35.21
CA HIS D 377 42.46 -8.68 35.63
C HIS D 377 43.49 -8.85 34.51
N LEU D 378 43.60 -10.05 33.95
CA LEU D 378 44.51 -10.31 32.84
C LEU D 378 44.19 -9.40 31.64
N ILE D 379 42.90 -9.28 31.31
CA ILE D 379 42.51 -8.41 30.21
C ILE D 379 42.89 -6.96 30.51
N ASP D 380 42.78 -6.55 31.78
CA ASP D 380 43.25 -5.23 32.17
C ASP D 380 44.74 -5.08 31.95
N GLN D 381 45.50 -6.12 32.30
CA GLN D 381 46.95 -6.10 32.06
C GLN D 381 47.25 -5.98 30.57
N TYR D 382 46.36 -6.48 29.71
CA TYR D 382 46.53 -6.21 28.29
C TYR D 382 46.06 -4.81 27.92
N ASP D 383 44.76 -4.54 28.11
CA ASP D 383 44.15 -3.25 27.83
C ASP D 383 42.88 -3.08 28.67
N PRO D 384 42.85 -2.11 29.62
CA PRO D 384 41.68 -1.93 30.53
C PRO D 384 40.44 -1.57 29.73
N LEU D 385 40.63 -1.11 28.49
CA LEU D 385 39.47 -0.67 27.68
C LEU D 385 38.52 -1.85 27.46
N TYR D 386 39.06 -3.01 27.10
CA TYR D 386 38.23 -4.22 26.85
C TYR D 386 37.31 -4.42 28.05
N SER D 387 37.87 -4.45 29.27
CA SER D 387 37.06 -4.68 30.49
C SER D 387 35.95 -3.63 30.57
N LYS D 388 36.27 -2.37 30.28
CA LYS D 388 35.27 -1.28 30.40
C LYS D 388 34.15 -1.48 29.37
N ARG D 389 34.49 -1.92 28.16
CA ARG D 389 33.48 -2.14 27.09
C ARG D 389 32.79 -3.50 27.28
N PHE D 390 32.75 -3.99 28.52
CA PHE D 390 32.05 -5.27 28.81
C PHE D 390 31.26 -5.08 30.10
N ALA D 391 31.75 -4.17 30.95
CA ALA D 391 31.04 -3.86 32.21
C ALA D 391 29.63 -3.38 31.88
N VAL D 392 29.42 -2.92 30.65
CA VAL D 392 28.09 -2.42 30.22
C VAL D 392 27.08 -3.57 30.30
N PHE D 393 27.45 -4.74 29.79
CA PHE D 393 26.53 -5.90 29.77
C PHE D 393 26.32 -6.41 31.20
N LEU D 394 27.36 -6.33 32.02
CA LEU D 394 27.26 -6.79 33.43
C LEU D 394 26.26 -5.90 34.18
N SER D 395 25.99 -4.71 33.64
CA SER D 395 25.05 -3.76 34.31
C SER D 395 23.62 -4.31 34.27
N GLU D 396 22.75 -3.81 35.14
CA GLU D 396 21.34 -4.27 35.16
C GLU D 396 20.44 -3.11 34.70
N VAL D 397 20.75 -1.89 35.14
CA VAL D 397 19.97 -0.71 34.67
C VAL D 397 20.19 -0.59 33.15
N SER D 398 21.36 -1.03 32.66
CA SER D 398 21.63 -1.02 31.20
C SER D 398 20.57 -1.87 30.49
N GLU D 399 20.32 -3.07 31.00
CA GLU D 399 19.27 -3.95 30.41
C GLU D 399 17.94 -3.21 30.51
N ASN D 400 17.60 -2.74 31.72
CA ASN D 400 16.31 -2.03 31.93
C ASN D 400 16.23 -0.91 30.89
N LYS D 401 17.32 -0.15 30.75
CA LYS D 401 17.35 0.93 29.74
C LYS D 401 17.08 0.33 28.35
N LEU D 402 17.97 -0.55 27.89
CA LEU D 402 17.80 -1.08 26.52
C LEU D 402 16.39 -1.65 26.36
N ARG D 403 15.92 -2.43 27.33
CA ARG D 403 14.59 -3.08 27.20
C ARG D 403 13.48 -2.01 27.22
N GLN D 404 13.57 -1.03 28.11
CA GLN D 404 12.50 -0.01 28.21
C GLN D 404 12.50 0.82 26.93
N LEU D 405 13.70 1.09 26.41
CA LEU D 405 13.80 1.85 25.14
C LEU D 405 13.44 0.90 24.00
N ASN D 406 13.65 -0.40 24.19
CA ASN D 406 13.21 -1.38 23.17
C ASN D 406 11.69 -1.29 23.10
N LEU D 407 11.05 -0.98 24.24
CA LEU D 407 9.58 -0.80 24.23
C LEU D 407 9.26 0.43 23.37
N ASN D 408 10.14 1.45 23.38
CA ASN D 408 9.94 2.62 22.50
C ASN D 408 9.96 2.17 21.05
N ASN D 409 10.87 1.25 20.72
CA ASN D 409 10.89 0.68 19.33
C ASN D 409 9.52 0.09 19.05
N GLU D 410 8.98 -0.67 20.00
CA GLU D 410 7.63 -1.27 19.83
C GLU D 410 6.55 -0.17 19.86
N TRP D 411 6.68 0.75 20.82
CA TRP D 411 5.55 1.59 21.29
C TRP D 411 5.97 3.06 21.33
N THR D 412 5.97 3.72 20.16
CA THR D 412 6.36 5.14 20.07
C THR D 412 5.17 6.01 20.44
N LEU D 413 5.39 7.32 20.57
CA LEU D 413 4.29 8.26 20.91
C LEU D 413 3.18 8.16 19.85
N ASP D 414 3.56 7.99 18.57
CA ASP D 414 2.56 7.90 17.48
C ASP D 414 1.66 6.68 17.71
N LYS D 415 2.25 5.57 18.18
CA LYS D 415 1.46 4.35 18.47
C LYS D 415 0.40 4.69 19.54
N LEU D 416 0.80 5.47 20.55
CA LEU D 416 -0.14 5.85 21.63
C LEU D 416 -1.22 6.76 21.04
N ARG D 417 -0.85 7.63 20.09
CA ARG D 417 -1.87 8.49 19.43
C ARG D 417 -2.91 7.58 18.77
N GLN D 418 -2.45 6.52 18.10
CA GLN D 418 -3.40 5.55 17.50
C GLN D 418 -4.23 4.91 18.62
N ARG D 419 -3.59 4.56 19.73
CA ARG D 419 -4.35 3.88 20.81
C ARG D 419 -5.35 4.88 21.41
N LEU D 420 -5.02 6.17 21.42
CA LEU D 420 -5.93 7.18 22.01
C LEU D 420 -7.35 6.88 21.53
N THR D 421 -8.28 6.66 22.46
CA THR D 421 -9.66 6.29 22.07
C THR D 421 -10.62 6.97 23.01
N LYS D 422 -11.76 7.47 22.51
CA LYS D 422 -12.74 8.02 23.42
C LYS D 422 -13.54 6.89 24.06
N ASN D 423 -13.72 6.97 25.37
CA ASN D 423 -14.42 5.95 26.12
C ASN D 423 -15.91 6.27 26.20
N ALA D 424 -16.64 5.55 27.05
CA ALA D 424 -18.06 5.83 27.23
C ALA D 424 -18.28 7.24 27.77
N GLN D 425 -17.31 7.79 28.48
CA GLN D 425 -17.35 9.17 28.95
C GLN D 425 -16.64 10.12 28.01
N ASP D 426 -16.67 9.83 26.70
CA ASP D 426 -15.97 10.59 25.64
C ASP D 426 -14.67 11.21 26.14
N LYS D 427 -13.81 10.34 26.68
CA LYS D 427 -12.52 10.75 27.24
C LYS D 427 -11.44 9.87 26.65
N LEU D 428 -10.30 10.49 26.34
CA LEU D 428 -9.18 9.75 25.77
C LEU D 428 -8.66 8.72 26.76
N GLU D 429 -8.46 7.50 26.27
CA GLU D 429 -8.01 6.39 27.10
C GLU D 429 -6.97 5.58 26.34
N LEU D 430 -6.23 4.77 27.09
CA LEU D 430 -5.18 3.92 26.52
C LEU D 430 -5.22 2.57 27.20
N HIS D 431 -5.52 1.52 26.44
CA HIS D 431 -5.58 0.17 26.96
C HIS D 431 -4.24 -0.50 26.70
N LEU D 432 -3.38 -0.51 27.73
CA LEU D 432 -2.05 -1.10 27.63
C LEU D 432 -2.19 -2.58 28.00
N PHE D 433 -2.33 -3.43 26.98
CA PHE D 433 -2.71 -4.82 27.18
C PHE D 433 -1.45 -5.66 27.40
N MET D 434 -1.13 -5.90 28.67
CA MET D 434 0.11 -6.52 29.15
C MET D 434 1.32 -6.14 28.28
N LEU D 435 1.56 -4.84 28.19
CA LEU D 435 2.84 -4.40 27.67
C LEU D 435 3.94 -4.74 28.67
N SER D 436 5.18 -4.79 28.20
CA SER D 436 6.29 -5.12 29.07
C SER D 436 6.41 -4.10 30.21
N GLY D 437 6.23 -2.83 29.88
CA GLY D 437 6.23 -1.77 30.88
C GLY D 437 5.62 -0.53 30.30
N ILE D 438 5.33 0.43 31.17
CA ILE D 438 4.72 1.68 30.71
C ILE D 438 5.72 2.43 29.86
N PRO D 439 5.39 2.74 28.61
CA PRO D 439 6.32 3.49 27.77
C PRO D 439 6.51 4.91 28.26
N ASP D 440 7.72 5.43 28.03
CA ASP D 440 8.02 6.81 28.40
C ASP D 440 7.17 7.79 27.61
N THR D 441 6.95 7.52 26.33
CA THR D 441 6.17 8.45 25.50
C THR D 441 4.73 8.58 25.99
N VAL D 442 4.19 7.54 26.64
CA VAL D 442 2.86 7.63 27.22
C VAL D 442 2.77 8.79 28.20
N PHE D 443 3.89 9.16 28.81
CA PHE D 443 3.94 10.25 29.76
C PHE D 443 4.09 11.60 29.09
N ASP D 444 3.75 11.69 27.80
CA ASP D 444 3.92 12.92 27.04
C ASP D 444 2.64 13.31 26.29
N LEU D 445 1.48 12.88 26.78
CA LEU D 445 0.19 13.23 26.20
C LEU D 445 -0.61 13.98 27.27
N VAL D 446 -0.46 15.31 27.29
CA VAL D 446 -1.17 16.12 28.27
C VAL D 446 -2.68 15.97 28.10
N GLU D 447 -3.13 15.67 26.89
CA GLU D 447 -4.55 15.48 26.63
C GLU D 447 -5.12 14.24 27.31
N LEU D 448 -4.28 13.27 27.69
CA LEU D 448 -4.78 12.04 28.26
C LEU D 448 -5.41 12.29 29.62
N GLU D 449 -6.55 11.64 29.86
CA GLU D 449 -7.26 11.75 31.12
C GLU D 449 -7.74 10.41 31.67
N VAL D 450 -7.72 9.35 30.88
CA VAL D 450 -8.10 8.02 31.32
C VAL D 450 -6.92 7.10 31.01
N LEU D 451 -6.25 6.63 32.05
CA LEU D 451 -5.05 5.82 31.89
C LEU D 451 -5.32 4.41 32.40
N LYS D 452 -5.46 3.47 31.49
CA LYS D 452 -5.79 2.09 31.83
C LYS D 452 -4.51 1.25 31.80
N LEU D 453 -4.22 0.59 32.90
CA LEU D 453 -3.12 -0.37 32.97
C LEU D 453 -3.72 -1.75 33.19
N GLU D 454 -3.38 -2.68 32.29
CA GLU D 454 -3.97 -4.01 32.30
C GLU D 454 -2.85 -5.03 32.23
N LEU D 455 -2.72 -5.83 33.28
CA LEU D 455 -1.83 -7.00 33.29
C LEU D 455 -0.40 -6.62 32.95
N ILE D 456 0.02 -5.43 33.36
CA ILE D 456 1.38 -4.96 33.14
C ILE D 456 2.17 -5.24 34.42
N PRO D 457 3.07 -6.21 34.44
CA PRO D 457 3.72 -6.59 35.69
C PRO D 457 4.72 -5.55 36.17
N ASP D 458 4.99 -5.58 37.46
CA ASP D 458 6.04 -4.83 38.15
C ASP D 458 6.15 -3.39 37.69
N VAL D 459 5.01 -2.73 37.46
CA VAL D 459 5.03 -1.33 37.04
C VAL D 459 5.48 -0.48 38.22
N THR D 460 6.41 0.44 37.94
CA THR D 460 6.85 1.45 38.90
C THR D 460 6.60 2.80 38.26
N ILE D 461 5.63 3.52 38.77
CA ILE D 461 5.20 4.77 38.15
C ILE D 461 6.29 5.83 38.36
N PRO D 462 6.87 6.36 37.28
CA PRO D 462 7.89 7.39 37.43
C PRO D 462 7.26 8.75 37.67
N PRO D 463 7.98 9.68 38.30
CA PRO D 463 7.40 10.99 38.61
C PRO D 463 7.10 11.84 37.40
N SER D 464 7.35 11.35 36.18
CA SER D 464 7.08 12.12 34.98
C SER D 464 5.58 12.31 34.77
N ILE D 465 4.78 11.72 35.66
CA ILE D 465 3.36 12.02 35.80
C ILE D 465 3.18 13.52 35.96
N ALA D 466 4.21 14.20 36.46
CA ALA D 466 4.18 15.66 36.56
C ALA D 466 3.86 16.30 35.22
N GLN D 467 4.34 15.72 34.12
CA GLN D 467 3.98 16.23 32.80
C GLN D 467 2.48 16.04 32.53
N LEU D 468 1.91 14.95 33.03
CA LEU D 468 0.54 14.57 32.73
C LEU D 468 -0.39 15.26 33.70
N THR D 469 -0.94 16.41 33.29
CA THR D 469 -1.87 17.15 34.14
C THR D 469 -3.32 16.84 33.82
N GLY D 470 -3.63 16.41 32.60
CA GLY D 470 -5.01 16.14 32.23
C GLY D 470 -5.60 14.87 32.80
N LEU D 471 -4.77 14.00 33.38
CA LEU D 471 -5.27 12.75 33.90
C LEU D 471 -6.15 12.99 35.12
N LYS D 472 -7.33 12.39 35.11
CA LYS D 472 -8.27 12.49 36.22
C LYS D 472 -8.68 11.14 36.80
N GLU D 473 -8.63 10.07 36.01
CA GLU D 473 -9.03 8.74 36.47
C GLU D 473 -8.14 7.71 35.80
N LEU D 474 -7.82 6.64 36.54
CA LEU D 474 -6.94 5.59 36.06
C LEU D 474 -7.53 4.24 36.42
N TRP D 475 -7.12 3.21 35.67
CA TRP D 475 -7.63 1.86 35.83
C TRP D 475 -6.48 0.93 36.20
N LEU D 476 -6.71 0.05 37.18
CA LEU D 476 -5.71 -0.91 37.64
C LEU D 476 -6.33 -2.31 37.54
N TYR D 477 -6.17 -2.95 36.39
CA TYR D 477 -6.60 -4.33 36.20
C TYR D 477 -5.40 -5.25 36.34
N HIS D 478 -5.48 -6.16 37.31
CA HIS D 478 -4.55 -7.28 37.42
C HIS D 478 -3.10 -6.81 37.41
N THR D 479 -2.86 -5.71 38.12
CA THR D 479 -1.55 -5.06 38.05
C THR D 479 -1.25 -4.44 39.40
N ALA D 480 -0.18 -4.91 40.04
CA ALA D 480 0.31 -4.30 41.28
C ALA D 480 1.29 -3.19 40.92
N ALA D 481 1.04 -2.00 41.44
CA ALA D 481 1.78 -0.80 41.04
C ALA D 481 2.64 -0.30 42.19
N LYS D 482 3.95 -0.36 42.01
CA LYS D 482 4.89 0.32 42.89
C LYS D 482 5.05 1.75 42.39
N ILE D 483 5.16 2.69 43.32
CA ILE D 483 5.04 4.10 43.00
C ILE D 483 5.97 4.92 43.86
N GLU D 484 6.29 6.12 43.40
CA GLU D 484 7.31 6.97 43.97
C GLU D 484 6.68 8.23 44.58
N ALA D 485 7.35 8.77 45.61
CA ALA D 485 6.74 9.78 46.46
C ALA D 485 6.23 11.01 45.72
N PRO D 486 6.99 11.65 44.81
CA PRO D 486 6.39 12.75 44.04
C PRO D 486 5.16 12.31 43.25
N ALA D 487 5.15 11.07 42.76
CA ALA D 487 3.95 10.55 42.12
C ALA D 487 2.79 10.45 43.11
N LEU D 488 3.08 10.04 44.35
CA LEU D 488 2.04 10.06 45.37
C LEU D 488 1.49 11.46 45.56
N ALA D 489 2.37 12.45 45.62
CA ALA D 489 1.89 13.83 45.75
C ALA D 489 1.00 14.21 44.58
N PHE D 490 1.47 13.98 43.36
CA PHE D 490 0.69 14.35 42.18
C PHE D 490 -0.68 13.69 42.21
N LEU D 491 -0.73 12.40 42.53
CA LEU D 491 -2.02 11.75 42.72
C LEU D 491 -2.82 12.43 43.82
N ARG D 492 -2.15 12.89 44.88
CA ARG D 492 -2.83 13.45 46.03
C ARG D 492 -3.60 14.72 45.66
N GLU D 493 -2.99 15.62 44.90
CA GLU D 493 -3.74 16.82 44.51
C GLU D 493 -4.39 16.72 43.13
N ASN D 494 -4.29 15.60 42.43
CA ASN D 494 -4.83 15.60 41.08
C ASN D 494 -5.79 14.46 40.78
N LEU D 495 -5.55 13.29 41.37
CA LEU D 495 -6.38 12.13 41.04
C LEU D 495 -7.80 12.32 41.56
N ARG D 496 -8.78 11.97 40.73
CA ARG D 496 -10.18 12.12 41.06
C ARG D 496 -10.89 10.79 41.25
N ALA D 497 -10.76 9.87 40.31
CA ALA D 497 -11.42 8.58 40.38
C ALA D 497 -10.40 7.47 40.17
N LEU D 498 -10.66 6.31 40.76
CA LEU D 498 -9.74 5.19 40.71
C LEU D 498 -10.52 3.92 40.44
N HIS D 499 -10.03 3.12 39.48
CA HIS D 499 -10.58 1.80 39.21
C HIS D 499 -9.55 0.76 39.61
N ILE D 500 -9.99 -0.29 40.29
CA ILE D 500 -9.11 -1.37 40.72
C ILE D 500 -9.83 -2.69 40.52
N LYS D 501 -9.16 -3.64 39.88
CA LYS D 501 -9.61 -5.02 39.81
C LYS D 501 -8.42 -5.92 40.14
N PHE D 502 -8.63 -6.82 41.10
CA PHE D 502 -7.55 -7.66 41.59
C PHE D 502 -7.96 -9.13 41.55
N THR D 503 -7.02 -9.99 41.14
CA THR D 503 -7.23 -11.42 41.28
C THR D 503 -7.07 -11.85 42.73
N ASP D 504 -6.09 -11.30 43.43
CA ASP D 504 -5.84 -11.63 44.82
C ASP D 504 -5.64 -10.33 45.62
N ILE D 505 -5.68 -10.48 46.94
CA ILE D 505 -5.66 -9.32 47.83
C ILE D 505 -4.35 -8.55 47.67
N LYS D 506 -3.23 -9.27 47.58
CA LYS D 506 -1.92 -8.61 47.59
C LYS D 506 -1.76 -7.67 46.39
N GLU D 507 -2.52 -7.88 45.33
CA GLU D 507 -2.41 -7.01 44.16
C GLU D 507 -2.79 -5.57 44.47
N ILE D 508 -3.56 -5.34 45.53
CA ILE D 508 -4.01 -4.00 45.88
C ILE D 508 -2.84 -3.24 46.53
N PRO D 509 -2.41 -2.13 45.94
CA PRO D 509 -1.38 -1.32 46.59
C PRO D 509 -1.90 -0.69 47.86
N LEU D 510 -1.00 -0.56 48.84
CA LEU D 510 -1.38 0.03 50.12
C LEU D 510 -1.52 1.54 50.03
N TRP D 511 -0.74 2.20 49.17
CA TRP D 511 -0.75 3.65 49.09
C TRP D 511 -2.03 4.21 48.50
N ILE D 512 -2.91 3.35 47.96
CA ILE D 512 -4.16 3.84 47.39
C ILE D 512 -4.99 4.55 48.45
N TYR D 513 -4.94 4.08 49.70
CA TYR D 513 -5.67 4.74 50.77
C TYR D 513 -5.05 6.06 51.18
N SER D 514 -3.76 6.26 50.91
CA SER D 514 -3.13 7.53 51.25
C SER D 514 -3.71 8.69 50.46
N LEU D 515 -4.46 8.41 49.40
CA LEU D 515 -5.08 9.47 48.62
C LEU D 515 -6.14 10.19 49.45
N LYS D 516 -6.35 11.46 49.14
CA LYS D 516 -7.35 12.26 49.83
C LYS D 516 -8.39 12.87 48.91
N THR D 517 -7.99 13.34 47.73
CA THR D 517 -8.94 13.92 46.80
C THR D 517 -9.74 12.87 46.06
N LEU D 518 -9.43 11.59 46.24
CA LEU D 518 -10.15 10.53 45.54
C LEU D 518 -11.62 10.56 45.93
N GLU D 519 -12.49 10.41 44.93
CA GLU D 519 -13.92 10.42 45.14
C GLU D 519 -14.64 9.18 44.62
N GLU D 520 -14.00 8.39 43.76
CA GLU D 520 -14.63 7.23 43.16
C GLU D 520 -13.66 6.06 43.27
N LEU D 521 -14.18 4.89 43.63
CA LEU D 521 -13.36 3.68 43.76
C LEU D 521 -14.27 2.50 43.40
N HIS D 522 -14.15 2.03 42.16
CA HIS D 522 -14.99 0.94 41.68
C HIS D 522 -14.22 -0.39 41.77
N LEU D 523 -13.98 -0.82 42.99
CA LEU D 523 -13.17 -2.01 43.23
C LEU D 523 -13.89 -3.26 42.75
N THR D 524 -13.09 -4.23 42.30
CA THR D 524 -13.59 -5.50 41.79
C THR D 524 -12.59 -6.59 42.10
N GLY D 525 -13.08 -7.75 42.53
CA GLY D 525 -12.22 -8.88 42.77
C GLY D 525 -12.84 -9.93 43.67
N ASN D 526 -12.08 -10.37 44.66
CA ASN D 526 -12.53 -11.33 45.67
C ASN D 526 -12.23 -10.78 47.06
N LEU D 527 -12.58 -9.53 47.28
CA LEU D 527 -12.34 -8.76 48.49
C LEU D 527 -13.11 -9.32 49.70
N SER D 528 -13.91 -10.38 49.48
CA SER D 528 -14.60 -11.01 50.59
C SER D 528 -13.64 -11.38 51.71
N ALA D 529 -12.42 -11.78 51.34
CA ALA D 529 -11.33 -12.02 52.29
C ALA D 529 -11.76 -13.04 53.34
N GLU D 530 -12.05 -14.25 52.88
CA GLU D 530 -12.43 -15.32 53.78
C GLU D 530 -11.30 -15.59 54.78
N ASN D 531 -11.68 -15.71 56.06
CA ASN D 531 -10.78 -15.86 57.20
C ASN D 531 -9.95 -14.62 57.46
N ASN D 532 -10.11 -13.61 56.59
CA ASN D 532 -9.37 -12.32 56.75
C ASN D 532 -10.41 -11.23 57.02
N ARG D 533 -11.65 -11.64 57.30
CA ARG D 533 -12.74 -10.65 57.54
C ARG D 533 -12.71 -9.61 56.41
N TYR D 534 -12.46 -8.35 56.76
CA TYR D 534 -12.40 -7.27 55.73
C TYR D 534 -11.26 -6.32 56.09
N ILE D 535 -10.10 -6.88 56.47
CA ILE D 535 -8.95 -6.03 56.91
C ILE D 535 -8.53 -5.08 55.78
N VAL D 536 -8.47 -5.59 54.55
CA VAL D 536 -7.96 -4.74 53.44
C VAL D 536 -8.81 -3.47 53.36
N ILE D 537 -10.13 -3.61 53.45
CA ILE D 537 -11.04 -2.45 53.32
C ILE D 537 -10.74 -1.42 54.43
N ASP D 538 -10.09 -1.85 55.51
CA ASP D 538 -9.84 -0.92 56.64
C ASP D 538 -9.23 0.38 56.11
N GLY D 539 -8.28 0.28 55.19
CA GLY D 539 -7.61 1.48 54.66
C GLY D 539 -8.62 2.49 54.15
N LEU D 540 -9.76 2.02 53.65
CA LEU D 540 -10.77 2.94 53.07
C LEU D 540 -11.09 4.04 54.07
N ARG D 541 -11.16 3.71 55.36
CA ARG D 541 -11.55 4.73 56.37
C ARG D 541 -10.68 5.99 56.19
N GLU D 542 -9.42 5.82 55.80
CA GLU D 542 -8.51 6.98 55.69
C GLU D 542 -9.13 8.02 54.72
N LEU D 543 -9.63 7.55 53.58
CA LEU D 543 -10.20 8.48 52.57
C LEU D 543 -11.43 9.18 53.18
N LYS D 544 -11.62 10.47 52.87
CA LYS D 544 -12.72 11.24 53.49
C LYS D 544 -13.54 11.96 52.42
N ARG D 545 -13.05 12.01 51.18
CA ARG D 545 -13.76 12.77 50.13
C ARG D 545 -14.44 11.79 49.16
N LEU D 546 -14.50 10.50 49.51
CA LEU D 546 -15.06 9.56 48.55
C LEU D 546 -16.58 9.64 48.57
N LYS D 547 -17.16 9.58 47.38
CA LYS D 547 -18.61 9.55 47.25
C LYS D 547 -19.13 8.45 46.34
N VAL D 548 -18.24 7.69 45.69
CA VAL D 548 -18.65 6.56 44.86
C VAL D 548 -17.81 5.36 45.25
N LEU D 549 -18.47 4.28 45.65
CA LEU D 549 -17.79 3.11 46.20
C LEU D 549 -18.33 1.83 45.56
N ARG D 550 -18.34 1.81 44.23
CA ARG D 550 -18.76 0.60 43.53
C ARG D 550 -17.91 -0.59 43.96
N LEU D 551 -18.58 -1.68 44.31
CA LEU D 551 -17.92 -2.88 44.81
C LEU D 551 -18.59 -4.11 44.24
N LYS D 552 -17.77 -5.07 43.79
CA LYS D 552 -18.27 -6.37 43.34
C LYS D 552 -17.21 -7.43 43.66
N SER D 553 -17.33 -8.05 44.82
CA SER D 553 -16.37 -9.03 45.26
C SER D 553 -17.02 -10.19 46.01
N ASN D 554 -18.25 -10.56 45.61
CA ASN D 554 -19.06 -11.58 46.25
C ASN D 554 -19.00 -11.49 47.78
N LEU D 555 -19.18 -10.28 48.31
CA LEU D 555 -19.14 -10.07 49.75
C LEU D 555 -20.27 -10.83 50.43
N SER D 556 -19.94 -11.47 51.55
CA SER D 556 -20.99 -12.09 52.36
C SER D 556 -21.70 -11.04 53.21
N LYS D 557 -20.96 -10.34 54.05
CA LYS D 557 -21.48 -9.29 54.91
C LYS D 557 -20.96 -7.94 54.41
N LEU D 558 -21.36 -6.87 55.11
CA LEU D 558 -20.93 -5.53 54.77
C LEU D 558 -19.90 -5.04 55.78
N PRO D 559 -18.70 -4.66 55.35
CA PRO D 559 -17.72 -4.10 56.29
C PRO D 559 -18.25 -2.86 56.97
N GLN D 560 -17.87 -2.69 58.24
CA GLN D 560 -18.30 -1.51 58.99
C GLN D 560 -17.59 -0.25 58.53
N VAL D 561 -16.39 -0.39 57.96
CA VAL D 561 -15.71 0.76 57.38
C VAL D 561 -16.52 1.35 56.24
N VAL D 562 -17.34 0.51 55.57
CA VAL D 562 -18.25 1.02 54.56
C VAL D 562 -19.21 2.04 55.16
N THR D 563 -19.83 1.68 56.29
CA THR D 563 -20.72 2.63 56.94
C THR D 563 -19.93 3.82 57.48
N ASP D 564 -18.67 3.59 57.86
CA ASP D 564 -17.82 4.69 58.32
C ASP D 564 -17.68 5.75 57.23
N VAL D 565 -17.29 5.33 56.02
CA VAL D 565 -17.20 6.26 54.90
C VAL D 565 -18.57 6.69 54.40
N GLY D 566 -19.63 6.01 54.82
CA GLY D 566 -20.97 6.38 54.39
C GLY D 566 -21.41 7.76 54.83
N VAL D 567 -20.70 8.36 55.80
CA VAL D 567 -21.05 9.70 56.25
C VAL D 567 -20.97 10.69 55.10
N HIS D 568 -19.96 10.54 54.26
CA HIS D 568 -19.82 11.37 53.06
C HIS D 568 -20.17 10.61 51.79
N LEU D 569 -20.28 9.29 51.85
CA LEU D 569 -20.68 8.51 50.68
C LEU D 569 -22.11 8.82 50.30
N GLN D 570 -22.34 8.96 49.00
CA GLN D 570 -23.68 9.27 48.51
C GLN D 570 -24.06 8.38 47.33
N LYS D 571 -23.07 7.81 46.66
CA LYS D 571 -23.28 6.96 45.49
C LYS D 571 -22.71 5.59 45.82
N LEU D 572 -23.51 4.73 46.45
CA LEU D 572 -23.06 3.41 46.85
C LEU D 572 -23.53 2.37 45.85
N SER D 573 -22.60 1.57 45.35
CA SER D 573 -22.89 0.50 44.41
C SER D 573 -22.38 -0.82 44.98
N ILE D 574 -23.29 -1.79 45.09
CA ILE D 574 -22.94 -3.13 45.55
C ILE D 574 -23.43 -4.12 44.51
N ASN D 575 -22.51 -4.95 44.01
CA ASN D 575 -22.83 -6.00 43.05
C ASN D 575 -22.29 -7.30 43.63
N ASN D 576 -23.12 -7.96 44.44
CA ASN D 576 -22.66 -9.14 45.17
C ASN D 576 -22.47 -10.32 44.23
N GLU D 577 -22.99 -10.25 43.01
CA GLU D 577 -22.74 -11.25 41.97
C GLU D 577 -23.11 -12.65 42.44
N GLY D 578 -24.40 -12.86 42.72
CA GLY D 578 -24.92 -14.16 43.03
C GLY D 578 -24.80 -14.60 44.48
N THR D 579 -24.31 -13.75 45.36
CA THR D 579 -24.20 -14.06 46.78
C THR D 579 -25.20 -13.21 47.56
N LYS D 580 -25.49 -13.64 48.79
CA LYS D 580 -26.46 -12.99 49.65
C LYS D 580 -25.76 -11.94 50.52
N LEU D 581 -26.48 -10.86 50.82
CA LEU D 581 -25.98 -9.80 51.67
C LEU D 581 -27.08 -9.38 52.64
N ILE D 582 -26.70 -8.89 53.81
CA ILE D 582 -27.64 -8.35 54.78
C ILE D 582 -27.28 -6.90 55.08
N VAL D 583 -28.32 -6.05 55.11
CA VAL D 583 -28.09 -4.66 55.47
C VAL D 583 -27.70 -4.53 56.94
N LEU D 584 -28.27 -5.37 57.81
CA LEU D 584 -27.97 -5.40 59.25
C LEU D 584 -28.06 -4.01 59.86
N ASN D 585 -29.02 -3.23 59.39
CA ASN D 585 -29.29 -1.86 59.84
C ASN D 585 -28.14 -0.91 59.56
N SER D 586 -27.11 -1.36 58.84
CA SER D 586 -25.95 -0.53 58.58
C SER D 586 -26.29 0.62 57.64
N LEU D 587 -27.19 0.38 56.68
CA LEU D 587 -27.52 1.40 55.68
C LEU D 587 -28.13 2.64 56.31
N LYS D 588 -28.78 2.51 57.48
CA LYS D 588 -29.35 3.68 58.13
C LYS D 588 -28.30 4.66 58.61
N LYS D 589 -27.04 4.24 58.70
CA LYS D 589 -26.00 5.13 59.21
C LYS D 589 -25.58 6.18 58.18
N MET D 590 -25.54 5.82 56.90
CA MET D 590 -25.07 6.73 55.85
C MET D 590 -26.22 7.66 55.45
N ALA D 591 -26.43 8.69 56.27
CA ALA D 591 -27.52 9.62 56.03
C ALA D 591 -27.35 10.37 54.71
N ASN D 592 -26.11 10.54 54.25
CA ASN D 592 -25.86 11.29 53.02
C ASN D 592 -26.05 10.45 51.76
N LEU D 593 -26.31 9.15 51.90
CA LEU D 593 -26.51 8.30 50.75
C LEU D 593 -27.75 8.72 49.97
N THR D 594 -27.62 8.84 48.65
CA THR D 594 -28.71 9.29 47.80
C THR D 594 -28.96 8.41 46.58
N GLU D 595 -28.23 7.32 46.40
CA GLU D 595 -28.38 6.47 45.23
C GLU D 595 -27.86 5.09 45.55
N LEU D 596 -28.75 4.09 45.52
CA LEU D 596 -28.45 2.75 45.98
C LEU D 596 -28.91 1.73 44.95
N GLU D 597 -28.14 0.65 44.83
CA GLU D 597 -28.52 -0.48 44.01
C GLU D 597 -27.82 -1.72 44.52
N LEU D 598 -28.50 -2.85 44.43
CA LEU D 598 -27.98 -4.13 44.90
C LEU D 598 -28.02 -5.06 43.70
N ILE D 599 -26.97 -5.03 42.89
CA ILE D 599 -26.93 -5.77 41.65
C ILE D 599 -26.60 -7.23 41.96
N ARG D 600 -27.47 -8.14 41.54
CA ARG D 600 -27.28 -9.57 41.73
C ARG D 600 -27.01 -9.92 43.19
N CYS D 601 -27.51 -9.11 44.11
CA CYS D 601 -27.25 -9.31 45.52
C CYS D 601 -28.26 -10.26 46.18
N ASP D 602 -29.33 -10.63 45.47
CA ASP D 602 -30.18 -11.75 45.84
C ASP D 602 -30.78 -11.57 47.23
N LEU D 603 -31.60 -10.53 47.37
CA LEU D 603 -32.17 -10.20 48.68
C LEU D 603 -33.49 -10.92 48.92
N GLU D 604 -34.22 -11.25 47.86
CA GLU D 604 -35.56 -11.87 47.87
C GLU D 604 -36.54 -11.10 48.75
N ARG D 605 -36.17 -9.90 49.22
CA ARG D 605 -36.95 -9.10 50.15
C ARG D 605 -36.38 -7.70 50.18
N ILE D 606 -37.26 -6.70 50.16
CA ILE D 606 -36.84 -5.31 50.25
C ILE D 606 -36.35 -5.06 51.68
N PRO D 607 -35.11 -4.62 51.85
CA PRO D 607 -34.60 -4.36 53.20
C PRO D 607 -35.33 -3.20 53.86
N HIS D 608 -35.53 -3.33 55.16
CA HIS D 608 -36.20 -2.28 55.93
C HIS D 608 -35.28 -1.11 56.26
N SER D 609 -33.97 -1.32 56.23
CA SER D 609 -33.04 -0.25 56.61
C SER D 609 -33.14 0.93 55.67
N ILE D 610 -33.32 0.69 54.37
CA ILE D 610 -33.36 1.77 53.39
C ILE D 610 -34.52 2.73 53.64
N PHE D 611 -35.58 2.27 54.31
CA PHE D 611 -36.76 3.11 54.48
C PHE D 611 -36.47 4.36 55.30
N SER D 612 -35.71 4.21 56.38
CA SER D 612 -35.48 5.35 57.27
C SER D 612 -34.66 6.43 56.58
N LEU D 613 -33.89 6.08 55.56
CA LEU D 613 -33.11 7.08 54.85
C LEU D 613 -33.99 7.83 53.86
N HIS D 614 -33.88 9.15 53.86
CA HIS D 614 -34.76 10.02 53.08
C HIS D 614 -34.11 10.62 51.86
N ASN D 615 -32.79 10.46 51.68
CA ASN D 615 -32.08 11.16 50.63
C ASN D 615 -32.03 10.39 49.32
N LEU D 616 -32.56 9.17 49.26
CA LEU D 616 -32.42 8.37 48.06
C LEU D 616 -33.21 8.96 46.90
N GLN D 617 -32.66 8.83 45.70
CA GLN D 617 -33.32 9.25 44.48
C GLN D 617 -33.38 8.16 43.43
N GLU D 618 -32.35 7.32 43.33
CA GLU D 618 -32.30 6.22 42.38
C GLU D 618 -32.15 4.91 43.15
N ILE D 619 -33.01 3.94 42.85
CA ILE D 619 -33.02 2.66 43.54
C ILE D 619 -33.12 1.54 42.51
N ASP D 620 -32.24 0.55 42.62
CA ASP D 620 -32.29 -0.64 41.79
C ASP D 620 -32.14 -1.87 42.66
N LEU D 621 -32.96 -2.88 42.38
CA LEU D 621 -32.86 -4.19 43.02
C LEU D 621 -32.71 -5.26 41.94
N LYS D 622 -31.83 -4.99 40.98
CA LYS D 622 -31.71 -5.84 39.80
C LYS D 622 -31.32 -7.26 40.17
N ASP D 623 -32.07 -8.22 39.62
CA ASP D 623 -31.76 -9.65 39.72
C ASP D 623 -31.53 -10.07 41.18
N ASN D 624 -32.59 -9.96 41.98
CA ASN D 624 -32.52 -10.35 43.38
C ASN D 624 -33.58 -11.38 43.76
N ASN D 625 -34.20 -12.02 42.78
CA ASN D 625 -35.20 -13.07 43.01
C ASN D 625 -36.31 -12.56 43.93
N LEU D 626 -36.91 -11.44 43.54
CA LEU D 626 -37.95 -10.81 44.33
C LEU D 626 -39.32 -11.27 43.86
N LYS D 627 -40.21 -11.54 44.80
CA LYS D 627 -41.57 -11.96 44.52
C LYS D 627 -42.61 -10.96 44.96
N THR D 628 -42.61 -10.58 46.23
CA THR D 628 -43.53 -9.58 46.76
C THR D 628 -42.76 -8.32 47.10
N ILE D 629 -43.34 -7.17 46.75
CA ILE D 629 -42.66 -5.89 46.90
C ILE D 629 -43.55 -4.92 47.67
N GLU D 630 -44.41 -5.45 48.54
CA GLU D 630 -45.36 -4.62 49.27
C GLU D 630 -44.68 -3.53 50.08
N GLU D 631 -43.42 -3.74 50.48
CA GLU D 631 -42.66 -2.77 51.25
C GLU D 631 -42.59 -1.40 50.57
N ILE D 632 -42.94 -1.32 49.29
CA ILE D 632 -43.00 -0.03 48.61
C ILE D 632 -43.94 0.93 49.31
N ILE D 633 -44.82 0.43 50.18
CA ILE D 633 -45.66 1.34 50.97
C ILE D 633 -44.78 2.29 51.78
N SER D 634 -43.75 1.75 52.44
CA SER D 634 -42.82 2.61 53.16
C SER D 634 -42.11 3.57 52.23
N PHE D 635 -41.99 3.20 50.95
CA PHE D 635 -41.39 4.09 49.96
C PHE D 635 -42.15 5.40 49.83
N GLN D 636 -43.43 5.44 50.24
CA GLN D 636 -44.15 6.70 50.20
C GLN D 636 -43.54 7.74 51.12
N HIS D 637 -42.83 7.29 52.17
CA HIS D 637 -42.14 8.24 53.04
C HIS D 637 -41.01 8.94 52.30
N LEU D 638 -40.44 8.30 51.29
CA LEU D 638 -39.43 8.93 50.47
C LEU D 638 -40.04 10.04 49.64
N HIS D 639 -39.30 11.13 49.49
CA HIS D 639 -39.76 12.29 48.72
C HIS D 639 -38.76 12.73 47.67
N ARG D 640 -37.66 11.99 47.50
CA ARG D 640 -36.69 12.26 46.46
C ARG D 640 -36.55 11.14 45.44
N LEU D 641 -37.19 10.00 45.66
CA LEU D 641 -37.11 8.89 44.72
C LEU D 641 -37.76 9.28 43.40
N THR D 642 -37.03 9.10 42.31
CA THR D 642 -37.53 9.41 40.98
C THR D 642 -37.28 8.30 39.97
N CYS D 643 -36.66 7.20 40.36
CA CYS D 643 -36.41 6.10 39.43
C CYS D 643 -36.33 4.81 40.22
N LEU D 644 -37.43 4.06 40.24
CA LEU D 644 -37.46 2.72 40.81
C LEU D 644 -37.37 1.74 39.65
N LYS D 645 -36.19 1.13 39.49
CA LYS D 645 -35.96 0.14 38.45
C LYS D 645 -35.87 -1.23 39.11
N LEU D 646 -36.78 -2.11 38.74
CA LEU D 646 -36.89 -3.45 39.32
C LEU D 646 -37.07 -4.42 38.16
N TRP D 647 -35.97 -4.92 37.61
CA TRP D 647 -36.03 -5.84 36.48
C TRP D 647 -35.18 -7.07 36.77
N TYR D 648 -35.28 -8.04 35.86
CA TYR D 648 -34.62 -9.34 36.02
C TYR D 648 -35.06 -10.00 37.33
N ASN D 649 -36.33 -9.85 37.67
CA ASN D 649 -36.90 -10.41 38.88
C ASN D 649 -38.13 -11.23 38.52
N HIS D 650 -38.70 -11.89 39.51
CA HIS D 650 -39.89 -12.70 39.35
C HIS D 650 -41.12 -12.01 39.94
N ILE D 651 -41.20 -10.70 39.77
CA ILE D 651 -42.35 -9.94 40.25
C ILE D 651 -43.59 -10.40 39.49
N ALA D 652 -44.65 -10.70 40.24
CA ALA D 652 -45.90 -11.15 39.65
C ALA D 652 -47.02 -10.14 39.86
N TYR D 653 -47.28 -9.75 41.10
CA TYR D 653 -48.33 -8.81 41.43
C TYR D 653 -47.75 -7.45 41.79
N ILE D 654 -48.30 -6.40 41.19
CA ILE D 654 -47.91 -5.03 41.49
C ILE D 654 -48.83 -4.51 42.59
N PRO D 655 -48.31 -4.08 43.73
CA PRO D 655 -49.17 -3.67 44.85
C PRO D 655 -49.92 -2.38 44.54
N ILE D 656 -51.07 -2.25 45.20
CA ILE D 656 -51.90 -1.05 45.07
C ILE D 656 -51.17 0.18 45.59
N GLN D 657 -50.31 0.00 46.60
CA GLN D 657 -49.54 1.10 47.17
C GLN D 657 -48.67 1.82 46.16
N ILE D 658 -48.56 1.30 44.93
CA ILE D 658 -47.90 2.04 43.86
C ILE D 658 -48.56 3.40 43.68
N GLY D 659 -49.89 3.44 43.76
CA GLY D 659 -50.60 4.70 43.60
C GLY D 659 -50.23 5.74 44.65
N ASN D 660 -49.72 5.31 45.80
CA ASN D 660 -49.36 6.25 46.85
C ASN D 660 -48.20 7.14 46.43
N LEU D 661 -47.13 6.54 45.91
CA LEU D 661 -45.99 7.32 45.44
C LEU D 661 -46.38 8.12 44.19
N THR D 662 -45.82 9.31 44.07
CA THR D 662 -46.15 10.20 42.97
C THR D 662 -44.94 10.72 42.21
N ASN D 663 -43.84 11.00 42.90
CA ASN D 663 -42.70 11.66 42.27
C ASN D 663 -41.87 10.72 41.41
N LEU D 664 -42.32 9.48 41.19
CA LEU D 664 -41.56 8.57 40.35
C LEU D 664 -41.52 9.06 38.91
N GLU D 665 -40.35 8.99 38.30
CA GLU D 665 -40.16 9.38 36.92
C GLU D 665 -39.81 8.23 35.99
N ARG D 666 -38.99 7.28 36.44
CA ARG D 666 -38.54 6.17 35.60
C ARG D 666 -38.88 4.88 36.31
N LEU D 667 -39.50 3.94 35.60
CA LEU D 667 -39.92 2.68 36.19
C LEU D 667 -39.61 1.57 35.19
N TYR D 668 -38.71 0.66 35.55
CA TYR D 668 -38.30 -0.44 34.70
C TYR D 668 -38.69 -1.76 35.36
N LEU D 669 -39.83 -2.31 34.95
CA LEU D 669 -40.29 -3.61 35.45
C LEU D 669 -40.11 -4.73 34.43
N ASN D 670 -39.24 -4.55 33.45
CA ASN D 670 -39.13 -5.52 32.39
C ASN D 670 -38.52 -6.82 32.89
N ARG D 671 -38.68 -7.88 32.08
CA ARG D 671 -38.15 -9.21 32.39
C ARG D 671 -38.65 -9.71 33.74
N ASN D 672 -39.95 -9.56 33.96
CA ASN D 672 -40.59 -10.06 35.17
C ASN D 672 -41.75 -10.97 34.79
N LYS D 673 -42.50 -11.42 35.79
CA LYS D 673 -43.64 -12.31 35.61
C LYS D 673 -44.95 -11.58 35.80
N ILE D 674 -45.01 -10.30 35.41
CA ILE D 674 -46.21 -9.51 35.62
C ILE D 674 -47.30 -9.98 34.68
N GLU D 675 -48.52 -10.13 35.22
CA GLU D 675 -49.67 -10.57 34.45
C GLU D 675 -50.76 -9.51 34.30
N LYS D 676 -50.77 -8.49 35.16
CA LYS D 676 -51.80 -7.47 35.12
C LYS D 676 -51.17 -6.12 35.43
N ILE D 677 -51.75 -5.07 34.84
CA ILE D 677 -51.25 -3.71 35.03
C ILE D 677 -52.26 -2.91 35.85
N PRO D 678 -52.03 -2.71 37.14
CA PRO D 678 -52.97 -1.95 37.95
C PRO D 678 -52.96 -0.47 37.57
N THR D 679 -54.11 0.17 37.77
CA THR D 679 -54.25 1.58 37.46
C THR D 679 -53.53 2.48 38.46
N GLN D 680 -52.96 1.90 39.52
CA GLN D 680 -52.29 2.70 40.53
C GLN D 680 -51.05 3.38 39.97
N LEU D 681 -50.30 2.68 39.12
CA LEU D 681 -49.25 3.36 38.36
C LEU D 681 -49.82 4.42 37.44
N PHE D 682 -51.03 4.19 36.91
CA PHE D 682 -51.59 5.15 35.98
C PHE D 682 -51.99 6.46 36.66
N TYR D 683 -52.44 6.43 37.93
CA TYR D 683 -52.74 7.69 38.60
C TYR D 683 -51.52 8.59 38.64
N CYS D 684 -50.34 8.01 38.81
CA CYS D 684 -49.10 8.78 38.82
C CYS D 684 -48.93 9.52 37.50
N ARG D 685 -48.57 10.80 37.60
CA ARG D 685 -48.39 11.63 36.41
C ARG D 685 -46.95 11.90 36.07
N LYS D 686 -46.04 11.82 37.05
CA LYS D 686 -44.65 12.18 36.81
C LYS D 686 -43.91 11.17 35.94
N LEU D 687 -44.51 10.01 35.66
CA LEU D 687 -43.81 8.99 34.90
C LEU D 687 -43.48 9.47 33.49
N ARG D 688 -42.24 9.24 33.07
CA ARG D 688 -41.76 9.69 31.77
C ARG D 688 -41.06 8.54 31.03
N TYR D 689 -40.51 7.60 31.79
CA TYR D 689 -39.77 6.47 31.23
C TYR D 689 -40.36 5.20 31.84
N LEU D 690 -41.07 4.43 31.04
CA LEU D 690 -41.79 3.26 31.52
C LEU D 690 -41.43 2.04 30.68
N ASP D 691 -41.29 0.89 31.33
CA ASP D 691 -40.89 -0.33 30.64
C ASP D 691 -41.56 -1.52 31.30
N LEU D 692 -42.29 -2.30 30.52
CA LEU D 692 -42.95 -3.53 30.97
C LEU D 692 -42.65 -4.67 30.03
N SER D 693 -41.48 -4.64 29.39
CA SER D 693 -41.14 -5.65 28.40
C SER D 693 -40.92 -7.00 29.07
N HIS D 694 -40.97 -8.06 28.26
CA HIS D 694 -40.68 -9.42 28.69
C HIS D 694 -41.51 -9.80 29.92
N ASN D 695 -42.82 -9.59 29.80
CA ASN D 695 -43.78 -9.89 30.85
C ASN D 695 -44.92 -10.70 30.26
N ASN D 696 -45.75 -11.25 31.14
CA ASN D 696 -46.91 -12.02 30.71
C ASN D 696 -48.15 -11.12 30.71
N LEU D 697 -48.10 -10.10 29.85
CA LEU D 697 -49.16 -9.13 29.73
C LEU D 697 -49.84 -9.27 28.37
N THR D 698 -51.17 -9.30 28.38
CA THR D 698 -51.95 -9.39 27.16
C THR D 698 -52.85 -8.18 26.93
N PHE D 699 -53.00 -7.29 27.92
CA PHE D 699 -53.90 -6.15 27.78
C PHE D 699 -53.25 -4.93 28.40
N LEU D 700 -53.40 -3.78 27.75
CA LEU D 700 -52.92 -2.52 28.28
C LEU D 700 -54.11 -1.65 28.68
N PRO D 701 -54.24 -1.30 29.96
CA PRO D 701 -55.38 -0.48 30.38
C PRO D 701 -55.39 0.88 29.68
N ALA D 702 -56.60 1.39 29.48
CA ALA D 702 -56.78 2.66 28.78
C ALA D 702 -56.25 3.85 29.58
N ASP D 703 -56.00 3.67 30.88
CA ASP D 703 -55.53 4.75 31.73
C ASP D 703 -54.13 5.19 31.32
N ILE D 704 -53.53 4.46 30.38
CA ILE D 704 -52.32 4.91 29.70
C ILE D 704 -52.50 6.32 29.16
N GLY D 705 -53.73 6.70 28.82
CA GLY D 705 -53.97 8.03 28.28
C GLY D 705 -53.60 9.13 29.25
N LEU D 706 -53.81 8.90 30.54
CA LEU D 706 -53.48 9.91 31.55
C LEU D 706 -52.03 9.82 32.00
N LEU D 707 -51.11 9.79 31.02
CA LEU D 707 -49.68 9.71 31.27
C LEU D 707 -48.94 10.67 30.37
N GLN D 708 -49.38 11.93 30.35
CA GLN D 708 -48.86 12.90 29.39
C GLN D 708 -47.36 13.11 29.53
N ASN D 709 -46.80 12.92 30.72
CA ASN D 709 -45.37 13.10 30.90
C ASN D 709 -44.55 12.00 30.25
N LEU D 710 -45.18 10.93 29.80
CA LEU D 710 -44.44 9.82 29.20
C LEU D 710 -43.74 10.25 27.92
N GLN D 711 -42.51 9.79 27.75
CA GLN D 711 -41.75 10.03 26.54
C GLN D 711 -41.20 8.76 25.91
N ASN D 712 -41.17 7.65 26.63
CA ASN D 712 -40.70 6.39 26.05
C ASN D 712 -41.32 5.24 26.81
N LEU D 713 -41.91 4.30 26.08
CA LEU D 713 -42.63 3.17 26.67
C LEU D 713 -42.20 1.89 25.96
N ALA D 714 -42.20 0.78 26.70
CA ALA D 714 -41.72 -0.49 26.17
C ALA D 714 -42.67 -1.61 26.57
N ILE D 715 -43.23 -2.29 25.57
CA ILE D 715 -44.08 -3.47 25.78
C ILE D 715 -43.48 -4.58 24.91
N THR D 716 -42.17 -4.54 24.70
CA THR D 716 -41.51 -5.50 23.84
C THR D 716 -41.63 -6.91 24.41
N ALA D 717 -41.83 -7.89 23.52
CA ALA D 717 -41.86 -9.30 23.87
C ALA D 717 -42.95 -9.57 24.92
N ASN D 718 -44.19 -9.32 24.51
CA ASN D 718 -45.36 -9.50 25.35
C ASN D 718 -46.49 -10.06 24.51
N ARG D 719 -47.62 -10.34 25.16
CA ARG D 719 -48.76 -10.98 24.53
C ARG D 719 -49.91 -10.02 24.27
N ILE D 720 -49.65 -8.72 24.20
CA ILE D 720 -50.71 -7.76 23.92
C ILE D 720 -51.05 -7.79 22.44
N GLU D 721 -52.34 -7.90 22.13
CA GLU D 721 -52.80 -7.91 20.75
C GLU D 721 -53.77 -6.80 20.40
N THR D 722 -54.16 -5.96 21.36
CA THR D 722 -54.93 -4.75 21.08
C THR D 722 -54.22 -3.56 21.72
N LEU D 723 -54.04 -2.50 20.94
CA LEU D 723 -53.39 -1.30 21.43
C LEU D 723 -54.44 -0.29 21.83
N PRO D 724 -54.47 0.18 23.07
CA PRO D 724 -55.47 1.17 23.47
C PRO D 724 -55.22 2.50 22.80
N PRO D 725 -56.22 3.05 22.10
CA PRO D 725 -56.01 4.33 21.40
C PRO D 725 -55.65 5.47 22.32
N GLU D 726 -56.06 5.42 23.59
CA GLU D 726 -55.75 6.49 24.52
C GLU D 726 -54.25 6.68 24.70
N LEU D 727 -53.47 5.64 24.39
CA LEU D 727 -52.01 5.76 24.42
C LEU D 727 -51.53 6.92 23.57
N PHE D 728 -52.22 7.18 22.45
CA PHE D 728 -51.79 8.25 21.55
C PHE D 728 -52.10 9.65 22.10
N GLN D 729 -52.83 9.76 23.20
CA GLN D 729 -53.08 11.06 23.79
C GLN D 729 -51.82 11.68 24.39
N CYS D 730 -50.83 10.87 24.73
CA CYS D 730 -49.59 11.37 25.33
C CYS D 730 -48.72 11.94 24.22
N ARG D 731 -48.86 13.25 24.01
CA ARG D 731 -48.17 13.91 22.90
C ARG D 731 -46.65 13.93 23.11
N LYS D 732 -46.22 14.08 24.37
CA LYS D 732 -44.80 14.11 24.67
C LYS D 732 -44.09 12.79 24.38
N LEU D 733 -44.85 11.71 24.18
CA LEU D 733 -44.25 10.43 23.86
C LEU D 733 -43.48 10.51 22.56
N ARG D 734 -42.28 9.93 22.55
CA ARG D 734 -41.39 10.05 21.40
C ARG D 734 -40.72 8.75 20.99
N ALA D 735 -40.94 7.65 21.72
CA ALA D 735 -40.31 6.39 21.36
C ALA D 735 -41.14 5.26 21.92
N LEU D 736 -41.32 4.21 21.11
CA LEU D 736 -42.08 3.03 21.50
C LEU D 736 -41.23 1.80 21.27
N HIS D 737 -41.32 0.85 22.18
CA HIS D 737 -40.63 -0.43 22.07
C HIS D 737 -41.70 -1.50 22.21
N LEU D 738 -42.36 -1.84 21.11
CA LEU D 738 -43.51 -2.74 21.17
C LEU D 738 -43.42 -3.87 20.15
N GLY D 739 -42.21 -4.30 19.82
CA GLY D 739 -42.04 -5.43 18.94
C GLY D 739 -42.26 -6.75 19.65
N ASN D 740 -42.23 -7.82 18.86
CA ASN D 740 -42.36 -9.19 19.37
C ASN D 740 -43.63 -9.37 20.19
N ASN D 741 -44.74 -8.83 19.70
CA ASN D 741 -46.04 -8.99 20.32
C ASN D 741 -46.96 -9.74 19.38
N VAL D 742 -48.19 -9.95 19.83
CA VAL D 742 -49.25 -10.50 18.99
C VAL D 742 -50.17 -9.40 18.48
N LEU D 743 -49.71 -8.15 18.49
CA LEU D 743 -50.46 -7.05 17.91
C LEU D 743 -50.69 -7.29 16.43
N GLN D 744 -51.84 -6.87 15.93
CA GLN D 744 -52.20 -7.06 14.54
C GLN D 744 -52.84 -5.83 13.91
N SER D 745 -52.93 -4.72 14.64
CA SER D 745 -53.56 -3.51 14.13
C SER D 745 -52.95 -2.30 14.80
N LEU D 746 -52.54 -1.32 14.00
CA LEU D 746 -52.04 -0.05 14.52
C LEU D 746 -53.08 1.03 14.29
N PRO D 747 -53.66 1.60 15.35
CA PRO D 747 -54.67 2.65 15.14
C PRO D 747 -54.07 3.85 14.42
N SER D 748 -54.92 4.49 13.59
CA SER D 748 -54.48 5.64 12.82
C SER D 748 -54.05 6.80 13.69
N ARG D 749 -54.47 6.82 14.95
CA ARG D 749 -54.12 7.90 15.86
C ARG D 749 -52.62 7.99 16.09
N VAL D 750 -51.86 6.95 15.72
CA VAL D 750 -50.40 7.02 15.76
C VAL D 750 -49.89 8.20 14.95
N GLY D 751 -50.64 8.63 13.93
CA GLY D 751 -50.23 9.80 13.16
C GLY D 751 -50.19 11.08 13.96
N GLU D 752 -50.89 11.13 15.09
CA GLU D 752 -50.94 12.33 15.92
C GLU D 752 -49.67 12.54 16.72
N LEU D 753 -48.76 11.57 16.75
CA LEU D 753 -47.55 11.65 17.57
C LEU D 753 -46.46 12.36 16.79
N THR D 754 -46.51 13.70 16.80
CA THR D 754 -45.47 14.48 16.14
C THR D 754 -44.13 14.32 16.85
N ASN D 755 -44.13 14.27 18.17
CA ASN D 755 -42.89 14.10 18.93
C ASN D 755 -42.23 12.75 18.67
N LEU D 756 -42.96 11.80 18.09
CA LEU D 756 -42.45 10.45 17.92
C LEU D 756 -41.19 10.45 17.06
N THR D 757 -40.27 9.54 17.39
CA THR D 757 -39.01 9.41 16.66
C THR D 757 -38.72 7.98 16.22
N GLN D 758 -39.09 6.98 17.01
CA GLN D 758 -38.64 5.61 16.77
C GLN D 758 -39.68 4.61 17.25
N ILE D 759 -40.07 3.70 16.36
CA ILE D 759 -40.95 2.59 16.69
C ILE D 759 -40.46 1.36 15.94
N GLU D 760 -40.30 0.24 16.65
CA GLU D 760 -39.96 -1.03 16.02
C GLU D 760 -41.15 -1.97 16.16
N LEU D 761 -41.35 -2.81 15.14
CA LEU D 761 -42.49 -3.72 15.14
C LEU D 761 -42.12 -5.11 14.63
N ARG D 762 -40.84 -5.48 14.67
CA ARG D 762 -40.43 -6.79 14.18
C ARG D 762 -41.02 -7.89 15.06
N GLY D 763 -41.27 -9.04 14.44
CA GLY D 763 -41.88 -10.16 15.15
C GLY D 763 -43.28 -9.89 15.63
N ASN D 764 -44.06 -9.12 14.88
CA ASN D 764 -45.42 -8.77 15.25
C ASN D 764 -46.37 -9.22 14.15
N ARG D 765 -47.63 -9.44 14.54
CA ARG D 765 -48.63 -10.02 13.65
C ARG D 765 -49.34 -8.98 12.79
N LEU D 766 -48.72 -7.83 12.55
CA LEU D 766 -49.29 -6.85 11.64
C LEU D 766 -49.34 -7.40 10.22
N GLU D 767 -50.38 -7.02 9.48
CA GLU D 767 -50.54 -7.41 8.09
C GLU D 767 -50.55 -6.22 7.14
N CYS D 768 -51.33 -5.20 7.44
CA CYS D 768 -51.40 -3.98 6.65
C CYS D 768 -50.95 -2.82 7.52
N LEU D 769 -49.73 -2.35 7.31
CA LEU D 769 -49.17 -1.30 8.14
C LEU D 769 -49.78 0.03 7.74
N PRO D 770 -50.35 0.80 8.67
CA PRO D 770 -51.10 2.01 8.30
C PRO D 770 -50.26 3.11 7.68
N VAL D 771 -50.93 4.02 6.97
CA VAL D 771 -50.26 5.13 6.32
C VAL D 771 -50.02 6.32 7.26
N GLU D 772 -50.80 6.43 8.34
CA GLU D 772 -50.69 7.59 9.22
C GLU D 772 -49.33 7.67 9.90
N LEU D 773 -48.56 6.58 9.89
CA LEU D 773 -47.20 6.63 10.41
C LEU D 773 -46.37 7.67 9.69
N GLY D 774 -46.60 7.85 8.38
CA GLY D 774 -45.88 8.86 7.64
C GLY D 774 -46.22 10.28 8.04
N GLU D 775 -47.28 10.45 8.82
CA GLU D 775 -47.66 11.80 9.27
C GLU D 775 -46.63 12.39 10.22
N CYS D 776 -45.92 11.55 10.95
CA CYS D 776 -44.94 12.03 11.94
C CYS D 776 -43.79 12.75 11.25
N PRO D 777 -43.49 14.00 11.63
CA PRO D 777 -42.38 14.71 10.97
C PRO D 777 -41.02 14.20 11.36
N LEU D 778 -40.79 13.96 12.66
CA LEU D 778 -39.49 13.52 13.14
C LEU D 778 -39.19 12.07 12.78
N LEU D 779 -40.16 11.34 12.23
CA LEU D 779 -39.97 9.93 11.94
C LEU D 779 -38.98 9.74 10.79
N LYS D 780 -38.15 8.71 10.91
CA LYS D 780 -37.12 8.40 9.94
C LYS D 780 -37.17 6.92 9.60
N ARG D 781 -36.51 6.55 8.49
CA ARG D 781 -36.46 5.15 8.08
C ARG D 781 -35.81 4.28 9.15
N SER D 782 -34.70 4.75 9.71
CA SER D 782 -34.06 4.02 10.80
C SER D 782 -34.99 3.90 12.01
N GLY D 783 -35.89 4.86 12.18
CA GLY D 783 -36.84 4.78 13.27
C GLY D 783 -37.75 3.57 13.16
N LEU D 784 -38.16 3.24 11.94
CA LEU D 784 -39.03 2.09 11.70
C LEU D 784 -38.19 0.84 11.54
N VAL D 785 -38.06 0.07 12.61
CA VAL D 785 -37.42 -1.25 12.54
C VAL D 785 -38.56 -2.24 12.30
N VAL D 786 -38.89 -2.43 11.02
CA VAL D 786 -40.00 -3.28 10.60
C VAL D 786 -39.56 -4.05 9.36
N GLU D 787 -40.17 -5.22 9.18
CA GLU D 787 -39.87 -6.05 8.02
C GLU D 787 -40.14 -5.30 6.72
N GLU D 788 -39.36 -5.61 5.69
CA GLU D 788 -39.44 -4.87 4.43
C GLU D 788 -40.80 -5.03 3.77
N ASP D 789 -41.48 -6.15 4.00
CA ASP D 789 -42.80 -6.35 3.39
C ASP D 789 -43.79 -5.30 3.87
N LEU D 790 -43.87 -5.09 5.19
CA LEU D 790 -44.76 -4.08 5.72
C LEU D 790 -44.33 -2.69 5.29
N PHE D 791 -43.02 -2.48 5.07
CA PHE D 791 -42.56 -1.23 4.51
C PHE D 791 -43.10 -1.03 3.10
N ASN D 792 -43.08 -2.09 2.29
CA ASN D 792 -43.66 -2.00 0.95
C ASN D 792 -45.17 -1.82 1.00
N THR D 793 -45.81 -2.24 2.08
CA THR D 793 -47.23 -1.99 2.24
C THR D 793 -47.52 -0.48 2.29
N LEU D 794 -46.51 0.32 2.60
CA LEU D 794 -46.68 1.76 2.59
C LEU D 794 -46.89 2.29 1.17
N PRO D 795 -47.58 3.41 1.03
CA PRO D 795 -47.68 4.04 -0.29
C PRO D 795 -46.32 4.49 -0.77
N PRO D 796 -46.13 4.57 -2.08
CA PRO D 796 -44.80 4.98 -2.60
C PRO D 796 -44.36 6.35 -2.12
N GLU D 797 -45.28 7.29 -1.91
CA GLU D 797 -44.88 8.60 -1.41
C GLU D 797 -44.38 8.50 0.04
N VAL D 798 -45.04 7.68 0.86
CA VAL D 798 -44.58 7.50 2.23
C VAL D 798 -43.22 6.81 2.26
N LYS D 799 -43.06 5.77 1.44
CA LYS D 799 -41.77 5.10 1.34
C LYS D 799 -40.69 6.07 0.88
N GLU D 800 -41.03 6.96 -0.06
CA GLU D 800 -40.08 7.96 -0.52
C GLU D 800 -39.69 8.91 0.61
N ARG D 801 -40.68 9.32 1.41
CA ARG D 801 -40.38 10.19 2.54
C ARG D 801 -39.43 9.51 3.53
N LEU D 802 -39.69 8.24 3.83
CA LEU D 802 -38.82 7.51 4.75
C LEU D 802 -37.42 7.35 4.18
N TRP D 803 -37.31 7.03 2.88
CA TRP D 803 -35.99 6.92 2.26
C TRP D 803 -35.27 8.26 2.28
N ARG D 804 -36.02 9.35 2.17
CA ARG D 804 -35.43 10.68 2.17
C ARG D 804 -34.72 10.96 3.51
N ALA D 805 -35.33 10.52 4.60
CA ALA D 805 -34.74 10.71 5.93
C ALA D 805 -33.44 9.92 6.05
N ALA E 16 37.16 -28.38 14.90
CA ALA E 16 37.23 -29.67 14.22
C ALA E 16 37.01 -30.82 15.20
N TYR E 17 38.05 -31.64 15.39
CA TYR E 17 38.01 -32.74 16.34
C TYR E 17 38.68 -32.41 17.66
N ARG E 18 39.15 -31.17 17.83
CA ARG E 18 39.74 -30.76 19.10
C ARG E 18 38.73 -30.89 20.23
N ILE E 19 37.46 -30.60 19.94
CA ILE E 19 36.44 -30.62 20.98
C ILE E 19 36.25 -32.03 21.52
N LEU E 20 36.51 -33.04 20.68
CA LEU E 20 36.39 -34.43 21.13
C LEU E 20 37.49 -34.77 22.13
N LYS E 21 38.75 -34.47 21.78
CA LYS E 21 39.93 -34.88 22.52
C LYS E 21 39.85 -34.54 24.01
N PRO E 22 39.77 -35.54 24.89
CA PRO E 22 39.82 -35.25 26.33
C PRO E 22 41.23 -34.92 26.78
N TRP E 23 41.41 -34.73 28.10
CA TRP E 23 42.74 -34.40 28.60
C TRP E 23 43.72 -35.55 28.40
N TRP E 24 43.26 -36.79 28.62
CA TRP E 24 44.16 -37.93 28.48
C TRP E 24 44.63 -38.09 27.03
N ASP E 25 43.75 -37.82 26.07
CA ASP E 25 44.15 -37.92 24.67
C ASP E 25 45.22 -36.89 24.32
N VAL E 26 45.07 -35.65 24.81
CA VAL E 26 46.07 -34.63 24.57
C VAL E 26 47.39 -35.01 25.22
N PHE E 27 47.33 -35.52 26.46
CA PHE E 27 48.55 -35.93 27.16
C PHE E 27 49.26 -37.04 26.40
N THR E 28 48.50 -38.04 25.93
CA THR E 28 49.12 -39.14 25.19
C THR E 28 49.68 -38.65 23.86
N ASP E 29 49.00 -37.70 23.20
CA ASP E 29 49.52 -37.16 21.95
C ASP E 29 50.87 -36.47 22.17
N TYR E 30 50.95 -35.63 23.21
CA TYR E 30 52.20 -34.93 23.46
C TYR E 30 53.31 -35.90 23.87
N ILE E 31 52.97 -36.90 24.69
CA ILE E 31 53.94 -37.93 25.05
C ILE E 31 54.44 -38.63 23.80
N SER E 32 53.54 -38.92 22.87
CA SER E 32 53.93 -39.59 21.63
C SER E 32 54.84 -38.71 20.79
N ILE E 33 54.58 -37.40 20.75
CA ILE E 33 55.49 -36.50 20.04
C ILE E 33 56.87 -36.53 20.68
N VAL E 34 56.93 -36.57 22.01
CA VAL E 34 58.23 -36.63 22.68
C VAL E 34 58.96 -37.93 22.34
N MET E 35 58.24 -39.05 22.33
CA MET E 35 58.87 -40.32 21.97
C MET E 35 59.31 -40.32 20.51
N LEU E 36 58.56 -39.67 19.63
CA LEU E 36 59.00 -39.54 18.24
C LEU E 36 60.28 -38.72 18.15
N MET E 37 60.38 -37.67 18.96
CA MET E 37 61.63 -36.90 19.02
C MET E 37 62.78 -37.78 19.49
N ILE E 38 62.54 -38.60 20.50
CA ILE E 38 63.57 -39.51 21.00
C ILE E 38 64.01 -40.47 19.89
N ALA E 39 63.03 -41.03 19.17
CA ALA E 39 63.35 -41.97 18.11
C ALA E 39 64.15 -41.32 16.99
N VAL E 40 63.76 -40.10 16.59
CA VAL E 40 64.49 -39.40 15.53
C VAL E 40 65.91 -39.10 15.98
N PHE E 41 66.08 -38.63 17.21
CA PHE E 41 67.42 -38.33 17.71
C PHE E 41 68.29 -39.59 17.76
N GLY E 42 67.73 -40.69 18.25
CA GLY E 42 68.49 -41.93 18.30
C GLY E 42 68.83 -42.45 16.91
N GLY E 43 67.90 -42.34 15.97
CA GLY E 43 68.19 -42.76 14.61
C GLY E 43 69.29 -41.95 13.97
N THR E 44 69.26 -40.63 14.18
CA THR E 44 70.34 -39.79 13.67
C THR E 44 71.68 -40.17 14.30
N LEU E 45 71.69 -40.39 15.61
CA LEU E 45 72.92 -40.78 16.28
C LEU E 45 73.45 -42.10 15.74
N GLN E 46 72.56 -43.05 15.52
CA GLN E 46 72.97 -44.38 14.99
C GLN E 46 73.50 -44.20 13.55
N VAL E 47 72.84 -43.39 12.75
CA VAL E 47 73.27 -43.20 11.36
C VAL E 47 74.62 -42.54 11.27
N THR E 48 74.91 -41.56 12.13
CA THR E 48 76.13 -40.76 11.99
C THR E 48 77.30 -41.23 12.85
N GLN E 49 77.10 -41.37 14.16
CA GLN E 49 78.27 -41.68 15.03
C GLN E 49 78.15 -43.04 15.75
N ASP E 50 77.45 -44.01 15.16
CA ASP E 50 77.39 -45.34 15.77
C ASP E 50 78.48 -46.23 15.17
N LYS E 51 79.46 -46.52 16.01
CA LYS E 51 80.59 -47.37 15.60
C LYS E 51 81.19 -47.95 16.88
N MET E 52 82.00 -49.00 16.76
CA MET E 52 82.68 -49.57 17.91
C MET E 52 84.19 -49.52 17.68
N ILE E 53 84.92 -49.01 18.67
CA ILE E 53 86.38 -49.02 18.61
C ILE E 53 86.91 -50.26 19.31
N CYS E 54 87.67 -51.06 18.59
CA CYS E 54 88.11 -52.35 19.11
C CYS E 54 89.62 -52.46 19.03
N LEU E 55 90.23 -52.98 20.10
CA LEU E 55 91.65 -53.24 20.16
C LEU E 55 91.89 -54.69 20.55
N PRO E 56 92.82 -55.36 19.89
CA PRO E 56 93.13 -56.75 20.25
C PRO E 56 93.78 -56.84 21.63
N CYS E 57 93.60 -58.00 22.26
CA CYS E 57 94.19 -58.29 23.56
C CYS E 57 95.30 -59.32 23.37
N LYS E 58 96.52 -58.93 23.75
CA LYS E 58 97.67 -59.82 23.54
C LYS E 58 97.57 -61.06 24.43
N TRP E 59 97.33 -60.86 25.72
CA TRP E 59 97.23 -61.96 26.67
C TRP E 59 95.76 -62.21 27.00
N VAL E 60 95.28 -63.41 26.69
CA VAL E 60 93.88 -63.77 26.85
C VAL E 60 93.79 -65.02 27.71
N THR E 61 92.91 -64.99 28.71
CA THR E 61 92.63 -66.13 29.56
C THR E 61 91.13 -66.27 29.74
N LYS E 62 90.65 -67.50 29.63
CA LYS E 62 89.23 -67.82 29.76
C LYS E 62 88.38 -66.99 28.80
N ASP E 63 88.86 -66.88 27.57
CA ASP E 63 88.17 -66.15 26.51
C ASP E 63 87.88 -64.71 26.90
N SER E 64 88.80 -64.11 27.65
CA SER E 64 88.69 -62.71 28.05
C SER E 64 90.09 -62.15 28.28
N CYS E 65 90.20 -60.83 28.24
CA CYS E 65 91.50 -60.20 28.40
C CYS E 65 92.01 -60.37 29.82
N ASN E 66 93.26 -60.85 29.95
CA ASN E 66 93.82 -61.11 31.26
C ASN E 66 94.09 -59.82 32.03
N ASP E 67 94.34 -58.72 31.31
CA ASP E 67 94.57 -57.41 31.91
C ASP E 67 95.76 -57.45 32.88
N SER E 68 96.93 -57.78 32.34
CA SER E 68 98.15 -57.84 33.13
C SER E 68 99.26 -57.03 32.49
N THR E 92 112.92 -48.06 32.02
CA THR E 92 112.73 -46.62 31.87
C THR E 92 111.24 -46.27 31.86
N GLY E 93 110.87 -45.25 31.09
CA GLY E 93 109.51 -44.81 31.01
C GLY E 93 108.63 -45.78 30.25
N PRO E 94 107.32 -45.66 30.41
CA PRO E 94 106.40 -46.55 29.70
C PRO E 94 106.51 -46.35 28.19
N THR E 95 106.29 -47.44 27.46
CA THR E 95 106.29 -47.43 26.01
C THR E 95 105.01 -48.06 25.49
N GLY E 96 104.61 -47.65 24.30
CA GLY E 96 103.38 -48.16 23.73
C GLY E 96 103.47 -49.61 23.33
N ILE E 97 102.30 -50.21 23.14
CA ILE E 97 102.20 -51.61 22.73
C ILE E 97 101.90 -51.64 21.24
N LYS E 98 102.74 -52.34 20.48
CA LYS E 98 102.63 -52.40 19.03
C LYS E 98 101.82 -53.64 18.64
N TYR E 99 100.69 -53.42 17.97
CA TYR E 99 99.82 -54.49 17.55
C TYR E 99 100.08 -54.96 16.12
N ASP E 100 100.80 -54.17 15.32
CA ASP E 100 101.14 -54.53 13.94
C ASP E 100 99.88 -54.80 13.12
N LEU E 101 98.93 -53.87 13.19
CA LEU E 101 97.67 -53.98 12.47
C LEU E 101 97.47 -52.75 11.60
N ASP E 102 96.99 -52.97 10.38
CA ASP E 102 96.69 -51.88 9.48
C ASP E 102 95.40 -51.17 9.91
N ARG E 103 95.13 -50.04 9.27
CA ARG E 103 93.88 -49.30 9.59
C ARG E 103 92.68 -50.17 9.18
N HIS E 104 92.74 -50.78 8.00
CA HIS E 104 91.59 -51.60 7.51
C HIS E 104 91.42 -52.80 8.43
N GLN E 105 92.52 -53.45 8.81
CA GLN E 105 92.42 -54.59 9.76
C GLN E 105 91.64 -54.12 10.99
N TYR E 106 91.87 -52.88 11.44
CA TYR E 106 91.11 -52.35 12.57
C TYR E 106 89.66 -52.11 12.19
N ASN E 107 89.42 -51.55 11.00
CA ASN E 107 88.05 -51.33 10.56
C ASN E 107 87.30 -52.64 10.40
N TYR E 108 87.97 -53.66 9.85
CA TYR E 108 87.32 -54.95 9.67
C TYR E 108 86.97 -55.59 10.99
N VAL E 109 87.88 -55.57 11.96
CA VAL E 109 87.55 -56.16 13.26
C VAL E 109 86.46 -55.35 13.94
N ASP E 110 86.44 -54.03 13.76
CA ASP E 110 85.35 -53.22 14.28
C ASP E 110 84.02 -53.66 13.71
N ALA E 111 83.95 -53.81 12.38
CA ALA E 111 82.69 -54.19 11.75
C ALA E 111 82.25 -55.58 12.18
N VAL E 112 83.19 -56.52 12.25
CA VAL E 112 82.83 -57.89 12.62
C VAL E 112 82.35 -57.95 14.06
N CYS E 113 83.05 -57.27 14.97
CA CYS E 113 82.63 -57.27 16.37
C CYS E 113 81.29 -56.57 16.55
N TYR E 114 81.06 -55.48 15.80
CA TYR E 114 79.81 -54.75 15.90
C TYR E 114 78.64 -55.58 15.38
N GLU E 115 78.88 -56.35 14.31
CA GLU E 115 77.80 -57.13 13.73
C GLU E 115 77.45 -58.36 14.56
N ASN E 116 78.43 -59.01 15.17
CA ASN E 116 78.21 -60.30 15.81
C ASN E 116 78.16 -60.27 17.32
N ARG E 117 78.71 -59.25 17.97
CA ARG E 117 78.81 -59.25 19.42
C ARG E 117 77.97 -58.18 20.09
N LEU E 118 77.82 -57.01 19.46
CA LEU E 118 76.96 -55.98 20.03
C LEU E 118 75.52 -56.47 20.10
N HIS E 119 74.88 -56.25 21.25
CA HIS E 119 73.52 -56.74 21.45
C HIS E 119 72.55 -56.03 20.50
N TRP E 120 71.53 -56.78 20.07
CA TRP E 120 70.59 -56.23 19.10
C TRP E 120 69.82 -55.04 19.66
N PHE E 121 69.49 -55.07 20.95
CA PHE E 121 68.78 -53.94 21.54
C PHE E 121 69.61 -52.67 21.50
N ALA E 122 70.89 -52.77 21.82
CA ALA E 122 71.78 -51.61 21.72
C ALA E 122 72.03 -51.19 20.28
N LYS E 123 71.64 -52.02 19.31
CA LYS E 123 71.88 -51.73 17.91
C LYS E 123 70.65 -51.21 17.18
N TYR E 124 69.44 -51.58 17.63
CA TYR E 124 68.21 -51.13 16.98
C TYR E 124 67.25 -50.47 17.97
N PHE E 125 67.77 -49.89 19.04
CA PHE E 125 66.89 -49.25 20.02
C PHE E 125 66.07 -48.11 19.43
N PRO E 126 66.64 -47.13 18.74
CA PRO E 126 65.79 -46.04 18.19
C PRO E 126 64.75 -46.54 17.20
N TYR E 127 65.07 -47.55 16.40
CA TYR E 127 64.11 -48.04 15.42
C TYR E 127 62.91 -48.70 16.10
N LEU E 128 63.15 -49.46 17.16
CA LEU E 128 62.04 -50.04 17.92
C LEU E 128 61.19 -48.95 18.55
N VAL E 129 61.81 -47.89 19.07
CA VAL E 129 61.07 -46.79 19.64
C VAL E 129 60.21 -46.13 18.58
N LEU E 130 60.76 -45.91 17.39
CA LEU E 130 60.00 -45.31 16.31
C LEU E 130 58.83 -46.19 15.91
N LEU E 131 59.05 -47.50 15.82
CA LEU E 131 57.97 -48.42 15.46
C LEU E 131 56.86 -48.38 16.50
N HIS E 132 57.22 -48.41 17.78
CA HIS E 132 56.21 -48.39 18.84
C HIS E 132 55.45 -47.06 18.85
N THR E 133 56.14 -45.95 18.64
CA THR E 133 55.47 -44.66 18.60
C THR E 133 54.53 -44.57 17.41
N LEU E 134 54.94 -45.10 16.26
CA LEU E 134 54.06 -45.11 15.09
C LEU E 134 52.83 -45.96 15.33
N ILE E 135 53.00 -47.11 15.98
CA ILE E 135 51.84 -47.95 16.30
C ILE E 135 50.91 -47.23 17.26
N PHE E 136 51.47 -46.55 18.26
CA PHE E 136 50.65 -45.80 19.21
C PHE E 136 49.87 -44.69 18.51
N LEU E 137 50.53 -43.96 17.61
CA LEU E 137 49.86 -42.89 16.88
C LEU E 137 48.76 -43.43 15.98
N ALA E 138 49.05 -44.54 15.28
CA ALA E 138 48.04 -45.15 14.42
C ALA E 138 46.84 -45.63 15.23
N CYS E 139 47.08 -46.22 16.40
CA CYS E 139 45.99 -46.64 17.25
C CYS E 139 45.18 -45.46 17.77
N SER E 140 45.84 -44.35 18.10
CA SER E 140 45.14 -43.19 18.60
C SER E 140 44.32 -42.50 17.52
N ASN E 141 44.80 -42.48 16.28
CA ASN E 141 44.14 -41.76 15.20
C ASN E 141 43.44 -42.68 14.21
N PHE E 142 43.23 -43.95 14.56
CA PHE E 142 42.61 -44.87 13.60
C PHE E 142 41.14 -44.54 13.37
N TRP E 143 40.41 -44.23 14.44
CA TRP E 143 38.95 -43.99 14.30
C TRP E 143 38.68 -42.70 13.52
N PHE E 144 39.67 -41.81 13.44
CA PHE E 144 39.52 -40.57 12.68
C PHE E 144 39.76 -40.77 11.19
N LYS E 145 40.21 -41.94 10.77
CA LYS E 145 40.45 -42.23 9.36
C LYS E 145 39.61 -43.37 8.82
N PHE E 146 39.14 -44.27 9.67
CA PHE E 146 38.23 -45.33 9.26
C PHE E 146 36.94 -44.68 8.76
N PRO E 147 36.51 -44.95 7.52
CA PRO E 147 35.41 -44.16 6.94
C PRO E 147 34.12 -44.17 7.75
N ARG E 148 33.76 -45.33 8.31
CA ARG E 148 32.50 -45.43 9.03
C ARG E 148 32.46 -44.54 10.26
N THR E 149 33.38 -44.81 11.21
CA THR E 149 33.40 -44.04 12.45
C THR E 149 33.74 -42.59 12.19
N SER E 150 34.64 -42.33 11.25
CA SER E 150 35.02 -40.95 10.93
C SER E 150 33.82 -40.16 10.42
N SER E 151 33.05 -40.76 9.49
CA SER E 151 31.88 -40.07 8.97
C SER E 151 30.84 -39.86 10.07
N LYS E 152 30.63 -40.87 10.91
CA LYS E 152 29.64 -40.74 11.97
C LYS E 152 30.02 -39.63 12.95
N LEU E 153 31.30 -39.57 13.35
CA LEU E 153 31.70 -38.54 14.30
C LEU E 153 31.75 -37.17 13.65
N GLU E 154 32.06 -37.09 12.35
CA GLU E 154 31.97 -35.82 11.64
C GLU E 154 30.55 -35.30 11.63
N HIS E 155 29.58 -36.18 11.34
CA HIS E 155 28.18 -35.80 11.39
C HIS E 155 27.81 -35.34 12.80
N PHE E 156 28.27 -36.08 13.81
CA PHE E 156 27.95 -35.73 15.19
C PHE E 156 28.50 -34.35 15.56
N VAL E 157 29.76 -34.08 15.21
CA VAL E 157 30.37 -32.82 15.62
C VAL E 157 29.75 -31.66 14.86
N SER E 158 29.43 -31.85 13.59
CA SER E 158 28.78 -30.78 12.82
C SER E 158 27.41 -30.46 13.42
N ILE E 159 26.62 -31.49 13.74
CA ILE E 159 25.29 -31.24 14.30
C ILE E 159 25.40 -30.63 15.68
N LEU E 160 26.36 -31.08 16.48
CA LEU E 160 26.55 -30.54 17.82
C LEU E 160 26.92 -29.06 17.77
N LEU E 161 27.84 -28.69 16.87
CA LEU E 161 28.22 -27.29 16.75
C LEU E 161 27.05 -26.45 16.24
N LYS E 162 26.31 -26.95 15.25
CA LYS E 162 25.20 -26.18 14.70
C LYS E 162 24.07 -26.04 15.70
N CYS E 163 23.94 -26.99 16.63
CA CYS E 163 22.97 -26.82 17.72
C CYS E 163 23.50 -25.86 18.77
N PHE E 164 24.81 -25.90 19.04
CA PHE E 164 25.39 -25.04 20.07
C PHE E 164 25.31 -23.57 19.69
N ASP E 165 25.60 -23.24 18.44
CA ASP E 165 25.62 -21.84 18.03
C ASP E 165 24.25 -21.30 17.64
N SER E 166 23.21 -22.12 17.76
CA SER E 166 21.87 -21.69 17.40
C SER E 166 21.34 -20.66 18.41
N PRO E 167 20.44 -19.78 17.98
CA PRO E 167 19.82 -18.84 18.94
C PRO E 167 18.72 -19.49 19.75
N TRP E 168 18.10 -20.53 19.19
CA TRP E 168 16.96 -21.16 19.86
C TRP E 168 17.36 -21.80 21.19
N THR E 169 18.54 -22.41 21.28
CA THR E 169 18.96 -22.99 22.55
C THR E 169 19.12 -21.92 23.62
N THR E 170 19.78 -20.81 23.28
CA THR E 170 19.97 -19.74 24.24
C THR E 170 18.63 -19.15 24.67
N ARG E 171 17.69 -19.06 23.74
CA ARG E 171 16.32 -18.69 24.10
C ARG E 171 15.70 -19.73 25.04
N ALA E 172 16.05 -21.00 24.84
CA ALA E 172 15.42 -22.08 25.60
C ALA E 172 15.86 -22.11 27.06
N LEU E 173 17.16 -21.95 27.34
CA LEU E 173 17.59 -21.94 28.73
C LEU E 173 17.02 -20.74 29.48
N SER E 174 16.98 -19.58 28.83
CA SER E 174 16.43 -18.37 29.47
C SER E 174 14.95 -18.56 29.76
N VAL E 231 9.17 -12.07 21.77
CA VAL E 231 8.94 -13.49 22.00
C VAL E 231 8.53 -14.17 20.70
N LEU E 232 8.63 -13.45 19.59
CA LEU E 232 8.24 -13.97 18.29
C LEU E 232 9.28 -13.60 17.26
N ASP E 233 9.69 -14.59 16.47
CA ASP E 233 10.63 -14.38 15.37
C ASP E 233 10.31 -15.39 14.27
N LYS E 234 10.59 -15.00 13.03
CA LYS E 234 10.18 -15.81 11.88
C LYS E 234 11.28 -16.77 11.42
N LYS E 235 12.42 -16.23 10.99
CA LYS E 235 13.44 -17.08 10.36
C LYS E 235 14.01 -18.09 11.33
N GLU E 236 14.29 -17.67 12.56
CA GLU E 236 14.84 -18.58 13.56
C GLU E 236 13.88 -19.72 13.83
N GLY E 237 12.57 -19.49 13.65
CA GLY E 237 11.61 -20.57 13.84
C GLY E 237 11.82 -21.72 12.89
N GLU E 238 11.86 -21.44 11.58
CA GLU E 238 12.08 -22.52 10.63
C GLU E 238 13.50 -23.07 10.70
N GLN E 239 14.47 -22.21 11.03
CA GLN E 239 15.85 -22.71 11.22
C GLN E 239 15.84 -23.70 12.40
N ALA E 240 15.19 -23.32 13.50
CA ALA E 240 15.15 -24.19 14.70
C ALA E 240 14.42 -25.50 14.37
N LYS E 241 13.28 -25.39 13.70
CA LYS E 241 12.47 -26.61 13.41
C LYS E 241 13.30 -27.52 12.49
N ALA E 242 14.07 -26.93 11.57
CA ALA E 242 14.96 -27.73 10.70
C ALA E 242 15.99 -28.44 11.56
N LEU E 243 16.61 -27.70 12.48
CA LEU E 243 17.65 -28.28 13.37
C LEU E 243 16.99 -29.42 14.16
N PHE E 244 15.79 -29.18 14.71
CA PHE E 244 15.12 -30.23 15.52
C PHE E 244 14.97 -31.48 14.67
N GLU E 245 14.55 -31.30 13.41
CA GLU E 245 14.34 -32.46 12.51
C GLU E 245 15.67 -33.16 12.25
N LYS E 246 16.72 -32.38 11.97
CA LYS E 246 18.06 -32.97 11.70
C LYS E 246 18.49 -33.77 12.93
N VAL E 247 18.27 -33.23 14.12
CA VAL E 247 18.63 -33.95 15.38
C VAL E 247 17.87 -35.29 15.39
N LYS E 248 16.58 -35.27 15.08
CA LYS E 248 15.78 -36.52 15.08
C LYS E 248 16.43 -37.54 14.13
N LYS E 249 16.76 -37.11 12.91
CA LYS E 249 17.36 -38.03 11.92
C LYS E 249 18.68 -38.59 12.46
N PHE E 250 19.52 -37.71 13.01
CA PHE E 250 20.84 -38.15 13.52
C PHE E 250 20.61 -39.16 14.64
N ARG E 251 19.64 -38.88 15.52
CA ARG E 251 19.36 -39.79 16.65
C ARG E 251 19.11 -41.20 16.08
N THR E 252 18.23 -41.33 15.10
CA THR E 252 17.89 -42.66 14.56
C THR E 252 19.10 -43.25 13.87
N HIS E 253 19.90 -42.41 13.21
CA HIS E 253 21.05 -42.93 12.43
C HIS E 253 22.21 -43.36 13.33
N VAL E 254 22.26 -42.86 14.57
CA VAL E 254 23.46 -43.17 15.43
C VAL E 254 23.05 -44.03 16.64
N GLU E 255 21.92 -43.74 17.28
CA GLU E 255 21.53 -44.49 18.50
C GLU E 255 21.29 -45.96 18.16
N GLU E 256 21.45 -46.34 16.89
CA GLU E 256 21.13 -47.73 16.48
C GLU E 256 22.17 -48.71 17.03
N GLY E 257 23.46 -48.48 16.77
CA GLY E 257 24.49 -49.46 17.17
C GLY E 257 25.80 -48.79 17.53
N ASP E 258 26.66 -49.48 18.28
CA ASP E 258 27.94 -48.87 18.76
C ASP E 258 29.11 -49.34 17.88
N ILE E 259 29.52 -48.51 16.91
CA ILE E 259 30.72 -48.85 16.09
C ILE E 259 31.81 -47.85 16.46
N VAL E 260 31.43 -46.73 17.09
CA VAL E 260 32.43 -45.72 17.52
C VAL E 260 32.87 -46.08 18.95
N TYR E 261 31.92 -46.36 19.85
CA TYR E 261 32.28 -46.79 21.22
C TYR E 261 33.11 -48.06 21.14
N ARG E 262 32.66 -49.02 20.33
CA ARG E 262 33.37 -50.32 20.24
C ARG E 262 34.80 -50.08 19.76
N LEU E 263 34.96 -49.31 18.68
CA LEU E 263 36.32 -49.12 18.10
C LEU E 263 37.20 -48.45 19.17
N TYR E 264 36.70 -47.41 19.83
CA TYR E 264 37.54 -46.67 20.82
C TYR E 264 37.93 -47.63 21.94
N MET E 265 36.98 -48.48 22.35
CA MET E 265 37.29 -49.47 23.43
C MET E 265 38.49 -50.31 22.98
N ARG E 266 38.46 -50.81 21.75
CA ARG E 266 39.57 -51.65 21.24
C ARG E 266 40.87 -50.84 21.29
N GLN E 267 40.89 -49.67 20.65
CA GLN E 267 42.09 -48.84 20.64
C GLN E 267 42.71 -48.76 22.02
N THR E 268 41.89 -48.55 23.05
CA THR E 268 42.42 -48.48 24.41
C THR E 268 43.03 -49.80 24.84
N ILE E 269 42.38 -50.93 24.51
CA ILE E 269 42.93 -52.23 24.89
C ILE E 269 44.27 -52.47 24.22
N ILE E 270 44.36 -52.16 22.93
CA ILE E 270 45.61 -52.37 22.20
C ILE E 270 46.70 -51.48 22.78
N LYS E 271 46.37 -50.23 23.12
CA LYS E 271 47.35 -49.35 23.74
C LYS E 271 47.85 -49.94 25.05
N VAL E 272 46.94 -50.48 25.87
CA VAL E 272 47.34 -51.03 27.15
C VAL E 272 48.27 -52.23 26.97
N ILE E 273 47.91 -53.15 26.08
CA ILE E 273 48.73 -54.34 25.90
C ILE E 273 50.08 -53.98 25.29
N LYS E 274 50.09 -53.02 24.36
CA LYS E 274 51.39 -52.57 23.81
C LYS E 274 52.23 -52.07 25.00
N PHE E 275 51.65 -51.17 25.79
CA PHE E 275 52.43 -50.56 26.90
C PHE E 275 53.04 -51.67 27.74
N ILE E 276 52.22 -52.66 28.10
CA ILE E 276 52.70 -53.77 28.97
C ILE E 276 53.92 -54.41 28.31
N LEU E 277 53.78 -54.85 27.06
CA LEU E 277 54.89 -55.54 26.35
C LEU E 277 56.10 -54.60 26.26
N ILE E 278 55.89 -53.36 25.82
CA ILE E 278 57.07 -52.44 25.62
C ILE E 278 57.85 -52.36 26.93
N ILE E 279 57.17 -52.11 28.06
CA ILE E 279 57.90 -51.96 29.34
C ILE E 279 58.62 -53.27 29.64
N CYS E 280 57.90 -54.40 29.52
CA CYS E 280 58.51 -55.71 29.89
C CYS E 280 59.76 -55.99 29.06
N TYR E 281 59.68 -55.89 27.73
CA TYR E 281 60.86 -56.25 26.89
C TYR E 281 61.94 -55.20 27.10
N THR E 282 61.56 -53.93 27.19
CA THR E 282 62.60 -52.91 27.29
C THR E 282 63.32 -52.99 28.63
N VAL E 283 62.58 -53.20 29.72
CA VAL E 283 63.20 -53.33 31.03
C VAL E 283 64.11 -54.55 31.06
N TYR E 284 63.67 -55.65 30.45
CA TYR E 284 64.50 -56.86 30.46
C TYR E 284 65.81 -56.65 29.72
N TYR E 285 65.78 -55.96 28.57
CA TYR E 285 66.93 -55.86 27.68
C TYR E 285 67.60 -54.49 27.73
N VAL E 286 67.46 -53.76 28.83
CA VAL E 286 68.14 -52.48 28.94
C VAL E 286 69.51 -52.58 29.59
N HIS E 287 69.81 -53.71 30.23
CA HIS E 287 71.12 -53.89 30.88
C HIS E 287 72.17 -54.41 29.92
N ASN E 288 71.82 -54.68 28.66
CA ASN E 288 72.78 -55.14 27.67
C ASN E 288 73.45 -53.99 26.92
N ILE E 289 73.07 -52.75 27.19
CA ILE E 289 73.72 -51.59 26.61
C ILE E 289 74.89 -51.23 27.52
N LYS E 290 76.06 -51.76 27.20
CA LYS E 290 77.26 -51.51 27.97
C LYS E 290 78.29 -50.80 27.11
N PHE E 291 79.13 -49.99 27.75
CA PHE E 291 80.19 -49.30 27.04
C PHE E 291 81.29 -50.26 26.62
N ASP E 292 81.94 -50.90 27.59
CA ASP E 292 83.00 -51.85 27.29
C ASP E 292 82.40 -53.20 26.91
N VAL E 293 82.62 -53.61 25.66
CA VAL E 293 82.04 -54.84 25.13
C VAL E 293 83.18 -55.77 24.78
N ASP E 294 83.23 -56.93 25.44
CA ASP E 294 84.21 -57.95 25.09
C ASP E 294 83.75 -58.68 23.83
N CYS E 295 84.71 -58.98 22.95
CA CYS E 295 84.38 -59.54 21.64
C CYS E 295 85.31 -60.70 21.32
N THR E 296 84.74 -61.74 20.69
CA THR E 296 85.49 -62.89 20.22
C THR E 296 84.80 -63.43 18.98
N VAL E 297 85.46 -63.31 17.83
CA VAL E 297 84.82 -63.55 16.55
C VAL E 297 85.55 -64.59 15.71
N ASP E 298 86.72 -65.03 16.14
CA ASP E 298 87.48 -66.09 15.47
C ASP E 298 87.80 -65.71 14.02
N ILE E 299 88.61 -64.65 13.88
CA ILE E 299 89.08 -64.21 12.58
C ILE E 299 90.61 -64.22 12.57
N GLU E 300 91.20 -65.20 13.27
CA GLU E 300 92.65 -65.28 13.37
C GLU E 300 93.32 -65.30 12.01
N SER E 301 92.71 -65.96 11.04
CA SER E 301 93.34 -66.10 9.73
C SER E 301 93.51 -64.76 9.01
N LEU E 302 92.77 -63.73 9.42
CA LEU E 302 92.83 -62.45 8.75
C LEU E 302 93.64 -61.41 9.50
N THR E 303 93.64 -61.43 10.83
CA THR E 303 94.36 -60.44 11.62
C THR E 303 95.39 -61.04 12.56
N GLY E 304 95.18 -62.24 13.07
CA GLY E 304 96.11 -62.89 13.97
C GLY E 304 95.73 -62.86 15.42
N TYR E 305 94.70 -62.12 15.80
CA TYR E 305 94.25 -62.04 17.17
C TYR E 305 92.88 -62.70 17.32
N ARG E 306 92.69 -63.38 18.44
CA ARG E 306 91.47 -64.14 18.68
C ARG E 306 90.39 -63.28 19.35
N THR E 307 90.72 -62.60 20.43
CA THR E 307 89.76 -61.84 21.22
C THR E 307 90.12 -60.36 21.19
N TYR E 308 89.10 -59.51 21.29
CA TYR E 308 89.27 -58.07 21.25
C TYR E 308 88.51 -57.43 22.40
N ARG E 309 88.95 -56.23 22.76
CA ARG E 309 88.36 -55.43 23.83
C ARG E 309 87.71 -54.20 23.19
N CYS E 310 86.45 -54.35 22.80
CA CYS E 310 85.75 -53.27 22.10
C CYS E 310 85.20 -52.25 23.07
N ALA E 311 84.83 -51.10 22.53
CA ALA E 311 84.29 -49.98 23.32
C ALA E 311 83.23 -49.27 22.48
N HIS E 312 81.97 -49.44 22.87
CA HIS E 312 80.86 -48.78 22.21
C HIS E 312 80.66 -47.39 22.82
N PRO E 313 81.12 -46.31 22.17
CA PRO E 313 81.09 -45.01 22.83
C PRO E 313 79.70 -44.42 22.97
N LEU E 314 78.72 -44.92 22.22
CA LEU E 314 77.36 -44.40 22.25
C LEU E 314 76.48 -45.10 23.26
N ALA E 315 77.05 -46.00 24.06
CA ALA E 315 76.23 -46.83 24.95
C ALA E 315 75.58 -46.00 26.05
N THR E 316 76.34 -45.10 26.67
CA THR E 316 75.81 -44.35 27.82
C THR E 316 74.64 -43.46 27.40
N LEU E 317 74.79 -42.75 26.28
CA LEU E 317 73.70 -41.92 25.78
C LEU E 317 72.49 -42.77 25.45
N PHE E 318 72.72 -43.96 24.88
CA PHE E 318 71.61 -44.87 24.60
C PHE E 318 70.94 -45.34 25.89
N LYS E 319 71.71 -45.55 26.95
CA LYS E 319 71.13 -45.89 28.25
C LYS E 319 70.24 -44.76 28.76
N ILE E 320 70.72 -43.52 28.65
CA ILE E 320 69.92 -42.38 29.10
C ILE E 320 68.62 -42.29 28.31
N LEU E 321 68.73 -42.43 26.98
CA LEU E 321 67.53 -42.37 26.14
C LEU E 321 66.58 -43.50 26.45
N ALA E 322 67.12 -44.70 26.71
CA ALA E 322 66.27 -45.84 27.04
C ALA E 322 65.53 -45.63 28.35
N SER E 323 66.23 -45.10 29.36
CA SER E 323 65.56 -44.83 30.63
C SER E 323 64.48 -43.77 30.47
N PHE E 324 64.77 -42.71 29.72
CA PHE E 324 63.79 -41.66 29.52
C PHE E 324 62.57 -42.19 28.75
N TYR E 325 62.82 -43.04 27.75
CA TYR E 325 61.73 -43.64 27.01
C TYR E 325 60.91 -44.58 27.90
N ILE E 326 61.57 -45.30 28.80
CA ILE E 326 60.85 -46.17 29.73
C ILE E 326 59.94 -45.35 30.62
N SER E 327 60.43 -44.22 31.13
CA SER E 327 59.59 -43.36 31.97
C SER E 327 58.41 -42.81 31.17
N LEU E 328 58.66 -42.39 29.93
CA LEU E 328 57.57 -41.91 29.08
C LEU E 328 56.53 -43.00 28.85
N VAL E 329 56.97 -44.23 28.59
CA VAL E 329 56.03 -45.33 28.38
C VAL E 329 55.27 -45.63 29.65
N ILE E 330 55.92 -45.50 30.81
CA ILE E 330 55.23 -45.69 32.08
C ILE E 330 54.10 -44.68 32.23
N PHE E 331 54.39 -43.41 31.94
CA PHE E 331 53.35 -42.39 32.02
C PHE E 331 52.22 -42.65 31.02
N TYR E 332 52.59 -43.03 29.80
CA TYR E 332 51.59 -43.35 28.77
C TYR E 332 50.71 -44.51 29.21
N GLY E 333 51.30 -45.53 29.79
CA GLY E 333 50.53 -46.67 30.26
C GLY E 333 49.62 -46.32 31.42
N LEU E 334 50.09 -45.46 32.32
CA LEU E 334 49.21 -45.02 33.42
C LEU E 334 48.01 -44.26 32.88
N ILE E 335 48.24 -43.39 31.90
CA ILE E 335 47.13 -42.64 31.30
C ILE E 335 46.17 -43.59 30.61
N CYS E 336 46.71 -44.57 29.87
CA CYS E 336 45.85 -45.53 29.18
C CYS E 336 45.07 -46.39 30.17
N MET E 337 45.69 -46.76 31.28
CA MET E 337 44.97 -47.52 32.31
C MET E 337 43.83 -46.71 32.89
N TYR E 338 44.05 -45.42 33.14
CA TYR E 338 42.96 -44.57 33.61
C TYR E 338 41.86 -44.48 32.57
N THR E 339 42.23 -44.33 31.30
CA THR E 339 41.22 -44.25 30.24
C THR E 339 40.39 -45.52 30.17
N LEU E 340 41.05 -46.67 30.28
CA LEU E 340 40.33 -47.95 30.28
C LEU E 340 39.40 -48.06 31.49
N TRP E 341 39.88 -47.62 32.66
CA TRP E 341 39.06 -47.68 33.86
C TRP E 341 37.84 -46.77 33.73
N TRP E 342 38.03 -45.57 33.19
CA TRP E 342 36.92 -44.64 33.02
C TRP E 342 35.86 -45.21 32.09
N MET E 343 36.28 -45.98 31.09
CA MET E 343 35.38 -46.52 30.09
C MET E 343 34.80 -47.87 30.48
N LEU E 344 35.16 -48.40 31.66
CA LEU E 344 34.63 -49.67 32.13
C LEU E 344 34.11 -49.57 33.56
N ARG E 345 33.86 -48.35 34.06
CA ARG E 345 33.28 -48.15 35.38
C ARG E 345 31.79 -47.91 35.33
N ARG E 346 31.29 -47.26 34.28
CA ARG E 346 29.88 -47.03 34.07
C ARG E 346 29.55 -47.33 32.61
N SER E 347 28.29 -47.63 32.36
CA SER E 347 27.84 -47.97 31.00
C SER E 347 27.82 -46.70 30.17
N LEU E 348 28.87 -46.48 29.39
CA LEU E 348 28.94 -45.33 28.51
C LEU E 348 27.88 -45.39 27.41
N LYS E 349 27.38 -46.59 27.12
CA LYS E 349 26.35 -46.77 26.07
C LYS E 349 25.02 -46.18 26.54
N LYS E 350 24.89 -45.88 27.84
CA LYS E 350 23.62 -45.37 28.40
C LYS E 350 23.87 -43.97 28.97
N TYR E 351 23.51 -42.92 28.22
CA TYR E 351 23.65 -41.53 28.74
C TYR E 351 22.53 -41.27 29.74
N SER E 352 22.54 -40.10 30.39
CA SER E 352 21.52 -39.82 31.43
C SER E 352 20.67 -38.61 31.03
N PHE E 353 21.29 -37.46 30.82
CA PHE E 353 20.52 -36.22 30.52
C PHE E 353 19.52 -36.00 31.64
N GLU E 354 19.83 -36.50 32.84
CA GLU E 354 18.91 -36.34 34.00
C GLU E 354 19.02 -34.90 34.53
N SER E 355 20.24 -34.42 34.75
CA SER E 355 20.42 -33.06 35.32
C SER E 355 19.51 -32.06 34.62
N ILE E 356 19.78 -31.74 33.36
CA ILE E 356 18.99 -30.72 32.62
C ILE E 356 17.50 -31.08 32.73
N ARG E 357 17.17 -32.37 32.56
CA ARG E 357 15.76 -32.82 32.64
C ARG E 357 15.16 -32.40 33.98
N GLU E 358 15.94 -32.46 35.06
CA GLU E 358 15.41 -32.14 36.40
C GLU E 358 15.93 -30.76 36.87
N GLU E 359 16.53 -30.00 35.95
CA GLU E 359 17.04 -28.64 36.30
C GLU E 359 16.28 -27.58 35.50
N SER E 360 16.71 -27.33 34.26
CA SER E 360 16.07 -26.27 33.43
C SER E 360 14.82 -26.83 32.75
N SER E 361 13.78 -27.15 33.53
CA SER E 361 12.53 -27.70 32.97
C SER E 361 12.87 -28.76 31.90
N TYR E 362 12.24 -28.66 30.73
CA TYR E 362 12.57 -29.60 29.62
C TYR E 362 12.76 -31.01 30.19
N SER E 363 11.74 -31.51 30.91
CA SER E 363 11.83 -32.86 31.52
C SER E 363 11.50 -33.91 30.46
N ASP E 364 11.38 -33.49 29.20
CA ASP E 364 11.01 -34.44 28.10
C ASP E 364 12.27 -34.83 27.32
N ILE E 365 13.45 -34.73 27.93
CA ILE E 365 14.71 -35.17 27.26
C ILE E 365 14.97 -36.63 27.66
N PRO E 366 14.81 -37.62 26.75
CA PRO E 366 14.97 -39.07 27.08
C PRO E 366 16.44 -39.45 27.10
N ASP E 367 16.75 -40.59 27.73
CA ASP E 367 18.16 -41.08 27.78
C ASP E 367 18.53 -41.63 26.40
N VAL E 368 19.65 -41.16 25.83
CA VAL E 368 20.04 -41.61 24.45
C VAL E 368 20.62 -43.02 24.54
N LYS E 369 20.60 -43.77 23.43
CA LYS E 369 21.05 -45.18 23.46
C LYS E 369 22.55 -45.29 23.14
N ASN E 370 23.02 -46.48 22.77
CA ASN E 370 24.45 -46.68 22.55
C ASN E 370 24.94 -45.81 21.40
N ASP E 371 26.27 -45.68 21.35
CA ASP E 371 27.00 -44.85 20.38
C ASP E 371 26.77 -43.37 20.65
N PHE E 372 25.53 -42.90 20.52
CA PHE E 372 25.20 -41.51 20.83
C PHE E 372 25.54 -41.19 22.28
N ALA E 373 25.21 -42.08 23.20
CA ALA E 373 25.53 -41.88 24.61
C ALA E 373 27.04 -41.82 24.82
N PHE E 374 27.79 -42.64 24.09
CA PHE E 374 29.24 -42.61 24.21
C PHE E 374 29.79 -41.27 23.74
N MET E 375 29.25 -40.75 22.63
CA MET E 375 29.70 -39.43 22.17
C MET E 375 29.35 -38.34 23.17
N LEU E 376 28.18 -38.46 23.80
CA LEU E 376 27.76 -37.43 24.79
C LEU E 376 28.71 -37.51 26.00
N HIS E 377 29.03 -38.71 26.47
CA HIS E 377 29.96 -38.86 27.59
C HIS E 377 31.33 -38.33 27.22
N LEU E 378 31.77 -38.60 25.99
CA LEU E 378 33.07 -38.10 25.53
C LEU E 378 33.09 -36.58 25.46
N ILE E 379 32.00 -35.96 25.04
CA ILE E 379 31.98 -34.51 24.91
C ILE E 379 31.78 -33.86 26.27
N ASP E 380 31.26 -34.62 27.26
CA ASP E 380 31.15 -34.09 28.61
C ASP E 380 32.53 -33.74 29.19
N GLN E 381 33.55 -34.51 28.80
CA GLN E 381 34.89 -34.25 29.33
C GLN E 381 35.41 -32.88 28.92
N TYR E 382 35.17 -32.49 27.67
CA TYR E 382 35.62 -31.19 27.20
C TYR E 382 34.88 -30.06 27.90
N ASP E 383 33.56 -30.02 27.74
CA ASP E 383 32.75 -28.96 28.33
C ASP E 383 31.34 -29.45 28.57
N PRO E 384 30.87 -29.52 29.82
CA PRO E 384 29.50 -29.98 30.08
C PRO E 384 28.44 -29.06 29.49
N LEU E 385 28.79 -27.82 29.13
CA LEU E 385 27.81 -26.91 28.55
C LEU E 385 27.31 -27.40 27.21
N TYR E 386 28.14 -28.11 26.44
CA TYR E 386 27.72 -28.60 25.13
C TYR E 386 26.57 -29.58 25.24
N SER E 387 26.63 -30.48 26.22
CA SER E 387 25.55 -31.45 26.40
C SER E 387 24.25 -30.75 26.77
N LYS E 388 24.34 -29.71 27.62
CA LYS E 388 23.15 -28.96 27.97
C LYS E 388 22.56 -28.25 26.76
N ARG E 389 23.42 -27.70 25.90
CA ARG E 389 22.93 -27.07 24.68
C ARG E 389 22.25 -28.10 23.78
N PHE E 390 22.79 -29.32 23.72
CA PHE E 390 22.18 -30.37 22.86
C PHE E 390 20.91 -30.87 23.54
N ALA E 391 20.78 -30.69 24.86
CA ALA E 391 19.64 -31.23 25.58
C ALA E 391 18.33 -30.59 25.15
N VAL E 392 18.35 -29.27 24.88
CA VAL E 392 17.11 -28.57 24.59
C VAL E 392 16.50 -29.03 23.27
N PHE E 393 17.31 -29.63 22.39
CA PHE E 393 16.80 -30.08 21.10
C PHE E 393 16.37 -31.54 21.13
N LEU E 394 16.40 -32.20 22.28
CA LEU E 394 15.90 -33.56 22.44
C LEU E 394 14.70 -33.62 23.36
N SER E 395 13.95 -32.52 23.47
CA SER E 395 12.84 -32.41 24.40
C SER E 395 11.54 -32.20 23.66
N GLU E 396 10.45 -32.65 24.27
CA GLU E 396 9.13 -32.51 23.69
C GLU E 396 8.48 -31.17 24.03
N VAL E 397 8.64 -30.70 25.26
CA VAL E 397 8.07 -29.40 25.62
C VAL E 397 8.72 -28.29 24.80
N SER E 398 10.02 -28.40 24.54
CA SER E 398 10.66 -27.46 23.61
C SER E 398 10.05 -27.56 22.23
N GLU E 399 9.71 -28.78 21.80
CA GLU E 399 9.05 -28.95 20.51
C GLU E 399 7.72 -28.22 20.46
N ASN E 400 6.91 -28.35 21.51
CA ASN E 400 5.62 -27.67 21.51
C ASN E 400 5.78 -26.16 21.62
N LYS E 401 6.79 -25.70 22.35
CA LYS E 401 7.05 -24.26 22.42
C LYS E 401 7.41 -23.70 21.05
N LEU E 402 8.31 -24.40 20.33
CA LEU E 402 8.66 -23.96 18.99
C LEU E 402 7.47 -24.03 18.04
N ARG E 403 6.71 -25.12 18.17
CA ARG E 403 5.52 -25.31 17.32
C ARG E 403 4.58 -24.14 17.55
N GLN E 404 4.35 -23.79 18.82
CA GLN E 404 3.48 -22.61 19.11
C GLN E 404 4.06 -21.40 18.38
N LEU E 405 5.35 -21.09 18.62
CA LEU E 405 5.96 -19.89 18.01
C LEU E 405 5.78 -19.96 16.48
N ASN E 406 5.91 -21.15 15.90
CA ASN E 406 5.69 -21.30 14.43
C ASN E 406 4.22 -20.99 14.11
N LEU E 407 3.29 -21.64 14.80
CA LEU E 407 1.84 -21.36 14.58
C LEU E 407 1.62 -19.86 14.75
N ASN E 408 2.29 -19.26 15.75
CA ASN E 408 2.16 -17.82 16.00
C ASN E 408 2.48 -17.08 14.71
N ASN E 409 3.62 -17.37 14.10
CA ASN E 409 4.00 -16.73 12.81
C ASN E 409 3.09 -17.24 11.70
N GLU E 410 2.84 -18.55 11.65
CA GLU E 410 2.06 -19.15 10.55
C GLU E 410 0.64 -18.56 10.48
N TRP E 411 -0.17 -18.78 11.52
CA TRP E 411 -1.58 -18.32 11.47
C TRP E 411 -1.65 -16.82 11.73
N THR E 412 -1.35 -16.03 10.71
CA THR E 412 -1.44 -14.56 10.85
C THR E 412 -2.90 -14.17 10.94
N LEU E 413 -3.19 -13.00 11.53
CA LEU E 413 -4.60 -12.59 11.75
C LEU E 413 -5.34 -12.57 10.40
N ASP E 414 -4.67 -12.18 9.32
CA ASP E 414 -5.35 -12.09 8.00
C ASP E 414 -5.96 -13.45 7.64
N LYS E 415 -5.18 -14.53 7.79
CA LYS E 415 -5.70 -15.89 7.52
C LYS E 415 -6.87 -16.18 8.47
N LEU E 416 -6.69 -15.83 9.75
CA LEU E 416 -7.76 -16.07 10.76
C LEU E 416 -8.98 -15.20 10.39
N ARG E 417 -8.75 -13.96 9.95
CA ARG E 417 -9.86 -13.09 9.50
C ARG E 417 -10.59 -13.82 8.35
N GLN E 418 -9.83 -14.47 7.47
CA GLN E 418 -10.45 -15.26 6.38
C GLN E 418 -11.11 -16.49 7.03
N ARG E 419 -10.45 -17.07 8.03
CA ARG E 419 -11.02 -18.25 8.74
C ARG E 419 -12.30 -17.84 9.48
N LEU E 420 -12.43 -16.55 9.80
CA LEU E 420 -13.66 -16.05 10.47
C LEU E 420 -14.88 -16.37 9.59
N THR E 421 -15.98 -16.80 10.20
CA THR E 421 -17.22 -17.09 9.44
C THR E 421 -18.39 -16.54 10.21
N LYS E 422 -19.62 -16.70 9.68
CA LYS E 422 -20.83 -16.27 10.42
C LYS E 422 -21.69 -17.51 10.67
N ASN E 423 -22.43 -17.55 11.78
CA ASN E 423 -23.20 -18.79 12.10
C ASN E 423 -24.69 -18.56 11.82
N ALA E 424 -25.50 -19.59 12.01
CA ALA E 424 -26.95 -19.48 11.81
C ALA E 424 -27.51 -18.22 12.48
N GLN E 425 -27.02 -17.92 13.68
CA GLN E 425 -27.51 -16.78 14.45
C GLN E 425 -26.81 -15.48 14.08
N ASP E 426 -26.20 -15.41 12.89
CA ASP E 426 -25.45 -14.23 12.45
C ASP E 426 -24.40 -13.86 13.49
N LYS E 427 -23.74 -14.87 14.04
CA LYS E 427 -22.70 -14.70 15.02
C LYS E 427 -21.37 -15.14 14.40
N LEU E 428 -20.36 -14.29 14.52
CA LEU E 428 -19.08 -14.57 13.89
C LEU E 428 -18.44 -15.80 14.51
N GLU E 429 -18.08 -16.76 13.66
CA GLU E 429 -17.62 -18.08 14.08
C GLU E 429 -16.20 -18.31 13.58
N LEU E 430 -15.40 -18.97 14.41
CA LEU E 430 -14.05 -19.40 14.03
C LEU E 430 -13.87 -20.83 14.54
N HIS E 431 -14.04 -21.80 13.65
CA HIS E 431 -13.97 -23.21 14.02
C HIS E 431 -12.52 -23.67 13.95
N LEU E 432 -11.97 -24.08 15.09
CA LEU E 432 -10.61 -24.58 15.17
C LEU E 432 -10.65 -26.10 15.11
N PHE E 433 -10.04 -26.67 14.08
CA PHE E 433 -10.23 -28.09 13.75
C PHE E 433 -8.88 -28.79 13.85
N MET E 434 -8.52 -29.22 15.07
CA MET E 434 -7.31 -29.99 15.34
C MET E 434 -6.05 -29.23 14.89
N LEU E 435 -5.79 -28.12 15.56
CA LEU E 435 -4.60 -27.32 15.30
C LEU E 435 -3.55 -27.47 16.39
N SER E 436 -3.54 -28.60 17.09
CA SER E 436 -2.58 -28.91 18.14
C SER E 436 -2.74 -27.99 19.34
N GLY E 437 -2.31 -26.74 19.19
CA GLY E 437 -2.60 -25.71 20.17
C GLY E 437 -3.22 -24.51 19.50
N ILE E 438 -4.04 -23.80 20.25
CA ILE E 438 -4.74 -22.65 19.66
C ILE E 438 -3.72 -21.59 19.29
N PRO E 439 -3.88 -20.90 18.17
CA PRO E 439 -2.92 -19.85 17.80
C PRO E 439 -3.03 -18.65 18.72
N ASP E 440 -1.91 -17.94 18.90
CA ASP E 440 -1.93 -16.75 19.78
C ASP E 440 -2.50 -15.56 19.01
N THR E 441 -2.57 -15.65 17.68
CA THR E 441 -3.01 -14.49 16.91
C THR E 441 -4.51 -14.24 17.04
N VAL E 442 -5.32 -15.29 17.21
CA VAL E 442 -6.75 -15.11 17.28
C VAL E 442 -7.15 -14.21 18.44
N PHE E 443 -6.38 -14.22 19.53
CA PHE E 443 -6.68 -13.37 20.67
C PHE E 443 -6.50 -11.89 20.35
N ASP E 444 -5.72 -11.58 19.32
CA ASP E 444 -5.61 -10.20 18.87
C ASP E 444 -6.87 -9.74 18.15
N LEU E 445 -7.59 -10.68 17.55
CA LEU E 445 -8.84 -10.36 16.87
C LEU E 445 -9.89 -9.93 17.89
N VAL E 446 -10.77 -9.02 17.48
CA VAL E 446 -11.67 -8.37 18.42
C VAL E 446 -13.15 -8.63 18.12
N GLU E 447 -13.50 -9.01 16.90
CA GLU E 447 -14.91 -9.16 16.53
C GLU E 447 -15.42 -10.58 16.69
N LEU E 448 -14.60 -11.48 17.20
CA LEU E 448 -14.99 -12.89 17.32
C LEU E 448 -16.12 -13.06 18.33
N GLU E 449 -16.95 -14.08 18.08
CA GLU E 449 -18.03 -14.38 19.01
C GLU E 449 -18.07 -15.87 19.35
N VAL E 450 -17.55 -16.71 18.45
CA VAL E 450 -17.54 -18.16 18.64
C VAL E 450 -16.10 -18.62 18.66
N LEU E 451 -15.71 -19.32 19.71
CA LEU E 451 -14.35 -19.85 19.78
C LEU E 451 -14.41 -21.36 19.79
N LYS E 452 -15.21 -21.93 18.89
CA LYS E 452 -15.40 -23.37 18.81
C LYS E 452 -14.07 -24.09 18.65
N LEU E 453 -13.70 -24.88 19.65
CA LEU E 453 -12.49 -25.68 19.64
C LEU E 453 -12.85 -27.15 19.59
N GLU E 454 -12.02 -27.93 18.91
CA GLU E 454 -12.34 -29.33 18.61
C GLU E 454 -11.05 -30.13 18.51
N LEU E 455 -10.88 -31.08 19.43
CA LEU E 455 -9.70 -31.95 19.48
C LEU E 455 -8.39 -31.15 19.45
N ILE E 456 -8.28 -30.20 20.37
CA ILE E 456 -7.06 -29.39 20.49
C ILE E 456 -6.52 -29.56 21.91
N PRO E 457 -5.58 -30.48 22.13
CA PRO E 457 -5.18 -30.80 23.51
C PRO E 457 -4.55 -29.62 24.23
N ASP E 458 -4.77 -29.60 25.55
CA ASP E 458 -4.14 -28.66 26.49
C ASP E 458 -4.12 -27.23 25.97
N VAL E 459 -5.31 -26.66 25.80
CA VAL E 459 -5.41 -25.30 25.29
C VAL E 459 -4.83 -24.30 26.28
N THR E 460 -5.15 -24.45 27.57
CA THR E 460 -4.67 -23.56 28.63
C THR E 460 -4.80 -22.08 28.22
N ILE E 461 -6.06 -21.68 28.09
CA ILE E 461 -6.45 -20.36 27.57
C ILE E 461 -5.58 -19.24 28.13
N PRO E 462 -4.83 -18.54 27.29
CA PRO E 462 -3.99 -17.44 27.77
C PRO E 462 -4.82 -16.27 28.24
N PRO E 463 -4.26 -15.43 29.12
CA PRO E 463 -4.99 -14.24 29.57
C PRO E 463 -5.31 -13.24 28.47
N SER E 464 -4.60 -13.30 27.34
CA SER E 464 -4.83 -12.37 26.25
C SER E 464 -6.26 -12.40 25.74
N ILE E 465 -7.06 -13.40 26.14
CA ILE E 465 -8.46 -13.45 25.77
C ILE E 465 -9.21 -12.24 26.29
N ALA E 466 -8.68 -11.55 27.30
CA ALA E 466 -9.32 -10.33 27.77
C ALA E 466 -9.37 -9.27 26.68
N GLN E 467 -8.44 -9.32 25.73
CA GLN E 467 -8.43 -8.37 24.63
C GLN E 467 -9.71 -8.48 23.80
N LEU E 468 -10.11 -9.72 23.50
CA LEU E 468 -11.29 -9.95 22.69
C LEU E 468 -12.52 -9.72 23.54
N THR E 469 -13.49 -8.98 23.01
CA THR E 469 -14.64 -8.56 23.79
C THR E 469 -15.96 -9.18 23.32
N GLY E 470 -16.05 -9.61 22.08
CA GLY E 470 -17.28 -10.17 21.56
C GLY E 470 -17.52 -11.61 21.89
N LEU E 471 -16.71 -12.21 22.74
CA LEU E 471 -16.86 -13.63 23.04
C LEU E 471 -18.07 -13.86 23.92
N LYS E 472 -19.00 -14.66 23.43
CA LYS E 472 -20.13 -15.12 24.22
C LYS E 472 -20.17 -16.64 24.32
N GLU E 473 -20.04 -17.34 23.20
CA GLU E 473 -20.11 -18.79 23.14
C GLU E 473 -18.72 -19.36 22.90
N LEU E 474 -18.42 -20.49 23.53
CA LEU E 474 -17.05 -20.98 23.57
C LEU E 474 -16.89 -22.38 22.99
N TRP E 475 -17.80 -23.31 23.29
CA TRP E 475 -17.93 -24.57 22.56
C TRP E 475 -16.65 -25.42 22.61
N LEU E 476 -16.35 -25.92 23.80
CA LEU E 476 -15.34 -26.97 23.91
C LEU E 476 -15.89 -28.28 23.36
N TYR E 477 -15.10 -28.93 22.50
CA TYR E 477 -15.49 -30.22 21.91
C TYR E 477 -14.31 -31.18 22.04
N HIS E 478 -14.44 -32.15 22.95
CA HIS E 478 -13.40 -33.16 23.19
C HIS E 478 -12.04 -32.50 23.42
N THR E 479 -12.02 -31.51 24.31
CA THR E 479 -10.85 -30.67 24.48
C THR E 479 -10.71 -30.24 25.93
N ALA E 480 -9.56 -30.57 26.52
CA ALA E 480 -9.26 -30.14 27.87
C ALA E 480 -8.98 -28.64 27.90
N ALA E 481 -9.08 -28.06 29.10
CA ALA E 481 -8.84 -26.63 29.26
C ALA E 481 -8.42 -26.35 30.69
N LYS E 482 -7.39 -25.52 30.84
CA LYS E 482 -6.92 -25.07 32.16
C LYS E 482 -6.61 -23.58 32.02
N ILE E 483 -7.62 -22.75 32.25
CA ILE E 483 -7.49 -21.31 32.08
C ILE E 483 -6.70 -20.72 33.25
N GLU E 484 -6.01 -19.62 32.98
CA GLU E 484 -5.28 -18.92 34.03
C GLU E 484 -6.22 -17.96 34.76
N ALA E 485 -5.83 -17.58 35.97
CA ALA E 485 -6.73 -16.85 36.86
C ALA E 485 -7.27 -15.55 36.28
N PRO E 486 -6.45 -14.64 35.72
CA PRO E 486 -7.04 -13.40 35.19
C PRO E 486 -7.99 -13.64 34.03
N ALA E 487 -7.61 -14.53 33.11
CA ALA E 487 -8.51 -14.89 32.02
C ALA E 487 -9.77 -15.55 32.56
N LEU E 488 -9.64 -16.35 33.62
CA LEU E 488 -10.81 -16.96 34.24
C LEU E 488 -11.76 -15.90 34.77
N ALA E 489 -11.22 -14.87 35.43
CA ALA E 489 -12.08 -13.80 35.95
C ALA E 489 -12.76 -13.05 34.81
N PHE E 490 -12.00 -12.70 33.77
CA PHE E 490 -12.58 -11.99 32.64
C PHE E 490 -13.68 -12.80 31.99
N LEU E 491 -13.43 -14.10 31.80
CA LEU E 491 -14.45 -14.98 31.24
C LEU E 491 -15.66 -15.07 32.16
N ARG E 492 -15.44 -15.12 33.47
CA ARG E 492 -16.53 -15.08 34.42
C ARG E 492 -17.38 -13.83 34.23
N GLU E 493 -16.76 -12.73 33.79
CA GLU E 493 -17.50 -11.50 33.63
C GLU E 493 -18.02 -11.28 32.21
N ASN E 494 -17.72 -12.17 31.27
CA ASN E 494 -18.10 -11.90 29.88
C ASN E 494 -18.81 -13.04 29.17
N LEU E 495 -18.49 -14.28 29.52
CA LEU E 495 -19.01 -15.41 28.75
C LEU E 495 -20.49 -15.59 28.99
N ARG E 496 -21.23 -15.89 27.92
CA ARG E 496 -22.68 -16.07 27.98
C ARG E 496 -23.12 -17.50 27.69
N ALA E 497 -22.51 -18.16 26.70
CA ALA E 497 -22.92 -19.48 26.28
C ALA E 497 -21.74 -20.42 26.31
N LEU E 498 -21.98 -21.66 26.70
CA LEU E 498 -20.96 -22.70 26.75
C LEU E 498 -21.53 -23.98 26.16
N HIS E 499 -20.72 -24.69 25.38
CA HIS E 499 -21.12 -25.96 24.77
C HIS E 499 -20.02 -26.97 25.03
N ILE E 500 -20.18 -27.77 26.08
CA ILE E 500 -19.19 -28.77 26.44
C ILE E 500 -19.56 -30.09 25.78
N LYS E 501 -18.62 -30.66 25.04
CA LYS E 501 -18.72 -32.00 24.50
C LYS E 501 -17.47 -32.78 24.88
N PHE E 502 -17.64 -34.06 25.16
CA PHE E 502 -16.56 -34.85 25.73
C PHE E 502 -16.89 -36.32 25.59
N THR E 503 -15.97 -37.16 26.05
CA THR E 503 -16.18 -38.60 26.18
C THR E 503 -16.07 -39.08 27.61
N ASP E 504 -14.97 -38.74 28.29
CA ASP E 504 -14.76 -39.15 29.67
C ASP E 504 -15.29 -38.09 30.62
N ILE E 505 -15.69 -38.53 31.82
CA ILE E 505 -16.34 -37.63 32.77
C ILE E 505 -15.36 -36.57 33.25
N LYS E 506 -14.13 -36.96 33.55
CA LYS E 506 -13.15 -36.00 34.11
C LYS E 506 -12.83 -34.93 33.04
N GLU E 507 -13.06 -35.24 31.76
CA GLU E 507 -12.71 -34.31 30.70
C GLU E 507 -13.30 -32.93 30.95
N ILE E 508 -14.46 -32.86 31.59
CA ILE E 508 -15.13 -31.59 31.89
C ILE E 508 -14.23 -30.77 32.82
N PRO E 509 -13.88 -29.54 32.45
CA PRO E 509 -13.05 -28.72 33.34
C PRO E 509 -13.79 -28.37 34.61
N LEU E 510 -13.02 -28.23 35.69
CA LEU E 510 -13.61 -27.81 36.96
C LEU E 510 -13.95 -26.32 36.94
N TRP E 511 -13.05 -25.51 36.39
CA TRP E 511 -13.17 -24.06 36.50
C TRP E 511 -14.42 -23.53 35.84
N ILE E 512 -15.06 -24.30 34.95
CA ILE E 512 -16.28 -23.83 34.31
C ILE E 512 -17.35 -23.56 35.35
N TYR E 513 -17.32 -24.28 36.47
CA TYR E 513 -18.31 -24.03 37.50
C TYR E 513 -18.08 -22.72 38.24
N SER E 514 -16.88 -22.15 38.15
CA SER E 514 -16.66 -20.83 38.72
C SER E 514 -17.32 -19.73 37.91
N LEU E 515 -17.68 -20.02 36.66
CA LEU E 515 -18.37 -19.04 35.83
C LEU E 515 -19.65 -18.58 36.51
N LYS E 516 -19.91 -17.27 36.45
CA LYS E 516 -21.06 -16.70 37.13
C LYS E 516 -22.02 -15.98 36.21
N THR E 517 -21.62 -15.54 35.03
CA THR E 517 -22.52 -14.90 34.07
C THR E 517 -22.92 -15.84 32.94
N LEU E 518 -23.02 -17.13 33.23
CA LEU E 518 -23.40 -18.13 32.24
C LEU E 518 -24.92 -18.27 32.19
N GLU E 519 -25.47 -18.37 30.99
CA GLU E 519 -26.89 -18.58 30.80
C GLU E 519 -27.22 -19.75 29.89
N GLU E 520 -26.36 -20.06 28.93
CA GLU E 520 -26.57 -21.14 27.97
C GLU E 520 -25.52 -22.20 28.24
N LEU E 521 -25.96 -23.38 28.65
CA LEU E 521 -25.05 -24.50 28.90
C LEU E 521 -25.57 -25.73 28.17
N HIS E 522 -24.67 -26.41 27.45
CA HIS E 522 -25.01 -27.61 26.71
C HIS E 522 -23.97 -28.67 27.01
N LEU E 523 -24.42 -29.88 27.34
CA LEU E 523 -23.53 -30.97 27.66
C LEU E 523 -23.73 -32.08 26.63
N THR E 524 -22.62 -32.58 26.10
CA THR E 524 -22.61 -33.67 25.14
C THR E 524 -21.57 -34.68 25.58
N GLY E 525 -21.96 -35.95 25.61
CA GLY E 525 -21.10 -36.98 26.16
C GLY E 525 -21.68 -37.53 27.44
N ASN E 526 -21.58 -38.86 27.62
CA ASN E 526 -22.27 -39.56 28.69
C ASN E 526 -21.90 -39.03 30.08
N LEU E 527 -22.89 -38.50 30.79
CA LEU E 527 -22.70 -38.09 32.18
C LEU E 527 -22.80 -39.25 33.15
N SER E 528 -23.17 -40.44 32.69
CA SER E 528 -23.39 -41.52 33.62
C SER E 528 -22.08 -41.93 34.30
N ALA E 529 -22.04 -41.75 35.61
CA ALA E 529 -20.91 -42.15 36.44
C ALA E 529 -21.14 -43.51 37.09
N GLU E 530 -22.14 -44.25 36.62
CA GLU E 530 -22.43 -45.61 37.07
C GLU E 530 -22.70 -45.63 38.58
N ASN E 531 -23.82 -44.98 38.93
CA ASN E 531 -24.29 -44.82 40.30
C ASN E 531 -23.40 -43.86 41.08
N ASN E 532 -23.95 -43.24 42.14
CA ASN E 532 -23.26 -42.18 42.86
C ASN E 532 -22.78 -41.11 41.90
N ARG E 533 -23.63 -40.78 40.94
CA ARG E 533 -23.30 -39.90 39.83
C ARG E 533 -23.40 -38.45 40.31
N TYR E 534 -23.31 -37.50 39.39
CA TYR E 534 -23.75 -36.13 39.60
C TYR E 534 -22.78 -35.35 40.48
N ILE E 535 -21.69 -35.98 40.90
CA ILE E 535 -20.71 -35.31 41.73
C ILE E 535 -20.04 -34.18 40.94
N VAL E 536 -19.82 -34.40 39.65
CA VAL E 536 -19.32 -33.32 38.81
C VAL E 536 -20.40 -32.26 38.59
N ILE E 537 -21.63 -32.71 38.31
CA ILE E 537 -22.71 -31.83 37.91
C ILE E 537 -23.13 -30.89 39.04
N ASP E 538 -22.73 -31.17 40.27
CA ASP E 538 -23.21 -30.37 41.41
C ASP E 538 -22.79 -28.91 41.29
N GLY E 539 -21.78 -28.61 40.47
CA GLY E 539 -21.40 -27.23 40.25
C GLY E 539 -22.54 -26.36 39.75
N LEU E 540 -23.55 -26.96 39.12
CA LEU E 540 -24.70 -26.20 38.66
C LEU E 540 -25.42 -25.51 39.80
N ARG E 541 -25.18 -25.90 41.05
CA ARG E 541 -25.76 -25.17 42.17
C ARG E 541 -25.31 -23.72 42.17
N GLU E 542 -24.04 -23.46 41.87
CA GLU E 542 -23.57 -22.09 41.89
C GLU E 542 -23.79 -21.37 40.56
N LEU E 543 -24.26 -22.07 39.53
CA LEU E 543 -24.56 -21.43 38.24
C LEU E 543 -25.99 -20.89 38.25
N LYS E 544 -26.25 -20.03 39.23
CA LYS E 544 -27.61 -19.54 39.45
C LYS E 544 -28.09 -18.65 38.31
N ARG E 545 -27.16 -18.09 37.53
CA ARG E 545 -27.56 -17.26 36.41
C ARG E 545 -27.92 -18.07 35.16
N LEU E 546 -27.77 -19.39 35.21
CA LEU E 546 -28.06 -20.22 34.05
C LEU E 546 -29.55 -20.12 33.71
N LYS E 547 -29.85 -20.14 32.41
CA LYS E 547 -31.22 -20.05 31.94
C LYS E 547 -31.63 -21.22 31.06
N VAL E 548 -30.74 -21.77 30.25
CA VAL E 548 -31.06 -22.87 29.36
C VAL E 548 -30.00 -23.95 29.51
N LEU E 549 -30.43 -25.20 29.60
CA LEU E 549 -29.54 -26.32 29.86
C LEU E 549 -29.87 -27.46 28.90
N ARG E 550 -28.83 -28.15 28.45
CA ARG E 550 -28.96 -29.25 27.50
C ARG E 550 -28.26 -30.50 28.04
N LEU E 551 -28.93 -31.64 27.93
CA LEU E 551 -28.40 -32.92 28.42
C LEU E 551 -28.48 -33.96 27.31
N LYS E 552 -27.46 -34.01 26.47
CA LYS E 552 -27.32 -35.09 25.50
C LYS E 552 -26.35 -36.15 26.03
N SER E 553 -26.78 -36.84 27.10
CA SER E 553 -25.86 -37.74 27.77
C SER E 553 -26.49 -39.06 28.23
N ASN E 554 -27.65 -39.44 27.72
CA ASN E 554 -28.24 -40.75 27.99
C ASN E 554 -28.42 -40.99 29.49
N LEU E 555 -29.25 -40.16 30.12
CA LEU E 555 -29.47 -40.25 31.55
C LEU E 555 -30.61 -41.20 31.84
N SER E 556 -30.34 -42.25 32.63
CA SER E 556 -31.42 -43.12 33.08
C SER E 556 -32.37 -42.38 34.02
N LYS E 557 -31.84 -41.42 34.78
CA LYS E 557 -32.62 -40.67 35.74
C LYS E 557 -32.27 -39.19 35.59
N LEU E 558 -33.26 -38.33 35.81
CA LEU E 558 -33.00 -36.90 35.79
C LEU E 558 -32.24 -36.51 37.05
N PRO E 559 -31.17 -35.73 36.94
CA PRO E 559 -30.40 -35.35 38.13
C PRO E 559 -31.21 -34.51 39.12
N GLN E 560 -30.85 -34.65 40.39
CA GLN E 560 -31.41 -33.78 41.42
C GLN E 560 -30.83 -32.37 41.31
N VAL E 561 -29.60 -32.25 40.82
CA VAL E 561 -28.97 -30.94 40.69
C VAL E 561 -29.75 -30.07 39.71
N VAL E 562 -30.16 -30.66 38.59
CA VAL E 562 -30.88 -29.85 37.59
C VAL E 562 -32.24 -29.44 38.12
N THR E 563 -32.92 -30.32 38.88
CA THR E 563 -34.19 -29.93 39.45
C THR E 563 -34.03 -28.83 40.48
N ASP E 564 -32.93 -28.87 41.25
CA ASP E 564 -32.64 -27.81 42.20
C ASP E 564 -32.40 -26.49 41.49
N VAL E 565 -31.59 -26.51 40.42
CA VAL E 565 -31.24 -25.27 39.73
C VAL E 565 -32.35 -24.79 38.80
N GLY E 566 -33.34 -25.62 38.52
CA GLY E 566 -34.37 -25.26 37.56
C GLY E 566 -35.41 -24.30 38.09
N VAL E 567 -35.25 -23.82 39.33
CA VAL E 567 -36.15 -22.81 39.86
C VAL E 567 -36.19 -21.59 38.94
N HIS E 568 -35.01 -21.15 38.50
CA HIS E 568 -34.88 -20.01 37.60
C HIS E 568 -34.64 -20.42 36.16
N LEU E 569 -34.69 -21.70 35.84
CA LEU E 569 -34.29 -22.16 34.51
C LEU E 569 -35.48 -22.12 33.55
N GLN E 570 -35.16 -22.15 32.26
CA GLN E 570 -36.16 -21.97 31.21
C GLN E 570 -36.32 -23.16 30.27
N LYS E 571 -35.23 -23.79 29.82
CA LYS E 571 -35.31 -24.81 28.79
C LYS E 571 -34.51 -26.05 29.18
N LEU E 572 -35.15 -27.21 29.13
CA LEU E 572 -34.49 -28.50 29.30
C LEU E 572 -34.51 -29.19 27.95
N SER E 573 -33.45 -29.01 27.17
CA SER E 573 -33.29 -29.77 25.93
C SER E 573 -32.60 -31.07 26.28
N ILE E 574 -33.39 -32.11 26.50
CA ILE E 574 -32.89 -33.40 26.98
C ILE E 574 -32.95 -34.37 25.83
N ASN E 575 -31.81 -34.99 25.52
CA ASN E 575 -31.71 -35.97 24.44
C ASN E 575 -31.06 -37.23 24.98
N ASN E 576 -31.78 -38.34 24.93
CA ASN E 576 -31.32 -39.58 25.52
C ASN E 576 -30.86 -40.61 24.50
N GLU E 577 -31.10 -40.37 23.21
CA GLU E 577 -30.65 -41.26 22.15
C GLU E 577 -31.17 -42.69 22.35
N GLY E 578 -32.40 -42.79 22.82
CA GLY E 578 -33.03 -44.07 23.07
C GLY E 578 -33.03 -44.51 24.52
N THR E 579 -32.30 -43.81 25.39
CA THR E 579 -32.31 -44.14 26.80
C THR E 579 -33.64 -43.76 27.43
N LYS E 580 -34.23 -44.68 28.19
CA LYS E 580 -35.48 -44.42 28.87
C LYS E 580 -35.23 -43.52 30.06
N LEU E 581 -35.90 -42.37 30.10
CA LEU E 581 -35.75 -41.41 31.19
C LEU E 581 -36.99 -41.45 32.07
N ILE E 582 -36.77 -41.48 33.39
CA ILE E 582 -37.85 -41.49 34.35
C ILE E 582 -38.04 -40.06 34.85
N VAL E 583 -39.25 -39.52 34.65
CA VAL E 583 -39.51 -38.15 35.06
C VAL E 583 -39.52 -38.03 36.58
N LEU E 584 -40.16 -38.97 37.27
CA LEU E 584 -40.16 -39.02 38.73
C LEU E 584 -40.61 -37.69 39.33
N ASN E 585 -41.64 -37.10 38.73
CA ASN E 585 -42.32 -35.85 39.12
C ASN E 585 -41.34 -34.72 39.42
N SER E 586 -40.10 -34.83 38.94
CA SER E 586 -39.09 -33.85 39.34
C SER E 586 -39.28 -32.53 38.60
N LEU E 587 -39.91 -32.58 37.43
CA LEU E 587 -40.19 -31.36 36.70
C LEU E 587 -41.17 -30.47 37.46
N LYS E 588 -41.92 -31.04 38.39
CA LYS E 588 -42.86 -30.26 39.19
C LYS E 588 -42.17 -29.14 39.93
N LYS E 589 -40.91 -29.33 40.30
CA LYS E 589 -40.16 -28.26 40.95
C LYS E 589 -40.00 -27.06 40.03
N MET E 590 -39.72 -27.31 38.76
CA MET E 590 -39.53 -26.22 37.80
C MET E 590 -40.86 -25.50 37.56
N ALA E 591 -40.91 -24.22 37.88
CA ALA E 591 -42.08 -23.39 37.65
C ALA E 591 -41.84 -22.27 36.67
N ASN E 592 -40.66 -21.65 36.71
CA ASN E 592 -40.33 -20.61 35.75
C ASN E 592 -40.01 -21.18 34.36
N LEU E 593 -39.94 -22.51 34.24
CA LEU E 593 -39.65 -23.14 32.97
C LEU E 593 -40.70 -22.77 31.93
N THR E 594 -40.25 -22.56 30.70
CA THR E 594 -41.13 -22.15 29.60
C THR E 594 -40.99 -22.98 28.33
N GLU E 595 -39.90 -23.72 28.14
CA GLU E 595 -39.76 -24.61 26.99
C GLU E 595 -39.16 -25.93 27.44
N LEU E 596 -39.79 -27.03 27.01
CA LEU E 596 -39.36 -28.36 27.41
C LEU E 596 -39.31 -29.25 26.19
N GLU E 597 -38.21 -30.01 26.05
CA GLU E 597 -38.01 -30.87 24.88
C GLU E 597 -37.40 -32.18 25.35
N LEU E 598 -38.21 -33.24 25.36
CA LEU E 598 -37.72 -34.59 25.62
C LEU E 598 -37.56 -35.27 24.28
N ILE E 599 -36.32 -35.30 23.77
CA ILE E 599 -36.03 -35.76 22.42
C ILE E 599 -35.33 -37.11 22.51
N ARG E 600 -35.88 -38.09 21.79
CA ARG E 600 -35.34 -39.45 21.77
C ARG E 600 -35.23 -40.04 23.16
N CYS E 601 -36.13 -39.64 24.06
CA CYS E 601 -36.09 -40.11 25.43
C CYS E 601 -36.96 -41.32 25.68
N ASP E 602 -37.73 -41.75 24.67
CA ASP E 602 -38.47 -43.01 24.73
C ASP E 602 -39.41 -43.06 25.93
N LEU E 603 -40.24 -42.03 26.07
CA LEU E 603 -41.20 -41.99 27.16
C LEU E 603 -42.25 -43.09 27.01
N GLU E 604 -42.74 -43.28 25.78
CA GLU E 604 -43.81 -44.21 25.41
C GLU E 604 -45.16 -43.71 25.91
N ARG E 605 -45.15 -42.68 26.76
CA ARG E 605 -46.36 -42.11 27.32
C ARG E 605 -46.06 -40.68 27.75
N ILE E 606 -47.11 -39.91 27.96
CA ILE E 606 -46.90 -38.54 28.47
C ILE E 606 -46.36 -38.61 29.89
N PRO E 607 -45.41 -37.75 30.28
CA PRO E 607 -44.87 -37.85 31.64
C PRO E 607 -45.88 -37.60 32.75
N HIS E 608 -46.96 -36.86 32.48
CA HIS E 608 -48.03 -36.60 33.43
C HIS E 608 -47.58 -35.67 34.55
N SER E 609 -46.30 -35.30 34.55
CA SER E 609 -45.78 -34.29 35.45
C SER E 609 -45.64 -32.94 34.79
N ILE E 610 -45.57 -32.92 33.45
CA ILE E 610 -45.46 -31.65 32.72
C ILE E 610 -46.67 -30.77 33.00
N PHE E 611 -47.84 -31.37 33.23
CA PHE E 611 -49.05 -30.60 33.46
C PHE E 611 -48.98 -29.77 34.73
N SER E 612 -48.08 -30.12 35.66
CA SER E 612 -47.92 -29.31 36.86
C SER E 612 -47.36 -27.94 36.52
N LEU E 613 -46.44 -27.87 35.56
CA LEU E 613 -45.88 -26.59 35.14
C LEU E 613 -47.00 -25.68 34.63
N HIS E 614 -46.94 -24.41 35.02
CA HIS E 614 -47.97 -23.45 34.68
C HIS E 614 -47.44 -22.29 33.84
N ASN E 615 -46.17 -22.32 33.46
CA ASN E 615 -45.60 -21.29 32.60
C ASN E 615 -45.01 -21.86 31.32
N LEU E 616 -45.22 -23.15 31.06
CA LEU E 616 -44.71 -23.75 29.84
C LEU E 616 -45.42 -23.15 28.63
N GLN E 617 -44.67 -22.92 27.56
CA GLN E 617 -45.24 -22.43 26.31
C GLN E 617 -44.95 -23.34 25.13
N GLU E 618 -43.75 -23.89 25.03
CA GLU E 618 -43.36 -24.73 23.91
C GLU E 618 -42.95 -26.09 24.45
N ILE E 619 -43.66 -27.13 24.05
CA ILE E 619 -43.39 -28.50 24.48
C ILE E 619 -43.07 -29.32 23.25
N ASP E 620 -42.03 -30.15 23.34
CA ASP E 620 -41.58 -30.95 22.21
C ASP E 620 -41.34 -32.38 22.68
N LEU E 621 -42.06 -33.32 22.08
CA LEU E 621 -41.85 -34.75 22.32
C LEU E 621 -41.55 -35.37 20.96
N LYS E 622 -40.27 -35.55 20.67
CA LYS E 622 -39.82 -36.05 19.37
C LYS E 622 -39.17 -37.42 19.55
N ASP E 623 -39.62 -38.38 18.75
CA ASP E 623 -39.05 -39.72 18.71
C ASP E 623 -39.08 -40.39 20.08
N ASN E 624 -40.30 -40.60 20.59
CA ASN E 624 -40.47 -41.20 21.90
C ASN E 624 -41.50 -42.33 21.91
N ASN E 625 -41.89 -42.84 20.74
CA ASN E 625 -42.77 -44.01 20.63
C ASN E 625 -44.09 -43.78 21.36
N LEU E 626 -44.74 -42.66 21.05
CA LEU E 626 -46.06 -42.38 21.60
C LEU E 626 -47.11 -43.11 20.78
N LYS E 627 -47.85 -44.00 21.42
CA LYS E 627 -48.88 -44.77 20.72
C LYS E 627 -50.24 -44.10 20.85
N THR E 628 -50.72 -43.93 22.08
CA THR E 628 -51.96 -43.21 22.37
C THR E 628 -51.64 -42.01 23.23
N ILE E 629 -52.16 -40.85 22.86
CA ILE E 629 -51.72 -39.59 23.44
C ILE E 629 -52.89 -38.81 24.04
N GLU E 630 -53.90 -39.52 24.54
CA GLU E 630 -55.10 -38.85 25.05
C GLU E 630 -54.77 -37.82 26.13
N GLU E 631 -53.70 -38.05 26.88
CA GLU E 631 -53.36 -37.20 28.02
C GLU E 631 -53.17 -35.74 27.63
N ILE E 632 -53.08 -35.45 26.33
CA ILE E 632 -52.96 -34.08 25.86
C ILE E 632 -54.16 -33.22 26.28
N ILE E 633 -55.28 -33.85 26.65
CA ILE E 633 -56.39 -33.07 27.20
C ILE E 633 -55.93 -32.25 28.40
N SER E 634 -55.00 -32.78 29.19
CA SER E 634 -54.53 -32.06 30.36
C SER E 634 -53.94 -30.70 29.99
N PHE E 635 -53.50 -30.54 28.75
CA PHE E 635 -52.93 -29.26 28.32
C PHE E 635 -53.94 -28.13 28.42
N GLN E 636 -55.24 -28.41 28.47
CA GLN E 636 -56.21 -27.33 28.61
C GLN E 636 -56.02 -26.60 29.93
N HIS E 637 -55.40 -27.26 30.91
CA HIS E 637 -55.06 -26.56 32.15
C HIS E 637 -54.03 -25.46 31.91
N LEU E 638 -53.06 -25.72 31.04
CA LEU E 638 -52.06 -24.72 30.73
C LEU E 638 -52.68 -23.58 29.93
N HIS E 639 -52.04 -22.40 30.03
CA HIS E 639 -52.54 -21.21 29.37
C HIS E 639 -51.47 -20.45 28.58
N ARG E 640 -50.19 -20.70 28.84
CA ARG E 640 -49.12 -20.06 28.07
C ARG E 640 -48.71 -20.89 26.86
N LEU E 641 -49.30 -22.05 26.67
CA LEU E 641 -48.87 -22.95 25.60
C LEU E 641 -49.18 -22.34 24.24
N THR E 642 -48.21 -22.43 23.33
CA THR E 642 -48.38 -21.92 21.97
C THR E 642 -47.91 -22.88 20.90
N CYS E 643 -47.15 -23.92 21.25
CA CYS E 643 -46.62 -24.84 20.24
C CYS E 643 -46.51 -26.22 20.85
N LEU E 644 -47.21 -27.18 20.25
CA LEU E 644 -47.14 -28.59 20.63
C LEU E 644 -46.41 -29.33 19.52
N LYS E 645 -45.29 -29.97 19.87
CA LYS E 645 -44.44 -30.60 18.88
C LYS E 645 -44.41 -32.11 19.11
N LEU E 646 -44.72 -32.87 18.06
CA LEU E 646 -44.72 -34.33 18.04
C LEU E 646 -44.02 -34.82 16.78
N TRP E 647 -42.79 -34.33 16.57
CA TRP E 647 -42.10 -34.49 15.30
C TRP E 647 -42.08 -35.93 14.81
N TYR E 648 -41.84 -36.88 15.71
CA TYR E 648 -41.81 -38.29 15.32
C TYR E 648 -42.39 -39.13 16.46
N ASN E 649 -43.32 -40.00 16.11
CA ASN E 649 -43.94 -40.92 17.06
C ASN E 649 -44.69 -41.98 16.25
N HIS E 650 -45.48 -42.79 16.95
CA HIS E 650 -46.32 -43.79 16.31
C HIS E 650 -47.78 -43.61 16.72
N ILE E 651 -48.23 -42.36 16.78
CA ILE E 651 -49.61 -42.07 17.12
C ILE E 651 -50.52 -42.56 16.00
N ALA E 652 -51.57 -43.29 16.38
CA ALA E 652 -52.51 -43.85 15.41
C ALA E 652 -53.77 -43.01 15.28
N TYR E 653 -54.47 -42.80 16.40
CA TYR E 653 -55.73 -42.06 16.40
C TYR E 653 -55.54 -40.76 17.19
N ILE E 654 -55.90 -39.65 16.57
CA ILE E 654 -55.77 -38.35 17.21
C ILE E 654 -56.94 -38.12 18.14
N PRO E 655 -56.69 -37.81 19.42
CA PRO E 655 -57.80 -37.63 20.37
C PRO E 655 -58.69 -36.47 19.98
N ILE E 656 -60.00 -36.67 20.17
CA ILE E 656 -60.97 -35.61 19.92
C ILE E 656 -60.83 -34.48 20.93
N GLN E 657 -60.33 -34.78 22.11
CA GLN E 657 -60.20 -33.80 23.18
C GLN E 657 -59.29 -32.63 22.83
N ILE E 658 -58.63 -32.66 21.67
CA ILE E 658 -57.92 -31.49 21.18
C ILE E 658 -58.85 -30.31 21.04
N GLY E 659 -60.14 -30.57 20.78
CA GLY E 659 -61.10 -29.49 20.62
C GLY E 659 -61.13 -28.54 21.80
N ASN E 660 -60.88 -29.05 23.00
CA ASN E 660 -60.83 -28.19 24.18
C ASN E 660 -59.65 -27.24 24.12
N LEU E 661 -58.52 -27.69 23.57
CA LEU E 661 -57.35 -26.83 23.43
C LEU E 661 -57.65 -25.68 22.49
N THR E 662 -57.30 -24.47 22.92
CA THR E 662 -57.63 -23.28 22.15
C THR E 662 -56.41 -22.42 21.83
N ASN E 663 -55.50 -22.28 22.80
CA ASN E 663 -54.41 -21.33 22.70
C ASN E 663 -53.23 -21.85 21.88
N LEU E 664 -53.19 -23.13 21.55
CA LEU E 664 -52.08 -23.68 20.77
C LEU E 664 -52.09 -23.10 19.37
N GLU E 665 -50.91 -22.96 18.79
CA GLU E 665 -50.81 -22.34 17.48
C GLU E 665 -50.02 -23.15 16.45
N ARG E 666 -48.93 -23.78 16.85
CA ARG E 666 -47.98 -24.31 15.87
C ARG E 666 -47.79 -25.81 16.01
N LEU E 667 -48.88 -26.55 16.07
CA LEU E 667 -48.79 -28.00 16.20
C LEU E 667 -48.00 -28.60 15.04
N TYR E 668 -47.01 -29.42 15.38
CA TYR E 668 -46.15 -30.11 14.42
C TYR E 668 -46.18 -31.60 14.76
N LEU E 669 -47.17 -32.32 14.26
CA LEU E 669 -47.34 -33.73 14.56
C LEU E 669 -47.06 -34.62 13.35
N ASN E 670 -46.19 -34.16 12.46
CA ASN E 670 -45.83 -34.92 11.27
C ASN E 670 -45.17 -36.24 11.65
N ARG E 671 -44.96 -37.08 10.64
CA ARG E 671 -44.26 -38.35 10.79
C ARG E 671 -44.92 -39.22 11.85
N ASN E 672 -46.18 -39.56 11.58
CA ASN E 672 -46.95 -40.37 12.51
C ASN E 672 -47.95 -41.22 11.73
N LYS E 673 -48.40 -42.30 12.36
CA LYS E 673 -49.30 -43.25 11.73
C LYS E 673 -50.75 -42.76 11.85
N ILE E 674 -50.99 -41.56 11.32
CA ILE E 674 -52.28 -40.91 11.42
C ILE E 674 -53.09 -41.26 10.17
N GLU E 675 -54.20 -41.97 10.37
CA GLU E 675 -55.04 -42.35 9.25
C GLU E 675 -55.94 -41.20 8.83
N LYS E 676 -56.53 -40.50 9.78
CA LYS E 676 -57.50 -39.45 9.47
C LYS E 676 -57.44 -38.36 10.54
N ILE E 677 -57.92 -37.19 10.16
CA ILE E 677 -57.97 -36.03 11.05
C ILE E 677 -59.42 -35.70 11.34
N PRO E 678 -59.82 -35.60 12.61
CA PRO E 678 -61.19 -35.20 12.94
C PRO E 678 -61.34 -33.69 12.96
N THR E 679 -62.59 -33.25 12.95
CA THR E 679 -62.94 -31.84 13.09
C THR E 679 -62.55 -31.27 14.45
N GLN E 680 -62.22 -32.14 15.40
CA GLN E 680 -61.96 -31.69 16.76
C GLN E 680 -60.72 -30.83 16.82
N LEU E 681 -59.68 -31.18 16.05
CA LEU E 681 -58.54 -30.29 15.90
C LEU E 681 -58.99 -28.94 15.33
N PHE E 682 -59.99 -28.96 14.45
CA PHE E 682 -60.41 -27.74 13.78
C PHE E 682 -61.33 -26.87 14.62
N TYR E 683 -61.88 -27.39 15.72
CA TYR E 683 -62.58 -26.48 16.63
C TYR E 683 -61.65 -25.40 17.17
N CYS E 684 -60.35 -25.66 17.18
CA CYS E 684 -59.39 -24.61 17.52
C CYS E 684 -59.36 -23.55 16.43
N ARG E 685 -59.14 -22.29 16.83
CA ARG E 685 -59.15 -21.18 15.91
C ARG E 685 -57.84 -20.40 15.88
N LYS E 686 -56.92 -20.67 16.79
CA LYS E 686 -55.68 -19.92 16.91
C LYS E 686 -54.52 -20.62 16.25
N LEU E 687 -54.78 -21.55 15.32
CA LEU E 687 -53.72 -22.35 14.72
C LEU E 687 -53.00 -21.55 13.66
N ARG E 688 -51.72 -21.29 13.89
CA ARG E 688 -50.85 -20.60 12.94
C ARG E 688 -50.16 -21.58 11.99
N TYR E 689 -49.48 -22.59 12.53
CA TYR E 689 -48.70 -23.52 11.75
C TYR E 689 -49.25 -24.92 11.94
N LEU E 690 -49.37 -25.67 10.85
CA LEU E 690 -49.84 -27.05 10.92
C LEU E 690 -48.93 -27.94 10.08
N ASP E 691 -48.69 -29.16 10.54
CA ASP E 691 -47.69 -30.05 9.96
C ASP E 691 -48.26 -31.46 9.81
N LEU E 692 -49.44 -31.57 9.22
CA LEU E 692 -50.04 -32.88 8.94
C LEU E 692 -49.38 -33.54 7.74
N SER E 693 -48.10 -33.88 7.89
CA SER E 693 -47.32 -34.44 6.80
C SER E 693 -46.68 -35.76 7.24
N HIS E 694 -46.25 -36.54 6.24
CA HIS E 694 -45.64 -37.85 6.46
C HIS E 694 -46.54 -38.74 7.31
N ASN E 695 -47.82 -38.78 6.95
CA ASN E 695 -48.79 -39.62 7.64
C ASN E 695 -49.59 -40.41 6.62
N ASN E 696 -50.63 -41.10 7.08
CA ASN E 696 -51.49 -41.89 6.21
C ASN E 696 -52.83 -41.21 5.97
N LEU E 697 -52.84 -39.89 5.87
CA LEU E 697 -54.08 -39.17 5.59
C LEU E 697 -54.60 -39.53 4.21
N THR E 698 -55.92 -39.67 4.11
CA THR E 698 -56.57 -40.01 2.86
C THR E 698 -57.32 -38.84 2.24
N PHE E 699 -58.05 -38.08 3.04
CA PHE E 699 -58.82 -36.94 2.55
C PHE E 699 -58.71 -35.81 3.55
N LEU E 700 -58.96 -34.60 3.07
CA LEU E 700 -58.92 -33.40 3.89
C LEU E 700 -60.33 -32.89 4.13
N PRO E 701 -60.80 -32.83 5.37
CA PRO E 701 -62.12 -32.24 5.63
C PRO E 701 -62.14 -30.76 5.27
N ALA E 702 -63.33 -30.29 4.90
CA ALA E 702 -63.48 -28.88 4.53
C ALA E 702 -63.18 -27.94 5.69
N ASP E 703 -63.17 -28.46 6.91
CA ASP E 703 -63.00 -27.62 8.10
C ASP E 703 -61.62 -26.97 8.18
N ILE E 704 -60.67 -27.40 7.35
CA ILE E 704 -59.42 -26.65 7.25
C ILE E 704 -59.70 -25.23 6.82
N GLY E 705 -60.58 -25.06 5.84
CA GLY E 705 -61.02 -23.72 5.47
C GLY E 705 -61.73 -23.00 6.60
N LEU E 706 -62.32 -23.74 7.54
CA LEU E 706 -62.92 -23.12 8.70
C LEU E 706 -61.87 -22.37 9.53
N LEU E 707 -60.67 -22.92 9.63
CA LEU E 707 -59.56 -22.20 10.24
C LEU E 707 -59.28 -20.92 9.46
N GLN E 708 -59.15 -19.81 10.18
CA GLN E 708 -58.95 -18.51 9.56
C GLN E 708 -57.68 -17.84 10.05
N ASN E 709 -56.77 -18.59 10.66
CA ASN E 709 -55.50 -18.05 11.12
C ASN E 709 -54.31 -18.85 10.63
N LEU E 710 -54.51 -19.79 9.72
CA LEU E 710 -53.43 -20.62 9.21
C LEU E 710 -52.48 -19.80 8.34
N GLN E 711 -51.19 -20.10 8.47
CA GLN E 711 -50.16 -19.49 7.63
C GLN E 711 -49.44 -20.52 6.76
N ASN E 712 -48.93 -21.58 7.38
CA ASN E 712 -48.17 -22.61 6.67
C ASN E 712 -48.78 -23.98 6.93
N LEU E 713 -48.98 -24.73 5.85
CA LEU E 713 -49.59 -26.05 5.91
C LEU E 713 -48.74 -27.01 5.10
N ALA E 714 -48.79 -28.29 5.46
CA ALA E 714 -47.97 -29.31 4.80
C ALA E 714 -48.66 -30.65 4.94
N ILE E 715 -49.01 -31.27 3.81
CA ILE E 715 -49.68 -32.56 3.83
C ILE E 715 -48.82 -33.50 3.00
N THR E 716 -47.51 -33.26 3.02
CA THR E 716 -46.61 -34.01 2.16
C THR E 716 -46.62 -35.49 2.54
N ALA E 717 -46.28 -36.32 1.54
CA ALA E 717 -46.19 -37.77 1.72
C ALA E 717 -47.48 -38.36 2.29
N ASN E 718 -48.61 -37.84 1.83
CA ASN E 718 -49.91 -38.32 2.28
C ASN E 718 -50.76 -38.73 1.08
N ARG E 719 -51.62 -39.72 1.30
CA ARG E 719 -52.47 -40.27 0.25
C ARG E 719 -53.71 -39.40 0.02
N ILE E 720 -53.46 -38.17 -0.41
CA ILE E 720 -54.52 -37.19 -0.60
C ILE E 720 -55.01 -37.30 -2.04
N GLU E 721 -56.15 -37.96 -2.22
CA GLU E 721 -56.71 -38.11 -3.56
C GLU E 721 -57.25 -36.79 -4.11
N THR E 722 -57.95 -36.02 -3.27
CA THR E 722 -58.59 -34.79 -3.70
C THR E 722 -58.38 -33.71 -2.67
N LEU E 723 -58.08 -32.50 -3.13
CA LEU E 723 -57.93 -31.36 -2.25
C LEU E 723 -59.24 -30.58 -2.20
N PRO E 724 -59.86 -30.44 -1.05
CA PRO E 724 -61.15 -29.75 -0.96
C PRO E 724 -61.00 -28.28 -1.29
N PRO E 725 -61.90 -27.72 -2.11
CA PRO E 725 -61.82 -26.29 -2.41
C PRO E 725 -62.02 -25.41 -1.19
N GLU E 726 -62.69 -25.92 -0.16
CA GLU E 726 -62.99 -25.10 1.00
C GLU E 726 -61.74 -24.71 1.76
N LEU E 727 -60.68 -25.52 1.68
CA LEU E 727 -59.41 -25.14 2.26
C LEU E 727 -58.95 -23.79 1.73
N PHE E 728 -59.27 -23.49 0.49
CA PHE E 728 -58.84 -22.28 -0.19
C PHE E 728 -59.57 -21.05 0.33
N GLN E 729 -60.63 -21.23 1.12
CA GLN E 729 -61.27 -20.09 1.78
C GLN E 729 -60.31 -19.44 2.76
N CYS E 730 -59.51 -20.24 3.46
CA CYS E 730 -58.56 -19.70 4.41
C CYS E 730 -57.52 -18.85 3.71
N ARG E 731 -57.30 -17.65 4.24
CA ARG E 731 -56.36 -16.71 3.67
C ARG E 731 -55.07 -16.70 4.49
N LYS E 732 -54.18 -15.76 4.19
CA LYS E 732 -52.93 -15.59 4.92
C LYS E 732 -52.07 -16.85 4.87
N LEU E 733 -52.15 -17.59 3.77
CA LEU E 733 -51.38 -18.83 3.62
C LEU E 733 -50.07 -18.48 2.94
N ARG E 734 -49.05 -18.14 3.74
CA ARG E 734 -47.77 -17.76 3.19
C ARG E 734 -47.15 -18.90 2.39
N ALA E 735 -47.23 -20.12 2.91
CA ALA E 735 -46.72 -21.28 2.20
C ALA E 735 -47.74 -22.41 2.26
N LEU E 736 -47.59 -23.38 1.37
CA LEU E 736 -48.50 -24.52 1.31
C LEU E 736 -47.74 -25.66 0.65
N HIS E 737 -47.37 -26.67 1.44
CA HIS E 737 -46.59 -27.79 0.95
C HIS E 737 -47.52 -28.89 0.46
N LEU E 738 -47.29 -29.36 -0.76
CA LEU E 738 -47.96 -30.53 -1.31
C LEU E 738 -46.91 -31.36 -2.05
N GLY E 739 -46.42 -32.40 -1.39
CA GLY E 739 -45.43 -33.29 -1.99
C GLY E 739 -45.87 -34.74 -1.87
N ASN E 740 -45.47 -35.54 -2.85
CA ASN E 740 -45.69 -36.98 -2.83
C ASN E 740 -47.16 -37.32 -2.61
N ASN E 741 -48.03 -36.57 -3.29
CA ASN E 741 -49.46 -36.74 -3.14
C ASN E 741 -50.00 -37.64 -4.25
N VAL E 742 -51.33 -37.69 -4.37
CA VAL E 742 -51.99 -38.59 -5.31
C VAL E 742 -52.46 -37.74 -6.49
N LEU E 743 -52.90 -38.39 -7.57
CA LEU E 743 -53.49 -37.67 -8.70
C LEU E 743 -54.58 -36.72 -8.20
N GLN E 744 -54.51 -35.48 -8.64
CA GLN E 744 -55.36 -34.42 -8.10
C GLN E 744 -55.71 -33.46 -9.23
N SER E 745 -56.30 -32.33 -8.85
CA SER E 745 -56.64 -31.28 -9.81
C SER E 745 -56.75 -29.97 -9.02
N LEU E 746 -55.78 -29.08 -9.23
CA LEU E 746 -55.73 -27.86 -8.45
C LEU E 746 -56.88 -26.95 -8.83
N PRO E 747 -57.76 -26.58 -7.90
CA PRO E 747 -58.88 -25.72 -8.24
C PRO E 747 -58.43 -24.33 -8.64
N SER E 748 -59.22 -23.70 -9.51
CA SER E 748 -58.96 -22.32 -9.90
C SER E 748 -59.09 -21.36 -8.73
N ARG E 749 -59.74 -21.80 -7.65
CA ARG E 749 -59.92 -20.98 -6.44
C ARG E 749 -58.55 -20.63 -5.84
N VAL E 750 -57.48 -21.19 -6.40
CA VAL E 750 -56.13 -20.77 -6.05
C VAL E 750 -55.98 -19.27 -6.20
N GLY E 751 -56.78 -18.64 -7.07
CA GLY E 751 -56.74 -17.19 -7.18
C GLY E 751 -56.95 -16.48 -5.85
N GLU E 752 -57.72 -17.08 -4.96
CA GLU E 752 -57.86 -16.57 -3.60
C GLU E 752 -56.74 -17.09 -2.70
N LEU E 753 -55.51 -16.95 -3.18
CA LEU E 753 -54.30 -17.23 -2.41
C LEU E 753 -53.34 -16.06 -2.55
N THR E 754 -53.86 -14.85 -2.32
CA THR E 754 -53.06 -13.64 -2.50
C THR E 754 -51.83 -13.63 -1.62
N ASN E 755 -51.89 -14.30 -0.47
CA ASN E 755 -50.77 -14.32 0.46
C ASN E 755 -49.79 -15.46 0.18
N LEU E 756 -50.05 -16.29 -0.83
CA LEU E 756 -49.15 -17.38 -1.14
C LEU E 756 -47.82 -16.82 -1.62
N THR E 757 -46.73 -17.42 -1.13
CA THR E 757 -45.39 -17.02 -1.54
C THR E 757 -44.59 -18.23 -2.01
N GLN E 758 -44.89 -19.40 -1.45
CA GLN E 758 -44.15 -20.62 -1.79
C GLN E 758 -45.13 -21.79 -1.77
N ILE E 759 -44.90 -22.75 -2.68
CA ILE E 759 -45.79 -23.90 -2.78
C ILE E 759 -45.08 -24.98 -3.59
N GLU E 760 -45.31 -26.24 -3.21
CA GLU E 760 -44.76 -27.39 -3.91
C GLU E 760 -45.89 -28.22 -4.50
N LEU E 761 -45.66 -28.79 -5.68
CA LEU E 761 -46.62 -29.64 -6.37
C LEU E 761 -45.93 -30.87 -6.92
N ARG E 762 -45.05 -31.48 -6.14
CA ARG E 762 -44.28 -32.62 -6.60
C ARG E 762 -44.88 -33.93 -6.11
N GLY E 763 -44.43 -35.02 -6.72
CA GLY E 763 -44.82 -36.35 -6.30
C GLY E 763 -46.29 -36.69 -6.42
N ASN E 764 -47.06 -35.89 -7.17
CA ASN E 764 -48.48 -36.12 -7.35
C ASN E 764 -48.81 -36.05 -8.83
N ARG E 765 -49.76 -36.90 -9.26
CA ARG E 765 -50.06 -37.05 -10.68
C ARG E 765 -50.92 -35.87 -11.12
N LEU E 766 -50.29 -34.85 -11.68
CA LEU E 766 -50.98 -33.67 -12.17
C LEU E 766 -50.61 -33.43 -13.62
N GLU E 767 -51.54 -32.84 -14.37
CA GLU E 767 -51.33 -32.63 -15.80
C GLU E 767 -51.63 -31.22 -16.29
N CYS E 768 -52.43 -30.44 -15.57
CA CYS E 768 -52.84 -29.11 -16.06
C CYS E 768 -52.89 -28.16 -14.87
N LEU E 769 -51.83 -27.38 -14.68
CA LEU E 769 -51.82 -26.38 -13.63
C LEU E 769 -52.68 -25.20 -14.04
N PRO E 770 -53.62 -24.75 -13.20
CA PRO E 770 -54.53 -23.68 -13.61
C PRO E 770 -53.79 -22.37 -13.85
N VAL E 771 -54.34 -21.58 -14.78
CA VAL E 771 -53.77 -20.28 -15.11
C VAL E 771 -53.80 -19.34 -13.91
N GLU E 772 -54.79 -19.50 -13.03
CA GLU E 772 -54.91 -18.66 -11.85
C GLU E 772 -53.69 -18.73 -10.94
N LEU E 773 -52.78 -19.68 -11.18
CA LEU E 773 -51.51 -19.69 -10.46
C LEU E 773 -50.77 -18.37 -10.66
N GLY E 774 -50.75 -17.87 -11.90
CA GLY E 774 -50.17 -16.56 -12.15
C GLY E 774 -50.90 -15.43 -11.45
N GLU E 775 -52.14 -15.66 -11.05
CA GLU E 775 -52.89 -14.67 -10.28
C GLU E 775 -52.21 -14.36 -8.96
N CYS E 776 -51.47 -15.30 -8.39
CA CYS E 776 -50.79 -15.06 -7.13
C CYS E 776 -49.77 -13.93 -7.30
N PRO E 777 -49.78 -12.92 -6.43
CA PRO E 777 -48.89 -11.78 -6.64
C PRO E 777 -47.48 -11.97 -6.08
N LEU E 778 -47.27 -12.93 -5.20
CA LEU E 778 -45.97 -13.12 -4.56
C LEU E 778 -45.39 -14.49 -4.89
N LEU E 779 -45.68 -15.01 -6.07
CA LEU E 779 -45.29 -16.35 -6.45
C LEU E 779 -44.09 -16.27 -7.40
N LYS E 780 -43.01 -16.96 -7.05
CA LYS E 780 -41.77 -16.91 -7.78
C LYS E 780 -41.56 -18.20 -8.55
N ARG E 781 -40.78 -18.12 -9.64
CA ARG E 781 -40.41 -19.32 -10.39
C ARG E 781 -39.75 -20.35 -9.49
N SER E 782 -38.78 -19.92 -8.69
CA SER E 782 -38.20 -20.83 -7.71
C SER E 782 -39.15 -21.12 -6.57
N GLY E 783 -40.05 -20.18 -6.25
CA GLY E 783 -40.98 -20.39 -5.18
C GLY E 783 -41.90 -21.58 -5.42
N LEU E 784 -42.42 -21.70 -6.64
CA LEU E 784 -43.30 -22.81 -6.99
C LEU E 784 -42.44 -23.97 -7.45
N VAL E 785 -42.42 -25.04 -6.68
CA VAL E 785 -41.58 -26.20 -6.95
C VAL E 785 -42.46 -27.25 -7.62
N VAL E 786 -42.38 -27.33 -8.95
CA VAL E 786 -43.14 -28.30 -9.71
C VAL E 786 -42.20 -28.94 -10.72
N GLU E 787 -42.60 -30.11 -11.21
CA GLU E 787 -41.87 -30.77 -12.27
C GLU E 787 -41.85 -29.89 -13.52
N GLU E 788 -40.80 -30.05 -14.32
CA GLU E 788 -40.57 -29.15 -15.45
C GLU E 788 -41.70 -29.24 -16.48
N ASP E 789 -42.20 -30.45 -16.73
CA ASP E 789 -43.25 -30.61 -17.73
C ASP E 789 -44.53 -29.89 -17.32
N LEU E 790 -44.93 -30.03 -16.05
CA LEU E 790 -46.08 -29.28 -15.57
C LEU E 790 -45.82 -27.78 -15.63
N PHE E 791 -44.60 -27.37 -15.32
CA PHE E 791 -44.20 -25.98 -15.57
C PHE E 791 -44.40 -25.60 -17.03
N ASN E 792 -44.22 -26.54 -17.94
CA ASN E 792 -44.37 -26.27 -19.36
C ASN E 792 -45.83 -26.15 -19.76
N THR E 793 -46.72 -26.90 -19.09
CA THR E 793 -48.13 -26.88 -19.47
C THR E 793 -48.75 -25.51 -19.26
N LEU E 794 -48.10 -24.63 -18.52
CA LEU E 794 -48.62 -23.29 -18.29
C LEU E 794 -48.57 -22.47 -19.57
N PRO E 795 -49.42 -21.46 -19.69
CA PRO E 795 -49.33 -20.56 -20.84
C PRO E 795 -47.98 -19.88 -20.89
N PRO E 796 -47.42 -19.70 -22.10
CA PRO E 796 -46.06 -19.15 -22.19
C PRO E 796 -45.89 -17.79 -21.53
N GLU E 797 -46.88 -16.91 -21.66
CA GLU E 797 -46.77 -15.61 -21.01
C GLU E 797 -46.75 -15.76 -19.50
N VAL E 798 -47.57 -16.66 -18.97
CA VAL E 798 -47.55 -16.94 -17.54
C VAL E 798 -46.20 -17.49 -17.12
N LYS E 799 -45.62 -18.35 -17.95
CA LYS E 799 -44.28 -18.87 -17.68
C LYS E 799 -43.27 -17.74 -17.61
N GLU E 800 -43.36 -16.79 -18.53
CA GLU E 800 -42.49 -15.62 -18.49
C GLU E 800 -42.69 -14.83 -17.21
N ARG E 801 -43.95 -14.63 -16.83
CA ARG E 801 -44.26 -13.87 -15.62
C ARG E 801 -43.64 -14.52 -14.39
N LEU E 802 -43.75 -15.84 -14.31
CA LEU E 802 -43.14 -16.55 -13.19
C LEU E 802 -41.62 -16.46 -13.24
N TRP E 803 -41.05 -16.58 -14.43
CA TRP E 803 -39.60 -16.53 -14.57
C TRP E 803 -39.05 -15.19 -14.13
N ARG E 804 -39.68 -14.08 -14.55
CA ARG E 804 -39.15 -12.76 -14.23
C ARG E 804 -39.26 -12.47 -12.75
N ALA E 805 -40.14 -13.19 -12.06
CA ALA E 805 -40.35 -12.97 -10.63
C ALA E 805 -39.10 -13.31 -9.82
N ALA F 16 47.83 -7.98 -8.54
CA ALA F 16 48.46 -6.89 -7.83
C ALA F 16 49.66 -6.35 -8.61
N TYR F 17 50.85 -6.83 -8.26
CA TYR F 17 52.06 -6.45 -8.97
C TYR F 17 52.26 -7.22 -10.26
N ARG F 18 51.49 -8.29 -10.47
CA ARG F 18 51.67 -9.12 -11.66
C ARG F 18 51.37 -8.33 -12.93
N ILE F 19 50.32 -7.51 -12.91
CA ILE F 19 49.97 -6.71 -14.08
C ILE F 19 51.03 -5.65 -14.33
N LEU F 20 51.60 -5.09 -13.25
CA LEU F 20 52.58 -4.02 -13.41
C LEU F 20 53.85 -4.52 -14.11
N LYS F 21 54.26 -5.75 -13.82
CA LYS F 21 55.49 -6.28 -14.39
C LYS F 21 55.33 -6.53 -15.89
N PRO F 22 56.14 -5.91 -16.73
CA PRO F 22 56.11 -6.23 -18.16
C PRO F 22 56.88 -7.53 -18.42
N TRP F 23 57.01 -7.88 -19.70
CA TRP F 23 57.69 -9.12 -20.04
C TRP F 23 59.17 -9.06 -19.68
N TRP F 24 59.80 -7.90 -19.87
CA TRP F 24 61.23 -7.80 -19.57
C TRP F 24 61.50 -7.97 -18.08
N ASP F 25 60.58 -7.46 -17.25
CA ASP F 25 60.73 -7.61 -15.78
C ASP F 25 60.63 -9.10 -15.42
N VAL F 26 59.69 -9.82 -16.02
CA VAL F 26 59.54 -11.23 -15.74
C VAL F 26 60.78 -12.00 -16.17
N PHE F 27 61.30 -11.69 -17.36
CA PHE F 27 62.50 -12.36 -17.86
C PHE F 27 63.68 -12.10 -16.94
N THR F 28 63.87 -10.84 -16.52
CA THR F 28 64.99 -10.51 -15.64
C THR F 28 64.83 -11.18 -14.28
N ASP F 29 63.60 -11.26 -13.78
CA ASP F 29 63.39 -11.94 -12.50
C ASP F 29 63.75 -13.41 -12.59
N TYR F 30 63.33 -14.08 -13.66
CA TYR F 30 63.68 -15.50 -13.83
C TYR F 30 65.18 -15.67 -14.00
N ILE F 31 65.82 -14.78 -14.75
CA ILE F 31 67.28 -14.82 -14.88
C ILE F 31 67.93 -14.68 -13.52
N SER F 32 67.44 -13.75 -12.69
CA SER F 32 67.99 -13.56 -11.36
C SER F 32 67.81 -14.80 -10.50
N ILE F 33 66.68 -15.49 -10.64
CA ILE F 33 66.50 -16.76 -9.93
C ILE F 33 67.55 -17.77 -10.36
N VAL F 34 67.82 -17.84 -11.66
CA VAL F 34 68.83 -18.79 -12.16
C VAL F 34 70.21 -18.43 -11.61
N MET F 35 70.55 -17.13 -11.59
CA MET F 35 71.84 -16.73 -11.03
C MET F 35 71.91 -16.98 -9.53
N LEU F 36 70.78 -16.87 -8.83
CA LEU F 36 70.76 -17.25 -7.41
C LEU F 36 71.04 -18.73 -7.24
N MET F 37 70.47 -19.57 -8.11
CA MET F 37 70.79 -20.99 -8.08
C MET F 37 72.27 -21.23 -8.33
N ILE F 38 72.84 -20.50 -9.30
CA ILE F 38 74.27 -20.60 -9.57
C ILE F 38 75.07 -20.23 -8.33
N ALA F 39 74.69 -19.14 -7.67
CA ALA F 39 75.41 -18.68 -6.49
C ALA F 39 75.34 -19.71 -5.37
N VAL F 40 74.17 -20.30 -5.16
CA VAL F 40 74.01 -21.30 -4.10
C VAL F 40 74.89 -22.51 -4.40
N PHE F 41 74.86 -23.00 -5.65
CA PHE F 41 75.66 -24.15 -6.02
C PHE F 41 77.15 -23.86 -5.84
N GLY F 42 77.61 -22.72 -6.34
CA GLY F 42 79.01 -22.36 -6.18
C GLY F 42 79.41 -22.22 -4.73
N GLY F 43 78.54 -21.62 -3.92
CA GLY F 43 78.87 -21.43 -2.52
C GLY F 43 79.00 -22.75 -1.78
N THR F 44 78.03 -23.66 -1.98
CA THR F 44 78.12 -24.93 -1.28
C THR F 44 79.31 -25.74 -1.76
N LEU F 45 79.60 -25.72 -3.06
CA LEU F 45 80.78 -26.43 -3.56
C LEU F 45 82.06 -25.86 -2.97
N GLN F 46 82.20 -24.53 -2.97
CA GLN F 46 83.41 -23.89 -2.50
C GLN F 46 83.52 -23.98 -0.98
N VAL F 47 82.42 -24.31 -0.30
CA VAL F 47 82.47 -24.52 1.14
C VAL F 47 82.80 -25.95 1.51
N THR F 48 82.33 -26.93 0.75
CA THR F 48 82.45 -28.34 1.13
C THR F 48 83.53 -29.12 0.40
N GLN F 49 83.76 -28.93 -0.91
CA GLN F 49 84.93 -29.56 -1.50
C GLN F 49 85.82 -28.56 -2.24
N ASP F 50 86.17 -27.44 -1.62
CA ASP F 50 87.20 -26.56 -2.18
C ASP F 50 88.48 -26.77 -1.39
N LYS F 51 89.47 -27.35 -2.07
CA LYS F 51 90.77 -27.62 -1.43
C LYS F 51 91.82 -27.75 -2.53
N MET F 52 93.04 -27.30 -2.25
CA MET F 52 94.14 -27.43 -3.23
C MET F 52 95.00 -28.62 -2.83
N ILE F 53 95.39 -29.45 -3.78
CA ILE F 53 96.25 -30.61 -3.55
C ILE F 53 97.62 -30.26 -4.11
N CYS F 54 98.62 -30.15 -3.23
CA CYS F 54 99.94 -29.67 -3.62
C CYS F 54 100.99 -30.74 -3.35
N LEU F 55 101.93 -30.88 -4.28
CA LEU F 55 103.04 -31.80 -4.17
C LEU F 55 104.36 -31.06 -4.39
N PRO F 56 105.37 -31.31 -3.57
CA PRO F 56 106.66 -30.64 -3.75
C PRO F 56 107.30 -31.01 -5.07
N CYS F 57 108.06 -30.07 -5.63
CA CYS F 57 108.81 -30.29 -6.86
C CYS F 57 110.28 -30.42 -6.48
N LYS F 58 110.85 -31.61 -6.68
CA LYS F 58 112.21 -31.87 -6.23
C LYS F 58 113.23 -31.12 -7.08
N TRP F 59 113.08 -31.16 -8.40
CA TRP F 59 113.98 -30.47 -9.31
C TRP F 59 113.24 -29.27 -9.90
N VAL F 60 113.76 -28.08 -9.66
CA VAL F 60 113.17 -26.85 -10.17
C VAL F 60 114.25 -26.06 -10.91
N THR F 61 113.81 -25.33 -11.94
CA THR F 61 114.69 -24.45 -12.71
C THR F 61 113.93 -23.16 -12.97
N LYS F 62 114.48 -22.05 -12.49
CA LYS F 62 113.83 -20.74 -12.58
C LYS F 62 112.41 -20.82 -12.00
N ASP F 63 112.33 -21.32 -10.77
CA ASP F 63 111.06 -21.62 -10.09
C ASP F 63 110.35 -22.66 -10.96
N SER F 64 109.05 -22.55 -11.19
CA SER F 64 108.25 -23.49 -11.97
C SER F 64 108.54 -24.92 -11.48
N CYS F 65 108.48 -25.90 -12.38
CA CYS F 65 108.76 -27.30 -12.03
C CYS F 65 109.38 -27.97 -13.26
N ASN F 66 110.70 -28.13 -13.24
CA ASN F 66 111.39 -28.79 -14.34
C ASN F 66 110.99 -30.26 -14.38
N ASP F 67 110.65 -30.74 -15.58
CA ASP F 67 110.21 -32.13 -15.77
C ASP F 67 111.38 -32.93 -16.31
N SER F 68 112.14 -33.53 -15.41
CA SER F 68 113.29 -34.36 -15.80
C SER F 68 113.37 -35.61 -14.93
N THR F 92 114.26 -52.92 -11.99
CA THR F 92 114.48 -51.74 -12.83
C THR F 92 113.17 -51.02 -13.10
N GLY F 93 112.09 -51.50 -12.48
CA GLY F 93 110.79 -50.90 -12.67
C GLY F 93 110.68 -49.55 -11.98
N PRO F 94 109.65 -48.78 -12.33
CA PRO F 94 109.47 -47.47 -11.70
C PRO F 94 109.15 -47.60 -10.22
N THR F 95 109.59 -46.61 -9.45
CA THR F 95 109.32 -46.54 -8.02
C THR F 95 108.82 -45.15 -7.68
N GLY F 96 107.96 -45.09 -6.66
CA GLY F 96 107.40 -43.81 -6.26
C GLY F 96 108.44 -42.88 -5.68
N ILE F 97 108.20 -41.59 -5.83
CA ILE F 97 109.10 -40.56 -5.31
C ILE F 97 108.79 -40.36 -3.83
N LYS F 98 109.84 -40.42 -3.00
CA LYS F 98 109.69 -40.26 -1.56
C LYS F 98 109.96 -38.80 -1.19
N TYR F 99 108.93 -38.10 -0.74
CA TYR F 99 109.04 -36.70 -0.39
C TYR F 99 109.32 -36.48 1.09
N ASP F 100 109.21 -37.52 1.92
CA ASP F 100 109.51 -37.43 3.35
C ASP F 100 108.69 -36.36 4.04
N LEU F 101 107.43 -36.23 3.65
CA LEU F 101 106.50 -35.29 4.25
C LEU F 101 105.33 -36.04 4.84
N ASP F 102 104.99 -35.72 6.10
CA ASP F 102 103.83 -36.33 6.73
C ASP F 102 102.56 -35.62 6.28
N ARG F 103 101.42 -36.14 6.74
CA ARG F 103 100.13 -35.62 6.27
C ARG F 103 99.93 -34.16 6.67
N HIS F 104 100.35 -33.79 7.88
CA HIS F 104 100.09 -32.44 8.35
C HIS F 104 100.91 -31.40 7.60
N GLN F 105 102.14 -31.75 7.20
CA GLN F 105 102.91 -30.84 6.37
C GLN F 105 102.23 -30.63 5.02
N TYR F 106 101.66 -31.70 4.46
CA TYR F 106 100.90 -31.56 3.23
C TYR F 106 99.71 -30.64 3.41
N ASN F 107 98.99 -30.80 4.53
CA ASN F 107 97.85 -29.91 4.80
C ASN F 107 98.29 -28.47 4.94
N TYR F 108 99.42 -28.24 5.63
CA TYR F 108 99.91 -26.88 5.82
C TYR F 108 100.28 -26.24 4.49
N VAL F 109 101.02 -26.96 3.64
CA VAL F 109 101.40 -26.38 2.36
C VAL F 109 100.17 -26.18 1.48
N ASP F 110 99.19 -27.08 1.57
CA ASP F 110 97.96 -26.89 0.81
C ASP F 110 97.26 -25.61 1.22
N ALA F 111 97.10 -25.39 2.54
CA ALA F 111 96.45 -24.17 3.00
C ALA F 111 97.24 -22.93 2.61
N VAL F 112 98.56 -22.99 2.74
CA VAL F 112 99.39 -21.82 2.45
C VAL F 112 99.31 -21.45 0.98
N CYS F 113 99.48 -22.43 0.09
CA CYS F 113 99.43 -22.13 -1.33
C CYS F 113 98.02 -21.86 -1.81
N TYR F 114 96.99 -22.28 -1.07
CA TYR F 114 95.64 -21.89 -1.39
C TYR F 114 95.37 -20.44 -1.01
N GLU F 115 95.91 -20.01 0.12
CA GLU F 115 95.66 -18.64 0.57
C GLU F 115 96.50 -17.63 -0.21
N ASN F 116 97.74 -18.00 -0.56
CA ASN F 116 98.66 -17.06 -1.17
C ASN F 116 98.68 -17.08 -2.68
N ARG F 117 98.79 -18.26 -3.31
CA ARG F 117 99.02 -18.35 -4.73
C ARG F 117 97.82 -18.93 -5.47
N LEU F 118 96.62 -18.55 -5.03
CA LEU F 118 95.40 -18.86 -5.75
C LEU F 118 94.66 -17.55 -6.02
N HIS F 119 94.21 -17.36 -7.25
CA HIS F 119 93.59 -16.10 -7.62
C HIS F 119 92.31 -15.89 -6.84
N TRP F 120 92.07 -14.62 -6.45
CA TRP F 120 90.92 -14.30 -5.62
C TRP F 120 89.61 -14.61 -6.33
N PHE F 121 89.59 -14.48 -7.67
CA PHE F 121 88.36 -14.78 -8.40
C PHE F 121 87.97 -16.24 -8.26
N ALA F 122 88.95 -17.15 -8.34
CA ALA F 122 88.64 -18.57 -8.20
C ALA F 122 88.12 -18.90 -6.82
N LYS F 123 88.57 -18.18 -5.79
CA LYS F 123 88.17 -18.47 -4.42
C LYS F 123 86.87 -17.77 -4.02
N TYR F 124 86.52 -16.65 -4.66
CA TYR F 124 85.36 -15.88 -4.26
C TYR F 124 84.35 -15.70 -5.38
N PHE F 125 84.41 -16.51 -6.43
CA PHE F 125 83.45 -16.37 -7.53
C PHE F 125 82.00 -16.56 -7.08
N PRO F 126 81.64 -17.59 -6.31
CA PRO F 126 80.25 -17.68 -5.85
C PRO F 126 79.79 -16.51 -5.00
N TYR F 127 80.68 -15.95 -4.20
CA TYR F 127 80.28 -14.81 -3.36
C TYR F 127 80.04 -13.57 -4.18
N LEU F 128 80.88 -13.33 -5.20
CA LEU F 128 80.67 -12.19 -6.08
C LEU F 128 79.37 -12.31 -6.84
N VAL F 129 79.07 -13.51 -7.35
CA VAL F 129 77.82 -13.71 -8.09
C VAL F 129 76.62 -13.58 -7.15
N LEU F 130 76.75 -14.05 -5.92
CA LEU F 130 75.65 -13.88 -4.96
C LEU F 130 75.41 -12.41 -4.67
N LEU F 131 76.48 -11.64 -4.46
CA LEU F 131 76.33 -10.21 -4.20
C LEU F 131 75.71 -9.49 -5.39
N HIS F 132 76.15 -9.83 -6.61
CA HIS F 132 75.61 -9.19 -7.80
C HIS F 132 74.13 -9.53 -7.97
N THR F 133 73.76 -10.79 -7.73
CA THR F 133 72.35 -11.16 -7.86
C THR F 133 71.50 -10.46 -6.81
N LEU F 134 72.02 -10.31 -5.58
CA LEU F 134 71.29 -9.58 -4.56
C LEU F 134 71.11 -8.12 -4.96
N ILE F 135 72.15 -7.50 -5.52
CA ILE F 135 72.03 -6.12 -5.97
C ILE F 135 71.00 -6.01 -7.08
N PHE F 136 71.02 -6.95 -8.03
CA PHE F 136 70.05 -6.92 -9.12
C PHE F 136 68.62 -7.08 -8.60
N LEU F 137 68.40 -7.99 -7.66
CA LEU F 137 67.07 -8.17 -7.10
C LEU F 137 66.61 -6.93 -6.35
N ALA F 138 67.51 -6.33 -5.56
CA ALA F 138 67.14 -5.12 -4.82
C ALA F 138 66.81 -3.98 -5.77
N CYS F 139 67.58 -3.83 -6.84
CA CYS F 139 67.31 -2.79 -7.82
C CYS F 139 66.11 -3.08 -8.70
N SER F 140 65.69 -4.34 -8.78
CA SER F 140 64.47 -4.66 -9.52
C SER F 140 63.22 -4.46 -8.67
N ASN F 141 63.32 -4.69 -7.36
CA ASN F 141 62.18 -4.56 -6.46
C ASN F 141 62.27 -3.34 -5.57
N PHE F 142 63.04 -2.31 -5.96
CA PHE F 142 63.21 -1.15 -5.10
C PHE F 142 61.92 -0.34 -4.98
N TRP F 143 61.24 -0.10 -6.10
CA TRP F 143 60.04 0.73 -6.04
C TRP F 143 58.86 0.02 -5.36
N PHE F 144 58.95 -1.29 -5.15
CA PHE F 144 57.90 -2.01 -4.45
C PHE F 144 58.05 -1.90 -2.93
N LYS F 145 59.11 -1.28 -2.44
CA LYS F 145 59.33 -1.12 -1.02
C LYS F 145 59.51 0.32 -0.57
N PHE F 146 59.91 1.21 -1.47
CA PHE F 146 59.96 2.62 -1.13
C PHE F 146 58.54 3.12 -0.87
N PRO F 147 58.27 3.72 0.30
CA PRO F 147 56.87 3.97 0.68
C PRO F 147 56.09 4.85 -0.29
N ARG F 148 56.70 5.92 -0.82
CA ARG F 148 55.96 6.83 -1.68
C ARG F 148 55.54 6.14 -2.98
N THR F 149 56.50 5.54 -3.67
CA THR F 149 56.19 4.87 -4.94
C THR F 149 55.30 3.66 -4.71
N SER F 150 55.52 2.93 -3.63
CA SER F 150 54.67 1.76 -3.35
C SER F 150 53.23 2.19 -3.09
N SER F 151 53.04 3.26 -2.32
CA SER F 151 51.68 3.74 -2.07
C SER F 151 51.01 4.22 -3.34
N LYS F 152 51.75 4.98 -4.17
CA LYS F 152 51.16 5.44 -5.43
C LYS F 152 50.79 4.26 -6.33
N LEU F 153 51.68 3.26 -6.41
CA LEU F 153 51.41 2.11 -7.25
C LEU F 153 50.21 1.32 -6.74
N GLU F 154 50.08 1.16 -5.42
CA GLU F 154 48.93 0.46 -4.86
C GLU F 154 47.65 1.22 -5.12
N HIS F 155 47.68 2.55 -4.98
CA HIS F 155 46.50 3.36 -5.30
C HIS F 155 46.09 3.19 -6.75
N PHE F 156 47.07 3.24 -7.65
CA PHE F 156 46.77 3.06 -9.07
C PHE F 156 46.22 1.67 -9.35
N VAL F 157 46.79 0.65 -8.72
CA VAL F 157 46.32 -0.71 -8.94
C VAL F 157 44.87 -0.86 -8.49
N SER F 158 44.55 -0.31 -7.31
CA SER F 158 43.19 -0.40 -6.80
C SER F 158 42.23 0.35 -7.71
N ILE F 159 42.62 1.54 -8.17
CA ILE F 159 41.75 2.32 -9.05
C ILE F 159 41.50 1.57 -10.35
N LEU F 160 42.56 1.01 -10.95
CA LEU F 160 42.41 0.28 -12.20
C LEU F 160 41.54 -0.95 -12.03
N LEU F 161 41.74 -1.70 -10.94
CA LEU F 161 40.95 -2.91 -10.72
C LEU F 161 39.48 -2.57 -10.49
N LYS F 162 39.24 -1.48 -9.77
CA LYS F 162 37.84 -1.07 -9.50
C LYS F 162 37.18 -0.64 -10.81
N CYS F 163 37.83 0.26 -11.56
CA CYS F 163 37.24 0.80 -12.77
C CYS F 163 37.11 -0.29 -13.84
N PHE F 164 37.94 -1.33 -13.75
CA PHE F 164 37.91 -2.41 -14.72
C PHE F 164 36.70 -3.31 -14.52
N ASP F 165 36.17 -3.34 -13.30
CA ASP F 165 35.01 -4.21 -12.98
C ASP F 165 33.74 -3.36 -12.94
N SER F 166 33.88 -2.04 -13.14
CA SER F 166 32.71 -1.13 -13.08
C SER F 166 31.71 -1.52 -14.18
N PRO F 167 30.41 -1.67 -13.85
CA PRO F 167 29.35 -2.01 -14.85
C PRO F 167 29.27 -0.90 -15.90
N TRP F 168 29.32 0.36 -15.44
CA TRP F 168 29.11 1.49 -16.39
C TRP F 168 30.20 1.46 -17.46
N THR F 169 31.33 0.80 -17.19
CA THR F 169 32.36 0.68 -18.23
C THR F 169 31.73 0.04 -19.44
N THR F 170 31.11 -1.14 -19.24
CA THR F 170 30.49 -1.87 -20.37
C THR F 170 29.45 -1.00 -21.01
N ARG F 171 28.56 -0.42 -20.19
CA ARG F 171 27.46 0.42 -20.74
C ARG F 171 28.07 1.51 -21.62
N ALA F 172 29.11 2.18 -21.12
CA ALA F 172 29.76 3.26 -21.89
C ALA F 172 30.45 2.67 -23.12
N LEU F 173 31.18 1.57 -22.94
CA LEU F 173 31.92 0.96 -24.06
C LEU F 173 30.94 0.62 -25.19
N SER F 174 29.68 0.34 -24.83
CA SER F 174 28.63 0.06 -25.85
C SER F 174 28.17 1.37 -26.49
N VAL F 231 20.51 -0.72 -17.70
CA VAL F 231 21.28 0.38 -18.27
C VAL F 231 22.03 1.12 -17.18
N LEU F 232 21.35 2.03 -16.49
CA LEU F 232 21.96 2.78 -15.39
C LEU F 232 21.78 2.10 -14.04
N ASP F 233 20.71 1.32 -13.89
CA ASP F 233 20.46 0.57 -12.67
C ASP F 233 20.25 1.48 -11.47
N LYS F 234 20.10 0.90 -10.27
CA LYS F 234 19.65 1.67 -9.12
C LYS F 234 20.82 2.21 -8.28
N LYS F 235 21.64 1.32 -7.71
CA LYS F 235 22.74 1.74 -6.84
C LYS F 235 24.10 1.65 -7.52
N GLU F 236 24.19 0.82 -8.55
CA GLU F 236 25.46 0.76 -9.33
C GLU F 236 25.73 2.17 -9.88
N GLY F 237 24.67 2.92 -10.18
CA GLY F 237 24.84 4.28 -10.73
C GLY F 237 25.56 5.18 -9.75
N GLU F 238 25.16 5.16 -8.48
CA GLU F 238 25.77 6.07 -7.48
C GLU F 238 27.21 5.61 -7.16
N GLN F 239 27.43 4.29 -7.07
CA GLN F 239 28.80 3.78 -6.83
C GLN F 239 29.67 4.12 -8.06
N ALA F 240 29.08 4.05 -9.26
CA ALA F 240 29.82 4.44 -10.47
C ALA F 240 30.21 5.91 -10.34
N LYS F 241 29.26 6.76 -9.94
CA LYS F 241 29.55 8.20 -9.75
C LYS F 241 30.73 8.33 -8.77
N ALA F 242 30.66 7.61 -7.66
CA ALA F 242 31.75 7.68 -6.64
C ALA F 242 33.07 7.27 -7.29
N LEU F 243 33.05 6.19 -8.07
CA LEU F 243 34.29 5.71 -8.73
C LEU F 243 34.80 6.81 -9.65
N PHE F 244 33.91 7.42 -10.43
CA PHE F 244 34.32 8.55 -11.30
C PHE F 244 34.97 9.62 -10.43
N GLU F 245 34.31 9.98 -9.33
CA GLU F 245 34.83 11.05 -8.45
C GLU F 245 36.20 10.61 -7.87
N LYS F 246 36.29 9.37 -7.40
CA LYS F 246 37.58 8.87 -6.85
C LYS F 246 38.66 9.05 -7.94
N VAL F 247 38.37 8.62 -9.17
CA VAL F 247 39.34 8.81 -10.29
C VAL F 247 39.80 10.27 -10.25
N LYS F 248 38.87 11.22 -10.09
CA LYS F 248 39.30 12.61 -10.14
C LYS F 248 40.29 12.94 -9.02
N LYS F 249 40.02 12.44 -7.81
CA LYS F 249 40.95 12.68 -6.70
C LYS F 249 42.31 12.05 -6.97
N PHE F 250 42.31 10.82 -7.51
CA PHE F 250 43.57 10.17 -7.85
C PHE F 250 44.34 10.95 -8.91
N ARG F 251 43.62 11.48 -9.90
CA ARG F 251 44.27 12.32 -10.91
C ARG F 251 44.93 13.53 -10.26
N THR F 252 44.19 14.26 -9.43
CA THR F 252 44.75 15.44 -8.79
C THR F 252 45.87 15.08 -7.82
N HIS F 253 45.91 13.83 -7.35
CA HIS F 253 46.92 13.42 -6.38
C HIS F 253 48.21 12.98 -7.05
N VAL F 254 48.13 12.28 -8.17
CA VAL F 254 49.29 11.57 -8.71
C VAL F 254 49.90 12.25 -9.93
N GLU F 255 49.16 13.09 -10.65
CA GLU F 255 49.69 13.64 -11.89
C GLU F 255 50.58 14.86 -11.69
N GLU F 256 50.77 15.29 -10.43
CA GLU F 256 51.55 16.53 -10.20
C GLU F 256 53.05 16.21 -10.12
N GLY F 257 53.40 14.97 -9.78
CA GLY F 257 54.78 14.57 -9.63
C GLY F 257 55.24 13.61 -10.72
N ASP F 258 56.50 13.20 -10.60
CA ASP F 258 57.09 12.22 -11.50
C ASP F 258 58.04 11.27 -10.76
N ILE F 259 57.74 10.97 -9.50
CA ILE F 259 58.66 10.21 -8.68
C ILE F 259 58.82 8.78 -9.20
N VAL F 260 57.73 8.13 -9.60
CA VAL F 260 57.81 6.74 -10.04
C VAL F 260 58.63 6.64 -11.31
N TYR F 261 58.38 7.54 -12.26
CA TYR F 261 59.13 7.52 -13.52
C TYR F 261 60.62 7.76 -13.28
N ARG F 262 60.96 8.72 -12.43
CA ARG F 262 62.36 8.99 -12.14
C ARG F 262 63.01 7.81 -11.43
N LEU F 263 62.28 7.17 -10.52
CA LEU F 263 62.83 6.02 -9.82
C LEU F 263 63.09 4.87 -10.78
N TYR F 264 62.17 4.63 -11.72
CA TYR F 264 62.40 3.57 -12.70
C TYR F 264 63.56 3.92 -13.64
N MET F 265 63.65 5.19 -14.04
CA MET F 265 64.80 5.65 -14.82
C MET F 265 66.12 5.33 -14.11
N ARG F 266 66.22 5.74 -12.85
CA ARG F 266 67.45 5.51 -12.10
C ARG F 266 67.70 4.01 -11.89
N GLN F 267 66.65 3.25 -11.65
CA GLN F 267 66.77 1.81 -11.48
C GLN F 267 67.38 1.17 -12.72
N THR F 268 66.81 1.46 -13.89
CA THR F 268 67.32 0.88 -15.13
C THR F 268 68.74 1.34 -15.41
N ILE F 269 69.03 2.62 -15.17
CA ILE F 269 70.38 3.13 -15.41
C ILE F 269 71.39 2.39 -14.55
N ILE F 270 71.07 2.22 -13.26
CA ILE F 270 72.00 1.58 -12.34
C ILE F 270 72.18 0.12 -12.72
N LYS F 271 71.09 -0.55 -13.13
CA LYS F 271 71.22 -1.95 -13.53
C LYS F 271 72.07 -2.10 -14.77
N VAL F 272 71.93 -1.18 -15.73
CA VAL F 272 72.77 -1.22 -16.94
C VAL F 272 74.23 -1.03 -16.58
N ILE F 273 74.52 -0.06 -15.70
CA ILE F 273 75.89 0.19 -15.28
C ILE F 273 76.47 -1.05 -14.60
N LYS F 274 75.67 -1.68 -13.73
CA LYS F 274 76.13 -2.89 -13.04
C LYS F 274 76.42 -4.01 -14.02
N PHE F 275 75.55 -4.18 -15.03
CA PHE F 275 75.79 -5.22 -16.03
C PHE F 275 77.10 -4.95 -16.79
N ILE F 276 77.33 -3.70 -17.17
CA ILE F 276 78.54 -3.37 -17.92
C ILE F 276 79.77 -3.67 -17.06
N LEU F 277 79.75 -3.22 -15.81
CA LEU F 277 80.89 -3.46 -14.93
C LEU F 277 81.11 -4.95 -14.68
N ILE F 278 80.02 -5.70 -14.51
CA ILE F 278 80.12 -7.12 -14.23
C ILE F 278 80.76 -7.83 -15.42
N ILE F 279 80.30 -7.54 -16.64
CA ILE F 279 80.88 -8.17 -17.81
C ILE F 279 82.35 -7.80 -17.94
N CYS F 280 82.66 -6.51 -17.76
CA CYS F 280 84.04 -6.05 -17.94
C CYS F 280 84.99 -6.72 -16.97
N TYR F 281 84.57 -6.88 -15.71
CA TYR F 281 85.53 -7.42 -14.71
C TYR F 281 85.56 -8.94 -14.79
N THR F 282 84.42 -9.57 -15.13
CA THR F 282 84.40 -11.02 -15.12
C THR F 282 85.08 -11.61 -16.33
N VAL F 283 84.97 -10.98 -17.51
CA VAL F 283 85.64 -11.50 -18.69
C VAL F 283 87.15 -11.43 -18.51
N TYR F 284 87.65 -10.35 -17.90
CA TYR F 284 89.09 -10.18 -17.73
C TYR F 284 89.67 -11.20 -16.76
N TYR F 285 88.97 -11.50 -15.67
CA TYR F 285 89.50 -12.32 -14.60
C TYR F 285 88.94 -13.74 -14.61
N VAL F 286 88.52 -14.23 -15.78
CA VAL F 286 88.00 -15.59 -15.87
C VAL F 286 89.07 -16.58 -16.34
N HIS F 287 90.15 -16.11 -16.95
CA HIS F 287 91.21 -17.00 -17.39
C HIS F 287 92.12 -17.45 -16.25
N ASN F 288 92.00 -16.85 -15.08
CA ASN F 288 92.84 -17.23 -13.95
C ASN F 288 92.29 -18.42 -13.17
N ILE F 289 91.12 -18.94 -13.55
CA ILE F 289 90.60 -20.17 -12.96
C ILE F 289 91.22 -21.33 -13.74
N LYS F 290 92.28 -21.91 -13.17
CA LYS F 290 93.00 -22.98 -13.88
C LYS F 290 93.18 -24.18 -12.95
N PHE F 291 93.37 -25.36 -13.52
CA PHE F 291 93.59 -26.57 -12.73
C PHE F 291 94.99 -26.60 -12.14
N ASP F 292 96.00 -26.56 -13.00
CA ASP F 292 97.38 -26.59 -12.54
C ASP F 292 97.78 -25.20 -12.04
N VAL F 293 98.13 -25.12 -10.76
CA VAL F 293 98.47 -23.84 -10.11
C VAL F 293 99.86 -24.01 -9.50
N ASP F 294 100.87 -23.54 -10.21
CA ASP F 294 102.22 -23.53 -9.65
C ASP F 294 102.32 -22.49 -8.56
N CYS F 295 102.89 -22.86 -7.41
CA CYS F 295 102.96 -21.97 -6.26
C CYS F 295 104.35 -22.01 -5.65
N THR F 296 104.83 -20.85 -5.23
CA THR F 296 106.08 -20.70 -4.49
C THR F 296 105.81 -19.77 -3.32
N VAL F 297 106.01 -20.26 -2.10
CA VAL F 297 105.51 -19.54 -0.93
C VAL F 297 106.62 -19.30 0.09
N ASP F 298 107.78 -19.90 -0.12
CA ASP F 298 108.95 -19.71 0.75
C ASP F 298 108.63 -20.11 2.19
N ILE F 299 108.30 -21.39 2.36
CA ILE F 299 108.08 -21.96 3.68
C ILE F 299 109.05 -23.12 3.87
N GLU F 300 110.22 -23.03 3.23
CA GLU F 300 111.21 -24.13 3.29
C GLU F 300 111.56 -24.42 4.76
N SER F 301 111.59 -23.39 5.60
CA SER F 301 112.00 -23.60 6.98
C SER F 301 111.08 -24.55 7.73
N LEU F 302 109.91 -24.86 7.18
CA LEU F 302 108.95 -25.75 7.83
C LEU F 302 108.79 -27.09 7.13
N THR F 303 109.07 -27.16 5.84
CA THR F 303 108.92 -28.40 5.08
C THR F 303 110.19 -28.85 4.39
N GLY F 304 111.01 -27.91 3.93
CA GLY F 304 112.25 -28.22 3.24
C GLY F 304 112.20 -28.00 1.74
N TYR F 305 111.03 -27.82 1.16
CA TYR F 305 110.88 -27.61 -0.27
C TYR F 305 110.49 -26.16 -0.56
N ARG F 306 111.01 -25.63 -1.66
CA ARG F 306 110.80 -24.24 -2.03
C ARG F 306 109.57 -24.06 -2.93
N THR F 307 109.48 -24.84 -4.00
CA THR F 307 108.43 -24.70 -4.99
C THR F 307 107.55 -25.94 -5.00
N TYR F 308 106.25 -25.73 -5.18
CA TYR F 308 105.28 -26.81 -5.22
C TYR F 308 104.43 -26.72 -6.48
N ARG F 309 103.91 -27.87 -6.91
CA ARG F 309 102.95 -27.94 -7.99
C ARG F 309 101.62 -28.40 -7.42
N CYS F 310 100.60 -27.57 -7.58
CA CYS F 310 99.29 -27.81 -6.97
C CYS F 310 98.27 -28.17 -8.05
N ALA F 311 97.05 -28.47 -7.60
CA ALA F 311 95.99 -28.87 -8.51
C ALA F 311 94.66 -28.50 -7.85
N HIS F 312 93.95 -27.55 -8.45
CA HIS F 312 92.65 -27.11 -7.97
C HIS F 312 91.57 -27.95 -8.66
N PRO F 313 91.04 -28.98 -8.00
CA PRO F 313 90.10 -29.88 -8.69
C PRO F 313 88.79 -29.22 -9.08
N LEU F 314 88.42 -28.12 -8.43
CA LEU F 314 87.17 -27.43 -8.70
C LEU F 314 87.30 -26.37 -9.78
N ALA F 315 88.42 -26.36 -10.51
CA ALA F 315 88.67 -25.29 -11.47
C ALA F 315 87.77 -25.40 -12.70
N THR F 316 87.65 -26.62 -13.25
CA THR F 316 86.86 -26.78 -14.48
C THR F 316 85.39 -26.49 -14.25
N LEU F 317 84.83 -26.97 -13.15
CA LEU F 317 83.44 -26.70 -12.84
C LEU F 317 83.21 -25.21 -12.62
N PHE F 318 84.16 -24.54 -11.96
CA PHE F 318 84.03 -23.11 -11.76
C PHE F 318 84.12 -22.34 -13.08
N LYS F 319 84.96 -22.81 -14.01
CA LYS F 319 85.01 -22.19 -15.33
C LYS F 319 83.68 -22.34 -16.05
N ILE F 320 83.09 -23.53 -15.98
CA ILE F 320 81.80 -23.76 -16.64
C ILE F 320 80.74 -22.84 -16.03
N LEU F 321 80.70 -22.77 -14.70
CA LEU F 321 79.72 -21.91 -14.04
C LEU F 321 79.95 -20.45 -14.38
N ALA F 322 81.20 -20.02 -14.45
CA ALA F 322 81.51 -18.63 -14.78
C ALA F 322 81.07 -18.30 -16.20
N SER F 323 81.31 -19.21 -17.14
CA SER F 323 80.87 -18.96 -18.52
C SER F 323 79.36 -18.89 -18.61
N PHE F 324 78.66 -19.81 -17.93
CA PHE F 324 77.20 -19.79 -17.97
C PHE F 324 76.65 -18.52 -17.33
N TYR F 325 77.27 -18.08 -16.23
CA TYR F 325 76.87 -16.83 -15.59
C TYR F 325 77.15 -15.62 -16.46
N ILE F 326 78.26 -15.65 -17.22
CA ILE F 326 78.55 -14.56 -18.14
C ILE F 326 77.48 -14.49 -19.23
N SER F 327 77.05 -15.65 -19.74
CA SER F 327 75.96 -15.66 -20.71
C SER F 327 74.68 -15.11 -20.10
N LEU F 328 74.37 -15.49 -18.86
CA LEU F 328 73.18 -14.97 -18.20
C LEU F 328 73.26 -13.46 -18.03
N VAL F 329 74.44 -12.94 -17.66
CA VAL F 329 74.60 -11.49 -17.52
C VAL F 329 74.47 -10.79 -18.86
N ILE F 330 74.96 -11.42 -19.93
CA ILE F 330 74.80 -10.84 -21.26
C ILE F 330 73.32 -10.69 -21.60
N PHE F 331 72.55 -11.75 -21.34
CA PHE F 331 71.11 -11.68 -21.61
C PHE F 331 70.43 -10.61 -20.74
N TYR F 332 70.80 -10.56 -19.45
CA TYR F 332 70.23 -9.57 -18.55
C TYR F 332 70.54 -8.16 -19.02
N GLY F 333 71.77 -7.93 -19.45
CA GLY F 333 72.15 -6.60 -19.93
C GLY F 333 71.45 -6.23 -21.22
N LEU F 334 71.28 -7.20 -22.13
CA LEU F 334 70.54 -6.91 -23.35
C LEU F 334 69.11 -6.52 -23.03
N ILE F 335 68.47 -7.23 -22.11
CA ILE F 335 67.10 -6.89 -21.73
C ILE F 335 67.06 -5.50 -21.09
N CYS F 336 68.04 -5.21 -20.23
CA CYS F 336 68.06 -3.90 -19.57
C CYS F 336 68.27 -2.77 -20.56
N MET F 337 69.14 -2.98 -21.56
CA MET F 337 69.33 -1.97 -22.59
C MET F 337 68.06 -1.79 -23.41
N TYR F 338 67.34 -2.87 -23.69
CA TYR F 338 66.07 -2.73 -24.40
C TYR F 338 65.08 -1.90 -23.58
N THR F 339 65.01 -2.16 -22.28
CA THR F 339 64.12 -1.37 -21.42
C THR F 339 64.55 0.10 -21.39
N LEU F 340 65.86 0.35 -21.32
CA LEU F 340 66.36 1.72 -21.36
C LEU F 340 65.97 2.43 -22.65
N TRP F 341 66.12 1.74 -23.78
CA TRP F 341 65.75 2.33 -25.06
C TRP F 341 64.26 2.58 -25.14
N TRP F 342 63.46 1.65 -24.60
CA TRP F 342 62.01 1.83 -24.63
C TRP F 342 61.57 3.03 -23.78
N MET F 343 62.26 3.24 -22.66
CA MET F 343 61.88 4.34 -21.74
C MET F 343 62.48 5.65 -22.25
N LEU F 344 63.41 5.57 -23.21
CA LEU F 344 64.07 6.79 -23.74
C LEU F 344 63.38 7.20 -25.05
N ARG F 345 62.82 6.22 -25.77
CA ARG F 345 62.11 6.52 -27.04
C ARG F 345 60.83 7.30 -26.70
N ARG F 346 60.40 8.19 -27.60
CA ARG F 346 59.21 9.01 -27.38
C ARG F 346 59.35 9.70 -26.02
N SER F 347 58.25 9.80 -25.28
CA SER F 347 58.28 10.33 -23.92
C SER F 347 57.26 9.57 -23.09
N LEU F 348 57.71 9.03 -21.97
CA LEU F 348 56.86 8.22 -21.09
C LEU F 348 56.00 9.08 -20.17
N LYS F 349 56.19 10.40 -20.17
CA LYS F 349 55.43 11.30 -19.31
C LYS F 349 54.25 11.95 -20.03
N LYS F 350 53.98 11.52 -21.27
CA LYS F 350 52.87 12.12 -22.05
C LYS F 350 52.08 11.03 -22.79
N TYR F 351 51.02 10.49 -22.18
CA TYR F 351 50.16 9.49 -22.86
C TYR F 351 49.16 10.28 -23.70
N SER F 352 48.38 9.60 -24.55
CA SER F 352 47.46 10.36 -25.45
C SER F 352 46.00 9.89 -25.27
N PHE F 353 45.77 8.58 -25.17
CA PHE F 353 44.39 8.03 -25.08
C PHE F 353 43.65 8.35 -26.37
N GLU F 354 44.36 8.82 -27.40
CA GLU F 354 43.72 9.23 -28.68
C GLU F 354 42.97 8.03 -29.29
N SER F 355 43.54 6.82 -29.16
CA SER F 355 42.92 5.63 -29.79
C SER F 355 41.43 5.56 -29.41
N ILE F 356 41.13 5.59 -28.11
CA ILE F 356 39.71 5.51 -27.64
C ILE F 356 38.98 6.78 -28.13
N ARG F 357 39.62 7.95 -28.01
CA ARG F 357 39.01 9.21 -28.46
C ARG F 357 38.50 9.05 -29.90
N GLU F 358 39.01 8.05 -30.63
CA GLU F 358 38.53 7.80 -32.01
C GLU F 358 37.77 6.47 -32.04
N GLU F 359 38.14 5.53 -31.18
CA GLU F 359 37.50 4.17 -31.18
C GLU F 359 36.02 4.29 -30.77
N SER F 360 35.74 4.96 -29.65
CA SER F 360 34.34 5.04 -29.15
C SER F 360 34.00 6.49 -28.79
N SER F 361 33.98 7.38 -29.79
CA SER F 361 33.66 8.81 -29.55
C SER F 361 34.42 9.28 -28.30
N TYR F 362 33.71 9.84 -27.31
CA TYR F 362 34.36 10.27 -26.05
C TYR F 362 35.62 11.05 -26.40
N SER F 363 35.51 12.03 -27.31
CA SER F 363 36.69 12.82 -27.73
C SER F 363 37.17 13.69 -26.55
N ASP F 364 36.35 13.82 -25.52
CA ASP F 364 36.70 14.67 -24.35
C ASP F 364 38.00 14.18 -23.70
N ILE F 365 38.17 12.85 -23.56
CA ILE F 365 39.36 12.30 -22.85
C ILE F 365 40.58 13.17 -23.19
N PRO F 366 41.17 13.90 -22.21
CA PRO F 366 42.39 14.73 -22.46
C PRO F 366 43.63 13.85 -22.43
N ASP F 367 44.81 14.48 -22.32
CA ASP F 367 46.08 13.72 -22.25
C ASP F 367 46.55 13.69 -20.80
N VAL F 368 46.81 12.49 -20.27
CA VAL F 368 47.33 12.38 -18.86
C VAL F 368 48.77 12.91 -18.84
N LYS F 369 49.27 13.28 -17.65
CA LYS F 369 50.63 13.89 -17.58
C LYS F 369 51.64 12.92 -16.96
N ASN F 370 52.73 13.44 -16.40
CA ASN F 370 53.81 12.59 -15.85
C ASN F 370 53.31 11.62 -14.77
N ASP F 371 54.04 10.53 -14.54
CA ASP F 371 53.68 9.53 -13.49
C ASP F 371 52.41 8.80 -13.90
N PHE F 372 51.31 9.53 -14.09
CA PHE F 372 50.05 8.90 -14.52
C PHE F 372 50.27 8.25 -15.88
N ALA F 373 50.92 8.98 -16.79
CA ALA F 373 51.20 8.43 -18.13
C ALA F 373 52.11 7.21 -18.01
N PHE F 374 53.18 7.33 -17.23
CA PHE F 374 54.15 6.20 -17.12
C PHE F 374 53.39 4.98 -16.63
N MET F 375 52.60 5.15 -15.57
CA MET F 375 51.89 3.98 -14.99
C MET F 375 50.98 3.35 -16.06
N LEU F 376 50.32 4.17 -16.87
CA LEU F 376 49.40 3.64 -17.92
C LEU F 376 50.21 2.90 -18.99
N HIS F 377 51.29 3.50 -19.49
CA HIS F 377 52.13 2.86 -20.55
C HIS F 377 52.48 1.43 -20.10
N LEU F 378 52.89 1.26 -18.84
CA LEU F 378 53.20 -0.06 -18.31
C LEU F 378 51.99 -0.98 -18.39
N ILE F 379 50.81 -0.48 -18.03
CA ILE F 379 49.61 -1.28 -18.12
C ILE F 379 49.33 -1.67 -19.58
N ASP F 380 49.61 -0.76 -20.51
CA ASP F 380 49.50 -1.10 -21.92
C ASP F 380 50.46 -2.22 -22.29
N GLN F 381 51.69 -2.16 -21.78
CA GLN F 381 52.66 -3.23 -22.03
C GLN F 381 52.16 -4.55 -21.48
N TYR F 382 51.34 -4.52 -20.42
CA TYR F 382 50.70 -5.76 -19.98
C TYR F 382 49.51 -6.11 -20.86
N ASP F 383 48.49 -5.23 -20.87
CA ASP F 383 47.28 -5.41 -21.66
C ASP F 383 46.63 -4.05 -21.92
N PRO F 384 46.56 -3.57 -23.18
CA PRO F 384 46.00 -2.23 -23.49
C PRO F 384 44.53 -2.16 -23.11
N LEU F 385 43.90 -3.32 -22.93
CA LEU F 385 42.45 -3.33 -22.62
C LEU F 385 42.21 -2.61 -21.29
N TYR F 386 43.01 -2.91 -20.27
CA TYR F 386 42.86 -2.26 -18.94
C TYR F 386 42.80 -0.75 -19.12
N SER F 387 43.78 -0.19 -19.84
CA SER F 387 43.83 1.28 -20.05
C SER F 387 42.52 1.76 -20.70
N LYS F 388 42.03 1.02 -21.69
CA LYS F 388 40.80 1.42 -22.42
C LYS F 388 39.60 1.41 -21.48
N ARG F 389 39.53 0.41 -20.60
CA ARG F 389 38.38 0.28 -19.64
C ARG F 389 38.61 1.20 -18.43
N PHE F 390 39.37 2.28 -18.61
CA PHE F 390 39.59 3.26 -17.52
C PHE F 390 39.48 4.64 -18.13
N ALA F 391 39.80 4.75 -19.42
CA ALA F 391 39.67 6.04 -20.12
C ALA F 391 38.24 6.53 -20.03
N VAL F 392 37.30 5.62 -19.75
CA VAL F 392 35.87 5.99 -19.65
C VAL F 392 35.69 6.96 -18.47
N PHE F 393 36.31 6.67 -17.33
CA PHE F 393 36.17 7.53 -16.12
C PHE F 393 36.90 8.84 -16.35
N LEU F 394 38.01 8.80 -17.08
CA LEU F 394 38.79 10.04 -17.37
C LEU F 394 37.95 10.97 -18.24
N SER F 395 36.92 10.42 -18.89
CA SER F 395 36.06 11.24 -19.80
C SER F 395 35.24 12.24 -18.96
N GLU F 396 34.73 13.29 -19.60
CA GLU F 396 33.90 14.30 -18.89
C GLU F 396 32.45 14.19 -19.40
N VAL F 397 32.29 14.01 -20.71
CA VAL F 397 30.93 13.83 -21.29
C VAL F 397 30.35 12.54 -20.69
N SER F 398 31.23 11.57 -20.36
CA SER F 398 30.77 10.31 -19.73
C SER F 398 30.06 10.64 -18.41
N GLU F 399 30.69 11.50 -17.59
CA GLU F 399 30.06 11.93 -16.32
C GLU F 399 28.74 12.63 -16.66
N ASN F 400 28.81 13.61 -17.56
CA ASN F 400 27.58 14.37 -17.94
C ASN F 400 26.51 13.36 -18.36
N LYS F 401 26.91 12.39 -19.19
CA LYS F 401 25.95 11.33 -19.61
C LYS F 401 25.42 10.62 -18.35
N LEU F 402 26.30 9.96 -17.60
CA LEU F 402 25.82 9.17 -16.44
C LEU F 402 24.96 10.07 -15.55
N ARG F 403 25.42 11.29 -15.26
CA ARG F 403 24.67 12.18 -14.33
C ARG F 403 23.33 12.58 -14.96
N GLN F 404 23.33 12.94 -16.24
CA GLN F 404 22.07 13.41 -16.89
C GLN F 404 21.10 12.23 -16.95
N LEU F 405 21.63 11.04 -17.22
CA LEU F 405 20.78 9.82 -17.25
C LEU F 405 20.45 9.45 -15.80
N ASN F 406 21.33 9.80 -14.87
CA ASN F 406 21.00 9.56 -13.44
C ASN F 406 19.79 10.42 -13.11
N LEU F 407 19.67 11.58 -13.77
CA LEU F 407 18.47 12.43 -13.58
C LEU F 407 17.25 11.66 -14.10
N ASN F 408 17.43 10.87 -15.15
CA ASN F 408 16.32 10.03 -15.67
C ASN F 408 15.90 9.05 -14.57
N ASN F 409 16.88 8.47 -13.86
CA ASN F 409 16.55 7.58 -12.72
C ASN F 409 15.67 8.37 -11.74
N GLU F 410 16.06 9.61 -11.44
CA GLU F 410 15.25 10.47 -10.53
C GLU F 410 13.93 10.86 -11.21
N TRP F 411 14.00 11.25 -12.48
CA TRP F 411 12.96 12.08 -13.14
C TRP F 411 12.59 11.46 -14.49
N THR F 412 11.75 10.42 -14.47
CA THR F 412 11.32 9.75 -15.71
C THR F 412 10.17 10.52 -16.32
N LEU F 413 9.76 10.14 -17.54
CA LEU F 413 8.63 10.82 -18.22
C LEU F 413 7.37 10.73 -17.34
N ASP F 414 7.16 9.59 -16.68
CA ASP F 414 5.96 9.41 -15.82
C ASP F 414 5.98 10.46 -14.69
N LYS F 415 7.16 10.74 -14.14
CA LYS F 415 7.29 11.75 -13.07
C LYS F 415 6.81 13.11 -13.62
N LEU F 416 7.19 13.42 -14.86
CA LEU F 416 6.78 14.70 -15.49
C LEU F 416 5.27 14.69 -15.71
N ARG F 417 4.70 13.52 -16.05
CA ARG F 417 3.22 13.43 -16.20
C ARG F 417 2.58 13.81 -14.86
N GLN F 418 3.14 13.32 -13.75
CA GLN F 418 2.63 13.70 -12.42
C GLN F 418 2.81 15.21 -12.23
N ARG F 419 3.96 15.74 -12.64
CA ARG F 419 4.20 17.18 -12.42
C ARG F 419 3.23 17.98 -13.30
N LEU F 420 2.86 17.44 -14.47
CA LEU F 420 1.96 18.18 -15.39
C LEU F 420 0.81 18.77 -14.56
N THR F 421 0.64 20.10 -14.60
CA THR F 421 -0.39 20.74 -13.77
C THR F 421 -1.02 21.86 -14.57
N LYS F 422 -2.35 22.04 -14.46
CA LYS F 422 -2.94 23.19 -15.12
C LYS F 422 -2.71 24.45 -14.31
N ASN F 423 -2.30 25.52 -14.98
CA ASN F 423 -1.99 26.77 -14.32
C ASN F 423 -3.24 27.65 -14.27
N ALA F 424 -3.06 28.92 -13.90
CA ALA F 424 -4.18 29.86 -13.89
C ALA F 424 -4.78 30.02 -15.27
N GLN F 425 -4.00 29.82 -16.33
CA GLN F 425 -4.48 29.84 -17.69
C GLN F 425 -4.82 28.45 -18.20
N ASP F 426 -5.30 27.56 -17.31
CA ASP F 426 -5.62 26.14 -17.59
C ASP F 426 -4.71 25.56 -18.66
N LYS F 427 -3.41 25.66 -18.42
CA LYS F 427 -2.38 25.20 -19.33
C LYS F 427 -1.40 24.31 -18.59
N LEU F 428 -0.98 23.23 -19.22
CA LEU F 428 -0.05 22.30 -18.59
C LEU F 428 1.29 23.00 -18.35
N GLU F 429 1.81 22.82 -17.14
CA GLU F 429 3.05 23.46 -16.72
C GLU F 429 3.89 22.47 -15.93
N LEU F 430 5.18 22.78 -15.79
CA LEU F 430 6.12 21.94 -15.07
C LEU F 430 7.04 22.83 -14.25
N HIS F 431 6.98 22.71 -12.93
CA HIS F 431 7.82 23.49 -12.03
C HIS F 431 9.04 22.66 -11.68
N LEU F 432 10.14 22.89 -12.39
CA LEU F 432 11.39 22.16 -12.15
C LEU F 432 12.16 22.91 -11.08
N PHE F 433 12.01 22.47 -9.83
CA PHE F 433 12.49 23.21 -8.67
C PHE F 433 13.93 22.81 -8.37
N MET F 434 14.86 23.63 -8.88
CA MET F 434 16.31 23.39 -8.91
C MET F 434 16.65 21.90 -9.09
N LEU F 435 16.16 21.35 -10.18
CA LEU F 435 16.68 20.06 -10.61
C LEU F 435 18.11 20.23 -11.08
N SER F 436 18.86 19.12 -11.10
CA SER F 436 20.25 19.19 -11.53
C SER F 436 20.36 19.69 -12.97
N GLY F 437 19.46 19.23 -13.84
CA GLY F 437 19.41 19.70 -15.21
C GLY F 437 18.08 19.31 -15.81
N ILE F 438 17.79 19.88 -16.98
CA ILE F 438 16.53 19.60 -17.64
C ILE F 438 16.54 18.15 -18.10
N PRO F 439 15.58 17.33 -17.66
CA PRO F 439 15.54 15.94 -18.10
C PRO F 439 15.22 15.82 -19.57
N ASP F 440 15.77 14.78 -20.19
CA ASP F 440 15.50 14.51 -21.59
C ASP F 440 14.03 14.19 -21.83
N THR F 441 13.42 13.43 -20.92
CA THR F 441 12.02 13.05 -21.10
C THR F 441 11.09 14.26 -21.10
N VAL F 442 11.48 15.35 -20.43
CA VAL F 442 10.69 16.57 -20.46
C VAL F 442 10.51 17.05 -21.89
N PHE F 443 11.44 16.73 -22.77
CA PHE F 443 11.39 17.14 -24.16
C PHE F 443 10.55 16.18 -25.00
N ASP F 444 9.67 15.40 -24.36
CA ASP F 444 8.86 14.41 -25.05
C ASP F 444 7.37 14.54 -24.69
N LEU F 445 6.93 15.72 -24.30
CA LEU F 445 5.53 15.98 -23.99
C LEU F 445 5.04 17.07 -24.95
N VAL F 446 4.53 16.65 -26.11
CA VAL F 446 4.04 17.61 -27.10
C VAL F 446 2.90 18.44 -26.52
N GLU F 447 2.16 17.89 -25.56
CA GLU F 447 1.07 18.62 -24.93
C GLU F 447 1.54 19.80 -24.08
N LEU F 448 2.81 19.81 -23.68
CA LEU F 448 3.29 20.87 -22.80
C LEU F 448 3.30 22.21 -23.53
N GLU F 449 2.87 23.26 -22.83
CA GLU F 449 2.84 24.61 -23.36
C GLU F 449 3.37 25.66 -22.41
N VAL F 450 3.54 25.33 -21.12
CA VAL F 450 4.10 26.24 -20.13
C VAL F 450 5.29 25.52 -19.50
N LEU F 451 6.49 26.01 -19.78
CA LEU F 451 7.71 25.37 -19.32
C LEU F 451 8.41 26.29 -18.34
N LYS F 452 8.35 25.94 -17.05
CA LYS F 452 8.92 26.76 -15.98
C LYS F 452 10.27 26.17 -15.59
N LEU F 453 11.31 26.98 -15.64
CA LEU F 453 12.63 26.62 -15.15
C LEU F 453 12.93 27.49 -13.95
N GLU F 454 13.23 26.87 -12.81
CA GLU F 454 13.44 27.58 -11.56
C GLU F 454 14.74 27.12 -10.94
N LEU F 455 15.70 28.03 -10.82
CA LEU F 455 16.94 27.80 -10.07
C LEU F 455 17.68 26.57 -10.56
N ILE F 456 17.61 26.30 -11.86
CA ILE F 456 18.30 25.19 -12.47
C ILE F 456 19.61 25.73 -13.06
N PRO F 457 20.76 25.44 -12.47
CA PRO F 457 21.99 26.08 -12.93
C PRO F 457 22.45 25.55 -14.28
N ASP F 458 23.26 26.37 -14.95
CA ASP F 458 23.99 26.03 -16.17
C ASP F 458 23.17 25.24 -17.18
N VAL F 459 21.90 25.60 -17.34
CA VAL F 459 21.05 24.91 -18.31
C VAL F 459 21.51 25.29 -19.71
N THR F 460 21.64 24.28 -20.57
CA THR F 460 21.91 24.46 -21.99
C THR F 460 20.79 23.78 -22.75
N ILE F 461 19.94 24.57 -23.37
CA ILE F 461 18.74 24.05 -24.01
C ILE F 461 19.14 23.26 -25.25
N PRO F 462 18.84 21.96 -25.31
CA PRO F 462 19.17 21.17 -26.49
C PRO F 462 18.16 21.39 -27.59
N PRO F 463 18.53 21.17 -28.86
CA PRO F 463 17.61 21.41 -29.97
C PRO F 463 16.42 20.46 -30.01
N SER F 464 16.30 19.54 -29.06
CA SER F 464 15.19 18.60 -29.06
C SER F 464 13.87 19.31 -28.73
N ILE F 465 13.96 20.63 -28.49
CA ILE F 465 12.80 21.52 -28.46
C ILE F 465 12.01 21.35 -29.76
N ALA F 466 12.69 20.92 -30.82
CA ALA F 466 12.01 20.64 -32.08
C ALA F 466 10.86 19.66 -31.88
N GLN F 467 11.00 18.70 -30.97
CA GLN F 467 9.89 17.80 -30.65
C GLN F 467 8.74 18.58 -30.01
N LEU F 468 9.06 19.58 -29.20
CA LEU F 468 8.08 20.29 -28.40
C LEU F 468 7.48 21.41 -29.24
N THR F 469 6.33 21.14 -29.87
CA THR F 469 5.65 22.14 -30.67
C THR F 469 4.56 22.88 -29.90
N GLY F 470 3.99 22.27 -28.87
CA GLY F 470 2.92 22.91 -28.13
C GLY F 470 3.34 24.03 -27.21
N LEU F 471 4.65 24.17 -26.97
CA LEU F 471 5.11 25.20 -26.04
C LEU F 471 4.88 26.59 -26.63
N LYS F 472 4.27 27.46 -25.84
CA LYS F 472 4.02 28.84 -26.24
C LYS F 472 4.62 29.86 -25.30
N GLU F 473 4.82 29.53 -24.03
CA GLU F 473 5.36 30.46 -23.06
C GLU F 473 6.23 29.69 -22.07
N LEU F 474 7.32 30.32 -21.63
CA LEU F 474 8.26 29.70 -20.72
C LEU F 474 8.63 30.68 -19.62
N TRP F 475 9.10 30.14 -18.50
CA TRP F 475 9.45 30.93 -17.31
C TRP F 475 10.93 30.74 -17.00
N LEU F 476 11.61 31.84 -16.69
CA LEU F 476 13.03 31.83 -16.35
C LEU F 476 13.20 32.49 -14.99
N TYR F 477 13.11 31.71 -13.92
CA TYR F 477 13.36 32.18 -12.58
C TYR F 477 14.78 31.80 -12.16
N HIS F 478 15.59 32.81 -11.86
CA HIS F 478 16.88 32.62 -11.20
C HIS F 478 17.73 31.59 -11.94
N THR F 479 17.70 31.68 -13.27
CA THR F 479 18.35 30.67 -14.09
C THR F 479 18.88 31.33 -15.35
N ALA F 480 20.20 31.27 -15.54
CA ALA F 480 20.83 31.74 -16.76
C ALA F 480 20.87 30.58 -17.75
N ALA F 481 20.34 30.81 -18.95
CA ALA F 481 20.15 29.75 -19.92
C ALA F 481 21.07 29.96 -21.12
N LYS F 482 22.00 29.02 -21.31
CA LYS F 482 22.77 28.94 -22.53
C LYS F 482 21.98 28.08 -23.52
N ILE F 483 22.03 28.46 -24.79
CA ILE F 483 21.12 27.93 -25.78
C ILE F 483 21.81 27.80 -27.12
N GLU F 484 21.26 26.94 -27.98
CA GLU F 484 21.88 26.52 -29.22
C GLU F 484 21.07 27.04 -30.42
N ALA F 485 21.77 27.25 -31.53
CA ALA F 485 21.21 28.00 -32.65
C ALA F 485 19.90 27.44 -33.19
N PRO F 486 19.76 26.13 -33.46
CA PRO F 486 18.43 25.63 -33.85
C PRO F 486 17.36 25.90 -32.81
N ALA F 487 17.73 25.87 -31.52
CA ALA F 487 16.79 26.25 -30.49
C ALA F 487 16.41 27.73 -30.61
N LEU F 488 17.38 28.59 -30.95
CA LEU F 488 17.05 29.99 -31.20
C LEU F 488 16.05 30.10 -32.33
N ALA F 489 16.25 29.35 -33.41
CA ALA F 489 15.29 29.37 -34.51
C ALA F 489 13.91 28.95 -34.04
N PHE F 490 13.83 27.81 -33.35
CA PHE F 490 12.54 27.31 -32.90
C PHE F 490 11.83 28.34 -32.03
N LEU F 491 12.56 28.95 -31.10
CA LEU F 491 11.99 30.05 -30.33
C LEU F 491 11.55 31.19 -31.24
N ARG F 492 12.31 31.44 -32.31
CA ARG F 492 12.04 32.57 -33.18
C ARG F 492 10.70 32.44 -33.88
N GLU F 493 10.38 31.26 -34.41
CA GLU F 493 9.05 31.12 -35.04
C GLU F 493 7.99 30.52 -34.13
N ASN F 494 8.30 30.23 -32.86
CA ASN F 494 7.28 29.55 -32.07
C ASN F 494 6.98 30.21 -30.73
N LEU F 495 7.99 30.81 -30.09
CA LEU F 495 7.77 31.37 -28.77
C LEU F 495 6.85 32.58 -28.84
N ARG F 496 5.91 32.65 -27.90
CA ARG F 496 4.92 33.72 -27.86
C ARG F 496 5.12 34.64 -26.66
N ALA F 497 5.23 34.10 -25.46
CA ALA F 497 5.40 34.90 -24.26
C ALA F 497 6.60 34.40 -23.47
N LEU F 498 7.23 35.30 -22.72
CA LEU F 498 8.44 34.98 -21.98
C LEU F 498 8.34 35.59 -20.60
N HIS F 499 8.67 34.80 -19.58
CA HIS F 499 8.77 35.27 -18.21
C HIS F 499 10.23 35.21 -17.79
N ILE F 500 10.70 36.26 -17.14
CA ILE F 500 12.08 36.32 -16.66
C ILE F 500 12.08 36.96 -15.27
N LYS F 501 12.76 36.32 -14.33
CA LYS F 501 13.05 36.91 -13.03
C LYS F 501 14.53 36.66 -12.74
N PHE F 502 15.23 37.73 -12.40
CA PHE F 502 16.67 37.66 -12.20
C PHE F 502 17.06 38.27 -10.86
N THR F 503 17.99 37.61 -10.17
CA THR F 503 18.59 38.21 -8.99
C THR F 503 19.57 39.31 -9.37
N ASP F 504 20.36 39.09 -10.41
CA ASP F 504 21.32 40.06 -10.89
C ASP F 504 21.21 40.19 -12.41
N ILE F 505 21.85 41.25 -12.93
CA ILE F 505 21.70 41.60 -14.34
C ILE F 505 22.25 40.48 -15.23
N LYS F 506 23.39 39.90 -14.85
CA LYS F 506 24.06 38.94 -15.72
C LYS F 506 23.19 37.70 -15.97
N GLU F 507 22.25 37.42 -15.08
CA GLU F 507 21.38 36.27 -15.25
C GLU F 507 20.54 36.35 -16.52
N ILE F 508 20.33 37.56 -17.05
CA ILE F 508 19.50 37.74 -18.24
C ILE F 508 20.30 37.31 -19.46
N PRO F 509 19.83 36.32 -20.21
CA PRO F 509 20.51 35.96 -21.46
C PRO F 509 20.39 37.07 -22.49
N LEU F 510 21.44 37.20 -23.30
CA LEU F 510 21.44 38.24 -24.33
C LEU F 510 20.57 37.88 -25.51
N TRP F 511 20.45 36.58 -25.83
CA TRP F 511 19.71 36.14 -27.00
C TRP F 511 18.21 36.34 -26.86
N ILE F 512 17.72 36.70 -25.67
CA ILE F 512 16.29 36.92 -25.50
C ILE F 512 15.79 38.03 -26.41
N TYR F 513 16.62 39.05 -26.64
CA TYR F 513 16.24 40.13 -27.54
C TYR F 513 16.25 39.71 -29.00
N SER F 514 17.00 38.66 -29.34
CA SER F 514 17.02 38.19 -30.73
C SER F 514 15.67 37.67 -31.17
N LEU F 515 14.76 37.40 -30.23
CA LEU F 515 13.44 36.93 -30.58
C LEU F 515 12.67 38.01 -31.34
N LYS F 516 11.76 37.57 -32.20
CA LYS F 516 10.92 38.50 -32.97
C LYS F 516 9.43 38.28 -32.77
N THR F 517 8.98 37.03 -32.68
CA THR F 517 7.57 36.77 -32.48
C THR F 517 7.14 36.98 -31.03
N LEU F 518 8.07 37.25 -30.13
CA LEU F 518 7.73 37.46 -28.74
C LEU F 518 6.78 38.64 -28.58
N GLU F 519 5.75 38.46 -27.76
CA GLU F 519 4.76 39.49 -27.53
C GLU F 519 4.59 39.88 -26.06
N GLU F 520 5.05 39.04 -25.13
CA GLU F 520 4.88 39.28 -23.71
C GLU F 520 6.22 39.08 -23.02
N LEU F 521 6.55 39.96 -22.09
CA LEU F 521 7.81 39.87 -21.34
C LEU F 521 7.53 40.47 -19.96
N HIS F 522 7.30 39.61 -18.99
CA HIS F 522 6.97 40.04 -17.64
C HIS F 522 8.23 39.98 -16.75
N LEU F 523 9.17 40.86 -17.06
CA LEU F 523 10.45 40.85 -16.37
C LEU F 523 10.31 41.26 -14.91
N THR F 524 11.17 40.69 -14.08
CA THR F 524 11.18 40.95 -12.65
C THR F 524 12.60 40.85 -12.13
N GLY F 525 12.97 41.77 -11.25
CA GLY F 525 14.28 41.73 -10.63
C GLY F 525 14.72 43.05 -10.05
N ASN F 526 15.95 43.43 -10.35
CA ASN F 526 16.53 44.71 -9.93
C ASN F 526 17.11 45.43 -11.14
N LEU F 527 16.34 45.48 -12.22
CA LEU F 527 16.70 46.04 -13.51
C LEU F 527 16.92 47.55 -13.45
N SER F 528 16.74 48.15 -12.27
CA SER F 528 17.02 49.57 -12.12
C SER F 528 18.42 49.91 -12.59
N ALA F 529 19.37 49.00 -12.37
CA ALA F 529 20.73 49.10 -12.89
C ALA F 529 21.38 50.41 -12.46
N GLU F 530 21.53 50.56 -11.16
CA GLU F 530 22.17 51.75 -10.60
C GLU F 530 23.59 51.87 -11.14
N ASN F 531 23.94 53.08 -11.59
CA ASN F 531 25.20 53.43 -12.23
C ASN F 531 25.34 52.79 -13.60
N ASN F 532 24.35 51.96 -13.98
CA ASN F 532 24.36 51.31 -15.31
C ASN F 532 23.17 51.87 -16.11
N ARG F 533 22.55 52.93 -15.60
CA ARG F 533 21.36 53.52 -16.28
C ARG F 533 20.38 52.39 -16.61
N TYR F 534 20.12 52.16 -17.90
CA TYR F 534 19.19 51.09 -18.31
C TYR F 534 19.75 50.40 -19.57
N ILE F 535 21.06 50.13 -19.56
CA ILE F 535 21.71 49.54 -20.76
C ILE F 535 21.07 48.18 -21.09
N VAL F 536 20.80 47.35 -20.09
CA VAL F 536 20.27 45.99 -20.37
C VAL F 536 18.99 46.13 -21.20
N ILE F 537 18.11 47.04 -20.79
CA ILE F 537 16.80 47.19 -21.49
C ILE F 537 17.03 47.57 -22.96
N ASP F 538 18.21 48.09 -23.29
CA ASP F 538 18.46 48.54 -24.69
C ASP F 538 18.05 47.43 -25.66
N GLY F 539 18.40 46.18 -25.35
CA GLY F 539 18.09 45.06 -26.26
C GLY F 539 16.62 45.04 -26.61
N LEU F 540 15.76 45.49 -25.69
CA LEU F 540 14.30 45.44 -25.92
C LEU F 540 13.98 46.08 -27.28
N ARG F 541 14.66 47.18 -27.61
CA ARG F 541 14.32 47.91 -28.86
C ARG F 541 14.29 46.91 -30.03
N GLU F 542 15.15 45.89 -30.01
CA GLU F 542 15.22 44.94 -31.15
C GLU F 542 13.83 44.34 -31.38
N LEU F 543 13.16 43.92 -30.31
CA LEU F 543 11.83 43.27 -30.46
C LEU F 543 10.84 44.29 -31.05
N LYS F 544 9.94 43.84 -31.93
CA LYS F 544 9.02 44.77 -32.60
C LYS F 544 7.57 44.29 -32.48
N ARG F 545 7.36 43.04 -32.04
CA ARG F 545 5.98 42.50 -31.98
C ARG F 545 5.51 42.45 -30.52
N LEU F 546 6.25 43.08 -29.61
CA LEU F 546 5.85 42.97 -28.20
C LEU F 546 4.67 43.88 -27.92
N LYS F 547 3.73 43.37 -27.14
CA LYS F 547 2.60 44.17 -26.71
C LYS F 547 2.34 44.10 -25.21
N VAL F 548 3.07 43.26 -24.47
CA VAL F 548 2.94 43.18 -23.01
C VAL F 548 4.33 43.27 -22.40
N LEU F 549 4.52 44.27 -21.53
CA LEU F 549 5.85 44.57 -21.00
C LEU F 549 5.77 44.75 -19.48
N ARG F 550 5.18 43.77 -18.80
CA ARG F 550 5.13 43.81 -17.35
C ARG F 550 6.54 43.93 -16.78
N LEU F 551 6.71 44.88 -15.87
CA LEU F 551 8.02 45.17 -15.28
C LEU F 551 7.85 45.47 -13.80
N LYS F 552 8.72 44.89 -12.97
CA LYS F 552 8.77 45.20 -11.54
C LYS F 552 10.22 45.05 -11.08
N SER F 553 10.95 46.17 -11.10
CA SER F 553 12.35 46.16 -10.71
C SER F 553 12.75 47.41 -9.96
N ASN F 554 11.82 47.97 -9.17
CA ASN F 554 12.00 49.22 -8.42
C ASN F 554 12.68 50.29 -9.26
N LEU F 555 12.20 50.48 -10.49
CA LEU F 555 12.78 51.47 -11.38
C LEU F 555 12.60 52.87 -10.81
N SER F 556 13.66 53.68 -10.90
CA SER F 556 13.53 55.08 -10.54
C SER F 556 12.87 55.88 -11.65
N LYS F 557 13.47 55.87 -12.84
CA LYS F 557 12.95 56.56 -14.01
C LYS F 557 12.47 55.51 -15.02
N LEU F 558 11.98 56.01 -16.16
CA LEU F 558 11.50 55.13 -17.22
C LEU F 558 12.49 55.13 -18.37
N PRO F 559 13.01 53.98 -18.78
CA PRO F 559 13.90 53.94 -19.94
C PRO F 559 13.21 54.44 -21.19
N GLN F 560 13.99 55.11 -22.05
CA GLN F 560 13.43 55.63 -23.29
C GLN F 560 13.15 54.52 -24.30
N VAL F 561 13.86 53.40 -24.19
CA VAL F 561 13.56 52.25 -25.03
C VAL F 561 12.16 51.74 -24.76
N VAL F 562 11.65 51.96 -23.54
CA VAL F 562 10.26 51.62 -23.24
C VAL F 562 9.32 52.40 -24.16
N THR F 563 9.53 53.70 -24.26
CA THR F 563 8.70 54.49 -25.17
C THR F 563 8.95 54.10 -26.61
N ASP F 564 10.18 53.67 -26.92
CA ASP F 564 10.50 53.20 -28.26
C ASP F 564 9.61 52.04 -28.65
N VAL F 565 9.56 51.01 -27.80
CA VAL F 565 8.68 49.87 -28.05
C VAL F 565 7.22 50.22 -27.83
N GLY F 566 6.94 51.37 -27.22
CA GLY F 566 5.56 51.76 -26.99
C GLY F 566 4.76 52.00 -28.25
N VAL F 567 5.44 52.14 -29.39
CA VAL F 567 4.73 52.34 -30.66
C VAL F 567 3.79 51.17 -30.94
N HIS F 568 4.25 49.96 -30.65
CA HIS F 568 3.42 48.77 -30.78
C HIS F 568 2.96 48.23 -29.44
N LEU F 569 3.53 48.68 -28.34
CA LEU F 569 3.09 48.26 -27.01
C LEU F 569 1.69 48.77 -26.74
N GLN F 570 0.86 47.91 -26.16
CA GLN F 570 -0.52 48.28 -25.85
C GLN F 570 -0.91 47.87 -24.43
N LYS F 571 -0.18 46.91 -23.87
CA LYS F 571 -0.45 46.38 -22.54
C LYS F 571 0.78 46.65 -21.70
N LEU F 572 0.87 47.82 -21.08
CA LEU F 572 2.03 48.19 -20.29
C LEU F 572 1.73 48.01 -18.82
N SER F 573 2.59 47.28 -18.12
CA SER F 573 2.47 47.03 -16.70
C SER F 573 3.74 47.49 -15.99
N ILE F 574 3.58 48.38 -15.02
CA ILE F 574 4.69 48.86 -14.21
C ILE F 574 4.33 48.64 -12.74
N ASN F 575 5.20 47.92 -12.03
CA ASN F 575 5.03 47.68 -10.60
C ASN F 575 6.32 48.11 -9.93
N ASN F 576 6.38 49.40 -9.58
CA ASN F 576 7.62 49.97 -9.06
C ASN F 576 7.92 49.46 -7.66
N GLU F 577 6.94 48.85 -6.99
CA GLU F 577 7.14 48.18 -5.70
C GLU F 577 7.75 49.13 -4.67
N GLY F 578 7.00 50.18 -4.33
CA GLY F 578 7.38 51.08 -3.27
C GLY F 578 8.33 52.19 -3.63
N THR F 579 8.69 52.33 -4.91
CA THR F 579 9.56 53.40 -5.35
C THR F 579 8.75 54.37 -6.21
N LYS F 580 9.29 55.58 -6.39
CA LYS F 580 8.62 56.64 -7.12
C LYS F 580 9.04 56.60 -8.59
N LEU F 581 8.12 56.98 -9.47
CA LEU F 581 8.36 57.03 -10.91
C LEU F 581 7.76 58.32 -11.46
N ILE F 582 8.34 58.82 -12.55
CA ILE F 582 7.81 59.99 -13.24
C ILE F 582 7.51 59.62 -14.68
N VAL F 583 6.34 60.05 -15.17
CA VAL F 583 6.01 59.82 -16.57
C VAL F 583 6.89 60.64 -17.49
N LEU F 584 7.27 61.86 -17.06
CA LEU F 584 8.14 62.75 -17.82
C LEU F 584 7.68 62.90 -19.28
N ASN F 585 6.37 62.93 -19.45
CA ASN F 585 5.70 63.08 -20.74
C ASN F 585 6.00 61.92 -21.69
N SER F 586 6.66 60.87 -21.20
CA SER F 586 7.01 59.74 -22.06
C SER F 586 5.78 58.95 -22.47
N LEU F 587 4.79 58.85 -21.59
CA LEU F 587 3.61 58.05 -21.87
C LEU F 587 2.83 58.56 -23.07
N LYS F 588 2.92 59.85 -23.37
CA LYS F 588 2.23 60.39 -24.53
C LYS F 588 2.76 59.85 -25.85
N LYS F 589 3.95 59.26 -25.85
CA LYS F 589 4.53 58.78 -27.08
C LYS F 589 3.88 57.47 -27.56
N MET F 590 3.51 56.59 -26.64
CA MET F 590 2.96 55.28 -27.00
C MET F 590 1.46 55.44 -27.31
N ALA F 591 1.18 55.91 -28.52
CA ALA F 591 -0.20 56.15 -28.92
C ALA F 591 -1.03 54.87 -28.94
N ASN F 592 -0.38 53.72 -29.15
CA ASN F 592 -1.10 52.46 -29.24
C ASN F 592 -1.41 51.86 -27.87
N LEU F 593 -0.92 52.46 -26.79
CA LEU F 593 -1.17 51.93 -25.46
C LEU F 593 -2.65 52.01 -25.13
N THR F 594 -3.21 50.91 -24.61
CA THR F 594 -4.63 50.83 -24.30
C THR F 594 -4.94 50.30 -22.91
N GLU F 595 -3.94 50.01 -22.09
CA GLU F 595 -4.18 49.44 -20.76
C GLU F 595 -2.97 49.73 -19.89
N LEU F 596 -3.18 50.51 -18.83
CA LEU F 596 -2.10 51.01 -18.00
C LEU F 596 -2.42 50.79 -16.53
N GLU F 597 -1.37 50.52 -15.76
CA GLU F 597 -1.49 50.43 -14.32
C GLU F 597 -0.13 50.70 -13.70
N LEU F 598 -0.14 51.35 -12.54
CA LEU F 598 1.08 51.72 -11.83
C LEU F 598 0.97 51.09 -10.45
N ILE F 599 1.37 49.84 -10.34
CA ILE F 599 1.20 49.08 -9.11
C ILE F 599 2.29 49.48 -8.13
N ARG F 600 1.88 49.94 -6.95
CA ARG F 600 2.81 50.34 -5.89
C ARG F 600 3.83 51.36 -6.38
N CYS F 601 3.48 52.14 -7.39
CA CYS F 601 4.41 53.09 -7.99
C CYS F 601 4.40 54.44 -7.26
N ASP F 602 3.46 54.66 -6.35
CA ASP F 602 3.52 55.75 -5.38
C ASP F 602 3.61 57.13 -6.07
N LEU F 603 2.55 57.45 -6.82
CA LEU F 603 2.55 58.69 -7.59
C LEU F 603 2.02 59.87 -6.80
N GLU F 604 1.15 59.60 -5.81
CA GLU F 604 0.44 60.59 -4.99
C GLU F 604 -0.27 61.66 -5.82
N ARG F 605 -0.36 61.46 -7.13
CA ARG F 605 -0.91 62.43 -8.07
C ARG F 605 -1.15 61.73 -9.40
N ILE F 606 -2.30 62.00 -10.01
CA ILE F 606 -2.61 61.45 -11.33
C ILE F 606 -1.72 62.14 -12.36
N PRO F 607 -0.92 61.39 -13.11
CA PRO F 607 -0.06 62.03 -14.11
C PRO F 607 -0.87 62.66 -15.22
N HIS F 608 -0.37 63.79 -15.72
CA HIS F 608 -1.05 64.50 -16.80
C HIS F 608 -0.77 63.88 -18.16
N SER F 609 0.31 63.11 -18.30
CA SER F 609 0.66 62.55 -19.60
C SER F 609 -0.40 61.59 -20.11
N ILE F 610 -1.01 60.80 -19.22
CA ILE F 610 -1.99 59.82 -19.63
C ILE F 610 -3.22 60.46 -20.28
N PHE F 611 -3.50 61.72 -19.97
CA PHE F 611 -4.71 62.35 -20.46
C PHE F 611 -4.73 62.45 -21.98
N SER F 612 -3.60 62.86 -22.57
CA SER F 612 -3.57 63.06 -24.02
C SER F 612 -3.79 61.76 -24.79
N LEU F 613 -3.50 60.62 -24.17
CA LEU F 613 -3.71 59.35 -24.84
C LEU F 613 -5.18 58.96 -24.77
N HIS F 614 -5.73 58.55 -25.92
CA HIS F 614 -7.16 58.28 -26.04
C HIS F 614 -7.51 56.80 -26.10
N ASN F 615 -6.53 55.92 -26.20
CA ASN F 615 -6.79 54.51 -26.44
C ASN F 615 -6.98 53.70 -25.17
N LEU F 616 -6.81 54.30 -23.99
CA LEU F 616 -6.87 53.54 -22.75
C LEU F 616 -8.26 53.00 -22.50
N GLN F 617 -8.32 51.81 -21.93
CA GLN F 617 -9.57 51.18 -21.52
C GLN F 617 -9.57 50.72 -20.07
N GLU F 618 -8.43 50.23 -19.58
CA GLU F 618 -8.29 49.79 -18.20
C GLU F 618 -7.20 50.60 -17.52
N ILE F 619 -7.51 51.16 -16.36
CA ILE F 619 -6.59 52.01 -15.62
C ILE F 619 -6.59 51.60 -14.16
N ASP F 620 -5.40 51.41 -13.59
CA ASP F 620 -5.23 51.12 -12.18
C ASP F 620 -4.14 52.01 -11.61
N LEU F 621 -4.40 52.56 -10.43
CA LEU F 621 -3.41 53.32 -9.67
C LEU F 621 -3.25 52.71 -8.28
N LYS F 622 -3.16 51.38 -8.25
CA LYS F 622 -3.19 50.65 -6.99
C LYS F 622 -2.05 51.05 -6.08
N ASP F 623 -2.39 51.35 -4.82
CA ASP F 623 -1.42 51.61 -3.76
C ASP F 623 -0.40 52.66 -4.17
N ASN F 624 -0.89 53.88 -4.40
CA ASN F 624 -0.02 54.99 -4.78
C ASN F 624 -0.15 56.19 -3.86
N ASN F 625 -0.74 56.01 -2.67
CA ASN F 625 -0.89 57.06 -1.68
C ASN F 625 -1.56 58.30 -2.28
N LEU F 626 -2.72 58.08 -2.88
CA LEU F 626 -3.46 59.13 -3.55
C LEU F 626 -4.48 59.74 -2.60
N LYS F 627 -4.59 61.07 -2.62
CA LYS F 627 -5.54 61.79 -1.79
C LYS F 627 -6.61 62.50 -2.60
N THR F 628 -6.22 63.36 -3.54
CA THR F 628 -7.15 64.06 -4.41
C THR F 628 -7.04 63.50 -5.82
N ILE F 629 -8.18 63.29 -6.46
CA ILE F 629 -8.22 62.66 -7.78
C ILE F 629 -9.01 63.52 -8.75
N GLU F 630 -9.01 64.84 -8.52
CA GLU F 630 -9.80 65.75 -9.35
C GLU F 630 -9.45 65.65 -10.82
N GLU F 631 -8.21 65.24 -11.15
CA GLU F 631 -7.77 65.10 -12.52
C GLU F 631 -8.68 64.19 -13.35
N ILE F 632 -9.56 63.42 -12.71
CA ILE F 632 -10.53 62.61 -13.44
C ILE F 632 -11.39 63.45 -14.35
N ILE F 633 -11.42 64.78 -14.16
CA ILE F 633 -12.13 65.65 -15.10
C ILE F 633 -11.57 65.45 -16.50
N SER F 634 -10.24 65.46 -16.63
CA SER F 634 -9.62 65.22 -17.93
C SER F 634 -9.97 63.83 -18.45
N PHE F 635 -10.28 62.90 -17.54
CA PHE F 635 -10.70 61.56 -17.93
C PHE F 635 -11.96 61.59 -18.79
N GLN F 636 -12.75 62.67 -18.72
CA GLN F 636 -13.92 62.75 -19.57
C GLN F 636 -13.54 62.79 -21.05
N HIS F 637 -12.33 63.25 -21.35
CA HIS F 637 -11.88 63.23 -22.75
C HIS F 637 -11.69 61.81 -23.24
N LEU F 638 -11.41 60.88 -22.34
CA LEU F 638 -11.32 59.47 -22.72
C LEU F 638 -12.70 58.94 -23.08
N HIS F 639 -12.73 58.09 -24.11
CA HIS F 639 -13.98 57.51 -24.58
C HIS F 639 -13.91 55.98 -24.67
N ARG F 640 -12.80 55.38 -24.24
CA ARG F 640 -12.67 53.94 -24.20
C ARG F 640 -12.48 53.38 -22.80
N LEU F 641 -12.32 54.24 -21.79
CA LEU F 641 -12.14 53.78 -20.43
C LEU F 641 -13.41 53.09 -19.93
N THR F 642 -13.26 51.87 -19.42
CA THR F 642 -14.38 51.11 -18.91
C THR F 642 -14.12 50.49 -17.55
N CYS F 643 -12.94 50.69 -16.97
CA CYS F 643 -12.65 50.13 -15.65
C CYS F 643 -11.61 51.01 -14.97
N LEU F 644 -12.06 51.89 -14.10
CA LEU F 644 -11.18 52.68 -13.25
C LEU F 644 -11.16 52.01 -11.88
N LYS F 645 -10.06 51.34 -11.58
CA LYS F 645 -9.88 50.67 -10.30
C LYS F 645 -8.85 51.46 -9.50
N LEU F 646 -9.28 51.98 -8.35
CA LEU F 646 -8.45 52.83 -7.49
C LEU F 646 -8.64 52.33 -6.07
N TRP F 647 -7.82 51.38 -5.65
CA TRP F 647 -7.93 50.82 -4.31
C TRP F 647 -6.57 50.82 -3.63
N TYR F 648 -6.59 50.46 -2.35
CA TYR F 648 -5.39 50.53 -1.49
C TYR F 648 -4.81 51.93 -1.48
N ASN F 649 -5.69 52.92 -1.46
CA ASN F 649 -5.30 54.33 -1.45
C ASN F 649 -6.00 55.02 -0.30
N HIS F 650 -5.66 56.29 -0.10
CA HIS F 650 -6.24 57.11 0.96
C HIS F 650 -7.23 58.12 0.39
N ILE F 651 -8.00 57.70 -0.61
CA ILE F 651 -9.02 58.56 -1.19
C ILE F 651 -10.07 58.87 -0.15
N ALA F 652 -10.39 60.16 0.01
CA ALA F 652 -11.38 60.61 0.97
C ALA F 652 -12.61 61.19 0.29
N TYR F 653 -12.44 62.17 -0.59
CA TYR F 653 -13.53 62.81 -1.28
C TYR F 653 -13.59 62.37 -2.74
N ILE F 654 -14.78 61.98 -3.19
CA ILE F 654 -15.02 61.61 -4.57
C ILE F 654 -15.46 62.86 -5.32
N PRO F 655 -14.76 63.28 -6.37
CA PRO F 655 -15.11 64.53 -7.06
C PRO F 655 -16.43 64.42 -7.80
N ILE F 656 -17.07 65.59 -7.95
CA ILE F 656 -18.33 65.68 -8.69
C ILE F 656 -18.14 65.31 -10.16
N GLN F 657 -16.95 65.57 -10.71
CA GLN F 657 -16.63 65.26 -12.10
C GLN F 657 -16.78 63.77 -12.41
N ILE F 658 -17.01 62.93 -11.41
CA ILE F 658 -17.34 61.53 -11.66
C ILE F 658 -18.58 61.44 -12.53
N GLY F 659 -19.57 62.31 -12.29
CA GLY F 659 -20.77 62.30 -13.09
C GLY F 659 -20.53 62.58 -14.56
N ASN F 660 -19.42 63.24 -14.89
CA ASN F 660 -19.13 63.55 -16.29
C ASN F 660 -18.88 62.30 -17.11
N LEU F 661 -18.02 61.41 -16.61
CA LEU F 661 -17.75 60.16 -17.31
C LEU F 661 -18.98 59.25 -17.26
N THR F 662 -19.20 58.51 -18.34
CA THR F 662 -20.37 57.66 -18.46
C THR F 662 -20.05 56.22 -18.82
N ASN F 663 -19.04 55.99 -19.66
CA ASN F 663 -18.79 54.64 -20.16
C ASN F 663 -18.09 53.74 -19.17
N LEU F 664 -17.93 54.17 -17.92
CA LEU F 664 -17.30 53.33 -16.91
C LEU F 664 -18.15 52.10 -16.64
N GLU F 665 -17.50 50.94 -16.56
CA GLU F 665 -18.17 49.69 -16.26
C GLU F 665 -17.77 49.08 -14.91
N ARG F 666 -16.50 49.16 -14.54
CA ARG F 666 -16.00 48.55 -13.32
C ARG F 666 -15.31 49.63 -12.50
N LEU F 667 -15.64 49.72 -11.22
CA LEU F 667 -15.09 50.75 -10.34
C LEU F 667 -14.77 50.10 -9.00
N TYR F 668 -13.49 50.07 -8.64
CA TYR F 668 -13.04 49.46 -7.40
C TYR F 668 -12.40 50.54 -6.53
N LEU F 669 -13.17 51.08 -5.59
CA LEU F 669 -12.67 52.07 -4.64
C LEU F 669 -12.45 51.49 -3.25
N ASN F 670 -12.32 50.18 -3.12
CA ASN F 670 -12.26 49.57 -1.81
C ASN F 670 -10.94 49.91 -1.12
N ARG F 671 -10.91 49.68 0.19
CA ARG F 671 -9.74 49.93 1.02
C ARG F 671 -9.26 51.38 0.91
N ASN F 672 -10.21 52.30 0.99
CA ASN F 672 -9.92 53.73 0.97
C ASN F 672 -10.52 54.39 2.21
N LYS F 673 -10.42 55.71 2.26
CA LYS F 673 -10.93 56.49 3.37
C LYS F 673 -12.18 57.26 2.99
N ILE F 674 -13.01 56.67 2.11
CA ILE F 674 -14.21 57.36 1.65
C ILE F 674 -15.22 57.46 2.77
N GLU F 675 -15.83 58.63 2.92
CA GLU F 675 -16.82 58.88 3.95
C GLU F 675 -18.22 59.16 3.40
N LYS F 676 -18.34 59.55 2.14
CA LYS F 676 -19.62 59.88 1.55
C LYS F 676 -19.66 59.36 0.11
N ILE F 677 -20.86 59.01 -0.34
CA ILE F 677 -21.06 58.49 -1.69
C ILE F 677 -21.84 59.50 -2.52
N PRO F 678 -21.18 60.28 -3.38
CA PRO F 678 -21.90 61.26 -4.19
C PRO F 678 -22.77 60.58 -5.22
N THR F 679 -23.86 61.27 -5.59
CA THR F 679 -24.77 60.76 -6.58
C THR F 679 -24.22 60.83 -8.00
N GLN F 680 -23.04 61.42 -8.18
CA GLN F 680 -22.47 61.56 -9.51
C GLN F 680 -22.11 60.20 -10.10
N LEU F 681 -21.59 59.29 -9.28
CA LEU F 681 -21.47 57.91 -9.73
C LEU F 681 -22.82 57.29 -10.02
N PHE F 682 -23.86 57.69 -9.28
CA PHE F 682 -25.16 57.10 -9.48
C PHE F 682 -25.79 57.51 -10.81
N TYR F 683 -25.54 58.74 -11.30
CA TYR F 683 -26.08 59.09 -12.62
C TYR F 683 -25.58 58.13 -13.68
N CYS F 684 -24.33 57.68 -13.57
CA CYS F 684 -23.76 56.74 -14.52
C CYS F 684 -24.58 55.46 -14.53
N ARG F 685 -24.88 54.98 -15.74
CA ARG F 685 -25.68 53.77 -15.90
C ARG F 685 -24.88 52.55 -16.29
N LYS F 686 -23.72 52.75 -16.94
CA LYS F 686 -22.95 51.64 -17.46
C LYS F 686 -22.30 50.79 -16.35
N LEU F 687 -22.32 51.24 -15.11
CA LEU F 687 -21.64 50.52 -14.04
C LEU F 687 -22.26 49.14 -13.84
N ARG F 688 -21.39 48.13 -13.73
CA ARG F 688 -21.83 46.75 -13.60
C ARG F 688 -21.09 46.06 -12.45
N TYR F 689 -19.89 46.54 -12.16
CA TYR F 689 -19.03 45.98 -11.12
C TYR F 689 -18.59 47.12 -10.21
N LEU F 690 -19.12 47.15 -9.00
CA LEU F 690 -18.87 48.26 -8.08
C LEU F 690 -18.39 47.73 -6.73
N ASP F 691 -17.45 48.43 -6.14
CA ASP F 691 -16.86 47.99 -4.87
C ASP F 691 -16.49 49.20 -4.04
N LEU F 692 -17.02 49.28 -2.82
CA LEU F 692 -16.72 50.33 -1.86
C LEU F 692 -16.38 49.74 -0.51
N SER F 693 -15.79 48.54 -0.50
CA SER F 693 -15.49 47.86 0.74
C SER F 693 -14.38 48.58 1.49
N HIS F 694 -14.27 48.28 2.79
CA HIS F 694 -13.19 48.79 3.64
C HIS F 694 -13.09 50.30 3.56
N ASN F 695 -14.22 50.96 3.76
CA ASN F 695 -14.33 52.41 3.72
C ASN F 695 -15.07 52.87 4.96
N ASN F 696 -15.03 54.18 5.19
CA ASN F 696 -15.73 54.78 6.33
C ASN F 696 -17.10 55.30 5.88
N LEU F 697 -17.93 54.37 5.44
CA LEU F 697 -19.26 54.66 4.94
C LEU F 697 -20.31 54.11 5.89
N THR F 698 -21.29 54.94 6.23
CA THR F 698 -22.39 54.52 7.09
C THR F 698 -23.74 54.59 6.41
N PHE F 699 -23.85 55.19 5.24
CA PHE F 699 -25.13 55.34 4.56
C PHE F 699 -24.95 55.09 3.07
N LEU F 700 -25.91 54.39 2.48
CA LEU F 700 -25.92 54.17 1.04
C LEU F 700 -27.05 54.96 0.41
N PRO F 701 -26.75 55.91 -0.49
CA PRO F 701 -27.82 56.70 -1.10
C PRO F 701 -28.79 55.84 -1.89
N ALA F 702 -30.04 56.29 -1.93
CA ALA F 702 -31.10 55.55 -2.61
C ALA F 702 -30.91 55.51 -4.12
N ASP F 703 -30.05 56.37 -4.67
CA ASP F 703 -29.84 56.44 -6.10
C ASP F 703 -29.17 55.16 -6.60
N ILE F 704 -28.80 54.28 -5.68
CA ILE F 704 -28.41 52.92 -6.03
C ILE F 704 -29.47 52.25 -6.89
N GLY F 705 -30.73 52.65 -6.74
CA GLY F 705 -31.79 52.05 -7.52
C GLY F 705 -31.61 52.26 -9.02
N LEU F 706 -31.08 53.41 -9.41
CA LEU F 706 -30.86 53.70 -10.83
C LEU F 706 -29.52 53.17 -11.32
N LEU F 707 -29.26 51.89 -11.05
CA LEU F 707 -28.03 51.23 -11.44
C LEU F 707 -28.35 49.83 -11.99
N GLN F 708 -29.29 49.77 -12.92
CA GLN F 708 -29.80 48.48 -13.38
C GLN F 708 -28.71 47.60 -13.99
N ASN F 709 -27.66 48.21 -14.56
CA ASN F 709 -26.59 47.42 -15.15
C ASN F 709 -25.73 46.73 -14.11
N LEU F 710 -25.89 47.04 -12.83
CA LEU F 710 -25.07 46.44 -11.79
C LEU F 710 -25.33 44.94 -11.68
N GLN F 711 -24.25 44.18 -11.53
CA GLN F 711 -24.34 42.75 -11.31
C GLN F 711 -23.60 42.26 -10.07
N ASN F 712 -22.72 43.09 -9.50
CA ASN F 712 -22.02 42.69 -8.28
C ASN F 712 -21.59 43.94 -7.54
N LEU F 713 -21.91 44.01 -6.25
CA LEU F 713 -21.64 45.17 -5.43
C LEU F 713 -21.02 44.72 -4.11
N ALA F 714 -20.15 45.56 -3.54
CA ALA F 714 -19.42 45.20 -2.34
C ALA F 714 -19.41 46.39 -1.37
N ILE F 715 -19.95 46.15 -0.17
CA ILE F 715 -19.93 47.12 0.91
C ILE F 715 -19.34 46.41 2.12
N THR F 716 -18.46 45.44 1.87
CA THR F 716 -17.89 44.64 2.94
C THR F 716 -17.05 45.51 3.87
N ALA F 717 -17.12 45.21 5.18
CA ALA F 717 -16.30 45.88 6.19
C ALA F 717 -16.53 47.39 6.18
N ASN F 718 -17.76 47.77 6.46
CA ASN F 718 -18.18 49.17 6.49
C ASN F 718 -19.14 49.38 7.64
N ARG F 719 -19.56 50.64 7.82
CA ARG F 719 -20.40 51.03 8.96
C ARG F 719 -21.84 51.29 8.55
N ILE F 720 -22.31 50.74 7.44
CA ILE F 720 -23.69 50.93 7.03
C ILE F 720 -24.60 50.03 7.86
N GLU F 721 -25.66 50.62 8.42
CA GLU F 721 -26.61 49.88 9.23
C GLU F 721 -28.03 49.92 8.70
N THR F 722 -28.30 50.65 7.61
CA THR F 722 -29.59 50.61 6.93
C THR F 722 -29.34 50.34 5.45
N LEU F 723 -30.06 49.36 4.90
CA LEU F 723 -29.93 49.02 3.49
C LEU F 723 -31.04 49.70 2.71
N PRO F 724 -30.73 50.52 1.72
CA PRO F 724 -31.78 51.17 0.94
C PRO F 724 -32.53 50.17 0.09
N PRO F 725 -33.86 50.13 0.21
CA PRO F 725 -34.64 49.14 -0.55
C PRO F 725 -34.50 49.29 -2.05
N GLU F 726 -34.21 50.51 -2.53
CA GLU F 726 -34.08 50.74 -3.96
C GLU F 726 -32.96 49.90 -4.57
N LEU F 727 -32.01 49.47 -3.74
CA LEU F 727 -30.96 48.57 -4.21
C LEU F 727 -31.54 47.34 -4.88
N PHE F 728 -32.68 46.85 -4.39
CA PHE F 728 -33.27 45.64 -4.94
C PHE F 728 -33.94 45.87 -6.29
N GLN F 729 -34.05 47.12 -6.75
CA GLN F 729 -34.60 47.37 -8.08
C GLN F 729 -33.69 46.88 -9.20
N CYS F 730 -32.39 46.74 -8.93
CA CYS F 730 -31.43 46.29 -9.93
C CYS F 730 -31.55 44.79 -10.08
N ARG F 731 -32.39 44.36 -11.04
CA ARG F 731 -32.68 42.94 -11.21
C ARG F 731 -31.45 42.18 -11.69
N LYS F 732 -30.63 42.81 -12.55
CA LYS F 732 -29.45 42.15 -13.07
C LYS F 732 -28.41 41.85 -11.99
N LEU F 733 -28.55 42.45 -10.81
CA LEU F 733 -27.62 42.18 -9.72
C LEU F 733 -27.67 40.71 -9.33
N ARG F 734 -26.49 40.12 -9.13
CA ARG F 734 -26.39 38.69 -8.88
C ARG F 734 -25.44 38.31 -7.75
N ALA F 735 -24.75 39.27 -7.15
CA ALA F 735 -23.83 38.95 -6.07
C ALA F 735 -23.66 40.17 -5.20
N LEU F 736 -23.65 39.95 -3.87
CA LEU F 736 -23.48 41.02 -2.90
C LEU F 736 -22.35 40.64 -1.96
N HIS F 737 -21.55 41.63 -1.59
CA HIS F 737 -20.46 41.46 -0.63
C HIS F 737 -20.69 42.50 0.45
N LEU F 738 -21.52 42.16 1.44
CA LEU F 738 -21.92 43.16 2.43
C LEU F 738 -21.76 42.63 3.86
N GLY F 739 -20.80 41.76 4.09
CA GLY F 739 -20.52 41.29 5.43
C GLY F 739 -19.73 42.31 6.23
N ASN F 740 -19.55 41.98 7.51
CA ASN F 740 -18.76 42.79 8.44
C ASN F 740 -19.26 44.23 8.49
N ASN F 741 -20.57 44.40 8.55
CA ASN F 741 -21.19 45.70 8.69
C ASN F 741 -21.95 45.76 10.01
N VAL F 742 -22.57 46.90 10.26
CA VAL F 742 -23.48 47.06 11.39
C VAL F 742 -24.93 46.96 10.94
N LEU F 743 -25.18 46.37 9.77
CA LEU F 743 -26.55 46.10 9.32
C LEU F 743 -27.26 45.20 10.32
N GLN F 744 -28.55 45.42 10.48
CA GLN F 744 -29.36 44.65 11.41
C GLN F 744 -30.71 44.26 10.85
N SER F 745 -30.99 44.56 9.59
CA SER F 745 -32.28 44.25 8.99
C SER F 745 -32.10 44.06 7.49
N LEU F 746 -32.62 42.96 6.96
CA LEU F 746 -32.62 42.71 5.53
C LEU F 746 -34.03 42.90 4.99
N PRO F 747 -34.27 43.89 4.13
CA PRO F 747 -35.62 44.08 3.59
C PRO F 747 -36.08 42.86 2.80
N SER F 748 -37.39 42.60 2.88
CA SER F 748 -37.97 41.45 2.20
C SER F 748 -37.81 41.54 0.68
N ARG F 749 -37.57 42.73 0.15
CA ARG F 749 -37.42 42.91 -1.28
C ARG F 749 -36.23 42.14 -1.84
N VAL F 750 -35.32 41.67 -0.97
CA VAL F 750 -34.24 40.79 -1.39
C VAL F 750 -34.79 39.55 -2.10
N GLY F 751 -36.02 39.15 -1.79
CA GLY F 751 -36.62 38.02 -2.48
C GLY F 751 -36.84 38.25 -3.96
N GLU F 752 -36.89 39.52 -4.39
CA GLU F 752 -37.13 39.85 -5.79
C GLU F 752 -35.91 39.62 -6.67
N LEU F 753 -34.75 39.33 -6.09
CA LEU F 753 -33.51 39.18 -6.85
C LEU F 753 -33.39 37.74 -7.33
N THR F 754 -34.06 37.43 -8.44
CA THR F 754 -33.95 36.11 -9.02
C THR F 754 -32.55 35.84 -9.57
N ASN F 755 -31.93 36.86 -10.17
CA ASN F 755 -30.57 36.71 -10.70
C ASN F 755 -29.54 36.46 -9.60
N LEU F 756 -29.90 36.72 -8.34
CA LEU F 756 -28.94 36.64 -7.26
C LEU F 756 -28.37 35.23 -7.13
N THR F 757 -27.10 35.14 -6.76
CA THR F 757 -26.42 33.87 -6.60
C THR F 757 -25.70 33.73 -5.26
N GLN F 758 -25.14 34.81 -4.72
CA GLN F 758 -24.25 34.70 -3.57
C GLN F 758 -24.34 35.96 -2.73
N ILE F 759 -24.60 35.78 -1.43
CA ILE F 759 -24.57 36.85 -0.44
C ILE F 759 -23.95 36.31 0.84
N GLU F 760 -22.98 37.04 1.38
CA GLU F 760 -22.39 36.70 2.67
C GLU F 760 -22.77 37.77 3.68
N LEU F 761 -22.97 37.35 4.93
CA LEU F 761 -23.39 38.27 5.98
C LEU F 761 -22.67 38.04 7.29
N ARG F 762 -21.51 37.39 7.27
CA ARG F 762 -20.79 37.12 8.51
C ARG F 762 -20.31 38.42 9.14
N GLY F 763 -20.22 38.40 10.47
CA GLY F 763 -19.82 39.59 11.20
C GLY F 763 -20.79 40.74 11.09
N ASN F 764 -22.09 40.45 10.99
CA ASN F 764 -23.11 41.47 10.85
C ASN F 764 -24.11 41.36 12.00
N ARG F 765 -24.77 42.48 12.29
CA ARG F 765 -25.64 42.58 13.46
C ARG F 765 -27.07 42.10 13.19
N LEU F 766 -27.26 41.23 12.20
CA LEU F 766 -28.57 40.65 11.96
C LEU F 766 -28.98 39.77 13.13
N GLU F 767 -30.28 39.75 13.43
CA GLU F 767 -30.83 38.91 14.48
C GLU F 767 -31.84 37.90 13.95
N CYS F 768 -32.79 38.33 13.14
CA CYS F 768 -33.79 37.46 12.52
C CYS F 768 -33.60 37.54 11.01
N LEU F 769 -33.01 36.52 10.43
CA LEU F 769 -32.73 36.52 9.01
C LEU F 769 -34.01 36.24 8.23
N PRO F 770 -34.38 37.08 7.28
CA PRO F 770 -35.70 36.96 6.64
C PRO F 770 -35.88 35.69 5.81
N VAL F 771 -37.14 35.34 5.56
CA VAL F 771 -37.47 34.14 4.79
C VAL F 771 -37.43 34.40 3.28
N GLU F 772 -37.59 35.65 2.83
CA GLU F 772 -37.66 35.93 1.42
C GLU F 772 -36.38 35.58 0.68
N LEU F 773 -35.27 35.39 1.41
CA LEU F 773 -34.04 34.94 0.78
C LEU F 773 -34.25 33.61 0.07
N GLY F 774 -35.09 32.73 0.62
CA GLY F 774 -35.37 31.47 -0.04
C GLY F 774 -36.13 31.61 -1.34
N GLU F 775 -36.66 32.80 -1.62
CA GLU F 775 -37.40 33.01 -2.87
C GLU F 775 -36.48 32.93 -4.08
N CYS F 776 -35.21 33.27 -3.92
CA CYS F 776 -34.26 33.28 -5.03
C CYS F 776 -34.06 31.88 -5.58
N PRO F 777 -34.25 31.66 -6.88
CA PRO F 777 -34.06 30.29 -7.42
C PRO F 777 -32.61 29.88 -7.52
N LEU F 778 -31.74 30.78 -8.01
CA LEU F 778 -30.34 30.45 -8.19
C LEU F 778 -29.57 30.37 -6.87
N LEU F 779 -30.20 30.75 -5.77
CA LEU F 779 -29.51 30.79 -4.48
C LEU F 779 -29.18 29.38 -4.00
N LYS F 780 -28.01 29.23 -3.39
CA LYS F 780 -27.52 27.95 -2.90
C LYS F 780 -27.00 28.11 -1.49
N ARG F 781 -26.83 26.98 -0.79
CA ARG F 781 -26.29 27.01 0.57
C ARG F 781 -24.91 27.63 0.61
N SER F 782 -24.04 27.25 -0.33
CA SER F 782 -22.72 27.87 -0.41
C SER F 782 -22.82 29.36 -0.68
N GLY F 783 -23.89 29.79 -1.35
CA GLY F 783 -24.07 31.22 -1.59
C GLY F 783 -24.22 32.00 -0.31
N LEU F 784 -24.92 31.43 0.67
CA LEU F 784 -25.13 32.08 1.97
C LEU F 784 -23.97 31.77 2.88
N VAL F 785 -23.02 32.69 2.97
CA VAL F 785 -21.93 32.59 3.95
C VAL F 785 -22.42 33.37 5.18
N VAL F 786 -23.15 32.67 6.04
CA VAL F 786 -23.76 33.25 7.22
C VAL F 786 -23.62 32.26 8.38
N GLU F 787 -23.60 32.80 9.59
CA GLU F 787 -23.49 31.97 10.78
C GLU F 787 -24.64 30.98 10.86
N GLU F 788 -24.37 29.81 11.44
CA GLU F 788 -25.34 28.73 11.46
C GLU F 788 -26.59 29.10 12.26
N ASP F 789 -26.46 29.99 13.24
CA ASP F 789 -27.63 30.39 14.02
C ASP F 789 -28.67 31.08 13.14
N LEU F 790 -28.23 32.06 12.35
CA LEU F 790 -29.15 32.74 11.45
C LEU F 790 -29.69 31.79 10.39
N PHE F 791 -28.90 30.78 10.01
CA PHE F 791 -29.42 29.74 9.13
C PHE F 791 -30.55 28.97 9.79
N ASN F 792 -30.39 28.63 11.07
CA ASN F 792 -31.46 27.97 11.80
C ASN F 792 -32.67 28.87 11.98
N THR F 793 -32.46 30.19 11.96
CA THR F 793 -33.58 31.11 12.01
C THR F 793 -34.50 30.93 10.80
N LEU F 794 -33.99 30.33 9.73
CA LEU F 794 -34.82 30.05 8.57
C LEU F 794 -35.86 28.99 8.88
N PRO F 795 -36.99 29.00 8.18
CA PRO F 795 -37.95 27.93 8.33
C PRO F 795 -37.37 26.62 7.86
N PRO F 796 -37.85 25.50 8.38
CA PRO F 796 -37.28 24.20 7.98
C PRO F 796 -37.40 23.92 6.48
N GLU F 797 -38.45 24.39 5.82
CA GLU F 797 -38.55 24.19 4.37
C GLU F 797 -37.48 24.98 3.64
N VAL F 798 -37.21 26.21 4.08
CA VAL F 798 -36.16 27.01 3.44
C VAL F 798 -34.79 26.37 3.68
N LYS F 799 -34.54 25.93 4.91
CA LYS F 799 -33.29 25.24 5.20
C LYS F 799 -33.15 23.99 4.35
N GLU F 800 -34.26 23.26 4.16
CA GLU F 800 -34.23 22.07 3.32
C GLU F 800 -33.89 22.43 1.88
N ARG F 801 -34.47 23.52 1.37
CA ARG F 801 -34.16 23.95 0.02
C ARG F 801 -32.68 24.29 -0.13
N LEU F 802 -32.12 25.01 0.85
CA LEU F 802 -30.70 25.35 0.80
C LEU F 802 -29.83 24.10 0.87
N TRP F 803 -30.17 23.16 1.75
CA TRP F 803 -29.41 21.92 1.83
C TRP F 803 -29.50 21.14 0.52
N ARG F 804 -30.64 21.22 -0.15
CA ARG F 804 -30.83 20.52 -1.42
C ARG F 804 -29.84 21.01 -2.48
N ALA F 805 -29.60 22.32 -2.51
CA ALA F 805 -28.65 22.90 -3.44
C ALA F 805 -27.23 22.40 -3.17
N ALA G 16 48.33 -4.22 7.41
CA ALA G 16 48.70 -4.44 8.80
C ALA G 16 49.53 -3.27 9.33
N TYR G 17 50.79 -3.55 9.68
CA TYR G 17 51.71 -2.53 10.14
C TYR G 17 52.65 -2.03 9.05
N ARG G 18 52.48 -2.53 7.82
CA ARG G 18 53.30 -2.04 6.71
C ARG G 18 53.11 -0.56 6.50
N ILE G 19 51.89 -0.06 6.71
CA ILE G 19 51.59 1.34 6.46
C ILE G 19 52.37 2.23 7.43
N LEU G 20 52.68 1.71 8.61
CA LEU G 20 53.46 2.48 9.58
C LEU G 20 54.91 2.64 9.12
N LYS G 21 55.55 1.53 8.73
CA LYS G 21 56.97 1.47 8.42
C LYS G 21 57.41 2.54 7.42
N PRO G 22 58.22 3.51 7.85
CA PRO G 22 58.77 4.48 6.89
C PRO G 22 59.88 3.87 6.05
N TRP G 23 60.51 4.68 5.20
CA TRP G 23 61.58 4.16 4.35
C TRP G 23 62.78 3.71 5.17
N TRP G 24 63.12 4.47 6.21
CA TRP G 24 64.29 4.12 7.02
C TRP G 24 64.07 2.80 7.76
N ASP G 25 62.85 2.54 8.22
CA ASP G 25 62.57 1.27 8.89
C ASP G 25 62.72 0.10 7.94
N VAL G 26 62.23 0.24 6.70
CA VAL G 26 62.38 -0.83 5.71
C VAL G 26 63.86 -1.05 5.39
N PHE G 27 64.61 0.05 5.22
CA PHE G 27 66.04 -0.08 4.94
C PHE G 27 66.77 -0.79 6.07
N THR G 28 66.47 -0.42 7.32
CA THR G 28 67.12 -1.06 8.45
C THR G 28 66.72 -2.52 8.56
N ASP G 29 65.45 -2.84 8.26
CA ASP G 29 65.03 -4.24 8.29
C ASP G 29 65.81 -5.07 7.28
N TYR G 30 65.93 -4.57 6.05
CA TYR G 30 66.65 -5.33 5.03
C TYR G 30 68.13 -5.44 5.37
N ILE G 31 68.73 -4.36 5.88
CA ILE G 31 70.11 -4.43 6.33
C ILE G 31 70.26 -5.49 7.42
N SER G 32 69.31 -5.55 8.34
CA SER G 32 69.37 -6.54 9.41
C SER G 32 69.25 -7.96 8.87
N ILE G 33 68.42 -8.16 7.85
CA ILE G 33 68.35 -9.49 7.23
C ILE G 33 69.69 -9.85 6.61
N VAL G 34 70.35 -8.88 5.97
CA VAL G 34 71.65 -9.16 5.37
C VAL G 34 72.68 -9.52 6.45
N MET G 35 72.67 -8.79 7.57
CA MET G 35 73.59 -9.12 8.66
C MET G 35 73.27 -10.48 9.26
N LEU G 36 72.00 -10.85 9.35
CA LEU G 36 71.64 -12.18 9.80
C LEU G 36 72.17 -13.25 8.85
N MET G 37 72.10 -12.98 7.55
CA MET G 37 72.70 -13.91 6.58
C MET G 37 74.20 -14.03 6.80
N ILE G 38 74.87 -12.91 7.05
CA ILE G 38 76.30 -12.94 7.32
C ILE G 38 76.59 -13.78 8.55
N ALA G 39 75.81 -13.58 9.61
CA ALA G 39 76.03 -14.31 10.85
C ALA G 39 75.81 -15.81 10.66
N VAL G 40 74.75 -16.18 9.93
CA VAL G 40 74.49 -17.60 9.69
C VAL G 40 75.61 -18.22 8.88
N PHE G 41 76.07 -17.53 7.83
CA PHE G 41 77.16 -18.05 7.01
C PHE G 41 78.44 -18.22 7.83
N GLY G 42 78.77 -17.22 8.65
CA GLY G 42 79.96 -17.33 9.48
C GLY G 42 79.85 -18.44 10.51
N GLY G 43 78.67 -18.60 11.10
CA GLY G 43 78.48 -19.68 12.05
C GLY G 43 78.63 -21.04 11.42
N THR G 44 78.07 -21.22 10.22
CA THR G 44 78.24 -22.48 9.51
C THR G 44 79.71 -22.73 9.20
N LEU G 45 80.42 -21.70 8.73
CA LEU G 45 81.84 -21.84 8.43
C LEU G 45 82.63 -22.24 9.67
N GLN G 46 82.32 -21.60 10.79
CA GLN G 46 83.02 -21.90 12.06
C GLN G 46 82.70 -23.34 12.49
N VAL G 47 81.44 -23.77 12.37
CA VAL G 47 81.05 -25.10 12.79
C VAL G 47 81.72 -26.17 11.94
N THR G 48 81.85 -25.96 10.64
CA THR G 48 82.32 -27.02 9.74
C THR G 48 83.81 -26.97 9.43
N GLN G 49 84.32 -25.84 8.95
CA GLN G 49 85.73 -25.82 8.50
C GLN G 49 86.62 -24.86 9.31
N ASP G 50 86.30 -24.61 10.58
CA ASP G 50 87.17 -23.78 11.41
C ASP G 50 88.15 -24.66 12.18
N LYS G 51 89.41 -24.56 11.77
CA LYS G 51 90.48 -25.33 12.42
C LYS G 51 91.78 -24.59 12.13
N MET G 52 92.84 -24.90 12.87
CA MET G 52 94.15 -24.32 12.61
C MET G 52 95.15 -25.42 12.31
N ILE G 53 95.91 -25.26 11.23
CA ILE G 53 96.98 -26.20 10.91
C ILE G 53 98.29 -25.67 11.48
N CYS G 54 98.93 -26.47 12.32
CA CYS G 54 100.11 -26.02 13.03
C CYS G 54 101.27 -26.97 12.81
N LEU G 55 102.45 -26.41 12.56
CA LEU G 55 103.68 -27.16 12.40
C LEU G 55 104.73 -26.65 13.37
N PRO G 56 105.46 -27.53 14.03
CA PRO G 56 106.52 -27.09 14.93
C PRO G 56 107.67 -26.43 14.18
N CYS G 57 108.38 -25.55 14.88
CA CYS G 57 109.54 -24.87 14.34
C CYS G 57 110.79 -25.42 15.02
N LYS G 58 111.69 -25.99 14.22
CA LYS G 58 112.90 -26.60 14.78
C LYS G 58 113.81 -25.57 15.40
N TRP G 59 114.12 -24.50 14.67
CA TRP G 59 115.00 -23.45 15.15
C TRP G 59 114.16 -22.25 15.54
N VAL G 60 114.24 -21.86 16.82
CA VAL G 60 113.43 -20.79 17.38
C VAL G 60 114.35 -19.76 18.03
N THR G 61 114.12 -18.49 17.73
CA THR G 61 114.85 -17.39 18.33
C THR G 61 113.87 -16.29 18.71
N LYS G 62 114.04 -15.77 19.93
CA LYS G 62 113.19 -14.70 20.47
C LYS G 62 111.72 -15.12 20.45
N ASP G 63 111.47 -16.37 20.84
CA ASP G 63 110.13 -16.93 20.93
C ASP G 63 109.39 -16.84 19.59
N SER G 64 110.13 -17.00 18.51
CA SER G 64 109.56 -16.99 17.17
C SER G 64 110.44 -17.82 16.25
N CYS G 65 109.87 -18.26 15.13
CA CYS G 65 110.62 -19.11 14.20
C CYS G 65 111.72 -18.32 13.53
N ASN G 66 112.94 -18.86 13.57
CA ASN G 66 114.09 -18.15 13.00
C ASN G 66 114.01 -18.09 11.48
N ASP G 67 113.34 -19.06 10.85
CA ASP G 67 113.16 -19.10 9.40
C ASP G 67 114.50 -19.09 8.67
N SER G 68 115.30 -20.13 8.94
CA SER G 68 116.61 -20.26 8.31
C SER G 68 116.76 -21.63 7.66
N THR G 92 122.51 -32.69 -2.92
CA THR G 92 121.61 -33.05 -4.00
C THR G 92 120.31 -32.24 -3.93
N GLY G 93 119.20 -32.86 -4.32
CA GLY G 93 117.92 -32.20 -4.32
C GLY G 93 117.39 -31.98 -2.91
N PRO G 94 116.41 -31.08 -2.77
CA PRO G 94 115.83 -30.83 -1.46
C PRO G 94 115.14 -32.07 -0.91
N THR G 95 115.17 -32.20 0.42
CA THR G 95 114.52 -33.29 1.12
C THR G 95 113.62 -32.72 2.21
N GLY G 96 112.59 -33.48 2.55
CA GLY G 96 111.65 -33.02 3.55
C GLY G 96 112.25 -32.98 4.94
N ILE G 97 111.57 -32.26 5.82
CA ILE G 97 111.98 -32.13 7.22
C ILE G 97 111.10 -33.06 8.05
N LYS G 98 111.74 -33.95 8.80
CA LYS G 98 111.03 -34.95 9.59
C LYS G 98 110.84 -34.43 11.01
N TYR G 99 109.59 -34.29 11.43
CA TYR G 99 109.26 -33.79 12.76
C TYR G 99 109.03 -34.89 13.78
N ASP G 100 108.84 -36.14 13.34
CA ASP G 100 108.65 -37.28 14.23
C ASP G 100 107.46 -37.05 15.17
N LEU G 101 106.33 -36.66 14.59
CA LEU G 101 105.11 -36.40 15.35
C LEU G 101 103.98 -37.25 14.79
N ASP G 102 103.17 -37.80 15.69
CA ASP G 102 102.02 -38.58 15.29
C ASP G 102 100.90 -37.66 14.81
N ARG G 103 99.87 -38.25 14.23
CA ARG G 103 98.72 -37.44 13.76
C ARG G 103 98.05 -36.79 14.98
N HIS G 104 97.86 -37.55 16.06
CA HIS G 104 97.17 -37.00 17.26
C HIS G 104 98.03 -35.89 17.86
N GLN G 105 99.34 -36.11 17.95
CA GLN G 105 100.24 -35.05 18.45
C GLN G 105 99.98 -33.78 17.65
N TYR G 106 99.76 -33.90 16.34
CA TYR G 106 99.44 -32.73 15.52
C TYR G 106 98.06 -32.19 15.87
N ASN G 107 97.08 -33.08 16.03
CA ASN G 107 95.73 -32.63 16.40
C ASN G 107 95.73 -31.95 17.76
N TYR G 108 96.49 -32.49 18.72
CA TYR G 108 96.54 -31.91 20.04
C TYR G 108 97.18 -30.52 20.01
N VAL G 109 98.28 -30.37 19.30
CA VAL G 109 98.90 -29.05 19.23
C VAL G 109 97.99 -28.08 18.49
N ASP G 110 97.26 -28.55 17.48
CA ASP G 110 96.29 -27.70 16.80
C ASP G 110 95.25 -27.19 17.78
N ALA G 111 94.66 -28.10 18.57
CA ALA G 111 93.62 -27.71 19.51
C ALA G 111 94.15 -26.75 20.56
N VAL G 112 95.34 -27.03 21.09
CA VAL G 112 95.90 -26.19 22.14
C VAL G 112 96.21 -24.79 21.60
N CYS G 113 96.82 -24.72 20.41
CA CYS G 113 97.13 -23.42 19.81
C CYS G 113 95.86 -22.65 19.47
N TYR G 114 94.83 -23.35 18.98
CA TYR G 114 93.58 -22.70 18.63
C TYR G 114 92.87 -22.16 19.86
N GLU G 115 92.94 -22.90 20.97
CA GLU G 115 92.24 -22.47 22.18
C GLU G 115 92.94 -21.31 22.88
N ASN G 116 94.27 -21.29 22.89
CA ASN G 116 95.01 -20.35 23.71
C ASN G 116 95.63 -19.19 22.95
N ARG G 117 95.85 -19.31 21.64
CA ARG G 117 96.58 -18.29 20.91
C ARG G 117 95.72 -17.55 19.89
N LEU G 118 94.77 -18.23 19.26
CA LEU G 118 93.89 -17.55 18.32
C LEU G 118 93.06 -16.49 19.05
N HIS G 119 93.00 -15.30 18.46
CA HIS G 119 92.30 -14.20 19.10
C HIS G 119 90.81 -14.49 19.20
N TRP G 120 90.20 -13.99 20.28
CA TRP G 120 88.80 -14.28 20.52
C TRP G 120 87.89 -13.70 19.45
N PHE G 121 88.24 -12.53 18.91
CA PHE G 121 87.42 -11.95 17.85
C PHE G 121 87.41 -12.83 16.61
N ALA G 122 88.57 -13.35 16.22
CA ALA G 122 88.64 -14.26 15.10
C ALA G 122 87.98 -15.59 15.39
N LYS G 123 87.65 -15.87 16.65
CA LYS G 123 87.06 -17.14 17.04
C LYS G 123 85.55 -17.06 17.26
N TYR G 124 85.03 -15.89 17.63
CA TYR G 124 83.59 -15.74 17.88
C TYR G 124 82.99 -14.59 17.08
N PHE G 125 83.58 -14.26 15.93
CA PHE G 125 83.05 -13.16 15.14
C PHE G 125 81.63 -13.38 14.67
N PRO G 126 81.27 -14.52 14.06
CA PRO G 126 79.86 -14.69 13.63
C PRO G 126 78.87 -14.66 14.77
N TYR G 127 79.24 -15.19 15.94
CA TYR G 127 78.32 -15.19 17.07
C TYR G 127 78.04 -13.79 17.57
N LEU G 128 79.06 -12.94 17.62
CA LEU G 128 78.85 -11.54 18.00
C LEU G 128 77.96 -10.84 16.99
N VAL G 129 78.16 -11.10 15.70
CA VAL G 129 77.32 -10.51 14.67
C VAL G 129 75.88 -10.95 14.85
N LEU G 130 75.66 -12.24 15.13
CA LEU G 130 74.30 -12.73 15.34
C LEU G 130 73.67 -12.08 16.56
N LEU G 131 74.43 -11.94 17.64
CA LEU G 131 73.89 -11.31 18.85
C LEU G 131 73.51 -9.86 18.57
N HIS G 132 74.37 -9.12 17.87
CA HIS G 132 74.08 -7.72 17.58
C HIS G 132 72.87 -7.59 16.66
N THR G 133 72.76 -8.47 15.66
CA THR G 133 71.62 -8.42 14.77
C THR G 133 70.33 -8.75 15.51
N LEU G 134 70.37 -9.73 16.42
CA LEU G 134 69.19 -10.06 17.20
C LEU G 134 68.78 -8.90 18.10
N ILE G 135 69.76 -8.22 18.70
CA ILE G 135 69.44 -7.05 19.53
C ILE G 135 68.82 -5.95 18.68
N PHE G 136 69.36 -5.73 17.48
CA PHE G 136 68.81 -4.72 16.59
C PHE G 136 67.37 -5.06 16.20
N LEU G 137 67.12 -6.32 15.86
CA LEU G 137 65.76 -6.73 15.48
C LEU G 137 64.80 -6.59 16.66
N ALA G 138 65.24 -6.99 17.86
CA ALA G 138 64.39 -6.86 19.03
C ALA G 138 64.07 -5.40 19.32
N CYS G 139 65.07 -4.52 19.18
CA CYS G 139 64.83 -3.10 19.39
C CYS G 139 63.88 -2.54 18.34
N SER G 140 64.00 -2.97 17.09
CA SER G 140 63.13 -2.47 16.04
C SER G 140 61.70 -2.96 16.19
N ASN G 141 61.49 -4.18 16.67
CA ASN G 141 60.17 -4.78 16.75
C ASN G 141 59.63 -4.85 18.18
N PHE G 142 60.24 -4.13 19.12
CA PHE G 142 59.79 -4.22 20.51
C PHE G 142 58.42 -3.59 20.71
N TRP G 143 58.21 -2.42 20.10
CA TRP G 143 56.93 -1.69 20.32
C TRP G 143 55.76 -2.44 19.69
N PHE G 144 56.03 -3.35 18.75
CA PHE G 144 54.98 -4.14 18.13
C PHE G 144 54.59 -5.35 18.95
N LYS G 145 55.31 -5.63 20.04
CA LYS G 145 55.00 -6.76 20.92
C LYS G 145 54.67 -6.34 22.34
N PHE G 146 55.14 -5.18 22.79
CA PHE G 146 54.76 -4.66 24.09
C PHE G 146 53.26 -4.41 24.12
N PRO G 147 52.51 -5.01 25.05
CA PRO G 147 51.04 -4.98 24.93
C PRO G 147 50.44 -3.58 24.88
N ARG G 148 50.98 -2.63 25.64
CA ARG G 148 50.40 -1.29 25.69
C ARG G 148 50.50 -0.59 24.34
N THR G 149 51.74 -0.37 23.88
CA THR G 149 51.95 0.34 22.62
C THR G 149 51.39 -0.44 21.44
N SER G 150 51.52 -1.76 21.48
CA SER G 150 51.00 -2.58 20.38
C SER G 150 49.48 -2.44 20.28
N SER G 151 48.78 -2.51 21.41
CA SER G 151 47.33 -2.36 21.37
C SER G 151 46.93 -0.96 20.91
N LYS G 152 47.65 0.06 21.40
CA LYS G 152 47.31 1.43 21.00
C LYS G 152 47.50 1.63 19.51
N LEU G 153 48.61 1.13 18.95
CA LEU G 153 48.85 1.32 17.52
C LEU G 153 47.93 0.44 16.68
N GLU G 154 47.54 -0.73 17.19
CA GLU G 154 46.54 -1.54 16.49
C GLU G 154 45.22 -0.81 16.40
N HIS G 155 44.79 -0.20 17.52
CA HIS G 155 43.57 0.60 17.52
C HIS G 155 43.70 1.76 16.52
N PHE G 156 44.85 2.42 16.53
CA PHE G 156 45.07 3.55 15.63
C PHE G 156 44.99 3.13 14.17
N VAL G 157 45.65 2.03 13.82
CA VAL G 157 45.68 1.64 12.41
C VAL G 157 44.32 1.15 11.96
N SER G 158 43.59 0.44 12.83
CA SER G 158 42.25 -0.01 12.46
C SER G 158 41.33 1.19 12.24
N ILE G 159 41.37 2.18 13.13
CA ILE G 159 40.51 3.34 12.98
C ILE G 159 40.91 4.15 11.75
N LEU G 160 42.22 4.28 11.51
CA LEU G 160 42.69 5.02 10.35
C LEU G 160 42.24 4.37 9.05
N LEU G 161 42.35 3.04 8.95
CA LEU G 161 41.90 2.35 7.76
C LEU G 161 40.39 2.47 7.58
N LYS G 162 39.63 2.31 8.66
CA LYS G 162 38.18 2.37 8.56
C LYS G 162 37.71 3.78 8.22
N CYS G 163 38.49 4.81 8.60
CA CYS G 163 38.16 6.16 8.16
C CYS G 163 38.57 6.38 6.71
N PHE G 164 39.69 5.78 6.29
CA PHE G 164 40.19 5.98 4.93
C PHE G 164 39.24 5.36 3.90
N ASP G 165 38.74 4.15 4.16
CA ASP G 165 37.90 3.47 3.20
C ASP G 165 36.43 3.88 3.28
N SER G 166 36.10 4.81 4.15
CA SER G 166 34.72 5.26 4.28
C SER G 166 34.28 6.07 3.06
N PRO G 167 32.99 6.07 2.74
CA PRO G 167 32.49 6.91 1.64
C PRO G 167 32.34 8.37 2.06
N TRP G 168 32.13 8.61 3.35
CA TRP G 168 31.87 9.97 3.82
C TRP G 168 33.08 10.87 3.60
N THR G 169 34.30 10.38 3.79
CA THR G 169 35.46 11.22 3.56
C THR G 169 35.55 11.64 2.09
N THR G 170 35.37 10.70 1.17
CA THR G 170 35.42 11.02 -0.25
C THR G 170 34.33 12.01 -0.62
N ARG G 171 33.15 11.86 -0.01
CA ARG G 171 32.11 12.88 -0.17
C ARG G 171 32.56 14.22 0.39
N ALA G 172 33.35 14.20 1.46
CA ALA G 172 33.73 15.43 2.15
C ALA G 172 34.73 16.25 1.34
N LEU G 173 35.75 15.61 0.76
CA LEU G 173 36.70 16.41 -0.03
C LEU G 173 36.03 16.99 -1.28
N SER G 174 35.15 16.23 -1.91
CA SER G 174 34.44 16.72 -3.09
C SER G 174 33.55 17.91 -2.72
N VAL G 231 22.49 13.79 -2.82
CA VAL G 231 23.10 14.47 -1.70
C VAL G 231 22.54 13.93 -0.39
N LEU G 232 21.77 12.85 -0.48
CA LEU G 232 21.14 12.26 0.69
C LEU G 232 21.28 10.75 0.65
N ASP G 233 21.71 10.17 1.76
CA ASP G 233 21.83 8.72 1.89
C ASP G 233 21.58 8.35 3.35
N LYS G 234 21.05 7.16 3.57
CA LYS G 234 20.61 6.77 4.92
C LYS G 234 21.69 6.00 5.68
N LYS G 235 22.10 4.84 5.16
CA LYS G 235 22.99 3.96 5.94
C LYS G 235 24.35 4.61 6.17
N GLU G 236 24.91 5.24 5.14
CA GLU G 236 26.21 5.88 5.28
C GLU G 236 26.16 6.98 6.34
N GLY G 237 24.98 7.58 6.55
CA GLY G 237 24.86 8.59 7.58
C GLY G 237 25.14 8.06 8.97
N GLU G 238 24.46 6.98 9.37
CA GLU G 238 24.72 6.42 10.69
C GLU G 238 26.08 5.75 10.77
N GLN G 239 26.54 5.18 9.65
CA GLN G 239 27.91 4.60 9.64
C GLN G 239 28.91 5.75 9.89
N ALA G 240 28.73 6.87 9.18
CA ALA G 240 29.66 8.01 9.34
C ALA G 240 29.59 8.55 10.77
N LYS G 241 28.37 8.71 11.29
CA LYS G 241 28.23 9.32 12.64
C LYS G 241 28.88 8.37 13.65
N ALA G 242 28.76 7.05 13.43
CA ALA G 242 29.42 6.07 14.31
C ALA G 242 30.93 6.26 14.22
N LEU G 243 31.44 6.38 13.00
CA LEU G 243 32.91 6.56 12.81
C LEU G 243 33.32 7.85 13.53
N PHE G 244 32.55 8.93 13.35
CA PHE G 244 32.91 10.22 13.99
C PHE G 244 33.02 10.00 15.49
N GLU G 245 32.05 9.28 16.06
CA GLU G 245 32.05 9.04 17.53
C GLU G 245 33.27 8.20 17.92
N LYS G 246 33.56 7.15 17.14
CA LYS G 246 34.73 6.29 17.44
C LYS G 246 35.99 7.15 17.42
N VAL G 247 36.10 8.04 16.42
CA VAL G 247 37.28 8.94 16.32
C VAL G 247 37.36 9.75 17.62
N LYS G 248 36.24 10.30 18.08
CA LYS G 248 36.24 11.12 19.31
C LYS G 248 36.79 10.29 20.46
N LYS G 249 36.29 9.06 20.63
CA LYS G 249 36.74 8.19 21.75
C LYS G 249 38.24 7.94 21.62
N PHE G 250 38.70 7.60 20.42
CA PHE G 250 40.13 7.29 20.22
C PHE G 250 40.96 8.53 20.56
N ARG G 251 40.48 9.70 20.13
CA ARG G 251 41.22 10.95 20.41
C ARG G 251 41.46 11.06 21.92
N THR G 252 40.41 10.90 22.72
CA THR G 252 40.55 11.05 24.19
C THR G 252 41.44 9.96 24.72
N HIS G 253 41.35 8.76 24.16
CA HIS G 253 42.11 7.59 24.70
C HIS G 253 43.60 7.67 24.33
N VAL G 254 43.95 8.43 23.29
CA VAL G 254 45.38 8.43 22.84
C VAL G 254 46.03 9.80 23.06
N GLU G 255 45.33 10.90 22.78
CA GLU G 255 45.95 12.24 22.90
C GLU G 255 46.32 12.52 24.36
N GLU G 256 46.05 11.57 25.26
CA GLU G 256 46.30 11.82 26.70
C GLU G 256 47.80 11.86 27.00
N GLY G 257 48.54 10.81 26.63
CA GLY G 257 49.97 10.73 26.99
C GLY G 257 50.80 10.03 25.94
N ASP G 258 52.11 10.24 25.95
CA ASP G 258 52.99 9.65 24.89
C ASP G 258 53.71 8.41 25.42
N ILE G 259 53.18 7.22 25.12
CA ILE G 259 53.88 5.95 25.51
C ILE G 259 54.39 5.30 24.22
N VAL G 260 53.84 5.71 23.08
CA VAL G 260 54.30 5.16 21.77
C VAL G 260 55.45 6.05 21.27
N TYR G 261 55.27 7.37 21.29
CA TYR G 261 56.36 8.29 20.88
C TYR G 261 57.56 8.05 21.78
N ARG G 262 57.32 7.98 23.09
CA ARG G 262 58.45 7.82 24.05
C ARG G 262 59.19 6.51 23.74
N LEU G 263 58.46 5.41 23.59
CA LEU G 263 59.13 4.10 23.38
C LEU G 263 59.95 4.17 22.08
N TYR G 264 59.36 4.71 21.01
CA TYR G 264 60.08 4.74 19.71
C TYR G 264 61.34 5.58 19.86
N MET G 265 61.23 6.69 20.60
CA MET G 265 62.41 7.57 20.83
C MET G 265 63.52 6.72 21.45
N ARG G 266 63.18 5.95 22.50
CA ARG G 266 64.20 5.11 23.17
C ARG G 266 64.81 4.14 22.15
N GLN G 267 63.98 3.34 21.49
CA GLN G 267 64.47 2.38 20.51
C GLN G 267 65.52 3.02 19.61
N THR G 268 65.26 4.23 19.12
CA THR G 268 66.24 4.90 18.28
C THR G 268 67.53 5.20 19.02
N ILE G 269 67.44 5.64 20.27
CA ILE G 269 68.65 5.93 21.05
C ILE G 269 69.47 4.67 21.26
N ILE G 270 68.80 3.57 21.61
CA ILE G 270 69.52 2.32 21.84
C ILE G 270 70.18 1.85 20.55
N LYS G 271 69.47 1.98 19.41
CA LYS G 271 70.08 1.61 18.13
C LYS G 271 71.32 2.43 17.86
N VAL G 272 71.26 3.74 18.14
CA VAL G 272 72.40 4.61 17.86
C VAL G 272 73.60 4.20 18.72
N ILE G 273 73.37 4.00 20.02
CA ILE G 273 74.48 3.68 20.91
C ILE G 273 75.04 2.30 20.58
N LYS G 274 74.18 1.36 20.23
CA LYS G 274 74.70 0.04 19.81
C LYS G 274 75.61 0.27 18.61
N PHE G 275 75.11 0.99 17.60
CA PHE G 275 75.90 1.17 16.35
C PHE G 275 77.27 1.73 16.72
N ILE G 276 77.28 2.75 17.58
CA ILE G 276 78.57 3.40 17.96
C ILE G 276 79.50 2.32 18.52
N LEU G 277 79.04 1.58 19.54
CA LEU G 277 79.90 0.56 20.19
C LEU G 277 80.32 -0.49 19.16
N ILE G 278 79.37 -1.02 18.38
CA ILE G 278 79.72 -2.13 17.44
C ILE G 278 80.85 -1.65 16.53
N ILE G 279 80.72 -0.46 15.94
CA ILE G 279 81.78 0.01 15.00
C ILE G 279 83.09 0.14 15.78
N CYS G 280 83.04 0.78 16.96
CA CYS G 280 84.29 1.04 17.72
C CYS G 280 84.99 -0.28 18.06
N TYR G 281 84.29 -1.25 18.65
CA TYR G 281 84.98 -2.50 19.08
C TYR G 281 85.38 -3.28 17.84
N THR G 282 84.52 -3.32 16.82
CA THR G 282 84.86 -4.15 15.65
C THR G 282 86.04 -3.56 14.90
N VAL G 283 86.07 -2.25 14.72
CA VAL G 283 87.19 -1.62 14.03
C VAL G 283 88.48 -1.83 14.82
N TYR G 284 88.40 -1.73 16.14
CA TYR G 284 89.61 -1.91 16.95
C TYR G 284 90.16 -3.33 16.82
N TYR G 285 89.30 -4.34 16.81
CA TYR G 285 89.71 -5.73 16.89
C TYR G 285 89.57 -6.47 15.57
N VAL G 286 89.62 -5.75 14.44
CA VAL G 286 89.55 -6.42 13.15
C VAL G 286 90.92 -6.75 12.59
N HIS G 287 91.99 -6.15 13.14
CA HIS G 287 93.34 -6.43 12.67
C HIS G 287 93.96 -7.65 13.31
N ASN G 288 93.26 -8.31 14.24
CA ASN G 288 93.76 -9.52 14.88
C ASN G 288 93.38 -10.78 14.12
N ILE G 289 92.61 -10.67 13.04
CA ILE G 289 92.28 -11.82 12.20
C ILE G 289 93.39 -11.94 11.16
N LYS G 290 94.39 -12.75 11.48
CA LYS G 290 95.52 -12.98 10.61
C LYS G 290 95.57 -14.44 10.18
N PHE G 291 96.09 -14.68 8.98
CA PHE G 291 96.24 -16.05 8.50
C PHE G 291 97.34 -16.79 9.25
N ASP G 292 98.57 -16.29 9.15
CA ASP G 292 99.70 -16.91 9.83
C ASP G 292 99.73 -16.48 11.30
N VAL G 293 99.53 -17.43 12.20
CA VAL G 293 99.44 -17.16 13.63
C VAL G 293 100.60 -17.87 14.31
N ASP G 294 101.49 -17.11 14.94
CA ASP G 294 102.56 -17.70 15.73
C ASP G 294 102.00 -18.17 17.06
N CYS G 295 102.47 -19.34 17.51
CA CYS G 295 101.90 -19.97 18.71
C CYS G 295 103.02 -20.46 19.62
N THR G 296 102.81 -20.32 20.92
CA THR G 296 103.72 -20.83 21.94
C THR G 296 102.90 -21.20 23.16
N VAL G 297 102.83 -22.49 23.47
CA VAL G 297 101.88 -22.98 24.47
C VAL G 297 102.56 -23.79 25.57
N ASP G 298 103.85 -24.07 25.44
CA ASP G 298 104.62 -24.76 26.47
C ASP G 298 104.03 -26.14 26.79
N ILE G 299 104.07 -27.01 25.77
CA ILE G 299 103.63 -28.39 25.92
C ILE G 299 104.78 -29.32 25.58
N GLU G 300 106.01 -28.91 25.91
CA GLU G 300 107.19 -29.69 25.57
C GLU G 300 107.09 -31.12 26.09
N SER G 301 106.51 -31.30 27.27
CA SER G 301 106.46 -32.63 27.88
C SER G 301 105.63 -33.61 27.07
N LEU G 302 104.75 -33.12 26.19
CA LEU G 302 103.88 -34.00 25.42
C LEU G 302 104.33 -34.21 23.99
N THR G 303 104.93 -33.21 23.35
CA THR G 303 105.35 -33.33 21.96
C THR G 303 106.84 -33.10 21.75
N GLY G 304 107.49 -32.26 22.55
CA GLY G 304 108.90 -32.01 22.44
C GLY G 304 109.26 -30.68 21.80
N TYR G 305 108.29 -29.97 21.23
CA TYR G 305 108.53 -28.69 20.60
C TYR G 305 107.89 -27.57 21.41
N ARG G 306 108.58 -26.44 21.48
CA ARG G 306 108.13 -25.31 22.29
C ARG G 306 107.20 -24.38 21.51
N THR G 307 107.61 -23.95 20.33
CA THR G 307 106.88 -22.98 19.54
C THR G 307 106.42 -23.60 18.22
N TYR G 308 105.29 -23.12 17.71
CA TYR G 308 104.70 -23.64 16.49
C TYR G 308 104.34 -22.48 15.56
N ARG G 309 104.25 -22.79 14.28
CA ARG G 309 103.90 -21.84 13.22
C ARG G 309 102.53 -22.24 12.69
N CYS G 310 101.48 -21.73 13.29
CA CYS G 310 100.13 -22.10 12.91
C CYS G 310 99.65 -21.30 11.70
N ALA G 311 98.58 -21.78 11.09
CA ALA G 311 97.98 -21.15 9.91
C ALA G 311 96.47 -21.32 9.99
N HIS G 312 95.77 -20.21 10.24
CA HIS G 312 94.32 -20.19 10.28
C HIS G 312 93.78 -19.98 8.87
N PRO G 313 93.31 -21.03 8.18
CA PRO G 313 92.96 -20.85 6.77
C PRO G 313 91.69 -20.06 6.54
N LEU G 314 90.86 -19.89 7.57
CA LEU G 314 89.60 -19.17 7.44
C LEU G 314 89.73 -17.69 7.75
N ALA G 315 90.95 -17.20 7.97
CA ALA G 315 91.13 -15.83 8.42
C ALA G 315 90.74 -14.82 7.35
N THR G 316 91.15 -15.06 6.11
CA THR G 316 90.90 -14.08 5.04
C THR G 316 89.41 -13.90 4.79
N LEU G 317 88.68 -15.02 4.71
CA LEU G 317 87.24 -14.93 4.52
C LEU G 317 86.58 -14.23 5.70
N PHE G 318 87.08 -14.46 6.91
CA PHE G 318 86.56 -13.76 8.08
C PHE G 318 86.86 -12.27 8.00
N LYS G 319 88.01 -11.90 7.45
CA LYS G 319 88.32 -10.48 7.26
C LYS G 319 87.34 -9.85 6.27
N ILE G 320 87.05 -10.56 5.18
CA ILE G 320 86.10 -10.03 4.19
C ILE G 320 84.73 -9.85 4.82
N LEU G 321 84.28 -10.86 5.56
CA LEU G 321 82.97 -10.78 6.22
C LEU G 321 82.94 -9.66 7.25
N ALA G 322 84.04 -9.49 8.00
CA ALA G 322 84.10 -8.42 9.00
C ALA G 322 84.03 -7.05 8.35
N SER G 323 84.75 -6.86 7.24
CA SER G 323 84.69 -5.57 6.55
C SER G 323 83.30 -5.31 6.00
N PHE G 324 82.66 -6.32 5.41
CA PHE G 324 81.33 -6.14 4.87
C PHE G 324 80.32 -5.84 5.98
N TYR G 325 80.47 -6.51 7.13
CA TYR G 325 79.61 -6.24 8.26
C TYR G 325 79.83 -4.84 8.81
N ILE G 326 81.09 -4.38 8.81
CA ILE G 326 81.38 -3.02 9.25
C ILE G 326 80.71 -2.00 8.35
N SER G 327 80.76 -2.22 7.03
CA SER G 327 80.09 -1.30 6.11
C SER G 327 78.57 -1.33 6.32
N LEU G 328 78.01 -2.51 6.53
CA LEU G 328 76.58 -2.60 6.81
C LEU G 328 76.21 -1.85 8.08
N VAL G 329 77.02 -2.00 9.13
CA VAL G 329 76.74 -1.30 10.38
C VAL G 329 76.89 0.21 10.20
N ILE G 330 77.84 0.64 9.35
CA ILE G 330 77.98 2.06 9.06
C ILE G 330 76.71 2.59 8.42
N PHE G 331 76.18 1.88 7.43
CA PHE G 331 74.94 2.30 6.78
C PHE G 331 73.78 2.32 7.77
N TYR G 332 73.69 1.27 8.60
CA TYR G 332 72.63 1.21 9.61
C TYR G 332 72.72 2.38 10.57
N GLY G 333 73.92 2.72 11.01
CA GLY G 333 74.10 3.83 11.92
C GLY G 333 73.77 5.16 11.27
N LEU G 334 74.11 5.33 10.00
CA LEU G 334 73.73 6.56 9.30
C LEU G 334 72.21 6.70 9.23
N ILE G 335 71.52 5.60 8.91
CA ILE G 335 70.07 5.63 8.85
C ILE G 335 69.48 5.95 10.22
N CYS G 336 70.03 5.33 11.27
CA CYS G 336 69.54 5.60 12.62
C CYS G 336 69.81 7.03 13.05
N MET G 337 70.96 7.58 12.66
CA MET G 337 71.25 8.98 12.96
C MET G 337 70.25 9.91 12.28
N TYR G 338 69.91 9.62 11.02
CA TYR G 338 68.89 10.41 10.34
C TYR G 338 67.55 10.29 11.06
N THR G 339 67.19 9.08 11.46
CA THR G 339 65.92 8.88 12.16
C THR G 339 65.87 9.67 13.46
N LEU G 340 66.97 9.65 14.20
CA LEU G 340 67.04 10.42 15.44
C LEU G 340 66.94 11.92 15.16
N TRP G 341 67.62 12.39 14.11
CA TRP G 341 67.56 13.81 13.78
C TRP G 341 66.16 14.22 13.36
N TRP G 342 65.47 13.38 12.58
CA TRP G 342 64.11 13.69 12.16
C TRP G 342 63.17 13.80 13.36
N MET G 343 63.41 12.99 14.39
CA MET G 343 62.54 12.94 15.55
C MET G 343 62.93 13.94 16.63
N LEU G 344 63.99 14.73 16.39
CA LEU G 344 64.42 15.75 17.35
C LEU G 344 64.62 17.10 16.70
N ARG G 345 64.07 17.31 15.49
CA ARG G 345 64.13 18.60 14.82
C ARG G 345 62.87 19.42 15.00
N ARG G 346 61.71 18.77 15.09
CA ARG G 346 60.44 19.41 15.35
C ARG G 346 59.68 18.60 16.39
N SER G 347 58.76 19.26 17.08
CA SER G 347 57.98 18.62 18.14
C SER G 347 56.98 17.68 17.49
N LEU G 348 57.32 16.40 17.43
CA LEU G 348 56.41 15.39 16.89
C LEU G 348 55.16 15.24 17.73
N LYS G 349 55.23 15.64 19.01
CA LYS G 349 54.07 15.53 19.92
C LYS G 349 52.99 16.55 19.52
N LYS G 350 53.34 17.52 18.66
CA LYS G 350 52.38 18.58 18.26
C LYS G 350 52.15 18.49 16.75
N TYR G 351 51.04 17.88 16.32
CA TYR G 351 50.71 17.81 14.87
C TYR G 351 50.19 19.18 14.44
N SER G 352 49.93 19.36 13.14
CA SER G 352 49.50 20.68 12.64
C SER G 352 48.09 20.59 12.04
N PHE G 353 47.90 19.74 11.02
CA PHE G 353 46.60 19.67 10.32
C PHE G 353 46.24 21.06 9.82
N GLU G 354 47.25 21.90 9.58
CA GLU G 354 47.01 23.28 9.11
C GLU G 354 46.63 23.24 7.62
N SER G 355 47.41 22.53 6.80
CA SER G 355 47.16 22.49 5.34
C SER G 355 45.67 22.27 5.07
N ILE G 356 45.16 21.07 5.36
CA ILE G 356 43.73 20.74 5.06
C ILE G 356 42.83 21.83 5.67
N ARG G 357 43.13 22.24 6.90
CA ARG G 357 42.32 23.27 7.59
C ARG G 357 42.27 24.54 6.72
N GLU G 358 43.37 24.88 6.05
CA GLU G 358 43.42 26.12 5.25
C GLU G 358 43.35 25.79 3.76
N GLU G 359 43.03 24.54 3.41
CA GLU G 359 42.92 24.14 1.98
C GLU G 359 41.48 23.73 1.68
N SER G 360 41.12 22.47 1.96
CA SER G 360 39.76 21.97 1.64
C SER G 360 38.78 22.37 2.75
N SER G 361 38.51 23.67 2.89
CA SER G 361 37.57 24.16 3.93
C SER G 361 37.86 23.44 5.25
N TYR G 362 36.82 22.93 5.90
CA TYR G 362 37.01 22.14 7.16
C TYR G 362 38.10 22.82 8.00
N SER G 363 37.89 24.11 8.32
CA SER G 363 38.88 24.86 9.13
C SER G 363 38.67 24.55 10.61
N ASP G 364 37.81 23.56 10.91
CA ASP G 364 37.50 23.22 12.32
C ASP G 364 38.28 21.98 12.74
N ILE G 365 39.40 21.68 12.06
CA ILE G 365 40.25 20.52 12.45
C ILE G 365 41.33 21.05 13.42
N PRO G 366 41.27 20.72 14.73
CA PRO G 366 42.24 21.24 15.74
C PRO G 366 43.54 20.46 15.69
N ASP G 367 44.61 21.03 16.26
CA ASP G 367 45.92 20.33 16.31
C ASP G 367 45.85 19.22 17.35
N VAL G 368 46.21 17.99 16.98
CA VAL G 368 46.10 16.84 17.92
C VAL G 368 47.26 16.92 18.93
N LYS G 369 47.11 16.30 20.10
CA LYS G 369 48.15 16.42 21.16
C LYS G 369 49.19 15.29 21.04
N ASN G 370 49.94 15.04 22.10
CA ASN G 370 51.01 14.05 22.04
C ASN G 370 50.45 12.66 21.75
N ASP G 371 51.36 11.77 21.35
CA ASP G 371 51.08 10.39 20.95
C ASP G 371 50.31 10.34 19.63
N PHE G 372 49.10 10.88 19.61
CA PHE G 372 48.32 10.95 18.38
C PHE G 372 49.07 11.74 17.31
N ALA G 373 49.66 12.87 17.69
CA ALA G 373 50.44 13.67 16.74
C ALA G 373 51.64 12.88 16.23
N PHE G 374 52.27 12.10 17.10
CA PHE G 374 53.40 11.29 16.65
C PHE G 374 52.96 10.26 15.62
N MET G 375 51.81 9.62 15.87
CA MET G 375 51.30 8.66 14.89
C MET G 375 50.96 9.33 13.58
N LEU G 376 50.42 10.55 13.64
CA LEU G 376 50.06 11.27 12.40
C LEU G 376 51.35 11.63 11.63
N HIS G 377 52.38 12.09 12.33
CA HIS G 377 53.65 12.39 11.68
C HIS G 377 54.27 11.15 11.09
N LEU G 378 54.18 10.02 11.81
CA LEU G 378 54.71 8.76 11.31
C LEU G 378 53.96 8.30 10.05
N ILE G 379 52.64 8.48 10.02
CA ILE G 379 51.88 8.02 8.87
C ILE G 379 52.02 9.00 7.70
N ASP G 380 52.44 10.24 7.98
CA ASP G 380 52.71 11.18 6.90
C ASP G 380 53.84 10.68 6.00
N GLN G 381 54.80 9.96 6.57
CA GLN G 381 55.93 9.48 5.77
C GLN G 381 55.47 8.49 4.70
N TYR G 382 54.54 7.60 5.05
CA TYR G 382 54.04 6.63 4.09
C TYR G 382 53.25 7.32 2.98
N ASP G 383 52.17 8.00 3.34
CA ASP G 383 51.32 8.65 2.36
C ASP G 383 50.59 9.82 3.00
N PRO G 384 50.84 11.06 2.55
CA PRO G 384 50.15 12.21 3.14
C PRO G 384 48.64 12.18 2.92
N LEU G 385 48.15 11.38 1.97
CA LEU G 385 46.72 11.31 1.73
C LEU G 385 45.96 10.74 2.94
N TYR G 386 46.59 9.84 3.69
CA TYR G 386 45.92 9.25 4.85
C TYR G 386 45.58 10.29 5.90
N SER G 387 46.50 11.22 6.16
CA SER G 387 46.23 12.27 7.13
C SER G 387 45.08 13.16 6.69
N LYS G 388 45.03 13.47 5.38
CA LYS G 388 43.93 14.26 4.86
C LYS G 388 42.60 13.53 5.01
N ARG G 389 42.60 12.22 4.76
CA ARG G 389 41.38 11.45 4.96
C ARG G 389 40.96 11.46 6.43
N PHE G 390 41.93 11.40 7.34
CA PHE G 390 41.58 11.41 8.79
C PHE G 390 41.18 12.83 9.19
N ALA G 391 41.58 13.84 8.41
CA ALA G 391 41.31 15.22 8.79
C ALA G 391 39.81 15.52 8.78
N VAL G 392 39.09 14.98 7.81
CA VAL G 392 37.68 15.33 7.67
C VAL G 392 36.85 14.84 8.84
N PHE G 393 37.36 13.86 9.58
CA PHE G 393 36.61 13.32 10.72
C PHE G 393 37.00 13.98 12.03
N LEU G 394 37.86 15.00 12.00
CA LEU G 394 38.21 15.77 13.19
C LEU G 394 37.74 17.21 13.07
N SER G 395 36.71 17.46 12.28
CA SER G 395 36.23 18.81 11.99
C SER G 395 34.82 19.00 12.51
N GLU G 396 34.49 20.25 12.85
CA GLU G 396 33.16 20.57 13.34
C GLU G 396 32.18 20.88 12.21
N VAL G 397 32.63 21.58 11.16
CA VAL G 397 31.74 21.86 10.03
C VAL G 397 31.33 20.56 9.36
N SER G 398 32.23 19.59 9.27
CA SER G 398 31.85 18.26 8.77
C SER G 398 30.82 17.63 9.70
N GLU G 399 30.96 17.84 11.00
CA GLU G 399 29.97 17.33 11.95
C GLU G 399 28.59 17.91 11.68
N ASN G 400 28.52 19.23 11.47
CA ASN G 400 27.21 19.83 11.22
C ASN G 400 26.66 19.43 9.86
N LYS G 401 27.53 19.23 8.86
CA LYS G 401 27.06 18.76 7.57
C LYS G 401 26.45 17.36 7.69
N LEU G 402 27.13 16.46 8.40
CA LEU G 402 26.58 15.12 8.61
C LEU G 402 25.30 15.17 9.42
N ARG G 403 25.31 16.01 10.45
CA ARG G 403 24.12 16.15 11.33
C ARG G 403 22.95 16.60 10.46
N GLN G 404 23.18 17.59 9.59
CA GLN G 404 22.10 18.03 8.68
C GLN G 404 21.62 16.82 7.88
N LEU G 405 22.55 16.13 7.20
CA LEU G 405 22.15 14.99 6.34
C LEU G 405 21.36 13.98 7.19
N ASN G 406 21.77 13.77 8.44
CA ASN G 406 21.02 12.84 9.34
C ASN G 406 19.62 13.42 9.60
N LEU G 407 19.55 14.68 10.03
CA LEU G 407 18.23 15.33 10.25
C LEU G 407 17.41 15.21 8.96
N ASN G 408 18.08 15.39 7.82
CA ASN G 408 17.39 15.27 6.50
C ASN G 408 16.69 13.92 6.45
N ASN G 409 17.43 12.84 6.73
CA ASN G 409 16.82 11.48 6.73
C ASN G 409 15.89 11.34 7.92
N GLU G 410 16.31 11.80 9.10
CA GLU G 410 15.51 11.60 10.33
C GLU G 410 14.13 12.28 10.21
N TRP G 411 14.10 13.61 10.09
CA TRP G 411 12.79 14.31 10.07
C TRP G 411 12.13 14.17 8.70
N THR G 412 11.51 13.01 8.47
CA THR G 412 10.80 12.78 7.19
C THR G 412 9.55 13.64 7.18
N LEU G 413 9.03 13.95 5.98
CA LEU G 413 7.88 14.86 5.87
C LEU G 413 6.71 14.32 6.71
N ASP G 414 6.54 13.00 6.74
CA ASP G 414 5.39 12.40 7.48
C ASP G 414 5.43 12.87 8.94
N LYS G 415 6.60 12.79 9.58
CA LYS G 415 6.74 13.25 10.98
C LYS G 415 6.43 14.75 11.03
N LEU G 416 6.97 15.50 10.08
CA LEU G 416 6.72 16.97 10.04
C LEU G 416 5.23 17.23 9.78
N ARG G 417 4.61 16.42 8.91
CA ARG G 417 3.15 16.55 8.68
C ARG G 417 2.44 16.33 10.01
N GLN G 418 2.93 15.37 10.81
CA GLN G 418 2.36 15.14 12.16
C GLN G 418 2.74 16.35 13.04
N ARG G 419 3.96 16.85 12.87
CA ARG G 419 4.43 18.03 13.64
C ARG G 419 3.59 19.25 13.25
N LEU G 420 3.02 19.24 12.04
CA LEU G 420 2.15 20.37 11.60
C LEU G 420 0.99 20.54 12.59
N THR G 421 0.64 21.78 12.91
CA THR G 421 -0.48 22.05 13.83
C THR G 421 -1.28 23.20 13.28
N LYS G 422 -2.37 23.59 13.95
CA LYS G 422 -3.16 24.77 13.53
C LYS G 422 -3.10 25.81 14.66
N ASN G 423 -3.13 27.11 14.34
CA ASN G 423 -2.98 28.14 15.40
C ASN G 423 -4.33 28.78 15.70
N ALA G 424 -4.36 29.69 16.67
CA ALA G 424 -5.60 30.39 17.02
C ALA G 424 -6.32 30.92 15.79
N GLN G 425 -5.56 31.44 14.82
CA GLN G 425 -6.13 32.01 13.60
C GLN G 425 -6.40 30.97 12.53
N ASP G 426 -6.51 29.69 12.91
CA ASP G 426 -6.71 28.59 11.96
C ASP G 426 -5.63 28.62 10.88
N LYS G 427 -4.40 28.89 11.30
CA LYS G 427 -3.26 28.94 10.41
C LYS G 427 -2.32 27.79 10.76
N LEU G 428 -1.92 27.03 9.75
CA LEU G 428 -1.10 25.85 9.98
C LEU G 428 0.25 26.25 10.56
N GLU G 429 0.60 25.63 11.68
CA GLU G 429 1.77 26.01 12.47
C GLU G 429 2.73 24.83 12.57
N LEU G 430 4.02 25.14 12.52
CA LEU G 430 5.07 24.15 12.74
C LEU G 430 6.13 24.78 13.64
N HIS G 431 6.06 24.48 14.93
CA HIS G 431 6.96 25.08 15.92
C HIS G 431 8.25 24.26 15.98
N LEU G 432 9.37 24.88 15.63
CA LEU G 432 10.66 24.22 15.67
C LEU G 432 11.34 24.61 16.98
N PHE G 433 11.61 23.62 17.82
CA PHE G 433 12.01 23.87 19.21
C PHE G 433 13.40 23.28 19.43
N MET G 434 14.42 24.08 19.10
CA MET G 434 15.84 23.75 19.31
C MET G 434 16.21 22.45 18.60
N LEU G 435 16.17 22.50 17.27
CA LEU G 435 16.56 21.37 16.45
C LEU G 435 17.93 21.58 15.78
N SER G 436 18.79 22.39 16.39
CA SER G 436 20.13 22.67 15.89
C SER G 436 20.10 23.42 14.57
N GLY G 437 19.76 22.72 13.49
CA GLY G 437 19.49 23.36 12.22
C GLY G 437 18.14 22.92 11.69
N ILE G 438 17.52 23.81 10.92
CA ILE G 438 16.17 23.49 10.43
C ILE G 438 16.26 22.31 9.47
N PRO G 439 15.31 21.38 9.49
CA PRO G 439 15.36 20.26 8.57
C PRO G 439 15.11 20.69 7.13
N ASP G 440 15.69 19.97 6.19
CA ASP G 440 15.49 20.32 4.76
C ASP G 440 14.15 19.77 4.28
N THR G 441 13.54 18.85 5.03
CA THR G 441 12.31 18.24 4.55
C THR G 441 11.12 19.20 4.63
N VAL G 442 11.09 20.09 5.62
CA VAL G 442 9.95 20.98 5.78
C VAL G 442 9.75 21.86 4.55
N PHE G 443 10.82 22.19 3.84
CA PHE G 443 10.69 23.01 2.65
C PHE G 443 9.97 22.28 1.52
N ASP G 444 9.94 20.94 1.58
CA ASP G 444 9.17 20.18 0.61
C ASP G 444 7.67 20.30 0.90
N LEU G 445 7.31 20.53 2.15
CA LEU G 445 5.91 20.70 2.52
C LEU G 445 5.37 21.99 1.92
N VAL G 446 4.09 21.99 1.55
CA VAL G 446 3.53 23.08 0.78
C VAL G 446 2.40 23.82 1.50
N GLU G 447 1.76 23.23 2.50
CA GLU G 447 0.61 23.85 3.16
C GLU G 447 0.98 24.66 4.38
N LEU G 448 2.27 24.78 4.69
CA LEU G 448 2.70 25.46 5.90
C LEU G 448 2.39 26.95 5.82
N GLU G 449 2.14 27.55 6.99
CA GLU G 449 1.89 28.98 7.06
C GLU G 449 2.73 29.64 8.15
N VAL G 450 3.12 28.88 9.16
CA VAL G 450 3.91 29.39 10.28
C VAL G 450 5.23 28.63 10.32
N LEU G 451 6.33 29.38 10.29
CA LEU G 451 7.64 28.73 10.36
C LEU G 451 8.33 29.17 11.64
N LYS G 452 7.60 29.13 12.75
CA LYS G 452 8.11 29.58 14.03
C LYS G 452 9.39 28.82 14.39
N LEU G 453 10.50 29.55 14.47
CA LEU G 453 11.79 29.01 14.85
C LEU G 453 12.20 29.58 16.20
N GLU G 454 12.90 28.77 16.99
CA GLU G 454 13.20 29.10 18.38
C GLU G 454 14.51 28.45 18.79
N LEU G 455 15.51 29.28 19.08
CA LEU G 455 16.84 28.82 19.50
C LEU G 455 17.42 27.79 18.54
N ILE G 456 17.46 28.15 17.26
CA ILE G 456 18.04 27.29 16.23
C ILE G 456 19.17 28.06 15.54
N PRO G 457 20.42 27.89 15.96
CA PRO G 457 21.49 28.75 15.46
C PRO G 457 21.73 28.61 13.97
N ASP G 458 22.14 29.71 13.36
CA ASP G 458 22.58 29.79 11.96
C ASP G 458 21.68 29.02 11.02
N VAL G 459 20.43 29.48 10.91
CA VAL G 459 19.47 28.79 10.04
C VAL G 459 19.87 28.92 8.58
N THR G 460 20.28 30.11 8.15
CA THR G 460 20.69 30.38 6.76
C THR G 460 19.69 29.77 5.76
N ILE G 461 18.49 30.33 5.79
CA ILE G 461 17.33 29.84 5.04
C ILE G 461 17.70 29.43 3.62
N PRO G 462 17.54 28.17 3.27
CA PRO G 462 17.87 27.72 1.91
C PRO G 462 16.89 28.27 0.90
N PRO G 463 17.30 28.36 -0.38
CA PRO G 463 16.38 28.85 -1.42
C PRO G 463 15.16 27.96 -1.62
N SER G 464 15.22 26.69 -1.19
CA SER G 464 14.10 25.78 -1.38
C SER G 464 12.82 26.29 -0.76
N ILE G 465 12.88 27.33 0.07
CA ILE G 465 11.68 27.93 0.64
C ILE G 465 10.77 28.46 -0.44
N ALA G 466 11.29 28.71 -1.64
CA ALA G 466 10.43 29.13 -2.75
C ALA G 466 9.39 28.07 -3.09
N GLN G 467 9.69 26.80 -2.80
CA GLN G 467 8.74 25.73 -3.05
C GLN G 467 7.47 25.93 -2.25
N LEU G 468 7.62 26.26 -0.97
CA LEU G 468 6.49 26.45 -0.08
C LEU G 468 5.83 27.78 -0.40
N THR G 469 4.50 27.77 -0.53
CA THR G 469 3.78 28.96 -0.98
C THR G 469 2.88 29.58 0.09
N GLY G 470 2.45 28.81 1.08
CA GLY G 470 1.57 29.32 2.10
C GLY G 470 2.23 30.10 3.20
N LEU G 471 3.52 30.39 3.09
CA LEU G 471 4.22 31.08 4.16
C LEU G 471 3.81 32.54 4.22
N LYS G 472 3.28 32.95 5.35
CA LYS G 472 3.01 34.35 5.63
C LYS G 472 3.75 34.84 6.86
N GLU G 473 3.69 34.11 7.97
CA GLU G 473 4.31 34.48 9.23
C GLU G 473 5.52 33.60 9.48
N LEU G 474 6.57 34.19 10.05
CA LEU G 474 7.86 33.51 10.10
C LEU G 474 8.39 33.34 11.52
N TRP G 475 8.29 34.36 12.36
CA TRP G 475 8.47 34.23 13.82
C TRP G 475 9.86 33.71 14.18
N LEU G 476 10.87 34.54 13.94
CA LEU G 476 12.18 34.27 14.53
C LEU G 476 12.15 34.54 16.03
N TYR G 477 12.67 33.59 16.81
CA TYR G 477 12.74 33.73 18.25
C TYR G 477 14.15 33.35 18.72
N HIS G 478 14.93 34.36 19.12
CA HIS G 478 16.31 34.17 19.58
C HIS G 478 17.11 33.33 18.59
N THR G 479 17.04 33.73 17.32
CA THR G 479 17.60 32.92 16.25
C THR G 479 18.15 33.80 15.16
N ALA G 480 19.44 33.63 14.85
CA ALA G 480 20.07 34.34 13.75
C ALA G 480 19.57 33.80 12.42
N ALA G 481 19.74 34.60 11.37
CA ALA G 481 19.31 34.20 10.05
C ALA G 481 20.14 34.94 9.00
N LYS G 482 20.58 34.20 7.99
CA LYS G 482 21.30 34.78 6.84
C LYS G 482 20.75 34.09 5.59
N ILE G 483 19.70 34.67 5.03
CA ILE G 483 19.03 34.09 3.87
C ILE G 483 19.86 34.33 2.62
N GLU G 484 19.73 33.42 1.65
CA GLU G 484 20.41 33.57 0.38
C GLU G 484 19.57 34.44 -0.54
N ALA G 485 20.23 35.00 -1.57
CA ALA G 485 19.60 36.04 -2.39
C ALA G 485 18.30 35.58 -3.06
N PRO G 486 18.23 34.43 -3.75
CA PRO G 486 16.95 34.07 -4.38
C PRO G 486 15.84 33.85 -3.38
N ALA G 487 16.13 33.16 -2.28
CA ALA G 487 15.14 32.99 -1.22
C ALA G 487 14.75 34.35 -0.63
N LEU G 488 15.71 35.26 -0.51
CA LEU G 488 15.40 36.60 -0.03
C LEU G 488 14.41 37.29 -0.94
N ALA G 489 14.62 37.19 -2.25
CA ALA G 489 13.69 37.82 -3.19
C ALA G 489 12.30 37.19 -3.09
N PHE G 490 12.25 35.87 -3.07
CA PHE G 490 10.96 35.19 -2.97
C PHE G 490 10.23 35.59 -1.70
N LEU G 491 10.96 35.64 -0.58
CA LEU G 491 10.37 36.08 0.68
C LEU G 491 9.91 37.52 0.60
N ARG G 492 10.69 38.37 -0.07
CA ARG G 492 10.28 39.75 -0.31
C ARG G 492 8.95 39.79 -1.04
N GLU G 493 8.69 38.81 -1.89
CA GLU G 493 7.46 38.81 -2.67
C GLU G 493 6.33 38.03 -2.03
N ASN G 494 6.56 37.37 -0.89
CA ASN G 494 5.52 36.49 -0.35
C ASN G 494 5.22 36.69 1.13
N LEU G 495 6.21 37.08 1.93
CA LEU G 495 6.02 37.11 3.37
C LEU G 495 5.10 38.26 3.76
N ARG G 496 4.21 37.99 4.71
CA ARG G 496 3.24 38.96 5.19
C ARG G 496 3.45 39.38 6.63
N ALA G 497 3.79 38.45 7.52
CA ALA G 497 3.93 38.73 8.94
C ALA G 497 5.29 38.28 9.42
N LEU G 498 5.88 39.04 10.33
CA LEU G 498 7.17 38.72 10.92
C LEU G 498 7.09 38.96 12.42
N HIS G 499 7.69 38.07 13.20
CA HIS G 499 7.73 38.20 14.66
C HIS G 499 9.17 37.98 15.11
N ILE G 500 9.90 39.06 15.31
CA ILE G 500 11.29 38.99 15.73
C ILE G 500 11.35 39.07 17.23
N LYS G 501 12.00 38.09 17.84
CA LYS G 501 12.33 38.10 19.27
C LYS G 501 13.81 37.83 19.42
N PHE G 502 14.43 38.48 20.39
CA PHE G 502 15.88 38.44 20.53
C PHE G 502 16.28 38.93 21.91
N THR G 503 17.58 38.92 22.15
CA THR G 503 18.17 39.52 23.34
C THR G 503 19.13 40.65 23.01
N ASP G 504 20.10 40.40 22.13
CA ASP G 504 21.07 41.40 21.74
C ASP G 504 20.59 42.16 20.52
N ILE G 505 21.04 43.41 20.40
CA ILE G 505 20.55 44.28 19.33
C ILE G 505 20.98 43.77 17.97
N LYS G 506 22.24 43.34 17.86
CA LYS G 506 22.76 42.90 16.53
C LYS G 506 22.01 41.64 16.09
N GLU G 507 21.41 40.91 17.03
CA GLU G 507 20.74 39.65 16.69
C GLU G 507 19.75 39.84 15.55
N ILE G 508 19.13 41.01 15.46
CA ILE G 508 18.15 41.30 14.42
C ILE G 508 18.85 41.24 13.07
N PRO G 509 18.35 40.44 12.13
CA PRO G 509 18.98 40.37 10.81
C PRO G 509 18.83 41.68 10.06
N LEU G 510 19.83 41.98 9.22
CA LEU G 510 19.75 43.17 8.39
C LEU G 510 18.76 42.98 7.25
N TRP G 511 18.80 41.80 6.61
CA TRP G 511 18.07 41.59 5.37
C TRP G 511 16.56 41.71 5.57
N ILE G 512 16.06 41.66 6.80
CA ILE G 512 14.63 41.80 7.01
C ILE G 512 14.16 43.16 6.53
N TYR G 513 15.03 44.16 6.58
CA TYR G 513 14.63 45.48 6.11
C TYR G 513 14.50 45.54 4.60
N SER G 514 15.09 44.59 3.87
CA SER G 514 14.88 44.54 2.42
C SER G 514 13.48 44.04 2.07
N LEU G 515 12.79 43.41 3.02
CA LEU G 515 11.43 42.95 2.78
C LEU G 515 10.55 44.13 2.36
N LYS G 516 9.70 43.90 1.35
CA LYS G 516 8.86 44.96 0.83
C LYS G 516 7.38 44.68 0.91
N THR G 517 6.94 43.43 1.03
CA THR G 517 5.53 43.11 1.17
C THR G 517 5.17 42.75 2.61
N LEU G 518 5.84 43.37 3.57
CA LEU G 518 5.59 43.12 4.99
C LEU G 518 4.50 44.06 5.50
N GLU G 519 3.59 43.52 6.31
CA GLU G 519 2.53 44.30 6.92
C GLU G 519 2.44 44.12 8.43
N GLU G 520 2.81 42.96 8.95
CA GLU G 520 2.74 42.67 10.38
C GLU G 520 4.17 42.50 10.88
N LEU G 521 4.59 43.38 11.78
CA LEU G 521 5.92 43.30 12.36
C LEU G 521 5.80 43.40 13.87
N HIS G 522 6.48 42.49 14.57
CA HIS G 522 6.47 42.46 16.03
C HIS G 522 7.89 42.32 16.52
N LEU G 523 8.29 43.15 17.48
CA LEU G 523 9.63 43.14 18.02
C LEU G 523 9.55 42.77 19.50
N THR G 524 10.39 41.83 19.91
CA THR G 524 10.49 41.39 21.29
C THR G 524 11.96 41.35 21.67
N GLY G 525 12.29 41.95 22.81
CA GLY G 525 13.68 42.09 23.19
C GLY G 525 14.09 43.55 23.17
N ASN G 526 14.88 43.97 24.16
CA ASN G 526 15.18 45.37 24.40
C ASN G 526 15.82 46.04 23.18
N LEU G 527 15.14 47.04 22.61
CA LEU G 527 15.71 47.86 21.55
C LEU G 527 16.63 48.94 22.06
N SER G 528 16.72 49.14 23.37
CA SER G 528 17.49 50.25 23.88
C SER G 528 18.98 50.06 23.57
N ALA G 529 19.52 50.97 22.77
CA ALA G 529 20.93 51.00 22.42
C ALA G 529 21.70 51.99 23.30
N GLU G 530 21.10 52.44 24.38
CA GLU G 530 21.73 53.30 25.37
C GLU G 530 22.21 54.60 24.71
N ASN G 531 21.22 55.37 24.26
CA ASN G 531 21.41 56.65 23.57
C ASN G 531 21.97 56.44 22.17
N ASN G 532 21.73 57.40 21.27
CA ASN G 532 22.06 57.24 19.85
C ASN G 532 21.48 55.95 19.31
N ARG G 533 20.24 55.67 19.71
CA ARG G 533 19.57 54.41 19.44
C ARG G 533 19.01 54.45 18.03
N TYR G 534 18.20 53.46 17.67
CA TYR G 534 17.31 53.52 16.52
C TYR G 534 18.06 53.39 15.19
N ILE G 535 19.37 53.20 15.25
CA ILE G 535 20.16 53.04 14.04
C ILE G 535 19.76 51.76 13.33
N VAL G 536 19.45 50.71 14.09
CA VAL G 536 18.93 49.49 13.48
C VAL G 536 17.51 49.71 12.97
N ILE G 537 16.68 50.37 13.77
CA ILE G 537 15.26 50.51 13.49
C ILE G 537 14.99 51.35 12.25
N ASP G 538 15.99 52.12 11.79
CA ASP G 538 15.75 53.04 10.68
C ASP G 538 15.31 52.32 9.42
N GLY G 539 15.55 51.01 9.33
CA GLY G 539 15.08 50.25 8.18
C GLY G 539 13.58 50.35 7.98
N LEU G 540 12.83 50.66 9.04
CA LEU G 540 11.39 50.82 8.90
C LEU G 540 11.02 51.93 7.93
N ARG G 541 11.95 52.81 7.59
CA ARG G 541 11.67 53.82 6.58
C ARG G 541 11.31 53.17 5.24
N GLU G 542 12.00 52.09 4.88
CA GLU G 542 11.70 51.46 3.60
C GLU G 542 10.60 50.42 3.70
N LEU G 543 10.12 50.11 4.90
CA LEU G 543 9.01 49.18 5.09
C LEU G 543 7.67 49.91 4.97
N LYS G 544 7.50 50.59 3.83
CA LYS G 544 6.34 51.45 3.65
C LYS G 544 5.04 50.66 3.58
N ARG G 545 5.12 49.36 3.27
CA ARG G 545 3.92 48.55 3.23
C ARG G 545 3.48 48.05 4.60
N LEU G 546 4.25 48.34 5.65
CA LEU G 546 3.90 47.87 6.98
C LEU G 546 2.59 48.50 7.43
N LYS G 547 1.78 47.73 8.15
CA LYS G 547 0.50 48.19 8.64
C LYS G 547 0.35 48.08 10.15
N VAL G 548 0.93 47.07 10.79
CA VAL G 548 0.82 46.89 12.23
C VAL G 548 2.21 46.64 12.79
N LEU G 549 2.53 47.30 13.90
CA LEU G 549 3.85 47.24 14.50
C LEU G 549 3.72 47.02 16.00
N ARG G 550 4.64 46.22 16.56
CA ARG G 550 4.64 45.90 17.98
C ARG G 550 6.01 46.18 18.58
N LEU G 551 6.01 46.82 19.75
CA LEU G 551 7.25 47.20 20.46
C LEU G 551 7.18 46.69 21.88
N LYS G 552 7.61 45.45 22.10
CA LYS G 552 7.79 44.92 23.45
C LYS G 552 9.27 45.00 23.84
N SER G 553 9.75 46.23 23.99
CA SER G 553 11.19 46.42 24.19
C SER G 553 11.56 47.49 25.21
N ASN G 554 10.64 47.92 26.07
CA ASN G 554 10.95 48.82 27.18
C ASN G 554 11.60 50.12 26.69
N LEU G 555 10.86 50.87 25.88
CA LEU G 555 11.38 52.10 25.30
C LEU G 555 11.11 53.26 26.24
N SER G 556 12.17 53.96 26.65
CA SER G 556 11.98 55.19 27.43
C SER G 556 11.33 56.27 26.58
N LYS G 557 11.61 56.26 25.28
CA LYS G 557 11.09 57.26 24.36
C LYS G 557 10.57 56.55 23.12
N LEU G 558 9.51 57.10 22.53
CA LEU G 558 9.01 56.55 21.28
C LEU G 558 9.96 56.93 20.14
N PRO G 559 10.34 55.98 19.28
CA PRO G 559 11.27 56.31 18.20
C PRO G 559 10.70 57.31 17.20
N GLN G 560 11.61 58.08 16.61
CA GLN G 560 11.23 58.96 15.51
C GLN G 560 10.94 58.16 14.25
N VAL G 561 11.59 57.00 14.09
CA VAL G 561 11.37 56.18 12.90
C VAL G 561 9.93 55.70 12.85
N VAL G 562 9.39 55.26 13.99
CA VAL G 562 8.02 54.76 13.98
C VAL G 562 7.03 55.88 13.70
N THR G 563 7.28 57.08 14.23
CA THR G 563 6.40 58.20 13.94
C THR G 563 6.45 58.58 12.47
N ASP G 564 7.64 58.48 11.87
CA ASP G 564 7.77 58.74 10.44
C ASP G 564 7.00 57.71 9.62
N VAL G 565 7.14 56.43 9.96
CA VAL G 565 6.49 55.37 9.18
C VAL G 565 5.02 55.23 9.50
N GLY G 566 4.54 55.86 10.59
CA GLY G 566 3.16 55.68 11.00
C GLY G 566 2.16 56.45 10.18
N VAL G 567 2.60 57.15 9.14
CA VAL G 567 1.67 57.83 8.26
C VAL G 567 0.65 56.86 7.70
N HIS G 568 1.12 55.69 7.26
CA HIS G 568 0.27 54.64 6.71
C HIS G 568 0.00 53.52 7.71
N LEU G 569 0.44 53.66 8.95
CA LEU G 569 0.36 52.54 9.88
C LEU G 569 -0.98 52.53 10.62
N GLN G 570 -1.31 51.39 11.19
CA GLN G 570 -2.62 51.17 11.81
C GLN G 570 -2.59 50.88 13.29
N LYS G 571 -1.66 50.04 13.78
CA LYS G 571 -1.70 49.59 15.16
C LYS G 571 -0.33 49.70 15.81
N LEU G 572 -0.27 50.37 16.96
CA LEU G 572 0.93 50.42 17.79
C LEU G 572 0.64 49.61 19.05
N SER G 573 1.00 48.33 19.02
CA SER G 573 0.92 47.51 20.22
C SER G 573 2.23 47.68 20.97
N ILE G 574 2.24 48.61 21.93
CA ILE G 574 3.45 48.99 22.65
C ILE G 574 3.36 48.42 24.05
N ASN G 575 4.38 47.66 24.45
CA ASN G 575 4.43 47.04 25.76
C ASN G 575 5.77 47.37 26.39
N ASN G 576 5.75 48.07 27.52
CA ASN G 576 6.96 48.56 28.16
C ASN G 576 7.34 47.78 29.42
N GLU G 577 6.46 46.90 29.90
CA GLU G 577 6.76 46.06 31.06
C GLU G 577 7.15 46.91 32.27
N GLY G 578 6.48 48.04 32.45
CA GLY G 578 6.74 48.94 33.53
C GLY G 578 7.60 50.14 33.18
N THR G 579 8.19 50.16 31.99
CA THR G 579 8.98 51.32 31.58
C THR G 579 8.08 52.49 31.27
N LYS G 580 8.42 53.66 31.82
CA LYS G 580 7.66 54.87 31.57
C LYS G 580 7.95 55.37 30.16
N LEU G 581 6.91 55.51 29.35
CA LEU G 581 7.05 55.97 27.98
C LEU G 581 6.53 57.40 27.87
N ILE G 582 7.30 58.26 27.21
CA ILE G 582 6.93 59.64 27.00
C ILE G 582 6.32 59.76 25.61
N VAL G 583 5.06 60.21 25.54
CA VAL G 583 4.38 60.31 24.26
C VAL G 583 5.00 61.42 23.41
N LEU G 584 5.28 62.58 24.01
CA LEU G 584 5.96 63.69 23.34
C LEU G 584 5.26 64.06 22.04
N ASN G 585 3.92 64.09 22.09
CA ASN G 585 2.98 64.47 21.02
C ASN G 585 3.31 63.79 19.69
N SER G 586 4.08 62.70 19.71
CA SER G 586 4.55 62.13 18.45
C SER G 586 3.44 61.36 17.77
N LEU G 587 2.46 60.88 18.53
CA LEU G 587 1.33 60.18 17.93
C LEU G 587 0.50 61.11 17.05
N LYS G 588 0.64 62.43 17.26
CA LYS G 588 -0.09 63.39 16.45
C LYS G 588 0.23 63.23 14.97
N LYS G 589 1.43 62.77 14.64
CA LYS G 589 1.78 62.52 13.25
C LYS G 589 0.90 61.44 12.66
N MET G 590 0.66 60.37 13.42
CA MET G 590 -0.15 59.26 12.93
C MET G 590 -1.60 59.71 12.78
N ALA G 591 -2.11 59.64 11.55
CA ALA G 591 -3.50 59.97 11.26
C ALA G 591 -4.30 58.79 10.75
N ASN G 592 -3.69 57.94 9.92
CA ASN G 592 -4.37 56.74 9.44
C ASN G 592 -4.48 55.67 10.53
N LEU G 593 -3.84 55.88 11.68
CA LEU G 593 -3.89 54.92 12.76
C LEU G 593 -5.33 54.70 13.22
N THR G 594 -5.64 53.44 13.54
CA THR G 594 -6.99 53.06 13.94
C THR G 594 -7.06 52.24 15.23
N GLU G 595 -5.96 51.63 15.69
CA GLU G 595 -5.95 50.91 16.95
C GLU G 595 -4.66 51.22 17.70
N LEU G 596 -4.80 51.58 18.97
CA LEU G 596 -3.65 51.96 19.79
C LEU G 596 -3.73 51.25 21.13
N GLU G 597 -2.61 50.67 21.57
CA GLU G 597 -2.57 49.90 22.80
C GLU G 597 -1.26 50.22 23.53
N LEU G 598 -1.36 50.99 24.61
CA LEU G 598 -0.22 51.25 25.49
C LEU G 598 -0.37 50.32 26.68
N ILE G 599 0.34 49.20 26.65
CA ILE G 599 0.18 48.13 27.63
C ILE G 599 1.39 48.12 28.55
N ARG G 600 1.14 48.18 29.85
CA ARG G 600 2.18 48.18 30.87
C ARG G 600 3.17 49.31 30.65
N CYS G 601 2.71 50.42 30.09
CA CYS G 601 3.59 51.55 29.80
C CYS G 601 3.62 52.58 30.91
N ASP G 602 2.80 52.42 31.95
CA ASP G 602 2.87 53.24 33.16
C ASP G 602 2.73 54.73 32.82
N LEU G 603 1.67 55.06 32.09
CA LEU G 603 1.42 56.46 31.77
C LEU G 603 1.08 57.27 33.01
N GLU G 604 0.26 56.70 33.89
CA GLU G 604 -0.27 57.32 35.11
C GLU G 604 -1.29 58.40 34.77
N ARG G 605 -1.41 58.76 33.50
CA ARG G 605 -2.34 59.77 33.03
C ARG G 605 -2.61 59.52 31.55
N ILE G 606 -3.67 60.13 31.06
CA ILE G 606 -3.95 60.02 29.62
C ILE G 606 -2.87 60.77 28.85
N PRO G 607 -2.39 60.26 27.71
CA PRO G 607 -1.33 60.96 26.98
C PRO G 607 -1.71 62.35 26.48
N HIS G 608 -3.00 62.61 26.25
CA HIS G 608 -3.51 63.91 25.83
C HIS G 608 -3.11 64.23 24.39
N SER G 609 -2.33 63.35 23.78
CA SER G 609 -2.02 63.45 22.36
C SER G 609 -2.86 62.51 21.52
N ILE G 610 -3.41 61.46 22.13
CA ILE G 610 -4.27 60.53 21.41
C ILE G 610 -5.49 61.23 20.83
N PHE G 611 -5.97 62.28 21.51
CA PHE G 611 -7.15 62.99 21.05
C PHE G 611 -6.93 63.67 19.71
N SER G 612 -5.67 63.91 19.33
CA SER G 612 -5.39 64.50 18.02
C SER G 612 -5.79 63.55 16.90
N LEU G 613 -5.57 62.25 17.09
CA LEU G 613 -5.95 61.26 16.10
C LEU G 613 -7.45 61.32 15.85
N HIS G 614 -7.84 61.25 14.58
CA HIS G 614 -9.25 61.37 14.20
C HIS G 614 -9.78 60.12 13.52
N ASN G 615 -8.97 59.07 13.42
CA ASN G 615 -9.43 57.81 12.84
C ASN G 615 -9.29 56.64 13.81
N LEU G 616 -8.94 56.91 15.06
CA LEU G 616 -8.81 55.85 16.04
C LEU G 616 -10.18 55.23 16.31
N GLN G 617 -10.20 53.91 16.46
CA GLN G 617 -11.43 53.20 16.80
C GLN G 617 -11.30 52.37 18.07
N GLU G 618 -10.18 51.70 18.28
CA GLU G 618 -9.98 50.85 19.45
C GLU G 618 -8.78 51.35 20.22
N ILE G 619 -8.99 51.77 21.46
CA ILE G 619 -7.94 52.27 22.33
C ILE G 619 -7.85 51.37 23.55
N ASP G 620 -6.62 51.03 23.94
CA ASP G 620 -6.41 50.11 25.06
C ASP G 620 -5.33 50.68 25.96
N LEU G 621 -5.69 50.93 27.21
CA LEU G 621 -4.73 51.35 28.24
C LEU G 621 -4.82 50.32 29.36
N LYS G 622 -3.90 49.36 29.34
CA LYS G 622 -3.90 48.25 30.28
C LYS G 622 -2.68 48.34 31.18
N ASP G 623 -2.90 48.27 32.49
CA ASP G 623 -1.85 48.24 33.51
C ASP G 623 -0.94 49.46 33.39
N ASN G 624 -1.53 50.64 33.62
CA ASN G 624 -0.78 51.88 33.51
C ASN G 624 -1.01 52.81 34.70
N ASN G 625 -1.58 52.31 35.80
CA ASN G 625 -1.72 53.07 37.04
C ASN G 625 -2.50 54.36 36.82
N LEU G 626 -3.67 54.24 36.19
CA LEU G 626 -4.55 55.38 36.00
C LEU G 626 -5.36 55.60 37.27
N LYS G 627 -5.19 56.77 37.88
CA LYS G 627 -5.92 57.07 39.11
C LYS G 627 -7.20 57.84 38.83
N THR G 628 -7.09 59.01 38.18
CA THR G 628 -8.24 59.79 37.75
C THR G 628 -8.19 59.93 36.24
N ILE G 629 -9.32 59.66 35.58
CA ILE G 629 -9.33 59.50 34.13
C ILE G 629 -10.31 60.45 33.47
N GLU G 630 -10.51 61.63 34.06
CA GLU G 630 -11.51 62.57 33.54
C GLU G 630 -11.27 62.91 32.07
N GLU G 631 -10.01 62.87 31.63
CA GLU G 631 -9.65 63.29 30.28
C GLU G 631 -10.39 62.50 29.21
N ILE G 632 -11.05 61.40 29.58
CA ILE G 632 -11.84 60.62 28.63
C ILE G 632 -12.95 61.45 28.00
N ILE G 633 -13.33 62.57 28.62
CA ILE G 633 -14.29 63.46 27.96
C ILE G 633 -13.81 63.85 26.58
N SER G 634 -12.50 64.01 26.41
CA SER G 634 -11.97 64.41 25.12
C SER G 634 -12.34 63.42 24.02
N PHE G 635 -12.64 62.18 24.38
CA PHE G 635 -13.03 61.18 23.39
C PHE G 635 -14.28 61.58 22.63
N GLN G 636 -15.10 62.48 23.17
CA GLN G 636 -16.29 62.91 22.44
C GLN G 636 -15.91 63.58 21.12
N HIS G 637 -14.68 64.11 21.04
CA HIS G 637 -14.21 64.64 19.77
C HIS G 637 -14.08 63.54 18.72
N LEU G 638 -13.60 62.36 19.12
CA LEU G 638 -13.47 61.26 18.19
C LEU G 638 -14.85 60.74 17.78
N HIS G 639 -14.89 60.12 16.59
CA HIS G 639 -16.14 59.62 16.05
C HIS G 639 -16.05 58.19 15.53
N ARG G 640 -14.86 57.65 15.31
CA ARG G 640 -14.71 56.27 14.89
C ARG G 640 -14.54 55.32 16.08
N LEU G 641 -14.51 55.84 17.29
CA LEU G 641 -14.23 55.02 18.46
C LEU G 641 -15.37 54.04 18.69
N THR G 642 -15.01 52.78 18.98
CA THR G 642 -15.99 51.74 19.26
C THR G 642 -15.65 50.90 20.49
N CYS G 643 -14.42 50.97 20.99
CA CYS G 643 -14.03 50.13 22.12
C CYS G 643 -13.01 50.88 22.96
N LEU G 644 -13.35 51.12 24.22
CA LEU G 644 -12.44 51.72 25.19
C LEU G 644 -12.03 50.65 26.19
N LYS G 645 -10.73 50.37 26.28
CA LYS G 645 -10.22 49.29 27.09
C LYS G 645 -9.36 49.84 28.23
N LEU G 646 -9.71 49.45 29.46
CA LEU G 646 -9.01 49.80 30.69
C LEU G 646 -8.81 48.57 31.55
N TRP G 647 -8.22 47.53 30.94
CA TRP G 647 -8.20 46.19 31.54
C TRP G 647 -7.71 46.20 32.98
N TYR G 648 -6.67 46.97 33.28
CA TYR G 648 -6.14 47.03 34.64
C TYR G 648 -5.67 48.44 34.91
N ASN G 649 -6.10 48.99 36.05
CA ASN G 649 -5.69 50.32 36.50
C ASN G 649 -6.11 50.46 37.96
N HIS G 650 -6.00 51.66 38.49
CA HIS G 650 -6.44 51.96 39.84
C HIS G 650 -7.43 53.12 39.84
N ILE G 651 -8.36 53.11 38.88
CA ILE G 651 -9.37 54.14 38.80
C ILE G 651 -10.33 53.99 39.98
N ALA G 652 -10.60 55.10 40.67
CA ALA G 652 -11.47 55.10 41.83
C ALA G 652 -12.88 55.56 41.50
N TYR G 653 -13.01 56.76 40.94
CA TYR G 653 -14.31 57.34 40.62
C TYR G 653 -14.44 57.47 39.12
N ILE G 654 -15.53 56.94 38.57
CA ILE G 654 -15.77 57.00 37.14
C ILE G 654 -16.34 58.36 36.77
N PRO G 655 -15.73 59.07 35.82
CA PRO G 655 -16.22 60.41 35.47
C PRO G 655 -17.63 60.37 34.92
N ILE G 656 -18.43 61.36 35.31
CA ILE G 656 -19.79 61.49 34.79
C ILE G 656 -19.77 61.86 33.31
N GLN G 657 -18.72 62.51 32.85
CA GLN G 657 -18.61 62.99 31.47
C GLN G 657 -18.65 61.86 30.45
N ILE G 658 -18.66 60.60 30.89
CA ILE G 658 -18.91 59.49 29.98
C ILE G 658 -20.24 59.65 29.28
N GLY G 659 -21.20 60.32 29.95
CA GLY G 659 -22.52 60.50 29.35
C GLY G 659 -22.47 61.15 27.99
N ASN G 660 -21.49 62.02 27.75
CA ASN G 660 -21.35 62.64 26.44
C ASN G 660 -20.94 61.63 25.39
N LEU G 661 -20.12 60.65 25.77
CA LEU G 661 -19.71 59.61 24.84
C LEU G 661 -20.92 58.79 24.40
N THR G 662 -21.05 58.58 23.09
CA THR G 662 -22.21 57.90 22.56
C THR G 662 -21.86 56.69 21.70
N ASN G 663 -20.80 56.82 20.89
CA ASN G 663 -20.49 55.82 19.88
C ASN G 663 -19.71 54.62 20.42
N LEU G 664 -19.21 54.69 21.65
CA LEU G 664 -18.46 53.58 22.22
C LEU G 664 -19.38 52.38 22.44
N GLU G 665 -18.81 51.19 22.31
CA GLU G 665 -19.63 49.99 22.41
C GLU G 665 -19.10 48.95 23.40
N ARG G 666 -17.80 48.75 23.47
CA ARG G 666 -17.27 47.57 24.16
C ARG G 666 -16.35 47.93 25.30
N LEU G 667 -16.78 48.85 26.17
CA LEU G 667 -15.96 49.27 27.29
C LEU G 667 -15.59 48.08 28.17
N TYR G 668 -14.29 47.94 28.45
CA TYR G 668 -13.76 46.88 29.29
C TYR G 668 -12.90 47.54 30.37
N LEU G 669 -13.53 47.95 31.46
CA LEU G 669 -12.84 48.66 32.54
C LEU G 669 -12.74 47.81 33.80
N ASN G 670 -12.72 46.49 33.65
CA ASN G 670 -12.60 45.59 34.78
C ASN G 670 -11.30 45.82 35.54
N ARG G 671 -11.19 45.15 36.68
CA ARG G 671 -9.98 45.16 37.51
C ARG G 671 -9.58 46.59 37.88
N ASN G 672 -10.50 47.25 38.60
CA ASN G 672 -10.27 48.62 39.00
C ASN G 672 -10.96 48.87 40.34
N LYS G 673 -10.49 49.90 41.03
CA LYS G 673 -11.00 50.23 42.36
C LYS G 673 -12.28 51.07 42.25
N ILE G 674 -13.27 50.51 41.56
CA ILE G 674 -14.52 51.21 41.28
C ILE G 674 -15.51 50.87 42.39
N GLU G 675 -15.91 51.88 43.15
CA GLU G 675 -16.87 51.65 44.22
C GLU G 675 -18.29 51.59 43.69
N LYS G 676 -18.64 52.49 42.77
CA LYS G 676 -20.01 52.57 42.28
C LYS G 676 -20.01 53.04 40.84
N ILE G 677 -21.11 52.76 40.15
CA ILE G 677 -21.31 53.14 38.76
C ILE G 677 -22.43 54.17 38.69
N PRO G 678 -22.20 55.33 38.09
CA PRO G 678 -23.28 56.31 37.92
C PRO G 678 -24.11 56.02 36.68
N THR G 679 -25.27 56.67 36.62
CA THR G 679 -26.15 56.61 35.46
C THR G 679 -25.52 57.25 34.23
N GLN G 680 -24.43 57.98 34.41
CA GLN G 680 -23.84 58.71 33.29
C GLN G 680 -23.29 57.77 32.24
N LEU G 681 -22.69 56.66 32.67
CA LEU G 681 -22.33 55.62 31.72
C LEU G 681 -23.57 55.12 30.98
N PHE G 682 -24.70 55.08 31.66
CA PHE G 682 -25.91 54.51 31.08
C PHE G 682 -26.65 55.48 30.16
N TYR G 683 -26.31 56.78 30.19
CA TYR G 683 -26.87 57.64 29.15
C TYR G 683 -26.46 57.19 27.76
N CYS G 684 -25.34 56.46 27.65
CA CYS G 684 -24.98 55.86 26.38
C CYS G 684 -25.96 54.75 26.01
N ARG G 685 -26.22 54.59 24.72
CA ARG G 685 -27.17 53.62 24.23
C ARG G 685 -26.58 52.59 23.28
N LYS G 686 -25.34 52.79 22.84
CA LYS G 686 -24.72 51.92 21.85
C LYS G 686 -23.80 50.89 22.48
N LEU G 687 -23.96 50.60 23.77
CA LEU G 687 -23.05 49.72 24.48
C LEU G 687 -23.37 48.26 24.17
N ARG G 688 -22.43 47.59 23.51
CA ARG G 688 -22.54 46.17 23.20
C ARG G 688 -21.97 45.29 24.32
N TYR G 689 -20.73 45.55 24.72
CA TYR G 689 -20.04 44.73 25.71
C TYR G 689 -19.70 45.57 26.93
N LEU G 690 -19.91 45.03 28.12
CA LEU G 690 -19.57 45.72 29.35
C LEU G 690 -18.84 44.76 30.28
N ASP G 691 -17.86 45.30 31.02
CA ASP G 691 -16.94 44.48 31.80
C ASP G 691 -16.75 45.08 33.20
N LEU G 692 -17.85 45.40 33.86
CA LEU G 692 -17.80 45.89 35.24
C LEU G 692 -17.53 44.76 36.23
N SER G 693 -16.34 44.18 36.13
CA SER G 693 -15.96 43.04 36.95
C SER G 693 -14.65 43.32 37.68
N HIS G 694 -14.40 42.52 38.71
CA HIS G 694 -13.21 42.64 39.55
C HIS G 694 -13.07 44.06 40.11
N ASN G 695 -14.19 44.59 40.62
CA ASN G 695 -14.19 45.92 41.22
C ASN G 695 -14.88 45.85 42.57
N ASN G 696 -15.12 47.01 43.17
CA ASN G 696 -15.78 47.09 44.47
C ASN G 696 -17.22 47.56 44.34
N LEU G 697 -17.91 47.14 43.29
CA LEU G 697 -19.31 47.51 43.12
C LEU G 697 -20.15 46.89 44.23
N THR G 698 -21.13 47.67 44.72
CA THR G 698 -22.01 47.22 45.77
C THR G 698 -23.42 46.91 45.28
N PHE G 699 -23.97 47.75 44.42
CA PHE G 699 -25.32 47.55 43.91
C PHE G 699 -25.34 47.94 42.44
N LEU G 700 -26.33 47.41 41.72
CA LEU G 700 -26.50 47.71 40.30
C LEU G 700 -27.70 48.60 40.10
N PRO G 701 -27.52 49.81 39.55
CA PRO G 701 -28.68 50.66 39.26
C PRO G 701 -29.58 50.01 38.21
N ALA G 702 -30.87 50.33 38.28
CA ALA G 702 -31.82 49.79 37.33
C ALA G 702 -31.53 50.22 35.90
N ASP G 703 -30.72 51.26 35.72
CA ASP G 703 -30.47 51.82 34.40
C ASP G 703 -29.71 50.87 33.48
N ILE G 704 -29.16 49.79 34.01
CA ILE G 704 -28.62 48.75 33.14
C ILE G 704 -29.71 48.23 32.22
N GLY G 705 -30.90 47.98 32.78
CA GLY G 705 -32.04 47.64 31.94
C GLY G 705 -32.41 48.72 30.96
N LEU G 706 -32.08 49.97 31.27
CA LEU G 706 -32.30 51.05 30.31
C LEU G 706 -31.51 50.83 29.03
N LEU G 707 -30.29 50.31 29.15
CA LEU G 707 -29.53 49.90 27.97
C LEU G 707 -30.29 48.82 27.23
N GLN G 708 -30.40 48.98 25.91
CA GLN G 708 -31.16 48.05 25.08
C GLN G 708 -30.30 47.47 23.96
N ASN G 709 -28.98 47.56 24.08
CA ASN G 709 -28.07 46.99 23.08
C ASN G 709 -27.02 46.10 23.70
N LEU G 710 -27.13 45.79 24.99
CA LEU G 710 -26.14 44.97 25.67
C LEU G 710 -26.21 43.53 25.19
N GLN G 711 -25.03 42.90 25.06
CA GLN G 711 -24.93 41.49 24.72
C GLN G 711 -24.28 40.68 25.82
N ASN G 712 -23.11 41.09 26.29
CA ASN G 712 -22.36 40.37 27.31
C ASN G 712 -22.05 41.29 28.48
N LEU G 713 -22.31 40.81 29.69
CA LEU G 713 -22.12 41.57 30.91
C LEU G 713 -21.37 40.70 31.91
N ALA G 714 -20.63 41.34 32.81
CA ALA G 714 -19.83 40.60 33.79
C ALA G 714 -19.63 41.49 35.01
N ILE G 715 -20.11 41.02 36.16
CA ILE G 715 -19.98 41.78 37.40
C ILE G 715 -19.25 40.87 38.39
N THR G 716 -18.37 40.02 37.86
CA THR G 716 -17.71 39.03 38.68
C THR G 716 -16.84 39.70 39.74
N ALA G 717 -16.64 38.97 40.84
CA ALA G 717 -15.79 39.42 41.95
C ALA G 717 -16.22 40.79 42.47
N ASN G 718 -17.53 41.01 42.54
CA ASN G 718 -18.07 42.27 43.03
C ASN G 718 -19.05 41.99 44.17
N ARG G 719 -19.13 42.94 45.10
CA ARG G 719 -19.97 42.82 46.29
C ARG G 719 -21.42 43.19 45.97
N ILE G 720 -22.03 42.39 45.09
CA ILE G 720 -23.38 42.65 44.62
C ILE G 720 -24.34 41.89 45.53
N GLU G 721 -24.97 42.63 46.46
CA GLU G 721 -25.91 42.01 47.38
C GLU G 721 -27.20 41.60 46.66
N THR G 722 -27.72 42.44 45.79
CA THR G 722 -28.99 42.19 45.13
C THR G 722 -28.89 42.55 43.66
N LEU G 723 -29.46 41.71 42.80
CA LEU G 723 -29.50 41.97 41.38
C LEU G 723 -30.83 42.61 41.03
N PRO G 724 -30.85 43.82 40.49
CA PRO G 724 -32.12 44.48 40.18
C PRO G 724 -32.86 43.76 39.08
N PRO G 725 -34.17 43.57 39.23
CA PRO G 725 -34.94 42.91 38.16
C PRO G 725 -34.97 43.71 36.87
N GLU G 726 -34.76 45.03 36.96
CA GLU G 726 -34.86 45.88 35.77
C GLU G 726 -33.76 45.57 34.77
N LEU G 727 -32.62 45.07 35.24
CA LEU G 727 -31.58 44.62 34.32
C LEU G 727 -32.12 43.60 33.34
N PHE G 728 -33.07 42.78 33.78
CA PHE G 728 -33.63 41.71 32.99
C PHE G 728 -34.54 42.21 31.89
N GLN G 729 -34.90 43.49 31.91
CA GLN G 729 -35.63 44.09 30.79
C GLN G 729 -34.78 44.06 29.52
N CYS G 730 -33.48 44.31 29.66
CA CYS G 730 -32.59 44.30 28.51
C CYS G 730 -32.54 42.90 27.89
N ARG G 731 -32.71 42.85 26.58
CA ARG G 731 -32.71 41.60 25.83
C ARG G 731 -31.38 41.43 25.11
N LYS G 732 -31.30 40.41 24.26
CA LYS G 732 -30.11 40.14 23.46
C LYS G 732 -28.89 39.91 24.32
N LEU G 733 -29.08 39.34 25.51
CA LEU G 733 -27.97 39.07 26.43
C LEU G 733 -27.46 37.67 26.14
N ARG G 734 -26.49 37.57 25.23
CA ARG G 734 -25.96 36.26 24.86
C ARG G 734 -25.30 35.59 26.07
N ALA G 735 -24.54 36.34 26.85
CA ALA G 735 -23.92 35.80 28.04
C ALA G 735 -24.12 36.76 29.20
N LEU G 736 -23.93 36.26 30.41
CA LEU G 736 -24.09 37.08 31.62
C LEU G 736 -23.27 36.42 32.72
N HIS G 737 -22.15 37.04 33.07
CA HIS G 737 -21.25 36.48 34.08
C HIS G 737 -21.64 36.99 35.47
N LEU G 738 -21.78 36.05 36.40
CA LEU G 738 -21.97 36.37 37.82
C LEU G 738 -21.11 35.38 38.60
N GLY G 739 -19.95 35.84 39.04
CA GLY G 739 -19.05 35.02 39.84
C GLY G 739 -18.62 35.76 41.09
N ASN G 740 -18.37 34.99 42.15
CA ASN G 740 -17.83 35.51 43.41
C ASN G 740 -18.68 36.67 43.92
N ASN G 741 -20.00 36.50 43.85
CA ASN G 741 -20.93 37.53 44.27
C ASN G 741 -21.40 37.26 45.69
N VAL G 742 -22.43 38.00 46.12
CA VAL G 742 -22.92 37.94 47.50
C VAL G 742 -24.21 37.12 47.47
N LEU G 743 -24.72 36.75 48.65
CA LEU G 743 -26.01 36.10 48.75
C LEU G 743 -27.06 36.89 47.98
N GLN G 744 -27.81 36.19 47.13
CA GLN G 744 -28.72 36.83 46.20
C GLN G 744 -29.95 35.96 46.03
N SER G 745 -30.77 36.30 45.04
CA SER G 745 -31.96 35.52 44.72
C SER G 745 -32.31 35.84 43.27
N LEU G 746 -32.11 34.86 42.39
CA LEU G 746 -32.31 35.09 40.96
C LEU G 746 -33.79 35.28 40.68
N PRO G 747 -34.20 36.41 40.12
CA PRO G 747 -35.62 36.62 39.84
C PRO G 747 -36.13 35.68 38.77
N SER G 748 -37.42 35.35 38.85
CA SER G 748 -38.06 34.54 37.83
C SER G 748 -38.09 35.24 36.48
N ARG G 749 -37.88 36.56 36.48
CA ARG G 749 -37.87 37.35 35.25
C ARG G 749 -36.74 36.88 34.33
N VAL G 750 -35.92 35.95 34.81
CA VAL G 750 -34.95 35.28 33.95
C VAL G 750 -35.63 34.67 32.74
N GLY G 751 -36.92 34.37 32.83
CA GLY G 751 -37.64 33.87 31.68
C GLY G 751 -37.54 34.80 30.47
N GLU G 752 -37.43 36.10 30.72
CA GLU G 752 -37.18 37.06 29.65
C GLU G 752 -35.68 37.19 29.37
N LEU G 753 -35.04 36.04 29.21
CA LEU G 753 -33.64 35.94 28.76
C LEU G 753 -33.55 34.95 27.61
N THR G 754 -34.42 35.12 26.62
CA THR G 754 -34.48 34.18 25.51
C THR G 754 -33.16 34.08 24.76
N ASN G 755 -32.37 35.15 24.77
CA ASN G 755 -31.10 35.16 24.07
C ASN G 755 -29.94 34.65 24.91
N LEU G 756 -30.19 34.28 26.16
CA LEU G 756 -29.13 33.78 27.01
C LEU G 756 -28.60 32.46 26.46
N THR G 757 -27.28 32.32 26.45
CA THR G 757 -26.65 31.09 26.00
C THR G 757 -25.67 30.56 27.05
N GLN G 758 -25.08 31.46 27.82
CA GLN G 758 -24.10 31.08 28.83
C GLN G 758 -24.26 31.99 30.04
N ILE G 759 -24.03 31.43 31.23
CA ILE G 759 -24.19 32.20 32.46
C ILE G 759 -23.50 31.45 33.58
N GLU G 760 -22.90 32.19 34.51
CA GLU G 760 -22.24 31.64 35.68
C GLU G 760 -22.96 32.11 36.94
N LEU G 761 -23.04 31.22 37.94
CA LEU G 761 -23.66 31.53 39.22
C LEU G 761 -22.80 31.01 40.37
N ARG G 762 -21.49 31.21 40.28
CA ARG G 762 -20.57 30.70 41.27
C ARG G 762 -20.17 31.78 42.26
N GLY G 763 -19.58 31.33 43.37
CA GLY G 763 -19.04 32.22 44.38
C GLY G 763 -20.04 33.12 45.07
N ASN G 764 -21.34 32.84 44.96
CA ASN G 764 -22.38 33.63 45.58
C ASN G 764 -23.32 32.71 46.33
N ARG G 765 -23.82 33.19 47.47
CA ARG G 765 -24.61 32.35 48.37
C ARG G 765 -26.03 32.24 47.81
N LEU G 766 -26.29 31.17 47.09
CA LEU G 766 -27.60 30.92 46.49
C LEU G 766 -28.10 29.54 46.93
N GLU G 767 -29.41 29.40 47.03
CA GLU G 767 -30.00 28.15 47.51
C GLU G 767 -31.12 27.61 46.65
N CYS G 768 -31.78 28.42 45.82
CA CYS G 768 -32.94 27.97 45.05
C CYS G 768 -32.91 28.64 43.68
N LEU G 769 -32.40 27.93 42.70
CA LEU G 769 -32.41 28.44 41.33
C LEU G 769 -33.81 28.35 40.76
N PRO G 770 -34.35 29.44 40.19
CA PRO G 770 -35.73 29.41 39.70
C PRO G 770 -35.92 28.44 38.55
N VAL G 771 -37.13 27.87 38.49
CA VAL G 771 -37.48 26.94 37.43
C VAL G 771 -37.41 27.61 36.06
N GLU G 772 -37.68 28.91 35.99
CA GLU G 772 -37.65 29.64 34.74
C GLU G 772 -36.29 29.60 34.06
N LEU G 773 -35.26 29.11 34.75
CA LEU G 773 -33.98 28.87 34.10
C LEU G 773 -34.14 27.92 32.92
N GLY G 774 -34.93 26.86 33.11
CA GLY G 774 -35.23 25.97 31.99
C GLY G 774 -36.01 26.64 30.88
N GLU G 775 -36.66 27.77 31.18
CA GLU G 775 -37.35 28.54 30.14
C GLU G 775 -36.39 29.03 29.07
N CYS G 776 -35.13 29.25 29.40
CA CYS G 776 -34.17 29.70 28.42
C CYS G 776 -34.02 28.66 27.31
N PRO G 777 -34.12 29.05 26.04
CA PRO G 777 -34.10 28.05 24.96
C PRO G 777 -32.70 27.66 24.50
N LEU G 778 -31.67 28.44 24.83
CA LEU G 778 -30.32 28.16 24.36
C LEU G 778 -29.37 27.93 25.53
N LEU G 779 -29.87 27.36 26.61
CA LEU G 779 -29.09 27.19 27.83
C LEU G 779 -28.66 25.72 27.94
N LYS G 780 -27.36 25.50 28.08
CA LYS G 780 -26.78 24.18 28.09
C LYS G 780 -26.34 23.81 29.51
N ARG G 781 -26.29 22.51 29.78
CA ARG G 781 -25.77 22.03 31.07
C ARG G 781 -24.37 22.57 31.33
N SER G 782 -23.49 22.47 30.34
CA SER G 782 -22.17 23.07 30.46
C SER G 782 -22.23 24.59 30.39
N GLY G 783 -23.22 25.12 29.66
CA GLY G 783 -23.34 26.56 29.54
C GLY G 783 -23.56 27.24 30.87
N LEU G 784 -24.44 26.69 31.70
CA LEU G 784 -24.73 27.26 33.01
C LEU G 784 -23.73 26.68 34.01
N VAL G 785 -22.85 27.53 34.52
CA VAL G 785 -21.79 27.11 35.41
C VAL G 785 -22.25 27.43 36.83
N VAL G 786 -22.74 26.41 37.53
CA VAL G 786 -23.19 26.56 38.90
C VAL G 786 -22.63 25.39 39.71
N GLU G 787 -22.58 25.59 41.03
CA GLU G 787 -22.19 24.51 41.91
C GLU G 787 -23.16 23.34 41.78
N GLU G 788 -22.65 22.13 42.07
CA GLU G 788 -23.42 20.92 41.82
C GLU G 788 -24.68 20.87 42.67
N ASP G 789 -24.59 21.31 43.92
CA ASP G 789 -25.76 21.24 44.81
C ASP G 789 -26.88 22.14 44.31
N LEU G 790 -26.55 23.37 43.90
CA LEU G 790 -27.56 24.23 43.31
C LEU G 790 -28.12 23.64 42.04
N PHE G 791 -27.25 23.00 41.24
CA PHE G 791 -27.73 22.23 40.10
C PHE G 791 -28.72 21.17 40.55
N ASN G 792 -28.54 20.61 41.74
CA ASN G 792 -29.43 19.57 42.25
C ASN G 792 -30.76 20.15 42.70
N THR G 793 -30.76 21.38 43.22
CA THR G 793 -32.01 21.96 43.73
C THR G 793 -33.05 22.13 42.62
N LEU G 794 -32.64 22.06 41.36
CA LEU G 794 -33.58 22.20 40.26
C LEU G 794 -34.52 20.99 40.19
N PRO G 795 -35.69 21.17 39.60
CA PRO G 795 -36.57 20.01 39.41
C PRO G 795 -35.90 18.98 38.53
N PRO G 796 -36.11 17.69 38.83
CA PRO G 796 -35.39 16.64 38.09
C PRO G 796 -35.62 16.67 36.59
N GLU G 797 -36.85 16.96 36.16
CA GLU G 797 -37.11 17.03 34.72
C GLU G 797 -36.35 18.18 34.10
N VAL G 798 -36.29 19.32 34.79
CA VAL G 798 -35.49 20.45 34.31
C VAL G 798 -34.02 20.07 34.25
N LYS G 799 -33.55 19.31 35.23
CA LYS G 799 -32.16 18.85 35.22
C LYS G 799 -31.92 17.98 33.98
N GLU G 800 -32.85 17.10 33.66
CA GLU G 800 -32.75 16.29 32.45
C GLU G 800 -32.71 17.17 31.21
N ARG G 801 -33.58 18.17 31.16
CA ARG G 801 -33.63 19.06 30.00
C ARG G 801 -32.31 19.77 29.80
N LEU G 802 -31.71 20.24 30.89
CA LEU G 802 -30.41 20.89 30.79
C LEU G 802 -29.34 19.90 30.37
N TRP G 803 -29.39 18.68 30.92
CA TRP G 803 -28.37 17.68 30.59
C TRP G 803 -28.41 17.32 29.10
N ARG G 804 -29.60 17.11 28.55
CA ARG G 804 -29.70 16.68 27.16
C ARG G 804 -29.25 17.77 26.22
N ALA G 805 -29.26 19.03 26.68
CA ALA G 805 -28.88 20.16 25.85
C ALA G 805 -27.42 20.08 25.45
N ALA H 16 36.00 -33.58 -0.72
CA ALA H 16 36.28 -33.72 -2.14
C ALA H 16 36.57 -35.17 -2.49
N TYR H 17 37.86 -35.51 -2.55
CA TYR H 17 38.26 -36.89 -2.82
C TYR H 17 38.21 -37.77 -1.58
N ARG H 18 38.05 -37.17 -0.40
CA ARG H 18 38.05 -37.95 0.83
C ARG H 18 36.88 -38.92 0.87
N ILE H 19 35.70 -38.48 0.43
CA ILE H 19 34.53 -39.35 0.42
C ILE H 19 34.69 -40.46 -0.61
N LEU H 20 35.34 -40.16 -1.74
CA LEU H 20 35.49 -41.15 -2.80
C LEU H 20 36.37 -42.31 -2.34
N LYS H 21 37.40 -42.04 -1.56
CA LYS H 21 38.33 -43.07 -1.12
C LYS H 21 37.65 -44.02 -0.14
N PRO H 22 37.59 -45.31 -0.45
CA PRO H 22 37.08 -46.29 0.53
C PRO H 22 38.17 -46.61 1.56
N TRP H 23 37.86 -47.55 2.45
CA TRP H 23 38.81 -47.90 3.49
C TRP H 23 40.07 -48.55 2.91
N TRP H 24 39.89 -49.39 1.87
CA TRP H 24 41.06 -50.06 1.30
C TRP H 24 42.01 -49.06 0.64
N ASP H 25 41.44 -48.02 0.03
CA ASP H 25 42.29 -46.98 -0.60
C ASP H 25 43.09 -46.26 0.48
N VAL H 26 42.46 -45.94 1.61
CA VAL H 26 43.16 -45.27 2.70
C VAL H 26 44.27 -46.15 3.25
N PHE H 27 43.97 -47.44 3.45
CA PHE H 27 44.97 -48.36 3.96
C PHE H 27 46.15 -48.47 3.00
N THR H 28 45.88 -48.60 1.70
CA THR H 28 46.96 -48.71 0.73
C THR H 28 47.77 -47.43 0.65
N ASP H 29 47.11 -46.28 0.77
CA ASP H 29 47.85 -45.02 0.76
C ASP H 29 48.79 -44.92 1.96
N TYR H 30 48.32 -45.30 3.15
CA TYR H 30 49.19 -45.26 4.31
C TYR H 30 50.33 -46.26 4.18
N ILE H 31 50.04 -47.45 3.65
CA ILE H 31 51.10 -48.43 3.40
C ILE H 31 52.13 -47.85 2.45
N SER H 32 51.68 -47.17 1.39
CA SER H 32 52.60 -46.57 0.44
C SER H 32 53.45 -45.48 1.10
N ILE H 33 52.87 -44.72 2.03
CA ILE H 33 53.66 -43.75 2.77
C ILE H 33 54.75 -44.45 3.58
N VAL H 34 54.40 -45.58 4.21
CA VAL H 34 55.40 -46.30 5.00
C VAL H 34 56.51 -46.84 4.10
N MET H 35 56.15 -47.37 2.93
CA MET H 35 57.18 -47.85 2.00
C MET H 35 58.02 -46.71 1.45
N LEU H 36 57.43 -45.52 1.29
CA LEU H 36 58.24 -44.35 0.92
C LEU H 36 59.24 -44.01 2.00
N MET H 37 58.82 -44.09 3.27
CA MET H 37 59.76 -43.89 4.37
C MET H 37 60.88 -44.92 4.33
N ILE H 38 60.53 -46.18 4.06
CA ILE H 38 61.52 -47.24 3.93
C ILE H 38 62.50 -46.90 2.82
N ALA H 39 62.00 -46.45 1.67
CA ALA H 39 62.84 -46.14 0.54
C ALA H 39 63.79 -44.99 0.86
N VAL H 40 63.28 -43.96 1.53
CA VAL H 40 64.12 -42.82 1.89
C VAL H 40 65.23 -43.25 2.84
N PHE H 41 64.88 -44.04 3.86
CA PHE H 41 65.88 -44.52 4.81
C PHE H 41 66.94 -45.37 4.12
N GLY H 42 66.51 -46.32 3.30
CA GLY H 42 67.46 -47.15 2.59
C GLY H 42 68.34 -46.35 1.67
N GLY H 43 67.77 -45.37 0.96
CA GLY H 43 68.55 -44.57 0.05
C GLY H 43 69.62 -43.76 0.76
N THR H 44 69.24 -43.07 1.84
CA THR H 44 70.23 -42.27 2.54
C THR H 44 71.31 -43.14 3.17
N LEU H 45 70.93 -44.30 3.71
CA LEU H 45 71.93 -45.21 4.27
C LEU H 45 72.89 -45.70 3.19
N GLN H 46 72.34 -46.15 2.05
CA GLN H 46 73.16 -46.69 0.98
C GLN H 46 73.97 -45.61 0.28
N VAL H 47 73.61 -44.35 0.50
CA VAL H 47 74.40 -43.24 -0.05
C VAL H 47 75.50 -42.79 0.89
N THR H 48 75.27 -42.82 2.21
CA THR H 48 76.21 -42.24 3.15
C THR H 48 77.08 -43.24 3.91
N GLN H 49 76.57 -44.40 4.34
CA GLN H 49 77.49 -45.41 4.86
C GLN H 49 77.35 -46.76 4.18
N ASP H 50 77.35 -46.81 2.86
CA ASP H 50 77.44 -48.08 2.15
C ASP H 50 78.87 -48.23 1.62
N LYS H 51 79.58 -49.19 2.20
CA LYS H 51 80.98 -49.43 1.80
C LYS H 51 81.33 -50.86 2.19
N MET H 52 82.17 -51.51 1.37
CA MET H 52 82.61 -52.88 1.71
C MET H 52 84.02 -52.80 2.30
N ILE H 53 84.28 -53.53 3.37
CA ILE H 53 85.60 -53.58 4.01
C ILE H 53 86.20 -54.94 3.67
N CYS H 54 87.29 -54.93 2.90
CA CYS H 54 87.89 -56.14 2.37
C CYS H 54 89.31 -56.30 2.87
N LEU H 55 89.67 -57.54 3.22
CA LEU H 55 91.00 -57.90 3.66
C LEU H 55 91.53 -59.05 2.83
N PRO H 56 92.79 -59.00 2.40
CA PRO H 56 93.35 -60.10 1.61
C PRO H 56 93.42 -61.38 2.42
N CYS H 57 93.29 -62.52 1.72
CA CYS H 57 93.41 -63.83 2.32
C CYS H 57 94.74 -64.42 1.89
N LYS H 58 95.65 -64.60 2.85
CA LYS H 58 97.01 -65.03 2.53
C LYS H 58 97.03 -66.48 2.06
N TRP H 59 96.35 -67.36 2.77
CA TRP H 59 96.29 -68.77 2.43
C TRP H 59 94.88 -69.07 1.90
N VAL H 60 94.81 -69.53 0.64
CA VAL H 60 93.54 -69.87 0.01
C VAL H 60 93.64 -71.29 -0.55
N THR H 61 92.50 -71.98 -0.53
CA THR H 61 92.39 -73.32 -1.11
C THR H 61 91.08 -73.39 -1.88
N LYS H 62 91.18 -73.66 -3.18
CA LYS H 62 90.01 -73.66 -4.07
C LYS H 62 89.24 -72.35 -3.94
N ASP H 63 89.98 -71.25 -4.11
CA ASP H 63 89.47 -69.88 -3.88
C ASP H 63 89.05 -69.81 -2.42
N SER H 64 87.92 -69.22 -2.08
CA SER H 64 87.42 -69.08 -0.71
C SER H 64 88.54 -68.51 0.17
N CYS H 65 88.56 -68.90 1.45
CA CYS H 65 89.60 -68.45 2.38
C CYS H 65 89.84 -69.57 3.39
N ASN H 66 90.92 -70.31 3.19
CA ASN H 66 91.26 -71.38 4.13
C ASN H 66 91.65 -70.78 5.48
N ASP H 67 91.09 -71.34 6.55
CA ASP H 67 91.35 -70.86 7.90
C ASP H 67 92.37 -71.77 8.56
N SER H 68 93.64 -71.40 8.44
CA SER H 68 94.73 -72.18 9.03
C SER H 68 95.78 -71.26 9.64
N THR H 92 106.11 -65.09 22.46
CA THR H 92 105.33 -66.15 21.83
C THR H 92 103.87 -65.75 21.67
N GLY H 93 103.56 -64.50 22.04
CA GLY H 93 102.22 -63.99 21.94
C GLY H 93 101.80 -63.76 20.50
N PRO H 94 100.49 -63.60 20.27
CA PRO H 94 100.01 -63.36 18.91
C PRO H 94 100.49 -62.03 18.37
N THR H 95 100.69 -61.99 17.06
CA THR H 95 101.09 -60.77 16.37
C THR H 95 100.20 -60.56 15.15
N GLY H 96 99.98 -59.30 14.80
CA GLY H 96 99.13 -58.99 13.68
C GLY H 96 99.72 -59.43 12.36
N ILE H 97 98.85 -59.74 11.41
CA ILE H 97 99.27 -60.16 10.08
C ILE H 97 99.61 -58.92 9.26
N LYS H 98 100.79 -58.93 8.66
CA LYS H 98 101.25 -57.81 7.84
C LYS H 98 100.91 -58.08 6.39
N TYR H 99 100.00 -57.29 5.83
CA TYR H 99 99.57 -57.46 4.44
C TYR H 99 100.34 -56.59 3.47
N ASP H 100 101.13 -55.64 3.96
CA ASP H 100 101.96 -54.78 3.11
C ASP H 100 101.13 -54.04 2.07
N LEU H 101 99.95 -53.59 2.47
CA LEU H 101 99.06 -52.82 1.60
C LEU H 101 98.81 -51.46 2.22
N ASP H 102 98.96 -50.40 1.43
CA ASP H 102 98.67 -49.06 1.91
C ASP H 102 97.17 -48.80 1.85
N ARG H 103 96.76 -47.63 2.32
CA ARG H 103 95.33 -47.32 2.43
C ARG H 103 94.66 -47.29 1.07
N HIS H 104 95.34 -46.73 0.06
CA HIS H 104 94.71 -46.57 -1.24
C HIS H 104 94.49 -47.91 -1.94
N GLN H 105 95.40 -48.86 -1.76
CA GLN H 105 95.17 -50.20 -2.28
C GLN H 105 93.94 -50.85 -1.64
N TYR H 106 93.78 -50.64 -0.33
CA TYR H 106 92.59 -51.13 0.35
C TYR H 106 91.33 -50.49 -0.23
N ASN H 107 91.37 -49.18 -0.47
CA ASN H 107 90.21 -48.52 -1.06
C ASN H 107 89.91 -49.06 -2.45
N TYR H 108 90.96 -49.30 -3.24
CA TYR H 108 90.76 -49.81 -4.60
C TYR H 108 90.13 -51.19 -4.57
N VAL H 109 90.65 -52.09 -3.73
CA VAL H 109 90.08 -53.43 -3.68
C VAL H 109 88.66 -53.40 -3.12
N ASP H 110 88.40 -52.49 -2.17
CA ASP H 110 87.04 -52.34 -1.65
C ASP H 110 86.08 -51.95 -2.77
N ALA H 111 86.45 -50.93 -3.55
CA ALA H 111 85.58 -50.49 -4.64
C ALA H 111 85.41 -51.59 -5.69
N VAL H 112 86.48 -52.30 -6.01
CA VAL H 112 86.42 -53.32 -7.06
C VAL H 112 85.51 -54.47 -6.62
N CYS H 113 85.72 -54.98 -5.40
CA CYS H 113 84.90 -56.09 -4.93
C CYS H 113 83.49 -55.66 -4.58
N TYR H 114 83.25 -54.36 -4.35
CA TYR H 114 81.90 -53.87 -4.19
C TYR H 114 81.17 -53.81 -5.53
N GLU H 115 81.88 -53.40 -6.58
CA GLU H 115 81.23 -53.27 -7.88
C GLU H 115 81.03 -54.63 -8.54
N ASN H 116 81.98 -55.56 -8.36
CA ASN H 116 81.95 -56.82 -9.08
C ASN H 116 81.29 -57.96 -8.31
N ARG H 117 81.66 -58.19 -7.06
CA ARG H 117 81.24 -59.37 -6.32
C ARG H 117 80.28 -59.03 -5.20
N LEU H 118 79.39 -58.07 -5.44
CA LEU H 118 78.30 -57.78 -4.53
C LEU H 118 77.00 -57.86 -5.31
N HIS H 119 76.02 -58.56 -4.76
CA HIS H 119 74.77 -58.78 -5.47
C HIS H 119 74.06 -57.47 -5.74
N TRP H 120 73.44 -57.36 -6.92
CA TRP H 120 72.79 -56.12 -7.32
C TRP H 120 71.63 -55.78 -6.40
N PHE H 121 70.96 -56.78 -5.84
CA PHE H 121 69.84 -56.51 -4.93
C PHE H 121 70.32 -55.78 -3.69
N ALA H 122 71.46 -56.20 -3.13
CA ALA H 122 71.98 -55.55 -1.94
C ALA H 122 72.37 -54.10 -2.20
N LYS H 123 72.82 -53.80 -3.42
CA LYS H 123 73.27 -52.46 -3.75
C LYS H 123 72.14 -51.55 -4.23
N TYR H 124 71.04 -52.10 -4.76
CA TYR H 124 69.98 -51.29 -5.32
C TYR H 124 68.63 -51.56 -4.67
N PHE H 125 68.59 -52.16 -3.49
CA PHE H 125 67.31 -52.44 -2.84
C PHE H 125 66.51 -51.17 -2.55
N PRO H 126 67.08 -50.10 -1.98
CA PRO H 126 66.29 -48.88 -1.79
C PRO H 126 65.76 -48.27 -3.08
N TYR H 127 66.52 -48.37 -4.16
CA TYR H 127 66.05 -47.78 -5.41
C TYR H 127 64.89 -48.58 -6.00
N LEU H 128 64.96 -49.92 -5.91
CA LEU H 128 63.86 -50.74 -6.38
C LEU H 128 62.59 -50.48 -5.58
N VAL H 129 62.72 -50.37 -4.25
CA VAL H 129 61.54 -50.10 -3.43
C VAL H 129 60.99 -48.71 -3.71
N LEU H 130 61.88 -47.74 -3.95
CA LEU H 130 61.40 -46.39 -4.29
C LEU H 130 60.63 -46.41 -5.60
N LEU H 131 61.16 -47.11 -6.61
CA LEU H 131 60.48 -47.20 -7.89
C LEU H 131 59.13 -47.89 -7.76
N HIS H 132 59.08 -48.99 -7.00
CA HIS H 132 57.83 -49.71 -6.80
C HIS H 132 56.80 -48.86 -6.09
N THR H 133 57.24 -48.12 -5.05
CA THR H 133 56.30 -47.24 -4.34
C THR H 133 55.79 -46.13 -5.25
N LEU H 134 56.66 -45.57 -6.09
CA LEU H 134 56.22 -44.55 -7.03
C LEU H 134 55.20 -45.12 -8.01
N ILE H 135 55.43 -46.33 -8.51
CA ILE H 135 54.48 -46.96 -9.41
C ILE H 135 53.15 -47.19 -8.71
N PHE H 136 53.19 -47.66 -7.46
CA PHE H 136 51.96 -47.88 -6.71
C PHE H 136 51.19 -46.59 -6.49
N LEU H 137 51.89 -45.50 -6.13
CA LEU H 137 51.23 -44.23 -5.94
C LEU H 137 50.62 -43.72 -7.23
N ALA H 138 51.36 -43.83 -8.34
CA ALA H 138 50.83 -43.37 -9.63
C ALA H 138 49.61 -44.17 -10.03
N CYS H 139 49.63 -45.49 -9.82
CA CYS H 139 48.49 -46.32 -10.15
C CYS H 139 47.33 -46.16 -9.17
N SER H 140 47.58 -45.64 -7.98
CA SER H 140 46.49 -45.36 -7.06
C SER H 140 45.83 -44.01 -7.33
N ASN H 141 46.61 -43.03 -7.81
CA ASN H 141 46.09 -41.70 -8.08
C ASN H 141 45.97 -41.41 -9.57
N PHE H 142 45.88 -42.44 -10.41
CA PHE H 142 45.84 -42.20 -11.86
C PHE H 142 44.53 -41.54 -12.28
N TRP H 143 43.39 -42.02 -11.77
CA TRP H 143 42.12 -41.46 -12.19
C TRP H 143 41.88 -40.05 -11.66
N PHE H 144 42.67 -39.61 -10.68
CA PHE H 144 42.55 -38.25 -10.18
C PHE H 144 43.29 -37.23 -11.04
N LYS H 145 44.01 -37.68 -12.07
CA LYS H 145 44.74 -36.78 -12.95
C LYS H 145 44.37 -36.94 -14.41
N PHE H 146 43.85 -38.09 -14.82
CA PHE H 146 43.35 -38.24 -16.18
C PHE H 146 42.16 -37.31 -16.37
N PRO H 147 42.19 -36.43 -17.38
CA PRO H 147 41.20 -35.34 -17.44
C PRO H 147 39.74 -35.82 -17.51
N ARG H 148 39.45 -36.86 -18.30
CA ARG H 148 38.07 -37.29 -18.45
C ARG H 148 37.50 -37.83 -17.14
N THR H 149 38.21 -38.78 -16.52
CA THR H 149 37.72 -39.36 -15.27
C THR H 149 37.74 -38.33 -14.15
N SER H 150 38.75 -37.46 -14.12
CA SER H 150 38.79 -36.44 -13.09
C SER H 150 37.62 -35.47 -13.22
N SER H 151 37.30 -35.06 -14.45
CA SER H 151 36.16 -34.16 -14.63
C SER H 151 34.85 -34.83 -14.27
N LYS H 152 34.67 -36.10 -14.66
CA LYS H 152 33.44 -36.80 -14.29
C LYS H 152 33.33 -36.94 -12.77
N LEU H 153 34.44 -37.28 -12.11
CA LEU H 153 34.41 -37.44 -10.66
C LEU H 153 34.13 -36.11 -9.96
N GLU H 154 34.70 -35.01 -10.45
CA GLU H 154 34.42 -33.71 -9.85
C GLU H 154 32.97 -33.31 -10.05
N HIS H 155 32.41 -33.58 -11.24
CA HIS H 155 31.01 -33.30 -11.48
C HIS H 155 30.12 -34.09 -10.53
N PHE H 156 30.43 -35.38 -10.37
CA PHE H 156 29.65 -36.21 -9.44
C PHE H 156 29.78 -35.72 -8.01
N VAL H 157 30.98 -35.32 -7.61
CA VAL H 157 31.19 -34.84 -6.25
C VAL H 157 30.37 -33.58 -6.00
N SER H 158 30.40 -32.64 -6.95
CA SER H 158 29.65 -31.41 -6.79
C SER H 158 28.15 -31.70 -6.74
N ILE H 159 27.66 -32.60 -7.60
CA ILE H 159 26.24 -32.92 -7.61
C ILE H 159 25.83 -33.55 -6.28
N LEU H 160 26.63 -34.50 -5.78
CA LEU H 160 26.31 -35.14 -4.53
C LEU H 160 26.33 -34.16 -3.36
N LEU H 161 27.32 -33.28 -3.32
CA LEU H 161 27.41 -32.32 -2.24
C LEU H 161 26.24 -31.33 -2.27
N LYS H 162 25.85 -30.93 -3.48
CA LYS H 162 24.73 -29.97 -3.61
C LYS H 162 23.44 -30.67 -3.17
N CYS H 163 23.16 -31.85 -3.72
CA CYS H 163 21.91 -32.54 -3.41
C CYS H 163 21.86 -32.98 -1.95
N PHE H 164 23.02 -33.15 -1.33
CA PHE H 164 23.08 -33.57 0.07
C PHE H 164 22.70 -32.44 1.01
N ASP H 165 22.87 -31.20 0.56
CA ASP H 165 22.55 -30.02 1.42
C ASP H 165 21.20 -29.44 0.99
N SER H 166 20.59 -30.01 -0.04
CA SER H 166 19.29 -29.49 -0.55
C SER H 166 18.23 -29.60 0.56
N PRO H 167 17.47 -28.52 0.83
CA PRO H 167 16.39 -28.54 1.86
C PRO H 167 15.32 -29.55 1.47
N TRP H 168 14.96 -29.57 0.18
CA TRP H 168 13.84 -30.44 -0.24
C TRP H 168 14.18 -31.90 0.05
N THR H 169 15.48 -32.22 0.18
CA THR H 169 15.84 -33.60 0.54
C THR H 169 15.14 -33.94 1.83
N THR H 170 15.32 -33.12 2.86
CA THR H 170 14.71 -33.37 4.18
C THR H 170 13.22 -33.44 4.02
N ARG H 171 12.63 -32.45 3.35
CA ARG H 171 11.16 -32.40 3.19
C ARG H 171 10.69 -33.71 2.56
N ALA H 172 11.38 -34.15 1.50
CA ALA H 172 11.00 -35.41 0.82
C ALA H 172 11.25 -36.59 1.74
N LEU H 173 12.41 -36.62 2.40
CA LEU H 173 12.76 -37.76 3.28
C LEU H 173 11.68 -37.91 4.35
N SER H 174 11.03 -36.79 4.73
CA SER H 174 9.92 -36.84 5.72
C SER H 174 8.65 -37.37 5.04
N VAL H 231 7.84 -25.57 4.32
CA VAL H 231 7.63 -26.77 3.51
C VAL H 231 8.34 -26.60 2.17
N LEU H 232 7.69 -25.90 1.24
CA LEU H 232 8.28 -25.66 -0.08
C LEU H 232 9.07 -24.37 -0.14
N ASP H 233 8.72 -23.39 0.70
CA ASP H 233 9.44 -22.12 0.79
C ASP H 233 9.38 -21.34 -0.51
N LYS H 234 10.08 -20.21 -0.58
CA LYS H 234 9.90 -19.27 -1.69
C LYS H 234 10.88 -19.51 -2.83
N LYS H 235 12.19 -19.35 -2.57
CA LYS H 235 13.20 -19.48 -3.60
C LYS H 235 13.97 -20.79 -3.53
N GLU H 236 13.97 -21.42 -2.35
CA GLU H 236 14.60 -22.75 -2.22
C GLU H 236 13.89 -23.69 -3.20
N GLY H 237 12.59 -23.46 -3.42
CA GLY H 237 11.82 -24.33 -4.33
C GLY H 237 12.36 -24.28 -5.73
N GLU H 238 12.65 -23.08 -6.24
CA GLU H 238 13.11 -22.95 -7.65
C GLU H 238 14.56 -23.47 -7.76
N GLN H 239 15.41 -23.19 -6.76
CA GLN H 239 16.79 -23.72 -6.80
C GLN H 239 16.72 -25.25 -6.68
N ALA H 240 15.78 -25.77 -5.89
CA ALA H 240 15.60 -27.23 -5.81
C ALA H 240 15.25 -27.75 -7.19
N LYS H 241 14.30 -27.09 -7.86
CA LYS H 241 13.91 -27.51 -9.24
C LYS H 241 15.18 -27.54 -10.10
N ALA H 242 15.97 -26.47 -10.04
CA ALA H 242 17.21 -26.40 -10.85
C ALA H 242 18.11 -27.59 -10.51
N LEU H 243 18.27 -27.87 -9.23
CA LEU H 243 19.14 -29.00 -8.80
C LEU H 243 18.58 -30.29 -9.39
N PHE H 244 17.26 -30.49 -9.30
CA PHE H 244 16.63 -31.68 -9.92
C PHE H 244 16.99 -31.71 -11.39
N GLU H 245 16.82 -30.57 -12.08
CA GLU H 245 17.10 -30.52 -13.53
C GLU H 245 18.59 -30.81 -13.79
N LYS H 246 19.47 -30.19 -13.00
CA LYS H 246 20.93 -30.44 -13.16
C LYS H 246 21.17 -31.95 -13.04
N VAL H 247 20.61 -32.58 -12.01
CA VAL H 247 20.75 -34.06 -11.85
C VAL H 247 20.40 -34.69 -13.20
N LYS H 248 19.33 -34.25 -13.85
CA LYS H 248 18.95 -34.92 -15.11
C LYS H 248 20.04 -34.78 -16.16
N LYS H 249 20.62 -33.58 -16.27
CA LYS H 249 21.70 -33.38 -17.25
C LYS H 249 22.91 -34.24 -16.91
N PHE H 250 23.25 -34.34 -15.62
CA PHE H 250 24.37 -35.19 -15.21
C PHE H 250 24.10 -36.65 -15.53
N ARG H 251 22.86 -37.09 -15.31
CA ARG H 251 22.49 -38.46 -15.68
C ARG H 251 22.69 -38.70 -17.16
N THR H 252 22.15 -37.81 -18.00
CA THR H 252 22.29 -37.98 -19.44
C THR H 252 23.74 -37.85 -19.90
N HIS H 253 24.58 -37.20 -19.08
CA HIS H 253 25.98 -37.00 -19.46
C HIS H 253 26.87 -38.16 -19.08
N VAL H 254 26.64 -38.77 -17.92
CA VAL H 254 27.61 -39.70 -17.35
C VAL H 254 27.20 -41.16 -17.47
N GLU H 255 25.91 -41.46 -17.63
CA GLU H 255 25.48 -42.86 -17.61
C GLU H 255 25.66 -43.57 -18.95
N GLU H 256 26.16 -42.86 -19.96
CA GLU H 256 26.25 -43.48 -21.32
C GLU H 256 27.57 -44.26 -21.45
N GLY H 257 28.59 -43.90 -20.66
CA GLY H 257 29.88 -44.53 -20.74
C GLY H 257 30.20 -45.37 -19.51
N ASP H 258 31.41 -45.94 -19.53
CA ASP H 258 31.92 -46.72 -18.41
C ASP H 258 33.42 -46.51 -18.21
N ILE H 259 33.90 -45.30 -18.50
CA ILE H 259 35.33 -45.05 -18.49
C ILE H 259 35.91 -45.17 -17.08
N VAL H 260 35.22 -44.63 -16.09
CA VAL H 260 35.75 -44.64 -14.72
C VAL H 260 35.85 -46.07 -14.21
N TYR H 261 34.80 -46.87 -14.44
CA TYR H 261 34.81 -48.26 -13.98
C TYR H 261 35.92 -49.05 -14.65
N ARG H 262 36.09 -48.88 -15.97
CA ARG H 262 37.15 -49.59 -16.67
C ARG H 262 38.52 -49.14 -16.19
N LEU H 263 38.69 -47.85 -15.93
CA LEU H 263 39.98 -47.36 -15.44
C LEU H 263 40.29 -47.95 -14.07
N TYR H 264 39.30 -48.03 -13.19
CA TYR H 264 39.53 -48.62 -11.87
C TYR H 264 39.82 -50.11 -11.99
N MET H 265 39.10 -50.80 -12.88
CA MET H 265 39.40 -52.21 -13.16
C MET H 265 40.85 -52.41 -13.55
N ARG H 266 41.31 -51.63 -14.54
CA ARG H 266 42.68 -51.76 -15.02
C ARG H 266 43.68 -51.38 -13.93
N GLN H 267 43.36 -50.35 -13.14
CA GLN H 267 44.22 -49.92 -12.05
C GLN H 267 44.44 -51.04 -11.06
N THR H 268 43.34 -51.66 -10.59
CA THR H 268 43.45 -52.74 -9.62
C THR H 268 44.16 -53.95 -10.21
N ILE H 269 43.88 -54.27 -11.47
CA ILE H 269 44.54 -55.41 -12.10
C ILE H 269 46.04 -55.19 -12.15
N ILE H 270 46.46 -53.99 -12.58
CA ILE H 270 47.89 -53.71 -12.71
C ILE H 270 48.56 -53.72 -11.34
N LYS H 271 47.88 -53.17 -10.32
CA LYS H 271 48.46 -53.18 -8.98
C LYS H 271 48.62 -54.61 -8.46
N VAL H 272 47.64 -55.48 -8.72
CA VAL H 272 47.75 -56.87 -8.29
C VAL H 272 48.92 -57.55 -9.00
N ILE H 273 49.07 -57.32 -10.30
CA ILE H 273 50.17 -57.91 -11.04
C ILE H 273 51.50 -57.43 -10.48
N LYS H 274 51.60 -56.13 -10.19
CA LYS H 274 52.83 -55.59 -9.64
C LYS H 274 53.15 -56.20 -8.28
N PHE H 275 52.13 -56.38 -7.43
CA PHE H 275 52.36 -57.01 -6.14
C PHE H 275 52.88 -58.43 -6.30
N ILE H 276 52.27 -59.20 -7.21
CA ILE H 276 52.69 -60.57 -7.42
C ILE H 276 54.14 -60.62 -7.89
N LEU H 277 54.48 -59.78 -8.88
CA LEU H 277 55.85 -59.76 -9.39
C LEU H 277 56.83 -59.32 -8.31
N ILE H 278 56.46 -58.33 -7.50
CA ILE H 278 57.34 -57.82 -6.47
C ILE H 278 57.64 -58.90 -5.45
N ILE H 279 56.60 -59.61 -4.98
CA ILE H 279 56.81 -60.69 -4.02
C ILE H 279 57.69 -61.77 -4.63
N CYS H 280 57.37 -62.17 -5.87
CA CYS H 280 58.11 -63.26 -6.49
C CYS H 280 59.58 -62.94 -6.65
N TYR H 281 59.91 -61.70 -7.03
CA TYR H 281 61.35 -61.40 -7.30
C TYR H 281 62.06 -61.08 -6.00
N THR H 282 61.35 -60.49 -5.03
CA THR H 282 62.04 -60.08 -3.81
C THR H 282 62.30 -61.25 -2.88
N VAL H 283 61.38 -62.22 -2.81
CA VAL H 283 61.60 -63.38 -1.96
C VAL H 283 62.79 -64.19 -2.47
N TYR H 284 62.92 -64.31 -3.80
CA TYR H 284 63.99 -65.12 -4.37
C TYR H 284 65.35 -64.49 -4.13
N TYR H 285 65.46 -63.16 -4.25
CA TYR H 285 66.74 -62.47 -4.22
C TYR H 285 67.00 -61.77 -2.89
N VAL H 286 66.39 -62.25 -1.80
CA VAL H 286 66.62 -61.65 -0.50
C VAL H 286 67.69 -62.39 0.30
N HIS H 287 68.00 -63.64 -0.05
CA HIS H 287 69.03 -64.39 0.65
C HIS H 287 70.44 -63.98 0.25
N ASN H 288 70.59 -63.17 -0.80
CA ASN H 288 71.92 -62.74 -1.25
C ASN H 288 72.43 -61.52 -0.49
N ILE H 289 71.62 -60.95 0.41
CA ILE H 289 72.09 -59.87 1.28
C ILE H 289 72.76 -60.53 2.48
N LYS H 290 74.09 -60.60 2.43
CA LYS H 290 74.83 -61.30 3.50
C LYS H 290 75.97 -60.40 3.99
N PHE H 291 76.42 -60.63 5.22
CA PHE H 291 77.52 -59.86 5.79
C PHE H 291 78.86 -60.27 5.19
N ASP H 292 79.21 -61.54 5.32
CA ASP H 292 80.47 -62.05 4.79
C ASP H 292 80.33 -62.27 3.29
N VAL H 293 81.13 -61.55 2.50
CA VAL H 293 81.06 -61.60 1.04
C VAL H 293 82.46 -61.95 0.55
N ASP H 294 82.68 -63.23 0.25
CA ASP H 294 83.94 -63.65 -0.36
C ASP H 294 84.00 -63.15 -1.79
N CYS H 295 85.12 -62.55 -2.17
CA CYS H 295 85.26 -61.98 -3.51
C CYS H 295 86.60 -62.37 -4.11
N THR H 296 86.59 -62.64 -5.42
CA THR H 296 87.79 -62.89 -6.20
C THR H 296 87.66 -62.10 -7.49
N VAL H 297 88.60 -61.17 -7.72
CA VAL H 297 88.41 -60.19 -8.78
C VAL H 297 89.58 -60.16 -9.76
N ASP H 298 90.65 -60.89 -9.43
CA ASP H 298 91.82 -60.99 -10.30
C ASP H 298 92.42 -59.63 -10.59
N ILE H 299 92.87 -58.96 -9.52
CA ILE H 299 93.57 -57.69 -9.65
C ILE H 299 94.94 -57.85 -9.00
N GLU H 300 95.50 -59.06 -9.05
CA GLU H 300 96.80 -59.32 -8.40
C GLU H 300 97.86 -58.38 -8.96
N SER H 301 97.76 -58.03 -10.25
CA SER H 301 98.80 -57.20 -10.84
C SER H 301 98.90 -55.83 -10.19
N LEU H 302 97.92 -55.44 -9.38
CA LEU H 302 97.92 -54.14 -8.73
C LEU H 302 98.12 -54.21 -7.23
N THR H 303 97.79 -55.33 -6.60
CA THR H 303 97.94 -55.47 -5.14
C THR H 303 98.80 -56.66 -4.75
N GLY H 304 98.75 -57.75 -5.50
CA GLY H 304 99.52 -58.94 -5.21
C GLY H 304 98.71 -60.09 -4.64
N TYR H 305 97.48 -59.85 -4.21
CA TYR H 305 96.62 -60.88 -3.66
C TYR H 305 95.51 -61.23 -4.64
N ARG H 306 95.15 -62.51 -4.66
CA ARG H 306 94.15 -63.02 -5.60
C ARG H 306 92.74 -62.98 -5.00
N THR H 307 92.56 -63.54 -3.80
CA THR H 307 91.26 -63.66 -3.17
C THR H 307 91.19 -62.81 -1.92
N TYR H 308 90.03 -62.20 -1.69
CA TYR H 308 89.81 -61.35 -0.53
C TYR H 308 88.56 -61.80 0.22
N ARG H 309 88.53 -61.50 1.50
CA ARG H 309 87.36 -61.70 2.34
C ARG H 309 86.83 -60.34 2.75
N CYS H 310 85.59 -60.05 2.40
CA CYS H 310 84.99 -58.73 2.63
C CYS H 310 83.91 -58.83 3.69
N ALA H 311 83.34 -57.66 4.02
CA ALA H 311 82.33 -57.59 5.06
C ALA H 311 81.45 -56.38 4.74
N HIS H 312 80.18 -56.63 4.42
CA HIS H 312 79.22 -55.59 4.14
C HIS H 312 78.49 -55.22 5.43
N PRO H 313 78.89 -54.14 6.10
CA PRO H 313 78.31 -53.85 7.42
C PRO H 313 76.83 -53.51 7.38
N LEU H 314 76.31 -53.09 6.22
CA LEU H 314 74.91 -52.70 6.08
C LEU H 314 74.02 -53.87 5.69
N ALA H 315 74.53 -55.10 5.77
CA ALA H 315 73.77 -56.25 5.29
C ALA H 315 72.59 -56.58 6.21
N THR H 316 72.84 -56.61 7.53
CA THR H 316 71.78 -56.99 8.46
C THR H 316 70.63 -56.00 8.46
N LEU H 317 70.94 -54.71 8.46
CA LEU H 317 69.90 -53.69 8.41
C LEU H 317 69.10 -53.78 7.12
N PHE H 318 69.79 -54.05 6.00
CA PHE H 318 69.10 -54.20 4.73
C PHE H 318 68.21 -55.43 4.72
N LYS H 319 68.65 -56.51 5.36
CA LYS H 319 67.79 -57.70 5.48
C LYS H 319 66.54 -57.38 6.29
N ILE H 320 66.70 -56.66 7.39
CA ILE H 320 65.54 -56.30 8.21
C ILE H 320 64.57 -55.43 7.42
N LEU H 321 65.11 -54.44 6.70
CA LEU H 321 64.26 -53.56 5.90
C LEU H 321 63.57 -54.34 4.79
N ALA H 322 64.27 -55.27 4.15
CA ALA H 322 63.69 -56.07 3.09
C ALA H 322 62.56 -56.94 3.61
N SER H 323 62.75 -57.56 4.78
CA SER H 323 61.69 -58.39 5.35
C SER H 323 60.48 -57.54 5.71
N PHE H 324 60.69 -56.37 6.31
CA PHE H 324 59.58 -55.51 6.67
C PHE H 324 58.84 -55.03 5.42
N TYR H 325 59.58 -54.70 4.36
CA TYR H 325 58.96 -54.30 3.11
C TYR H 325 58.20 -55.45 2.46
N ILE H 326 58.71 -56.68 2.58
CA ILE H 326 57.99 -57.84 2.05
C ILE H 326 56.66 -58.00 2.79
N SER H 327 56.67 -57.81 4.11
CA SER H 327 55.42 -57.88 4.86
C SER H 327 54.46 -56.78 4.41
N LEU H 328 54.97 -55.56 4.20
CA LEU H 328 54.12 -54.47 3.72
C LEU H 328 53.52 -54.80 2.36
N VAL H 329 54.33 -55.38 1.47
CA VAL H 329 53.82 -55.74 0.14
C VAL H 329 52.78 -56.85 0.24
N ILE H 330 52.97 -57.78 1.18
CA ILE H 330 51.97 -58.84 1.38
C ILE H 330 50.64 -58.23 1.79
N PHE H 331 50.68 -57.28 2.73
CA PHE H 331 49.45 -56.61 3.15
C PHE H 331 48.81 -55.83 1.99
N TYR H 332 49.64 -55.11 1.23
CA TYR H 332 49.14 -54.34 0.09
C TYR H 332 48.48 -55.26 -0.93
N GLY H 333 49.10 -56.40 -1.21
CA GLY H 333 48.53 -57.33 -2.17
C GLY H 333 47.25 -57.96 -1.67
N LEU H 334 47.18 -58.28 -0.38
CA LEU H 334 45.93 -58.81 0.15
C LEU H 334 44.81 -57.80 0.02
N ILE H 335 45.09 -56.53 0.33
CA ILE H 335 44.06 -55.50 0.17
C ILE H 335 43.66 -55.35 -1.29
N CYS H 336 44.63 -55.39 -2.20
CA CYS H 336 44.32 -55.25 -3.62
C CYS H 336 43.49 -56.42 -4.13
N MET H 337 43.79 -57.64 -3.68
CA MET H 337 42.99 -58.79 -4.06
C MET H 337 41.57 -58.68 -3.50
N TYR H 338 41.43 -58.16 -2.28
CA TYR H 338 40.09 -57.95 -1.74
C TYR H 338 39.31 -56.96 -2.61
N THR H 339 39.96 -55.87 -3.02
CA THR H 339 39.30 -54.89 -3.88
C THR H 339 38.93 -55.51 -5.21
N LEU H 340 39.82 -56.33 -5.78
CA LEU H 340 39.53 -57.02 -7.03
C LEU H 340 38.31 -57.93 -6.89
N TRP H 341 38.25 -58.68 -5.79
CA TRP H 341 37.11 -59.57 -5.57
C TRP H 341 35.83 -58.77 -5.37
N TRP H 342 35.92 -57.64 -4.68
CA TRP H 342 34.73 -56.83 -4.46
C TRP H 342 34.20 -56.24 -5.77
N MET H 343 35.13 -55.88 -6.66
CA MET H 343 34.72 -55.25 -7.95
C MET H 343 34.31 -56.34 -8.94
N LEU H 344 34.62 -57.60 -8.63
CA LEU H 344 34.29 -58.71 -9.55
C LEU H 344 32.99 -59.37 -9.07
N ARG H 345 32.72 -59.32 -7.77
CA ARG H 345 31.46 -59.91 -7.22
C ARG H 345 30.28 -59.07 -7.73
N ARG H 346 29.12 -59.72 -7.93
CA ARG H 346 27.93 -59.03 -8.43
C ARG H 346 28.31 -58.29 -9.71
N SER H 347 27.77 -57.09 -9.89
CA SER H 347 28.15 -56.24 -11.02
C SER H 347 28.12 -54.79 -10.54
N LEU H 348 29.22 -54.08 -10.75
CA LEU H 348 29.36 -52.70 -10.30
C LEU H 348 28.71 -51.71 -11.26
N LYS H 349 28.22 -52.17 -12.41
CA LYS H 349 27.60 -51.31 -13.40
C LYS H 349 26.08 -51.28 -13.30
N LYS H 350 25.53 -51.93 -12.27
CA LYS H 350 24.06 -51.98 -12.12
C LYS H 350 23.65 -51.77 -10.65
N TYR H 351 23.39 -50.53 -10.25
CA TYR H 351 22.91 -50.26 -8.86
C TYR H 351 21.41 -50.47 -8.86
N SER H 352 20.76 -50.44 -7.70
CA SER H 352 19.30 -50.75 -7.66
C SER H 352 18.51 -49.61 -7.01
N PHE H 353 19.01 -49.06 -5.90
CA PHE H 353 18.29 -48.00 -5.16
C PHE H 353 16.99 -48.58 -4.60
N GLU H 354 16.84 -49.91 -4.66
CA GLU H 354 15.58 -50.58 -4.22
C GLU H 354 15.32 -50.26 -2.73
N SER H 355 16.39 -50.20 -1.93
CA SER H 355 16.21 -49.98 -0.48
C SER H 355 15.30 -48.77 -0.24
N ILE H 356 15.64 -47.62 -0.83
CA ILE H 356 14.82 -46.39 -0.66
C ILE H 356 13.44 -46.63 -1.30
N ARG H 357 13.42 -47.24 -2.49
CA ARG H 357 12.14 -47.53 -3.18
C ARG H 357 11.19 -48.25 -2.21
N GLU H 358 11.73 -48.84 -1.14
CA GLU H 358 10.87 -49.51 -0.13
C GLU H 358 10.93 -48.72 1.19
N GLU H 359 12.05 -48.06 1.46
CA GLU H 359 12.22 -47.32 2.74
C GLU H 359 11.23 -46.13 2.80
N SER H 360 11.20 -45.30 1.76
CA SER H 360 10.34 -44.10 1.78
C SER H 360 9.53 -44.00 0.47
N SER H 361 8.65 -44.97 0.23
CA SER H 361 7.82 -44.96 -1.00
C SER H 361 8.73 -44.61 -2.20
N TYR H 362 8.36 -43.59 -2.98
CA TYR H 362 9.22 -43.16 -4.12
C TYR H 362 9.64 -44.39 -4.91
N SER H 363 8.68 -45.26 -5.24
CA SER H 363 8.99 -46.51 -6.00
C SER H 363 9.46 -46.15 -7.40
N ASP H 364 9.24 -44.91 -7.83
CA ASP H 364 9.62 -44.47 -9.20
C ASP H 364 11.13 -44.66 -9.41
N ILE H 365 11.96 -44.31 -8.42
CA ILE H 365 13.44 -44.36 -8.59
C ILE H 365 13.78 -45.59 -9.47
N PRO H 366 14.32 -45.42 -10.69
CA PRO H 366 14.72 -46.56 -11.55
C PRO H 366 16.10 -47.07 -11.14
N ASP H 367 16.73 -47.87 -12.00
CA ASP H 367 18.08 -48.40 -11.70
C ASP H 367 19.10 -47.60 -12.51
N VAL H 368 20.11 -47.05 -11.84
CA VAL H 368 21.18 -46.29 -12.55
C VAL H 368 22.03 -47.29 -13.36
N LYS H 369 22.76 -46.82 -14.38
CA LYS H 369 23.52 -47.75 -15.25
C LYS H 369 25.03 -47.64 -14.99
N ASN H 370 25.85 -48.03 -15.97
CA ASN H 370 27.32 -48.06 -15.78
C ASN H 370 27.89 -46.70 -15.38
N ASP H 371 29.07 -46.69 -14.77
CA ASP H 371 29.75 -45.43 -14.36
C ASP H 371 28.97 -44.76 -13.23
N PHE H 372 27.70 -44.42 -13.49
CA PHE H 372 26.86 -43.80 -12.44
C PHE H 372 26.73 -44.78 -11.29
N ALA H 373 26.46 -46.05 -11.61
CA ALA H 373 26.33 -47.08 -10.55
C ALA H 373 27.66 -47.23 -9.80
N PHE H 374 28.76 -47.33 -10.55
CA PHE H 374 30.08 -47.54 -9.90
C PHE H 374 30.31 -46.40 -8.93
N MET H 375 30.11 -45.17 -9.41
CA MET H 375 30.40 -44.00 -8.54
C MET H 375 29.54 -44.07 -7.27
N LEU H 376 28.29 -44.49 -7.40
CA LEU H 376 27.38 -44.57 -6.21
C LEU H 376 27.87 -45.67 -5.26
N HIS H 377 28.17 -46.86 -5.78
CA HIS H 377 28.63 -48.00 -4.92
C HIS H 377 29.78 -47.51 -4.04
N LEU H 378 30.74 -46.78 -4.62
CA LEU H 378 31.85 -46.21 -3.85
C LEU H 378 31.34 -45.30 -2.74
N ILE H 379 30.38 -44.45 -3.07
CA ILE H 379 29.82 -43.56 -2.05
C ILE H 379 29.14 -44.37 -0.95
N ASP H 380 28.50 -45.48 -1.31
CA ASP H 380 27.95 -46.38 -0.30
C ASP H 380 29.04 -46.96 0.58
N GLN H 381 30.16 -47.34 -0.02
CA GLN H 381 31.30 -47.84 0.76
C GLN H 381 31.81 -46.78 1.73
N TYR H 382 31.65 -45.50 1.37
CA TYR H 382 31.96 -44.46 2.35
C TYR H 382 30.83 -44.29 3.36
N ASP H 383 29.65 -43.90 2.88
CA ASP H 383 28.47 -43.71 3.71
C ASP H 383 27.21 -43.85 2.86
N PRO H 384 26.36 -44.88 3.09
CA PRO H 384 25.15 -45.12 2.26
C PRO H 384 24.19 -43.94 2.36
N LEU H 385 24.35 -43.12 3.41
CA LEU H 385 23.40 -42.00 3.62
C LEU H 385 23.46 -41.05 2.42
N TYR H 386 24.67 -40.70 1.96
CA TYR H 386 24.84 -39.79 0.81
C TYR H 386 23.98 -40.29 -0.35
N SER H 387 24.13 -41.56 -0.71
CA SER H 387 23.36 -42.13 -1.84
C SER H 387 21.86 -41.94 -1.60
N LYS H 388 21.40 -42.18 -0.37
CA LYS H 388 19.95 -42.09 -0.06
C LYS H 388 19.48 -40.64 -0.22
N ARG H 389 20.31 -39.68 0.20
CA ARG H 389 19.94 -38.24 0.11
C ARG H 389 20.21 -37.70 -1.30
N PHE H 390 20.18 -38.59 -2.30
CA PHE H 390 20.36 -38.16 -3.72
C PHE H 390 19.34 -38.91 -4.55
N ALA H 391 18.95 -40.09 -4.08
CA ALA H 391 17.91 -40.89 -4.79
C ALA H 391 16.64 -40.07 -4.90
N VAL H 392 16.50 -39.04 -4.04
CA VAL H 392 15.29 -38.18 -4.05
C VAL H 392 15.22 -37.46 -5.40
N PHE H 393 16.34 -36.91 -5.87
CA PHE H 393 16.36 -36.15 -7.13
C PHE H 393 16.17 -37.10 -8.31
N LEU H 394 16.70 -38.32 -8.18
CA LEU H 394 16.57 -39.33 -9.27
C LEU H 394 15.09 -39.71 -9.41
N SER H 395 14.28 -39.43 -8.39
CA SER H 395 12.84 -39.79 -8.42
C SER H 395 12.11 -38.92 -9.46
N GLU H 396 10.94 -39.36 -9.90
CA GLU H 396 10.14 -38.58 -10.89
C GLU H 396 8.87 -38.06 -10.20
N VAL H 397 8.25 -38.89 -9.37
CA VAL H 397 7.06 -38.43 -8.60
C VAL H 397 7.52 -37.30 -7.68
N SER H 398 8.79 -37.34 -7.24
CA SER H 398 9.33 -36.25 -6.38
C SER H 398 9.23 -34.93 -7.15
N GLU H 399 9.66 -34.92 -8.41
CA GLU H 399 9.55 -33.70 -9.24
C GLU H 399 8.06 -33.33 -9.34
N ASN H 400 7.24 -34.30 -9.74
CA ASN H 400 5.78 -34.03 -9.89
C ASN H 400 5.28 -33.42 -8.58
N LYS H 401 5.67 -34.02 -7.45
CA LYS H 401 5.27 -33.48 -6.13
C LYS H 401 5.78 -32.03 -6.03
N LEU H 402 7.10 -31.84 -6.06
CA LEU H 402 7.63 -30.47 -5.85
C LEU H 402 6.95 -29.52 -6.83
N ARG H 403 6.85 -29.90 -8.10
CA ARG H 403 6.27 -28.97 -9.12
C ARG H 403 4.78 -28.73 -8.83
N GLN H 404 4.03 -29.78 -8.49
CA GLN H 404 2.57 -29.63 -8.27
C GLN H 404 2.38 -28.77 -7.01
N LEU H 405 3.23 -28.98 -6.01
CA LEU H 405 3.16 -28.16 -4.78
C LEU H 405 3.74 -26.78 -5.09
N ASN H 406 4.65 -26.72 -6.06
CA ASN H 406 5.17 -25.38 -6.48
C ASN H 406 3.99 -24.62 -7.07
N LEU H 407 3.04 -25.35 -7.68
CA LEU H 407 1.82 -24.68 -8.21
C LEU H 407 1.04 -24.12 -7.01
N ASN H 408 1.08 -24.82 -5.87
CA ASN H 408 0.41 -24.30 -4.64
C ASN H 408 1.06 -22.97 -4.27
N ASN H 409 2.40 -22.89 -4.36
CA ASN H 409 3.09 -21.60 -4.10
C ASN H 409 2.49 -20.54 -5.02
N GLU H 410 2.32 -20.88 -6.30
CA GLU H 410 1.71 -19.93 -7.27
C GLU H 410 0.22 -19.73 -6.95
N TRP H 411 -0.48 -20.83 -6.67
CA TRP H 411 -1.96 -20.90 -6.79
C TRP H 411 -2.55 -21.51 -5.52
N THR H 412 -2.67 -20.71 -4.46
CA THR H 412 -3.23 -21.19 -3.17
C THR H 412 -4.74 -21.15 -3.24
N LEU H 413 -5.42 -21.71 -2.23
CA LEU H 413 -6.89 -21.70 -2.19
C LEU H 413 -7.41 -20.26 -2.25
N ASP H 414 -6.72 -19.34 -1.56
CA ASP H 414 -7.15 -17.91 -1.54
C ASP H 414 -7.13 -17.36 -2.98
N LYS H 415 -6.13 -17.75 -3.77
CA LYS H 415 -6.04 -17.28 -5.18
C LYS H 415 -7.30 -17.76 -5.92
N LEU H 416 -7.72 -18.99 -5.66
CA LEU H 416 -8.93 -19.55 -6.32
C LEU H 416 -10.16 -18.78 -5.84
N ARG H 417 -10.18 -18.39 -4.57
CA ARG H 417 -11.31 -17.57 -4.05
C ARG H 417 -11.39 -16.28 -4.87
N GLN H 418 -10.23 -15.66 -5.13
CA GLN H 418 -10.20 -14.45 -5.99
C GLN H 418 -10.71 -14.83 -7.39
N ARG H 419 -10.27 -15.96 -7.91
CA ARG H 419 -10.69 -16.33 -9.29
C ARG H 419 -12.20 -16.61 -9.29
N LEU H 420 -12.74 -17.11 -8.18
CA LEU H 420 -14.19 -17.44 -8.12
C LEU H 420 -14.96 -16.26 -8.74
N THR H 421 -15.75 -16.54 -9.79
CA THR H 421 -16.47 -15.45 -10.49
C THR H 421 -17.84 -15.95 -10.89
N LYS H 422 -18.88 -15.10 -10.76
CA LYS H 422 -20.18 -15.54 -11.24
C LYS H 422 -20.24 -15.40 -12.76
N ASN H 423 -20.75 -16.43 -13.43
CA ASN H 423 -20.83 -16.45 -14.87
C ASN H 423 -22.17 -15.88 -15.33
N ALA H 424 -22.48 -16.06 -16.62
CA ALA H 424 -23.77 -15.60 -17.14
C ALA H 424 -24.92 -16.31 -16.44
N GLN H 425 -24.70 -17.51 -15.95
CA GLN H 425 -25.69 -18.25 -15.18
C GLN H 425 -25.51 -18.06 -13.68
N ASP H 426 -25.04 -16.88 -13.27
CA ASP H 426 -24.72 -16.52 -11.87
C ASP H 426 -24.24 -17.72 -11.07
N LYS H 427 -23.20 -18.36 -11.59
CA LYS H 427 -22.61 -19.55 -11.00
C LYS H 427 -21.11 -19.36 -10.87
N LEU H 428 -20.56 -19.81 -9.74
CA LEU H 428 -19.13 -19.67 -9.52
C LEU H 428 -18.34 -20.48 -10.53
N GLU H 429 -17.32 -19.85 -11.10
CA GLU H 429 -16.51 -20.47 -12.14
C GLU H 429 -15.05 -20.14 -11.91
N LEU H 430 -14.17 -20.90 -12.56
CA LEU H 430 -12.73 -20.71 -12.44
C LEU H 430 -12.10 -20.91 -13.80
N HIS H 431 -11.50 -19.85 -14.34
CA HIS H 431 -10.83 -19.90 -15.63
C HIS H 431 -9.36 -20.17 -15.40
N LEU H 432 -8.96 -21.43 -15.52
CA LEU H 432 -7.57 -21.84 -15.33
C LEU H 432 -6.86 -21.69 -16.67
N PHE H 433 -6.20 -20.55 -16.87
CA PHE H 433 -5.68 -20.18 -18.18
C PHE H 433 -4.26 -20.73 -18.35
N MET H 434 -4.19 -21.89 -19.00
CA MET H 434 -2.99 -22.74 -19.14
C MET H 434 -2.10 -22.69 -17.90
N LEU H 435 -2.70 -23.07 -16.77
CA LEU H 435 -1.88 -23.37 -15.61
C LEU H 435 -1.09 -24.65 -15.87
N SER H 436 0.00 -24.83 -15.11
CA SER H 436 0.81 -26.02 -15.29
C SER H 436 0.01 -27.29 -15.03
N GLY H 437 -0.83 -27.26 -14.00
CA GLY H 437 -1.71 -28.37 -13.70
C GLY H 437 -2.79 -27.91 -12.76
N ILE H 438 -3.81 -28.75 -12.60
CA ILE H 438 -4.92 -28.40 -11.73
C ILE H 438 -4.42 -28.37 -10.29
N PRO H 439 -4.56 -27.25 -9.60
CA PRO H 439 -4.10 -27.18 -8.21
C PRO H 439 -4.95 -28.05 -7.30
N ASP H 440 -4.31 -28.59 -6.26
CA ASP H 440 -5.02 -29.40 -5.28
C ASP H 440 -6.07 -28.58 -4.54
N THR H 441 -5.76 -27.33 -4.20
CA THR H 441 -6.71 -26.51 -3.46
C THR H 441 -7.99 -26.27 -4.25
N VAL H 442 -7.92 -26.28 -5.59
CA VAL H 442 -9.12 -26.14 -6.40
C VAL H 442 -10.13 -27.21 -6.05
N PHE H 443 -9.67 -28.37 -5.57
CA PHE H 443 -10.53 -29.47 -5.21
C PHE H 443 -11.08 -29.34 -3.81
N ASP H 444 -11.07 -28.11 -3.25
CA ASP H 444 -11.52 -27.88 -1.89
C ASP H 444 -12.54 -26.73 -1.81
N LEU H 445 -13.27 -26.48 -2.89
CA LEU H 445 -14.31 -25.46 -2.91
C LEU H 445 -15.63 -26.16 -3.24
N VAL H 446 -16.33 -26.60 -2.19
CA VAL H 446 -17.60 -27.29 -2.40
C VAL H 446 -18.60 -26.38 -3.10
N GLU H 447 -18.47 -25.07 -2.92
CA GLU H 447 -19.36 -24.13 -3.58
C GLU H 447 -19.18 -24.08 -5.10
N LEU H 448 -18.06 -24.56 -5.62
CA LEU H 448 -17.82 -24.48 -7.05
C LEU H 448 -18.78 -25.38 -7.81
N GLU H 449 -19.30 -24.86 -8.93
CA GLU H 449 -20.20 -25.59 -9.79
C GLU H 449 -19.88 -25.49 -11.27
N VAL H 450 -19.02 -24.55 -11.66
CA VAL H 450 -18.60 -24.39 -13.05
C VAL H 450 -17.07 -24.46 -13.05
N LEU H 451 -16.53 -25.53 -13.60
CA LEU H 451 -15.09 -25.76 -13.59
C LEU H 451 -14.56 -25.69 -15.02
N LYS H 452 -13.87 -24.61 -15.34
CA LYS H 452 -13.36 -24.38 -16.69
C LYS H 452 -11.88 -24.75 -16.72
N LEU H 453 -11.51 -25.65 -17.62
CA LEU H 453 -10.12 -25.99 -17.88
C LEU H 453 -9.77 -25.50 -19.28
N GLU H 454 -8.73 -24.67 -19.38
CA GLU H 454 -8.36 -24.05 -20.64
C GLU H 454 -6.88 -24.27 -20.88
N LEU H 455 -6.54 -25.00 -21.93
CA LEU H 455 -5.17 -25.14 -22.41
C LEU H 455 -4.23 -25.64 -21.32
N ILE H 456 -4.75 -26.50 -20.44
CA ILE H 456 -3.96 -27.09 -19.37
C ILE H 456 -3.50 -28.47 -19.85
N PRO H 457 -2.23 -28.66 -20.18
CA PRO H 457 -1.82 -29.92 -20.79
C PRO H 457 -1.82 -31.07 -19.79
N ASP H 458 -1.91 -32.28 -20.34
CA ASP H 458 -1.75 -33.55 -19.64
C ASP H 458 -2.43 -33.60 -18.29
N VAL H 459 -3.64 -33.03 -18.20
CA VAL H 459 -4.38 -33.06 -16.94
C VAL H 459 -4.85 -34.48 -16.67
N THR H 460 -4.64 -34.93 -15.44
CA THR H 460 -5.16 -36.21 -14.97
C THR H 460 -6.02 -35.91 -13.75
N ILE H 461 -7.32 -36.06 -13.90
CA ILE H 461 -8.26 -35.67 -12.85
C ILE H 461 -8.13 -36.63 -11.68
N PRO H 462 -7.76 -36.15 -10.50
CA PRO H 462 -7.66 -37.04 -9.34
C PRO H 462 -9.02 -37.29 -8.73
N PRO H 463 -9.20 -38.40 -8.02
CA PRO H 463 -10.52 -38.74 -7.45
C PRO H 463 -10.97 -37.79 -6.36
N SER H 464 -10.19 -36.77 -6.02
CA SER H 464 -10.57 -35.84 -4.96
C SER H 464 -11.76 -34.98 -5.40
N ILE H 465 -12.22 -35.19 -6.63
CA ILE H 465 -13.51 -34.70 -7.12
C ILE H 465 -14.60 -35.14 -6.15
N ALA H 466 -14.36 -36.23 -5.43
CA ALA H 466 -15.30 -36.68 -4.41
C ALA H 466 -15.61 -35.58 -3.42
N GLN H 467 -14.63 -34.73 -3.08
CA GLN H 467 -14.89 -33.58 -2.22
C GLN H 467 -15.84 -32.60 -2.91
N LEU H 468 -15.72 -32.45 -4.22
CA LEU H 468 -16.44 -31.44 -4.97
C LEU H 468 -17.81 -31.99 -5.35
N THR H 469 -18.83 -31.68 -4.54
CA THR H 469 -20.18 -32.13 -4.82
C THR H 469 -21.01 -31.08 -5.54
N GLY H 470 -20.68 -29.81 -5.41
CA GLY H 470 -21.46 -28.76 -6.04
C GLY H 470 -21.27 -28.62 -7.54
N LEU H 471 -20.26 -29.28 -8.10
CA LEU H 471 -19.99 -29.14 -9.52
C LEU H 471 -21.10 -29.80 -10.34
N LYS H 472 -21.62 -29.07 -11.30
CA LYS H 472 -22.65 -29.57 -12.19
C LYS H 472 -22.27 -29.51 -13.67
N GLU H 473 -21.39 -28.59 -14.06
CA GLU H 473 -20.99 -28.44 -15.44
C GLU H 473 -19.53 -28.03 -15.50
N LEU H 474 -18.81 -28.54 -16.50
CA LEU H 474 -17.39 -28.28 -16.67
C LEU H 474 -17.09 -27.94 -18.12
N TRP H 475 -15.97 -27.24 -18.33
CA TRP H 475 -15.56 -26.78 -19.65
C TRP H 475 -14.22 -27.41 -20.00
N LEU H 476 -14.09 -27.87 -21.25
CA LEU H 476 -12.87 -28.49 -21.74
C LEU H 476 -12.45 -27.75 -23.02
N TYR H 477 -11.66 -26.70 -22.85
CA TYR H 477 -11.10 -25.97 -23.99
C TYR H 477 -9.66 -26.42 -24.20
N HIS H 478 -9.40 -26.96 -25.40
CA HIS H 478 -8.04 -27.21 -25.87
C HIS H 478 -7.24 -28.02 -24.86
N THR H 479 -7.90 -29.02 -24.28
CA THR H 479 -7.30 -29.77 -23.18
C THR H 479 -7.78 -31.20 -23.24
N ALA H 480 -6.84 -32.13 -23.42
CA ALA H 480 -7.14 -33.55 -23.37
C ALA H 480 -7.00 -34.01 -21.91
N ALA H 481 -8.04 -34.64 -21.39
CA ALA H 481 -8.12 -34.97 -19.98
C ALA H 481 -8.06 -36.48 -19.78
N LYS H 482 -6.99 -36.95 -19.13
CA LYS H 482 -6.92 -38.31 -18.65
C LYS H 482 -7.55 -38.35 -17.26
N ILE H 483 -8.26 -39.42 -16.97
CA ILE H 483 -9.14 -39.46 -15.81
C ILE H 483 -9.15 -40.85 -15.21
N GLU H 484 -9.54 -40.93 -13.94
CA GLU H 484 -9.43 -42.12 -13.12
C GLU H 484 -10.82 -42.66 -12.78
N ALA H 485 -10.90 -43.98 -12.57
CA ALA H 485 -12.19 -44.66 -12.51
C ALA H 485 -13.14 -44.11 -11.46
N PRO H 486 -12.74 -43.89 -10.20
CA PRO H 486 -13.67 -43.25 -9.27
C PRO H 486 -14.14 -41.88 -9.75
N ALA H 487 -13.27 -41.14 -10.44
CA ALA H 487 -13.70 -39.88 -11.05
C ALA H 487 -14.74 -40.12 -12.13
N LEU H 488 -14.58 -41.20 -12.92
CA LEU H 488 -15.62 -41.56 -13.87
C LEU H 488 -16.94 -41.82 -13.18
N ALA H 489 -16.90 -42.55 -12.07
CA ALA H 489 -18.13 -42.79 -11.32
C ALA H 489 -18.75 -41.47 -10.85
N PHE H 490 -17.96 -40.62 -10.22
CA PHE H 490 -18.50 -39.37 -9.71
C PHE H 490 -19.13 -38.55 -10.83
N LEU H 491 -18.45 -38.46 -11.98
CA LEU H 491 -19.07 -37.83 -13.13
C LEU H 491 -20.36 -38.54 -13.53
N ARG H 492 -20.39 -39.86 -13.41
CA ARG H 492 -21.53 -40.64 -13.86
C ARG H 492 -22.79 -40.30 -13.07
N GLU H 493 -22.70 -40.20 -11.74
CA GLU H 493 -23.91 -39.82 -11.00
C GLU H 493 -24.00 -38.33 -10.69
N ASN H 494 -23.07 -37.50 -11.14
CA ASN H 494 -23.15 -36.10 -10.71
C ASN H 494 -23.10 -35.10 -11.86
N LEU H 495 -22.34 -35.39 -12.91
CA LEU H 495 -22.18 -34.42 -13.99
C LEU H 495 -23.49 -34.23 -14.74
N ARG H 496 -23.81 -32.97 -15.02
CA ARG H 496 -25.04 -32.61 -15.70
C ARG H 496 -24.80 -32.08 -17.12
N ALA H 497 -23.92 -31.11 -17.28
CA ALA H 497 -23.64 -30.52 -18.58
C ALA H 497 -22.14 -30.54 -18.84
N LEU H 498 -21.77 -30.60 -20.11
CA LEU H 498 -20.37 -30.71 -20.51
C LEU H 498 -20.12 -29.77 -21.67
N HIS H 499 -19.04 -29.01 -21.58
CA HIS H 499 -18.57 -28.17 -22.67
C HIS H 499 -17.25 -28.73 -23.19
N ILE H 500 -17.11 -28.81 -24.51
CA ILE H 500 -15.89 -29.31 -25.13
C ILE H 500 -15.57 -28.44 -26.34
N LYS H 501 -14.33 -27.99 -26.43
CA LYS H 501 -13.81 -27.36 -27.63
C LYS H 501 -12.45 -27.97 -27.93
N PHE H 502 -12.28 -28.43 -29.16
CA PHE H 502 -11.07 -29.14 -29.55
C PHE H 502 -10.47 -28.53 -30.80
N THR H 503 -9.15 -28.42 -30.82
CA THR H 503 -8.46 -28.06 -32.05
C THR H 503 -8.42 -29.24 -33.03
N ASP H 504 -8.19 -30.44 -32.51
CA ASP H 504 -8.15 -31.65 -33.32
C ASP H 504 -8.98 -32.74 -32.66
N ILE H 505 -9.24 -33.79 -33.44
CA ILE H 505 -10.15 -34.84 -33.00
C ILE H 505 -9.60 -35.55 -31.77
N LYS H 506 -8.30 -35.83 -31.75
CA LYS H 506 -7.72 -36.62 -30.68
C LYS H 506 -7.88 -35.96 -29.31
N GLU H 507 -8.06 -34.64 -29.28
CA GLU H 507 -8.23 -33.94 -28.02
C GLU H 507 -9.47 -34.40 -27.28
N ILE H 508 -10.44 -34.97 -27.97
CA ILE H 508 -11.69 -35.40 -27.32
C ILE H 508 -11.44 -36.70 -26.56
N PRO H 509 -11.65 -36.71 -25.25
CA PRO H 509 -11.52 -37.96 -24.50
C PRO H 509 -12.61 -38.94 -24.89
N LEU H 510 -12.25 -40.23 -24.87
CA LEU H 510 -13.21 -41.26 -25.23
C LEU H 510 -14.22 -41.52 -24.12
N TRP H 511 -13.83 -41.35 -22.87
CA TRP H 511 -14.70 -41.66 -21.74
C TRP H 511 -15.86 -40.69 -21.61
N ILE H 512 -15.87 -39.59 -22.37
CA ILE H 512 -16.97 -38.64 -22.29
C ILE H 512 -18.29 -39.31 -22.66
N TYR H 513 -18.27 -40.26 -23.60
CA TYR H 513 -19.48 -40.97 -23.97
C TYR H 513 -19.92 -41.96 -22.90
N SER H 514 -19.01 -42.40 -22.03
CA SER H 514 -19.38 -43.32 -20.97
C SER H 514 -20.35 -42.69 -19.98
N LEU H 515 -20.48 -41.36 -20.00
CA LEU H 515 -21.41 -40.69 -19.11
C LEU H 515 -22.85 -41.07 -19.45
N LYS H 516 -23.71 -41.04 -18.44
CA LYS H 516 -25.12 -41.34 -18.65
C LYS H 516 -26.05 -40.23 -18.20
N THR H 517 -25.75 -39.55 -17.09
CA THR H 517 -26.60 -38.47 -16.63
C THR H 517 -26.38 -37.19 -17.40
N LEU H 518 -25.40 -37.16 -18.30
CA LEU H 518 -25.13 -35.95 -19.08
C LEU H 518 -26.34 -35.58 -19.91
N GLU H 519 -26.66 -34.29 -19.93
CA GLU H 519 -27.80 -33.77 -20.66
C GLU H 519 -27.46 -32.67 -21.65
N GLU H 520 -26.29 -32.05 -21.53
CA GLU H 520 -25.90 -30.95 -22.39
C GLU H 520 -24.48 -31.19 -22.88
N LEU H 521 -24.24 -30.94 -24.16
CA LEU H 521 -22.91 -31.12 -24.76
C LEU H 521 -22.80 -30.08 -25.87
N HIS H 522 -22.11 -28.98 -25.56
CA HIS H 522 -21.96 -27.88 -26.52
C HIS H 522 -20.59 -27.98 -27.20
N LEU H 523 -20.44 -29.01 -28.02
CA LEU H 523 -19.17 -29.29 -28.66
C LEU H 523 -18.82 -28.21 -29.68
N THR H 524 -17.52 -27.97 -29.82
CA THR H 524 -17.00 -26.97 -30.74
C THR H 524 -15.65 -27.43 -31.26
N GLY H 525 -15.41 -27.24 -32.55
CA GLY H 525 -14.13 -27.57 -33.14
C GLY H 525 -14.17 -27.75 -34.63
N ASN H 526 -13.57 -28.83 -35.12
CA ASN H 526 -13.57 -29.21 -36.52
C ASN H 526 -14.01 -30.65 -36.67
N LEU H 527 -15.10 -31.00 -35.99
CA LEU H 527 -15.68 -32.33 -35.92
C LEU H 527 -16.21 -32.81 -37.26
N SER H 528 -16.11 -31.98 -38.31
CA SER H 528 -16.52 -32.41 -39.64
C SER H 528 -15.84 -33.71 -40.03
N ALA H 529 -14.58 -33.89 -39.60
CA ALA H 529 -13.84 -35.13 -39.76
C ALA H 529 -13.80 -35.56 -41.23
N GLU H 530 -13.17 -34.71 -42.03
CA GLU H 530 -13.01 -35.00 -43.45
C GLU H 530 -12.24 -36.30 -43.64
N ASN H 531 -12.76 -37.16 -44.51
CA ASN H 531 -12.27 -38.51 -44.79
C ASN H 531 -12.47 -39.45 -43.61
N ASN H 532 -12.99 -38.90 -42.51
CA ASN H 532 -13.27 -39.74 -41.29
C ASN H 532 -14.79 -39.75 -41.08
N ARG H 533 -15.54 -39.27 -42.07
CA ARG H 533 -17.02 -39.20 -41.95
C ARG H 533 -17.36 -38.55 -40.60
N TYR H 534 -18.03 -39.29 -39.71
CA TYR H 534 -18.39 -38.75 -38.38
C TYR H 534 -18.21 -39.85 -37.33
N ILE H 535 -17.08 -40.58 -37.42
CA ILE H 535 -16.85 -41.72 -36.49
C ILE H 535 -16.83 -41.23 -35.04
N VAL H 536 -16.18 -40.09 -34.78
CA VAL H 536 -16.05 -39.62 -33.37
C VAL H 536 -17.45 -39.49 -32.76
N ILE H 537 -18.37 -38.89 -33.51
CA ILE H 537 -19.74 -38.64 -32.98
C ILE H 537 -20.41 -39.98 -32.63
N ASP H 538 -19.92 -41.08 -33.19
CA ASP H 538 -20.58 -42.40 -32.94
C ASP H 538 -20.79 -42.59 -31.43
N GLY H 539 -19.78 -42.24 -30.63
CA GLY H 539 -19.89 -42.44 -29.18
C GLY H 539 -21.14 -41.79 -28.63
N LEU H 540 -21.58 -40.70 -29.25
CA LEU H 540 -22.77 -39.97 -28.74
C LEU H 540 -23.93 -40.94 -28.53
N ARG H 541 -24.09 -41.90 -29.45
CA ARG H 541 -25.26 -42.82 -29.36
C ARG H 541 -25.33 -43.41 -27.94
N GLU H 542 -24.18 -43.65 -27.31
CA GLU H 542 -24.18 -44.30 -25.97
C GLU H 542 -25.05 -43.47 -25.01
N LEU H 543 -24.86 -42.14 -25.03
CA LEU H 543 -25.62 -41.27 -24.09
C LEU H 543 -27.12 -41.38 -24.41
N LYS H 544 -27.97 -41.35 -23.39
CA LYS H 544 -29.42 -41.54 -23.61
C LYS H 544 -30.22 -40.44 -22.92
N ARG H 545 -29.58 -39.66 -22.05
CA ARG H 545 -30.33 -38.63 -21.28
C ARG H 545 -30.01 -37.24 -21.84
N LEU H 546 -29.35 -37.17 -23.00
CA LEU H 546 -28.96 -35.85 -23.49
C LEU H 546 -30.16 -35.15 -24.11
N LYS H 547 -30.27 -33.86 -23.83
CA LYS H 547 -31.31 -33.05 -24.45
C LYS H 547 -30.81 -31.76 -25.07
N VAL H 548 -29.52 -31.44 -24.91
CA VAL H 548 -28.93 -30.25 -25.52
C VAL H 548 -27.65 -30.67 -26.23
N LEU H 549 -27.59 -30.39 -27.54
CA LEU H 549 -26.50 -30.89 -28.38
C LEU H 549 -25.96 -29.76 -29.25
N ARG H 550 -25.63 -28.63 -28.62
CA ARG H 550 -25.04 -27.52 -29.37
C ARG H 550 -23.78 -27.99 -30.08
N LEU H 551 -23.69 -27.67 -31.37
CA LEU H 551 -22.59 -28.10 -32.21
C LEU H 551 -22.19 -26.97 -33.15
N LYS H 552 -20.89 -26.75 -33.29
CA LYS H 552 -20.36 -25.79 -34.25
C LYS H 552 -18.99 -26.28 -34.72
N SER H 553 -18.99 -27.04 -35.82
CA SER H 553 -17.76 -27.61 -36.34
C SER H 553 -17.73 -27.62 -37.86
N ASN H 554 -18.33 -26.59 -38.48
CA ASN H 554 -18.46 -26.48 -39.93
C ASN H 554 -18.85 -27.80 -40.58
N LEU H 555 -19.85 -28.48 -40.02
CA LEU H 555 -20.30 -29.76 -40.56
C LEU H 555 -20.85 -29.59 -41.96
N SER H 556 -20.48 -30.52 -42.85
CA SER H 556 -21.09 -30.53 -44.18
C SER H 556 -22.47 -31.17 -44.13
N LYS H 557 -22.55 -32.42 -43.69
CA LYS H 557 -23.80 -33.15 -43.55
C LYS H 557 -24.11 -33.34 -42.08
N LEU H 558 -25.22 -34.01 -41.81
CA LEU H 558 -25.64 -34.28 -40.44
C LEU H 558 -25.41 -35.76 -40.12
N PRO H 559 -24.64 -36.07 -39.07
CA PRO H 559 -24.48 -37.47 -38.69
C PRO H 559 -25.80 -38.11 -38.32
N GLN H 560 -25.93 -39.41 -38.65
CA GLN H 560 -27.15 -40.13 -38.34
C GLN H 560 -27.28 -40.42 -36.85
N VAL H 561 -26.16 -40.49 -36.13
CA VAL H 561 -26.20 -40.62 -34.68
C VAL H 561 -26.89 -39.42 -34.05
N VAL H 562 -26.84 -38.27 -34.71
CA VAL H 562 -27.58 -37.11 -34.24
C VAL H 562 -29.07 -37.41 -34.22
N THR H 563 -29.60 -37.96 -35.31
CA THR H 563 -31.01 -38.33 -35.31
C THR H 563 -31.27 -39.46 -34.35
N ASP H 564 -30.28 -40.34 -34.13
CA ASP H 564 -30.42 -41.42 -33.16
C ASP H 564 -30.70 -40.85 -31.78
N VAL H 565 -29.86 -39.92 -31.33
CA VAL H 565 -30.09 -39.27 -30.04
C VAL H 565 -31.26 -38.31 -30.08
N GLY H 566 -31.75 -37.97 -31.28
CA GLY H 566 -32.87 -37.05 -31.39
C GLY H 566 -34.16 -37.57 -30.77
N VAL H 567 -34.22 -38.87 -30.48
CA VAL H 567 -35.42 -39.44 -29.87
C VAL H 567 -35.69 -38.77 -28.51
N HIS H 568 -34.63 -38.52 -27.76
CA HIS H 568 -34.74 -37.80 -26.49
C HIS H 568 -34.23 -36.37 -26.59
N LEU H 569 -33.51 -36.02 -27.65
CA LEU H 569 -33.06 -34.65 -27.84
C LEU H 569 -34.23 -33.71 -28.06
N GLN H 570 -34.18 -32.56 -27.42
CA GLN H 570 -35.26 -31.58 -27.55
C GLN H 570 -34.72 -30.18 -27.80
N LYS H 571 -33.45 -29.95 -27.46
CA LYS H 571 -32.81 -28.65 -27.61
C LYS H 571 -31.62 -28.85 -28.54
N LEU H 572 -31.85 -28.75 -29.84
CA LEU H 572 -30.80 -28.97 -30.82
C LEU H 572 -30.27 -27.63 -31.33
N SER H 573 -28.96 -27.46 -31.27
CA SER H 573 -28.30 -26.25 -31.73
C SER H 573 -27.25 -26.62 -32.77
N ILE H 574 -27.36 -26.02 -33.95
CA ILE H 574 -26.39 -26.23 -35.02
C ILE H 574 -25.90 -24.86 -35.48
N ASN H 575 -24.58 -24.67 -35.44
CA ASN H 575 -23.95 -23.43 -35.88
C ASN H 575 -22.89 -23.85 -36.89
N ASN H 576 -23.30 -23.96 -38.16
CA ASN H 576 -22.41 -24.47 -39.18
C ASN H 576 -21.31 -23.47 -39.53
N GLU H 577 -21.45 -22.22 -39.11
CA GLU H 577 -20.40 -21.20 -39.23
C GLU H 577 -19.93 -21.06 -40.67
N GLY H 578 -20.85 -20.62 -41.54
CA GLY H 578 -20.52 -20.29 -42.91
C GLY H 578 -20.51 -21.44 -43.89
N THR H 579 -20.87 -22.64 -43.46
CA THR H 579 -20.95 -23.79 -44.35
C THR H 579 -22.41 -24.19 -44.55
N LYS H 580 -22.66 -24.97 -45.60
CA LYS H 580 -24.00 -25.39 -45.97
C LYS H 580 -24.32 -26.72 -45.31
N LEU H 581 -25.59 -26.91 -44.97
CA LEU H 581 -26.08 -28.14 -44.37
C LEU H 581 -27.40 -28.53 -45.03
N ILE H 582 -27.70 -29.83 -45.07
CA ILE H 582 -28.97 -30.32 -45.57
C ILE H 582 -29.66 -31.12 -44.47
N VAL H 583 -30.97 -30.88 -44.31
CA VAL H 583 -31.74 -31.66 -43.35
C VAL H 583 -31.88 -33.10 -43.80
N LEU H 584 -32.00 -33.33 -45.11
CA LEU H 584 -32.11 -34.67 -45.70
C LEU H 584 -33.18 -35.51 -45.00
N ASN H 585 -34.27 -34.85 -44.63
CA ASN H 585 -35.42 -35.45 -43.95
C ASN H 585 -35.06 -36.02 -42.58
N SER H 586 -33.83 -35.79 -42.10
CA SER H 586 -33.41 -36.35 -40.84
C SER H 586 -34.14 -35.70 -39.67
N LEU H 587 -34.44 -34.40 -39.78
CA LEU H 587 -35.07 -33.69 -38.68
C LEU H 587 -36.44 -34.23 -38.33
N LYS H 588 -37.13 -34.86 -39.28
CA LYS H 588 -38.43 -35.44 -39.00
C LYS H 588 -38.36 -36.60 -38.03
N LYS H 589 -37.18 -37.18 -37.82
CA LYS H 589 -37.07 -38.33 -36.95
C LYS H 589 -37.14 -37.95 -35.47
N MET H 590 -36.58 -36.80 -35.09
CA MET H 590 -36.53 -36.40 -33.68
C MET H 590 -37.86 -35.74 -33.30
N ALA H 591 -38.85 -36.61 -33.03
CA ALA H 591 -40.19 -36.12 -32.70
C ALA H 591 -40.20 -35.30 -31.42
N ASN H 592 -39.26 -35.55 -30.51
CA ASN H 592 -39.23 -34.84 -29.24
C ASN H 592 -38.56 -33.48 -29.34
N LEU H 593 -37.99 -33.12 -30.49
CA LEU H 593 -37.33 -31.84 -30.65
C LEU H 593 -38.34 -30.71 -30.51
N THR H 594 -37.99 -29.70 -29.71
CA THR H 594 -38.88 -28.57 -29.44
C THR H 594 -38.24 -27.21 -29.62
N GLU H 595 -36.98 -27.13 -30.01
CA GLU H 595 -36.29 -25.84 -30.14
C GLU H 595 -35.13 -26.01 -31.11
N LEU H 596 -35.18 -25.29 -32.23
CA LEU H 596 -34.24 -25.47 -33.32
C LEU H 596 -33.71 -24.12 -33.78
N GLU H 597 -32.45 -24.12 -34.18
CA GLU H 597 -31.84 -22.94 -34.78
C GLU H 597 -30.68 -23.39 -35.64
N LEU H 598 -30.48 -22.69 -36.75
CA LEU H 598 -29.42 -22.99 -37.71
C LEU H 598 -28.58 -21.73 -37.84
N ILE H 599 -27.62 -21.57 -36.94
CA ILE H 599 -26.83 -20.35 -36.87
C ILE H 599 -25.77 -20.39 -37.94
N ARG H 600 -25.77 -19.38 -38.81
CA ARG H 600 -24.78 -19.26 -39.89
C ARG H 600 -24.73 -20.52 -40.75
N CYS H 601 -25.82 -21.26 -40.82
CA CYS H 601 -25.85 -22.51 -41.56
C CYS H 601 -26.18 -22.33 -43.04
N ASP H 602 -26.59 -21.13 -43.44
CA ASP H 602 -26.64 -20.73 -44.85
C ASP H 602 -27.53 -21.66 -45.67
N LEU H 603 -28.82 -21.64 -45.33
CA LEU H 603 -29.77 -22.55 -45.98
C LEU H 603 -30.38 -21.93 -47.23
N GLU H 604 -30.46 -20.60 -47.28
CA GLU H 604 -31.10 -19.81 -48.34
C GLU H 604 -32.53 -20.27 -48.65
N ARG H 605 -33.09 -21.15 -47.81
CA ARG H 605 -34.39 -21.77 -48.03
C ARG H 605 -34.83 -22.44 -46.74
N ILE H 606 -36.10 -22.25 -46.38
CA ILE H 606 -36.66 -22.89 -45.20
C ILE H 606 -36.78 -24.39 -45.48
N PRO H 607 -36.17 -25.25 -44.69
CA PRO H 607 -36.27 -26.69 -44.93
C PRO H 607 -37.69 -27.19 -44.72
N HIS H 608 -38.07 -28.15 -45.54
CA HIS H 608 -39.41 -28.73 -45.44
C HIS H 608 -39.51 -29.76 -44.32
N SER H 609 -38.39 -30.32 -43.87
CA SER H 609 -38.44 -31.36 -42.84
C SER H 609 -39.01 -30.84 -41.54
N ILE H 610 -38.68 -29.60 -41.17
CA ILE H 610 -39.13 -29.05 -39.90
C ILE H 610 -40.65 -28.95 -39.82
N PHE H 611 -41.34 -28.88 -40.97
CA PHE H 611 -42.78 -28.66 -40.95
C PHE H 611 -43.52 -29.81 -40.29
N SER H 612 -43.13 -31.05 -40.60
CA SER H 612 -43.86 -32.21 -40.08
C SER H 612 -43.74 -32.30 -38.56
N LEU H 613 -42.70 -31.73 -37.98
CA LEU H 613 -42.55 -31.77 -36.53
C LEU H 613 -43.43 -30.71 -35.88
N HIS H 614 -44.16 -31.12 -34.84
CA HIS H 614 -45.16 -30.26 -34.22
C HIS H 614 -44.74 -29.71 -32.86
N ASN H 615 -43.62 -30.16 -32.31
CA ASN H 615 -43.25 -29.81 -30.95
C ASN H 615 -42.42 -28.53 -30.85
N LEU H 616 -42.06 -27.91 -31.98
CA LEU H 616 -41.18 -26.76 -31.94
C LEU H 616 -41.85 -25.56 -31.27
N GLN H 617 -41.07 -24.79 -30.53
CA GLN H 617 -41.52 -23.56 -29.91
C GLN H 617 -40.65 -22.37 -30.24
N GLU H 618 -39.34 -22.57 -30.35
CA GLU H 618 -38.40 -21.51 -30.69
C GLU H 618 -37.67 -21.89 -31.97
N ILE H 619 -37.65 -20.97 -32.94
CA ILE H 619 -37.03 -21.21 -34.23
C ILE H 619 -36.18 -20.00 -34.61
N ASP H 620 -34.94 -20.27 -35.01
CA ASP H 620 -34.04 -19.23 -35.51
C ASP H 620 -33.39 -19.71 -36.79
N LEU H 621 -33.32 -18.82 -37.78
CA LEU H 621 -32.60 -19.06 -39.02
C LEU H 621 -31.56 -17.95 -39.23
N LYS H 622 -30.84 -17.64 -38.16
CA LYS H 622 -29.94 -16.49 -38.15
C LYS H 622 -28.87 -16.61 -39.22
N ASP H 623 -28.71 -15.55 -40.01
CA ASP H 623 -27.63 -15.41 -40.98
C ASP H 623 -27.55 -16.62 -41.91
N ASN H 624 -28.60 -16.81 -42.69
CA ASN H 624 -28.66 -17.91 -43.64
C ASN H 624 -28.92 -17.45 -45.07
N ASN H 625 -28.75 -16.16 -45.35
CA ASN H 625 -28.92 -15.60 -46.68
C ASN H 625 -30.29 -15.97 -47.27
N LEU H 626 -31.32 -15.64 -46.51
CA LEU H 626 -32.69 -15.97 -46.89
C LEU H 626 -33.32 -14.79 -47.61
N LYS H 627 -34.06 -15.09 -48.68
CA LYS H 627 -34.75 -14.08 -49.47
C LYS H 627 -36.26 -14.22 -49.40
N THR H 628 -36.80 -15.38 -49.75
CA THR H 628 -38.23 -15.64 -49.68
C THR H 628 -38.51 -16.63 -48.55
N ILE H 629 -39.56 -16.34 -47.78
CA ILE H 629 -39.87 -17.14 -46.59
C ILE H 629 -41.32 -17.61 -46.65
N GLU H 630 -41.85 -17.78 -47.86
CA GLU H 630 -43.26 -18.14 -48.02
C GLU H 630 -43.61 -19.43 -47.30
N GLU H 631 -42.62 -20.32 -47.10
CA GLU H 631 -42.84 -21.59 -46.41
C GLU H 631 -43.46 -21.41 -45.02
N ILE H 632 -43.46 -20.19 -44.48
CA ILE H 632 -44.12 -19.92 -43.21
C ILE H 632 -45.59 -20.31 -43.26
N ILE H 633 -46.16 -20.48 -44.46
CA ILE H 633 -47.54 -20.98 -44.54
C ILE H 633 -47.65 -22.33 -43.83
N SER H 634 -46.71 -23.23 -44.10
CA SER H 634 -46.71 -24.51 -43.41
C SER H 634 -46.54 -24.33 -41.91
N PHE H 635 -45.91 -23.22 -41.50
CA PHE H 635 -45.77 -22.92 -40.08
C PHE H 635 -47.11 -22.78 -39.38
N GLN H 636 -48.19 -22.52 -40.13
CA GLN H 636 -49.50 -22.46 -39.49
C GLN H 636 -49.90 -23.81 -38.89
N HIS H 637 -49.35 -24.90 -39.42
CA HIS H 637 -49.62 -26.21 -38.82
C HIS H 637 -49.02 -26.33 -37.43
N LEU H 638 -47.95 -25.58 -37.17
CA LEU H 638 -47.38 -25.55 -35.83
C LEU H 638 -48.32 -24.85 -34.87
N HIS H 639 -48.39 -25.36 -33.65
CA HIS H 639 -49.26 -24.80 -32.63
C HIS H 639 -48.52 -24.51 -31.34
N ARG H 640 -47.20 -24.72 -31.30
CA ARG H 640 -46.39 -24.39 -30.14
C ARG H 640 -45.35 -23.32 -30.42
N LEU H 641 -45.19 -22.89 -31.67
CA LEU H 641 -44.22 -21.85 -32.00
C LEU H 641 -44.62 -20.53 -31.35
N THR H 642 -43.69 -19.92 -30.62
CA THR H 642 -43.94 -18.65 -29.96
C THR H 642 -42.83 -17.63 -30.17
N CYS H 643 -41.78 -17.97 -30.92
CA CYS H 643 -40.70 -17.02 -31.17
C CYS H 643 -40.04 -17.39 -32.49
N LEU H 644 -40.41 -16.69 -33.55
CA LEU H 644 -39.75 -16.79 -34.84
C LEU H 644 -38.79 -15.61 -34.96
N LYS H 645 -37.50 -15.88 -34.81
CA LYS H 645 -36.47 -14.87 -34.93
C LYS H 645 -35.72 -15.11 -36.23
N LEU H 646 -35.78 -14.13 -37.13
CA LEU H 646 -35.18 -14.21 -38.46
C LEU H 646 -34.44 -12.89 -38.69
N TRP H 647 -33.17 -12.84 -38.30
CA TRP H 647 -32.39 -11.63 -38.46
C TRP H 647 -31.06 -11.95 -39.13
N TYR H 648 -30.33 -10.90 -39.46
CA TYR H 648 -29.07 -11.01 -40.22
C TYR H 648 -29.31 -11.72 -41.54
N ASN H 649 -30.44 -11.43 -42.16
CA ASN H 649 -30.82 -12.03 -43.44
C ASN H 649 -31.16 -10.92 -44.43
N HIS H 650 -31.43 -11.30 -45.67
CA HIS H 650 -31.78 -10.37 -46.73
C HIS H 650 -33.27 -10.45 -47.05
N ILE H 651 -34.09 -10.61 -46.02
CA ILE H 651 -35.54 -10.66 -46.21
C ILE H 651 -36.02 -9.32 -46.74
N ALA H 652 -36.81 -9.35 -47.81
CA ALA H 652 -37.33 -8.13 -48.42
C ALA H 652 -38.84 -8.04 -48.26
N TYR H 653 -39.58 -9.05 -48.69
CA TYR H 653 -41.02 -9.06 -48.63
C TYR H 653 -41.50 -10.00 -47.54
N ILE H 654 -42.42 -9.51 -46.70
CA ILE H 654 -43.04 -10.31 -45.65
C ILE H 654 -44.31 -10.92 -46.21
N PRO H 655 -44.46 -12.24 -46.22
CA PRO H 655 -45.63 -12.86 -46.84
C PRO H 655 -46.91 -12.58 -46.07
N ILE H 656 -48.02 -12.61 -46.81
CA ILE H 656 -49.34 -12.41 -46.22
C ILE H 656 -49.68 -13.53 -45.24
N GLN H 657 -49.16 -14.74 -45.47
CA GLN H 657 -49.39 -15.88 -44.61
C GLN H 657 -48.93 -15.63 -43.17
N ILE H 658 -48.24 -14.53 -42.91
CA ILE H 658 -47.93 -14.14 -41.54
C ILE H 658 -49.22 -14.02 -40.73
N GLY H 659 -50.26 -13.45 -41.33
CA GLY H 659 -51.53 -13.32 -40.63
C GLY H 659 -52.14 -14.64 -40.20
N ASN H 660 -51.77 -15.73 -40.86
CA ASN H 660 -52.33 -17.04 -40.52
C ASN H 660 -51.90 -17.47 -39.12
N LEU H 661 -50.60 -17.40 -38.84
CA LEU H 661 -50.11 -17.75 -37.51
C LEU H 661 -50.59 -16.74 -36.48
N THR H 662 -50.87 -17.21 -35.28
CA THR H 662 -51.39 -16.36 -34.22
C THR H 662 -50.62 -16.45 -32.92
N ASN H 663 -50.13 -17.63 -32.55
CA ASN H 663 -49.52 -17.81 -31.24
C ASN H 663 -48.11 -17.26 -31.15
N LEU H 664 -47.64 -16.54 -32.16
CA LEU H 664 -46.31 -15.96 -32.10
C LEU H 664 -46.23 -14.90 -31.01
N GLU H 665 -45.15 -14.94 -30.23
CA GLU H 665 -44.92 -13.97 -29.16
C GLU H 665 -43.72 -13.07 -29.42
N ARG H 666 -42.63 -13.59 -29.97
CA ARG H 666 -41.41 -12.82 -30.19
C ARG H 666 -41.05 -12.91 -31.65
N LEU H 667 -40.76 -11.77 -32.29
CA LEU H 667 -40.45 -11.73 -33.71
C LEU H 667 -39.30 -10.76 -33.90
N TYR H 668 -38.16 -11.26 -34.36
CA TYR H 668 -36.97 -10.45 -34.57
C TYR H 668 -36.62 -10.48 -36.06
N LEU H 669 -37.03 -9.43 -36.78
CA LEU H 669 -36.71 -9.29 -38.20
C LEU H 669 -35.64 -8.24 -38.46
N ASN H 670 -34.86 -7.89 -37.45
CA ASN H 670 -33.93 -6.79 -37.60
C ASN H 670 -32.79 -7.17 -38.55
N ARG H 671 -32.06 -6.15 -39.01
CA ARG H 671 -30.93 -6.31 -39.91
C ARG H 671 -31.32 -7.06 -41.17
N ASN H 672 -32.44 -6.66 -41.77
CA ASN H 672 -32.92 -7.23 -43.01
C ASN H 672 -33.14 -6.12 -44.03
N LYS H 673 -33.67 -6.49 -45.19
CA LYS H 673 -33.94 -5.54 -46.26
C LYS H 673 -35.42 -5.26 -46.41
N ILE H 674 -36.16 -5.25 -45.29
CA ILE H 674 -37.59 -5.04 -45.34
C ILE H 674 -37.90 -3.61 -45.73
N GLU H 675 -38.85 -3.44 -46.65
CA GLU H 675 -39.26 -2.13 -47.11
C GLU H 675 -40.69 -1.75 -46.74
N LYS H 676 -41.54 -2.72 -46.41
CA LYS H 676 -42.93 -2.47 -46.09
C LYS H 676 -43.35 -3.38 -44.95
N ILE H 677 -44.29 -2.89 -44.13
CA ILE H 677 -44.79 -3.64 -42.99
C ILE H 677 -46.24 -4.04 -43.24
N PRO H 678 -46.50 -5.29 -43.62
CA PRO H 678 -47.88 -5.71 -43.88
C PRO H 678 -48.68 -5.78 -42.58
N THR H 679 -49.99 -5.56 -42.72
CA THR H 679 -50.88 -5.61 -41.58
C THR H 679 -51.13 -7.02 -41.08
N GLN H 680 -50.61 -8.03 -41.78
CA GLN H 680 -50.84 -9.41 -41.37
C GLN H 680 -50.19 -9.72 -40.03
N LEU H 681 -48.98 -9.18 -39.79
CA LEU H 681 -48.43 -9.23 -38.45
C LEU H 681 -49.28 -8.46 -37.47
N PHE H 682 -49.92 -7.38 -37.91
CA PHE H 682 -50.70 -6.57 -36.99
C PHE H 682 -51.97 -7.30 -36.53
N TYR H 683 -52.59 -8.12 -37.38
CA TYR H 683 -53.76 -8.88 -36.90
C TYR H 683 -53.40 -9.73 -35.69
N CYS H 684 -52.19 -10.29 -35.69
CA CYS H 684 -51.74 -11.10 -34.57
C CYS H 684 -51.75 -10.28 -33.29
N ARG H 685 -52.28 -10.86 -32.22
CA ARG H 685 -52.37 -10.17 -30.94
C ARG H 685 -51.36 -10.65 -29.92
N LYS H 686 -50.87 -11.89 -30.05
CA LYS H 686 -49.99 -12.46 -29.05
C LYS H 686 -48.60 -11.82 -29.04
N LEU H 687 -48.27 -10.99 -30.03
CA LEU H 687 -46.93 -10.43 -30.11
C LEU H 687 -46.64 -9.53 -28.91
N ARG H 688 -45.46 -9.72 -28.32
CA ARG H 688 -45.06 -8.99 -27.13
C ARG H 688 -43.65 -8.40 -27.30
N TYR H 689 -42.85 -9.04 -28.13
CA TYR H 689 -41.46 -8.65 -28.37
C TYR H 689 -41.28 -8.54 -29.89
N LEU H 690 -41.15 -7.32 -30.38
CA LEU H 690 -41.08 -7.08 -31.82
C LEU H 690 -39.86 -6.23 -32.15
N ASP H 691 -39.22 -6.54 -33.26
CA ASP H 691 -37.99 -5.84 -33.66
C ASP H 691 -37.94 -5.77 -35.18
N LEU H 692 -37.82 -4.55 -35.70
CA LEU H 692 -37.67 -4.30 -37.13
C LEU H 692 -36.52 -3.34 -37.39
N SER H 693 -35.50 -3.39 -36.53
CA SER H 693 -34.39 -2.45 -36.65
C SER H 693 -33.56 -2.76 -37.88
N HIS H 694 -32.75 -1.79 -38.29
CA HIS H 694 -31.80 -1.94 -39.39
C HIS H 694 -32.49 -2.46 -40.65
N ASN H 695 -33.57 -1.79 -41.02
CA ASN H 695 -34.37 -2.13 -42.19
C ASN H 695 -34.59 -0.87 -43.02
N ASN H 696 -35.10 -1.07 -44.23
CA ASN H 696 -35.40 0.05 -45.12
C ASN H 696 -36.87 0.43 -45.00
N LEU H 697 -37.25 0.85 -43.80
CA LEU H 697 -38.62 1.20 -43.48
C LEU H 697 -38.72 2.70 -43.23
N THR H 698 -39.70 3.35 -43.85
CA THR H 698 -39.94 4.76 -43.67
C THR H 698 -41.29 5.08 -43.06
N PHE H 699 -42.19 4.10 -42.96
CA PHE H 699 -43.53 4.34 -42.44
C PHE H 699 -43.94 3.18 -41.54
N LEU H 700 -44.60 3.51 -40.43
CA LEU H 700 -45.14 2.50 -39.53
C LEU H 700 -46.66 2.51 -39.61
N PRO H 701 -47.29 1.41 -40.04
CA PRO H 701 -48.75 1.40 -40.14
C PRO H 701 -49.42 1.63 -38.80
N ALA H 702 -50.60 2.25 -38.85
CA ALA H 702 -51.34 2.59 -37.64
C ALA H 702 -51.86 1.36 -36.91
N ASP H 703 -51.87 0.21 -37.57
CA ASP H 703 -52.39 -1.02 -36.97
C ASP H 703 -51.50 -1.47 -35.82
N ILE H 704 -50.38 -0.77 -35.62
CA ILE H 704 -49.58 -0.92 -34.42
C ILE H 704 -50.45 -0.74 -33.18
N GLY H 705 -51.53 0.03 -33.28
CA GLY H 705 -52.39 0.25 -32.13
C GLY H 705 -53.02 -1.02 -31.61
N LEU H 706 -53.35 -1.95 -32.51
CA LEU H 706 -53.97 -3.21 -32.12
C LEU H 706 -52.92 -4.25 -31.75
N LEU H 707 -51.99 -3.88 -30.88
CA LEU H 707 -50.92 -4.75 -30.42
C LEU H 707 -50.72 -4.60 -28.92
N GLN H 708 -51.83 -4.71 -28.18
CA GLN H 708 -51.79 -4.40 -26.75
C GLN H 708 -50.82 -5.30 -25.98
N ASN H 709 -50.58 -6.52 -26.47
CA ASN H 709 -49.66 -7.40 -25.78
C ASN H 709 -48.21 -6.97 -25.91
N LEU H 710 -47.91 -6.00 -26.76
CA LEU H 710 -46.54 -5.58 -26.97
C LEU H 710 -45.96 -4.95 -25.71
N GLN H 711 -44.71 -5.29 -25.41
CA GLN H 711 -43.99 -4.70 -24.29
C GLN H 711 -42.65 -4.11 -24.69
N ASN H 712 -42.12 -4.42 -25.86
CA ASN H 712 -40.86 -3.85 -26.30
C ASN H 712 -40.81 -3.89 -27.81
N LEU H 713 -40.50 -2.75 -28.43
CA LEU H 713 -40.49 -2.60 -29.87
C LEU H 713 -39.21 -1.88 -30.29
N ALA H 714 -38.71 -2.20 -31.48
CA ALA H 714 -37.45 -1.66 -31.95
C ALA H 714 -37.57 -1.25 -33.41
N ILE H 715 -37.33 0.03 -33.69
CA ILE H 715 -37.30 0.58 -35.04
C ILE H 715 -35.96 1.31 -35.18
N THR H 716 -34.95 0.84 -34.45
CA THR H 716 -33.65 1.50 -34.46
C THR H 716 -33.02 1.45 -35.84
N ALA H 717 -32.35 2.55 -36.21
CA ALA H 717 -31.60 2.63 -37.47
C ALA H 717 -32.50 2.36 -38.67
N ASN H 718 -33.49 3.22 -38.83
CA ASN H 718 -34.47 3.13 -39.91
C ASN H 718 -34.77 4.53 -40.43
N ARG H 719 -35.61 4.59 -41.46
CA ARG H 719 -35.93 5.84 -42.14
C ARG H 719 -37.31 6.36 -41.81
N ILE H 720 -37.90 5.96 -40.69
CA ILE H 720 -39.21 6.45 -40.31
C ILE H 720 -39.09 7.86 -39.75
N GLU H 721 -39.92 8.77 -40.26
CA GLU H 721 -39.92 10.16 -39.80
C GLU H 721 -41.25 10.62 -39.23
N THR H 722 -42.29 9.78 -39.25
CA THR H 722 -43.54 10.07 -38.55
C THR H 722 -43.89 8.89 -37.67
N LEU H 723 -44.21 9.18 -36.41
CA LEU H 723 -44.58 8.14 -35.46
C LEU H 723 -46.09 8.06 -35.39
N PRO H 724 -46.70 6.91 -35.65
CA PRO H 724 -48.15 6.80 -35.56
C PRO H 724 -48.62 6.89 -34.12
N PRO H 725 -49.54 7.80 -33.82
CA PRO H 725 -49.99 7.96 -32.43
C PRO H 725 -50.64 6.72 -31.85
N GLU H 726 -51.22 5.87 -32.71
CA GLU H 726 -51.88 4.66 -32.23
C GLU H 726 -50.91 3.74 -31.50
N LEU H 727 -49.60 3.89 -31.78
CA LEU H 727 -48.59 3.13 -31.05
C LEU H 727 -48.74 3.31 -29.54
N PHE H 728 -49.14 4.50 -29.10
CA PHE H 728 -49.25 4.76 -27.68
C PHE H 728 -50.47 4.10 -27.05
N GLN H 729 -51.36 3.50 -27.84
CA GLN H 729 -52.49 2.79 -27.26
C GLN H 729 -52.07 1.52 -26.53
N CYS H 730 -50.90 0.97 -26.86
CA CYS H 730 -50.42 -0.26 -26.22
C CYS H 730 -49.85 0.10 -24.85
N ARG H 731 -50.71 0.00 -23.84
CA ARG H 731 -50.31 0.43 -22.50
C ARG H 731 -49.24 -0.49 -21.90
N LYS H 732 -49.31 -1.78 -22.21
CA LYS H 732 -48.34 -2.73 -21.69
C LYS H 732 -46.93 -2.49 -22.22
N LEU H 733 -46.79 -1.67 -23.27
CA LEU H 733 -45.47 -1.36 -23.81
C LEU H 733 -44.63 -0.66 -22.76
N ARG H 734 -43.37 -1.08 -22.64
CA ARG H 734 -42.49 -0.57 -21.59
C ARG H 734 -41.09 -0.21 -22.07
N ALA H 735 -40.76 -0.44 -23.34
CA ALA H 735 -39.43 -0.11 -23.82
C ALA H 735 -39.49 0.12 -25.32
N LEU H 736 -38.80 1.15 -25.78
CA LEU H 736 -38.74 1.49 -27.19
C LEU H 736 -37.28 1.61 -27.62
N HIS H 737 -36.99 1.14 -28.82
CA HIS H 737 -35.66 1.24 -29.40
C HIS H 737 -35.84 1.91 -30.76
N LEU H 738 -35.87 3.24 -30.76
CA LEU H 738 -36.20 3.97 -31.98
C LEU H 738 -35.19 5.08 -32.28
N GLY H 739 -33.94 4.88 -31.89
CA GLY H 739 -32.90 5.83 -32.24
C GLY H 739 -32.44 5.68 -33.67
N ASN H 740 -31.57 6.62 -34.06
CA ASN H 740 -30.95 6.61 -35.39
C ASN H 740 -31.99 6.59 -36.50
N ASN H 741 -33.04 7.38 -36.35
CA ASN H 741 -34.07 7.53 -37.36
C ASN H 741 -34.07 8.96 -37.87
N VAL H 742 -34.98 9.23 -38.80
CA VAL H 742 -35.24 10.59 -39.27
C VAL H 742 -36.48 11.17 -38.60
N LEU H 743 -36.91 10.61 -37.48
CA LEU H 743 -38.00 11.18 -36.71
C LEU H 743 -37.67 12.58 -36.26
N GLN H 744 -38.67 13.45 -36.23
CA GLN H 744 -38.49 14.84 -35.84
C GLN H 744 -39.57 15.35 -34.90
N SER H 745 -40.49 14.49 -34.48
CA SER H 745 -41.58 14.92 -33.60
C SER H 745 -42.03 13.73 -32.75
N LEU H 746 -42.13 13.95 -31.45
CA LEU H 746 -42.65 12.95 -30.53
C LEU H 746 -44.04 13.36 -30.08
N PRO H 747 -45.09 12.60 -30.43
CA PRO H 747 -46.44 12.98 -30.00
C PRO H 747 -46.54 12.99 -28.49
N SER H 748 -47.37 13.92 -27.98
CA SER H 748 -47.56 14.07 -26.55
C SER H 748 -48.16 12.82 -25.91
N ARG H 749 -48.80 11.96 -26.70
CA ARG H 749 -49.41 10.74 -26.19
C ARG H 749 -48.40 9.81 -25.56
N VAL H 750 -47.10 10.02 -25.82
CA VAL H 750 -46.05 9.27 -25.13
C VAL H 750 -46.18 9.40 -23.62
N GLY H 751 -46.78 10.49 -23.13
CA GLY H 751 -47.00 10.63 -21.71
C GLY H 751 -47.94 9.61 -21.12
N GLU H 752 -48.77 9.00 -21.95
CA GLU H 752 -49.75 8.01 -21.48
C GLU H 752 -49.11 6.67 -21.16
N LEU H 753 -47.84 6.46 -21.48
CA LEU H 753 -47.18 5.17 -21.28
C LEU H 753 -46.60 5.12 -19.87
N THR H 754 -47.46 4.78 -18.90
CA THR H 754 -47.00 4.63 -17.53
C THR H 754 -46.06 3.44 -17.39
N ASN H 755 -46.35 2.34 -18.09
CA ASN H 755 -45.50 1.16 -18.03
C ASN H 755 -44.11 1.41 -18.62
N LEU H 756 -43.94 2.49 -19.36
CA LEU H 756 -42.69 2.74 -20.06
C LEU H 756 -41.53 2.85 -19.08
N THR H 757 -40.36 2.37 -19.50
CA THR H 757 -39.16 2.41 -18.68
C THR H 757 -37.95 3.01 -19.40
N GLN H 758 -37.81 2.78 -20.69
CA GLN H 758 -36.58 3.12 -21.40
C GLN H 758 -36.87 3.48 -22.84
N ILE H 759 -36.39 4.66 -23.26
CA ILE H 759 -36.45 5.09 -24.65
C ILE H 759 -35.15 5.80 -24.98
N GLU H 760 -34.52 5.43 -26.09
CA GLU H 760 -33.33 6.12 -26.58
C GLU H 760 -33.68 6.83 -27.89
N LEU H 761 -33.07 7.99 -28.10
CA LEU H 761 -33.37 8.79 -29.28
C LEU H 761 -32.12 9.40 -29.91
N ARG H 762 -30.94 8.84 -29.63
CA ARG H 762 -29.71 9.39 -30.19
C ARG H 762 -29.69 9.23 -31.70
N GLY H 763 -29.02 10.17 -32.36
CA GLY H 763 -28.97 10.16 -33.81
C GLY H 763 -30.30 10.36 -34.48
N ASN H 764 -31.18 11.17 -33.89
CA ASN H 764 -32.50 11.42 -34.42
C ASN H 764 -32.69 12.92 -34.66
N ARG H 765 -33.59 13.25 -35.56
CA ARG H 765 -33.78 14.62 -36.01
C ARG H 765 -34.74 15.42 -35.13
N LEU H 766 -34.91 15.03 -33.87
CA LEU H 766 -35.72 15.81 -32.95
C LEU H 766 -35.08 17.16 -32.69
N GLU H 767 -35.92 18.18 -32.50
CA GLU H 767 -35.45 19.52 -32.18
C GLU H 767 -35.96 20.02 -30.84
N CYS H 768 -37.25 19.87 -30.57
CA CYS H 768 -37.86 20.25 -29.30
C CYS H 768 -38.44 18.99 -28.67
N LEU H 769 -37.75 18.47 -27.67
CA LEU H 769 -38.19 17.22 -27.04
C LEU H 769 -39.36 17.51 -26.12
N PRO H 770 -40.48 16.79 -26.25
CA PRO H 770 -41.70 17.16 -25.52
C PRO H 770 -41.59 16.99 -24.01
N VAL H 771 -42.48 17.66 -23.29
CA VAL H 771 -42.50 17.60 -21.83
C VAL H 771 -43.27 16.38 -21.31
N GLU H 772 -44.19 15.82 -22.09
CA GLU H 772 -45.03 14.73 -21.62
C GLU H 772 -44.22 13.49 -21.27
N LEU H 773 -42.97 13.41 -21.74
CA LEU H 773 -42.10 12.31 -21.36
C LEU H 773 -41.94 12.24 -19.85
N GLY H 774 -41.91 13.39 -19.18
CA GLY H 774 -41.80 13.40 -17.73
C GLY H 774 -43.03 12.86 -17.02
N GLU H 775 -44.12 12.67 -17.75
CA GLU H 775 -45.34 12.14 -17.13
C GLU H 775 -45.15 10.69 -16.70
N CYS H 776 -44.28 9.95 -17.36
CA CYS H 776 -44.08 8.53 -17.06
C CYS H 776 -43.50 8.36 -15.66
N PRO H 777 -44.12 7.56 -14.79
CA PRO H 777 -43.56 7.41 -13.43
C PRO H 777 -42.32 6.55 -13.40
N LEU H 778 -42.31 5.43 -14.11
CA LEU H 778 -41.18 4.51 -14.09
C LEU H 778 -39.98 5.04 -14.87
N LEU H 779 -40.13 6.16 -15.56
CA LEU H 779 -39.06 6.69 -16.40
C LEU H 779 -37.91 7.21 -15.54
N LYS H 780 -36.69 6.98 -15.99
CA LYS H 780 -35.48 7.38 -15.28
C LYS H 780 -34.54 8.07 -16.24
N ARG H 781 -33.55 8.78 -15.67
CA ARG H 781 -32.55 9.47 -16.49
C ARG H 781 -31.79 8.49 -17.37
N SER H 782 -31.38 7.36 -16.80
CA SER H 782 -30.71 6.33 -17.59
C SER H 782 -31.63 5.80 -18.69
N GLY H 783 -32.94 5.84 -18.46
CA GLY H 783 -33.87 5.40 -19.50
C GLY H 783 -33.79 6.26 -20.75
N LEU H 784 -33.59 7.55 -20.57
CA LEU H 784 -33.49 8.47 -21.71
C LEU H 784 -32.05 8.53 -22.18
N VAL H 785 -31.75 7.77 -23.23
CA VAL H 785 -30.44 7.87 -23.89
C VAL H 785 -30.62 8.88 -25.02
N VAL H 786 -30.45 10.16 -24.68
CA VAL H 786 -30.66 11.26 -25.61
C VAL H 786 -29.57 12.29 -25.38
N GLU H 787 -29.26 13.04 -26.43
CA GLU H 787 -28.24 14.09 -26.34
C GLU H 787 -28.60 15.10 -25.27
N GLU H 788 -27.57 15.68 -24.65
CA GLU H 788 -27.77 16.57 -23.52
C GLU H 788 -28.54 17.83 -23.92
N ASP H 789 -28.42 18.25 -25.17
CA ASP H 789 -29.15 19.44 -25.61
C ASP H 789 -30.65 19.24 -25.51
N LEU H 790 -31.15 18.13 -26.05
CA LEU H 790 -32.57 17.85 -25.95
C LEU H 790 -33.00 17.63 -24.50
N PHE H 791 -32.09 17.13 -23.66
CA PHE H 791 -32.37 17.05 -22.23
C PHE H 791 -32.56 18.45 -21.63
N ASN H 792 -31.70 19.39 -22.02
CA ASN H 792 -31.86 20.77 -21.56
C ASN H 792 -33.12 21.41 -22.12
N THR H 793 -33.61 20.92 -23.26
CA THR H 793 -34.87 21.41 -23.78
C THR H 793 -36.02 21.11 -22.81
N LEU H 794 -35.83 20.15 -21.91
CA LEU H 794 -36.84 19.86 -20.91
C LEU H 794 -36.97 21.02 -19.92
N PRO H 795 -38.14 21.18 -19.31
CA PRO H 795 -38.28 22.16 -18.25
C PRO H 795 -37.43 21.79 -17.06
N PRO H 796 -37.01 22.77 -16.27
CA PRO H 796 -36.13 22.46 -15.11
C PRO H 796 -36.76 21.49 -14.13
N GLU H 797 -38.08 21.51 -13.94
CA GLU H 797 -38.70 20.56 -13.03
C GLU H 797 -38.61 19.13 -13.59
N VAL H 798 -38.80 18.98 -14.90
CA VAL H 798 -38.68 17.66 -15.51
C VAL H 798 -37.24 17.16 -15.43
N LYS H 799 -36.29 18.04 -15.73
CA LYS H 799 -34.88 17.67 -15.60
C LYS H 799 -34.56 17.29 -14.17
N GLU H 800 -35.12 18.00 -13.19
CA GLU H 800 -34.91 17.67 -11.79
C GLU H 800 -35.47 16.30 -11.47
N ARG H 801 -36.66 15.99 -11.99
CA ARG H 801 -37.24 14.67 -11.76
C ARG H 801 -36.35 13.57 -12.33
N LEU H 802 -35.85 13.77 -13.55
CA LEU H 802 -34.96 12.77 -14.15
C LEU H 802 -33.68 12.61 -13.36
N TRP H 803 -33.08 13.73 -12.91
CA TRP H 803 -31.87 13.65 -12.10
C TRP H 803 -32.15 12.92 -10.79
N ARG H 804 -33.36 13.11 -10.25
CA ARG H 804 -33.73 12.46 -8.99
C ARG H 804 -33.69 10.94 -9.12
N ALA H 805 -34.15 10.42 -10.26
CA ALA H 805 -34.13 8.99 -10.52
C ALA H 805 -32.71 8.46 -10.58
N ALA I 16 41.73 -22.97 -11.83
CA ALA I 16 42.74 -22.09 -12.42
C ALA I 16 43.04 -22.51 -13.86
N TYR I 17 44.27 -22.95 -14.09
CA TYR I 17 44.69 -23.43 -15.41
C TYR I 17 44.67 -24.95 -15.51
N ARG I 18 44.22 -25.64 -14.45
CA ARG I 18 44.11 -27.10 -14.51
C ARG I 18 43.16 -27.52 -15.61
N ILE I 19 42.09 -26.75 -15.83
CA ILE I 19 41.08 -27.12 -16.81
C ILE I 19 41.67 -27.11 -18.21
N LEU I 20 42.69 -26.27 -18.44
CA LEU I 20 43.34 -26.23 -19.75
C LEU I 20 44.14 -27.50 -20.00
N LYS I 21 44.98 -27.89 -19.03
CA LYS I 21 45.95 -28.97 -19.18
C LYS I 21 45.31 -30.27 -19.69
N PRO I 22 45.65 -30.71 -20.91
CA PRO I 22 45.16 -32.01 -21.39
C PRO I 22 45.91 -33.15 -20.73
N TRP I 23 45.62 -34.39 -21.14
CA TRP I 23 46.29 -35.55 -20.55
C TRP I 23 47.78 -35.54 -20.87
N TRP I 24 48.14 -35.18 -22.11
CA TRP I 24 49.55 -35.20 -22.48
C TRP I 24 50.35 -34.17 -21.69
N ASP I 25 49.76 -33.01 -21.40
CA ASP I 25 50.46 -32.01 -20.61
C ASP I 25 50.72 -32.51 -19.19
N VAL I 26 49.73 -33.16 -18.59
CA VAL I 26 49.91 -33.72 -17.24
C VAL I 26 50.98 -34.79 -17.26
N PHE I 27 50.95 -35.67 -18.26
CA PHE I 27 51.95 -36.73 -18.37
C PHE I 27 53.35 -36.14 -18.51
N THR I 28 53.51 -35.13 -19.37
CA THR I 28 54.82 -34.52 -19.54
C THR I 28 55.27 -33.80 -18.28
N ASP I 29 54.33 -33.17 -17.56
CA ASP I 29 54.70 -32.52 -16.30
C ASP I 29 55.24 -33.53 -15.30
N TYR I 30 54.53 -34.66 -15.13
CA TYR I 30 54.98 -35.66 -14.18
C TYR I 30 56.31 -36.28 -14.60
N ILE I 31 56.47 -36.55 -15.90
CA ILE I 31 57.74 -37.04 -16.40
C ILE I 31 58.85 -36.05 -16.09
N SER I 32 58.58 -34.76 -16.26
CA SER I 32 59.58 -33.74 -15.97
C SER I 32 59.93 -33.71 -14.50
N ILE I 33 58.95 -33.89 -13.62
CA ILE I 33 59.25 -33.98 -12.19
C ILE I 33 60.15 -35.16 -11.91
N VAL I 34 59.90 -36.30 -12.56
CA VAL I 34 60.75 -37.47 -12.35
C VAL I 34 62.17 -37.20 -12.82
N MET I 35 62.32 -36.55 -13.98
CA MET I 35 63.66 -36.22 -14.47
C MET I 35 64.35 -35.21 -13.56
N LEU I 36 63.60 -34.28 -12.97
CA LEU I 36 64.18 -33.37 -11.99
C LEU I 36 64.67 -34.13 -10.77
N MET I 37 63.91 -35.12 -10.32
CA MET I 37 64.36 -35.97 -9.23
C MET I 37 65.65 -36.69 -9.59
N ILE I 38 65.73 -37.21 -10.82
CA ILE I 38 66.94 -37.88 -11.27
C ILE I 38 68.12 -36.91 -11.24
N ALA I 39 67.91 -35.69 -11.75
CA ALA I 39 68.99 -34.71 -11.79
C ALA I 39 69.46 -34.33 -10.40
N VAL I 40 68.51 -34.14 -9.47
CA VAL I 40 68.89 -33.78 -8.10
C VAL I 40 69.67 -34.91 -7.44
N PHE I 41 69.21 -36.15 -7.64
CA PHE I 41 69.91 -37.29 -7.06
C PHE I 41 71.33 -37.41 -7.62
N GLY I 42 71.46 -37.27 -8.94
CA GLY I 42 72.78 -37.36 -9.55
C GLY I 42 73.69 -36.24 -9.11
N GLY I 43 73.15 -35.03 -8.98
CA GLY I 43 73.96 -33.91 -8.50
C GLY I 43 74.44 -34.12 -7.07
N THR I 44 73.56 -34.63 -6.21
CA THR I 44 73.98 -34.94 -4.84
C THR I 44 75.07 -36.01 -4.84
N LEU I 45 74.90 -37.05 -5.64
CA LEU I 45 75.90 -38.11 -5.71
C LEU I 45 77.24 -37.57 -6.18
N GLN I 46 77.21 -36.70 -7.19
CA GLN I 46 78.45 -36.11 -7.74
C GLN I 46 79.09 -35.21 -6.67
N VAL I 47 78.29 -34.43 -5.95
CA VAL I 47 78.83 -33.53 -4.94
C VAL I 47 79.47 -34.29 -3.80
N THR I 48 78.88 -35.40 -3.36
CA THR I 48 79.34 -36.08 -2.15
C THR I 48 80.30 -37.23 -2.40
N GLN I 49 79.92 -38.20 -3.24
CA GLN I 49 80.78 -39.40 -3.37
C GLN I 49 81.35 -39.59 -4.78
N ASP I 50 81.55 -38.51 -5.55
CA ASP I 50 82.18 -38.65 -6.86
C ASP I 50 83.69 -38.44 -6.73
N LYS I 51 84.40 -39.54 -6.92
CA LYS I 51 85.87 -39.52 -6.85
C LYS I 51 86.37 -40.72 -7.65
N MET I 52 87.64 -40.74 -8.00
CA MET I 52 88.23 -41.88 -8.68
C MET I 52 89.39 -42.43 -7.85
N ILE I 53 89.39 -43.75 -7.65
CA ILE I 53 90.50 -44.40 -6.96
C ILE I 53 91.49 -44.91 -7.99
N CYS I 54 92.74 -44.46 -7.90
CA CYS I 54 93.73 -44.78 -8.92
C CYS I 54 94.95 -45.41 -8.29
N LEU I 55 95.47 -46.45 -8.93
CA LEU I 55 96.68 -47.13 -8.51
C LEU I 55 97.66 -47.19 -9.67
N PRO I 56 98.93 -46.92 -9.44
CA PRO I 56 99.92 -47.00 -10.51
C PRO I 56 100.13 -48.44 -10.97
N CYS I 57 100.55 -48.58 -12.21
CA CYS I 57 100.86 -49.87 -12.81
C CYS I 57 102.37 -49.99 -12.98
N LYS I 58 102.96 -50.98 -12.33
CA LYS I 58 104.42 -51.15 -12.37
C LYS I 58 104.89 -51.51 -13.78
N TRP I 59 104.28 -52.52 -14.38
CA TRP I 59 104.64 -52.98 -15.72
C TRP I 59 103.61 -52.48 -16.71
N VAL I 60 104.06 -51.68 -17.68
CA VAL I 60 103.18 -51.05 -18.65
C VAL I 60 103.67 -51.39 -20.05
N THR I 61 102.75 -51.82 -20.91
CA THR I 61 103.03 -52.10 -22.30
C THR I 61 101.95 -51.49 -23.18
N LYS I 62 102.37 -50.83 -24.26
CA LYS I 62 101.46 -50.19 -25.20
C LYS I 62 100.54 -49.19 -24.49
N ASP I 63 101.13 -48.43 -23.58
CA ASP I 63 100.43 -47.38 -22.83
C ASP I 63 99.23 -47.96 -22.06
N SER I 64 99.38 -49.18 -21.58
CA SER I 64 98.34 -49.83 -20.78
C SER I 64 99.00 -50.84 -19.86
N CYS I 65 98.27 -51.21 -18.80
CA CYS I 65 98.83 -52.13 -17.82
C CYS I 65 98.97 -53.53 -18.42
N ASN I 66 100.18 -54.10 -18.27
CA ASN I 66 100.44 -55.40 -18.86
C ASN I 66 99.67 -56.51 -18.15
N ASP I 67 99.35 -56.31 -16.87
CA ASP I 67 98.59 -57.27 -16.07
C ASP I 67 99.27 -58.65 -16.06
N SER I 68 100.48 -58.68 -15.52
CA SER I 68 101.24 -59.91 -15.41
C SER I 68 101.74 -60.12 -13.98
N THR I 92 106.64 -68.65 -0.92
CA THR I 92 105.65 -68.80 0.13
C THR I 92 104.32 -68.17 -0.28
N GLY I 93 103.60 -67.63 0.71
CA GLY I 93 102.33 -67.01 0.47
C GLY I 93 102.45 -65.69 -0.28
N PRO I 94 101.35 -65.22 -0.86
CA PRO I 94 101.38 -63.96 -1.58
C PRO I 94 101.70 -62.79 -0.65
N THR I 95 102.38 -61.80 -1.20
CA THR I 95 102.73 -60.59 -0.48
C THR I 95 102.27 -59.38 -1.27
N GLY I 96 102.01 -58.29 -0.55
CA GLY I 96 101.54 -57.09 -1.20
C GLY I 96 102.59 -56.42 -2.06
N ILE I 97 102.12 -55.54 -2.93
CA ILE I 97 103.00 -54.78 -3.82
C ILE I 97 103.16 -53.39 -3.24
N LYS I 98 104.40 -52.97 -3.02
CA LYS I 98 104.70 -51.69 -2.40
C LYS I 98 104.95 -50.65 -3.49
N TYR I 99 104.13 -49.61 -3.50
CA TYR I 99 104.23 -48.55 -4.50
C TYR I 99 105.05 -47.36 -4.02
N ASP I 100 105.31 -47.25 -2.72
CA ASP I 100 106.12 -46.16 -2.16
C ASP I 100 105.53 -44.80 -2.53
N LEU I 101 104.24 -44.64 -2.28
CA LEU I 101 103.53 -43.40 -2.58
C LEU I 101 102.84 -42.89 -1.32
N ASP I 102 102.90 -41.59 -1.11
CA ASP I 102 102.23 -40.98 0.02
C ASP I 102 100.72 -40.90 -0.24
N ARG I 103 99.98 -40.54 0.79
CA ARG I 103 98.51 -40.38 0.62
C ARG I 103 98.24 -39.24 -0.36
N HIS I 104 98.95 -38.12 -0.20
CA HIS I 104 98.70 -36.95 -1.09
C HIS I 104 99.08 -37.33 -2.53
N GLN I 105 100.21 -38.00 -2.70
CA GLN I 105 100.61 -38.44 -4.05
C GLN I 105 99.44 -39.22 -4.66
N TYR I 106 98.74 -40.04 -3.86
CA TYR I 106 97.57 -40.75 -4.35
C TYR I 106 96.43 -39.80 -4.65
N ASN I 107 96.19 -38.83 -3.75
CA ASN I 107 95.13 -37.86 -3.99
C ASN I 107 95.41 -37.02 -5.21
N TYR I 108 96.67 -36.63 -5.41
CA TYR I 108 97.02 -35.81 -6.57
C TYR I 108 96.82 -36.59 -7.86
N VAL I 109 97.26 -37.84 -7.91
CA VAL I 109 97.06 -38.62 -9.13
C VAL I 109 95.58 -38.86 -9.36
N ASP I 110 94.80 -39.05 -8.29
CA ASP I 110 93.35 -39.18 -8.44
C ASP I 110 92.76 -37.94 -9.08
N ALA I 111 93.12 -36.76 -8.57
CA ALA I 111 92.56 -35.52 -9.10
C ALA I 111 92.97 -35.31 -10.55
N VAL I 112 94.24 -35.58 -10.87
CA VAL I 112 94.72 -35.36 -12.24
C VAL I 112 94.04 -36.32 -13.21
N CYS I 113 93.93 -37.59 -12.83
CA CYS I 113 93.28 -38.56 -13.70
C CYS I 113 91.80 -38.24 -13.86
N TYR I 114 91.14 -37.80 -12.79
CA TYR I 114 89.72 -37.47 -12.86
C TYR I 114 89.49 -36.25 -13.74
N GLU I 115 90.39 -35.27 -13.69
CA GLU I 115 90.20 -34.05 -14.47
C GLU I 115 90.48 -34.26 -15.96
N ASN I 116 91.48 -35.08 -16.30
CA ASN I 116 91.95 -35.16 -17.67
C ASN I 116 91.52 -36.42 -18.42
N ARG I 117 91.15 -37.50 -17.72
CA ARG I 117 90.88 -38.75 -18.39
C ARG I 117 89.43 -39.18 -18.30
N LEU I 118 88.75 -38.89 -17.19
CA LEU I 118 87.34 -39.22 -17.09
C LEU I 118 86.53 -38.46 -18.13
N HIS I 119 85.64 -39.16 -18.82
CA HIS I 119 84.87 -38.55 -19.89
C HIS I 119 83.94 -37.48 -19.34
N TRP I 120 83.73 -36.44 -20.13
CA TRP I 120 82.92 -35.31 -19.67
C TRP I 120 81.48 -35.72 -19.41
N PHE I 121 80.93 -36.64 -20.20
CA PHE I 121 79.56 -37.08 -19.97
C PHE I 121 79.42 -37.77 -18.63
N ALA I 122 80.37 -38.64 -18.28
CA ALA I 122 80.35 -39.28 -16.98
C ALA I 122 80.63 -38.31 -15.85
N LYS I 123 81.08 -37.09 -16.16
CA LYS I 123 81.43 -36.11 -15.15
C LYS I 123 80.35 -35.04 -14.96
N TYR I 124 79.56 -34.74 -16.00
CA TYR I 124 78.52 -33.73 -15.89
C TYR I 124 77.15 -34.26 -16.31
N PHE I 125 76.92 -35.56 -16.17
CA PHE I 125 75.64 -36.12 -16.58
C PHE I 125 74.46 -35.53 -15.80
N PRO I 126 74.47 -35.48 -14.47
CA PRO I 126 73.30 -34.89 -13.78
C PRO I 126 73.05 -33.44 -14.12
N TYR I 127 74.11 -32.66 -14.35
CA TYR I 127 73.92 -31.24 -14.67
C TYR I 127 73.26 -31.07 -16.03
N LEU I 128 73.64 -31.88 -17.01
CA LEU I 128 72.98 -31.83 -18.30
C LEU I 128 71.52 -32.22 -18.19
N VAL I 129 71.22 -33.24 -17.38
CA VAL I 129 69.84 -33.64 -17.17
C VAL I 129 69.05 -32.51 -16.53
N LEU I 130 69.62 -31.84 -15.54
CA LEU I 130 68.94 -30.72 -14.90
C LEU I 130 68.70 -29.59 -15.89
N LEU I 131 69.68 -29.28 -16.73
CA LEU I 131 69.52 -28.22 -17.72
C LEU I 131 68.41 -28.57 -18.70
N HIS I 132 68.39 -29.81 -19.19
CA HIS I 132 67.36 -30.22 -20.14
C HIS I 132 65.98 -30.20 -19.51
N THR I 133 65.87 -30.65 -18.26
CA THR I 133 64.58 -30.63 -17.57
C THR I 133 64.11 -29.20 -17.35
N LEU I 134 65.02 -28.29 -16.99
CA LEU I 134 64.64 -26.90 -16.82
C LEU I 134 64.17 -26.29 -18.13
N ILE I 135 64.85 -26.61 -19.23
CA ILE I 135 64.42 -26.09 -20.54
C ILE I 135 63.04 -26.64 -20.89
N PHE I 136 62.81 -27.92 -20.62
CA PHE I 136 61.50 -28.52 -20.89
C PHE I 136 60.40 -27.83 -20.06
N LEU I 137 60.67 -27.60 -18.79
CA LEU I 137 59.69 -26.95 -17.92
C LEU I 137 59.42 -25.52 -18.38
N ALA I 138 60.48 -24.79 -18.75
CA ALA I 138 60.30 -23.42 -19.22
C ALA I 138 59.49 -23.40 -20.51
N CYS I 139 59.76 -24.34 -21.42
CA CYS I 139 58.98 -24.41 -22.65
C CYS I 139 57.53 -24.75 -22.38
N SER I 140 57.27 -25.65 -21.42
CA SER I 140 55.91 -26.03 -21.12
C SER I 140 55.13 -24.91 -20.44
N ASN I 141 55.78 -24.11 -19.60
CA ASN I 141 55.10 -23.09 -18.83
C ASN I 141 55.37 -21.67 -19.33
N PHE I 142 55.91 -21.53 -20.56
CA PHE I 142 56.24 -20.20 -21.05
C PHE I 142 54.99 -19.38 -21.34
N TRP I 143 53.99 -20.00 -21.97
CA TRP I 143 52.78 -19.25 -22.37
C TRP I 143 51.97 -18.80 -21.15
N PHE I 144 52.19 -19.44 -20.00
CA PHE I 144 51.50 -19.06 -18.78
C PHE I 144 52.17 -17.87 -18.08
N LYS I 145 53.33 -17.44 -18.55
CA LYS I 145 54.03 -16.30 -17.96
C LYS I 145 54.22 -15.14 -18.93
N PHE I 146 54.22 -15.40 -20.24
CA PHE I 146 54.27 -14.33 -21.22
C PHE I 146 53.03 -13.46 -21.08
N PRO I 147 53.17 -12.15 -20.85
CA PRO I 147 52.00 -11.34 -20.47
C PRO I 147 50.85 -11.39 -21.46
N ARG I 148 51.14 -11.39 -22.76
CA ARG I 148 50.08 -11.34 -23.76
C ARG I 148 49.21 -12.61 -23.72
N THR I 149 49.83 -13.76 -23.97
CA THR I 149 49.09 -15.01 -24.01
C THR I 149 48.51 -15.34 -22.63
N SER I 150 49.26 -15.05 -21.57
CA SER I 150 48.77 -15.33 -20.22
C SER I 150 47.52 -14.52 -19.92
N SER I 151 47.53 -13.23 -20.25
CA SER I 151 46.35 -12.41 -20.01
C SER I 151 45.17 -12.88 -20.86
N LYS I 152 45.43 -13.22 -22.12
CA LYS I 152 44.35 -13.66 -22.99
C LYS I 152 43.72 -14.95 -22.46
N LEU I 153 44.54 -15.92 -22.05
CA LEU I 153 43.99 -17.17 -21.56
C LEU I 153 43.34 -17.01 -20.19
N GLU I 154 43.84 -16.09 -19.36
CA GLU I 154 43.17 -15.79 -18.11
C GLU I 154 41.78 -15.23 -18.36
N HIS I 155 41.67 -14.29 -19.30
CA HIS I 155 40.36 -13.77 -19.67
C HIS I 155 39.46 -14.88 -20.18
N PHE I 156 40.01 -15.76 -21.03
CA PHE I 156 39.22 -16.86 -21.58
C PHE I 156 38.71 -17.78 -20.49
N VAL I 157 39.58 -18.18 -19.56
CA VAL I 157 39.16 -19.13 -18.54
C VAL I 157 38.16 -18.51 -17.59
N SER I 158 38.36 -17.22 -17.24
CA SER I 158 37.39 -16.56 -16.37
C SER I 158 36.02 -16.48 -17.02
N ILE I 159 35.98 -16.10 -18.30
CA ILE I 159 34.70 -15.99 -19.00
C ILE I 159 34.06 -17.37 -19.16
N LEU I 160 34.88 -18.37 -19.47
CA LEU I 160 34.35 -19.73 -19.64
C LEU I 160 33.75 -20.24 -18.34
N LEU I 161 34.42 -20.04 -17.22
CA LEU I 161 33.89 -20.48 -15.94
C LEU I 161 32.61 -19.71 -15.58
N LYS I 162 32.60 -18.40 -15.80
CA LYS I 162 31.43 -17.60 -15.46
C LYS I 162 30.25 -17.93 -16.35
N CYS I 163 30.51 -18.40 -17.57
CA CYS I 163 29.41 -18.88 -18.41
C CYS I 163 28.97 -20.27 -17.99
N PHE I 164 29.91 -21.12 -17.55
CA PHE I 164 29.58 -22.48 -17.17
C PHE I 164 28.70 -22.52 -15.91
N ASP I 165 29.02 -21.70 -14.92
CA ASP I 165 28.28 -21.72 -13.66
C ASP I 165 27.02 -20.87 -13.69
N SER I 166 26.71 -20.26 -14.82
CA SER I 166 25.52 -19.43 -14.93
C SER I 166 24.25 -20.29 -14.89
N PRO I 167 23.13 -19.73 -14.42
CA PRO I 167 21.86 -20.47 -14.47
C PRO I 167 21.23 -20.45 -15.85
N TRP I 168 21.54 -19.41 -16.64
CA TRP I 168 20.90 -19.26 -17.94
C TRP I 168 21.27 -20.40 -18.89
N THR I 169 22.52 -20.88 -18.86
CA THR I 169 22.88 -21.99 -19.73
C THR I 169 22.08 -23.25 -19.38
N THR I 170 21.99 -23.57 -18.10
CA THR I 170 21.23 -24.75 -17.68
C THR I 170 19.77 -24.61 -18.06
N ARG I 171 19.23 -23.40 -17.96
CA ARG I 171 17.88 -23.15 -18.48
C ARG I 171 17.83 -23.36 -19.99
N ALA I 172 18.91 -23.03 -20.69
CA ALA I 172 18.92 -23.07 -22.14
C ALA I 172 18.91 -24.51 -22.68
N LEU I 173 19.72 -25.40 -22.10
CA LEU I 173 19.70 -26.78 -22.61
C LEU I 173 18.36 -27.44 -22.32
N SER I 174 17.77 -27.18 -21.16
CA SER I 174 16.47 -27.77 -20.82
C SER I 174 15.40 -27.25 -21.78
N VAL I 231 9.02 -19.48 -15.59
CA VAL I 231 9.65 -19.18 -16.87
C VAL I 231 10.08 -17.72 -16.93
N LEU I 232 9.98 -17.03 -15.79
CA LEU I 232 10.31 -15.63 -15.72
C LEU I 232 11.13 -15.36 -14.46
N ASP I 233 12.23 -14.63 -14.63
CA ASP I 233 13.08 -14.22 -13.52
C ASP I 233 13.72 -12.89 -13.87
N LYS I 234 14.00 -12.08 -12.85
CA LYS I 234 14.46 -10.72 -13.07
C LYS I 234 15.98 -10.61 -13.07
N LYS I 235 16.63 -10.93 -11.94
CA LYS I 235 18.06 -10.68 -11.80
C LYS I 235 18.87 -11.51 -12.79
N GLU I 236 18.52 -12.79 -12.95
CA GLU I 236 19.26 -13.64 -13.88
C GLU I 236 19.17 -13.11 -15.29
N GLY I 237 18.09 -12.38 -15.61
CA GLY I 237 17.97 -11.81 -16.95
C GLY I 237 19.07 -10.80 -17.25
N GLU I 238 19.25 -9.80 -16.37
CA GLU I 238 20.30 -8.83 -16.61
C GLU I 238 21.69 -9.43 -16.42
N GLN I 239 21.81 -10.40 -15.50
CA GLN I 239 23.11 -11.10 -15.35
C GLN I 239 23.42 -11.82 -16.67
N ALA I 240 22.44 -12.53 -17.23
CA ALA I 240 22.65 -13.28 -18.48
C ALA I 240 22.98 -12.32 -19.62
N LYS I 241 22.22 -11.22 -19.73
CA LYS I 241 22.43 -10.27 -20.85
C LYS I 241 23.83 -9.68 -20.71
N ALA I 242 24.27 -9.43 -19.47
CA ALA I 242 25.64 -8.91 -19.24
C ALA I 242 26.65 -9.95 -19.72
N LEU I 243 26.43 -11.21 -19.34
CA LEU I 243 27.35 -12.30 -19.76
C LEU I 243 27.37 -12.36 -21.30
N PHE I 244 26.19 -12.29 -21.92
CA PHE I 244 26.12 -12.38 -23.40
C PHE I 244 26.98 -11.27 -23.98
N GLU I 245 26.86 -10.06 -23.42
CA GLU I 245 27.63 -8.90 -23.94
C GLU I 245 29.13 -9.14 -23.73
N LYS I 246 29.51 -9.62 -22.55
CA LYS I 246 30.94 -9.88 -22.25
C LYS I 246 31.46 -10.90 -23.26
N VAL I 247 30.66 -11.95 -23.55
CA VAL I 247 31.07 -12.98 -24.54
C VAL I 247 31.33 -12.27 -25.88
N LYS I 248 30.42 -11.39 -26.29
CA LYS I 248 30.58 -10.68 -27.58
C LYS I 248 31.92 -9.94 -27.59
N LYS I 249 32.20 -9.19 -26.52
CA LYS I 249 33.46 -8.40 -26.45
C LYS I 249 34.66 -9.35 -26.54
N PHE I 250 34.62 -10.44 -25.77
CA PHE I 250 35.76 -11.39 -25.76
C PHE I 250 35.94 -11.96 -27.17
N ARG I 251 34.83 -12.29 -27.83
CA ARG I 251 34.90 -12.87 -29.19
C ARG I 251 35.71 -11.91 -30.07
N THR I 252 35.36 -10.63 -30.08
CA THR I 252 36.05 -9.66 -30.97
C THR I 252 37.48 -9.52 -30.53
N HIS I 253 37.74 -9.57 -29.21
CA HIS I 253 39.12 -9.33 -28.69
C HIS I 253 40.03 -10.54 -28.95
N VAL I 254 39.46 -11.73 -29.16
CA VAL I 254 40.34 -12.94 -29.27
C VAL I 254 40.27 -13.52 -30.69
N GLU I 255 39.09 -13.59 -31.30
CA GLU I 255 38.96 -14.24 -32.64
C GLU I 255 39.76 -13.45 -33.68
N GLU I 256 40.42 -12.37 -33.26
CA GLU I 256 41.13 -11.50 -34.24
C GLU I 256 42.37 -12.21 -34.78
N GLY I 257 43.27 -12.67 -33.90
CA GLY I 257 44.54 -13.25 -34.36
C GLY I 257 45.04 -14.36 -33.45
N ASP I 258 45.93 -15.22 -33.95
CA ASP I 258 46.40 -16.39 -33.15
C ASP I 258 47.78 -16.10 -32.54
N ILE I 259 47.82 -15.70 -31.28
CA ILE I 259 49.12 -15.51 -30.58
C ILE I 259 49.25 -16.61 -29.53
N VAL I 260 48.12 -17.23 -29.17
CA VAL I 260 48.14 -18.35 -28.19
C VAL I 260 48.36 -19.66 -28.96
N TYR I 261 47.60 -19.87 -30.03
CA TYR I 261 47.79 -21.09 -30.86
C TYR I 261 49.22 -21.09 -31.39
N ARG I 262 49.66 -19.94 -31.93
CA ARG I 262 51.01 -19.88 -32.53
C ARG I 262 52.06 -20.22 -31.47
N LEU I 263 51.98 -19.59 -30.29
CA LEU I 263 53.02 -19.83 -29.26
C LEU I 263 53.01 -21.31 -28.88
N TYR I 264 51.83 -21.89 -28.65
CA TYR I 264 51.78 -23.31 -28.21
C TYR I 264 52.39 -24.18 -29.30
N MET I 265 52.09 -23.86 -30.57
CA MET I 265 52.67 -24.64 -31.70
C MET I 265 54.19 -24.63 -31.56
N ARG I 266 54.78 -23.46 -31.35
CA ARG I 266 56.25 -23.34 -31.23
C ARG I 266 56.72 -24.23 -30.06
N GLN I 267 56.18 -24.00 -28.87
CA GLN I 267 56.58 -24.79 -27.70
C GLN I 267 56.66 -26.27 -28.04
N THR I 268 55.66 -26.79 -28.76
CA THR I 268 55.69 -28.19 -29.14
C THR I 268 56.85 -28.50 -30.07
N ILE I 269 57.13 -27.63 -31.04
CA ILE I 269 58.25 -27.86 -31.95
C ILE I 269 59.57 -27.89 -31.19
N ILE I 270 59.76 -26.93 -30.28
CA ILE I 270 61.00 -26.88 -29.52
C ILE I 270 61.14 -28.12 -28.65
N LYS I 271 60.04 -28.56 -28.04
CA LYS I 271 60.10 -29.79 -27.25
C LYS I 271 60.52 -30.97 -28.11
N VAL I 272 59.96 -31.07 -29.32
CA VAL I 272 60.28 -32.20 -30.18
C VAL I 272 61.76 -32.19 -30.57
N ILE I 273 62.28 -31.02 -30.99
CA ILE I 273 63.66 -30.96 -31.41
C ILE I 273 64.60 -31.19 -30.24
N LYS I 274 64.25 -30.67 -29.06
CA LYS I 274 65.09 -30.96 -27.88
C LYS I 274 65.12 -32.48 -27.70
N PHE I 275 63.95 -33.11 -27.68
CA PHE I 275 63.89 -34.58 -27.42
C PHE I 275 64.82 -35.28 -28.40
N ILE I 276 64.72 -34.92 -29.68
CA ILE I 276 65.56 -35.59 -30.71
C ILE I 276 67.03 -35.46 -30.32
N LEU I 277 67.49 -34.23 -30.10
CA LEU I 277 68.92 -34.00 -29.77
C LEU I 277 69.29 -34.75 -28.48
N ILE I 278 68.47 -34.60 -27.43
CA ILE I 278 68.85 -35.23 -26.12
C ILE I 278 69.06 -36.74 -26.36
N ILE I 279 68.12 -37.41 -27.02
CA ILE I 279 68.27 -38.88 -27.21
C ILE I 279 69.55 -39.12 -28.02
N CYS I 280 69.72 -38.40 -29.12
CA CYS I 280 70.89 -38.65 -30.00
C CYS I 280 72.20 -38.49 -29.25
N TYR I 281 72.40 -37.36 -28.56
CA TYR I 281 73.72 -37.14 -27.88
C TYR I 281 73.85 -38.10 -26.72
N THR I 282 72.76 -38.32 -25.98
CA THR I 282 72.89 -39.19 -24.80
C THR I 282 73.15 -40.63 -25.20
N VAL I 283 72.47 -41.12 -26.23
CA VAL I 283 72.69 -42.49 -26.68
C VAL I 283 74.12 -42.64 -27.20
N TYR I 284 74.61 -41.62 -27.92
CA TYR I 284 75.97 -41.72 -28.46
C TYR I 284 77.01 -41.78 -27.34
N TYR I 285 76.84 -40.99 -26.29
CA TYR I 285 77.86 -40.82 -25.26
C TYR I 285 77.52 -41.53 -23.96
N VAL I 286 76.70 -42.59 -24.02
CA VAL I 286 76.39 -43.34 -22.81
C VAL I 286 77.33 -44.51 -22.59
N HIS I 287 78.09 -44.91 -23.60
CA HIS I 287 79.03 -46.02 -23.48
C HIS I 287 80.37 -45.59 -22.92
N ASN I 288 80.58 -44.30 -22.66
CA ASN I 288 81.82 -43.82 -22.09
C ASN I 288 81.81 -43.82 -20.56
N ILE I 289 80.69 -44.19 -19.94
CA ILE I 289 80.61 -44.30 -18.48
C ILE I 289 81.05 -45.73 -18.15
N LYS I 290 82.33 -45.89 -17.87
CA LYS I 290 82.90 -47.18 -17.52
C LYS I 290 83.45 -47.13 -16.10
N PHE I 291 83.43 -48.29 -15.44
CA PHE I 291 83.98 -48.38 -14.09
C PHE I 291 85.50 -48.31 -14.11
N ASP I 292 86.14 -49.27 -14.78
CA ASP I 292 87.60 -49.28 -14.86
C ASP I 292 88.06 -48.32 -15.95
N VAL I 293 88.78 -47.28 -15.55
CA VAL I 293 89.23 -46.23 -16.46
C VAL I 293 90.74 -46.24 -16.48
N ASP I 294 91.33 -46.52 -17.64
CA ASP I 294 92.77 -46.42 -17.79
C ASP I 294 93.18 -44.96 -17.92
N CYS I 295 94.30 -44.62 -17.27
CA CYS I 295 94.71 -43.22 -17.19
C CYS I 295 96.20 -43.09 -17.50
N THR I 296 96.56 -42.03 -18.21
CA THR I 296 97.94 -41.69 -18.51
C THR I 296 98.05 -40.19 -18.60
N VAL I 297 98.76 -39.56 -17.66
CA VAL I 297 98.73 -38.12 -17.50
C VAL I 297 100.12 -37.50 -17.53
N ASP I 298 101.17 -38.31 -17.55
CA ASP I 298 102.55 -37.83 -17.67
C ASP I 298 102.91 -36.88 -16.53
N ILE I 299 102.90 -37.43 -15.31
CA ILE I 299 103.30 -36.69 -14.12
C ILE I 299 104.46 -37.41 -13.45
N GLU I 300 105.34 -38.02 -14.26
CA GLU I 300 106.45 -38.79 -13.72
C GLU I 300 107.30 -37.97 -12.76
N SER I 301 107.48 -36.68 -13.04
CA SER I 301 108.35 -35.86 -12.22
C SER I 301 107.84 -35.69 -10.80
N LEU I 302 106.55 -35.94 -10.56
CA LEU I 302 105.97 -35.75 -9.25
C LEU I 302 105.77 -37.04 -8.47
N THR I 303 105.45 -38.14 -9.14
CA THR I 303 105.20 -39.41 -8.47
C THR I 303 106.12 -40.54 -8.91
N GLY I 304 106.57 -40.54 -10.16
CA GLY I 304 107.45 -41.57 -10.66
C GLY I 304 106.79 -42.61 -11.54
N TYR I 305 105.47 -42.63 -11.62
CA TYR I 305 104.75 -43.58 -12.45
C TYR I 305 104.09 -42.88 -13.62
N ARG I 306 104.09 -43.54 -14.77
CA ARG I 306 103.58 -42.95 -16.01
C ARG I 306 102.08 -43.21 -16.17
N THR I 307 101.65 -44.47 -16.05
CA THR I 307 100.27 -44.86 -16.29
C THR I 307 99.64 -45.39 -15.01
N TYR I 308 98.33 -45.21 -14.89
CA TYR I 308 97.58 -45.63 -13.71
C TYR I 308 96.34 -46.39 -14.15
N ARG I 309 95.85 -47.22 -13.22
CA ARG I 309 94.65 -48.04 -13.43
C ARG I 309 93.57 -47.51 -12.49
N CYS I 310 92.81 -46.54 -12.97
CA CYS I 310 91.80 -45.89 -12.14
C CYS I 310 90.51 -46.72 -12.10
N ALA I 311 89.66 -46.39 -11.14
CA ALA I 311 88.38 -47.07 -10.93
C ALA I 311 87.36 -46.04 -10.47
N HIS I 312 86.41 -45.72 -11.35
CA HIS I 312 85.33 -44.81 -11.03
C HIS I 312 84.18 -45.58 -10.38
N PRO I 313 84.03 -45.54 -9.06
CA PRO I 313 83.04 -46.43 -8.42
C PRO I 313 81.61 -46.02 -8.67
N LEU I 314 81.36 -44.79 -9.12
CA LEU I 314 80.01 -44.30 -9.35
C LEU I 314 79.53 -44.54 -10.77
N ALA I 315 80.31 -45.24 -11.59
CA ALA I 315 79.99 -45.38 -13.00
C ALA I 315 78.73 -46.20 -13.21
N THR I 316 78.60 -47.32 -12.50
CA THR I 316 77.46 -48.22 -12.74
C THR I 316 76.14 -47.54 -12.40
N LEU I 317 76.09 -46.86 -11.26
CA LEU I 317 74.88 -46.13 -10.88
C LEU I 317 74.58 -45.04 -11.90
N PHE I 318 75.61 -44.38 -12.41
CA PHE I 318 75.40 -43.38 -13.45
C PHE I 318 74.87 -44.00 -14.72
N LYS I 319 75.32 -45.22 -15.04
CA LYS I 319 74.78 -45.92 -16.21
C LYS I 319 73.29 -46.22 -16.02
N ILE I 320 72.92 -46.68 -14.82
CA ILE I 320 71.51 -46.97 -14.55
C ILE I 320 70.67 -45.71 -14.67
N LEU I 321 71.15 -44.62 -14.08
CA LEU I 321 70.42 -43.35 -14.16
C LEU I 321 70.33 -42.85 -15.59
N ALA I 322 71.41 -43.02 -16.36
CA ALA I 322 71.38 -42.57 -17.76
C ALA I 322 70.38 -43.37 -18.57
N SER I 323 70.33 -44.70 -18.37
CA SER I 323 69.36 -45.51 -19.09
C SER I 323 67.94 -45.13 -18.71
N PHE I 324 67.69 -44.92 -17.41
CA PHE I 324 66.35 -44.55 -16.97
C PHE I 324 65.94 -43.19 -17.53
N TYR I 325 66.89 -42.25 -17.56
CA TYR I 325 66.63 -40.94 -18.14
C TYR I 325 66.37 -41.04 -19.65
N ILE I 326 67.09 -41.93 -20.33
CA ILE I 326 66.85 -42.13 -21.76
C ILE I 326 65.45 -42.66 -22.00
N SER I 327 65.01 -43.62 -21.18
CA SER I 327 63.64 -44.14 -21.33
C SER I 327 62.61 -43.05 -21.06
N LEU I 328 62.85 -42.23 -20.02
CA LEU I 328 61.94 -41.12 -19.73
C LEU I 328 61.87 -40.14 -20.90
N VAL I 329 63.02 -39.82 -21.49
CA VAL I 329 63.04 -38.90 -22.63
C VAL I 329 62.34 -39.52 -23.83
N ILE I 330 62.47 -40.84 -24.00
CA ILE I 330 61.76 -41.52 -25.08
C ILE I 330 60.26 -41.36 -24.90
N PHE I 331 59.77 -41.58 -23.69
CA PHE I 331 58.34 -41.43 -23.43
C PHE I 331 57.89 -39.97 -23.65
N TYR I 332 58.70 -39.03 -23.16
CA TYR I 332 58.39 -37.61 -23.33
C TYR I 332 58.33 -37.24 -24.82
N GLY I 333 59.27 -37.75 -25.60
CA GLY I 333 59.26 -37.48 -27.02
C GLY I 333 58.09 -38.10 -27.75
N LEU I 334 57.69 -39.31 -27.35
CA LEU I 334 56.50 -39.91 -27.94
C LEU I 334 55.26 -39.07 -27.65
N ILE I 335 55.13 -38.60 -26.41
CA ILE I 335 53.99 -37.77 -26.05
C ILE I 335 54.01 -36.46 -26.85
N CYS I 336 55.19 -35.86 -26.98
CA CYS I 336 55.31 -34.62 -27.75
C CYS I 336 55.00 -34.84 -29.22
N MET I 337 55.43 -35.98 -29.77
CA MET I 337 55.11 -36.29 -31.16
C MET I 337 53.61 -36.43 -31.36
N TYR I 338 52.93 -37.09 -30.41
CA TYR I 338 51.47 -37.18 -30.50
C TYR I 338 50.84 -35.80 -30.42
N THR I 339 51.33 -34.95 -29.52
CA THR I 339 50.78 -33.61 -29.38
C THR I 339 50.95 -32.81 -30.67
N LEU I 340 52.13 -32.92 -31.29
CA LEU I 340 52.37 -32.24 -32.57
C LEU I 340 51.44 -32.78 -33.66
N TRP I 341 51.25 -34.10 -33.70
CA TRP I 341 50.38 -34.69 -34.71
C TRP I 341 48.94 -34.24 -34.51
N TRP I 342 48.47 -34.19 -33.25
CA TRP I 342 47.11 -33.75 -32.98
C TRP I 342 46.89 -32.31 -33.42
N MET I 343 47.92 -31.48 -33.31
CA MET I 343 47.81 -30.07 -33.63
C MET I 343 48.11 -29.77 -35.09
N LEU I 344 48.41 -30.79 -35.89
CA LEU I 344 48.68 -30.60 -37.32
C LEU I 344 47.88 -31.57 -38.18
N ARG I 345 46.83 -32.18 -37.62
CA ARG I 345 45.95 -33.06 -38.39
C ARG I 345 44.69 -32.36 -38.86
N ARG I 346 44.17 -31.41 -38.07
CA ARG I 346 43.02 -30.61 -38.43
C ARG I 346 43.31 -29.16 -38.09
N SER I 347 42.61 -28.25 -38.76
CA SER I 347 42.80 -26.82 -38.55
C SER I 347 42.21 -26.45 -37.20
N LEU I 348 43.06 -26.36 -36.18
CA LEU I 348 42.62 -25.95 -34.85
C LEU I 348 42.13 -24.51 -34.83
N LYS I 349 42.55 -23.72 -35.81
CA LYS I 349 42.14 -22.29 -35.88
C LYS I 349 40.66 -22.20 -36.28
N LYS I 350 40.08 -23.31 -36.76
CA LYS I 350 38.67 -23.29 -37.21
C LYS I 350 37.86 -24.26 -36.34
N TYR I 351 37.12 -23.74 -35.35
CA TYR I 351 36.25 -24.60 -34.50
C TYR I 351 35.01 -24.96 -35.31
N SER I 352 34.15 -25.81 -34.76
CA SER I 352 32.96 -26.26 -35.51
C SER I 352 31.68 -25.83 -34.79
N PHE I 353 31.49 -26.26 -33.54
CA PHE I 353 30.22 -25.96 -32.82
C PHE I 353 29.06 -26.48 -33.66
N GLU I 354 29.31 -27.49 -34.49
CA GLU I 354 28.24 -28.07 -35.35
C GLU I 354 27.31 -28.93 -34.49
N SER I 355 27.88 -29.83 -33.68
CA SER I 355 27.05 -30.76 -32.87
C SER I 355 25.91 -30.00 -32.18
N ILE I 356 26.24 -29.14 -31.21
CA ILE I 356 25.19 -28.41 -30.44
C ILE I 356 24.26 -27.70 -31.44
N ARG I 357 24.84 -27.05 -32.45
CA ARG I 357 24.05 -26.32 -33.46
C ARG I 357 23.00 -27.26 -34.08
N GLU I 358 23.37 -28.53 -34.30
CA GLU I 358 22.44 -29.49 -34.96
C GLU I 358 21.88 -30.48 -33.93
N GLU I 359 22.09 -30.21 -32.64
CA GLU I 359 21.56 -31.10 -31.58
C GLU I 359 20.53 -30.34 -30.73
N SER I 360 21.00 -29.57 -29.74
CA SER I 360 20.07 -28.85 -28.82
C SER I 360 19.64 -27.53 -29.47
N SER I 361 18.87 -27.60 -30.56
CA SER I 361 18.40 -26.38 -31.25
C SER I 361 19.55 -25.38 -31.37
N TYR I 362 19.31 -24.12 -31.00
CA TYR I 362 20.40 -23.10 -31.01
C TYR I 362 21.26 -23.31 -32.26
N SER I 363 20.63 -23.28 -33.44
CA SER I 363 21.38 -23.48 -34.71
C SER I 363 22.03 -22.16 -35.12
N ASP I 364 22.00 -21.16 -34.24
CA ASP I 364 22.56 -19.82 -34.57
C ASP I 364 23.94 -19.67 -33.93
N ILE I 365 24.61 -20.78 -33.61
CA ILE I 365 25.99 -20.70 -33.05
C ILE I 365 26.98 -20.78 -34.22
N PRO I 366 27.69 -19.68 -34.57
CA PRO I 366 28.62 -19.66 -35.74
C PRO I 366 29.96 -20.29 -35.38
N ASP I 367 30.74 -20.67 -36.39
CA ASP I 367 32.08 -21.25 -36.16
C ASP I 367 33.03 -20.14 -35.72
N VAL I 368 33.73 -20.32 -34.60
CA VAL I 368 34.62 -19.25 -34.07
C VAL I 368 35.91 -19.22 -34.91
N LYS I 369 36.62 -18.10 -34.94
CA LYS I 369 37.82 -17.97 -35.81
C LYS I 369 39.09 -18.40 -35.05
N ASN I 370 40.26 -18.00 -35.56
CA ASN I 370 41.51 -18.45 -34.96
C ASN I 370 41.63 -17.97 -33.52
N ASP I 371 42.57 -18.59 -32.79
CA ASP I 371 42.84 -18.35 -31.37
C ASP I 371 41.69 -18.85 -30.49
N PHE I 372 40.50 -18.27 -30.65
CA PHE I 372 39.33 -18.73 -29.90
C PHE I 372 39.04 -20.19 -30.22
N ALA I 373 39.11 -20.56 -31.50
CA ALA I 373 38.89 -21.95 -31.89
C ALA I 373 39.94 -22.87 -31.28
N PHE I 374 41.18 -22.40 -31.20
CA PHE I 374 42.22 -23.21 -30.58
C PHE I 374 41.93 -23.43 -29.10
N MET I 375 41.47 -22.39 -28.40
CA MET I 375 41.12 -22.56 -27.00
C MET I 375 39.95 -23.51 -26.83
N LEU I 376 38.98 -23.44 -27.75
CA LEU I 376 37.80 -24.34 -27.65
C LEU I 376 38.26 -25.79 -27.89
N HIS I 377 39.13 -26.02 -28.87
CA HIS I 377 39.64 -27.37 -29.11
C HIS I 377 40.45 -27.86 -27.93
N LEU I 378 41.24 -26.98 -27.32
CA LEU I 378 42.03 -27.34 -26.15
C LEU I 378 41.13 -27.70 -24.97
N ILE I 379 40.03 -26.96 -24.78
CA ILE I 379 39.16 -27.24 -23.64
C ILE I 379 38.27 -28.45 -23.92
N ASP I 380 38.12 -28.82 -25.20
CA ASP I 380 37.38 -30.04 -25.52
C ASP I 380 38.06 -31.28 -24.94
N GLN I 381 39.39 -31.26 -24.85
CA GLN I 381 40.11 -32.41 -24.33
C GLN I 381 39.77 -32.67 -22.87
N TYR I 382 39.65 -31.61 -22.07
CA TYR I 382 39.31 -31.78 -20.65
C TYR I 382 37.89 -32.29 -20.49
N ASP I 383 36.91 -31.54 -20.99
CA ASP I 383 35.51 -31.92 -20.83
C ASP I 383 34.69 -31.30 -21.96
N PRO I 384 34.08 -32.11 -22.83
CA PRO I 384 33.26 -31.55 -23.91
C PRO I 384 32.05 -30.77 -23.42
N LEU I 385 31.64 -30.97 -22.16
CA LEU I 385 30.48 -30.26 -21.63
C LEU I 385 30.73 -28.76 -21.57
N TYR I 386 31.98 -28.34 -21.35
CA TYR I 386 32.28 -26.91 -21.24
C TYR I 386 31.99 -26.19 -22.56
N SER I 387 32.35 -26.81 -23.69
CA SER I 387 32.08 -26.18 -24.98
C SER I 387 30.59 -26.05 -25.22
N LYS I 388 29.81 -27.07 -24.83
CA LYS I 388 28.37 -27.00 -24.97
C LYS I 388 27.79 -25.88 -24.11
N ARG I 389 28.31 -25.72 -22.89
CA ARG I 389 27.85 -24.62 -22.05
C ARG I 389 28.19 -23.27 -22.67
N PHE I 390 29.35 -23.17 -23.30
CA PHE I 390 29.74 -21.89 -23.95
C PHE I 390 28.93 -21.70 -25.23
N ALA I 391 28.40 -22.79 -25.79
CA ALA I 391 27.70 -22.71 -27.07
C ALA I 391 26.43 -21.87 -26.96
N VAL I 392 25.70 -22.02 -25.84
CA VAL I 392 24.41 -21.35 -25.73
C VAL I 392 24.55 -19.83 -25.70
N PHE I 393 25.74 -19.34 -25.35
CA PHE I 393 25.94 -17.90 -25.29
C PHE I 393 26.51 -17.32 -26.58
N LEU I 394 26.65 -18.14 -27.63
CA LEU I 394 27.08 -17.67 -28.94
C LEU I 394 25.98 -17.84 -29.97
N SER I 395 24.72 -17.86 -29.54
CA SER I 395 23.59 -18.14 -30.41
C SER I 395 22.66 -16.94 -30.48
N GLU I 396 21.97 -16.81 -31.61
CA GLU I 396 21.03 -15.72 -31.80
C GLU I 396 19.64 -16.05 -31.27
N VAL I 397 19.17 -17.28 -31.45
CA VAL I 397 17.86 -17.65 -30.91
C VAL I 397 17.87 -17.57 -29.39
N SER I 398 18.98 -17.93 -28.75
CA SER I 398 19.11 -17.72 -27.32
C SER I 398 19.05 -16.24 -26.98
N GLU I 399 19.64 -15.40 -27.84
CA GLU I 399 19.57 -13.95 -27.63
C GLU I 399 18.13 -13.47 -27.66
N ASN I 400 17.34 -13.92 -28.64
CA ASN I 400 15.96 -13.47 -28.70
C ASN I 400 15.12 -14.04 -27.56
N LYS I 401 15.43 -15.26 -27.12
CA LYS I 401 14.72 -15.82 -25.97
C LYS I 401 14.99 -14.99 -24.71
N LEU I 402 16.26 -14.64 -24.47
CA LEU I 402 16.58 -13.80 -23.32
C LEU I 402 15.96 -12.42 -23.46
N ARG I 403 16.03 -11.87 -24.66
CA ARG I 403 15.45 -10.54 -24.93
C ARG I 403 13.97 -10.58 -24.59
N GLN I 404 13.28 -11.63 -25.04
CA GLN I 404 11.83 -11.76 -24.71
C GLN I 404 11.70 -11.76 -23.19
N LEU I 405 12.43 -12.64 -22.50
CA LEU I 405 12.29 -12.74 -21.02
C LEU I 405 12.57 -11.36 -20.39
N ASN I 406 13.54 -10.62 -20.95
CA ASN I 406 13.82 -9.25 -20.43
C ASN I 406 12.61 -8.35 -20.70
N LEU I 407 12.14 -8.31 -21.94
CA LEU I 407 10.93 -7.50 -22.29
C LEU I 407 9.80 -7.94 -21.35
N ASN I 408 9.70 -9.25 -21.09
CA ASN I 408 8.65 -9.78 -20.19
C ASN I 408 8.75 -9.04 -18.86
N ASN I 409 9.95 -9.00 -18.27
CA ASN I 409 10.14 -8.28 -16.98
C ASN I 409 10.05 -6.77 -17.23
N GLU I 410 10.67 -6.27 -18.30
CA GLU I 410 10.72 -4.81 -18.55
C GLU I 410 9.30 -4.24 -18.72
N TRP I 411 8.57 -4.66 -19.76
CA TRP I 411 7.25 -4.05 -20.03
C TRP I 411 6.21 -4.63 -19.07
N THR I 412 6.20 -4.13 -17.84
CA THR I 412 5.19 -4.58 -16.84
C THR I 412 3.84 -4.05 -17.25
N LEU I 413 2.76 -4.71 -16.79
CA LEU I 413 1.40 -4.32 -17.23
C LEU I 413 1.16 -2.84 -16.90
N ASP I 414 1.69 -2.37 -15.77
CA ASP I 414 1.43 -0.96 -15.35
C ASP I 414 1.89 -0.01 -16.47
N LYS I 415 3.10 -0.23 -17.01
CA LYS I 415 3.61 0.61 -18.11
C LYS I 415 2.68 0.45 -19.32
N LEU I 416 2.29 -0.80 -19.61
CA LEU I 416 1.39 -1.06 -20.76
C LEU I 416 0.02 -0.40 -20.48
N ARG I 417 -0.45 -0.46 -19.23
CA ARG I 417 -1.71 0.22 -18.87
C ARG I 417 -1.54 1.72 -19.17
N GLN I 418 -0.35 2.26 -18.89
CA GLN I 418 -0.06 3.69 -19.22
C GLN I 418 0.03 3.79 -20.75
N ARG I 419 0.64 2.78 -21.38
CA ARG I 419 0.76 2.76 -22.86
C ARG I 419 -0.63 2.66 -23.49
N LEU I 420 -1.60 2.11 -22.75
CA LEU I 420 -2.99 2.02 -23.26
C LEU I 420 -3.50 3.43 -23.60
N THR I 421 -4.22 3.55 -24.72
CA THR I 421 -4.78 4.87 -25.12
C THR I 421 -6.19 4.64 -25.62
N LYS I 422 -6.89 5.71 -26.02
CA LYS I 422 -8.24 5.56 -26.61
C LYS I 422 -8.19 6.10 -28.05
N ASN I 423 -8.99 5.54 -28.96
CA ASN I 423 -8.89 5.97 -30.38
C ASN I 423 -10.08 6.85 -30.74
N ALA I 424 -10.11 7.37 -31.97
CA ALA I 424 -11.22 8.20 -32.44
C ALA I 424 -12.57 7.58 -32.09
N GLN I 425 -12.68 6.25 -32.23
CA GLN I 425 -13.93 5.55 -31.97
C GLN I 425 -14.11 5.19 -30.50
N ASP I 426 -13.41 5.87 -29.60
CA ASP I 426 -13.46 5.56 -28.17
C ASP I 426 -13.15 4.09 -27.92
N LYS I 427 -12.16 3.58 -28.65
CA LYS I 427 -11.72 2.21 -28.54
C LYS I 427 -10.31 2.19 -27.97
N LEU I 428 -10.10 1.40 -26.94
CA LEU I 428 -8.80 1.38 -26.26
C LEU I 428 -7.72 0.87 -27.20
N GLU I 429 -6.66 1.66 -27.34
CA GLU I 429 -5.60 1.43 -28.31
C GLU I 429 -4.27 1.22 -27.62
N LEU I 430 -3.46 0.32 -28.16
CA LEU I 430 -2.10 0.10 -27.68
C LEU I 430 -1.21 -0.05 -28.92
N HIS I 431 -0.53 1.03 -29.29
CA HIS I 431 0.29 1.07 -30.48
C HIS I 431 1.69 0.55 -30.14
N LEU I 432 2.08 -0.56 -30.76
CA LEU I 432 3.39 -1.16 -30.55
C LEU I 432 4.30 -0.69 -31.68
N PHE I 433 5.36 0.03 -31.34
CA PHE I 433 6.16 0.76 -32.31
C PHE I 433 7.58 0.21 -32.28
N MET I 434 7.82 -0.86 -33.03
CA MET I 434 9.14 -1.49 -33.20
C MET I 434 9.73 -1.90 -31.85
N LEU I 435 9.08 -2.89 -31.23
CA LEU I 435 9.55 -3.45 -29.97
C LEU I 435 10.18 -4.83 -30.15
N SER I 436 10.71 -5.12 -31.35
CA SER I 436 11.36 -6.39 -31.66
C SER I 436 10.38 -7.55 -31.62
N GLY I 437 9.98 -7.96 -30.43
CA GLY I 437 8.90 -8.91 -30.27
C GLY I 437 7.86 -8.36 -29.32
N ILE I 438 6.61 -8.79 -29.53
CA ILE I 438 5.53 -8.25 -28.70
C ILE I 438 5.74 -8.71 -27.26
N PRO I 439 5.48 -7.87 -26.27
CA PRO I 439 5.64 -8.30 -24.88
C PRO I 439 4.60 -9.33 -24.48
N ASP I 440 4.96 -10.20 -23.54
CA ASP I 440 4.01 -11.24 -23.09
C ASP I 440 3.04 -10.63 -22.08
N THR I 441 3.36 -9.46 -21.52
CA THR I 441 2.51 -8.91 -20.48
C THR I 441 1.19 -8.37 -21.02
N VAL I 442 1.19 -7.84 -22.25
CA VAL I 442 -0.02 -7.26 -22.80
C VAL I 442 -1.15 -8.27 -22.88
N PHE I 443 -0.83 -9.55 -23.07
CA PHE I 443 -1.85 -10.58 -23.14
C PHE I 443 -2.55 -10.79 -21.80
N ASP I 444 -1.90 -10.38 -20.70
CA ASP I 444 -2.55 -10.42 -19.40
C ASP I 444 -3.60 -9.32 -19.28
N LEU I 445 -3.43 -8.23 -20.01
CA LEU I 445 -4.40 -7.14 -20.00
C LEU I 445 -5.69 -7.60 -20.64
N VAL I 446 -6.82 -7.08 -20.15
CA VAL I 446 -8.12 -7.60 -20.54
C VAL I 446 -9.00 -6.57 -21.25
N GLU I 447 -8.74 -5.28 -21.09
CA GLU I 447 -9.62 -4.25 -21.65
C GLU I 447 -9.18 -3.77 -23.02
N LEU I 448 -8.13 -4.36 -23.58
CA LEU I 448 -7.59 -3.90 -24.85
C LEU I 448 -8.57 -4.15 -25.98
N GLU I 449 -8.53 -3.28 -27.00
CA GLU I 449 -9.37 -3.46 -28.17
C GLU I 449 -8.57 -3.33 -29.46
N VAL I 450 -7.45 -2.61 -29.41
CA VAL I 450 -6.61 -2.40 -30.59
C VAL I 450 -5.23 -2.98 -30.29
N LEU I 451 -4.77 -3.87 -31.16
CA LEU I 451 -3.44 -4.45 -30.98
C LEU I 451 -2.56 -4.03 -32.14
N LYS I 452 -2.60 -2.75 -32.48
CA LYS I 452 -1.85 -2.21 -33.61
C LYS I 452 -0.36 -2.53 -33.46
N LEU I 453 0.15 -3.34 -34.38
CA LEU I 453 1.56 -3.72 -34.43
C LEU I 453 2.21 -3.10 -35.66
N GLU I 454 3.47 -2.73 -35.54
CA GLU I 454 4.16 -1.96 -36.57
C GLU I 454 5.64 -2.28 -36.55
N LEU I 455 6.13 -2.91 -37.63
CA LEU I 455 7.54 -3.29 -37.78
C LEU I 455 8.04 -4.10 -36.57
N ILE I 456 7.32 -5.16 -36.26
CA ILE I 456 7.71 -6.07 -35.18
C ILE I 456 7.88 -7.46 -35.76
N PRO I 457 9.09 -7.87 -36.13
CA PRO I 457 9.26 -9.12 -36.87
C PRO I 457 8.84 -10.34 -36.06
N ASP I 458 8.34 -11.34 -36.79
CA ASP I 458 8.01 -12.69 -36.28
C ASP I 458 7.27 -12.63 -34.94
N VAL I 459 6.07 -12.06 -34.97
CA VAL I 459 5.29 -11.94 -33.75
C VAL I 459 4.87 -13.31 -33.22
N THR I 460 4.41 -14.19 -34.10
CA THR I 460 3.96 -15.55 -33.75
C THR I 460 3.06 -15.53 -32.51
N ILE I 461 1.90 -14.92 -32.70
CA ILE I 461 0.93 -14.64 -31.64
C ILE I 461 0.76 -15.82 -30.70
N PRO I 462 1.10 -15.66 -29.42
CA PRO I 462 0.95 -16.75 -28.45
C PRO I 462 -0.51 -17.06 -28.19
N PRO I 463 -0.82 -18.27 -27.73
CA PRO I 463 -2.21 -18.62 -27.40
C PRO I 463 -2.79 -17.80 -26.26
N SER I 464 -1.94 -17.18 -25.43
CA SER I 464 -2.43 -16.40 -24.30
C SER I 464 -3.36 -15.27 -24.72
N ILE I 465 -3.45 -14.97 -26.01
CA ILE I 465 -4.38 -13.96 -26.50
C ILE I 465 -5.81 -14.35 -26.19
N ALA I 466 -6.07 -15.64 -25.94
CA ALA I 466 -7.42 -16.04 -25.54
C ALA I 466 -7.84 -15.38 -24.24
N GLN I 467 -6.88 -15.02 -23.39
CA GLN I 467 -7.19 -14.35 -22.13
C GLN I 467 -7.88 -13.02 -22.39
N LEU I 468 -7.36 -12.25 -23.34
CA LEU I 468 -7.90 -10.94 -23.65
C LEU I 468 -9.18 -11.12 -24.44
N THR I 469 -10.24 -10.40 -24.06
CA THR I 469 -11.54 -10.60 -24.65
C THR I 469 -12.04 -9.42 -25.47
N GLY I 470 -11.55 -8.22 -25.22
CA GLY I 470 -12.01 -7.06 -25.94
C GLY I 470 -11.39 -6.83 -27.29
N LEU I 471 -10.61 -7.78 -27.79
CA LEU I 471 -9.93 -7.59 -29.06
C LEU I 471 -10.91 -7.68 -30.21
N LYS I 472 -11.01 -6.61 -30.98
CA LYS I 472 -11.76 -6.61 -32.23
C LYS I 472 -10.89 -6.27 -33.43
N GLU I 473 -10.09 -5.22 -33.34
CA GLU I 473 -9.23 -4.75 -34.43
C GLU I 473 -7.79 -5.08 -34.10
N LEU I 474 -7.02 -5.46 -35.13
CA LEU I 474 -5.70 -6.02 -34.89
C LEU I 474 -4.58 -5.25 -35.58
N TRP I 475 -4.77 -4.82 -36.83
CA TRP I 475 -3.92 -3.81 -37.47
C TRP I 475 -2.45 -4.24 -37.55
N LEU I 476 -2.21 -5.27 -38.38
CA LEU I 476 -0.83 -5.57 -38.76
C LEU I 476 -0.30 -4.49 -39.72
N TYR I 477 0.89 -3.99 -39.43
CA TYR I 477 1.53 -2.98 -40.27
C TYR I 477 2.98 -3.40 -40.53
N HIS I 478 3.26 -3.84 -41.75
CA HIS I 478 4.60 -4.29 -42.16
C HIS I 478 5.16 -5.30 -41.17
N THR I 479 4.35 -6.32 -40.86
CA THR I 479 4.68 -7.23 -39.79
C THR I 479 4.17 -8.63 -40.13
N ALA I 480 5.09 -9.60 -40.13
CA ALA I 480 4.73 -10.99 -40.35
C ALA I 480 4.01 -11.54 -39.12
N ALA I 481 3.29 -12.63 -39.32
CA ALA I 481 2.56 -13.25 -38.23
C ALA I 481 2.36 -14.74 -38.52
N LYS I 482 2.59 -15.57 -37.53
CA LYS I 482 2.34 -17.01 -37.62
C LYS I 482 1.70 -17.43 -36.30
N ILE I 483 0.38 -17.37 -36.26
CA ILE I 483 -0.37 -17.66 -35.04
C ILE I 483 -0.42 -19.16 -34.82
N GLU I 484 -0.51 -19.57 -33.55
CA GLU I 484 -0.64 -20.98 -33.21
C GLU I 484 -2.11 -21.38 -33.28
N ALA I 485 -2.34 -22.69 -33.42
CA ALA I 485 -3.69 -23.19 -33.71
C ALA I 485 -4.74 -22.78 -32.70
N PRO I 486 -4.55 -22.95 -31.39
CA PRO I 486 -5.62 -22.55 -30.45
C PRO I 486 -5.91 -21.05 -30.49
N ALA I 487 -4.86 -20.24 -30.54
CA ALA I 487 -5.05 -18.80 -30.67
C ALA I 487 -5.73 -18.46 -31.99
N LEU I 488 -5.40 -19.21 -33.05
CA LEU I 488 -6.05 -19.00 -34.33
C LEU I 488 -7.55 -19.26 -34.23
N ALA I 489 -7.93 -20.35 -33.54
CA ALA I 489 -9.35 -20.64 -33.38
C ALA I 489 -10.05 -19.56 -32.57
N PHE I 490 -9.44 -19.15 -31.46
CA PHE I 490 -10.04 -18.12 -30.63
C PHE I 490 -10.21 -16.82 -31.42
N LEU I 491 -9.18 -16.44 -32.18
CA LEU I 491 -9.28 -15.26 -33.02
C LEU I 491 -10.35 -15.42 -34.08
N ARG I 492 -10.48 -16.61 -34.65
CA ARG I 492 -11.55 -16.90 -35.58
C ARG I 492 -12.91 -16.65 -34.94
N GLU I 493 -13.01 -16.86 -33.64
CA GLU I 493 -14.29 -16.69 -32.96
C GLU I 493 -14.47 -15.31 -32.34
N ASN I 494 -13.46 -14.44 -32.41
CA ASN I 494 -13.58 -13.17 -31.69
C ASN I 494 -13.25 -11.93 -32.51
N LEU I 495 -12.33 -12.05 -33.47
CA LEU I 495 -11.84 -10.86 -34.16
C LEU I 495 -12.90 -10.30 -35.09
N ARG I 496 -13.03 -8.98 -35.12
CA ARG I 496 -14.01 -8.28 -35.93
C ARG I 496 -13.40 -7.44 -37.04
N ALA I 497 -12.30 -6.75 -36.78
CA ALA I 497 -11.69 -5.85 -37.74
C ALA I 497 -10.24 -6.20 -37.93
N LEU I 498 -9.75 -6.08 -39.16
CA LEU I 498 -8.36 -6.34 -39.50
C LEU I 498 -7.86 -5.24 -40.42
N HIS I 499 -6.63 -4.80 -40.19
CA HIS I 499 -6.01 -3.77 -41.02
C HIS I 499 -4.62 -4.25 -41.41
N ILE I 500 -4.50 -4.83 -42.60
CA ILE I 500 -3.24 -5.36 -43.08
C ILE I 500 -2.55 -4.29 -43.91
N LYS I 501 -1.31 -3.97 -43.54
CA LYS I 501 -0.44 -3.11 -44.33
C LYS I 501 0.89 -3.83 -44.54
N PHE I 502 1.48 -3.66 -45.71
CA PHE I 502 2.64 -4.45 -46.09
C PHE I 502 3.32 -3.78 -47.28
N THR I 503 4.42 -4.39 -47.71
CA THR I 503 5.11 -4.02 -48.93
C THR I 503 5.13 -5.15 -49.95
N ASP I 504 5.59 -6.33 -49.55
CA ASP I 504 5.67 -7.48 -50.43
C ASP I 504 4.39 -8.31 -50.34
N ILE I 505 4.07 -8.99 -51.44
CA ILE I 505 2.80 -9.71 -51.52
C ILE I 505 2.76 -10.86 -50.53
N LYS I 506 3.87 -11.60 -50.43
CA LYS I 506 3.87 -12.79 -49.52
C LYS I 506 3.72 -12.34 -48.06
N GLU I 507 4.04 -11.07 -47.77
CA GLU I 507 3.99 -10.60 -46.39
C GLU I 507 2.65 -10.88 -45.76
N ILE I 508 1.57 -10.88 -46.54
CA ILE I 508 0.23 -11.13 -46.04
C ILE I 508 0.17 -12.56 -45.49
N PRO I 509 -0.23 -12.74 -44.23
CA PRO I 509 -0.31 -14.09 -43.69
C PRO I 509 -1.40 -14.90 -44.38
N LEU I 510 -1.17 -16.21 -44.45
CA LEU I 510 -2.18 -17.10 -45.03
C LEU I 510 -3.34 -17.30 -44.06
N TRP I 511 -3.02 -17.49 -42.77
CA TRP I 511 -4.03 -17.91 -41.80
C TRP I 511 -5.14 -16.88 -41.65
N ILE I 512 -4.93 -15.63 -42.08
CA ILE I 512 -5.98 -14.64 -41.96
C ILE I 512 -7.21 -15.07 -42.74
N TYR I 513 -7.01 -15.82 -43.82
CA TYR I 513 -8.16 -16.27 -44.58
C TYR I 513 -8.97 -17.34 -43.86
N SER I 514 -8.39 -18.00 -42.85
CA SER I 514 -9.17 -18.93 -42.05
C SER I 514 -10.15 -18.21 -41.13
N LEU I 515 -9.94 -16.91 -40.90
CA LEU I 515 -10.85 -16.14 -40.07
C LEU I 515 -12.27 -16.22 -40.63
N LYS I 516 -13.25 -16.39 -39.73
CA LYS I 516 -14.63 -16.55 -40.16
C LYS I 516 -15.57 -15.51 -39.60
N THR I 517 -15.24 -14.82 -38.51
CA THR I 517 -16.09 -13.77 -37.98
C THR I 517 -15.54 -12.38 -38.30
N LEU I 518 -14.90 -12.23 -39.45
CA LEU I 518 -14.33 -10.95 -39.88
C LEU I 518 -15.37 -10.15 -40.65
N GLU I 519 -15.44 -8.86 -40.37
CA GLU I 519 -16.33 -7.95 -41.07
C GLU I 519 -15.64 -6.73 -41.64
N GLU I 520 -14.57 -6.26 -41.02
CA GLU I 520 -13.84 -5.08 -41.45
C GLU I 520 -12.46 -5.52 -41.91
N LEU I 521 -12.16 -5.35 -43.19
CA LEU I 521 -10.86 -5.70 -43.73
C LEU I 521 -10.32 -4.53 -44.53
N HIS I 522 -9.06 -4.18 -44.27
CA HIS I 522 -8.39 -3.08 -44.96
C HIS I 522 -7.04 -3.55 -45.43
N LEU I 523 -6.71 -3.30 -46.69
CA LEU I 523 -5.45 -3.70 -47.27
C LEU I 523 -4.67 -2.47 -47.68
N THR I 524 -3.40 -2.42 -47.29
CA THR I 524 -2.50 -1.34 -47.63
C THR I 524 -1.20 -1.95 -48.14
N GLY I 525 -0.73 -1.46 -49.27
CA GLY I 525 0.42 -2.06 -49.92
C GLY I 525 0.02 -2.71 -51.23
N ASN I 526 0.85 -2.56 -52.25
CA ASN I 526 0.51 -2.93 -53.62
C ASN I 526 0.12 -4.41 -53.74
N LEU I 527 -1.12 -4.68 -54.13
CA LEU I 527 -1.57 -6.03 -54.42
C LEU I 527 -1.16 -6.50 -55.82
N SER I 528 -0.61 -5.63 -56.65
CA SER I 528 -0.33 -6.01 -58.01
C SER I 528 0.74 -7.09 -58.06
N ALA I 529 0.34 -8.27 -58.55
CA ALA I 529 1.24 -9.40 -58.75
C ALA I 529 1.74 -9.47 -60.19
N GLU I 530 1.56 -8.40 -60.96
CA GLU I 530 2.06 -8.29 -62.32
C GLU I 530 1.50 -9.42 -63.20
N ASN I 531 0.17 -9.35 -63.39
CA ASN I 531 -0.61 -10.31 -64.16
C ASN I 531 -0.72 -11.64 -63.43
N ASN I 532 -1.76 -12.42 -63.73
CA ASN I 532 -2.07 -13.63 -62.99
C ASN I 532 -2.13 -13.35 -61.50
N ARG I 533 -2.74 -12.22 -61.16
CA ARG I 533 -2.77 -11.68 -59.81
C ARG I 533 -3.84 -12.41 -59.02
N TYR I 534 -4.13 -11.92 -57.81
CA TYR I 534 -5.36 -12.25 -57.08
C TYR I 534 -5.31 -13.65 -56.51
N ILE I 535 -4.21 -14.37 -56.70
CA ILE I 535 -4.09 -15.71 -56.16
C ILE I 535 -4.08 -15.66 -54.64
N VAL I 536 -3.48 -14.64 -54.06
CA VAL I 536 -3.55 -14.46 -52.61
C VAL I 536 -4.96 -14.03 -52.20
N ILE I 537 -5.54 -13.09 -52.95
CA ILE I 537 -6.79 -12.46 -52.58
C ILE I 537 -7.96 -13.44 -52.62
N ASP I 538 -7.79 -14.59 -53.26
CA ASP I 538 -8.91 -15.52 -53.44
C ASP I 538 -9.47 -16.01 -52.10
N GLY I 539 -8.69 -15.88 -51.02
CA GLY I 539 -9.20 -16.25 -49.71
C GLY I 539 -10.46 -15.51 -49.33
N LEU I 540 -10.70 -14.33 -49.92
CA LEU I 540 -11.92 -13.59 -49.64
C LEU I 540 -13.16 -14.38 -50.00
N ARG I 541 -13.05 -15.44 -50.80
CA ARG I 541 -14.20 -16.29 -51.08
C ARG I 541 -14.75 -16.88 -49.79
N GLU I 542 -13.88 -17.31 -48.88
CA GLU I 542 -14.37 -17.91 -47.65
C GLU I 542 -14.66 -16.89 -46.56
N LEU I 543 -14.33 -15.62 -46.78
CA LEU I 543 -14.63 -14.55 -45.82
C LEU I 543 -16.04 -14.02 -46.05
N LYS I 544 -17.01 -14.94 -46.02
CA LYS I 544 -18.38 -14.60 -46.37
C LYS I 544 -19.01 -13.64 -45.35
N ARG I 545 -18.46 -13.58 -44.14
CA ARG I 545 -19.00 -12.67 -43.14
C ARG I 545 -18.47 -11.24 -43.30
N LEU I 546 -17.56 -11.01 -44.24
CA LEU I 546 -17.00 -9.68 -44.42
C LEU I 546 -18.09 -8.70 -44.85
N LYS I 547 -18.00 -7.47 -44.36
CA LYS I 547 -18.96 -6.43 -44.67
C LYS I 547 -18.35 -5.20 -45.30
N VAL I 548 -17.14 -4.81 -44.91
CA VAL I 548 -16.49 -3.63 -45.44
C VAL I 548 -15.07 -3.98 -45.84
N LEU I 549 -14.65 -3.52 -47.01
CA LEU I 549 -13.36 -3.87 -47.57
C LEU I 549 -12.67 -2.61 -48.10
N ARG I 550 -11.35 -2.55 -47.92
CA ARG I 550 -10.55 -1.41 -48.35
C ARG I 550 -9.39 -1.87 -49.22
N LEU I 551 -9.17 -1.16 -50.33
CA LEU I 551 -8.11 -1.50 -51.28
C LEU I 551 -7.27 -0.25 -51.55
N LYS I 552 -6.26 -0.03 -50.73
CA LYS I 552 -5.26 1.00 -50.99
C LYS I 552 -4.01 0.36 -51.60
N SER I 553 -4.17 -0.14 -52.83
CA SER I 553 -3.09 -0.91 -53.43
C SER I 553 -2.87 -0.66 -54.92
N ASN I 554 -3.39 0.43 -55.48
CA ASN I 554 -3.09 0.84 -56.85
C ASN I 554 -3.44 -0.27 -57.84
N LEU I 555 -4.73 -0.61 -57.90
CA LEU I 555 -5.19 -1.69 -58.77
C LEU I 555 -5.53 -1.12 -60.14
N SER I 556 -4.88 -1.64 -61.18
CA SER I 556 -5.27 -1.28 -62.55
C SER I 556 -6.66 -1.79 -62.88
N LYS I 557 -7.03 -2.93 -62.31
CA LYS I 557 -8.31 -3.56 -62.55
C LYS I 557 -8.92 -3.99 -61.23
N LEU I 558 -10.25 -3.92 -61.14
CA LEU I 558 -10.92 -4.41 -59.94
C LEU I 558 -10.90 -5.93 -59.93
N PRO I 559 -10.54 -6.56 -58.81
CA PRO I 559 -10.48 -8.02 -58.77
C PRO I 559 -11.84 -8.67 -58.98
N GLN I 560 -11.80 -9.87 -59.57
CA GLN I 560 -13.00 -10.69 -59.66
C GLN I 560 -13.40 -11.25 -58.30
N VAL I 561 -12.43 -11.46 -57.42
CA VAL I 561 -12.73 -12.00 -56.09
C VAL I 561 -13.60 -11.02 -55.31
N VAL I 562 -13.28 -9.73 -55.38
CA VAL I 562 -14.07 -8.77 -54.62
C VAL I 562 -15.48 -8.67 -55.18
N THR I 563 -15.64 -8.74 -56.51
CA THR I 563 -16.97 -8.71 -57.08
C THR I 563 -17.78 -9.94 -56.68
N ASP I 564 -17.10 -11.09 -56.60
CA ASP I 564 -17.77 -12.31 -56.14
C ASP I 564 -18.23 -12.17 -54.69
N VAL I 565 -17.34 -11.67 -53.83
CA VAL I 565 -17.68 -11.58 -52.40
C VAL I 565 -18.57 -10.40 -52.09
N GLY I 566 -18.74 -9.46 -53.02
CA GLY I 566 -19.51 -8.26 -52.74
C GLY I 566 -21.01 -8.46 -52.75
N VAL I 567 -21.48 -9.69 -52.92
CA VAL I 567 -22.91 -9.97 -52.84
C VAL I 567 -23.46 -9.50 -51.50
N HIS I 568 -22.73 -9.80 -50.42
CA HIS I 568 -23.11 -9.42 -49.07
C HIS I 568 -22.33 -8.22 -48.55
N LEU I 569 -21.51 -7.59 -49.38
CA LEU I 569 -20.61 -6.56 -48.89
C LEU I 569 -21.29 -5.20 -48.92
N GLN I 570 -20.72 -4.26 -48.16
CA GLN I 570 -21.33 -2.94 -47.97
C GLN I 570 -20.50 -1.77 -48.47
N LYS I 571 -19.18 -1.76 -48.23
CA LYS I 571 -18.37 -0.59 -48.53
C LYS I 571 -17.10 -0.97 -49.26
N LEU I 572 -16.86 -0.32 -50.40
CA LEU I 572 -15.61 -0.45 -51.15
C LEU I 572 -14.88 0.87 -51.01
N SER I 573 -14.00 0.97 -50.02
CA SER I 573 -13.12 2.12 -49.90
C SER I 573 -11.88 1.84 -50.73
N ILE I 574 -11.90 2.30 -51.98
CA ILE I 574 -10.85 1.99 -52.95
C ILE I 574 -10.01 3.24 -53.14
N ASN I 575 -8.70 3.12 -52.94
CA ASN I 575 -7.77 4.23 -53.09
C ASN I 575 -6.64 3.79 -53.99
N ASN I 576 -6.49 4.47 -55.13
CA ASN I 576 -5.52 4.08 -56.14
C ASN I 576 -4.30 4.99 -56.21
N GLU I 577 -4.32 6.11 -55.49
CA GLU I 577 -3.17 7.02 -55.43
C GLU I 577 -2.74 7.46 -56.83
N GLY I 578 -3.71 7.71 -57.70
CA GLY I 578 -3.46 8.13 -59.06
C GLY I 578 -3.55 7.02 -60.09
N THR I 579 -3.64 5.77 -59.67
CA THR I 579 -3.79 4.68 -60.62
C THR I 579 -5.18 4.68 -61.24
N LYS I 580 -5.23 4.59 -62.56
CA LYS I 580 -6.51 4.55 -63.27
C LYS I 580 -7.16 3.19 -63.06
N LEU I 581 -8.38 3.18 -62.53
CA LEU I 581 -9.11 1.95 -62.28
C LEU I 581 -10.24 1.82 -63.29
N ILE I 582 -10.37 0.63 -63.87
CA ILE I 582 -11.41 0.33 -64.83
C ILE I 582 -12.55 -0.36 -64.11
N VAL I 583 -13.74 0.25 -64.15
CA VAL I 583 -14.88 -0.33 -63.44
C VAL I 583 -15.33 -1.63 -64.09
N LEU I 584 -15.41 -1.65 -65.43
CA LEU I 584 -15.73 -2.85 -66.19
C LEU I 584 -17.02 -3.49 -65.69
N ASN I 585 -18.02 -2.65 -65.41
CA ASN I 585 -19.39 -2.97 -64.97
C ASN I 585 -19.41 -3.99 -63.84
N SER I 586 -18.30 -4.16 -63.12
CA SER I 586 -18.23 -5.23 -62.15
C SER I 586 -19.00 -4.87 -60.88
N LEU I 587 -19.16 -3.57 -60.63
CA LEU I 587 -19.95 -3.14 -59.48
C LEU I 587 -21.41 -3.54 -59.63
N LYS I 588 -21.85 -3.81 -60.86
CA LYS I 588 -23.23 -4.21 -61.08
C LYS I 588 -23.58 -5.47 -60.30
N LYS I 589 -22.60 -6.34 -60.05
CA LYS I 589 -22.85 -7.53 -59.24
C LYS I 589 -23.25 -7.15 -57.82
N MET I 590 -22.57 -6.15 -57.25
CA MET I 590 -22.86 -5.72 -55.89
C MET I 590 -24.24 -5.07 -55.84
N ALA I 591 -25.14 -5.65 -55.05
CA ALA I 591 -26.47 -5.11 -54.86
C ALA I 591 -26.74 -4.69 -53.42
N ASN I 592 -26.25 -5.46 -52.45
CA ASN I 592 -26.40 -5.09 -51.05
C ASN I 592 -25.48 -3.94 -50.66
N LEU I 593 -24.58 -3.52 -51.55
CA LEU I 593 -23.66 -2.43 -51.27
C LEU I 593 -24.43 -1.15 -50.95
N THR I 594 -23.92 -0.39 -49.99
CA THR I 594 -24.57 0.84 -49.54
C THR I 594 -23.65 2.05 -49.47
N GLU I 595 -22.32 1.88 -49.44
CA GLU I 595 -21.41 3.00 -49.48
C GLU I 595 -20.25 2.69 -50.41
N LEU I 596 -19.95 3.63 -51.31
CA LEU I 596 -18.91 3.43 -52.30
C LEU I 596 -18.02 4.67 -52.35
N GLU I 597 -16.70 4.46 -52.35
CA GLU I 597 -15.74 5.57 -52.33
C GLU I 597 -14.59 5.22 -53.27
N LEU I 598 -14.55 5.88 -54.42
CA LEU I 598 -13.42 5.77 -55.33
C LEU I 598 -12.55 7.00 -55.11
N ILE I 599 -11.48 6.84 -54.33
CA ILE I 599 -10.65 7.95 -53.88
C ILE I 599 -9.32 7.89 -54.62
N ARG I 600 -8.96 9.01 -55.24
CA ARG I 600 -7.72 9.13 -56.00
C ARG I 600 -7.62 8.06 -57.08
N CYS I 601 -8.75 7.64 -57.62
CA CYS I 601 -8.77 6.59 -58.63
C CYS I 601 -8.74 7.12 -60.05
N ASP I 602 -8.81 8.44 -60.23
CA ASP I 602 -8.62 9.09 -61.52
C ASP I 602 -9.58 8.54 -62.57
N LEU I 603 -10.87 8.56 -62.24
CA LEU I 603 -11.88 8.09 -63.18
C LEU I 603 -11.97 9.02 -64.39
N GLU I 604 -11.92 10.33 -64.15
CA GLU I 604 -12.07 11.40 -65.14
C GLU I 604 -13.51 11.50 -65.63
N ARG I 605 -14.34 10.52 -65.27
CA ARG I 605 -15.74 10.47 -65.66
C ARG I 605 -16.48 9.60 -64.67
N ILE I 606 -17.80 9.72 -64.67
CA ILE I 606 -18.60 8.85 -63.80
C ILE I 606 -18.49 7.42 -64.31
N PRO I 607 -18.40 6.41 -63.44
CA PRO I 607 -18.27 5.03 -63.93
C PRO I 607 -19.45 4.53 -64.76
N HIS I 608 -20.64 5.09 -64.55
CA HIS I 608 -21.85 4.73 -65.30
C HIS I 608 -22.34 3.34 -64.96
N SER I 609 -21.61 2.63 -64.11
CA SER I 609 -22.06 1.36 -63.57
C SER I 609 -22.61 1.50 -62.17
N ILE I 610 -22.25 2.56 -61.46
CA ILE I 610 -22.76 2.80 -60.11
C ILE I 610 -24.28 2.92 -60.13
N PHE I 611 -24.85 3.45 -61.22
CA PHE I 611 -26.29 3.64 -61.30
C PHE I 611 -27.06 2.32 -61.26
N SER I 612 -26.39 1.21 -61.58
CA SER I 612 -27.05 -0.09 -61.49
C SER I 612 -27.39 -0.43 -60.06
N LEU I 613 -26.51 -0.08 -59.13
CA LEU I 613 -26.77 -0.34 -57.71
C LEU I 613 -28.04 0.38 -57.28
N HIS I 614 -28.87 -0.31 -56.50
CA HIS I 614 -30.16 0.23 -56.07
C HIS I 614 -30.26 0.38 -54.57
N ASN I 615 -29.19 0.09 -53.82
CA ASN I 615 -29.19 0.27 -52.38
C ASN I 615 -28.09 1.20 -51.91
N LEU I 616 -27.39 1.85 -52.84
CA LEU I 616 -26.34 2.79 -52.46
C LEU I 616 -26.95 3.99 -51.74
N GLN I 617 -26.27 4.45 -50.71
CA GLN I 617 -26.70 5.65 -49.98
C GLN I 617 -25.63 6.73 -49.96
N GLU I 618 -24.37 6.38 -49.76
CA GLU I 618 -23.29 7.35 -49.67
C GLU I 618 -22.28 7.05 -50.77
N ILE I 619 -22.08 8.00 -51.67
CA ILE I 619 -21.14 7.87 -52.78
C ILE I 619 -20.10 8.96 -52.64
N ASP I 620 -18.83 8.60 -52.84
CA ASP I 620 -17.73 9.53 -52.68
C ASP I 620 -16.78 9.40 -53.86
N LEU I 621 -16.61 10.49 -54.60
CA LEU I 621 -15.63 10.57 -55.68
C LEU I 621 -14.70 11.72 -55.35
N LYS I 622 -13.55 11.40 -54.76
CA LYS I 622 -12.60 12.39 -54.30
C LYS I 622 -11.31 12.29 -55.12
N ASP I 623 -10.86 13.43 -55.64
CA ASP I 623 -9.60 13.55 -56.37
C ASP I 623 -9.56 12.58 -57.55
N ASN I 624 -10.46 12.80 -58.51
CA ASN I 624 -10.54 11.94 -59.68
C ASN I 624 -10.63 12.72 -60.98
N ASN I 625 -10.33 14.03 -60.96
CA ASN I 625 -10.24 14.84 -62.18
C ASN I 625 -11.56 14.81 -62.96
N LEU I 626 -12.65 15.09 -62.27
CA LEU I 626 -13.96 15.19 -62.92
C LEU I 626 -14.10 16.58 -63.52
N LYS I 627 -14.26 16.63 -64.84
CA LYS I 627 -14.40 17.91 -65.53
C LYS I 627 -15.87 18.28 -65.72
N THR I 628 -16.63 17.43 -66.40
CA THR I 628 -18.07 17.62 -66.57
C THR I 628 -18.78 16.41 -65.95
N ILE I 629 -19.79 16.68 -65.13
CA ILE I 629 -20.37 15.66 -64.28
C ILE I 629 -21.87 15.51 -64.51
N GLU I 630 -22.32 15.76 -65.75
CA GLU I 630 -23.76 15.74 -66.03
C GLU I 630 -24.40 14.41 -65.65
N GLU I 631 -23.64 13.32 -65.72
CA GLU I 631 -24.17 11.99 -65.48
C GLU I 631 -24.83 11.84 -64.12
N ILE I 632 -24.63 12.81 -63.21
CA ILE I 632 -25.27 12.79 -61.91
C ILE I 632 -26.79 12.79 -62.03
N ILE I 633 -27.34 13.18 -63.17
CA ILE I 633 -28.78 13.06 -63.36
C ILE I 633 -29.24 11.61 -63.13
N SER I 634 -28.40 10.64 -63.49
CA SER I 634 -28.77 9.26 -63.32
C SER I 634 -29.07 8.92 -61.86
N PHE I 635 -28.53 9.70 -60.93
CA PHE I 635 -28.79 9.47 -59.51
C PHE I 635 -30.26 9.56 -59.17
N GLN I 636 -31.08 10.22 -59.99
CA GLN I 636 -32.50 10.29 -59.70
C GLN I 636 -33.13 8.90 -59.71
N HIS I 637 -32.50 7.96 -60.40
CA HIS I 637 -32.97 6.57 -60.34
C HIS I 637 -32.81 6.00 -58.94
N LEU I 638 -31.71 6.31 -58.27
CA LEU I 638 -31.49 5.84 -56.92
C LEU I 638 -32.47 6.50 -55.95
N HIS I 639 -32.73 5.81 -54.84
CA HIS I 639 -33.67 6.29 -53.84
C HIS I 639 -33.15 6.23 -52.41
N ARG I 640 -32.09 5.47 -52.14
CA ARG I 640 -31.49 5.43 -50.82
C ARG I 640 -30.38 6.45 -50.65
N LEU I 641 -30.07 7.21 -51.69
CA LEU I 641 -28.94 8.12 -51.64
C LEU I 641 -29.21 9.26 -50.65
N THR I 642 -28.21 9.57 -49.84
CA THR I 642 -28.32 10.65 -48.87
C THR I 642 -27.11 11.57 -48.85
N CYS I 643 -25.99 11.19 -49.46
CA CYS I 643 -24.78 12.01 -49.41
C CYS I 643 -24.00 11.83 -50.69
N LEU I 644 -23.80 12.90 -51.43
CA LEU I 644 -22.98 12.92 -52.63
C LEU I 644 -21.70 13.69 -52.31
N LYS I 645 -20.56 13.03 -52.45
CA LYS I 645 -19.28 13.61 -52.07
C LYS I 645 -18.39 13.80 -53.29
N LEU I 646 -17.92 15.02 -53.48
CA LEU I 646 -17.01 15.42 -54.56
C LEU I 646 -15.87 16.27 -53.99
N TRP I 647 -15.20 15.72 -52.96
CA TRP I 647 -14.27 16.50 -52.15
C TRP I 647 -13.26 17.28 -52.98
N TYR I 648 -12.71 16.66 -54.03
CA TYR I 648 -11.74 17.33 -54.87
C TYR I 648 -11.94 16.88 -56.31
N ASN I 649 -12.02 17.85 -57.22
CA ASN I 649 -12.15 17.59 -58.65
C ASN I 649 -11.88 18.90 -59.38
N HIS I 650 -12.13 18.91 -60.68
CA HIS I 650 -12.00 20.11 -61.49
C HIS I 650 -13.31 20.42 -62.22
N ILE I 651 -14.43 20.26 -61.50
CA ILE I 651 -15.73 20.57 -62.08
C ILE I 651 -15.84 22.07 -62.30
N ALA I 652 -16.28 22.45 -63.51
CA ALA I 652 -16.41 23.86 -63.86
C ALA I 652 -17.84 24.35 -63.74
N TYR I 653 -18.77 23.71 -64.45
CA TYR I 653 -20.16 24.11 -64.46
C TYR I 653 -21.01 23.04 -63.80
N ILE I 654 -21.81 23.43 -62.82
CA ILE I 654 -22.67 22.49 -62.10
C ILE I 654 -23.91 22.21 -62.92
N PRO I 655 -24.22 20.95 -63.21
CA PRO I 655 -25.39 20.64 -64.03
C PRO I 655 -26.68 21.10 -63.38
N ILE I 656 -27.59 21.62 -64.21
CA ILE I 656 -28.91 22.02 -63.73
C ILE I 656 -29.74 20.81 -63.32
N GLN I 657 -29.47 19.65 -63.90
CA GLN I 657 -30.23 18.44 -63.64
C GLN I 657 -30.18 18.00 -62.19
N ILE I 658 -29.38 18.66 -61.34
CA ILE I 658 -29.44 18.41 -59.90
C ILE I 658 -30.84 18.68 -59.38
N GLY I 659 -31.58 19.58 -60.03
CA GLY I 659 -32.93 19.89 -59.57
C GLY I 659 -33.82 18.67 -59.46
N ASN I 660 -33.60 17.68 -60.31
CA ASN I 660 -34.39 16.45 -60.22
C ASN I 660 -34.06 15.68 -58.94
N LEU I 661 -32.80 15.72 -58.52
CA LEU I 661 -32.41 15.05 -57.29
C LEU I 661 -33.12 15.67 -56.09
N THR I 662 -33.70 14.82 -55.24
CA THR I 662 -34.48 15.32 -54.13
C THR I 662 -34.03 14.77 -52.78
N ASN I 663 -33.66 13.49 -52.75
CA ASN I 663 -33.39 12.81 -51.49
C ASN I 663 -31.99 13.04 -50.95
N LEU I 664 -31.09 13.64 -51.73
CA LEU I 664 -29.74 13.90 -51.26
C LEU I 664 -29.75 14.94 -50.14
N GLU I 665 -28.81 14.81 -49.22
CA GLU I 665 -28.80 15.70 -48.06
C GLU I 665 -27.46 16.38 -47.82
N ARG I 666 -26.35 15.69 -47.99
CA ARG I 666 -25.08 16.18 -47.48
C ARG I 666 -24.04 16.38 -48.57
N LEU I 667 -24.43 17.04 -49.66
CA LEU I 667 -23.51 17.27 -50.75
C LEU I 667 -22.26 18.02 -50.28
N TYR I 668 -21.09 17.47 -50.62
CA TYR I 668 -19.79 18.04 -50.27
C TYR I 668 -18.98 18.15 -51.56
N LEU I 669 -19.17 19.24 -52.30
CA LEU I 669 -18.51 19.44 -53.58
C LEU I 669 -17.46 20.55 -53.52
N ASN I 670 -16.87 20.76 -52.35
CA ASN I 670 -15.84 21.77 -52.17
C ASN I 670 -14.63 21.47 -53.05
N ARG I 671 -13.71 22.44 -53.08
CA ARG I 671 -12.44 22.31 -53.79
C ARG I 671 -12.66 21.97 -55.27
N ASN I 672 -13.34 22.90 -55.95
CA ASN I 672 -13.65 22.70 -57.35
C ASN I 672 -13.69 24.05 -58.04
N LYS I 673 -13.52 24.02 -59.37
CA LYS I 673 -13.47 25.24 -60.16
C LYS I 673 -14.89 25.71 -60.51
N ILE I 674 -15.67 25.95 -59.47
CA ILE I 674 -17.07 26.33 -59.61
C ILE I 674 -17.16 27.85 -59.62
N GLU I 675 -17.60 28.40 -60.75
CA GLU I 675 -17.74 29.85 -60.86
C GLU I 675 -19.01 30.34 -60.19
N LYS I 676 -20.13 29.63 -60.40
CA LYS I 676 -21.41 30.08 -59.91
C LYS I 676 -22.29 28.88 -59.59
N ILE I 677 -23.29 29.12 -58.75
CA ILE I 677 -24.25 28.10 -58.33
C ILE I 677 -25.62 28.47 -58.89
N PRO I 678 -26.28 27.57 -59.61
CA PRO I 678 -27.64 27.85 -60.09
C PRO I 678 -28.68 27.51 -59.03
N THR I 679 -29.89 28.01 -59.27
CA THR I 679 -31.05 27.69 -58.44
C THR I 679 -31.43 26.22 -58.52
N GLN I 680 -30.88 25.49 -59.49
CA GLN I 680 -31.29 24.11 -59.70
C GLN I 680 -30.90 23.24 -58.52
N LEU I 681 -29.71 23.48 -57.95
CA LEU I 681 -29.37 22.82 -56.70
C LEU I 681 -30.39 23.16 -55.62
N PHE I 682 -30.92 24.38 -55.64
CA PHE I 682 -31.82 24.82 -54.59
C PHE I 682 -33.25 24.34 -54.76
N TYR I 683 -33.61 23.82 -55.94
CA TYR I 683 -34.91 23.15 -56.03
C TYR I 683 -35.01 21.98 -55.06
N CYS I 684 -33.87 21.41 -54.67
CA CYS I 684 -33.88 20.39 -53.63
C CYS I 684 -34.24 21.01 -52.29
N ARG I 685 -34.94 20.24 -51.46
CA ARG I 685 -35.41 20.72 -50.17
C ARG I 685 -34.90 19.91 -48.99
N LYS I 686 -34.25 18.78 -49.23
CA LYS I 686 -33.81 17.89 -48.17
C LYS I 686 -32.34 18.06 -47.84
N LEU I 687 -31.75 19.19 -48.20
CA LEU I 687 -30.31 19.41 -48.04
C LEU I 687 -30.00 19.75 -46.58
N ARG I 688 -29.26 18.86 -45.92
CA ARG I 688 -28.80 19.06 -44.55
C ARG I 688 -27.45 19.77 -44.51
N TYR I 689 -26.45 19.26 -45.22
CA TYR I 689 -25.10 19.79 -45.19
C TYR I 689 -24.70 20.26 -46.58
N LEU I 690 -24.07 21.42 -46.66
CA LEU I 690 -23.59 21.95 -47.93
C LEU I 690 -22.16 22.44 -47.76
N ASP I 691 -21.35 22.26 -48.81
CA ASP I 691 -19.90 22.49 -48.73
C ASP I 691 -19.43 23.26 -49.96
N LEU I 692 -20.11 24.35 -50.29
CA LEU I 692 -19.70 25.22 -51.39
C LEU I 692 -18.50 26.08 -51.00
N SER I 693 -17.37 25.43 -50.75
CA SER I 693 -16.17 26.11 -50.29
C SER I 693 -14.99 25.78 -51.19
N HIS I 694 -13.95 26.61 -51.10
CA HIS I 694 -12.74 26.47 -51.91
C HIS I 694 -13.07 26.43 -53.40
N ASN I 695 -13.94 27.35 -53.82
CA ASN I 695 -14.31 27.46 -55.22
C ASN I 695 -14.19 28.91 -55.67
N ASN I 696 -14.66 29.21 -56.88
CA ASN I 696 -14.61 30.55 -57.43
C ASN I 696 -15.98 31.23 -57.41
N LEU I 697 -16.77 30.97 -56.36
CA LEU I 697 -18.08 31.60 -56.25
C LEU I 697 -17.91 33.11 -56.08
N THR I 698 -18.80 33.86 -56.72
CA THR I 698 -18.77 35.32 -56.65
C THR I 698 -19.90 35.89 -55.81
N PHE I 699 -21.11 35.37 -55.97
CA PHE I 699 -22.26 35.86 -55.22
C PHE I 699 -23.12 34.67 -54.82
N LEU I 700 -23.94 34.88 -53.79
CA LEU I 700 -24.84 33.85 -53.29
C LEU I 700 -26.27 34.20 -53.65
N PRO I 701 -26.96 33.37 -54.43
CA PRO I 701 -28.38 33.64 -54.71
C PRO I 701 -29.21 33.57 -53.45
N ALA I 702 -30.30 34.33 -53.43
CA ALA I 702 -31.19 34.34 -52.28
C ALA I 702 -31.82 32.98 -52.00
N ASP I 703 -31.79 32.09 -52.99
CA ASP I 703 -32.46 30.80 -52.87
C ASP I 703 -31.84 29.90 -51.81
N ILE I 704 -30.66 30.24 -51.29
CA ILE I 704 -30.15 29.53 -50.12
C ILE I 704 -31.14 29.65 -48.97
N GLY I 705 -31.67 30.86 -48.76
CA GLY I 705 -32.73 31.02 -47.78
C GLY I 705 -33.97 30.23 -48.11
N LEU I 706 -34.19 29.92 -49.39
CA LEU I 706 -35.31 29.07 -49.77
C LEU I 706 -35.17 27.69 -49.15
N LEU I 707 -33.95 27.16 -49.06
CA LEU I 707 -33.71 25.93 -48.33
C LEU I 707 -34.10 26.11 -46.87
N GLN I 708 -34.86 25.16 -46.34
CA GLN I 708 -35.35 25.25 -44.97
C GLN I 708 -34.93 24.04 -44.13
N ASN I 709 -33.92 23.29 -44.59
CA ASN I 709 -33.41 22.15 -43.85
C ASN I 709 -31.91 22.20 -43.66
N LEU I 710 -31.26 23.31 -44.01
CA LEU I 710 -29.82 23.42 -43.90
C LEU I 710 -29.39 23.48 -42.44
N GLN I 711 -28.27 22.83 -42.14
CA GLN I 711 -27.66 22.89 -40.81
C GLN I 711 -26.29 23.52 -40.83
N ASN I 712 -25.40 23.04 -41.69
CA ASN I 712 -24.03 23.53 -41.77
C ASN I 712 -23.71 23.97 -43.19
N LEU I 713 -23.14 25.15 -43.32
CA LEU I 713 -22.80 25.76 -44.60
C LEU I 713 -21.38 26.27 -44.54
N ALA I 714 -20.72 26.33 -45.70
CA ALA I 714 -19.33 26.76 -45.76
C ALA I 714 -19.06 27.32 -47.14
N ILE I 715 -18.67 28.59 -47.21
CA ILE I 715 -18.38 29.24 -48.48
C ILE I 715 -16.96 29.76 -48.39
N THR I 716 -16.12 29.05 -47.63
CA THR I 716 -14.78 29.52 -47.37
C THR I 716 -13.97 29.60 -48.65
N ALA I 717 -12.97 30.49 -48.64
CA ALA I 717 -12.05 30.68 -49.76
C ALA I 717 -12.80 30.97 -51.06
N ASN I 718 -13.86 31.76 -50.97
CA ASN I 718 -14.65 32.14 -52.12
C ASN I 718 -14.75 33.66 -52.22
N ARG I 719 -14.85 34.15 -53.45
CA ARG I 719 -14.89 35.59 -53.73
C ARG I 719 -16.30 36.15 -53.52
N ILE I 720 -16.76 36.08 -52.28
CA ILE I 720 -18.12 36.48 -51.94
C ILE I 720 -18.06 37.95 -51.52
N GLU I 721 -18.48 38.83 -52.43
CA GLU I 721 -18.49 40.25 -52.14
C GLU I 721 -19.57 40.62 -51.13
N THR I 722 -20.76 40.06 -51.28
CA THR I 722 -21.89 40.42 -50.44
C THR I 722 -22.65 39.16 -50.04
N LEU I 723 -23.05 39.10 -48.78
CA LEU I 723 -23.85 37.98 -48.30
C LEU I 723 -25.32 38.38 -48.33
N PRO I 724 -26.16 37.67 -49.08
CA PRO I 724 -27.57 38.04 -49.17
C PRO I 724 -28.28 37.85 -47.85
N PRO I 725 -29.11 38.82 -47.43
CA PRO I 725 -29.84 38.67 -46.17
C PRO I 725 -30.83 37.52 -46.21
N GLU I 726 -31.27 37.11 -47.39
CA GLU I 726 -32.29 36.07 -47.50
C GLU I 726 -31.76 34.73 -47.01
N LEU I 727 -30.45 34.50 -47.11
CA LEU I 727 -29.87 33.30 -46.53
C LEU I 727 -30.22 33.16 -45.07
N PHE I 728 -30.34 34.29 -44.37
CA PHE I 728 -30.60 34.32 -42.95
C PHE I 728 -32.03 33.92 -42.60
N GLN I 729 -32.91 33.83 -43.61
CA GLN I 729 -34.24 33.27 -43.37
C GLN I 729 -34.15 31.82 -42.93
N CYS I 730 -33.23 31.07 -43.52
CA CYS I 730 -33.08 29.67 -43.15
C CYS I 730 -32.65 29.53 -41.70
N ARG I 731 -33.34 28.67 -40.97
CA ARG I 731 -33.07 28.45 -39.56
C ARG I 731 -32.31 27.14 -39.39
N LYS I 732 -32.14 26.72 -38.14
CA LYS I 732 -31.48 25.46 -37.80
C LYS I 732 -30.05 25.42 -38.33
N LEU I 733 -29.39 26.57 -38.40
CA LEU I 733 -28.01 26.65 -38.89
C LEU I 733 -27.09 26.49 -37.71
N ARG I 734 -26.72 25.24 -37.40
CA ARG I 734 -25.85 24.99 -36.27
C ARG I 734 -24.49 25.66 -36.44
N ALA I 735 -23.93 25.58 -37.64
CA ALA I 735 -22.66 26.23 -37.93
C ALA I 735 -22.76 26.96 -39.25
N LEU I 736 -21.83 27.89 -39.48
CA LEU I 736 -21.81 28.67 -40.71
C LEU I 736 -20.37 29.16 -40.90
N HIS I 737 -19.67 28.58 -41.87
CA HIS I 737 -18.28 28.92 -42.12
C HIS I 737 -18.19 30.06 -43.11
N LEU I 738 -17.43 31.09 -42.76
CA LEU I 738 -17.08 32.18 -43.68
C LEU I 738 -15.61 32.50 -43.45
N GLY I 739 -14.76 31.99 -44.33
CA GLY I 739 -13.33 32.24 -44.26
C GLY I 739 -12.80 32.73 -45.60
N ASN I 740 -11.77 33.57 -45.53
CA ASN I 740 -11.05 34.04 -46.72
C ASN I 740 -12.02 34.65 -47.73
N ASN I 741 -12.96 35.45 -47.23
CA ASN I 741 -13.97 36.06 -48.08
C ASN I 741 -13.56 37.48 -48.44
N VAL I 742 -14.49 38.24 -49.02
CA VAL I 742 -14.22 39.57 -49.52
C VAL I 742 -14.80 40.56 -48.52
N LEU I 743 -14.48 41.85 -48.66
CA LEU I 743 -15.08 42.89 -47.85
C LEU I 743 -16.60 42.75 -47.87
N GLN I 744 -17.21 42.75 -46.69
CA GLN I 744 -18.62 42.44 -46.55
C GLN I 744 -19.21 43.30 -45.43
N SER I 745 -20.43 42.98 -45.04
CA SER I 745 -21.10 43.66 -43.94
C SER I 745 -22.17 42.72 -43.40
N LEU I 746 -21.94 42.19 -42.21
CA LEU I 746 -22.84 41.19 -41.64
C LEU I 746 -24.17 41.83 -41.30
N PRO I 747 -25.28 41.37 -41.88
CA PRO I 747 -26.57 41.98 -41.58
C PRO I 747 -26.98 41.73 -40.13
N SER I 748 -27.75 42.68 -39.59
CA SER I 748 -28.31 42.51 -38.25
C SER I 748 -29.27 41.34 -38.18
N ARG I 749 -29.76 40.87 -39.32
CA ARG I 749 -30.68 39.74 -39.38
C ARG I 749 -30.02 38.49 -38.81
N VAL I 750 -28.73 38.59 -38.47
CA VAL I 750 -28.06 37.53 -37.72
C VAL I 750 -28.83 37.20 -36.45
N GLY I 751 -29.61 38.14 -35.92
CA GLY I 751 -30.44 37.84 -34.77
C GLY I 751 -31.34 36.65 -34.98
N GLU I 752 -31.78 36.42 -36.23
CA GLU I 752 -32.53 35.21 -36.56
C GLU I 752 -31.58 34.06 -36.90
N LEU I 753 -30.63 33.84 -36.01
CA LEU I 753 -29.73 32.68 -36.04
C LEU I 753 -29.69 32.02 -34.67
N THR I 754 -30.87 31.77 -34.12
CA THR I 754 -30.97 31.23 -32.77
C THR I 754 -30.27 29.88 -32.64
N ASN I 755 -30.18 29.12 -33.73
CA ASN I 755 -29.55 27.82 -33.69
C ASN I 755 -28.05 27.88 -33.96
N LEU I 756 -27.50 29.06 -34.21
CA LEU I 756 -26.07 29.18 -34.47
C LEU I 756 -25.29 28.79 -33.23
N THR I 757 -24.23 28.01 -33.42
CA THR I 757 -23.37 27.60 -32.32
C THR I 757 -21.91 27.92 -32.63
N GLN I 758 -21.55 27.91 -33.91
CA GLN I 758 -20.17 28.15 -34.33
C GLN I 758 -20.19 28.92 -35.64
N ILE I 759 -19.21 29.81 -35.81
CA ILE I 759 -19.15 30.63 -37.02
C ILE I 759 -17.76 31.24 -37.11
N GLU I 760 -17.26 31.36 -38.34
CA GLU I 760 -15.96 31.99 -38.61
C GLU I 760 -16.17 33.24 -39.45
N LEU I 761 -15.36 34.27 -39.18
CA LEU I 761 -15.40 35.53 -39.91
C LEU I 761 -13.98 35.99 -40.25
N ARG I 762 -13.14 35.06 -40.70
CA ARG I 762 -11.75 35.38 -40.97
C ARG I 762 -11.53 35.59 -42.46
N GLY I 763 -10.37 36.18 -42.77
CA GLY I 763 -9.94 36.36 -44.15
C GLY I 763 -10.82 37.25 -45.00
N ASN I 764 -11.70 38.05 -44.39
CA ASN I 764 -12.59 38.94 -45.11
C ASN I 764 -12.52 40.32 -44.48
N ARG I 765 -12.62 41.35 -45.32
CA ARG I 765 -12.41 42.72 -44.87
C ARG I 765 -13.67 43.19 -44.16
N LEU I 766 -13.67 43.10 -42.84
CA LEU I 766 -14.80 43.53 -42.03
C LEU I 766 -14.32 44.51 -40.97
N GLU I 767 -15.20 45.43 -40.57
CA GLU I 767 -14.82 46.48 -39.63
C GLU I 767 -15.79 46.66 -38.47
N CYS I 768 -17.05 46.24 -38.58
CA CYS I 768 -18.05 46.49 -37.55
C CYS I 768 -18.96 45.28 -37.44
N LEU I 769 -18.68 44.40 -36.49
CA LEU I 769 -19.54 43.26 -36.24
C LEU I 769 -20.82 43.71 -35.55
N PRO I 770 -22.00 43.34 -36.05
CA PRO I 770 -23.24 43.83 -35.45
C PRO I 770 -23.43 43.34 -34.02
N VAL I 771 -24.09 44.18 -33.23
CA VAL I 771 -24.39 43.85 -31.84
C VAL I 771 -25.28 42.61 -31.74
N GLU I 772 -26.13 42.39 -32.74
CA GLU I 772 -27.03 41.24 -32.75
C GLU I 772 -26.29 39.91 -32.71
N LEU I 773 -24.97 39.92 -32.88
CA LEU I 773 -24.18 38.71 -32.67
C LEU I 773 -24.37 38.19 -31.26
N GLY I 774 -24.37 39.07 -30.27
CA GLY I 774 -24.67 38.67 -28.91
C GLY I 774 -26.08 38.14 -28.73
N GLU I 775 -26.97 38.46 -29.66
CA GLU I 775 -28.33 37.92 -29.63
C GLU I 775 -28.33 36.40 -29.74
N CYS I 776 -27.34 35.81 -30.40
CA CYS I 776 -27.28 34.37 -30.53
C CYS I 776 -27.16 33.74 -29.15
N PRO I 777 -27.99 32.74 -28.82
CA PRO I 777 -27.97 32.18 -27.47
C PRO I 777 -26.94 31.09 -27.25
N LEU I 778 -26.39 30.50 -28.31
CA LEU I 778 -25.46 29.39 -28.18
C LEU I 778 -24.10 29.74 -28.79
N LEU I 779 -23.72 31.00 -28.72
CA LEU I 779 -22.51 31.48 -29.36
C LEU I 779 -21.43 31.68 -28.30
N LYS I 780 -20.27 31.05 -28.50
CA LYS I 780 -19.19 31.05 -27.54
C LYS I 780 -18.05 31.94 -28.04
N ARG I 781 -17.27 32.44 -27.09
CA ARG I 781 -16.07 33.21 -27.44
C ARG I 781 -15.16 32.41 -28.37
N SER I 782 -14.88 31.16 -28.01
CA SER I 782 -14.13 30.29 -28.89
C SER I 782 -14.94 29.87 -30.10
N GLY I 783 -16.27 29.80 -29.95
CA GLY I 783 -17.10 29.40 -31.07
C GLY I 783 -17.01 30.35 -32.25
N LEU I 784 -17.03 31.65 -31.98
CA LEU I 784 -16.93 32.67 -33.02
C LEU I 784 -15.45 32.94 -33.27
N VAL I 785 -14.98 32.56 -34.44
CA VAL I 785 -13.57 32.68 -34.80
C VAL I 785 -13.43 33.95 -35.64
N VAL I 786 -12.99 35.04 -35.02
CA VAL I 786 -12.79 36.31 -35.71
C VAL I 786 -11.44 36.86 -35.27
N GLU I 787 -10.90 37.76 -36.08
CA GLU I 787 -9.69 38.47 -35.72
C GLU I 787 -9.92 39.28 -34.44
N GLU I 788 -8.83 39.48 -33.69
CA GLU I 788 -8.94 40.08 -32.37
C GLU I 788 -9.48 41.51 -32.45
N ASP I 789 -9.06 42.28 -33.44
CA ASP I 789 -9.51 43.66 -33.55
C ASP I 789 -11.01 43.75 -33.79
N LEU I 790 -11.53 42.93 -34.68
CA LEU I 790 -12.98 42.87 -34.88
C LEU I 790 -13.68 42.42 -33.61
N PHE I 791 -13.09 41.46 -32.90
CA PHE I 791 -13.58 41.10 -31.58
C PHE I 791 -13.62 42.32 -30.67
N ASN I 792 -12.67 43.25 -30.83
CA ASN I 792 -12.62 44.44 -30.00
C ASN I 792 -13.69 45.44 -30.38
N THR I 793 -14.06 45.51 -31.67
CA THR I 793 -15.05 46.49 -32.09
C THR I 793 -16.40 46.27 -31.46
N LEU I 794 -16.64 45.09 -30.87
CA LEU I 794 -17.90 44.81 -30.22
C LEU I 794 -18.05 45.65 -28.95
N PRO I 795 -19.29 45.88 -28.51
CA PRO I 795 -19.48 46.58 -27.25
C PRO I 795 -18.87 45.79 -26.11
N PRO I 796 -18.27 46.47 -25.13
CA PRO I 796 -17.55 45.75 -24.06
C PRO I 796 -18.42 44.77 -23.30
N GLU I 797 -19.68 45.12 -23.01
CA GLU I 797 -20.55 44.19 -22.31
C GLU I 797 -20.81 42.95 -23.16
N VAL I 798 -21.00 43.14 -24.47
CA VAL I 798 -21.17 42.00 -25.36
C VAL I 798 -19.91 41.15 -25.37
N LYS I 799 -18.74 41.79 -25.34
CA LYS I 799 -17.49 41.05 -25.27
C LYS I 799 -17.43 40.21 -24.01
N GLU I 800 -17.86 40.78 -22.88
CA GLU I 800 -17.93 40.02 -21.63
C GLU I 800 -18.88 38.84 -21.77
N ARG I 801 -20.04 39.08 -22.37
CA ARG I 801 -21.03 38.01 -22.53
C ARG I 801 -20.47 36.86 -23.35
N LEU I 802 -19.76 37.19 -24.43
CA LEU I 802 -19.14 36.15 -25.23
C LEU I 802 -18.04 35.43 -24.45
N TRP I 803 -17.24 36.19 -23.70
CA TRP I 803 -16.15 35.58 -22.95
C TRP I 803 -16.66 34.59 -21.91
N ARG I 804 -17.71 34.97 -21.17
CA ARG I 804 -18.20 34.11 -20.10
C ARG I 804 -18.81 32.84 -20.66
N ALA I 805 -19.21 32.86 -21.93
CA ALA I 805 -19.85 31.71 -22.57
C ALA I 805 -18.89 30.53 -22.65
#